data_6KHM
#
_entry.id   6KHM
#
_cell.length_a   185.857
_cell.length_b   185.857
_cell.length_c   205.099
_cell.angle_alpha   90.000
_cell.angle_beta   90.000
_cell.angle_gamma   120.000
#
_symmetry.space_group_name_H-M   'P 31'
#
loop_
_entity.id
_entity.type
_entity.pdbx_description
1 polymer 'Hydrolase, alpha/beta domain protein'
2 non-polymer heptane-1,1-diol
3 non-polymer octane-1,1-diol
4 non-polymer propane-1,1-diol
5 non-polymer hexane-1,1-diol
6 non-polymer pentane-1,1-diol
7 water water
#
_entity_poly.entity_id   1
_entity_poly.type   'polypeptide(L)'
_entity_poly.pdbx_seq_one_letter_code
;MALQEIEFTSHNGRDAIQAWAYEPVGTPTAVVQIIHGLGEHSRRYLHMISALLDAGFVVIADDHAGHGRTAMQSGVWADA
GDNAAEVVISDELTLQQQLAGQFDDLPWVVFGHSWGSMIARAMATRPGTRLDGLALCGIVAQPRGFETTLDHKTLAKAMA
TAPTDPAPEALVAQMFDGFADRLSEDDGPTGWVARSKEVVADHGKDKFNNFGAPMSTRFLQGLADIYAMANGDSFYATMP
NIPIVLFAGSEDPAGDFGTGVKAVAERLRRDGHNVELHLYDGLRHEVHNEPESRADVESSLVTFVDRVANRRIKRSR
;
_entity_poly.pdbx_strand_id   A,B,C,D,E,F,G,H,I,J,K,L,M,N,O,P,Q,R,S,T,U,V,X,Y,W,Z
#
# COMPACT_ATOMS: atom_id res chain seq x y z
N ALA A 2 17.98 71.09 -25.17
CA ALA A 2 19.13 71.88 -25.68
C ALA A 2 20.36 71.66 -24.78
N LEU A 3 21.55 71.78 -25.34
CA LEU A 3 22.84 71.54 -24.67
C LEU A 3 23.74 72.77 -24.86
N GLN A 4 24.28 73.27 -23.75
CA GLN A 4 25.33 74.32 -23.79
C GLN A 4 26.58 73.70 -23.19
N GLU A 5 27.72 73.91 -23.85
CA GLU A 5 29.06 73.69 -23.28
C GLU A 5 29.61 75.05 -22.87
N ILE A 6 29.89 75.16 -21.57
CA ILE A 6 30.19 76.43 -20.86
C ILE A 6 31.52 76.36 -20.09
N GLU A 7 32.64 76.05 -20.73
CA GLU A 7 33.95 76.00 -20.01
C GLU A 7 34.44 77.41 -19.65
N PHE A 8 35.25 77.53 -18.59
CA PHE A 8 35.85 78.79 -18.11
C PHE A 8 37.14 78.47 -17.35
N THR A 9 38.05 79.43 -17.24
CA THR A 9 39.33 79.27 -16.50
C THR A 9 39.03 79.20 -14.99
N SER A 10 39.56 78.21 -14.28
CA SER A 10 39.37 78.04 -12.82
C SER A 10 39.96 79.25 -12.11
N HIS A 11 39.50 79.54 -10.90
CA HIS A 11 40.13 80.55 -10.01
C HIS A 11 41.60 80.16 -9.76
N ASN A 12 41.94 78.87 -9.89
CA ASN A 12 43.33 78.37 -9.68
C ASN A 12 44.23 78.77 -10.83
N GLY A 13 43.69 79.32 -11.93
CA GLY A 13 44.50 79.89 -13.03
C GLY A 13 45.11 78.81 -13.91
N ARG A 14 44.95 77.52 -13.55
CA ARG A 14 45.59 76.38 -14.25
C ARG A 14 44.59 75.71 -15.21
N ASP A 15 43.42 75.30 -14.70
CA ASP A 15 42.50 74.32 -15.35
C ASP A 15 41.44 75.02 -16.22
N ALA A 16 40.98 74.34 -17.28
CA ALA A 16 39.80 74.75 -18.07
C ALA A 16 38.60 73.99 -17.52
N ILE A 17 37.80 74.67 -16.71
CA ILE A 17 36.66 74.02 -16.01
C ILE A 17 35.70 73.54 -17.08
N GLN A 18 35.42 72.24 -17.11
CA GLN A 18 34.53 71.60 -18.10
C GLN A 18 33.11 71.58 -17.53
N ALA A 19 32.21 72.28 -18.20
CA ALA A 19 30.88 72.60 -17.67
C ALA A 19 29.86 72.39 -18.77
N TRP A 20 28.65 72.06 -18.38
CA TRP A 20 27.49 71.91 -19.28
C TRP A 20 26.27 72.54 -18.65
N ALA A 21 25.38 73.09 -19.47
CA ALA A 21 23.99 73.41 -19.11
C ALA A 21 23.06 72.54 -19.97
N TYR A 22 22.06 71.94 -19.35
CA TYR A 22 21.03 71.11 -20.03
C TYR A 22 19.72 71.86 -19.92
N GLU A 23 19.14 72.28 -21.05
CA GLU A 23 17.85 73.01 -21.06
C GLU A 23 16.76 72.05 -21.48
N PRO A 24 15.61 72.04 -20.78
CA PRO A 24 14.47 71.24 -21.22
C PRO A 24 13.72 71.93 -22.36
N VAL A 25 12.90 71.09 -22.97
CA VAL A 25 11.82 71.42 -23.94
C VAL A 25 10.77 72.24 -23.18
N GLY A 26 10.41 73.40 -23.71
CA GLY A 26 9.35 74.23 -23.11
C GLY A 26 9.93 75.33 -22.24
N THR A 27 9.11 75.95 -21.42
CA THR A 27 9.51 77.04 -20.49
C THR A 27 9.97 76.35 -19.21
N PRO A 28 11.27 76.48 -18.86
CA PRO A 28 11.74 75.90 -17.60
C PRO A 28 11.22 76.73 -16.42
N THR A 29 11.03 76.09 -15.25
CA THR A 29 10.44 76.71 -14.04
C THR A 29 11.48 76.93 -12.94
N ALA A 30 12.67 76.36 -13.10
CA ALA A 30 13.78 76.44 -12.12
C ALA A 30 15.09 76.07 -12.79
N VAL A 31 16.17 76.51 -12.16
CA VAL A 31 17.54 76.02 -12.44
C VAL A 31 17.96 75.16 -11.24
N VAL A 32 18.45 73.94 -11.47
CA VAL A 32 19.17 73.11 -10.46
C VAL A 32 20.65 73.04 -10.85
N GLN A 33 21.55 73.49 -9.95
CA GLN A 33 23.02 73.33 -10.03
C GLN A 33 23.42 72.03 -9.31
N ILE A 34 23.99 71.06 -10.03
CA ILE A 34 24.50 69.83 -9.38
C ILE A 34 25.98 70.03 -9.08
N ILE A 35 26.37 69.76 -7.83
CA ILE A 35 27.79 69.89 -7.43
C ILE A 35 28.25 68.49 -6.99
N HIS A 36 29.13 67.89 -7.78
CA HIS A 36 29.54 66.48 -7.56
C HIS A 36 30.56 66.41 -6.44
N GLY A 37 30.85 65.22 -5.95
CA GLY A 37 31.80 65.00 -4.84
C GLY A 37 33.15 64.50 -5.29
N LEU A 38 33.96 64.11 -4.32
CA LEU A 38 35.33 63.57 -4.49
C LEU A 38 35.37 62.31 -5.37
N GLY A 39 36.36 62.21 -6.24
CA GLY A 39 36.64 61.02 -7.07
C GLY A 39 35.49 60.70 -8.01
N GLU A 40 34.63 61.67 -8.35
CA GLU A 40 33.51 61.43 -9.29
C GLU A 40 33.38 62.63 -10.24
N HIS A 41 32.36 62.64 -11.09
CA HIS A 41 32.16 63.70 -12.12
C HIS A 41 30.66 63.99 -12.32
N SER A 42 30.35 65.09 -12.98
CA SER A 42 28.97 65.65 -13.16
C SER A 42 28.17 64.86 -14.20
N ARG A 43 28.81 64.19 -15.16
CA ARG A 43 28.09 63.36 -16.18
C ARG A 43 27.76 61.97 -15.61
N ARG A 44 28.09 61.70 -14.35
CA ARG A 44 27.66 60.48 -13.62
C ARG A 44 26.18 60.65 -13.21
N TYR A 45 25.69 61.89 -13.21
CA TYR A 45 24.31 62.28 -12.81
C TYR A 45 23.35 62.19 -14.01
N LEU A 46 23.72 61.43 -15.04
CA LEU A 46 22.88 61.25 -16.27
C LEU A 46 21.40 61.02 -15.89
N HIS A 47 21.09 60.01 -15.10
CA HIS A 47 19.71 59.71 -14.61
C HIS A 47 19.09 60.93 -13.95
N MET A 48 19.81 61.61 -13.06
CA MET A 48 19.18 62.70 -12.28
C MET A 48 18.93 63.87 -13.24
N ILE A 49 19.94 64.24 -14.02
CA ILE A 49 19.86 65.29 -15.07
C ILE A 49 18.61 65.07 -15.93
N SER A 50 18.46 63.87 -16.48
CA SER A 50 17.30 63.53 -17.32
C SER A 50 16.00 63.67 -16.51
N ALA A 51 15.97 63.21 -15.25
CA ALA A 51 14.76 63.29 -14.38
C ALA A 51 14.42 64.76 -14.14
N LEU A 52 15.42 65.63 -14.02
CA LEU A 52 15.16 67.07 -13.71
C LEU A 52 14.66 67.78 -14.98
N LEU A 53 15.23 67.44 -16.14
CA LEU A 53 14.75 67.97 -17.44
C LEU A 53 13.28 67.56 -17.61
N ASP A 54 12.93 66.30 -17.31
CA ASP A 54 11.53 65.83 -17.45
C ASP A 54 10.63 66.69 -16.58
N ALA A 55 11.12 67.10 -15.41
CA ALA A 55 10.37 67.88 -14.40
C ALA A 55 10.29 69.34 -14.85
N GLY A 56 11.05 69.74 -15.85
CA GLY A 56 11.00 71.08 -16.50
C GLY A 56 12.00 72.06 -15.91
N PHE A 57 13.18 71.57 -15.50
CA PHE A 57 14.24 72.41 -14.86
C PHE A 57 15.47 72.45 -15.78
N VAL A 58 16.11 73.62 -15.88
CA VAL A 58 17.46 73.75 -16.47
C VAL A 58 18.40 73.12 -15.46
N VAL A 59 19.34 72.30 -15.91
CA VAL A 59 20.36 71.73 -15.00
C VAL A 59 21.72 72.26 -15.45
N ILE A 60 22.54 72.71 -14.50
CA ILE A 60 23.92 73.17 -14.79
C ILE A 60 24.87 72.41 -13.86
N ALA A 61 26.08 72.10 -14.31
CA ALA A 61 27.08 71.36 -13.52
C ALA A 61 28.43 71.45 -14.20
N ASP A 62 29.48 71.36 -13.41
CA ASP A 62 30.84 71.34 -13.99
C ASP A 62 31.61 70.18 -13.38
N ASP A 63 32.67 69.77 -14.04
CA ASP A 63 33.58 68.81 -13.41
C ASP A 63 34.53 69.72 -12.67
N HIS A 64 34.64 69.60 -11.34
CA HIS A 64 35.52 70.53 -10.62
C HIS A 64 37.01 70.29 -10.90
N ALA A 65 37.81 71.25 -10.49
CA ALA A 65 39.29 71.18 -10.51
C ALA A 65 39.74 69.83 -9.95
N GLY A 66 40.56 69.14 -10.73
CA GLY A 66 41.17 67.83 -10.43
C GLY A 66 40.23 66.69 -10.69
N HIS A 67 39.10 66.93 -11.35
CA HIS A 67 38.07 65.89 -11.52
C HIS A 67 37.51 65.83 -12.93
N GLY A 68 36.95 64.68 -13.26
CA GLY A 68 36.30 64.39 -14.55
C GLY A 68 37.07 64.84 -15.77
N ARG A 69 36.34 65.49 -16.67
CA ARG A 69 36.83 65.94 -17.99
C ARG A 69 37.86 67.05 -17.78
N THR A 70 37.70 67.84 -16.71
CA THR A 70 38.62 68.95 -16.33
C THR A 70 39.99 68.39 -16.00
N ALA A 71 40.06 67.29 -15.25
CA ALA A 71 41.32 66.56 -14.98
C ALA A 71 41.84 65.92 -16.29
N MET A 72 40.93 65.38 -17.08
CA MET A 72 41.23 64.63 -18.33
C MET A 72 41.90 65.62 -19.33
N GLN A 73 41.54 66.90 -19.31
CA GLN A 73 42.08 67.94 -20.26
C GLN A 73 43.30 68.70 -19.70
N SER A 74 43.38 68.86 -18.37
CA SER A 74 44.50 69.51 -17.67
C SER A 74 45.60 68.47 -17.47
N GLY A 75 45.22 67.20 -17.27
CA GLY A 75 46.13 66.09 -16.93
C GLY A 75 46.37 65.94 -15.43
N VAL A 76 45.83 66.85 -14.59
CA VAL A 76 46.09 66.89 -13.12
C VAL A 76 44.86 66.37 -12.39
N TRP A 77 45.03 65.27 -11.67
CA TRP A 77 43.95 64.58 -10.93
C TRP A 77 44.06 64.86 -9.41
N ALA A 78 42.93 65.01 -8.75
CA ALA A 78 42.87 65.06 -7.28
C ALA A 78 43.78 66.19 -6.77
N ASP A 79 43.87 67.31 -7.50
CA ASP A 79 44.53 68.54 -6.99
C ASP A 79 43.79 69.72 -7.62
N ALA A 80 43.48 70.75 -6.86
CA ALA A 80 42.63 71.88 -7.31
C ALA A 80 43.41 73.20 -7.22
N GLY A 81 44.71 73.12 -6.94
CA GLY A 81 45.65 74.26 -6.78
C GLY A 81 45.86 74.66 -5.32
N ASP A 82 46.56 75.77 -5.11
CA ASP A 82 46.65 76.45 -3.79
C ASP A 82 45.25 76.91 -3.36
N ASN A 83 44.97 76.84 -2.06
CA ASN A 83 43.69 77.34 -1.51
C ASN A 83 42.52 76.59 -2.18
N ALA A 84 42.60 75.25 -2.18
CA ALA A 84 41.68 74.35 -2.92
C ALA A 84 40.22 74.71 -2.64
N ALA A 85 39.82 74.78 -1.37
CA ALA A 85 38.46 75.18 -0.94
C ALA A 85 38.01 76.45 -1.67
N GLU A 86 38.78 77.54 -1.59
CA GLU A 86 38.41 78.88 -2.18
C GLU A 86 38.34 78.73 -3.71
N VAL A 87 39.22 77.92 -4.31
CA VAL A 87 39.15 77.60 -5.77
C VAL A 87 37.78 76.99 -6.08
N VAL A 88 37.43 75.87 -5.48
CA VAL A 88 36.20 75.15 -5.92
C VAL A 88 34.98 76.01 -5.56
N ILE A 89 35.08 76.89 -4.57
CA ILE A 89 33.93 77.72 -4.12
C ILE A 89 33.77 78.84 -5.14
N SER A 90 34.86 79.52 -5.47
CA SER A 90 34.86 80.49 -6.59
C SER A 90 34.29 79.84 -7.88
N ASP A 91 34.76 78.65 -8.24
CA ASP A 91 34.39 78.04 -9.56
C ASP A 91 32.87 77.78 -9.60
N GLU A 92 32.25 77.40 -8.50
CA GLU A 92 30.79 77.17 -8.48
C GLU A 92 30.04 78.50 -8.57
N LEU A 93 30.55 79.60 -8.00
CA LEU A 93 29.91 80.94 -8.18
C LEU A 93 30.05 81.39 -9.63
N THR A 94 31.22 81.17 -10.24
CA THR A 94 31.49 81.48 -11.67
C THR A 94 30.53 80.64 -12.53
N LEU A 95 30.39 79.35 -12.24
CA LEU A 95 29.43 78.49 -12.98
C LEU A 95 28.06 79.21 -13.06
N GLN A 96 27.56 79.76 -11.95
CA GLN A 96 26.23 80.43 -11.95
C GLN A 96 26.29 81.58 -12.97
N GLN A 97 27.38 82.35 -12.99
CA GLN A 97 27.44 83.60 -13.79
C GLN A 97 27.46 83.27 -15.28
N GLN A 98 27.79 82.04 -15.66
CA GLN A 98 27.78 81.59 -17.07
C GLN A 98 26.36 81.63 -17.66
N LEU A 99 25.30 81.64 -16.83
CA LEU A 99 23.89 81.72 -17.31
C LEU A 99 23.30 83.14 -17.17
N ALA A 100 24.12 84.14 -16.82
CA ALA A 100 23.62 85.50 -16.49
C ALA A 100 22.97 86.12 -17.75
N GLY A 101 21.74 86.64 -17.60
CA GLY A 101 20.92 87.11 -18.73
C GLY A 101 19.90 86.06 -19.17
N GLN A 102 20.14 84.76 -18.92
CA GLN A 102 19.38 83.66 -19.55
C GLN A 102 18.18 83.23 -18.70
N PHE A 103 18.27 83.19 -17.37
CA PHE A 103 17.26 82.62 -16.43
C PHE A 103 17.19 83.42 -15.11
N ASP A 104 17.35 84.75 -15.20
CA ASP A 104 17.54 85.66 -14.02
C ASP A 104 16.31 85.68 -13.09
N ASP A 105 15.10 85.33 -13.53
CA ASP A 105 13.89 85.38 -12.65
C ASP A 105 13.43 83.95 -12.30
N LEU A 106 14.18 82.92 -12.68
CA LEU A 106 13.92 81.54 -12.21
C LEU A 106 14.51 81.35 -10.82
N PRO A 107 13.86 80.58 -9.92
CA PRO A 107 14.52 80.13 -8.69
C PRO A 107 15.63 79.09 -8.97
N TRP A 108 16.69 79.16 -8.18
CA TRP A 108 17.96 78.41 -8.33
C TRP A 108 18.13 77.49 -7.11
N VAL A 109 18.02 76.18 -7.31
CA VAL A 109 18.35 75.17 -6.27
C VAL A 109 19.77 74.66 -6.52
N VAL A 110 20.59 74.60 -5.48
CA VAL A 110 21.94 73.97 -5.49
C VAL A 110 21.79 72.60 -4.81
N PHE A 111 22.14 71.51 -5.50
CA PHE A 111 22.21 70.14 -4.97
C PHE A 111 23.68 69.72 -4.96
N GLY A 112 24.20 69.42 -3.79
CA GLY A 112 25.57 68.94 -3.56
C GLY A 112 25.58 67.59 -2.88
N HIS A 113 26.47 66.74 -3.35
CA HIS A 113 26.76 65.40 -2.81
C HIS A 113 28.18 65.37 -2.28
N SER A 114 28.36 65.02 -1.00
CA SER A 114 29.66 64.68 -0.33
C SER A 114 30.55 65.94 -0.30
N TRP A 115 31.70 65.94 -0.96
CA TRP A 115 32.51 67.18 -1.11
C TRP A 115 31.58 68.30 -1.63
N GLY A 116 30.65 67.97 -2.53
CA GLY A 116 29.76 68.96 -3.14
C GLY A 116 28.81 69.58 -2.14
N SER A 117 28.30 68.76 -1.19
CA SER A 117 27.48 69.15 -0.02
C SER A 117 28.24 70.16 0.83
N MET A 118 29.52 69.89 1.16
CA MET A 118 30.37 70.88 1.88
C MET A 118 30.51 72.20 1.08
N ILE A 119 30.87 72.09 -0.22
CA ILE A 119 31.03 73.27 -1.12
C ILE A 119 29.72 74.05 -1.09
N ALA A 120 28.56 73.35 -1.17
CA ALA A 120 27.21 73.97 -1.27
C ALA A 120 26.93 74.78 0.00
N ARG A 121 27.36 74.25 1.14
CA ARG A 121 27.11 74.89 2.46
C ARG A 121 28.01 76.13 2.56
N ALA A 122 29.26 76.03 2.08
CA ALA A 122 30.24 77.13 2.10
C ALA A 122 29.72 78.27 1.22
N MET A 123 29.12 77.93 0.08
CA MET A 123 28.48 78.88 -0.88
C MET A 123 27.34 79.65 -0.20
N ALA A 124 26.54 78.93 0.61
CA ALA A 124 25.31 79.45 1.24
C ALA A 124 25.64 80.64 2.15
N THR A 125 26.87 80.70 2.65
CA THR A 125 27.37 81.73 3.60
C THR A 125 27.87 82.96 2.83
N ARG A 126 28.15 82.85 1.53
CA ARG A 126 28.73 83.97 0.73
C ARG A 126 27.59 84.81 0.17
N PRO A 127 27.76 86.15 0.13
CA PRO A 127 26.77 87.01 -0.50
C PRO A 127 26.89 86.89 -2.02
N GLY A 128 25.79 87.18 -2.73
CA GLY A 128 25.75 87.17 -4.21
C GLY A 128 25.72 85.75 -4.81
N THR A 129 25.70 84.72 -3.95
CA THR A 129 25.40 83.32 -4.33
C THR A 129 23.92 83.25 -4.71
N ARG A 130 23.62 82.72 -5.89
CA ARG A 130 22.24 82.37 -6.32
C ARG A 130 21.88 81.11 -5.53
N LEU A 131 20.86 81.18 -4.69
CA LEU A 131 20.43 80.05 -3.83
C LEU A 131 19.06 80.36 -3.23
N ASP A 132 17.99 79.80 -3.80
CA ASP A 132 16.61 79.94 -3.29
C ASP A 132 16.22 78.68 -2.52
N GLY A 133 16.96 77.58 -2.70
CA GLY A 133 16.79 76.33 -1.95
C GLY A 133 18.08 75.54 -1.93
N LEU A 134 18.36 74.87 -0.81
CA LEU A 134 19.60 74.08 -0.62
C LEU A 134 19.23 72.63 -0.44
N ALA A 135 19.76 71.77 -1.31
CA ALA A 135 19.61 70.30 -1.21
C ALA A 135 20.99 69.64 -1.08
N LEU A 136 21.17 68.84 -0.03
CA LEU A 136 22.46 68.21 0.33
C LEU A 136 22.28 66.69 0.34
N CYS A 137 23.18 66.00 -0.35
CA CYS A 137 23.18 64.54 -0.37
C CYS A 137 24.54 64.07 0.16
N GLY A 138 24.57 62.95 0.89
CA GLY A 138 25.84 62.30 1.33
C GLY A 138 26.62 63.21 2.24
N ILE A 139 25.89 63.79 3.21
CA ILE A 139 26.31 64.95 4.02
C ILE A 139 27.54 64.61 4.87
N VAL A 140 28.52 65.50 4.85
CA VAL A 140 29.77 65.32 5.63
C VAL A 140 29.65 66.18 6.88
N ALA A 141 29.36 65.51 8.00
CA ALA A 141 28.99 66.11 9.30
C ALA A 141 29.39 65.13 10.40
N GLN A 142 30.41 65.50 11.17
CA GLN A 142 30.83 64.95 12.49
C GLN A 142 31.31 63.50 12.33
N PRO A 143 31.97 63.07 11.23
CA PRO A 143 32.64 61.78 11.21
C PRO A 143 33.99 61.92 11.93
N ARG A 144 34.50 60.84 12.52
CA ARG A 144 35.62 60.83 13.50
C ARG A 144 36.89 61.45 12.88
N GLY A 145 37.23 61.02 11.66
CA GLY A 145 38.41 61.50 10.94
C GLY A 145 38.52 63.00 10.90
N PHE A 146 37.56 63.69 10.30
CA PHE A 146 37.58 65.17 10.17
C PHE A 146 37.33 65.85 11.52
N GLU A 147 36.65 65.16 12.41
CA GLU A 147 36.33 65.78 13.71
C GLU A 147 37.51 65.74 14.68
N THR A 148 38.14 64.57 14.83
CA THR A 148 39.17 64.37 15.87
C THR A 148 40.43 63.64 15.36
N THR A 149 40.32 62.69 14.45
CA THR A 149 41.51 61.90 14.05
C THR A 149 42.54 62.69 13.25
N LEU A 150 42.15 63.39 12.21
CA LEU A 150 43.09 64.16 11.37
C LEU A 150 43.90 65.11 12.25
N ASP A 151 45.23 64.98 12.21
CA ASP A 151 46.15 65.82 13.01
C ASP A 151 46.48 67.09 12.21
N HIS A 152 45.96 68.25 12.64
CA HIS A 152 46.12 69.53 11.89
C HIS A 152 47.57 70.04 11.99
N LYS A 153 48.34 69.64 13.02
CA LYS A 153 49.80 69.89 13.14
C LYS A 153 50.55 69.09 12.05
N THR A 154 50.26 67.80 11.90
CA THR A 154 50.92 66.95 10.88
C THR A 154 50.53 67.40 9.47
N LEU A 155 49.33 67.95 9.31
CA LEU A 155 48.89 68.52 8.01
C LEU A 155 49.66 69.82 7.73
N ALA A 156 49.76 70.75 8.69
CA ALA A 156 50.60 71.97 8.61
C ALA A 156 52.08 71.63 8.29
N LYS A 157 52.68 70.62 8.94
CA LYS A 157 54.03 70.07 8.56
C LYS A 157 54.05 69.77 7.06
N ALA A 158 53.18 68.87 6.60
CA ALA A 158 53.13 68.33 5.21
C ALA A 158 52.88 69.47 4.21
N MET A 159 52.10 70.45 4.62
CA MET A 159 51.79 71.65 3.82
C MET A 159 53.03 72.52 3.77
N ALA A 160 53.83 72.52 4.82
CA ALA A 160 55.05 73.35 4.83
C ALA A 160 56.19 72.64 4.11
N THR A 161 56.05 71.35 3.83
CA THR A 161 57.21 70.67 3.20
C THR A 161 56.97 70.40 1.72
N ALA A 162 55.76 70.04 1.33
CA ALA A 162 55.46 69.65 -0.07
C ALA A 162 53.97 69.63 -0.35
N PRO A 163 53.31 70.79 -0.52
CA PRO A 163 51.86 70.82 -0.76
C PRO A 163 51.40 70.19 -2.08
N THR A 164 52.30 70.12 -3.05
CA THR A 164 52.06 69.62 -4.42
C THR A 164 52.23 68.10 -4.52
N ASP A 165 52.98 67.49 -3.61
CA ASP A 165 53.21 66.02 -3.60
C ASP A 165 51.98 65.30 -3.09
N PRO A 166 51.83 63.98 -3.29
CA PRO A 166 50.68 63.27 -2.79
C PRO A 166 50.61 63.37 -1.27
N ALA A 167 49.41 63.47 -0.72
CA ALA A 167 49.22 63.57 0.74
C ALA A 167 49.83 62.31 1.36
N PRO A 168 50.61 62.41 2.45
CA PRO A 168 51.14 61.22 3.12
C PRO A 168 49.98 60.32 3.58
N GLU A 169 50.14 59.00 3.38
CA GLU A 169 49.21 57.89 3.72
C GLU A 169 48.55 58.09 5.09
N ALA A 170 49.32 58.52 6.08
CA ALA A 170 48.86 58.80 7.46
C ALA A 170 47.71 59.83 7.46
N LEU A 171 47.81 60.92 6.70
CA LEU A 171 46.81 62.01 6.78
C LEU A 171 45.52 61.54 6.09
N VAL A 172 45.65 60.77 5.01
CA VAL A 172 44.51 60.24 4.18
C VAL A 172 43.79 59.20 5.04
N ALA A 173 44.51 58.28 5.69
CA ALA A 173 43.93 57.25 6.59
C ALA A 173 43.20 57.95 7.75
N GLN A 174 43.82 59.00 8.31
CA GLN A 174 43.28 59.78 9.43
C GLN A 174 41.99 60.46 9.01
N MET A 175 41.98 61.18 7.88
CA MET A 175 40.79 61.93 7.38
C MET A 175 39.57 60.99 7.24
N PHE A 176 39.73 59.81 6.67
CA PHE A 176 38.64 58.84 6.40
C PHE A 176 38.57 57.76 7.50
N ASP A 177 39.25 57.96 8.63
CA ASP A 177 39.15 57.04 9.80
C ASP A 177 37.68 57.06 10.28
N GLY A 178 37.09 55.86 10.40
CA GLY A 178 35.64 55.65 10.60
C GLY A 178 34.89 55.14 9.35
N PHE A 179 35.42 55.29 8.13
CA PHE A 179 34.69 54.90 6.90
C PHE A 179 34.57 53.37 6.79
N ALA A 180 35.44 52.61 7.45
CA ALA A 180 35.42 51.12 7.36
C ALA A 180 34.67 50.49 8.56
N ASP A 181 34.16 51.27 9.52
CA ASP A 181 33.66 50.73 10.80
C ASP A 181 32.50 49.74 10.59
N ARG A 182 31.70 49.87 9.52
CA ARG A 182 30.54 48.97 9.32
C ARG A 182 30.69 48.19 8.01
N LEU A 183 31.92 47.92 7.58
CA LEU A 183 32.18 47.03 6.42
C LEU A 183 32.70 45.67 6.89
N SER A 184 32.11 44.57 6.39
CA SER A 184 32.67 43.20 6.48
C SER A 184 33.82 43.11 5.48
N GLU A 185 34.59 42.02 5.51
CA GLU A 185 35.73 41.84 4.60
C GLU A 185 35.18 41.79 3.18
N ASP A 186 33.97 41.23 3.06
CA ASP A 186 33.25 40.96 1.78
C ASP A 186 32.97 42.30 1.07
N ASP A 187 32.49 43.30 1.81
CA ASP A 187 32.20 44.69 1.32
C ASP A 187 33.43 45.32 0.68
N GLY A 188 34.64 45.04 1.18
CA GLY A 188 35.86 45.59 0.56
C GLY A 188 36.07 47.06 0.93
N PRO A 189 37.14 47.72 0.44
CA PRO A 189 37.60 48.98 1.03
C PRO A 189 36.70 50.19 0.72
N THR A 190 36.07 50.19 -0.47
CA THR A 190 35.14 51.23 -1.01
C THR A 190 33.69 50.85 -0.71
N GLY A 191 33.46 49.78 0.05
CA GLY A 191 32.10 49.31 0.41
C GLY A 191 31.16 50.42 0.91
N TRP A 192 31.69 51.42 1.61
CA TRP A 192 30.88 52.53 2.17
C TRP A 192 30.21 53.35 1.06
N VAL A 193 30.69 53.26 -0.18
CA VAL A 193 30.13 54.07 -1.28
C VAL A 193 28.65 53.76 -1.39
N ALA A 194 28.26 52.49 -1.28
CA ALA A 194 26.84 52.07 -1.47
C ALA A 194 26.66 50.60 -1.07
N ARG A 195 25.46 50.24 -0.60
CA ARG A 195 25.03 48.84 -0.31
C ARG A 195 25.17 48.05 -1.61
N SER A 196 24.68 48.60 -2.73
CA SER A 196 24.84 47.99 -4.09
C SER A 196 26.32 47.86 -4.49
N LYS A 197 26.81 46.62 -4.54
CA LYS A 197 28.09 46.23 -5.16
C LYS A 197 28.15 46.71 -6.61
N GLU A 198 27.03 46.69 -7.31
CA GLU A 198 27.04 47.07 -8.75
C GLU A 198 27.44 48.56 -8.84
N VAL A 199 26.92 49.40 -7.97
CA VAL A 199 27.27 50.85 -7.94
C VAL A 199 28.76 51.01 -7.62
N VAL A 200 29.27 50.26 -6.65
CA VAL A 200 30.68 50.36 -6.18
C VAL A 200 31.61 49.95 -7.33
N ALA A 201 31.26 48.86 -8.02
CA ALA A 201 32.07 48.33 -9.14
C ALA A 201 32.03 49.33 -10.29
N ASP A 202 30.86 49.88 -10.63
CA ASP A 202 30.77 50.92 -11.68
C ASP A 202 31.61 52.16 -11.27
N HIS A 203 31.60 52.52 -9.99
CA HIS A 203 32.36 53.67 -9.43
C HIS A 203 33.86 53.46 -9.70
N GLY A 204 34.36 52.24 -9.46
CA GLY A 204 35.77 51.90 -9.62
C GLY A 204 36.18 51.87 -11.09
N LYS A 205 35.28 51.43 -11.97
CA LYS A 205 35.53 51.23 -13.42
C LYS A 205 35.45 52.56 -14.17
N ASP A 206 34.56 53.47 -13.78
CA ASP A 206 34.34 54.71 -14.59
C ASP A 206 35.67 55.48 -14.75
N LYS A 207 36.11 55.65 -15.99
CA LYS A 207 37.36 56.34 -16.38
C LYS A 207 37.32 57.83 -15.98
N PHE A 208 36.14 58.41 -15.93
CA PHE A 208 35.98 59.84 -15.58
C PHE A 208 35.93 60.00 -14.05
N ASN A 209 35.88 58.91 -13.31
CA ASN A 209 35.95 59.00 -11.84
C ASN A 209 37.42 58.91 -11.45
N ASN A 210 38.20 58.18 -12.24
CA ASN A 210 39.62 57.86 -11.94
C ASN A 210 39.74 57.39 -10.49
N PHE A 211 39.36 56.13 -10.27
CA PHE A 211 39.30 55.49 -8.94
C PHE A 211 40.47 55.80 -8.01
N GLY A 212 41.67 55.31 -8.31
CA GLY A 212 42.74 55.45 -7.31
C GLY A 212 43.66 56.63 -7.49
N ALA A 213 43.13 57.81 -7.78
CA ALA A 213 44.05 58.95 -7.94
C ALA A 213 44.34 59.50 -6.55
N PRO A 214 45.63 59.62 -6.16
CA PRO A 214 45.97 60.17 -4.87
C PRO A 214 45.77 61.69 -4.76
N MET A 215 45.17 62.10 -3.66
CA MET A 215 45.03 63.54 -3.32
C MET A 215 46.43 64.13 -3.11
N SER A 216 46.62 65.37 -3.54
CA SER A 216 47.75 66.21 -3.07
C SER A 216 47.51 66.60 -1.61
N THR A 217 48.60 66.91 -0.91
CA THR A 217 48.57 67.50 0.45
C THR A 217 47.67 68.75 0.43
N ARG A 218 47.82 69.62 -0.56
CA ARG A 218 47.08 70.91 -0.53
C ARG A 218 45.60 70.69 -0.87
N PHE A 219 45.26 69.64 -1.63
CA PHE A 219 43.86 69.24 -1.87
C PHE A 219 43.25 68.81 -0.54
N LEU A 220 44.00 68.03 0.24
CA LEU A 220 43.59 67.50 1.57
C LEU A 220 43.44 68.69 2.52
N GLN A 221 44.38 69.64 2.54
CA GLN A 221 44.20 70.90 3.34
C GLN A 221 42.87 71.51 2.92
N GLY A 222 42.58 71.53 1.63
CA GLY A 222 41.30 72.01 1.06
C GLY A 222 40.08 71.28 1.62
N LEU A 223 40.13 69.96 1.80
CA LEU A 223 38.99 69.19 2.35
C LEU A 223 38.78 69.58 3.83
N ALA A 224 39.84 69.63 4.62
CA ALA A 224 39.77 70.05 6.03
C ALA A 224 39.19 71.46 6.08
N ASP A 225 39.66 72.38 5.23
CA ASP A 225 39.21 73.80 5.25
C ASP A 225 37.70 73.90 4.95
N ILE A 226 37.25 73.20 3.90
CA ILE A 226 35.83 73.17 3.44
C ILE A 226 34.98 72.44 4.48
N TYR A 227 35.53 71.44 5.17
CA TYR A 227 34.78 70.74 6.24
C TYR A 227 34.43 71.76 7.36
N ALA A 228 35.35 72.66 7.73
CA ALA A 228 35.19 73.63 8.85
C ALA A 228 34.27 74.76 8.40
N MET A 229 34.33 75.20 7.14
CA MET A 229 33.38 76.20 6.61
C MET A 229 31.97 75.61 6.64
N ALA A 230 31.85 74.31 6.35
CA ALA A 230 30.53 73.65 6.12
C ALA A 230 29.87 73.35 7.45
N ASN A 231 30.66 73.09 8.49
CA ASN A 231 30.22 72.56 9.81
C ASN A 231 30.58 73.52 10.96
N GLY A 232 31.22 74.67 10.68
CA GLY A 232 31.64 75.63 11.72
C GLY A 232 30.50 76.56 12.11
N ASP A 233 30.69 77.40 13.13
CA ASP A 233 29.61 78.23 13.74
C ASP A 233 29.07 79.22 12.70
N SER A 234 29.96 79.80 11.89
CA SER A 234 29.57 80.83 10.92
C SER A 234 28.59 80.24 9.90
N PHE A 235 28.64 78.93 9.61
CA PHE A 235 27.67 78.33 8.64
C PHE A 235 26.27 78.38 9.25
N TYR A 236 26.10 77.85 10.48
CA TYR A 236 24.78 77.75 11.18
C TYR A 236 24.22 79.14 11.47
N ALA A 237 25.10 80.08 11.80
CA ALA A 237 24.77 81.49 12.12
C ALA A 237 24.42 82.32 10.87
N THR A 238 24.95 82.03 9.67
CA THR A 238 24.73 82.91 8.48
C THR A 238 23.88 82.19 7.41
N MET A 239 23.53 80.92 7.57
CA MET A 239 22.66 80.18 6.60
C MET A 239 21.41 81.01 6.33
N PRO A 240 21.13 81.44 5.07
CA PRO A 240 19.89 82.14 4.77
C PRO A 240 18.62 81.35 5.14
N ASN A 241 17.48 82.05 5.26
CA ASN A 241 16.14 81.53 5.64
C ASN A 241 15.43 81.07 4.37
N ILE A 242 15.89 79.97 3.82
CA ILE A 242 15.36 79.39 2.56
C ILE A 242 15.11 77.92 2.82
N PRO A 243 14.21 77.24 2.08
CA PRO A 243 14.04 75.79 2.22
C PRO A 243 15.37 75.02 2.14
N ILE A 244 15.50 74.01 2.99
CA ILE A 244 16.67 73.09 3.06
C ILE A 244 16.13 71.66 2.99
N VAL A 245 16.75 70.83 2.16
CA VAL A 245 16.49 69.37 2.18
C VAL A 245 17.81 68.62 2.37
N LEU A 246 17.76 67.53 3.15
CA LEU A 246 18.91 66.62 3.45
C LEU A 246 18.58 65.17 3.03
N PHE A 247 19.53 64.51 2.38
CA PHE A 247 19.45 63.11 1.91
C PHE A 247 20.70 62.40 2.38
N ALA A 248 20.56 61.40 3.25
CA ALA A 248 21.69 60.63 3.80
C ALA A 248 21.24 59.17 3.99
N GLY A 249 22.20 58.27 3.94
CA GLY A 249 22.02 56.86 4.32
C GLY A 249 22.32 56.73 5.80
N SER A 250 21.59 55.87 6.50
CA SER A 250 21.78 55.57 7.94
C SER A 250 23.16 54.93 8.11
N GLU A 251 23.65 54.24 7.09
CA GLU A 251 24.92 53.47 7.14
C GLU A 251 26.03 54.26 6.42
N ASP A 252 25.81 55.56 6.17
CA ASP A 252 26.83 56.45 5.55
C ASP A 252 27.74 56.96 6.64
N PRO A 253 29.02 56.62 6.58
CA PRO A 253 29.98 57.08 7.55
C PRO A 253 30.30 58.56 7.48
N ALA A 254 30.17 59.19 6.31
CA ALA A 254 30.44 60.63 6.08
C ALA A 254 29.62 61.48 7.07
N GLY A 255 28.42 61.02 7.42
CA GLY A 255 27.55 61.76 8.36
C GLY A 255 27.45 61.08 9.71
N ASP A 256 28.49 60.35 10.14
CA ASP A 256 28.55 59.57 11.42
C ASP A 256 27.31 58.65 11.50
N PHE A 257 27.05 57.92 10.42
CA PHE A 257 25.94 56.91 10.36
C PHE A 257 24.63 57.58 10.80
N GLY A 258 24.33 58.75 10.25
CA GLY A 258 23.04 59.43 10.45
C GLY A 258 23.08 60.33 11.67
N THR A 259 23.92 60.05 12.67
CA THR A 259 24.04 60.87 13.90
C THR A 259 24.43 62.31 13.55
N GLY A 260 25.44 62.50 12.69
CA GLY A 260 25.91 63.83 12.25
C GLY A 260 24.86 64.59 11.46
N VAL A 261 24.14 63.88 10.58
CA VAL A 261 23.13 64.51 9.67
C VAL A 261 21.94 65.01 10.50
N LYS A 262 21.48 64.17 11.44
CA LYS A 262 20.46 64.51 12.46
C LYS A 262 20.88 65.77 13.22
N ALA A 263 22.16 65.86 13.58
CA ALA A 263 22.71 67.01 14.35
C ALA A 263 22.69 68.28 13.49
N VAL A 264 22.91 68.15 12.18
CA VAL A 264 22.79 69.27 11.20
C VAL A 264 21.33 69.74 11.16
N ALA A 265 20.39 68.83 10.95
CA ALA A 265 18.95 69.16 10.93
C ALA A 265 18.57 69.92 12.23
N GLU A 266 18.82 69.30 13.40
CA GLU A 266 18.30 69.77 14.72
C GLU A 266 18.86 71.18 14.99
N ARG A 267 20.10 71.47 14.57
CA ARG A 267 20.78 72.76 14.87
C ARG A 267 20.29 73.86 13.92
N LEU A 268 19.95 73.52 12.68
CA LEU A 268 19.36 74.48 11.73
C LEU A 268 17.94 74.80 12.24
N ARG A 269 17.21 73.78 12.71
CA ARG A 269 15.86 73.96 13.28
C ARG A 269 15.93 74.90 14.49
N ARG A 270 16.80 74.60 15.44
CA ARG A 270 17.11 75.40 16.66
C ARG A 270 17.24 76.91 16.31
N ASP A 271 17.65 77.31 15.09
CA ASP A 271 17.70 78.74 14.69
C ASP A 271 16.49 79.10 13.79
N GLY A 272 15.49 78.23 13.70
CA GLY A 272 14.19 78.50 13.05
C GLY A 272 14.21 78.32 11.53
N HIS A 273 15.12 77.47 11.00
CA HIS A 273 15.25 77.17 9.54
C HIS A 273 14.25 76.07 9.18
N ASN A 274 13.70 76.14 7.96
CA ASN A 274 12.83 75.12 7.34
C ASN A 274 13.73 73.98 6.83
N VAL A 275 13.73 72.81 7.50
CA VAL A 275 14.58 71.62 7.15
C VAL A 275 13.71 70.38 6.86
N GLU A 276 13.95 69.72 5.72
CA GLU A 276 13.27 68.45 5.30
C GLU A 276 14.28 67.32 5.28
N LEU A 277 14.07 66.25 6.07
CA LEU A 277 15.11 65.23 6.34
C LEU A 277 14.67 63.86 5.82
N HIS A 278 15.42 63.30 4.88
CA HIS A 278 15.24 61.94 4.32
C HIS A 278 16.43 61.11 4.74
N LEU A 279 16.30 60.34 5.80
CA LEU A 279 17.35 59.39 6.24
C LEU A 279 16.89 58.01 5.75
N TYR A 280 17.72 57.28 5.00
CA TYR A 280 17.32 56.01 4.32
C TYR A 280 18.00 54.88 5.09
N ASP A 281 17.17 54.08 5.75
CA ASP A 281 17.58 53.01 6.67
C ASP A 281 18.34 51.91 5.89
N GLY A 282 19.54 51.50 6.32
CA GLY A 282 20.26 50.34 5.74
C GLY A 282 21.13 50.71 4.52
N LEU A 283 21.02 51.95 4.00
CA LEU A 283 21.80 52.41 2.82
C LEU A 283 23.02 53.26 3.24
N ARG A 284 23.99 53.36 2.33
CA ARG A 284 25.32 53.97 2.62
C ARG A 284 25.37 55.34 1.92
N HIS A 285 26.53 55.76 1.41
CA HIS A 285 26.85 57.13 0.95
C HIS A 285 25.93 57.58 -0.19
N GLU A 286 25.96 56.90 -1.34
CA GLU A 286 25.36 57.47 -2.57
C GLU A 286 23.89 57.07 -2.67
N VAL A 287 23.04 57.59 -1.78
CA VAL A 287 21.59 57.24 -1.76
C VAL A 287 20.91 57.72 -3.05
N HIS A 288 21.55 58.62 -3.80
CA HIS A 288 21.02 59.07 -5.11
C HIS A 288 21.37 58.04 -6.22
N ASN A 289 22.17 56.99 -5.90
CA ASN A 289 22.55 55.90 -6.86
C ASN A 289 22.08 54.52 -6.37
N GLU A 290 21.91 54.30 -5.07
CA GLU A 290 21.33 53.03 -4.50
C GLU A 290 20.03 52.71 -5.26
N PRO A 291 19.85 51.53 -5.88
CA PRO A 291 18.61 51.26 -6.63
C PRO A 291 17.36 51.54 -5.78
N GLU A 292 17.43 51.15 -4.51
CA GLU A 292 16.26 51.13 -3.59
C GLU A 292 15.84 52.57 -3.24
N SER A 293 16.75 53.54 -3.32
CA SER A 293 16.41 54.92 -2.91
C SER A 293 16.51 55.97 -4.02
N ARG A 294 17.08 55.61 -5.18
CA ARG A 294 17.27 56.60 -6.28
C ARG A 294 15.99 57.39 -6.59
N ALA A 295 14.92 56.69 -6.95
CA ALA A 295 13.63 57.28 -7.38
C ALA A 295 13.07 58.23 -6.33
N ASP A 296 13.16 57.86 -5.07
CA ASP A 296 12.67 58.68 -3.93
C ASP A 296 13.53 59.94 -3.73
N VAL A 297 14.85 59.87 -3.86
CA VAL A 297 15.73 61.06 -3.76
C VAL A 297 15.36 61.98 -4.92
N GLU A 298 15.16 61.42 -6.11
CA GLU A 298 14.79 62.19 -7.33
C GLU A 298 13.40 62.89 -7.19
N SER A 299 12.31 62.17 -6.91
CA SER A 299 10.93 62.73 -6.80
C SER A 299 10.83 63.70 -5.61
N SER A 300 11.55 63.45 -4.51
CA SER A 300 11.66 64.39 -3.37
C SER A 300 12.42 65.66 -3.79
N LEU A 301 13.45 65.56 -4.61
CA LEU A 301 14.17 66.77 -5.10
C LEU A 301 13.22 67.57 -6.03
N VAL A 302 12.50 66.91 -6.93
CA VAL A 302 11.54 67.55 -7.85
C VAL A 302 10.49 68.29 -7.00
N THR A 303 9.88 67.61 -6.02
CA THR A 303 8.84 68.20 -5.13
C THR A 303 9.44 69.43 -4.41
N PHE A 304 10.65 69.29 -3.87
CA PHE A 304 11.35 70.37 -3.12
C PHE A 304 11.50 71.61 -4.01
N VAL A 305 12.08 71.42 -5.19
CA VAL A 305 12.30 72.50 -6.19
C VAL A 305 10.94 73.11 -6.53
N ASP A 306 9.91 72.32 -6.84
CA ASP A 306 8.57 72.87 -7.21
C ASP A 306 8.09 73.77 -6.06
N ARG A 307 8.40 73.40 -4.81
CA ARG A 307 7.98 74.15 -3.58
C ARG A 307 8.76 75.46 -3.50
N VAL A 308 10.05 75.43 -3.79
CA VAL A 308 10.94 76.63 -3.77
C VAL A 308 10.37 77.63 -4.78
N ALA A 309 10.00 77.13 -5.95
CA ALA A 309 9.46 77.95 -7.06
C ALA A 309 8.22 78.73 -6.63
N ASN A 310 7.42 78.20 -5.72
CA ASN A 310 6.25 78.94 -5.19
C ASN A 310 6.73 80.05 -4.26
N ARG A 311 7.10 81.18 -4.85
CA ARG A 311 7.63 82.44 -4.27
C ARG A 311 8.05 83.35 -5.42
N ALA B 2 29.22 54.39 -16.05
CA ALA B 2 30.61 54.57 -16.60
C ALA B 2 30.54 55.30 -17.93
N LEU B 3 31.43 56.26 -18.18
CA LEU B 3 31.41 57.08 -19.42
C LEU B 3 32.76 56.91 -20.08
N GLN B 4 32.79 56.80 -21.39
CA GLN B 4 34.04 56.81 -22.18
C GLN B 4 33.88 57.88 -23.24
N GLU B 5 34.90 58.68 -23.42
CA GLU B 5 35.02 59.54 -24.61
C GLU B 5 35.93 58.83 -25.62
N ILE B 6 35.42 58.64 -26.83
CA ILE B 6 36.10 58.08 -28.03
C ILE B 6 36.25 59.17 -29.09
N GLU B 7 37.43 59.45 -29.55
CA GLU B 7 37.60 60.31 -30.75
C GLU B 7 38.29 59.41 -31.74
N PHE B 8 38.01 59.58 -33.01
CA PHE B 8 38.89 58.98 -34.02
C PHE B 8 38.86 59.91 -35.19
N THR B 9 39.84 59.77 -36.06
CA THR B 9 39.93 60.47 -37.35
C THR B 9 38.84 59.87 -38.23
N SER B 10 37.91 60.70 -38.69
CA SER B 10 36.92 60.38 -39.76
C SER B 10 37.65 59.78 -40.97
N HIS B 11 36.94 58.94 -41.74
CA HIS B 11 37.33 58.49 -43.10
C HIS B 11 37.58 59.70 -44.02
N ASN B 12 37.14 60.90 -43.66
CA ASN B 12 37.35 62.07 -44.55
C ASN B 12 38.72 62.70 -44.25
N GLY B 13 39.43 62.26 -43.21
CA GLY B 13 40.82 62.72 -42.95
C GLY B 13 40.88 64.10 -42.32
N ARG B 14 39.77 64.83 -42.23
CA ARG B 14 39.69 66.21 -41.68
C ARG B 14 39.18 66.16 -40.23
N ASP B 15 38.03 65.50 -39.97
CA ASP B 15 37.27 65.69 -38.70
C ASP B 15 37.75 64.74 -37.60
N ALA B 16 37.83 65.26 -36.37
CA ALA B 16 37.89 64.46 -35.13
C ALA B 16 36.45 64.17 -34.72
N ILE B 17 35.96 62.98 -35.10
CA ILE B 17 34.57 62.54 -34.79
C ILE B 17 34.43 62.45 -33.28
N GLN B 18 33.55 63.26 -32.71
CA GLN B 18 33.28 63.20 -31.25
C GLN B 18 32.30 62.05 -31.00
N ALA B 19 32.66 61.16 -30.08
CA ALA B 19 31.94 59.92 -29.76
C ALA B 19 31.96 59.66 -28.24
N TRP B 20 30.90 58.99 -27.76
CA TRP B 20 30.73 58.58 -26.34
C TRP B 20 30.26 57.11 -26.27
N ALA B 21 30.66 56.40 -25.22
CA ALA B 21 30.05 55.11 -24.82
C ALA B 21 29.54 55.26 -23.39
N TYR B 22 28.30 54.93 -23.16
CA TYR B 22 27.66 54.98 -21.83
C TYR B 22 27.43 53.54 -21.37
N GLU B 23 28.02 53.12 -20.27
CA GLU B 23 27.82 51.76 -19.73
C GLU B 23 26.94 51.83 -18.48
N PRO B 24 25.97 50.91 -18.33
CA PRO B 24 25.11 50.89 -17.15
C PRO B 24 25.87 50.34 -15.96
N VAL B 25 25.33 50.52 -14.77
CA VAL B 25 25.80 49.85 -13.54
C VAL B 25 25.34 48.39 -13.69
N GLY B 26 26.13 47.45 -13.20
CA GLY B 26 25.82 46.01 -13.37
C GLY B 26 26.35 45.47 -14.69
N THR B 27 26.01 44.22 -14.97
CA THR B 27 26.43 43.46 -16.18
C THR B 27 25.47 43.79 -17.32
N PRO B 28 25.91 44.55 -18.34
CA PRO B 28 25.09 44.82 -19.50
C PRO B 28 24.72 43.55 -20.29
N THR B 29 23.59 43.56 -21.01
CA THR B 29 23.11 42.41 -21.85
C THR B 29 23.17 42.71 -23.36
N ALA B 30 23.48 43.94 -23.78
CA ALA B 30 23.38 44.38 -25.19
C ALA B 30 24.05 45.73 -25.36
N VAL B 31 24.46 45.98 -26.59
CA VAL B 31 24.98 47.29 -27.04
C VAL B 31 23.97 47.92 -28.00
N VAL B 32 23.62 49.20 -27.78
CA VAL B 32 22.70 49.96 -28.68
C VAL B 32 23.49 51.14 -29.23
N GLN B 33 23.71 51.18 -30.55
CA GLN B 33 24.42 52.28 -31.28
C GLN B 33 23.36 53.24 -31.82
N ILE B 34 23.30 54.48 -31.32
CA ILE B 34 22.34 55.50 -31.80
C ILE B 34 23.02 56.25 -32.95
N ILE B 35 22.38 56.32 -34.12
CA ILE B 35 22.88 57.08 -35.28
C ILE B 35 21.91 58.24 -35.53
N HIS B 36 22.31 59.46 -35.18
CA HIS B 36 21.46 60.67 -35.31
C HIS B 36 21.28 61.08 -36.75
N GLY B 37 20.29 61.95 -36.99
CA GLY B 37 19.88 62.40 -38.31
C GLY B 37 20.44 63.75 -38.66
N LEU B 38 19.94 64.32 -39.74
CA LEU B 38 20.51 65.59 -40.26
C LEU B 38 20.14 66.74 -39.30
N GLY B 39 21.05 67.70 -39.13
CA GLY B 39 20.81 68.93 -38.37
C GLY B 39 20.62 68.66 -36.90
N GLU B 40 21.04 67.50 -36.37
CA GLU B 40 21.02 67.22 -34.89
C GLU B 40 22.35 66.60 -34.48
N HIS B 41 22.39 65.98 -33.30
CA HIS B 41 23.60 65.41 -32.65
C HIS B 41 23.19 64.31 -31.68
N SER B 42 24.16 63.52 -31.21
CA SER B 42 23.93 62.29 -30.40
C SER B 42 23.51 62.65 -28.96
N ARG B 43 23.90 63.81 -28.42
CA ARG B 43 23.66 64.17 -27.00
C ARG B 43 22.24 64.72 -26.80
N ARG B 44 21.53 64.98 -27.88
CA ARG B 44 20.07 65.21 -27.90
C ARG B 44 19.29 63.98 -27.43
N TYR B 45 19.88 62.78 -27.47
CA TYR B 45 19.22 61.49 -27.14
C TYR B 45 19.36 61.19 -25.63
N LEU B 46 19.55 62.22 -24.81
CA LEU B 46 19.78 62.08 -23.35
C LEU B 46 18.64 61.27 -22.71
N HIS B 47 17.37 61.59 -22.92
CA HIS B 47 16.26 60.82 -22.32
C HIS B 47 16.36 59.35 -22.77
N MET B 48 16.62 59.08 -24.05
CA MET B 48 16.64 57.68 -24.56
C MET B 48 17.90 56.94 -24.08
N ILE B 49 19.05 57.61 -24.05
CA ILE B 49 20.33 57.03 -23.55
C ILE B 49 20.11 56.55 -22.12
N SER B 50 19.58 57.42 -21.25
CA SER B 50 19.23 57.13 -19.83
C SER B 50 18.32 55.91 -19.75
N ALA B 51 17.26 55.87 -20.57
CA ALA B 51 16.26 54.80 -20.52
C ALA B 51 16.92 53.47 -20.92
N LEU B 52 17.89 53.50 -21.83
CA LEU B 52 18.55 52.26 -22.33
C LEU B 52 19.55 51.77 -21.29
N LEU B 53 20.13 52.69 -20.54
CA LEU B 53 21.05 52.36 -19.42
C LEU B 53 20.24 51.73 -18.30
N ASP B 54 19.07 52.28 -17.96
CA ASP B 54 18.17 51.74 -16.89
C ASP B 54 17.83 50.29 -17.22
N ALA B 55 17.65 49.98 -18.52
CA ALA B 55 17.32 48.63 -19.04
C ALA B 55 18.54 47.70 -19.08
N GLY B 56 19.75 48.19 -18.81
CA GLY B 56 20.99 47.38 -18.77
C GLY B 56 21.67 47.21 -20.13
N PHE B 57 21.68 48.24 -20.97
CA PHE B 57 22.36 48.23 -22.30
C PHE B 57 23.54 49.19 -22.32
N VAL B 58 24.58 48.84 -23.06
CA VAL B 58 25.62 49.85 -23.38
C VAL B 58 25.01 50.72 -24.48
N VAL B 59 25.30 52.01 -24.44
CA VAL B 59 24.92 52.94 -25.52
C VAL B 59 26.19 53.57 -26.07
N ILE B 60 26.33 53.54 -27.38
CA ILE B 60 27.44 54.16 -28.14
C ILE B 60 26.82 55.06 -29.22
N ALA B 61 27.37 56.24 -29.43
CA ALA B 61 26.88 57.17 -30.45
C ALA B 61 27.96 58.20 -30.71
N ASP B 62 27.91 58.79 -31.89
CA ASP B 62 28.80 59.94 -32.16
C ASP B 62 28.06 61.02 -32.92
N ASP B 63 28.67 62.19 -32.93
CA ASP B 63 28.21 63.31 -33.78
C ASP B 63 28.88 63.06 -35.13
N HIS B 64 28.11 62.90 -36.20
CA HIS B 64 28.64 62.61 -37.55
C HIS B 64 29.45 63.82 -38.07
N ALA B 65 30.34 63.56 -39.04
CA ALA B 65 31.04 64.59 -39.84
C ALA B 65 30.03 65.71 -40.17
N GLY B 66 30.40 66.97 -39.98
CA GLY B 66 29.52 68.11 -40.28
C GLY B 66 28.50 68.41 -39.19
N HIS B 67 28.49 67.71 -38.07
CA HIS B 67 27.38 67.81 -37.09
C HIS B 67 27.86 67.93 -35.64
N GLY B 68 26.99 68.55 -34.81
CA GLY B 68 27.16 68.57 -33.35
C GLY B 68 28.58 68.93 -32.98
N ARG B 69 29.13 68.22 -31.98
CA ARG B 69 30.41 68.59 -31.32
C ARG B 69 31.52 68.40 -32.34
N THR B 70 31.34 67.53 -33.33
CA THR B 70 32.38 67.27 -34.38
C THR B 70 32.57 68.52 -35.22
N ALA B 71 31.45 69.11 -35.63
CA ALA B 71 31.39 70.39 -36.36
C ALA B 71 31.93 71.51 -35.46
N MET B 72 31.52 71.53 -34.18
CA MET B 72 31.83 72.61 -33.23
C MET B 72 33.35 72.63 -33.01
N GLN B 73 34.04 71.47 -33.12
CA GLN B 73 35.51 71.38 -32.89
C GLN B 73 36.27 71.64 -34.17
N SER B 74 35.76 71.14 -35.31
CA SER B 74 36.43 71.26 -36.65
C SER B 74 36.14 72.63 -37.28
N GLY B 75 34.98 73.25 -37.01
CA GLY B 75 34.53 74.53 -37.61
C GLY B 75 33.70 74.33 -38.87
N VAL B 76 33.46 73.09 -39.31
CA VAL B 76 32.75 72.79 -40.59
C VAL B 76 31.42 72.08 -40.31
N TRP B 77 30.33 72.79 -40.57
CA TRP B 77 28.92 72.32 -40.43
C TRP B 77 28.39 71.90 -41.80
N ALA B 78 27.58 70.84 -41.83
CA ALA B 78 26.72 70.48 -42.97
C ALA B 78 27.60 70.16 -44.19
N ASP B 79 28.80 69.61 -43.94
CA ASP B 79 29.66 69.01 -44.99
C ASP B 79 30.47 67.88 -44.37
N ALA B 80 30.61 66.75 -45.05
CA ALA B 80 31.32 65.58 -44.49
C ALA B 80 32.49 65.22 -45.40
N GLY B 81 32.89 66.15 -46.27
CA GLY B 81 33.98 65.96 -47.24
C GLY B 81 33.50 65.16 -48.41
N ASP B 82 34.38 64.89 -49.36
CA ASP B 82 34.08 64.14 -50.60
C ASP B 82 33.54 62.76 -50.24
N ASN B 83 32.68 62.19 -51.09
CA ASN B 83 32.12 60.83 -50.93
C ASN B 83 31.35 60.76 -49.61
N ALA B 84 30.59 61.82 -49.35
CA ALA B 84 29.93 62.07 -48.05
C ALA B 84 29.32 60.76 -47.52
N ALA B 85 28.67 59.99 -48.39
CA ALA B 85 27.92 58.76 -47.99
C ALA B 85 28.89 57.70 -47.45
N GLU B 86 29.95 57.39 -48.18
CA GLU B 86 30.97 56.40 -47.77
C GLU B 86 31.62 56.84 -46.45
N VAL B 87 31.82 58.15 -46.25
CA VAL B 87 32.48 58.71 -45.03
C VAL B 87 31.59 58.38 -43.81
N VAL B 88 30.31 58.77 -43.79
CA VAL B 88 29.48 58.54 -42.57
C VAL B 88 29.24 57.03 -42.38
N ILE B 89 29.16 56.21 -43.46
CA ILE B 89 29.01 54.73 -43.33
C ILE B 89 30.28 54.20 -42.63
N SER B 90 31.43 54.40 -43.27
CA SER B 90 32.76 54.00 -42.74
C SER B 90 32.91 54.47 -41.28
N ASP B 91 32.65 55.75 -41.00
CA ASP B 91 32.68 56.32 -39.62
C ASP B 91 31.78 55.52 -38.64
N GLU B 92 30.57 55.11 -39.01
CA GLU B 92 29.69 54.34 -38.08
C GLU B 92 30.24 52.92 -37.83
N LEU B 93 30.89 52.32 -38.82
CA LEU B 93 31.64 51.02 -38.66
C LEU B 93 32.84 51.19 -37.72
N THR B 94 33.64 52.25 -37.91
CA THR B 94 34.81 52.58 -37.03
C THR B 94 34.30 52.73 -35.58
N LEU B 95 33.15 53.37 -35.38
CA LEU B 95 32.60 53.57 -34.01
C LEU B 95 32.42 52.20 -33.34
N GLN B 96 31.91 51.18 -34.06
CA GLN B 96 31.68 49.83 -33.49
C GLN B 96 33.01 49.25 -33.01
N GLN B 97 34.06 49.37 -33.82
CA GLN B 97 35.38 48.76 -33.52
C GLN B 97 35.99 49.46 -32.30
N GLN B 98 35.53 50.64 -31.88
CA GLN B 98 36.06 51.34 -30.67
C GLN B 98 35.77 50.54 -29.39
N LEU B 99 34.78 49.62 -29.43
CA LEU B 99 34.48 48.74 -28.27
C LEU B 99 35.01 47.31 -28.49
N ALA B 100 35.85 47.05 -29.49
CA ALA B 100 36.39 45.69 -29.75
C ALA B 100 37.07 45.17 -28.49
N GLY B 101 36.76 43.93 -28.08
CA GLY B 101 37.35 43.27 -26.88
C GLY B 101 36.59 43.61 -25.60
N GLN B 102 35.65 44.56 -25.60
CA GLN B 102 34.99 44.98 -24.33
C GLN B 102 33.63 44.30 -24.22
N PHE B 103 33.00 43.98 -25.36
CA PHE B 103 31.59 43.50 -25.44
C PHE B 103 31.33 42.56 -26.63
N ASP B 104 32.30 41.75 -27.05
CA ASP B 104 32.22 40.90 -28.27
C ASP B 104 31.15 39.82 -28.12
N ASP B 105 30.80 39.41 -26.89
CA ASP B 105 29.77 38.39 -26.53
C ASP B 105 28.36 38.98 -26.59
N LEU B 106 28.17 40.30 -26.61
CA LEU B 106 26.84 40.94 -26.49
C LEU B 106 26.22 41.14 -27.87
N PRO B 107 24.88 41.01 -27.94
CA PRO B 107 24.11 41.41 -29.14
C PRO B 107 24.21 42.93 -29.36
N TRP B 108 24.24 43.34 -30.63
CA TRP B 108 24.47 44.75 -31.04
C TRP B 108 23.27 45.21 -31.86
N VAL B 109 22.54 46.18 -31.34
CA VAL B 109 21.36 46.73 -32.04
C VAL B 109 21.75 48.11 -32.59
N VAL B 110 21.50 48.39 -33.86
CA VAL B 110 21.63 49.76 -34.45
C VAL B 110 20.25 50.45 -34.44
N PHE B 111 20.19 51.62 -33.84
CA PHE B 111 19.04 52.55 -33.88
C PHE B 111 19.44 53.74 -34.73
N GLY B 112 18.77 53.92 -35.85
CA GLY B 112 18.98 55.07 -36.77
C GLY B 112 17.74 55.93 -36.89
N HIS B 113 17.90 57.25 -36.85
CA HIS B 113 16.83 58.26 -37.10
C HIS B 113 17.15 59.09 -38.35
N SER B 114 16.19 59.14 -39.31
CA SER B 114 16.16 60.00 -40.53
C SER B 114 17.37 59.63 -41.38
N TRP B 115 18.31 60.57 -41.55
CA TRP B 115 19.60 60.30 -42.20
C TRP B 115 20.27 59.11 -41.49
N GLY B 116 20.14 59.03 -40.15
CA GLY B 116 20.68 57.90 -39.38
C GLY B 116 20.05 56.59 -39.82
N SER B 117 18.77 56.63 -40.20
CA SER B 117 18.00 55.46 -40.67
C SER B 117 18.60 54.97 -41.99
N MET B 118 18.94 55.91 -42.88
CA MET B 118 19.51 55.60 -44.22
C MET B 118 20.92 55.03 -44.03
N ILE B 119 21.69 55.62 -43.12
CA ILE B 119 23.06 55.14 -42.80
C ILE B 119 22.94 53.72 -42.26
N ALA B 120 22.02 53.50 -41.32
CA ALA B 120 21.80 52.17 -40.69
C ALA B 120 21.50 51.17 -41.80
N ARG B 121 20.62 51.55 -42.72
CA ARG B 121 20.15 50.59 -43.75
C ARG B 121 21.33 50.30 -44.67
N ALA B 122 22.11 51.33 -44.96
CA ALA B 122 23.30 51.21 -45.82
C ALA B 122 24.32 50.31 -45.10
N MET B 123 24.46 50.42 -43.77
CA MET B 123 25.46 49.61 -43.01
C MET B 123 25.03 48.16 -43.03
N ALA B 124 23.71 47.90 -42.91
CA ALA B 124 23.14 46.54 -42.83
C ALA B 124 23.58 45.70 -44.03
N THR B 125 23.79 46.34 -45.17
CA THR B 125 24.16 45.66 -46.42
C THR B 125 25.68 45.54 -46.62
N ARG B 126 26.52 46.01 -45.69
CA ARG B 126 28.00 45.89 -45.85
C ARG B 126 28.46 44.65 -45.10
N PRO B 127 29.38 43.85 -45.65
CA PRO B 127 29.89 42.69 -44.95
C PRO B 127 30.68 43.15 -43.72
N GLY B 128 30.56 42.43 -42.60
CA GLY B 128 31.37 42.85 -41.45
C GLY B 128 30.74 43.95 -40.62
N THR B 129 29.49 44.30 -40.93
CA THR B 129 28.79 45.25 -40.04
C THR B 129 28.34 44.42 -38.83
N ARG B 130 28.54 44.89 -37.62
CA ARG B 130 28.07 44.14 -36.45
C ARG B 130 26.58 44.50 -36.30
N LEU B 131 25.71 43.52 -36.46
CA LEU B 131 24.26 43.84 -36.41
C LEU B 131 23.41 42.62 -36.13
N ASP B 132 22.84 42.55 -34.94
CA ASP B 132 21.93 41.45 -34.54
C ASP B 132 20.47 41.92 -34.56
N GLY B 133 20.23 43.23 -34.55
CA GLY B 133 18.87 43.80 -34.62
C GLY B 133 18.89 45.20 -35.17
N LEU B 134 17.86 45.57 -35.91
CA LEU B 134 17.78 46.86 -36.60
C LEU B 134 16.51 47.61 -36.16
N ALA B 135 16.71 48.83 -35.67
CA ALA B 135 15.65 49.76 -35.26
C ALA B 135 15.76 51.09 -36.03
N LEU B 136 14.79 51.41 -36.89
CA LEU B 136 14.74 52.63 -37.73
C LEU B 136 13.61 53.53 -37.22
N CYS B 137 13.90 54.81 -37.14
CA CYS B 137 12.97 55.86 -36.66
C CYS B 137 12.97 56.99 -37.69
N GLY B 138 11.84 57.60 -37.99
CA GLY B 138 11.76 58.65 -39.03
C GLY B 138 12.31 58.16 -40.35
N ILE B 139 11.89 56.97 -40.78
CA ILE B 139 12.35 56.32 -42.04
C ILE B 139 12.17 57.31 -43.20
N VAL B 140 13.20 57.40 -44.04
CA VAL B 140 13.14 58.14 -45.33
C VAL B 140 12.86 57.12 -46.44
N ALA B 141 11.63 57.12 -46.93
CA ALA B 141 11.13 56.17 -47.92
C ALA B 141 10.03 56.83 -48.73
N GLN B 142 10.33 57.13 -50.01
CA GLN B 142 9.37 57.50 -51.10
C GLN B 142 8.69 58.83 -50.87
N PRO B 143 9.36 59.85 -50.29
CA PRO B 143 8.78 61.19 -50.27
C PRO B 143 9.03 61.75 -51.67
N ARG B 144 8.16 62.62 -52.14
CA ARG B 144 8.14 63.06 -53.55
C ARG B 144 9.53 63.59 -53.97
N GLY B 145 10.21 64.33 -53.09
CA GLY B 145 11.49 65.00 -53.35
C GLY B 145 12.59 64.04 -53.79
N PHE B 146 12.86 63.04 -52.95
CA PHE B 146 13.90 62.01 -53.25
C PHE B 146 13.42 61.16 -54.44
N GLU B 147 12.11 60.93 -54.59
CA GLU B 147 11.64 59.91 -55.56
C GLU B 147 11.67 60.51 -56.97
N THR B 148 11.23 61.78 -57.10
CA THR B 148 10.78 62.41 -58.36
C THR B 148 11.38 63.81 -58.51
N THR B 149 11.17 64.73 -57.56
CA THR B 149 11.41 66.18 -57.78
C THR B 149 12.91 66.47 -57.96
N LEU B 150 13.80 65.83 -57.19
CA LEU B 150 15.24 66.08 -57.22
C LEU B 150 15.76 65.80 -58.63
N ASP B 151 16.30 66.84 -59.28
CA ASP B 151 16.85 66.72 -60.65
C ASP B 151 18.32 66.29 -60.54
N HIS B 152 18.60 65.01 -60.82
CA HIS B 152 19.93 64.39 -60.61
C HIS B 152 20.94 64.92 -61.64
N LYS B 153 20.48 65.36 -62.82
CA LYS B 153 21.33 65.95 -63.88
C LYS B 153 21.87 67.26 -63.34
N THR B 154 21.00 68.10 -62.82
CA THR B 154 21.38 69.44 -62.27
C THR B 154 22.35 69.25 -61.10
N LEU B 155 22.14 68.27 -60.22
CA LEU B 155 23.05 67.96 -59.08
C LEU B 155 24.42 67.48 -59.60
N ALA B 156 24.44 66.61 -60.62
CA ALA B 156 25.64 66.09 -61.31
C ALA B 156 26.45 67.26 -61.88
N LYS B 157 25.77 68.20 -62.51
CA LYS B 157 26.42 69.38 -63.15
C LYS B 157 26.99 70.26 -62.04
N ALA B 158 26.23 70.53 -60.99
CA ALA B 158 26.66 71.36 -59.86
C ALA B 158 27.85 70.69 -59.14
N MET B 159 27.89 69.35 -59.06
CA MET B 159 29.01 68.51 -58.52
C MET B 159 30.26 68.59 -59.41
N ALA B 160 30.11 68.87 -60.71
CA ALA B 160 31.26 68.98 -61.65
C ALA B 160 31.84 70.41 -61.64
N THR B 161 31.01 71.44 -61.38
CA THR B 161 31.43 72.88 -61.40
C THR B 161 31.95 73.35 -60.04
N ALA B 162 31.22 73.12 -58.93
CA ALA B 162 31.54 73.63 -57.57
C ALA B 162 31.07 72.65 -56.48
N PRO B 163 31.76 71.52 -56.26
CA PRO B 163 31.32 70.56 -55.24
C PRO B 163 31.42 71.01 -53.76
N THR B 164 32.25 71.99 -53.45
CA THR B 164 32.50 72.52 -52.07
C THR B 164 31.61 73.74 -51.78
N ASP B 165 30.93 74.30 -52.77
CA ASP B 165 30.09 75.52 -52.60
C ASP B 165 28.80 75.17 -51.86
N PRO B 166 28.06 76.15 -51.31
CA PRO B 166 26.69 75.90 -50.85
C PRO B 166 25.82 75.28 -51.94
N ALA B 167 25.09 74.24 -51.60
CA ALA B 167 24.23 73.52 -52.55
C ALA B 167 23.28 74.56 -53.11
N PRO B 168 23.09 74.63 -54.45
CA PRO B 168 22.11 75.55 -55.02
C PRO B 168 20.74 75.36 -54.32
N GLU B 169 20.07 76.46 -54.00
CA GLU B 169 18.77 76.53 -53.26
C GLU B 169 17.71 75.64 -53.94
N ALA B 170 17.74 75.57 -55.27
CA ALA B 170 16.75 74.81 -56.08
C ALA B 170 16.87 73.32 -55.77
N LEU B 171 18.07 72.82 -55.46
CA LEU B 171 18.31 71.37 -55.27
C LEU B 171 17.93 70.98 -53.85
N VAL B 172 18.16 71.87 -52.90
CA VAL B 172 17.73 71.70 -51.48
C VAL B 172 16.20 71.60 -51.45
N ALA B 173 15.51 72.58 -52.00
CA ALA B 173 14.04 72.62 -52.07
C ALA B 173 13.48 71.43 -52.87
N GLN B 174 14.15 70.99 -53.92
CA GLN B 174 13.73 69.79 -54.67
C GLN B 174 13.84 68.58 -53.73
N MET B 175 14.96 68.44 -53.02
CA MET B 175 15.26 67.22 -52.21
C MET B 175 14.19 66.99 -51.13
N PHE B 176 13.76 68.06 -50.47
CA PHE B 176 12.82 68.08 -49.32
C PHE B 176 11.39 68.41 -49.81
N ASP B 177 11.16 68.35 -51.13
CA ASP B 177 9.79 68.56 -51.63
C ASP B 177 8.95 67.45 -50.97
N GLY B 178 7.81 67.83 -50.39
CA GLY B 178 6.87 66.94 -49.68
C GLY B 178 6.82 67.26 -48.19
N PHE B 179 7.86 67.92 -47.65
CA PHE B 179 8.11 68.07 -46.19
C PHE B 179 7.17 69.13 -45.60
N ALA B 180 6.65 70.07 -46.39
CA ALA B 180 5.67 71.09 -45.97
C ALA B 180 4.23 70.76 -46.42
N ASP B 181 3.93 69.58 -46.95
CA ASP B 181 2.60 69.26 -47.54
C ASP B 181 1.46 69.33 -46.51
N ARG B 182 1.70 69.07 -45.24
CA ARG B 182 0.58 69.01 -44.25
C ARG B 182 0.76 70.03 -43.12
N LEU B 183 1.48 71.11 -43.41
CA LEU B 183 1.78 72.17 -42.44
C LEU B 183 1.01 73.44 -42.82
N SER B 184 0.46 74.13 -41.84
CA SER B 184 -0.18 75.45 -42.10
C SER B 184 0.85 76.56 -41.82
N GLU B 185 0.46 77.83 -41.86
CA GLU B 185 1.50 78.86 -41.61
C GLU B 185 1.85 78.91 -40.13
N ASP B 186 0.89 78.60 -39.28
CA ASP B 186 1.06 78.53 -37.80
C ASP B 186 2.13 77.49 -37.38
N ASP B 187 2.38 76.46 -38.19
CA ASP B 187 3.37 75.39 -37.97
C ASP B 187 4.79 75.90 -38.20
N GLY B 188 5.04 76.69 -39.24
CA GLY B 188 6.41 77.16 -39.51
C GLY B 188 7.10 76.30 -40.54
N PRO B 189 8.28 76.68 -41.06
CA PRO B 189 8.98 75.90 -42.06
C PRO B 189 9.55 74.56 -41.58
N THR B 190 9.79 74.42 -40.29
CA THR B 190 10.33 73.16 -39.70
C THR B 190 9.25 72.50 -38.84
N GLY B 191 7.98 72.72 -39.15
CA GLY B 191 6.87 72.14 -38.37
C GLY B 191 6.75 70.64 -38.55
N TRP B 192 7.17 70.12 -39.70
CA TRP B 192 7.20 68.67 -39.98
C TRP B 192 8.05 67.91 -38.96
N VAL B 193 8.92 68.58 -38.19
CA VAL B 193 9.83 67.97 -37.17
C VAL B 193 9.02 67.33 -36.02
N ALA B 194 7.92 67.96 -35.61
CA ALA B 194 7.04 67.47 -34.54
C ALA B 194 5.73 68.28 -34.49
N ARG B 195 4.62 67.60 -34.17
CA ARG B 195 3.34 68.23 -33.78
C ARG B 195 3.62 69.22 -32.65
N SER B 196 4.51 68.83 -31.71
CA SER B 196 4.88 69.62 -30.51
C SER B 196 5.74 70.82 -30.90
N LYS B 197 5.19 72.02 -30.70
CA LYS B 197 5.86 73.33 -30.98
C LYS B 197 7.06 73.51 -30.04
N GLU B 198 6.95 72.96 -28.82
CA GLU B 198 8.03 72.97 -27.79
C GLU B 198 9.28 72.24 -28.37
N VAL B 199 9.11 71.09 -29.04
CA VAL B 199 10.24 70.27 -29.52
C VAL B 199 10.83 71.00 -30.74
N VAL B 200 9.97 71.58 -31.58
CA VAL B 200 10.40 72.36 -32.78
C VAL B 200 11.25 73.58 -32.34
N ALA B 201 10.82 74.33 -31.31
CA ALA B 201 11.51 75.55 -30.86
C ALA B 201 12.86 75.14 -30.29
N ASP B 202 12.87 74.03 -29.53
CA ASP B 202 14.09 73.49 -28.90
C ASP B 202 15.03 73.03 -29.99
N HIS B 203 14.52 72.33 -31.01
CA HIS B 203 15.29 71.93 -32.21
C HIS B 203 15.99 73.15 -32.80
N GLY B 204 15.30 74.29 -32.87
CA GLY B 204 15.82 75.54 -33.45
C GLY B 204 16.90 76.18 -32.57
N LYS B 205 16.78 76.09 -31.24
CA LYS B 205 17.63 76.85 -30.26
C LYS B 205 18.93 76.07 -30.00
N ASP B 206 18.88 74.73 -29.96
CA ASP B 206 20.03 73.85 -29.60
C ASP B 206 21.24 74.27 -30.43
N LYS B 207 22.26 74.84 -29.81
CA LYS B 207 23.47 75.29 -30.53
C LYS B 207 24.18 74.09 -31.16
N PHE B 208 23.94 72.85 -30.69
CA PHE B 208 24.61 71.65 -31.27
C PHE B 208 23.84 71.13 -32.49
N ASN B 209 22.61 71.63 -32.73
CA ASN B 209 21.91 71.46 -34.04
C ASN B 209 22.44 72.51 -35.05
N ASN B 210 22.79 73.72 -34.62
CA ASN B 210 23.18 74.85 -35.51
C ASN B 210 22.23 74.84 -36.71
N PHE B 211 20.94 75.05 -36.45
CA PHE B 211 19.84 75.06 -37.46
C PHE B 211 20.09 76.21 -38.44
N GLY B 212 19.78 75.98 -39.72
CA GLY B 212 19.96 76.92 -40.85
C GLY B 212 21.23 76.61 -41.64
N ALA B 213 22.15 75.84 -41.06
CA ALA B 213 23.53 75.75 -41.60
C ALA B 213 23.48 75.12 -42.99
N PRO B 214 23.97 75.86 -44.00
CA PRO B 214 23.87 75.47 -45.41
C PRO B 214 24.71 74.24 -45.77
N MET B 215 24.06 73.22 -46.33
CA MET B 215 24.70 72.00 -46.86
C MET B 215 25.55 72.38 -48.07
N SER B 216 26.67 71.69 -48.22
CA SER B 216 27.48 71.72 -49.45
C SER B 216 26.81 70.82 -50.50
N THR B 217 27.04 71.15 -51.77
CA THR B 217 26.67 70.34 -52.95
C THR B 217 27.07 68.89 -52.66
N ARG B 218 28.31 68.65 -52.31
CA ARG B 218 28.81 67.25 -52.23
C ARG B 218 28.10 66.57 -51.07
N PHE B 219 27.66 67.36 -50.09
CA PHE B 219 26.92 66.81 -48.94
C PHE B 219 25.57 66.33 -49.43
N LEU B 220 24.92 67.15 -50.27
CA LEU B 220 23.59 66.86 -50.83
C LEU B 220 23.70 65.62 -51.72
N GLN B 221 24.76 65.52 -52.54
CA GLN B 221 24.99 64.32 -53.36
C GLN B 221 25.04 63.13 -52.40
N GLY B 222 25.70 63.28 -51.26
CA GLY B 222 25.75 62.24 -50.20
C GLY B 222 24.37 61.86 -49.69
N LEU B 223 23.44 62.80 -49.59
CA LEU B 223 22.04 62.48 -49.19
C LEU B 223 21.37 61.66 -50.28
N ALA B 224 21.63 62.00 -51.54
CA ALA B 224 21.03 61.31 -52.70
C ALA B 224 21.61 59.90 -52.81
N ASP B 225 22.91 59.76 -52.55
CA ASP B 225 23.66 58.47 -52.66
C ASP B 225 23.11 57.52 -51.60
N ILE B 226 23.09 57.96 -50.33
CA ILE B 226 22.64 57.14 -49.16
C ILE B 226 21.14 56.84 -49.26
N TYR B 227 20.35 57.78 -49.80
CA TYR B 227 18.91 57.53 -50.10
C TYR B 227 18.80 56.35 -51.09
N ALA B 228 19.53 56.39 -52.20
CA ALA B 228 19.57 55.28 -53.19
C ALA B 228 20.13 53.98 -52.57
N MET B 229 21.17 54.01 -51.74
CA MET B 229 21.64 52.75 -51.14
C MET B 229 20.55 52.21 -50.20
N ALA B 230 19.89 53.06 -49.43
CA ALA B 230 18.97 52.64 -48.35
C ALA B 230 17.70 52.03 -48.93
N ASN B 231 17.28 52.47 -50.11
CA ASN B 231 15.95 52.13 -50.69
C ASN B 231 16.13 51.31 -51.98
N GLY B 232 17.35 50.91 -52.33
CA GLY B 232 17.66 50.15 -53.57
C GLY B 232 17.47 48.66 -53.44
N ASP B 233 17.45 47.96 -54.59
CA ASP B 233 17.22 46.49 -54.62
C ASP B 233 18.29 45.79 -53.77
N SER B 234 19.51 46.29 -53.71
CA SER B 234 20.59 45.61 -52.95
C SER B 234 20.22 45.66 -51.47
N PHE B 235 19.67 46.75 -50.95
CA PHE B 235 19.21 46.74 -49.54
C PHE B 235 18.21 45.59 -49.32
N TYR B 236 17.12 45.55 -50.07
CA TYR B 236 16.01 44.61 -49.81
C TYR B 236 16.53 43.18 -49.91
N ALA B 237 17.43 42.90 -50.84
CA ALA B 237 17.86 41.52 -51.16
C ALA B 237 19.00 41.09 -50.25
N THR B 238 19.70 42.02 -49.59
CA THR B 238 20.85 41.59 -48.77
C THR B 238 20.61 41.92 -47.30
N MET B 239 19.53 42.61 -46.95
CA MET B 239 19.15 42.81 -45.52
C MET B 239 19.15 41.45 -44.83
N PRO B 240 20.01 41.26 -43.81
CA PRO B 240 20.08 39.96 -43.12
C PRO B 240 18.75 39.64 -42.43
N ASN B 241 18.45 38.34 -42.22
CA ASN B 241 17.23 37.88 -41.50
C ASN B 241 17.48 38.07 -40.00
N ILE B 242 17.30 39.29 -39.48
CA ILE B 242 17.44 39.62 -38.04
C ILE B 242 16.17 40.36 -37.66
N PRO B 243 15.79 40.49 -36.37
CA PRO B 243 14.63 41.29 -36.01
C PRO B 243 14.81 42.76 -36.45
N ILE B 244 13.76 43.32 -37.02
CA ILE B 244 13.72 44.72 -37.52
C ILE B 244 12.55 45.40 -36.81
N VAL B 245 12.75 46.61 -36.29
CA VAL B 245 11.63 47.41 -35.77
C VAL B 245 11.67 48.79 -36.42
N LEU B 246 10.49 49.30 -36.81
CA LEU B 246 10.30 50.64 -37.43
C LEU B 246 9.40 51.52 -36.53
N PHE B 247 9.79 52.77 -36.35
CA PHE B 247 9.01 53.78 -35.60
C PHE B 247 8.79 54.95 -36.55
N ALA B 248 7.53 55.30 -36.84
CA ALA B 248 7.21 56.51 -37.63
C ALA B 248 5.91 57.17 -37.18
N GLY B 249 5.83 58.49 -37.38
CA GLY B 249 4.60 59.28 -37.31
C GLY B 249 3.85 59.24 -38.62
N SER B 250 2.53 59.03 -38.57
CA SER B 250 1.64 58.98 -39.75
C SER B 250 1.70 60.29 -40.52
N GLU B 251 2.13 61.39 -39.89
CA GLU B 251 2.15 62.72 -40.57
C GLU B 251 3.57 63.06 -41.00
N ASP B 252 4.54 62.19 -40.69
CA ASP B 252 5.97 62.40 -41.05
C ASP B 252 6.08 62.43 -42.55
N PRO B 253 6.55 63.53 -43.18
CA PRO B 253 6.74 63.54 -44.63
C PRO B 253 7.90 62.68 -45.11
N ALA B 254 8.88 62.39 -44.26
CA ALA B 254 10.12 61.63 -44.62
C ALA B 254 9.76 60.24 -45.16
N GLY B 255 8.71 59.63 -44.64
CA GLY B 255 8.25 58.29 -45.07
C GLY B 255 6.97 58.41 -45.85
N ASP B 256 6.76 59.55 -46.53
CA ASP B 256 5.55 59.83 -47.34
C ASP B 256 4.26 59.59 -46.52
N PHE B 257 4.23 60.09 -45.29
CA PHE B 257 3.02 60.17 -44.41
C PHE B 257 2.49 58.75 -44.15
N GLY B 258 3.38 57.86 -43.72
CA GLY B 258 3.04 56.47 -43.37
C GLY B 258 3.08 55.55 -44.58
N THR B 259 2.85 56.04 -45.80
CA THR B 259 2.75 55.18 -47.00
C THR B 259 4.11 54.59 -47.38
N GLY B 260 5.16 55.41 -47.37
CA GLY B 260 6.52 54.98 -47.74
C GLY B 260 7.08 53.98 -46.75
N VAL B 261 6.85 54.22 -45.45
CA VAL B 261 7.23 53.33 -44.32
C VAL B 261 6.53 51.98 -44.51
N LYS B 262 5.23 52.02 -44.80
CA LYS B 262 4.44 50.78 -45.01
C LYS B 262 5.07 49.97 -46.14
N ALA B 263 5.53 50.62 -47.21
CA ALA B 263 6.06 49.93 -48.41
C ALA B 263 7.40 49.26 -48.09
N VAL B 264 8.22 49.91 -47.27
CA VAL B 264 9.48 49.33 -46.72
C VAL B 264 9.12 48.04 -45.98
N ALA B 265 8.25 48.14 -44.99
CA ALA B 265 7.85 46.98 -44.16
C ALA B 265 7.37 45.85 -45.08
N GLU B 266 6.44 46.21 -45.93
CA GLU B 266 5.80 45.30 -46.90
C GLU B 266 6.86 44.60 -47.74
N ARG B 267 7.76 45.34 -48.35
CA ARG B 267 8.75 44.66 -49.23
C ARG B 267 9.62 43.74 -48.36
N LEU B 268 10.08 44.19 -47.20
CA LEU B 268 10.87 43.36 -46.25
C LEU B 268 10.09 42.10 -45.93
N ARG B 269 8.79 42.22 -45.65
CA ARG B 269 7.95 41.05 -45.30
C ARG B 269 7.84 40.16 -46.52
N ARG B 270 7.65 40.71 -47.73
CA ARG B 270 7.56 39.90 -48.97
C ARG B 270 8.79 39.02 -49.11
N ASP B 271 9.97 39.51 -48.70
CA ASP B 271 11.26 38.81 -48.85
C ASP B 271 11.60 38.03 -47.55
N GLY B 272 10.60 37.74 -46.71
CA GLY B 272 10.65 36.76 -45.60
C GLY B 272 11.11 37.31 -44.25
N HIS B 273 11.26 38.64 -44.10
CA HIS B 273 11.74 39.32 -42.86
C HIS B 273 10.56 39.53 -41.90
N ASN B 274 10.89 39.53 -40.61
CA ASN B 274 9.98 39.83 -39.49
C ASN B 274 10.09 41.36 -39.24
N VAL B 275 9.05 42.15 -39.51
CA VAL B 275 9.11 43.62 -39.31
C VAL B 275 8.04 44.05 -38.31
N GLU B 276 8.45 44.63 -37.19
CA GLU B 276 7.52 45.23 -36.18
C GLU B 276 7.38 46.73 -36.48
N LEU B 277 6.22 47.15 -36.96
CA LEU B 277 5.96 48.55 -37.37
C LEU B 277 5.14 49.22 -36.26
N HIS B 278 5.67 50.28 -35.64
CA HIS B 278 4.97 51.26 -34.76
C HIS B 278 4.68 52.54 -35.53
N LEU B 279 3.41 52.82 -35.81
CA LEU B 279 2.94 54.03 -36.56
C LEU B 279 2.07 54.84 -35.60
N TYR B 280 2.52 56.05 -35.22
CA TYR B 280 1.87 56.90 -34.20
C TYR B 280 0.98 57.87 -34.94
N ASP B 281 -0.33 57.69 -34.80
CA ASP B 281 -1.32 58.39 -35.64
C ASP B 281 -1.41 59.85 -35.15
N GLY B 282 -1.10 60.81 -36.04
CA GLY B 282 -1.22 62.27 -35.79
C GLY B 282 0.09 62.91 -35.38
N LEU B 283 1.15 62.10 -35.24
CA LEU B 283 2.50 62.58 -34.86
C LEU B 283 3.38 62.70 -36.12
N ARG B 284 4.35 63.62 -36.07
CA ARG B 284 5.25 63.99 -37.18
C ARG B 284 6.57 63.21 -37.05
N HIS B 285 7.71 63.84 -37.28
CA HIS B 285 8.97 63.15 -37.69
C HIS B 285 9.65 62.52 -36.49
N GLU B 286 9.84 63.31 -35.45
CA GLU B 286 10.61 62.97 -34.22
C GLU B 286 9.68 62.32 -33.18
N VAL B 287 9.14 61.14 -33.48
CA VAL B 287 8.24 60.35 -32.59
C VAL B 287 9.03 59.93 -31.35
N HIS B 288 10.35 59.87 -31.44
CA HIS B 288 11.18 59.60 -30.24
C HIS B 288 11.19 60.85 -29.32
N ASN B 289 10.76 62.03 -29.78
CA ASN B 289 10.84 63.25 -28.94
C ASN B 289 9.44 63.78 -28.64
N GLU B 290 8.41 63.38 -29.41
CA GLU B 290 7.02 63.85 -29.19
C GLU B 290 6.56 63.33 -27.84
N PRO B 291 6.06 64.21 -26.94
CA PRO B 291 5.68 63.80 -25.59
C PRO B 291 4.54 62.75 -25.50
N GLU B 292 3.67 62.61 -26.49
CA GLU B 292 2.63 61.52 -26.37
C GLU B 292 3.22 60.18 -26.83
N SER B 293 4.29 60.15 -27.63
CA SER B 293 4.89 58.89 -28.17
C SER B 293 6.23 58.51 -27.50
N ARG B 294 7.00 59.44 -26.95
CA ARG B 294 8.39 59.16 -26.53
C ARG B 294 8.45 57.86 -25.70
N ALA B 295 7.58 57.72 -24.69
CA ALA B 295 7.65 56.62 -23.70
C ALA B 295 7.43 55.31 -24.45
N ASP B 296 6.53 55.30 -25.42
CA ASP B 296 6.17 54.07 -26.17
C ASP B 296 7.35 53.72 -27.08
N VAL B 297 7.97 54.70 -27.69
CA VAL B 297 9.12 54.40 -28.60
C VAL B 297 10.19 53.75 -27.73
N GLU B 298 10.46 54.32 -26.55
CA GLU B 298 11.57 53.85 -25.67
C GLU B 298 11.19 52.48 -25.11
N SER B 299 9.95 52.30 -24.66
CA SER B 299 9.57 51.00 -24.04
C SER B 299 9.54 49.90 -25.11
N SER B 300 9.06 50.20 -26.32
CA SER B 300 9.06 49.25 -27.49
C SER B 300 10.50 48.90 -27.88
N LEU B 301 11.41 49.87 -27.91
CA LEU B 301 12.82 49.64 -28.30
C LEU B 301 13.47 48.76 -27.23
N VAL B 302 13.09 48.94 -25.97
CA VAL B 302 13.71 48.13 -24.88
C VAL B 302 13.23 46.69 -25.00
N THR B 303 11.92 46.45 -25.22
CA THR B 303 11.34 45.09 -25.41
C THR B 303 12.04 44.44 -26.62
N PHE B 304 12.15 45.21 -27.70
CA PHE B 304 12.82 44.82 -28.96
C PHE B 304 14.24 44.34 -28.66
N VAL B 305 15.02 45.13 -27.93
CA VAL B 305 16.45 44.78 -27.67
C VAL B 305 16.47 43.50 -26.84
N ASP B 306 15.66 43.39 -25.80
CA ASP B 306 15.60 42.19 -24.91
C ASP B 306 15.31 40.92 -25.71
N ARG B 307 14.61 40.98 -26.83
CA ARG B 307 14.36 39.73 -27.60
C ARG B 307 15.38 39.62 -28.74
N VAL B 308 15.82 40.76 -29.29
CA VAL B 308 16.73 40.92 -30.47
C VAL B 308 18.15 40.73 -30.01
N ALA B 309 18.25 39.98 -28.92
CA ALA B 309 19.50 39.70 -28.21
C ALA B 309 19.89 38.31 -28.68
N ASN B 310 20.21 38.25 -29.96
CA ASN B 310 20.68 37.13 -30.80
C ASN B 310 20.43 35.79 -30.09
N ALA C 2 -27.99 5.51 3.15
CA ALA C 2 -26.83 6.19 2.56
C ALA C 2 -25.56 5.92 3.39
N LEU C 3 -24.39 5.99 2.77
CA LEU C 3 -23.08 5.93 3.46
C LEU C 3 -22.28 7.16 3.08
N GLN C 4 -21.59 7.74 4.06
CA GLN C 4 -20.54 8.77 3.85
C GLN C 4 -19.22 8.28 4.45
N GLU C 5 -18.14 8.46 3.72
CA GLU C 5 -16.76 8.27 4.25
C GLU C 5 -16.28 9.67 4.58
N ILE C 6 -16.01 9.90 5.85
CA ILE C 6 -15.40 11.15 6.37
C ILE C 6 -13.97 10.86 6.81
N GLU C 7 -13.04 11.70 6.45
CA GLU C 7 -11.68 11.65 7.00
C GLU C 7 -11.47 13.07 7.46
N PHE C 8 -10.60 13.24 8.44
CA PHE C 8 -10.02 14.55 8.80
C PHE C 8 -8.67 14.23 9.43
N THR C 9 -7.77 15.22 9.40
CA THR C 9 -6.51 15.28 10.15
C THR C 9 -6.81 15.35 11.65
N SER C 10 -6.26 14.42 12.43
CA SER C 10 -6.39 14.39 13.90
C SER C 10 -5.81 15.69 14.47
N HIS C 11 -6.30 16.07 15.65
CA HIS C 11 -5.67 17.09 16.52
C HIS C 11 -4.16 16.81 16.66
N ASN C 12 -3.68 15.57 16.46
CA ASN C 12 -2.24 15.22 16.74
C ASN C 12 -1.34 15.64 15.57
N GLY C 13 -1.91 16.07 14.45
CA GLY C 13 -1.16 16.40 13.21
C GLY C 13 -0.71 15.20 12.41
N ARG C 14 -0.77 13.98 12.95
CA ARG C 14 -0.18 12.78 12.33
C ARG C 14 -1.27 12.00 11.59
N ASP C 15 -2.37 11.65 12.26
CA ASP C 15 -3.33 10.64 11.76
C ASP C 15 -4.40 11.25 10.86
N ALA C 16 -4.80 10.50 9.83
CA ALA C 16 -6.09 10.68 9.10
C ALA C 16 -7.11 9.86 9.88
N ILE C 17 -7.97 10.51 10.68
CA ILE C 17 -9.09 9.83 11.37
C ILE C 17 -10.00 9.27 10.29
N GLN C 18 -10.15 7.95 10.29
CA GLN C 18 -11.12 7.24 9.44
C GLN C 18 -12.47 7.32 10.14
N ALA C 19 -13.48 7.83 9.46
CA ALA C 19 -14.84 8.00 10.01
C ALA C 19 -15.88 7.63 8.94
N TRP C 20 -17.06 7.23 9.39
CA TRP C 20 -18.25 6.91 8.58
C TRP C 20 -19.46 7.62 9.20
N ALA C 21 -20.39 8.13 8.38
CA ALA C 21 -21.79 8.43 8.75
C ALA C 21 -22.74 7.50 7.99
N TYR C 22 -23.64 6.84 8.70
CA TYR C 22 -24.65 5.94 8.14
C TYR C 22 -25.96 6.72 8.22
N GLU C 23 -26.65 6.91 7.10
CA GLU C 23 -27.99 7.57 7.14
C GLU C 23 -29.04 6.51 6.82
N PRO C 24 -30.16 6.44 7.58
CA PRO C 24 -31.20 5.45 7.35
C PRO C 24 -32.09 5.83 6.15
N VAL C 25 -32.92 4.91 5.70
CA VAL C 25 -33.94 5.21 4.65
C VAL C 25 -35.02 6.01 5.41
N GLY C 26 -35.65 6.96 4.74
CA GLY C 26 -36.72 7.80 5.32
C GLY C 26 -36.13 9.04 5.94
N THR C 27 -36.90 9.75 6.76
CA THR C 27 -36.46 11.00 7.41
C THR C 27 -35.94 10.61 8.79
N PRO C 28 -34.67 10.87 9.09
CA PRO C 28 -34.14 10.55 10.42
C PRO C 28 -34.68 11.48 11.54
N THR C 29 -34.79 10.94 12.76
CA THR C 29 -35.35 11.61 13.97
C THR C 29 -34.24 12.03 14.93
N ALA C 30 -32.98 11.63 14.70
CA ALA C 30 -31.88 11.75 15.69
C ALA C 30 -30.53 11.37 15.08
N VAL C 31 -29.45 11.93 15.61
CA VAL C 31 -28.07 11.43 15.33
C VAL C 31 -27.56 10.71 16.59
N VAL C 32 -26.91 9.54 16.44
CA VAL C 32 -26.18 8.81 17.51
C VAL C 32 -24.69 8.75 17.17
N GLN C 33 -23.80 9.28 18.01
CA GLN C 33 -22.33 9.19 17.84
C GLN C 33 -21.76 8.05 18.70
N ILE C 34 -21.27 6.98 18.07
CA ILE C 34 -20.63 5.83 18.76
C ILE C 34 -19.15 6.16 18.93
N ILE C 35 -18.70 6.14 20.17
CA ILE C 35 -17.28 6.31 20.59
C ILE C 35 -16.82 4.97 21.16
N HIS C 36 -16.07 4.20 20.37
CA HIS C 36 -15.52 2.89 20.77
C HIS C 36 -14.43 3.10 21.83
N GLY C 37 -14.04 2.01 22.51
CA GLY C 37 -13.07 2.03 23.61
C GLY C 37 -11.71 1.51 23.21
N LEU C 38 -10.89 1.22 24.20
CA LEU C 38 -9.53 0.66 24.03
C LEU C 38 -9.55 -0.68 23.25
N GLY C 39 -8.71 -0.81 22.24
CA GLY C 39 -8.39 -2.10 21.63
C GLY C 39 -9.44 -2.60 20.66
N GLU C 40 -10.36 -1.74 20.22
CA GLU C 40 -11.43 -2.08 19.27
C GLU C 40 -11.56 -0.95 18.25
N HIS C 41 -12.64 -0.94 17.47
CA HIS C 41 -12.84 -0.01 16.34
C HIS C 41 -14.34 0.24 16.11
N SER C 42 -14.70 1.23 15.30
CA SER C 42 -16.12 1.66 15.12
C SER C 42 -16.91 0.62 14.29
N ARG C 43 -16.26 -0.21 13.46
CA ARG C 43 -16.99 -1.13 12.55
C ARG C 43 -17.32 -2.44 13.25
N ARG C 44 -16.79 -2.63 14.46
CA ARG C 44 -17.19 -3.70 15.42
C ARG C 44 -18.65 -3.53 15.82
N TYR C 45 -19.22 -2.33 15.70
CA TYR C 45 -20.62 -2.01 16.10
C TYR C 45 -21.62 -2.23 14.97
N LEU C 46 -21.28 -3.07 13.99
CA LEU C 46 -22.15 -3.39 12.83
C LEU C 46 -23.57 -3.65 13.34
N HIS C 47 -23.76 -4.54 14.31
CA HIS C 47 -25.13 -4.98 14.75
C HIS C 47 -25.89 -3.79 15.31
N MET C 48 -25.19 -2.95 16.09
CA MET C 48 -25.80 -1.75 16.70
C MET C 48 -25.99 -0.68 15.63
N ILE C 49 -25.03 -0.48 14.72
CA ILE C 49 -25.21 0.54 13.63
C ILE C 49 -26.50 0.18 12.91
N SER C 50 -26.65 -1.09 12.56
CA SER C 50 -27.81 -1.56 11.79
C SER C 50 -29.10 -1.38 12.58
N ALA C 51 -29.13 -1.71 13.88
CA ALA C 51 -30.38 -1.66 14.67
C ALA C 51 -30.86 -0.21 14.83
N LEU C 52 -29.91 0.73 15.00
CA LEU C 52 -30.16 2.20 15.10
C LEU C 52 -30.67 2.75 13.75
N LEU C 53 -30.08 2.34 12.62
CA LEU C 53 -30.58 2.76 11.27
C LEU C 53 -32.04 2.30 11.13
N ASP C 54 -32.33 1.06 11.49
CA ASP C 54 -33.71 0.49 11.56
C ASP C 54 -34.61 1.36 12.44
N ALA C 55 -34.12 1.98 13.52
CA ALA C 55 -34.92 2.86 14.43
C ALA C 55 -35.03 4.29 13.84
N GLY C 56 -34.36 4.56 12.72
CA GLY C 56 -34.53 5.79 11.92
C GLY C 56 -33.57 6.85 12.41
N PHE C 57 -32.37 6.44 12.85
CA PHE C 57 -31.34 7.40 13.36
C PHE C 57 -30.17 7.42 12.35
N VAL C 58 -29.57 8.60 12.16
CA VAL C 58 -28.20 8.72 11.61
C VAL C 58 -27.22 8.23 12.67
N VAL C 59 -26.18 7.54 12.24
CA VAL C 59 -25.10 7.00 13.11
C VAL C 59 -23.79 7.54 12.55
N ILE C 60 -22.98 8.17 13.40
CA ILE C 60 -21.61 8.63 13.05
C ILE C 60 -20.60 8.06 14.08
N ALA C 61 -19.39 7.79 13.62
CA ALA C 61 -18.40 7.04 14.40
C ALA C 61 -17.08 7.16 13.66
N ASP C 62 -15.99 7.37 14.40
CA ASP C 62 -14.61 7.29 13.88
C ASP C 62 -13.86 6.16 14.58
N ASP C 63 -12.77 5.74 13.95
CA ASP C 63 -11.70 4.94 14.57
C ASP C 63 -10.71 5.96 15.14
N HIS C 64 -10.50 5.94 16.44
CA HIS C 64 -9.70 6.95 17.18
C HIS C 64 -8.24 6.80 16.78
N ALA C 65 -7.48 7.86 17.00
CA ALA C 65 -6.02 7.83 16.94
C ALA C 65 -5.54 6.52 17.59
N GLY C 66 -4.66 5.81 16.90
CA GLY C 66 -4.03 4.61 17.44
C GLY C 66 -4.89 3.37 17.24
N HIS C 67 -6.04 3.45 16.54
CA HIS C 67 -7.02 2.32 16.54
C HIS C 67 -7.58 2.05 15.15
N GLY C 68 -8.05 0.82 14.90
CA GLY C 68 -8.83 0.44 13.72
C GLY C 68 -8.18 0.92 12.43
N ARG C 69 -8.98 1.42 11.52
CA ARG C 69 -8.54 1.81 10.16
C ARG C 69 -7.59 2.98 10.26
N THR C 70 -7.78 3.86 11.24
CA THR C 70 -6.84 4.98 11.52
C THR C 70 -5.45 4.42 11.74
N ALA C 71 -5.34 3.41 12.59
CA ALA C 71 -4.03 2.77 12.86
C ALA C 71 -3.56 2.07 11.58
N MET C 72 -4.45 1.34 10.91
CA MET C 72 -4.11 0.49 9.74
C MET C 72 -3.38 1.38 8.72
N GLN C 73 -3.89 2.60 8.50
CA GLN C 73 -3.48 3.53 7.39
C GLN C 73 -2.26 4.34 7.80
N SER C 74 -2.06 4.60 9.10
CA SER C 74 -0.91 5.38 9.63
C SER C 74 0.28 4.48 10.02
N GLY C 75 0.07 3.19 10.23
CA GLY C 75 1.07 2.28 10.85
C GLY C 75 1.20 2.38 12.37
N VAL C 76 0.56 3.35 13.06
CA VAL C 76 0.75 3.58 14.53
C VAL C 76 -0.47 3.10 15.32
N TRP C 77 -0.26 2.04 16.10
CA TRP C 77 -1.24 1.36 16.99
C TRP C 77 -1.05 1.84 18.43
N ALA C 78 -2.15 2.13 19.12
CA ALA C 78 -2.18 2.28 20.59
C ALA C 78 -1.26 3.45 21.01
N ASP C 79 -1.08 4.42 20.14
CA ASP C 79 -0.57 5.77 20.53
C ASP C 79 -1.39 6.79 19.76
N ALA C 80 -1.73 7.91 20.38
CA ALA C 80 -2.55 9.00 19.80
C ALA C 80 -1.79 10.32 19.85
N GLY C 81 -0.47 10.31 19.94
CA GLY C 81 0.32 11.55 20.01
C GLY C 81 0.47 12.09 21.42
N ASP C 82 1.26 13.15 21.56
CA ASP C 82 1.38 14.01 22.75
C ASP C 82 -0.04 14.43 23.16
N ASN C 83 -0.29 14.58 24.46
CA ASN C 83 -1.56 15.13 25.01
C ASN C 83 -2.72 14.25 24.53
N ALA C 84 -2.67 12.95 24.81
CA ALA C 84 -3.54 11.94 24.16
C ALA C 84 -5.00 12.23 24.46
N ALA C 85 -5.33 12.68 25.68
CA ALA C 85 -6.72 12.85 26.16
C ALA C 85 -7.38 13.98 25.37
N GLU C 86 -6.70 15.12 25.33
CA GLU C 86 -7.14 16.31 24.54
C GLU C 86 -7.27 15.92 23.08
N VAL C 87 -6.31 15.15 22.56
CA VAL C 87 -6.32 14.69 21.14
C VAL C 87 -7.64 13.97 20.87
N VAL C 88 -7.97 12.89 21.61
CA VAL C 88 -9.13 12.05 21.23
C VAL C 88 -10.42 12.83 21.54
N ILE C 89 -10.40 13.74 22.53
CA ILE C 89 -11.61 14.56 22.87
C ILE C 89 -11.87 15.50 21.67
N SER C 90 -10.88 16.33 21.31
CA SER C 90 -10.90 17.23 20.11
C SER C 90 -11.44 16.45 18.92
N ASP C 91 -10.91 15.26 18.71
CA ASP C 91 -11.30 14.47 17.51
C ASP C 91 -12.79 14.13 17.56
N GLU C 92 -13.35 13.78 18.72
CA GLU C 92 -14.78 13.45 18.82
C GLU C 92 -15.63 14.71 18.60
N LEU C 93 -15.12 15.87 19.00
CA LEU C 93 -15.74 17.19 18.68
C LEU C 93 -15.53 17.51 17.19
N THR C 94 -14.39 17.24 16.59
CA THR C 94 -14.26 17.42 15.11
C THR C 94 -15.22 16.50 14.35
N LEU C 95 -15.38 15.24 14.76
CA LEU C 95 -16.35 14.32 14.07
C LEU C 95 -17.75 14.97 14.01
N GLN C 96 -18.14 15.75 15.02
CA GLN C 96 -19.51 16.34 15.13
C GLN C 96 -19.69 17.40 14.01
N GLN C 97 -18.62 18.14 13.73
CA GLN C 97 -18.61 19.24 12.72
C GLN C 97 -18.70 18.66 11.30
N GLN C 98 -18.45 17.37 11.10
CA GLN C 98 -18.40 16.75 9.75
C GLN C 98 -19.83 16.60 9.22
N LEU C 99 -20.87 16.78 10.04
CA LEU C 99 -22.29 16.75 9.59
C LEU C 99 -22.94 18.15 9.64
N ALA C 100 -22.14 19.19 9.95
CA ALA C 100 -22.58 20.62 9.93
C ALA C 100 -23.42 20.90 8.68
N GLY C 101 -24.63 21.42 8.90
CA GLY C 101 -25.61 21.77 7.85
C GLY C 101 -26.49 20.61 7.43
N GLN C 102 -26.22 19.36 7.86
CA GLN C 102 -26.98 18.18 7.34
C GLN C 102 -28.12 17.81 8.28
N PHE C 103 -27.92 17.92 9.58
CA PHE C 103 -28.87 17.38 10.59
C PHE C 103 -28.90 18.30 11.82
N ASP C 104 -28.77 19.61 11.61
CA ASP C 104 -28.61 20.61 12.70
C ASP C 104 -29.87 20.74 13.60
N ASP C 105 -31.04 20.38 13.12
CA ASP C 105 -32.32 20.50 13.87
C ASP C 105 -32.70 19.12 14.44
N LEU C 106 -31.74 18.20 14.51
CA LEU C 106 -32.01 16.86 15.10
C LEU C 106 -31.31 16.78 16.47
N PRO C 107 -31.92 16.08 17.45
CA PRO C 107 -31.19 15.72 18.67
C PRO C 107 -29.98 14.81 18.41
N TRP C 108 -28.90 15.08 19.15
CA TRP C 108 -27.60 14.37 19.09
C TRP C 108 -27.37 13.57 20.38
N VAL C 109 -27.33 12.25 20.30
CA VAL C 109 -27.04 11.38 21.47
C VAL C 109 -25.63 10.82 21.30
N VAL C 110 -24.76 11.04 22.28
CA VAL C 110 -23.44 10.35 22.31
C VAL C 110 -23.56 9.04 23.09
N PHE C 111 -23.15 7.95 22.44
CA PHE C 111 -23.00 6.60 23.05
C PHE C 111 -21.52 6.26 23.12
N GLY C 112 -20.99 6.07 24.33
CA GLY C 112 -19.54 5.82 24.56
C GLY C 112 -19.31 4.57 25.37
N HIS C 113 -18.39 3.73 24.94
CA HIS C 113 -18.10 2.42 25.61
C HIS C 113 -16.66 2.40 26.12
N SER C 114 -16.45 2.06 27.40
CA SER C 114 -15.14 1.94 28.13
C SER C 114 -14.35 3.27 28.02
N TRP C 115 -13.17 3.27 27.44
CA TRP C 115 -12.45 4.51 27.01
C TRP C 115 -13.43 5.54 26.40
N GLY C 116 -14.38 5.08 25.58
CA GLY C 116 -15.29 5.98 24.85
C GLY C 116 -16.26 6.65 25.79
N SER C 117 -16.54 5.98 26.91
CA SER C 117 -17.44 6.49 27.96
C SER C 117 -16.68 7.56 28.73
N MET C 118 -15.38 7.41 28.91
CA MET C 118 -14.59 8.47 29.60
C MET C 118 -14.45 9.65 28.65
N ILE C 119 -14.22 9.41 27.36
CA ILE C 119 -14.18 10.50 26.35
C ILE C 119 -15.52 11.25 26.38
N ALA C 120 -16.63 10.52 26.28
CA ALA C 120 -18.00 11.07 26.30
C ALA C 120 -18.20 11.94 27.54
N ARG C 121 -17.78 11.47 28.72
CA ARG C 121 -17.94 12.23 29.98
C ARG C 121 -17.14 13.54 29.89
N ALA C 122 -15.90 13.47 29.41
CA ALA C 122 -15.01 14.66 29.27
C ALA C 122 -15.56 15.62 28.21
N MET C 123 -16.08 15.09 27.11
CA MET C 123 -16.71 15.93 26.05
C MET C 123 -17.91 16.71 26.59
N ALA C 124 -18.65 16.10 27.53
CA ALA C 124 -19.99 16.56 27.95
C ALA C 124 -19.87 17.91 28.68
N THR C 125 -18.77 18.15 29.41
CA THR C 125 -18.31 19.40 30.08
C THR C 125 -18.14 20.56 29.07
N ARG C 126 -17.64 20.31 27.86
CA ARG C 126 -17.08 21.36 26.97
C ARG C 126 -18.20 22.17 26.31
N PRO C 127 -18.17 23.52 26.42
CA PRO C 127 -19.17 24.35 25.74
C PRO C 127 -19.25 24.02 24.25
N GLY C 128 -20.45 23.98 23.68
CA GLY C 128 -20.65 23.76 22.24
C GLY C 128 -20.30 22.33 21.80
N THR C 129 -20.13 21.39 22.75
CA THR C 129 -20.35 19.96 22.47
C THR C 129 -21.81 19.88 22.05
N ARG C 130 -22.11 19.08 21.02
CA ARG C 130 -23.50 18.73 20.67
C ARG C 130 -23.84 17.52 21.52
N LEU C 131 -24.79 17.68 22.44
CA LEU C 131 -25.15 16.66 23.45
C LEU C 131 -26.57 16.90 23.97
N ASP C 132 -27.54 16.09 23.51
CA ASP C 132 -28.97 16.15 23.89
C ASP C 132 -29.34 14.95 24.75
N GLY C 133 -28.52 13.92 24.72
CA GLY C 133 -28.62 12.75 25.61
C GLY C 133 -27.26 12.10 25.72
N LEU C 134 -26.97 11.49 26.88
CA LEU C 134 -25.66 10.85 27.13
C LEU C 134 -25.88 9.38 27.48
N ALA C 135 -25.29 8.50 26.70
CA ALA C 135 -25.43 7.04 26.86
C ALA C 135 -24.01 6.45 27.08
N LEU C 136 -23.78 5.84 28.25
CA LEU C 136 -22.45 5.29 28.68
C LEU C 136 -22.58 3.78 28.79
N CYS C 137 -21.63 3.06 28.24
CA CYS C 137 -21.56 1.58 28.31
C CYS C 137 -20.17 1.23 28.83
N GLY C 138 -20.08 0.21 29.69
CA GLY C 138 -18.82 -0.29 30.26
C GLY C 138 -18.07 0.79 31.00
N ILE C 139 -18.77 1.52 31.86
CA ILE C 139 -18.26 2.83 32.33
C ILE C 139 -17.09 2.56 33.26
N VAL C 140 -16.11 3.44 33.22
CA VAL C 140 -14.85 3.24 33.98
C VAL C 140 -14.95 4.13 35.21
N ALA C 141 -15.18 3.54 36.39
CA ALA C 141 -15.36 4.24 37.67
C ALA C 141 -14.94 3.34 38.85
N GLN C 142 -13.89 3.74 39.57
CA GLN C 142 -13.46 3.22 40.90
C GLN C 142 -12.90 1.78 40.85
N PRO C 143 -12.38 1.28 39.70
CA PRO C 143 -11.63 0.02 39.72
C PRO C 143 -10.35 0.24 40.52
N ARG C 144 -9.90 -0.79 41.24
CA ARG C 144 -8.71 -0.73 42.12
C ARG C 144 -7.52 -0.13 41.35
N GLY C 145 -7.37 -0.45 40.06
CA GLY C 145 -6.23 0.00 39.24
C GLY C 145 -6.11 1.52 39.20
N PHE C 146 -7.12 2.20 38.67
CA PHE C 146 -7.10 3.68 38.45
C PHE C 146 -7.11 4.44 39.79
N GLU C 147 -7.62 3.81 40.86
CA GLU C 147 -7.90 4.44 42.19
C GLU C 147 -6.71 4.28 43.14
N THR C 148 -6.02 3.14 43.11
CA THR C 148 -5.02 2.77 44.15
C THR C 148 -3.72 2.35 43.48
N THR C 149 -3.75 1.21 42.77
CA THR C 149 -2.55 0.45 42.36
C THR C 149 -1.61 1.31 41.50
N LEU C 150 -2.13 2.02 40.49
CA LEU C 150 -1.32 2.78 39.51
C LEU C 150 -0.43 3.79 40.25
N ASP C 151 0.90 3.68 40.10
CA ASP C 151 1.93 4.51 40.77
C ASP C 151 2.27 5.71 39.88
N HIS C 152 1.74 6.89 40.22
CA HIS C 152 1.84 8.14 39.42
C HIS C 152 3.28 8.65 39.44
N LYS C 153 4.04 8.24 40.45
CA LYS C 153 5.46 8.60 40.62
C LYS C 153 6.22 7.91 39.47
N THR C 154 6.06 6.58 39.32
CA THR C 154 6.61 5.76 38.20
C THR C 154 6.14 6.36 36.86
N LEU C 155 4.86 6.71 36.76
CA LEU C 155 4.30 7.25 35.49
C LEU C 155 5.01 8.57 35.14
N ALA C 156 5.12 9.47 36.10
CA ALA C 156 5.72 10.80 35.88
C ALA C 156 7.15 10.63 35.35
N LYS C 157 7.94 9.81 36.05
CA LYS C 157 9.34 9.42 35.70
C LYS C 157 9.38 8.88 34.27
N ALA C 158 8.53 7.91 33.94
CA ALA C 158 8.52 7.27 32.60
C ALA C 158 8.16 8.33 31.56
N MET C 159 7.30 9.29 31.90
CA MET C 159 6.95 10.39 30.95
C MET C 159 8.15 11.34 30.75
N ALA C 160 9.05 11.42 31.74
CA ALA C 160 10.27 12.26 31.69
C ALA C 160 11.36 11.53 30.89
N THR C 161 11.50 10.21 31.04
CA THR C 161 12.57 9.40 30.39
C THR C 161 12.26 9.18 28.90
N ALA C 162 11.08 8.66 28.54
CA ALA C 162 10.78 8.05 27.21
C ALA C 162 9.27 8.00 26.96
N PRO C 163 8.61 9.17 26.81
CA PRO C 163 7.17 9.24 26.61
C PRO C 163 6.66 8.45 25.40
N THR C 164 7.50 8.27 24.36
CA THR C 164 7.09 7.59 23.10
C THR C 164 7.34 6.07 23.16
N ASP C 165 8.12 5.59 24.13
CA ASP C 165 8.46 4.15 24.29
C ASP C 165 7.22 3.33 24.66
N PRO C 166 7.19 2.00 24.44
CA PRO C 166 6.17 1.16 25.07
C PRO C 166 6.07 1.41 26.58
N ALA C 167 4.89 1.76 27.08
CA ALA C 167 4.58 1.89 28.52
C ALA C 167 5.20 0.70 29.24
N PRO C 168 5.99 0.94 30.31
CA PRO C 168 6.47 -0.14 31.16
C PRO C 168 5.35 -1.10 31.54
N GLU C 169 5.59 -2.42 31.45
CA GLU C 169 4.59 -3.47 31.77
C GLU C 169 4.00 -3.23 33.18
N ALA C 170 4.81 -2.78 34.15
CA ALA C 170 4.33 -2.56 35.54
C ALA C 170 3.21 -1.50 35.55
N LEU C 171 3.34 -0.42 34.77
CA LEU C 171 2.27 0.62 34.71
C LEU C 171 1.01 0.06 34.01
N VAL C 172 1.15 -0.78 32.97
CA VAL C 172 -0.04 -1.33 32.27
C VAL C 172 -0.77 -2.24 33.25
N ALA C 173 -0.02 -3.07 33.96
CA ALA C 173 -0.63 -4.07 34.87
C ALA C 173 -1.26 -3.34 36.08
N GLN C 174 -0.61 -2.34 36.65
CA GLN C 174 -1.20 -1.50 37.72
C GLN C 174 -2.54 -0.92 37.24
N MET C 175 -2.54 -0.27 36.08
CA MET C 175 -3.76 0.45 35.61
C MET C 175 -4.97 -0.48 35.55
N PHE C 176 -4.77 -1.74 35.12
CA PHE C 176 -5.87 -2.72 34.85
C PHE C 176 -5.94 -3.75 36.00
N ASP C 177 -5.26 -3.48 37.12
CA ASP C 177 -5.43 -4.27 38.38
C ASP C 177 -6.91 -4.20 38.75
N GLY C 178 -7.46 -5.35 39.12
CA GLY C 178 -8.90 -5.50 39.37
C GLY C 178 -9.57 -6.28 38.26
N PHE C 179 -9.00 -6.30 37.06
CA PHE C 179 -9.77 -6.70 35.86
C PHE C 179 -9.92 -8.21 35.87
N ALA C 180 -8.98 -8.91 36.51
CA ALA C 180 -8.98 -10.40 36.55
C ALA C 180 -9.52 -10.99 37.87
N ASP C 181 -10.16 -10.18 38.76
CA ASP C 181 -10.53 -10.64 40.13
C ASP C 181 -11.58 -11.76 40.06
N ARG C 182 -12.47 -11.76 39.09
CA ARG C 182 -13.56 -12.76 39.01
C ARG C 182 -13.37 -13.68 37.80
N LEU C 183 -12.15 -13.80 37.29
CA LEU C 183 -11.77 -14.77 36.22
C LEU C 183 -11.12 -16.01 36.85
N SER C 184 -11.60 -17.21 36.52
CA SER C 184 -10.80 -18.46 36.61
C SER C 184 -9.76 -18.47 35.46
N GLU C 185 -8.81 -19.42 35.47
CA GLU C 185 -7.71 -19.54 34.46
C GLU C 185 -8.27 -19.90 33.07
N ASP C 186 -9.36 -20.68 33.05
CA ASP C 186 -9.98 -21.18 31.79
C ASP C 186 -10.75 -20.06 31.07
N ASP C 187 -10.74 -18.83 31.60
CA ASP C 187 -11.33 -17.62 30.96
C ASP C 187 -10.24 -16.89 30.15
N GLY C 188 -8.95 -17.14 30.46
CA GLY C 188 -7.81 -16.47 29.81
C GLY C 188 -7.69 -15.04 30.31
N PRO C 189 -6.66 -14.27 29.89
CA PRO C 189 -6.45 -12.93 30.45
C PRO C 189 -7.46 -11.86 29.99
N THR C 190 -8.32 -12.12 29.00
CA THR C 190 -9.34 -11.15 28.51
C THR C 190 -10.75 -11.64 28.86
N GLY C 191 -10.86 -12.64 29.73
CA GLY C 191 -12.16 -13.16 30.19
C GLY C 191 -13.08 -12.01 30.57
N TRP C 192 -12.57 -10.96 31.16
CA TRP C 192 -13.39 -9.82 31.65
C TRP C 192 -14.12 -9.11 30.49
N VAL C 193 -13.70 -9.29 29.23
CA VAL C 193 -14.34 -8.64 28.06
C VAL C 193 -15.83 -8.99 27.97
N ALA C 194 -16.17 -10.26 28.23
CA ALA C 194 -17.52 -10.86 28.03
C ALA C 194 -17.55 -12.25 28.71
N ARG C 195 -18.70 -12.64 29.28
CA ARG C 195 -18.92 -14.06 29.71
C ARG C 195 -18.91 -14.99 28.48
N SER C 196 -19.42 -14.54 27.33
CA SER C 196 -19.30 -15.25 26.03
C SER C 196 -17.84 -15.46 25.63
N LYS C 197 -17.36 -16.70 25.68
CA LYS C 197 -15.99 -17.03 25.20
C LYS C 197 -15.87 -16.73 23.70
N GLU C 198 -16.96 -16.78 22.95
CA GLU C 198 -16.95 -16.57 21.47
C GLU C 198 -16.71 -15.08 21.16
N VAL C 199 -17.30 -14.17 21.95
CA VAL C 199 -17.09 -12.69 21.79
C VAL C 199 -15.62 -12.37 22.09
N VAL C 200 -15.07 -13.00 23.13
CA VAL C 200 -13.66 -12.82 23.59
C VAL C 200 -12.67 -13.28 22.50
N ALA C 201 -12.86 -14.47 21.91
CA ALA C 201 -12.05 -15.01 20.80
C ALA C 201 -12.15 -14.08 19.59
N ASP C 202 -13.34 -13.71 19.17
CA ASP C 202 -13.53 -12.79 18.03
C ASP C 202 -12.77 -11.48 18.33
N HIS C 203 -12.94 -10.90 19.53
CA HIS C 203 -12.22 -9.68 19.97
C HIS C 203 -10.70 -9.89 19.76
N GLY C 204 -10.23 -11.10 20.08
CA GLY C 204 -8.82 -11.53 19.96
C GLY C 204 -8.39 -11.67 18.51
N LYS C 205 -9.28 -12.08 17.59
CA LYS C 205 -8.89 -12.41 16.18
C LYS C 205 -8.98 -11.19 15.26
N ASP C 206 -9.97 -10.33 15.47
CA ASP C 206 -10.35 -9.20 14.58
C ASP C 206 -9.11 -8.35 14.30
N LYS C 207 -8.66 -8.28 13.05
CA LYS C 207 -7.40 -7.58 12.70
C LYS C 207 -7.49 -6.08 12.98
N PHE C 208 -8.71 -5.50 13.04
CA PHE C 208 -8.92 -4.05 13.30
C PHE C 208 -8.86 -3.74 14.80
N ASN C 209 -8.70 -4.77 15.64
CA ASN C 209 -8.41 -4.64 17.09
C ASN C 209 -6.89 -4.63 17.23
N ASN C 210 -6.23 -5.45 16.41
CA ASN C 210 -4.77 -5.75 16.51
C ASN C 210 -4.48 -6.00 18.00
N PHE C 211 -5.23 -6.90 18.64
CA PHE C 211 -5.06 -7.39 20.04
C PHE C 211 -3.57 -7.55 20.38
N GLY C 212 -3.17 -7.11 21.58
CA GLY C 212 -1.78 -7.21 22.10
C GLY C 212 -0.88 -6.06 21.69
N ALA C 213 -1.37 -5.09 20.89
CA ALA C 213 -0.54 -3.96 20.45
C ALA C 213 -0.15 -3.18 21.69
N PRO C 214 1.17 -2.95 21.86
CA PRO C 214 1.67 -2.32 23.07
C PRO C 214 1.40 -0.79 23.02
N MET C 215 0.69 -0.36 24.05
CA MET C 215 0.38 1.06 24.38
C MET C 215 1.66 1.84 24.68
N SER C 216 1.85 3.06 24.15
CA SER C 216 2.95 3.98 24.55
C SER C 216 2.75 4.46 26.00
N THR C 217 3.82 4.89 26.66
CA THR C 217 3.82 5.61 27.96
C THR C 217 2.89 6.84 27.90
N ARG C 218 2.92 7.62 26.82
CA ARG C 218 2.15 8.89 26.77
C ARG C 218 0.67 8.58 26.47
N PHE C 219 0.38 7.39 25.91
CA PHE C 219 -1.00 6.89 25.70
C PHE C 219 -1.58 6.51 27.07
N LEU C 220 -0.80 5.84 27.91
CA LEU C 220 -1.19 5.48 29.30
C LEU C 220 -1.43 6.75 30.14
N GLN C 221 -0.56 7.73 30.04
CA GLN C 221 -0.72 9.06 30.67
C GLN C 221 -2.09 9.60 30.26
N GLY C 222 -2.37 9.46 28.96
CA GLY C 222 -3.65 9.81 28.34
C GLY C 222 -4.79 9.20 29.13
N LEU C 223 -4.68 7.90 29.45
CA LEU C 223 -5.78 7.12 30.04
C LEU C 223 -5.99 7.63 31.46
N ALA C 224 -4.90 7.87 32.19
CA ALA C 224 -4.96 8.31 33.60
C ALA C 224 -5.57 9.72 33.64
N ASP C 225 -5.28 10.53 32.61
CA ASP C 225 -5.76 11.93 32.51
C ASP C 225 -7.28 11.92 32.21
N ILE C 226 -7.75 11.15 31.22
CA ILE C 226 -9.20 11.08 30.88
C ILE C 226 -9.99 10.44 32.03
N TYR C 227 -9.40 9.52 32.80
CA TYR C 227 -10.08 8.93 33.98
C TYR C 227 -10.43 10.04 34.99
N ALA C 228 -9.45 10.87 35.33
CA ALA C 228 -9.57 11.97 36.31
C ALA C 228 -10.57 13.00 35.78
N MET C 229 -10.53 13.25 34.48
CA MET C 229 -11.46 14.21 33.84
C MET C 229 -12.88 13.68 33.99
N ALA C 230 -13.10 12.39 33.66
CA ALA C 230 -14.44 11.79 33.60
C ALA C 230 -14.97 11.55 35.01
N ASN C 231 -14.12 11.26 36.00
CA ASN C 231 -14.59 10.89 37.37
C ASN C 231 -14.35 12.04 38.36
N GLY C 232 -13.92 13.22 37.92
CA GLY C 232 -13.45 14.32 38.78
C GLY C 232 -14.60 15.25 39.12
N ASP C 233 -14.37 16.21 40.03
CA ASP C 233 -15.44 17.08 40.58
C ASP C 233 -16.05 17.95 39.45
N SER C 234 -15.25 18.38 38.48
CA SER C 234 -15.70 19.28 37.40
C SER C 234 -16.78 18.64 36.53
N PHE C 235 -16.59 17.37 36.12
CA PHE C 235 -17.61 16.55 35.42
C PHE C 235 -18.91 16.57 36.20
N TYR C 236 -18.89 16.24 37.50
CA TYR C 236 -20.14 16.06 38.30
C TYR C 236 -20.88 17.41 38.49
N ALA C 237 -20.19 18.55 38.53
CA ALA C 237 -20.78 19.87 38.86
C ALA C 237 -21.22 20.64 37.60
N THR C 238 -20.72 20.27 36.42
CA THR C 238 -20.98 20.99 35.15
C THR C 238 -21.67 20.08 34.14
N MET C 239 -21.87 18.80 34.42
CA MET C 239 -22.66 17.89 33.53
C MET C 239 -23.99 18.57 33.26
N PRO C 240 -24.41 18.78 31.98
CA PRO C 240 -25.64 19.53 31.69
C PRO C 240 -26.88 18.71 32.02
N ASN C 241 -28.04 19.36 32.14
CA ASN C 241 -29.30 18.72 32.58
C ASN C 241 -30.00 18.12 31.36
N ILE C 242 -29.53 16.96 30.93
CA ILE C 242 -30.07 16.22 29.77
C ILE C 242 -30.29 14.79 30.24
N PRO C 243 -31.09 13.96 29.54
CA PRO C 243 -31.17 12.54 29.88
C PRO C 243 -29.79 11.84 29.81
N ILE C 244 -29.54 11.00 30.79
CA ILE C 244 -28.35 10.13 30.89
C ILE C 244 -28.80 8.69 31.10
N VAL C 245 -28.19 7.74 30.39
CA VAL C 245 -28.45 6.27 30.48
C VAL C 245 -27.10 5.58 30.64
N LEU C 246 -27.04 4.62 31.59
CA LEU C 246 -25.84 3.77 31.88
C LEU C 246 -26.14 2.30 31.58
N PHE C 247 -25.21 1.59 30.95
CA PHE C 247 -25.27 0.14 30.64
C PHE C 247 -24.05 -0.53 31.24
N ALA C 248 -24.24 -1.53 32.10
CA ALA C 248 -23.12 -2.20 32.79
C ALA C 248 -23.50 -3.62 33.20
N GLY C 249 -22.54 -4.53 33.02
CA GLY C 249 -22.59 -5.86 33.64
C GLY C 249 -22.26 -5.82 35.12
N SER C 250 -22.85 -6.70 35.90
CA SER C 250 -22.65 -6.76 37.36
C SER C 250 -21.26 -7.35 37.59
N GLU C 251 -20.72 -8.09 36.61
CA GLU C 251 -19.34 -8.69 36.69
C GLU C 251 -18.32 -7.94 35.81
N ASP C 252 -18.58 -6.70 35.43
CA ASP C 252 -17.65 -5.82 34.67
C ASP C 252 -16.67 -5.16 35.64
N PRO C 253 -15.39 -5.48 35.59
CA PRO C 253 -14.45 -4.90 36.55
C PRO C 253 -14.23 -3.39 36.33
N ALA C 254 -14.58 -2.86 35.16
CA ALA C 254 -14.30 -1.46 34.81
C ALA C 254 -15.04 -0.49 35.77
N GLY C 255 -16.27 -0.83 36.17
CA GLY C 255 -17.12 -0.01 37.05
C GLY C 255 -17.12 -0.60 38.42
N ASP C 256 -16.06 -1.36 38.72
CA ASP C 256 -15.83 -2.09 39.99
C ASP C 256 -17.05 -2.97 40.25
N PHE C 257 -17.42 -3.77 39.27
CA PHE C 257 -18.52 -4.76 39.38
C PHE C 257 -19.82 -4.12 39.89
N GLY C 258 -20.24 -3.04 39.24
CA GLY C 258 -21.48 -2.34 39.59
C GLY C 258 -21.36 -1.26 40.63
N THR C 259 -20.46 -1.44 41.59
CA THR C 259 -20.26 -0.49 42.71
C THR C 259 -19.90 0.91 42.18
N GLY C 260 -18.91 1.02 41.31
CA GLY C 260 -18.50 2.30 40.71
C GLY C 260 -19.61 2.92 39.90
N VAL C 261 -20.31 2.10 39.13
CA VAL C 261 -21.44 2.52 38.27
C VAL C 261 -22.55 3.10 39.13
N LYS C 262 -22.94 2.40 40.18
CA LYS C 262 -24.00 2.81 41.12
C LYS C 262 -23.62 4.14 41.78
N ALA C 263 -22.36 4.32 42.11
CA ALA C 263 -21.86 5.58 42.71
C ALA C 263 -21.97 6.74 41.69
N VAL C 264 -21.71 6.50 40.41
CA VAL C 264 -21.84 7.52 39.33
C VAL C 264 -23.31 7.98 39.25
N ALA C 265 -24.22 7.01 39.11
CA ALA C 265 -25.68 7.24 39.01
C ALA C 265 -26.10 8.11 40.19
N GLU C 266 -25.73 7.71 41.41
CA GLU C 266 -26.24 8.36 42.64
C GLU C 266 -25.66 9.77 42.68
N ARG C 267 -24.39 9.95 42.31
CA ARG C 267 -23.80 11.30 42.49
C ARG C 267 -24.51 12.23 41.49
N LEU C 268 -24.90 11.71 40.32
CA LEU C 268 -25.62 12.53 39.32
C LEU C 268 -27.04 12.80 39.85
N ARG C 269 -27.79 11.78 40.26
CA ARG C 269 -29.17 11.92 40.79
C ARG C 269 -29.15 12.98 41.89
N ARG C 270 -28.30 12.77 42.88
CA ARG C 270 -28.04 13.72 44.00
C ARG C 270 -27.98 15.17 43.50
N ASP C 271 -27.50 15.43 42.28
CA ASP C 271 -27.28 16.81 41.73
C ASP C 271 -28.44 17.19 40.80
N GLY C 272 -29.55 16.46 40.83
CA GLY C 272 -30.79 16.78 40.10
C GLY C 272 -30.85 16.11 38.74
N HIS C 273 -29.91 15.21 38.38
CA HIS C 273 -29.85 14.59 37.02
C HIS C 273 -30.85 13.43 36.88
N ASN C 274 -31.36 13.29 35.66
CA ASN C 274 -32.24 12.20 35.20
C ASN C 274 -31.29 11.10 34.71
N VAL C 275 -31.13 10.02 35.48
CA VAL C 275 -30.23 8.89 35.12
C VAL C 275 -31.07 7.62 35.03
N GLU C 276 -30.91 6.87 33.94
CA GLU C 276 -31.53 5.53 33.74
C GLU C 276 -30.41 4.48 33.76
N LEU C 277 -30.46 3.53 34.72
CA LEU C 277 -29.41 2.53 35.01
C LEU C 277 -29.89 1.15 34.53
N HIS C 278 -29.19 0.51 33.57
CA HIS C 278 -29.40 -0.91 33.19
C HIS C 278 -28.18 -1.71 33.68
N LEU C 279 -28.36 -2.56 34.69
CA LEU C 279 -27.34 -3.46 35.24
C LEU C 279 -27.71 -4.88 34.81
N TYR C 280 -26.76 -5.63 34.22
CA TYR C 280 -27.00 -6.93 33.57
C TYR C 280 -26.33 -8.04 34.40
N ASP C 281 -27.19 -8.81 35.06
CA ASP C 281 -26.74 -9.71 36.15
C ASP C 281 -25.96 -10.88 35.55
N GLY C 282 -24.69 -11.05 35.96
CA GLY C 282 -23.86 -12.18 35.53
C GLY C 282 -23.14 -11.93 34.22
N LEU C 283 -23.30 -10.73 33.62
CA LEU C 283 -22.53 -10.34 32.40
C LEU C 283 -21.31 -9.46 32.75
N ARG C 284 -20.34 -9.45 31.85
CA ARG C 284 -19.09 -8.71 32.07
C ARG C 284 -19.12 -7.37 31.30
N HIS C 285 -18.00 -6.94 30.76
CA HIS C 285 -17.73 -5.56 30.28
C HIS C 285 -18.61 -5.23 29.05
N GLU C 286 -18.59 -6.08 28.03
CA GLU C 286 -19.26 -5.75 26.73
C GLU C 286 -20.75 -6.15 26.78
N VAL C 287 -21.61 -5.45 27.52
CA VAL C 287 -23.04 -5.84 27.62
C VAL C 287 -23.72 -5.63 26.26
N HIS C 288 -23.19 -4.73 25.44
CA HIS C 288 -23.70 -4.49 24.06
C HIS C 288 -23.40 -5.69 23.15
N ASN C 289 -22.42 -6.54 23.48
CA ASN C 289 -21.96 -7.65 22.59
C ASN C 289 -22.37 -9.02 23.17
N GLU C 290 -22.56 -9.13 24.50
CA GLU C 290 -23.02 -10.40 25.15
C GLU C 290 -24.37 -10.82 24.54
N PRO C 291 -24.56 -12.09 24.10
CA PRO C 291 -25.82 -12.48 23.47
C PRO C 291 -27.05 -12.26 24.38
N GLU C 292 -26.92 -12.44 25.70
CA GLU C 292 -28.08 -12.44 26.64
C GLU C 292 -28.69 -11.05 26.72
N SER C 293 -27.91 -10.00 26.43
CA SER C 293 -28.22 -8.59 26.72
C SER C 293 -28.12 -7.68 25.50
N ARG C 294 -27.51 -8.12 24.40
CA ARG C 294 -27.28 -7.23 23.22
C ARG C 294 -28.61 -6.56 22.86
N ALA C 295 -29.68 -7.34 22.73
CA ALA C 295 -31.01 -6.92 22.21
C ALA C 295 -31.57 -5.88 23.17
N ASP C 296 -31.44 -6.14 24.47
CA ASP C 296 -31.97 -5.25 25.52
C ASP C 296 -31.19 -3.93 25.52
N VAL C 297 -29.87 -3.92 25.32
CA VAL C 297 -29.10 -2.64 25.25
C VAL C 297 -29.60 -1.83 24.03
N GLU C 298 -29.74 -2.50 22.88
CA GLU C 298 -30.18 -1.84 21.62
C GLU C 298 -31.62 -1.34 21.80
N SER C 299 -32.57 -2.16 22.23
CA SER C 299 -33.98 -1.71 22.39
C SER C 299 -34.05 -0.59 23.43
N SER C 300 -33.31 -0.74 24.54
CA SER C 300 -33.13 0.30 25.58
C SER C 300 -32.54 1.58 24.99
N LEU C 301 -31.48 1.50 24.19
CA LEU C 301 -30.85 2.72 23.62
C LEU C 301 -31.84 3.45 22.69
N VAL C 302 -32.64 2.71 21.94
CA VAL C 302 -33.60 3.29 20.94
C VAL C 302 -34.67 4.03 21.74
N THR C 303 -35.29 3.38 22.71
CA THR C 303 -36.34 3.97 23.59
C THR C 303 -35.76 5.26 24.17
N PHE C 304 -34.49 5.23 24.61
CA PHE C 304 -33.83 6.40 25.22
C PHE C 304 -33.70 7.58 24.22
N VAL C 305 -33.21 7.29 23.02
CA VAL C 305 -32.92 8.30 21.96
C VAL C 305 -34.26 8.92 21.50
N ASP C 306 -35.32 8.10 21.40
CA ASP C 306 -36.71 8.53 21.07
C ASP C 306 -37.18 9.54 22.10
N ARG C 307 -37.04 9.20 23.39
CA ARG C 307 -37.38 10.05 24.56
C ARG C 307 -36.56 11.36 24.53
N VAL C 308 -35.31 11.30 24.10
CA VAL C 308 -34.41 12.47 24.03
C VAL C 308 -34.92 13.40 22.93
N ALA C 309 -35.53 12.81 21.91
CA ALA C 309 -36.17 13.52 20.78
C ALA C 309 -37.49 14.11 21.27
N ASN C 310 -38.07 13.51 22.31
CA ASN C 310 -39.25 13.96 23.08
C ASN C 310 -40.43 14.15 22.15
N ALA D 2 -15.51 -10.08 13.39
CA ALA D 2 -14.19 -9.71 12.85
C ALA D 2 -14.34 -9.14 11.43
N LEU D 3 -13.48 -8.20 11.04
CA LEU D 3 -13.58 -7.53 9.74
C LEU D 3 -12.25 -7.66 9.01
N GLN D 4 -12.32 -7.97 7.71
CA GLN D 4 -11.14 -8.02 6.80
C GLN D 4 -11.35 -7.05 5.62
N GLU D 5 -10.34 -6.22 5.33
CA GLU D 5 -10.24 -5.43 4.07
C GLU D 5 -9.33 -6.18 3.09
N ILE D 6 -9.91 -6.50 1.94
CA ILE D 6 -9.27 -7.18 0.80
C ILE D 6 -9.26 -6.24 -0.40
N GLU D 7 -8.13 -6.02 -1.02
CA GLU D 7 -8.09 -5.34 -2.34
C GLU D 7 -7.35 -6.28 -3.29
N PHE D 8 -7.66 -6.22 -4.56
CA PHE D 8 -6.89 -6.89 -5.61
C PHE D 8 -7.06 -6.10 -6.90
N THR D 9 -6.05 -6.14 -7.73
CA THR D 9 -6.10 -5.60 -9.10
C THR D 9 -7.20 -6.34 -9.87
N SER D 10 -8.19 -5.59 -10.37
CA SER D 10 -9.25 -6.07 -11.27
C SER D 10 -8.55 -6.77 -12.42
N HIS D 11 -9.25 -7.71 -13.06
CA HIS D 11 -8.91 -8.30 -14.37
C HIS D 11 -8.78 -7.22 -15.44
N ASN D 12 -9.31 -5.99 -15.24
CA ASN D 12 -9.14 -4.90 -16.23
C ASN D 12 -7.76 -4.21 -16.12
N GLY D 13 -6.90 -4.59 -15.17
CA GLY D 13 -5.57 -4.00 -14.93
C GLY D 13 -5.58 -2.54 -14.50
N ARG D 14 -6.73 -1.97 -14.20
CA ARG D 14 -6.84 -0.52 -13.87
C ARG D 14 -7.25 -0.36 -12.41
N ASP D 15 -8.38 -0.95 -12.02
CA ASP D 15 -9.04 -0.80 -10.70
C ASP D 15 -8.37 -1.62 -9.60
N ALA D 16 -8.31 -1.03 -8.42
CA ALA D 16 -8.14 -1.73 -7.13
C ALA D 16 -9.55 -2.03 -6.63
N ILE D 17 -9.96 -3.31 -6.69
CA ILE D 17 -11.31 -3.73 -6.24
C ILE D 17 -11.34 -3.62 -4.71
N GLN D 18 -12.26 -2.81 -4.18
CA GLN D 18 -12.47 -2.71 -2.72
C GLN D 18 -13.42 -3.83 -2.30
N ALA D 19 -13.07 -4.52 -1.23
CA ALA D 19 -13.70 -5.78 -0.79
C ALA D 19 -13.58 -5.94 0.72
N TRP D 20 -14.54 -6.62 1.30
CA TRP D 20 -14.66 -6.83 2.76
C TRP D 20 -15.11 -8.27 3.03
N ALA D 21 -14.57 -8.88 4.08
CA ALA D 21 -15.04 -10.17 4.60
C ALA D 21 -15.45 -9.91 6.04
N TYR D 22 -16.68 -10.28 6.38
CA TYR D 22 -17.29 -10.09 7.70
C TYR D 22 -17.39 -11.47 8.37
N GLU D 23 -16.77 -11.67 9.52
CA GLU D 23 -16.78 -13.00 10.16
C GLU D 23 -17.65 -12.89 11.41
N PRO D 24 -18.54 -13.86 11.64
CA PRO D 24 -19.40 -13.84 12.82
C PRO D 24 -18.62 -14.24 14.07
N VAL D 25 -19.21 -13.97 15.22
CA VAL D 25 -18.76 -14.48 16.53
C VAL D 25 -19.10 -15.99 16.52
N GLY D 26 -18.14 -16.82 16.94
CA GLY D 26 -18.30 -18.28 17.01
C GLY D 26 -17.68 -19.02 15.82
N THR D 27 -18.11 -20.26 15.58
CA THR D 27 -17.67 -21.08 14.42
C THR D 27 -18.66 -20.83 13.28
N PRO D 28 -18.21 -20.31 12.13
CA PRO D 28 -19.10 -20.08 10.99
C PRO D 28 -19.44 -21.42 10.27
N THR D 29 -20.68 -21.59 9.79
CA THR D 29 -21.21 -22.85 9.14
C THR D 29 -21.30 -22.74 7.61
N ALA D 30 -21.23 -21.53 7.06
CA ALA D 30 -21.31 -21.25 5.61
C ALA D 30 -20.54 -19.96 5.31
N VAL D 31 -20.16 -19.77 4.04
CA VAL D 31 -19.79 -18.45 3.45
C VAL D 31 -20.91 -18.02 2.50
N VAL D 32 -21.36 -16.76 2.59
CA VAL D 32 -22.26 -16.17 1.56
C VAL D 32 -21.49 -15.08 0.81
N GLN D 33 -21.38 -15.16 -0.51
CA GLN D 33 -20.85 -14.09 -1.39
C GLN D 33 -21.99 -13.21 -1.95
N ILE D 34 -22.04 -11.93 -1.57
CA ILE D 34 -23.04 -10.94 -2.05
C ILE D 34 -22.48 -10.26 -3.29
N ILE D 35 -23.24 -10.31 -4.37
CA ILE D 35 -22.86 -9.66 -5.64
C ILE D 35 -23.93 -8.62 -5.93
N HIS D 36 -23.54 -7.34 -5.83
CA HIS D 36 -24.47 -6.19 -5.85
C HIS D 36 -24.78 -5.90 -7.32
N GLY D 37 -25.82 -5.13 -7.60
CA GLY D 37 -26.28 -4.86 -8.96
C GLY D 37 -25.76 -3.55 -9.47
N LEU D 38 -26.31 -3.10 -10.58
CA LEU D 38 -25.95 -1.86 -11.31
C LEU D 38 -26.22 -0.64 -10.43
N GLY D 39 -25.31 0.32 -10.42
CA GLY D 39 -25.50 1.64 -9.76
C GLY D 39 -25.63 1.55 -8.24
N GLU D 40 -25.21 0.45 -7.62
CA GLU D 40 -25.18 0.31 -6.14
C GLU D 40 -23.78 -0.16 -5.70
N HIS D 41 -23.65 -0.73 -4.50
CA HIS D 41 -22.38 -1.06 -3.83
C HIS D 41 -22.66 -2.01 -2.68
N SER D 42 -21.63 -2.70 -2.21
CA SER D 42 -21.74 -3.89 -1.30
C SER D 42 -22.10 -3.45 0.12
N ARG D 43 -21.72 -2.24 0.54
CA ARG D 43 -21.98 -1.70 1.91
C ARG D 43 -23.46 -1.26 2.03
N ARG D 44 -24.18 -1.14 0.92
CA ARG D 44 -25.64 -0.90 0.89
C ARG D 44 -26.36 -2.08 1.59
N TYR D 45 -25.70 -3.24 1.72
CA TYR D 45 -26.29 -4.51 2.20
C TYR D 45 -26.05 -4.69 3.72
N LEU D 46 -25.85 -3.59 4.45
CA LEU D 46 -25.55 -3.59 5.90
C LEU D 46 -26.58 -4.45 6.65
N HIS D 47 -27.87 -4.22 6.43
CA HIS D 47 -28.94 -4.96 7.16
C HIS D 47 -28.76 -6.46 6.89
N MET D 48 -28.55 -6.87 5.64
CA MET D 48 -28.50 -8.31 5.28
C MET D 48 -27.18 -8.90 5.83
N ILE D 49 -26.06 -8.18 5.66
CA ILE D 49 -24.73 -8.62 6.13
C ILE D 49 -24.86 -8.97 7.62
N SER D 50 -25.49 -8.08 8.39
CA SER D 50 -25.70 -8.24 9.86
C SER D 50 -26.63 -9.41 10.17
N ALA D 51 -27.66 -9.64 9.34
CA ALA D 51 -28.62 -10.77 9.54
C ALA D 51 -27.91 -12.10 9.27
N LEU D 52 -26.96 -12.11 8.34
CA LEU D 52 -26.21 -13.35 7.96
C LEU D 52 -25.15 -13.68 9.02
N LEU D 53 -24.39 -12.70 9.49
CA LEU D 53 -23.49 -12.83 10.67
C LEU D 53 -24.28 -13.32 11.91
N ASP D 54 -25.49 -12.81 12.16
CA ASP D 54 -26.37 -13.30 13.26
C ASP D 54 -26.68 -14.79 13.05
N ALA D 55 -26.87 -15.27 11.81
CA ALA D 55 -27.11 -16.71 11.49
C ALA D 55 -25.81 -17.54 11.56
N GLY D 56 -24.65 -16.91 11.77
CA GLY D 56 -23.39 -17.66 11.89
C GLY D 56 -22.68 -17.85 10.56
N PHE D 57 -22.93 -16.98 9.58
CA PHE D 57 -22.28 -17.10 8.25
C PHE D 57 -21.14 -16.07 8.15
N VAL D 58 -20.08 -16.44 7.43
CA VAL D 58 -19.11 -15.49 6.81
C VAL D 58 -19.80 -14.85 5.59
N VAL D 59 -19.59 -13.54 5.39
CA VAL D 59 -20.12 -12.74 4.26
C VAL D 59 -18.90 -12.15 3.56
N ILE D 60 -18.78 -12.38 2.25
CA ILE D 60 -17.73 -11.69 1.43
C ILE D 60 -18.44 -10.91 0.31
N ALA D 61 -17.98 -9.69 0.06
CA ALA D 61 -18.52 -8.84 -1.01
C ALA D 61 -17.46 -7.85 -1.49
N ASP D 62 -17.59 -7.42 -2.75
CA ASP D 62 -16.73 -6.36 -3.32
C ASP D 62 -17.64 -5.32 -3.98
N ASP D 63 -17.16 -4.08 -4.05
CA ASP D 63 -17.66 -3.05 -4.98
C ASP D 63 -17.04 -3.37 -6.35
N HIS D 64 -17.83 -3.67 -7.37
CA HIS D 64 -17.30 -4.17 -8.66
C HIS D 64 -16.68 -2.98 -9.37
N ALA D 65 -15.88 -3.25 -10.36
CA ALA D 65 -15.36 -2.26 -11.33
C ALA D 65 -16.43 -1.19 -11.61
N GLY D 66 -16.03 0.07 -11.50
CA GLY D 66 -16.87 1.25 -11.85
C GLY D 66 -18.01 1.44 -10.87
N HIS D 67 -17.90 0.92 -9.64
CA HIS D 67 -18.99 1.03 -8.62
C HIS D 67 -18.44 1.32 -7.22
N GLY D 68 -19.25 2.00 -6.41
CA GLY D 68 -19.00 2.19 -4.97
C GLY D 68 -17.57 2.62 -4.68
N ARG D 69 -16.96 2.07 -3.65
CA ARG D 69 -15.64 2.54 -3.18
C ARG D 69 -14.60 2.37 -4.28
N THR D 70 -14.75 1.34 -5.15
CA THR D 70 -13.79 1.02 -6.24
C THR D 70 -13.74 2.19 -7.24
N ALA D 71 -14.89 2.74 -7.61
CA ALA D 71 -15.01 3.95 -8.47
C ALA D 71 -14.47 5.18 -7.71
N MET D 72 -14.81 5.26 -6.42
CA MET D 72 -14.46 6.39 -5.52
C MET D 72 -12.94 6.52 -5.50
N GLN D 73 -12.20 5.40 -5.51
CA GLN D 73 -10.71 5.33 -5.51
C GLN D 73 -10.10 5.42 -6.92
N SER D 74 -10.67 4.75 -7.94
CA SER D 74 -10.16 4.76 -9.35
C SER D 74 -10.46 6.09 -10.03
N GLY D 75 -11.58 6.77 -9.69
CA GLY D 75 -12.08 8.00 -10.35
C GLY D 75 -13.06 7.72 -11.50
N VAL D 76 -13.34 6.45 -11.78
CA VAL D 76 -14.05 5.97 -12.99
C VAL D 76 -15.29 5.21 -12.57
N TRP D 77 -16.46 5.75 -12.94
CA TRP D 77 -17.83 5.25 -12.60
C TRP D 77 -18.49 4.61 -13.84
N ALA D 78 -19.31 3.54 -13.67
CA ALA D 78 -20.17 2.97 -14.74
C ALA D 78 -19.28 2.65 -15.96
N ASP D 79 -18.02 2.28 -15.73
CA ASP D 79 -17.15 1.60 -16.72
C ASP D 79 -16.21 0.61 -16.01
N ALA D 80 -16.05 -0.58 -16.59
CA ALA D 80 -15.25 -1.69 -16.03
C ALA D 80 -14.12 -2.04 -16.97
N GLY D 81 -13.90 -1.25 -18.02
CA GLY D 81 -12.86 -1.53 -19.04
C GLY D 81 -13.38 -2.35 -20.21
N ASP D 82 -12.50 -2.70 -21.15
CA ASP D 82 -12.76 -3.66 -22.24
C ASP D 82 -13.26 -4.99 -21.65
N ASN D 83 -14.10 -5.70 -22.40
CA ASN D 83 -14.67 -7.03 -22.07
C ASN D 83 -15.29 -6.96 -20.68
N ALA D 84 -16.20 -6.00 -20.49
CA ALA D 84 -16.80 -5.68 -19.17
C ALA D 84 -17.28 -6.96 -18.50
N ALA D 85 -17.97 -7.83 -19.23
CA ALA D 85 -18.66 -9.01 -18.69
C ALA D 85 -17.63 -9.95 -18.11
N GLU D 86 -16.55 -10.20 -18.84
CA GLU D 86 -15.46 -11.09 -18.40
C GLU D 86 -14.79 -10.46 -17.17
N VAL D 87 -14.49 -9.17 -17.22
CA VAL D 87 -13.87 -8.48 -16.05
C VAL D 87 -14.68 -8.85 -14.81
N VAL D 88 -15.99 -8.57 -14.78
CA VAL D 88 -16.73 -8.66 -13.49
C VAL D 88 -16.94 -10.13 -13.11
N ILE D 89 -17.07 -11.06 -14.07
CA ILE D 89 -17.10 -12.52 -13.76
C ILE D 89 -15.74 -12.92 -13.20
N SER D 90 -14.65 -12.54 -13.85
CA SER D 90 -13.28 -12.87 -13.35
C SER D 90 -13.07 -12.29 -11.93
N ASP D 91 -13.38 -11.03 -11.69
CA ASP D 91 -13.21 -10.39 -10.36
C ASP D 91 -14.03 -11.11 -9.27
N GLU D 92 -15.25 -11.57 -9.55
CA GLU D 92 -16.05 -12.32 -8.53
C GLU D 92 -15.46 -13.71 -8.25
N LEU D 93 -14.78 -14.33 -9.22
CA LEU D 93 -14.02 -15.59 -9.01
C LEU D 93 -12.77 -15.27 -8.17
N THR D 94 -12.06 -14.17 -8.49
CA THR D 94 -10.86 -13.74 -7.73
C THR D 94 -11.25 -13.46 -6.27
N LEU D 95 -12.48 -12.98 -6.02
CA LEU D 95 -12.96 -12.71 -4.63
C LEU D 95 -13.04 -14.01 -3.81
N GLN D 96 -13.41 -15.13 -4.43
CA GLN D 96 -13.49 -16.47 -3.81
C GLN D 96 -12.07 -16.87 -3.33
N GLN D 97 -11.03 -16.57 -4.09
CA GLN D 97 -9.62 -16.93 -3.77
C GLN D 97 -9.09 -16.17 -2.53
N GLN D 98 -9.68 -15.04 -2.14
CA GLN D 98 -9.12 -14.17 -1.07
C GLN D 98 -9.34 -14.80 0.29
N LEU D 99 -10.15 -15.87 0.39
CA LEU D 99 -10.36 -16.60 1.64
C LEU D 99 -9.78 -18.02 1.50
N ALA D 100 -8.98 -18.27 0.45
CA ALA D 100 -8.26 -19.57 0.26
C ALA D 100 -7.52 -19.95 1.55
N GLY D 101 -7.83 -21.13 2.09
CA GLY D 101 -7.18 -21.67 3.30
C GLY D 101 -7.92 -21.33 4.57
N GLN D 102 -8.88 -20.39 4.54
CA GLN D 102 -9.56 -19.88 5.77
C GLN D 102 -10.87 -20.66 6.00
N PHE D 103 -11.65 -20.91 4.96
CA PHE D 103 -12.97 -21.56 5.15
C PHE D 103 -13.18 -22.62 4.08
N ASP D 104 -12.09 -23.28 3.68
CA ASP D 104 -12.04 -24.24 2.54
C ASP D 104 -13.10 -25.34 2.67
N ASP D 105 -13.60 -25.65 3.88
CA ASP D 105 -14.50 -26.81 4.13
C ASP D 105 -15.93 -26.35 4.40
N LEU D 106 -16.21 -25.07 4.28
CA LEU D 106 -17.59 -24.55 4.49
C LEU D 106 -18.32 -24.55 3.16
N PRO D 107 -19.66 -24.75 3.18
CA PRO D 107 -20.49 -24.49 2.01
C PRO D 107 -20.41 -23.03 1.59
N TRP D 108 -20.34 -22.79 0.28
CA TRP D 108 -20.24 -21.46 -0.37
C TRP D 108 -21.53 -21.17 -1.13
N VAL D 109 -22.26 -20.15 -0.71
CA VAL D 109 -23.53 -19.76 -1.39
C VAL D 109 -23.29 -18.37 -2.03
N VAL D 110 -23.62 -18.20 -3.30
CA VAL D 110 -23.61 -16.88 -3.98
C VAL D 110 -25.02 -16.31 -3.96
N PHE D 111 -25.15 -15.06 -3.53
CA PHE D 111 -26.41 -14.27 -3.53
C PHE D 111 -26.17 -13.09 -4.46
N GLY D 112 -26.88 -13.03 -5.57
CA GLY D 112 -26.68 -11.97 -6.58
C GLY D 112 -27.96 -11.21 -6.82
N HIS D 113 -27.88 -9.89 -6.88
CA HIS D 113 -29.06 -9.03 -7.13
C HIS D 113 -28.87 -8.31 -8.46
N SER D 114 -29.82 -8.50 -9.39
CA SER D 114 -29.98 -7.74 -10.66
C SER D 114 -28.81 -8.06 -11.62
N TRP D 115 -27.94 -7.10 -11.93
CA TRP D 115 -26.68 -7.34 -12.67
C TRP D 115 -25.87 -8.40 -11.90
N GLY D 116 -25.96 -8.40 -10.57
CA GLY D 116 -25.33 -9.43 -9.71
C GLY D 116 -25.90 -10.81 -9.94
N SER D 117 -27.21 -10.93 -10.23
CA SER D 117 -27.88 -12.23 -10.53
C SER D 117 -27.32 -12.76 -11.85
N MET D 118 -27.20 -11.88 -12.86
CA MET D 118 -26.67 -12.22 -14.20
C MET D 118 -25.18 -12.64 -14.04
N ILE D 119 -24.42 -11.93 -13.21
CA ILE D 119 -23.01 -12.26 -12.92
C ILE D 119 -22.96 -13.64 -12.30
N ALA D 120 -23.83 -13.93 -11.33
CA ALA D 120 -23.92 -15.21 -10.59
C ALA D 120 -24.28 -16.39 -11.50
N ARG D 121 -25.15 -16.17 -12.46
CA ARG D 121 -25.56 -17.26 -13.39
C ARG D 121 -24.41 -17.53 -14.34
N ALA D 122 -23.64 -16.51 -14.71
CA ALA D 122 -22.49 -16.65 -15.63
C ALA D 122 -21.39 -17.44 -14.93
N MET D 123 -21.20 -17.18 -13.65
CA MET D 123 -20.24 -17.88 -12.75
C MET D 123 -20.60 -19.36 -12.61
N ALA D 124 -21.89 -19.65 -12.52
CA ALA D 124 -22.45 -21.00 -12.26
C ALA D 124 -22.10 -21.89 -13.45
N THR D 125 -22.03 -21.36 -14.66
CA THR D 125 -21.83 -22.13 -15.92
C THR D 125 -20.33 -22.39 -16.15
N ARG D 126 -19.42 -21.69 -15.46
CA ARG D 126 -17.95 -21.81 -15.66
C ARG D 126 -17.49 -23.07 -14.98
N PRO D 127 -16.65 -23.89 -15.66
CA PRO D 127 -15.91 -24.98 -15.03
C PRO D 127 -15.15 -24.53 -13.77
N GLY D 128 -15.31 -25.32 -12.70
CA GLY D 128 -14.46 -25.24 -11.50
C GLY D 128 -14.84 -24.15 -10.53
N THR D 129 -15.82 -23.28 -10.85
CA THR D 129 -16.39 -22.28 -9.88
C THR D 129 -16.80 -23.00 -8.58
N ARG D 130 -16.42 -22.44 -7.44
CA ARG D 130 -16.83 -22.93 -6.10
C ARG D 130 -18.25 -22.41 -5.86
N LEU D 131 -19.25 -23.30 -5.81
CA LEU D 131 -20.70 -22.90 -5.67
C LEU D 131 -21.51 -24.09 -5.13
N ASP D 132 -22.05 -23.97 -3.92
CA ASP D 132 -22.80 -25.05 -3.23
C ASP D 132 -24.28 -24.67 -3.20
N GLY D 133 -24.60 -23.41 -3.46
CA GLY D 133 -25.98 -22.90 -3.46
C GLY D 133 -26.03 -21.59 -4.20
N LEU D 134 -27.13 -21.31 -4.91
CA LEU D 134 -27.30 -20.10 -5.76
C LEU D 134 -28.61 -19.43 -5.39
N ALA D 135 -28.49 -18.23 -4.86
CA ALA D 135 -29.63 -17.37 -4.47
C ALA D 135 -29.61 -16.16 -5.39
N LEU D 136 -30.66 -15.94 -6.16
CA LEU D 136 -30.80 -14.81 -7.13
C LEU D 136 -31.98 -13.93 -6.69
N CYS D 137 -31.77 -12.63 -6.70
CA CYS D 137 -32.78 -11.59 -6.36
C CYS D 137 -32.83 -10.62 -7.55
N GLY D 138 -33.96 -9.96 -7.81
CA GLY D 138 -34.09 -8.99 -8.91
C GLY D 138 -33.68 -9.58 -10.26
N ILE D 139 -34.04 -10.85 -10.49
CA ILE D 139 -33.54 -11.62 -11.65
C ILE D 139 -33.82 -10.85 -12.95
N VAL D 140 -32.84 -10.80 -13.85
CA VAL D 140 -33.05 -10.18 -15.19
C VAL D 140 -33.34 -11.30 -16.19
N ALA D 141 -34.59 -11.35 -16.65
CA ALA D 141 -35.12 -12.44 -17.52
C ALA D 141 -36.27 -11.93 -18.39
N GLN D 142 -36.01 -11.74 -19.69
CA GLN D 142 -37.05 -11.46 -20.71
C GLN D 142 -37.79 -10.13 -20.46
N PRO D 143 -37.17 -9.05 -19.93
CA PRO D 143 -37.80 -7.72 -20.03
C PRO D 143 -37.76 -7.30 -21.51
N ARG D 144 -38.67 -6.40 -21.90
CA ARG D 144 -38.95 -6.04 -23.31
C ARG D 144 -37.69 -5.39 -23.90
N GLY D 145 -36.98 -4.54 -23.14
CA GLY D 145 -35.76 -3.86 -23.60
C GLY D 145 -34.70 -4.84 -24.04
N PHE D 146 -34.33 -5.78 -23.18
CA PHE D 146 -33.24 -6.74 -23.48
C PHE D 146 -33.70 -7.73 -24.56
N GLU D 147 -34.99 -8.09 -24.62
CA GLU D 147 -35.48 -9.09 -25.60
C GLU D 147 -35.70 -8.47 -27.00
N THR D 148 -36.40 -7.32 -27.10
CA THR D 148 -36.92 -6.82 -28.41
C THR D 148 -36.49 -5.37 -28.70
N THR D 149 -36.49 -4.43 -27.74
CA THR D 149 -36.18 -3.00 -28.03
C THR D 149 -34.67 -2.76 -28.33
N LEU D 150 -33.75 -3.38 -27.59
CA LEU D 150 -32.30 -3.17 -27.77
C LEU D 150 -31.91 -3.55 -29.21
N ASP D 151 -31.25 -2.62 -29.91
CA ASP D 151 -30.88 -2.69 -31.33
C ASP D 151 -29.39 -3.06 -31.40
N HIS D 152 -29.10 -4.33 -31.65
CA HIS D 152 -27.72 -4.88 -31.64
C HIS D 152 -26.90 -4.30 -32.79
N LYS D 153 -27.54 -3.75 -33.82
CA LYS D 153 -26.83 -3.05 -34.91
C LYS D 153 -26.40 -1.63 -34.46
N THR D 154 -27.24 -0.88 -33.71
CA THR D 154 -26.84 0.46 -33.18
C THR D 154 -25.72 0.29 -32.15
N LEU D 155 -25.78 -0.77 -31.37
CA LEU D 155 -24.72 -1.07 -30.38
C LEU D 155 -23.39 -1.42 -31.07
N ALA D 156 -23.38 -2.27 -32.11
CA ALA D 156 -22.17 -2.62 -32.91
C ALA D 156 -21.48 -1.36 -33.46
N LYS D 157 -22.27 -0.42 -33.98
CA LYS D 157 -21.80 0.85 -34.60
C LYS D 157 -21.09 1.65 -33.51
N ALA D 158 -21.77 1.89 -32.39
CA ALA D 158 -21.20 2.65 -31.26
C ALA D 158 -19.93 1.93 -30.74
N MET D 159 -19.87 0.60 -30.72
CA MET D 159 -18.67 -0.16 -30.26
C MET D 159 -17.50 0.06 -31.22
N ALA D 160 -17.80 0.08 -32.52
CA ALA D 160 -16.82 0.29 -33.61
C ALA D 160 -16.27 1.72 -33.60
N THR D 161 -17.00 2.74 -33.11
CA THR D 161 -16.62 4.17 -33.28
C THR D 161 -16.07 4.75 -31.96
N ALA D 162 -16.72 4.50 -30.82
CA ALA D 162 -16.35 5.15 -29.56
C ALA D 162 -16.65 4.25 -28.36
N PRO D 163 -15.90 3.15 -28.15
CA PRO D 163 -16.23 2.19 -27.08
C PRO D 163 -16.09 2.77 -25.66
N THR D 164 -15.24 3.77 -25.43
CA THR D 164 -14.84 4.26 -24.09
C THR D 164 -15.69 5.47 -23.71
N ASP D 165 -16.48 5.99 -24.63
CA ASP D 165 -17.23 7.27 -24.46
C ASP D 165 -18.64 6.90 -23.97
N PRO D 166 -19.42 7.86 -23.40
CA PRO D 166 -20.70 7.50 -22.80
C PRO D 166 -21.62 6.77 -23.79
N ALA D 167 -22.30 5.71 -23.35
CA ALA D 167 -23.29 5.00 -24.19
C ALA D 167 -24.34 6.03 -24.63
N PRO D 168 -24.72 6.10 -25.93
CA PRO D 168 -25.82 6.99 -26.35
C PRO D 168 -27.18 6.66 -25.71
N GLU D 169 -27.95 7.70 -25.42
CA GLU D 169 -29.31 7.64 -24.79
C GLU D 169 -30.16 6.53 -25.42
N ALA D 170 -30.16 6.46 -26.75
CA ALA D 170 -30.97 5.51 -27.51
C ALA D 170 -30.71 4.12 -26.94
N LEU D 171 -29.43 3.77 -26.74
CA LEU D 171 -29.05 2.41 -26.30
C LEU D 171 -29.39 2.21 -24.83
N VAL D 172 -29.18 3.19 -23.95
CA VAL D 172 -29.53 3.10 -22.50
C VAL D 172 -31.05 2.94 -22.39
N ALA D 173 -31.84 3.77 -23.06
CA ALA D 173 -33.33 3.77 -22.96
C ALA D 173 -33.90 2.50 -23.60
N GLN D 174 -33.28 1.98 -24.67
CA GLN D 174 -33.68 0.69 -25.32
C GLN D 174 -33.42 -0.45 -24.34
N MET D 175 -32.20 -0.59 -23.82
CA MET D 175 -31.82 -1.68 -22.88
C MET D 175 -32.84 -1.73 -21.72
N PHE D 176 -33.22 -0.58 -21.17
CA PHE D 176 -34.04 -0.49 -19.92
C PHE D 176 -35.51 -0.23 -20.29
N ASP D 177 -35.86 -0.37 -21.57
CA ASP D 177 -37.28 -0.32 -22.02
C ASP D 177 -38.08 -1.40 -21.28
N GLY D 178 -39.23 -1.00 -20.69
CA GLY D 178 -40.10 -1.83 -19.83
C GLY D 178 -40.07 -1.38 -18.38
N PHE D 179 -38.96 -0.82 -17.94
CA PHE D 179 -38.70 -0.57 -16.51
C PHE D 179 -39.76 0.39 -15.95
N ALA D 180 -40.34 1.26 -16.78
CA ALA D 180 -41.23 2.37 -16.35
C ALA D 180 -42.70 2.03 -16.60
N ASP D 181 -43.02 0.78 -16.99
CA ASP D 181 -44.35 0.42 -17.56
C ASP D 181 -45.44 0.50 -16.50
N ARG D 182 -45.13 0.33 -15.21
CA ARG D 182 -46.20 0.37 -14.15
C ARG D 182 -45.90 1.49 -13.17
N LEU D 183 -45.30 2.55 -13.66
CA LEU D 183 -45.02 3.77 -12.86
C LEU D 183 -46.03 4.87 -13.23
N SER D 184 -46.25 5.83 -12.31
CA SER D 184 -47.19 6.97 -12.46
C SER D 184 -46.37 8.25 -12.63
N GLU D 185 -46.98 9.37 -13.00
CA GLU D 185 -46.27 10.68 -13.04
C GLU D 185 -45.46 10.81 -11.74
N ASP D 186 -46.13 10.68 -10.59
CA ASP D 186 -45.57 10.94 -9.25
C ASP D 186 -45.08 9.61 -8.67
N ASP D 187 -44.04 9.02 -9.28
CA ASP D 187 -43.10 8.11 -8.56
C ASP D 187 -41.70 8.12 -9.23
N GLY D 188 -41.49 8.96 -10.27
CA GLY D 188 -40.15 9.34 -10.77
C GLY D 188 -39.57 8.32 -11.75
N PRO D 189 -38.45 8.63 -12.43
CA PRO D 189 -37.82 7.68 -13.36
C PRO D 189 -37.28 6.37 -12.74
N THR D 190 -36.87 6.39 -11.47
CA THR D 190 -36.33 5.20 -10.71
C THR D 190 -37.40 4.58 -9.82
N GLY D 191 -38.67 4.88 -10.02
CA GLY D 191 -39.75 4.30 -9.22
C GLY D 191 -39.68 2.77 -9.20
N TRP D 192 -39.20 2.14 -10.27
CA TRP D 192 -39.16 0.66 -10.44
C TRP D 192 -38.24 0.05 -9.38
N VAL D 193 -37.36 0.83 -8.79
CA VAL D 193 -36.41 0.33 -7.75
C VAL D 193 -37.17 -0.31 -6.58
N ALA D 194 -38.23 0.34 -6.08
CA ALA D 194 -39.02 -0.14 -4.92
C ALA D 194 -40.36 0.62 -4.85
N ARG D 195 -41.44 -0.06 -4.40
CA ARG D 195 -42.75 0.53 -3.97
C ARG D 195 -42.48 1.61 -2.92
N SER D 196 -41.61 1.35 -1.95
CA SER D 196 -41.24 2.34 -0.91
C SER D 196 -40.53 3.53 -1.53
N LYS D 197 -41.17 4.70 -1.50
CA LYS D 197 -40.58 5.98 -1.98
C LYS D 197 -39.28 6.26 -1.22
N GLU D 198 -39.23 5.87 0.04
CA GLU D 198 -38.11 6.19 0.96
C GLU D 198 -36.84 5.45 0.50
N VAL D 199 -36.96 4.17 0.08
CA VAL D 199 -35.84 3.31 -0.42
C VAL D 199 -35.29 3.96 -1.69
N VAL D 200 -36.19 4.45 -2.54
CA VAL D 200 -35.85 5.12 -3.84
C VAL D 200 -35.05 6.39 -3.58
N ALA D 201 -35.53 7.25 -2.67
CA ALA D 201 -34.88 8.55 -2.32
C ALA D 201 -33.47 8.30 -1.77
N ASP D 202 -33.34 7.33 -0.87
CA ASP D 202 -32.04 6.91 -0.30
C ASP D 202 -31.17 6.32 -1.43
N HIS D 203 -31.74 5.56 -2.37
CA HIS D 203 -30.94 5.04 -3.51
C HIS D 203 -30.36 6.21 -4.33
N GLY D 204 -31.11 7.31 -4.51
CA GLY D 204 -30.66 8.49 -5.31
C GLY D 204 -29.64 9.32 -4.54
N LYS D 205 -29.68 9.33 -3.22
CA LYS D 205 -28.81 10.24 -2.42
C LYS D 205 -27.50 9.54 -2.02
N ASP D 206 -27.46 8.20 -2.03
CA ASP D 206 -26.30 7.43 -1.53
C ASP D 206 -25.10 7.77 -2.42
N LYS D 207 -24.09 8.41 -1.85
CA LYS D 207 -22.92 8.89 -2.60
C LYS D 207 -22.08 7.73 -3.18
N PHE D 208 -22.17 6.50 -2.65
CA PHE D 208 -21.46 5.28 -3.14
C PHE D 208 -22.29 4.58 -4.23
N ASN D 209 -23.52 5.03 -4.50
CA ASN D 209 -24.31 4.67 -5.70
C ASN D 209 -23.95 5.59 -6.88
N ASN D 210 -23.66 6.87 -6.61
CA ASN D 210 -23.32 7.99 -7.55
C ASN D 210 -24.35 8.09 -8.69
N PHE D 211 -25.63 8.17 -8.33
CA PHE D 211 -26.81 8.38 -9.20
C PHE D 211 -26.53 9.33 -10.37
N GLY D 212 -26.87 8.87 -11.58
CA GLY D 212 -26.86 9.71 -12.80
C GLY D 212 -25.55 9.63 -13.55
N ALA D 213 -24.55 8.86 -13.09
CA ALA D 213 -23.25 8.68 -13.79
C ALA D 213 -23.47 7.91 -15.08
N PRO D 214 -23.14 8.48 -16.24
CA PRO D 214 -23.34 7.79 -17.52
C PRO D 214 -22.42 6.56 -17.74
N MET D 215 -23.02 5.44 -18.16
CA MET D 215 -22.34 4.16 -18.53
C MET D 215 -21.60 4.36 -19.84
N SER D 216 -20.44 3.74 -19.95
CA SER D 216 -19.69 3.67 -21.22
C SER D 216 -20.44 2.75 -22.18
N THR D 217 -20.24 2.99 -23.46
CA THR D 217 -20.66 2.08 -24.55
C THR D 217 -20.17 0.65 -24.28
N ARG D 218 -18.90 0.47 -23.86
CA ARG D 218 -18.35 -0.87 -23.63
C ARG D 218 -19.00 -1.48 -22.39
N PHE D 219 -19.40 -0.66 -21.40
CA PHE D 219 -20.09 -1.21 -20.21
C PHE D 219 -21.43 -1.80 -20.66
N LEU D 220 -22.18 -1.03 -21.46
CA LEU D 220 -23.49 -1.45 -22.02
C LEU D 220 -23.29 -2.76 -22.82
N GLN D 221 -22.24 -2.89 -23.62
CA GLN D 221 -21.94 -4.15 -24.36
C GLN D 221 -21.85 -5.24 -23.31
N GLY D 222 -21.18 -4.97 -22.20
CA GLY D 222 -21.02 -5.87 -21.06
C GLY D 222 -22.36 -6.37 -20.55
N LEU D 223 -23.33 -5.46 -20.37
CA LEU D 223 -24.68 -5.82 -19.87
C LEU D 223 -25.37 -6.70 -20.91
N ALA D 224 -25.27 -6.32 -22.19
CA ALA D 224 -25.87 -7.12 -23.28
C ALA D 224 -25.23 -8.51 -23.29
N ASP D 225 -23.89 -8.59 -23.15
CA ASP D 225 -23.17 -9.89 -23.13
C ASP D 225 -23.61 -10.70 -21.90
N ILE D 226 -23.63 -10.11 -20.70
CA ILE D 226 -23.83 -10.92 -19.47
C ILE D 226 -25.28 -11.39 -19.49
N TYR D 227 -26.18 -10.62 -20.08
CA TYR D 227 -27.61 -11.01 -20.23
C TYR D 227 -27.71 -12.27 -21.10
N ALA D 228 -26.96 -12.37 -22.20
CA ALA D 228 -26.90 -13.55 -23.10
C ALA D 228 -26.24 -14.74 -22.40
N MET D 229 -25.17 -14.50 -21.67
CA MET D 229 -24.54 -15.58 -20.85
C MET D 229 -25.57 -16.13 -19.85
N ALA D 230 -26.30 -15.25 -19.15
CA ALA D 230 -27.08 -15.61 -17.94
C ALA D 230 -28.39 -16.27 -18.36
N ASN D 231 -28.90 -15.91 -19.55
CA ASN D 231 -30.22 -16.38 -20.07
C ASN D 231 -30.06 -17.35 -21.24
N GLY D 232 -28.83 -17.79 -21.51
CA GLY D 232 -28.48 -18.58 -22.70
C GLY D 232 -28.58 -20.07 -22.46
N ASP D 233 -28.46 -20.84 -23.55
CA ASP D 233 -28.55 -22.32 -23.58
C ASP D 233 -27.46 -22.88 -22.67
N SER D 234 -26.32 -22.23 -22.59
CA SER D 234 -25.19 -22.75 -21.79
C SER D 234 -25.58 -22.74 -20.31
N PHE D 235 -26.07 -21.62 -19.77
CA PHE D 235 -26.49 -21.54 -18.34
C PHE D 235 -27.40 -22.72 -18.01
N TYR D 236 -28.54 -22.87 -18.70
CA TYR D 236 -29.58 -23.89 -18.39
C TYR D 236 -29.02 -25.33 -18.46
N ALA D 237 -28.14 -25.64 -19.44
CA ALA D 237 -27.68 -27.01 -19.72
C ALA D 237 -26.46 -27.39 -18.87
N THR D 238 -25.74 -26.43 -18.26
CA THR D 238 -24.59 -26.77 -17.39
C THR D 238 -24.85 -26.39 -15.91
N MET D 239 -25.79 -25.51 -15.58
CA MET D 239 -26.15 -25.20 -14.15
C MET D 239 -25.99 -26.45 -13.29
N PRO D 240 -25.13 -26.47 -12.25
CA PRO D 240 -24.94 -27.68 -11.46
C PRO D 240 -26.19 -28.05 -10.63
N ASN D 241 -26.27 -29.31 -10.19
CA ASN D 241 -27.40 -29.90 -9.41
C ASN D 241 -27.22 -29.50 -7.94
N ILE D 242 -27.62 -28.28 -7.62
CA ILE D 242 -27.43 -27.66 -6.29
C ILE D 242 -28.70 -26.85 -5.99
N PRO D 243 -29.02 -26.62 -4.70
CA PRO D 243 -30.14 -25.74 -4.36
C PRO D 243 -30.01 -24.38 -5.03
N ILE D 244 -31.14 -23.93 -5.58
CA ILE D 244 -31.31 -22.59 -6.18
C ILE D 244 -32.49 -21.93 -5.48
N VAL D 245 -32.35 -20.67 -5.14
CA VAL D 245 -33.48 -19.86 -4.63
C VAL D 245 -33.55 -18.54 -5.38
N LEU D 246 -34.76 -18.21 -5.84
CA LEU D 246 -35.10 -16.97 -6.56
C LEU D 246 -35.98 -16.13 -5.64
N PHE D 247 -35.70 -14.82 -5.55
CA PHE D 247 -36.55 -13.80 -4.90
C PHE D 247 -36.91 -12.71 -5.92
N ALA D 248 -38.19 -12.35 -6.09
CA ALA D 248 -38.63 -11.25 -6.98
C ALA D 248 -39.98 -10.70 -6.56
N GLY D 249 -40.17 -9.41 -6.80
CA GLY D 249 -41.46 -8.72 -6.71
C GLY D 249 -42.23 -8.96 -7.97
N SER D 250 -43.55 -9.01 -7.84
CA SER D 250 -44.49 -9.27 -8.97
C SER D 250 -44.47 -8.03 -9.87
N GLU D 251 -44.12 -6.87 -9.30
CA GLU D 251 -44.05 -5.56 -10.02
C GLU D 251 -42.61 -5.15 -10.40
N ASP D 252 -41.65 -6.09 -10.39
CA ASP D 252 -40.22 -5.89 -10.79
C ASP D 252 -40.05 -6.10 -12.31
N PRO D 253 -39.79 -5.03 -13.07
CA PRO D 253 -39.61 -5.14 -14.53
C PRO D 253 -38.42 -5.96 -15.05
N ALA D 254 -37.38 -6.14 -14.25
CA ALA D 254 -36.16 -6.90 -14.65
C ALA D 254 -36.54 -8.31 -15.10
N GLY D 255 -37.47 -8.94 -14.37
CA GLY D 255 -37.93 -10.31 -14.63
C GLY D 255 -39.29 -10.36 -15.32
N ASP D 256 -39.64 -9.27 -15.99
CA ASP D 256 -40.88 -9.13 -16.81
C ASP D 256 -42.09 -9.28 -15.88
N PHE D 257 -42.06 -8.60 -14.73
CA PHE D 257 -43.20 -8.54 -13.77
C PHE D 257 -43.68 -9.96 -13.46
N GLY D 258 -42.74 -10.85 -13.10
CA GLY D 258 -43.01 -12.21 -12.63
C GLY D 258 -42.87 -13.23 -13.74
N THR D 259 -43.14 -12.82 -14.98
CA THR D 259 -43.34 -13.73 -16.12
C THR D 259 -42.02 -14.38 -16.51
N GLY D 260 -40.95 -13.60 -16.55
CA GLY D 260 -39.63 -14.10 -16.95
C GLY D 260 -39.04 -14.96 -15.85
N VAL D 261 -39.35 -14.63 -14.60
CA VAL D 261 -38.87 -15.38 -13.39
C VAL D 261 -39.49 -16.79 -13.39
N LYS D 262 -40.80 -16.91 -13.68
CA LYS D 262 -41.49 -18.22 -13.82
C LYS D 262 -40.82 -19.01 -14.93
N ALA D 263 -40.47 -18.39 -16.06
CA ALA D 263 -39.86 -19.13 -17.17
C ALA D 263 -38.48 -19.69 -16.74
N VAL D 264 -37.69 -18.95 -15.98
CA VAL D 264 -36.35 -19.41 -15.49
C VAL D 264 -36.55 -20.68 -14.65
N ALA D 265 -37.45 -20.58 -13.66
CA ALA D 265 -37.81 -21.64 -12.70
C ALA D 265 -38.34 -22.87 -13.43
N GLU D 266 -39.38 -22.69 -14.25
CA GLU D 266 -39.98 -23.81 -15.02
C GLU D 266 -38.88 -24.47 -15.86
N ARG D 267 -38.01 -23.69 -16.51
CA ARG D 267 -37.00 -24.28 -17.40
C ARG D 267 -36.01 -25.09 -16.55
N LEU D 268 -35.56 -24.57 -15.41
CA LEU D 268 -34.61 -25.30 -14.52
C LEU D 268 -35.31 -26.56 -14.01
N ARG D 269 -36.57 -26.47 -13.59
CA ARG D 269 -37.38 -27.61 -13.07
C ARG D 269 -37.54 -28.72 -14.12
N ARG D 270 -37.65 -28.39 -15.39
CA ARG D 270 -37.76 -29.39 -16.49
C ARG D 270 -36.49 -30.24 -16.60
N ASP D 271 -35.34 -29.64 -16.27
CA ASP D 271 -34.01 -30.28 -16.39
C ASP D 271 -33.65 -30.99 -15.08
N GLY D 272 -34.55 -31.09 -14.11
CA GLY D 272 -34.33 -31.83 -12.86
C GLY D 272 -34.03 -30.95 -11.64
N HIS D 273 -33.91 -29.63 -11.83
CA HIS D 273 -33.40 -28.73 -10.76
C HIS D 273 -34.47 -28.49 -9.68
N ASN D 274 -34.02 -28.49 -8.42
CA ASN D 274 -34.77 -28.06 -7.22
C ASN D 274 -34.74 -26.52 -7.14
N VAL D 275 -35.85 -25.86 -7.48
CA VAL D 275 -35.96 -24.37 -7.47
C VAL D 275 -37.01 -23.91 -6.46
N GLU D 276 -36.62 -23.06 -5.51
CA GLU D 276 -37.47 -22.42 -4.47
C GLU D 276 -37.82 -21.00 -4.93
N LEU D 277 -39.09 -20.68 -5.13
CA LEU D 277 -39.47 -19.38 -5.73
C LEU D 277 -40.19 -18.57 -4.65
N HIS D 278 -39.78 -17.34 -4.39
CA HIS D 278 -40.43 -16.39 -3.44
C HIS D 278 -40.92 -15.19 -4.24
N LEU D 279 -42.16 -15.18 -4.74
CA LEU D 279 -42.75 -14.06 -5.51
C LEU D 279 -43.45 -13.13 -4.50
N TYR D 280 -43.11 -11.84 -4.48
CA TYR D 280 -43.62 -10.90 -3.45
C TYR D 280 -44.65 -9.96 -4.07
N ASP D 281 -45.92 -10.27 -3.81
CA ASP D 281 -47.09 -9.63 -4.45
C ASP D 281 -47.01 -8.12 -4.23
N GLY D 282 -47.01 -7.31 -5.30
CA GLY D 282 -47.14 -5.85 -5.25
C GLY D 282 -45.85 -5.12 -4.94
N LEU D 283 -44.70 -5.79 -5.00
CA LEU D 283 -43.42 -5.12 -4.69
C LEU D 283 -42.58 -5.07 -5.96
N ARG D 284 -41.63 -4.13 -6.02
CA ARG D 284 -40.82 -3.86 -7.24
C ARG D 284 -39.44 -4.52 -7.07
N HIS D 285 -38.37 -3.83 -7.47
CA HIS D 285 -37.10 -4.50 -7.86
C HIS D 285 -36.37 -5.02 -6.61
N GLU D 286 -36.09 -4.15 -5.64
CA GLU D 286 -35.29 -4.47 -4.43
C GLU D 286 -36.19 -5.04 -3.32
N VAL D 287 -36.64 -6.30 -3.43
CA VAL D 287 -37.52 -6.92 -2.38
C VAL D 287 -36.69 -7.18 -1.11
N HIS D 288 -35.36 -7.13 -1.23
CA HIS D 288 -34.40 -7.22 -0.10
C HIS D 288 -34.38 -5.88 0.66
N ASN D 289 -34.74 -4.76 0.03
CA ASN D 289 -34.77 -3.43 0.69
C ASN D 289 -36.24 -3.05 1.02
N GLU D 290 -37.25 -3.51 0.27
CA GLU D 290 -38.68 -3.15 0.49
C GLU D 290 -39.04 -3.49 1.94
N PRO D 291 -39.61 -2.56 2.75
CA PRO D 291 -39.83 -2.81 4.17
C PRO D 291 -40.75 -4.01 4.49
N GLU D 292 -41.69 -4.37 3.60
CA GLU D 292 -42.65 -5.50 3.77
C GLU D 292 -41.99 -6.88 3.55
N SER D 293 -40.96 -7.02 2.72
CA SER D 293 -40.39 -8.34 2.32
C SER D 293 -38.97 -8.59 2.85
N ARG D 294 -38.30 -7.57 3.37
CA ARG D 294 -36.87 -7.64 3.73
C ARG D 294 -36.64 -8.79 4.70
N ALA D 295 -37.38 -8.83 5.83
CA ALA D 295 -37.22 -9.82 6.92
C ALA D 295 -37.32 -11.22 6.32
N ASP D 296 -38.32 -11.38 5.44
CA ASP D 296 -38.70 -12.64 4.80
C ASP D 296 -37.62 -13.08 3.80
N VAL D 297 -37.03 -12.17 3.03
CA VAL D 297 -35.91 -12.54 2.10
C VAL D 297 -34.75 -13.05 2.96
N GLU D 298 -34.44 -12.32 4.02
CA GLU D 298 -33.29 -12.60 4.92
C GLU D 298 -33.56 -13.94 5.64
N SER D 299 -34.71 -14.09 6.31
CA SER D 299 -35.12 -15.32 7.02
C SER D 299 -35.15 -16.51 6.04
N SER D 300 -35.79 -16.39 4.87
CA SER D 300 -35.75 -17.38 3.75
C SER D 300 -34.31 -17.62 3.27
N LEU D 301 -33.49 -16.58 3.12
CA LEU D 301 -32.08 -16.78 2.67
C LEU D 301 -31.31 -17.59 3.73
N VAL D 302 -31.58 -17.33 5.02
CA VAL D 302 -30.89 -18.02 6.18
C VAL D 302 -31.24 -19.51 6.15
N THR D 303 -32.54 -19.80 6.11
CA THR D 303 -33.08 -21.17 5.98
C THR D 303 -32.41 -21.83 4.78
N PHE D 304 -32.34 -21.13 3.65
CA PHE D 304 -31.81 -21.72 2.40
C PHE D 304 -30.35 -22.16 2.63
N VAL D 305 -29.56 -21.24 3.18
CA VAL D 305 -28.11 -21.47 3.44
C VAL D 305 -27.91 -22.67 4.39
N ASP D 306 -28.70 -22.80 5.46
CA ASP D 306 -28.53 -23.88 6.50
C ASP D 306 -28.80 -25.26 5.86
N ARG D 307 -29.68 -25.30 4.85
CA ARG D 307 -30.09 -26.48 4.04
C ARG D 307 -28.99 -26.86 3.03
N VAL D 308 -28.19 -25.89 2.57
CA VAL D 308 -27.01 -26.13 1.68
C VAL D 308 -25.90 -26.78 2.52
N ALA D 309 -25.86 -26.35 3.78
CA ALA D 309 -25.02 -26.90 4.87
C ALA D 309 -25.76 -28.09 5.48
N ALA E 2 -14.65 41.15 5.50
CA ALA E 2 -13.37 41.47 4.79
C ALA E 2 -13.67 42.20 3.46
N LEU E 3 -12.84 43.20 3.15
CA LEU E 3 -12.84 43.90 1.84
C LEU E 3 -11.53 43.64 1.10
N GLN E 4 -11.63 43.34 -0.20
CA GLN E 4 -10.47 43.23 -1.11
C GLN E 4 -10.64 44.27 -2.21
N GLU E 5 -9.60 45.05 -2.46
CA GLU E 5 -9.50 45.87 -3.69
C GLU E 5 -8.72 45.05 -4.72
N ILE E 6 -9.44 44.60 -5.74
CA ILE E 6 -8.90 44.10 -7.03
C ILE E 6 -8.91 45.20 -8.09
N GLU E 7 -7.82 45.35 -8.78
CA GLU E 7 -7.73 46.11 -10.03
C GLU E 7 -7.07 45.13 -10.95
N PHE E 8 -7.41 45.16 -12.22
CA PHE E 8 -6.60 44.53 -13.27
C PHE E 8 -6.75 45.38 -14.52
N THR E 9 -5.73 45.34 -15.36
CA THR E 9 -5.80 45.92 -16.71
C THR E 9 -6.91 45.19 -17.48
N SER E 10 -7.87 45.97 -18.01
CA SER E 10 -8.95 45.55 -18.93
C SER E 10 -8.34 44.87 -20.15
N HIS E 11 -9.12 44.01 -20.83
CA HIS E 11 -8.84 43.46 -22.18
C HIS E 11 -8.58 44.60 -23.19
N ASN E 12 -9.14 45.80 -22.97
CA ASN E 12 -9.06 46.92 -23.95
C ASN E 12 -7.63 47.48 -23.97
N GLY E 13 -6.77 47.13 -22.98
CA GLY E 13 -5.37 47.59 -22.85
C GLY E 13 -5.26 48.96 -22.16
N ARG E 14 -6.39 49.63 -21.86
CA ARG E 14 -6.39 51.05 -21.41
C ARG E 14 -6.78 51.15 -19.93
N ASP E 15 -7.92 50.58 -19.54
CA ASP E 15 -8.52 50.88 -18.22
C ASP E 15 -7.89 49.96 -17.17
N ALA E 16 -7.65 50.50 -15.99
CA ALA E 16 -7.53 49.74 -14.74
C ALA E 16 -8.98 49.55 -14.27
N ILE E 17 -9.47 48.33 -14.40
CA ILE E 17 -10.84 47.91 -13.99
C ILE E 17 -10.90 47.94 -12.47
N GLN E 18 -11.71 48.81 -11.94
CA GLN E 18 -11.85 49.01 -10.49
C GLN E 18 -12.85 47.97 -10.01
N ALA E 19 -12.41 47.12 -9.07
CA ALA E 19 -13.14 45.91 -8.64
C ALA E 19 -13.00 45.67 -7.13
N TRP E 20 -13.96 44.96 -6.56
CA TRP E 20 -14.09 44.77 -5.10
C TRP E 20 -14.59 43.35 -4.88
N ALA E 21 -14.07 42.70 -3.84
CA ALA E 21 -14.65 41.47 -3.27
C ALA E 21 -14.99 41.72 -1.79
N TYR E 22 -16.22 41.38 -1.41
CA TYR E 22 -16.82 41.56 -0.08
C TYR E 22 -17.01 40.16 0.52
N GLU E 23 -16.36 39.88 1.65
CA GLU E 23 -16.42 38.53 2.26
C GLU E 23 -17.27 38.61 3.50
N PRO E 24 -18.20 37.66 3.70
CA PRO E 24 -19.02 37.61 4.91
C PRO E 24 -18.14 37.18 6.09
N VAL E 25 -18.58 37.48 7.32
CA VAL E 25 -18.06 36.82 8.55
C VAL E 25 -18.48 35.34 8.50
N GLY E 26 -17.58 34.46 8.93
CA GLY E 26 -17.81 33.00 8.95
C GLY E 26 -17.44 32.34 7.64
N THR E 27 -17.96 31.15 7.39
CA THR E 27 -17.66 30.34 6.19
C THR E 27 -18.75 30.64 5.17
N PRO E 28 -18.39 31.31 4.06
CA PRO E 28 -19.36 31.55 3.00
C PRO E 28 -19.78 30.23 2.31
N THR E 29 -21.02 30.20 1.79
CA THR E 29 -21.63 29.02 1.12
C THR E 29 -21.80 29.23 -0.39
N ALA E 30 -21.48 30.43 -0.90
CA ALA E 30 -21.50 30.74 -2.33
C ALA E 30 -20.76 32.04 -2.62
N VAL E 31 -20.41 32.24 -3.89
CA VAL E 31 -19.97 33.53 -4.45
C VAL E 31 -21.08 34.05 -5.36
N VAL E 32 -21.44 35.32 -5.21
CA VAL E 32 -22.35 36.05 -6.14
C VAL E 32 -21.55 37.14 -6.86
N GLN E 33 -21.47 37.03 -8.18
CA GLN E 33 -20.90 38.07 -9.06
C GLN E 33 -22.04 38.98 -9.52
N ILE E 34 -22.02 40.26 -9.13
CA ILE E 34 -22.94 41.34 -9.63
C ILE E 34 -22.32 41.99 -10.88
N ILE E 35 -23.09 42.11 -11.97
CA ILE E 35 -22.65 42.78 -13.24
C ILE E 35 -23.65 43.90 -13.52
N HIS E 36 -23.20 45.13 -13.30
CA HIS E 36 -24.03 46.34 -13.38
C HIS E 36 -24.33 46.63 -14.86
N GLY E 37 -25.28 47.50 -15.11
CA GLY E 37 -25.71 47.80 -16.48
C GLY E 37 -25.24 49.16 -16.85
N LEU E 38 -25.97 49.79 -17.75
CA LEU E 38 -25.48 50.98 -18.47
C LEU E 38 -25.71 52.19 -17.57
N GLY E 39 -24.78 53.14 -17.61
CA GLY E 39 -24.84 54.44 -16.92
C GLY E 39 -24.90 54.26 -15.42
N GLU E 40 -24.44 53.13 -14.86
CA GLU E 40 -24.45 52.86 -13.39
C GLU E 40 -23.12 52.21 -12.96
N HIS E 41 -23.02 51.71 -11.73
CA HIS E 41 -21.74 51.25 -11.13
C HIS E 41 -22.03 50.15 -10.11
N SER E 42 -20.98 49.46 -9.64
CA SER E 42 -21.15 48.30 -8.73
C SER E 42 -21.48 48.77 -7.32
N ARG E 43 -21.04 49.96 -6.91
CA ARG E 43 -21.19 50.38 -5.48
C ARG E 43 -22.62 50.95 -5.26
N ARG E 44 -23.39 51.13 -6.33
CA ARG E 44 -24.84 51.44 -6.27
C ARG E 44 -25.63 50.27 -5.64
N TYR E 45 -25.10 49.05 -5.68
CA TYR E 45 -25.71 47.81 -5.13
C TYR E 45 -25.42 47.58 -3.64
N LEU E 46 -25.03 48.63 -2.91
CA LEU E 46 -24.79 48.59 -1.45
C LEU E 46 -25.89 47.76 -0.74
N HIS E 47 -27.17 48.08 -0.91
CA HIS E 47 -28.25 47.38 -0.17
C HIS E 47 -28.17 45.87 -0.47
N MET E 48 -28.01 45.52 -1.74
CA MET E 48 -27.99 44.10 -2.18
C MET E 48 -26.70 43.42 -1.73
N ILE E 49 -25.55 44.10 -1.88
CA ILE E 49 -24.24 43.58 -1.41
C ILE E 49 -24.37 43.22 0.05
N SER E 50 -24.84 44.16 0.86
CA SER E 50 -25.03 43.96 2.31
C SER E 50 -25.95 42.76 2.59
N ALA E 51 -27.07 42.63 1.88
CA ALA E 51 -28.06 41.54 2.11
C ALA E 51 -27.44 40.20 1.74
N LEU E 52 -26.59 40.20 0.72
CA LEU E 52 -25.92 38.95 0.27
C LEU E 52 -24.85 38.54 1.29
N LEU E 53 -24.16 39.51 1.91
CA LEU E 53 -23.19 39.17 2.99
C LEU E 53 -23.96 38.64 4.20
N ASP E 54 -25.14 39.21 4.51
CA ASP E 54 -25.98 38.78 5.67
C ASP E 54 -26.35 37.30 5.52
N ALA E 55 -26.57 36.85 4.28
CA ALA E 55 -26.97 35.48 3.91
C ALA E 55 -25.74 34.58 3.84
N GLY E 56 -24.52 35.12 4.00
CA GLY E 56 -23.29 34.30 4.05
C GLY E 56 -22.68 34.01 2.68
N PHE E 57 -22.83 34.93 1.72
CA PHE E 57 -22.22 34.80 0.37
C PHE E 57 -21.06 35.79 0.23
N VAL E 58 -20.00 35.40 -0.47
CA VAL E 58 -18.99 36.33 -1.06
C VAL E 58 -19.67 37.13 -2.17
N VAL E 59 -19.41 38.43 -2.29
CA VAL E 59 -19.91 39.26 -3.40
C VAL E 59 -18.71 39.84 -4.11
N ILE E 60 -18.66 39.73 -5.43
CA ILE E 60 -17.57 40.28 -6.26
C ILE E 60 -18.23 41.07 -7.41
N ALA E 61 -17.65 42.21 -7.73
CA ALA E 61 -18.19 43.14 -8.74
C ALA E 61 -17.11 44.11 -9.16
N ASP E 62 -17.17 44.52 -10.41
CA ASP E 62 -16.29 45.57 -10.97
C ASP E 62 -17.16 46.71 -11.53
N ASP E 63 -16.55 47.85 -11.72
CA ASP E 63 -17.09 48.93 -12.60
C ASP E 63 -16.54 48.63 -13.99
N HIS E 64 -17.40 48.42 -14.99
CA HIS E 64 -16.91 48.00 -16.32
C HIS E 64 -16.15 49.16 -16.98
N ALA E 65 -15.44 48.84 -18.03
CA ALA E 65 -14.78 49.83 -18.89
C ALA E 65 -15.81 50.89 -19.28
N GLY E 66 -15.46 52.14 -19.01
CA GLY E 66 -16.29 53.32 -19.28
C GLY E 66 -17.29 53.60 -18.20
N HIS E 67 -17.15 52.99 -17.03
CA HIS E 67 -18.18 53.09 -15.98
C HIS E 67 -17.60 53.33 -14.60
N GLY E 68 -18.35 54.05 -13.77
CA GLY E 68 -18.09 54.39 -12.36
C GLY E 68 -16.63 54.70 -12.06
N ARG E 69 -16.06 54.01 -11.10
CA ARG E 69 -14.65 54.23 -10.68
C ARG E 69 -13.68 53.95 -11.84
N THR E 70 -13.97 52.97 -12.69
CA THR E 70 -13.11 52.69 -13.85
C THR E 70 -13.01 53.93 -14.74
N ALA E 71 -14.13 54.59 -14.99
CA ALA E 71 -14.19 55.82 -15.81
C ALA E 71 -13.61 57.02 -15.05
N MET E 72 -13.87 57.16 -13.75
CA MET E 72 -13.34 58.26 -12.89
C MET E 72 -11.80 58.23 -12.96
N GLN E 73 -11.19 57.06 -12.90
CA GLN E 73 -9.70 56.92 -12.87
C GLN E 73 -9.14 57.11 -14.27
N SER E 74 -9.81 56.59 -15.30
CA SER E 74 -9.35 56.62 -16.71
C SER E 74 -9.63 57.99 -17.37
N GLY E 75 -10.65 58.72 -16.91
CA GLY E 75 -11.18 59.90 -17.63
C GLY E 75 -12.07 59.53 -18.81
N VAL E 76 -12.28 58.24 -19.13
CA VAL E 76 -13.07 57.85 -20.33
C VAL E 76 -14.39 57.20 -19.93
N TRP E 77 -15.47 57.91 -20.20
CA TRP E 77 -16.88 57.51 -19.94
C TRP E 77 -17.50 56.95 -21.22
N ALA E 78 -18.34 55.93 -21.05
CA ALA E 78 -19.28 55.47 -22.09
C ALA E 78 -18.52 55.03 -23.32
N ASP E 79 -17.25 54.61 -23.15
CA ASP E 79 -16.47 53.89 -24.18
C ASP E 79 -15.71 52.73 -23.54
N ALA E 80 -15.64 51.57 -24.20
CA ALA E 80 -14.97 50.37 -23.65
C ALA E 80 -13.78 49.94 -24.51
N GLY E 81 -13.41 50.70 -25.54
CA GLY E 81 -12.34 50.28 -26.46
C GLY E 81 -12.91 49.64 -27.72
N ASP E 82 -12.04 49.32 -28.67
CA ASP E 82 -12.43 48.46 -29.83
C ASP E 82 -13.01 47.16 -29.25
N ASN E 83 -13.94 46.52 -29.98
CA ASN E 83 -14.49 45.17 -29.71
C ASN E 83 -15.09 45.16 -28.31
N ALA E 84 -15.87 46.21 -28.00
CA ALA E 84 -16.45 46.52 -26.68
C ALA E 84 -17.09 45.29 -26.02
N ALA E 85 -17.89 44.53 -26.80
CA ALA E 85 -18.59 43.32 -26.31
C ALA E 85 -17.57 42.34 -25.77
N GLU E 86 -16.53 42.02 -26.55
CA GLU E 86 -15.48 41.06 -26.15
C GLU E 86 -14.70 41.59 -24.94
N VAL E 87 -14.46 42.90 -24.88
CA VAL E 87 -13.81 43.57 -23.74
C VAL E 87 -14.60 43.26 -22.46
N VAL E 88 -15.89 43.58 -22.40
CA VAL E 88 -16.65 43.51 -21.12
C VAL E 88 -16.92 42.05 -20.71
N ILE E 89 -16.98 41.12 -21.66
CA ILE E 89 -17.21 39.68 -21.34
C ILE E 89 -15.89 39.12 -20.79
N SER E 90 -14.83 39.45 -21.48
CA SER E 90 -13.43 39.10 -21.13
C SER E 90 -13.13 39.65 -19.72
N ASP E 91 -13.48 40.91 -19.43
CA ASP E 91 -13.26 41.52 -18.10
C ASP E 91 -14.08 40.79 -17.03
N GLU E 92 -15.30 40.34 -17.31
CA GLU E 92 -16.12 39.62 -16.29
C GLU E 92 -15.53 38.24 -16.00
N LEU E 93 -14.86 37.64 -16.98
CA LEU E 93 -14.22 36.31 -16.79
C LEU E 93 -12.95 36.48 -15.94
N THR E 94 -12.12 37.49 -16.26
CA THR E 94 -10.93 37.92 -15.50
C THR E 94 -11.30 38.32 -14.07
N LEU E 95 -12.45 38.96 -13.86
CA LEU E 95 -12.96 39.26 -12.50
C LEU E 95 -13.09 37.93 -11.72
N GLN E 96 -13.72 36.91 -12.31
CA GLN E 96 -13.87 35.59 -11.66
C GLN E 96 -12.49 35.10 -11.22
N GLN E 97 -11.48 35.25 -12.07
CA GLN E 97 -10.12 34.66 -11.85
C GLN E 97 -9.40 35.41 -10.72
N GLN E 98 -9.92 36.54 -10.24
CA GLN E 98 -9.26 37.32 -9.16
C GLN E 98 -9.36 36.56 -7.81
N LEU E 99 -10.33 35.64 -7.68
CA LEU E 99 -10.53 34.86 -6.43
C LEU E 99 -10.03 33.42 -6.67
N ALA E 100 -9.31 33.18 -7.77
CA ALA E 100 -8.64 31.88 -8.04
C ALA E 100 -7.95 31.38 -6.76
N GLY E 101 -8.29 30.15 -6.33
CA GLY E 101 -7.66 29.46 -5.18
C GLY E 101 -8.20 29.92 -3.84
N GLN E 102 -9.18 30.82 -3.83
CA GLN E 102 -9.78 31.33 -2.56
C GLN E 102 -11.15 30.68 -2.36
N PHE E 103 -11.92 30.45 -3.43
CA PHE E 103 -13.30 29.92 -3.27
C PHE E 103 -13.61 28.88 -4.36
N ASP E 104 -12.64 28.05 -4.74
CA ASP E 104 -12.68 27.19 -5.98
C ASP E 104 -13.79 26.16 -5.91
N ASP E 105 -14.15 25.75 -4.69
CA ASP E 105 -15.13 24.68 -4.36
C ASP E 105 -16.52 25.24 -4.05
N LEU E 106 -16.72 26.55 -3.98
CA LEU E 106 -18.05 27.15 -3.73
C LEU E 106 -18.78 27.28 -5.06
N PRO E 107 -20.11 27.12 -5.04
CA PRO E 107 -20.92 27.40 -6.21
C PRO E 107 -20.88 28.90 -6.51
N TRP E 108 -20.98 29.25 -7.79
CA TRP E 108 -20.78 30.62 -8.32
C TRP E 108 -22.04 31.05 -9.06
N VAL E 109 -22.69 32.11 -8.61
CA VAL E 109 -23.91 32.67 -9.26
C VAL E 109 -23.57 34.04 -9.83
N VAL E 110 -23.97 34.30 -11.07
CA VAL E 110 -23.83 35.61 -11.75
C VAL E 110 -25.21 36.25 -11.76
N PHE E 111 -25.28 37.47 -11.24
CA PHE E 111 -26.47 38.34 -11.20
C PHE E 111 -26.15 39.51 -12.12
N GLY E 112 -26.92 39.63 -13.18
CA GLY E 112 -26.71 40.64 -14.23
C GLY E 112 -27.95 41.50 -14.39
N HIS E 113 -27.74 42.82 -14.42
CA HIS E 113 -28.78 43.85 -14.63
C HIS E 113 -28.59 44.57 -15.97
N SER E 114 -29.63 44.51 -16.82
CA SER E 114 -29.77 45.21 -18.13
C SER E 114 -28.62 44.76 -19.05
N TRP E 115 -27.75 45.70 -19.44
CA TRP E 115 -26.47 45.39 -20.14
C TRP E 115 -25.70 44.28 -19.39
N GLY E 116 -25.76 44.26 -18.04
CA GLY E 116 -25.21 43.19 -17.18
C GLY E 116 -25.87 41.84 -17.43
N SER E 117 -27.19 41.84 -17.66
CA SER E 117 -27.96 40.62 -18.05
C SER E 117 -27.48 40.13 -19.41
N MET E 118 -27.21 41.04 -20.33
CA MET E 118 -26.82 40.64 -21.69
C MET E 118 -25.41 40.07 -21.60
N ILE E 119 -24.54 40.72 -20.86
CA ILE E 119 -23.15 40.22 -20.67
C ILE E 119 -23.16 38.86 -19.99
N ALA E 120 -24.00 38.70 -18.95
CA ALA E 120 -24.19 37.43 -18.24
C ALA E 120 -24.64 36.36 -19.22
N ARG E 121 -25.63 36.66 -20.08
CA ARG E 121 -26.13 35.67 -21.08
C ARG E 121 -24.99 35.25 -22.00
N ALA E 122 -24.21 36.22 -22.49
CA ALA E 122 -23.08 35.97 -23.39
C ALA E 122 -22.05 35.08 -22.66
N MET E 123 -21.78 35.39 -21.40
CA MET E 123 -20.76 34.66 -20.60
C MET E 123 -21.19 33.20 -20.46
N ALA E 124 -22.48 32.95 -20.21
CA ALA E 124 -23.05 31.60 -19.96
C ALA E 124 -22.75 30.59 -21.09
N THR E 125 -22.55 31.07 -22.33
CA THR E 125 -22.31 30.26 -23.55
C THR E 125 -20.82 30.00 -23.80
N ARG E 126 -19.92 30.54 -23.00
CA ARG E 126 -18.46 30.42 -23.28
C ARG E 126 -17.92 29.23 -22.49
N PRO E 127 -17.05 28.38 -23.09
CA PRO E 127 -16.41 27.32 -22.32
C PRO E 127 -15.73 27.89 -21.07
N GLY E 128 -15.54 27.06 -20.04
CA GLY E 128 -14.82 27.48 -18.82
C GLY E 128 -15.22 28.89 -18.44
N THR E 129 -16.52 29.14 -18.40
CA THR E 129 -17.09 30.21 -17.54
C THR E 129 -17.62 29.52 -16.30
N ARG E 130 -17.38 30.16 -15.16
CA ARG E 130 -17.78 29.65 -13.83
C ARG E 130 -19.20 30.13 -13.61
N LEU E 131 -20.14 29.19 -13.72
CA LEU E 131 -21.58 29.43 -13.63
C LEU E 131 -22.28 28.16 -13.17
N ASP E 132 -22.78 28.21 -11.94
CA ASP E 132 -23.54 27.13 -11.27
C ASP E 132 -24.99 27.59 -11.12
N GLY E 133 -25.25 28.88 -11.35
CA GLY E 133 -26.61 29.44 -11.33
C GLY E 133 -26.61 30.81 -11.95
N LEU E 134 -27.65 31.14 -12.74
CA LEU E 134 -27.77 32.40 -13.51
C LEU E 134 -28.98 33.20 -13.05
N ALA E 135 -28.75 34.42 -12.56
CA ALA E 135 -29.76 35.43 -12.18
C ALA E 135 -29.70 36.64 -13.14
N LEU E 136 -30.83 36.92 -13.79
CA LEU E 136 -30.95 38.04 -14.77
C LEU E 136 -32.00 38.99 -14.22
N CYS E 137 -31.72 40.27 -14.31
CA CYS E 137 -32.60 41.36 -13.86
C CYS E 137 -32.63 42.44 -14.93
N GLY E 138 -33.77 43.11 -15.14
CA GLY E 138 -33.96 44.12 -16.21
C GLY E 138 -33.61 43.56 -17.57
N ILE E 139 -34.16 42.40 -17.89
CA ILE E 139 -33.77 41.60 -19.09
C ILE E 139 -34.05 42.39 -20.36
N VAL E 140 -33.07 42.44 -21.27
CA VAL E 140 -33.12 43.20 -22.55
C VAL E 140 -33.51 42.19 -23.62
N ALA E 141 -34.77 42.24 -24.07
CA ALA E 141 -35.42 41.14 -24.84
C ALA E 141 -36.59 41.66 -25.68
N GLN E 142 -36.37 41.77 -27.00
CA GLN E 142 -37.38 42.15 -28.03
C GLN E 142 -37.91 43.57 -27.81
N PRO E 143 -37.16 44.56 -27.29
CA PRO E 143 -37.61 45.94 -27.34
C PRO E 143 -37.44 46.50 -28.75
N ARG E 144 -38.34 47.38 -29.20
CA ARG E 144 -38.45 47.78 -30.63
C ARG E 144 -37.08 48.25 -31.16
N GLY E 145 -36.36 49.03 -30.36
CA GLY E 145 -35.07 49.64 -30.73
C GLY E 145 -34.07 48.60 -31.22
N PHE E 146 -33.59 47.79 -30.30
CA PHE E 146 -32.66 46.67 -30.55
C PHE E 146 -33.21 45.74 -31.63
N GLU E 147 -34.49 45.36 -31.59
CA GLU E 147 -35.04 44.32 -32.52
C GLU E 147 -35.07 44.85 -33.94
N THR E 148 -35.56 46.10 -34.11
CA THR E 148 -36.09 46.62 -35.40
C THR E 148 -35.50 47.98 -35.79
N THR E 149 -35.63 49.02 -34.97
CA THR E 149 -35.41 50.42 -35.39
C THR E 149 -33.92 50.78 -35.54
N LEU E 150 -33.00 50.27 -34.71
CA LEU E 150 -31.55 50.60 -34.82
C LEU E 150 -31.04 50.14 -36.21
N ASP E 151 -30.55 51.07 -37.02
CA ASP E 151 -30.12 50.86 -38.43
C ASP E 151 -28.70 50.34 -38.43
N HIS E 152 -28.53 49.03 -38.54
CA HIS E 152 -27.23 48.34 -38.41
C HIS E 152 -26.29 48.80 -39.52
N LYS E 153 -26.82 49.22 -40.67
CA LYS E 153 -26.00 49.64 -41.84
C LYS E 153 -25.44 51.04 -41.55
N THR E 154 -26.27 52.00 -41.13
CA THR E 154 -25.81 53.36 -40.75
C THR E 154 -24.76 53.23 -39.64
N LEU E 155 -25.03 52.36 -38.66
CA LEU E 155 -24.11 52.13 -37.52
C LEU E 155 -22.79 51.55 -38.06
N ALA E 156 -22.86 50.57 -38.97
CA ALA E 156 -21.69 49.93 -39.60
C ALA E 156 -20.82 50.96 -40.35
N LYS E 157 -21.40 51.97 -41.00
CA LYS E 157 -20.62 52.93 -41.83
C LYS E 157 -19.97 53.97 -40.90
N ALA E 158 -20.62 54.30 -39.78
CA ALA E 158 -20.03 55.20 -38.77
C ALA E 158 -18.86 54.45 -38.13
N MET E 159 -18.98 53.15 -37.98
CA MET E 159 -17.93 52.31 -37.37
C MET E 159 -16.67 52.29 -38.24
N ALA E 160 -16.80 52.10 -39.55
CA ALA E 160 -15.60 52.08 -40.41
C ALA E 160 -15.31 53.48 -40.93
N THR E 161 -15.41 54.49 -40.08
CA THR E 161 -15.18 55.88 -40.52
C THR E 161 -14.72 56.71 -39.32
N ALA E 162 -15.47 56.63 -38.23
CA ALA E 162 -15.16 57.36 -36.99
C ALA E 162 -15.67 56.56 -35.78
N PRO E 163 -15.05 55.44 -35.42
CA PRO E 163 -15.48 54.65 -34.26
C PRO E 163 -15.35 55.32 -32.88
N THR E 164 -14.33 56.14 -32.71
CA THR E 164 -14.04 56.82 -31.42
C THR E 164 -14.93 58.05 -31.25
N ASP E 165 -15.50 58.57 -32.34
CA ASP E 165 -16.40 59.75 -32.31
C ASP E 165 -17.62 59.38 -31.48
N PRO E 166 -18.23 60.37 -30.80
CA PRO E 166 -19.56 60.20 -30.22
C PRO E 166 -20.55 59.55 -31.21
N ALA E 167 -21.28 58.54 -30.76
CA ALA E 167 -22.34 57.88 -31.54
C ALA E 167 -23.32 58.97 -31.99
N PRO E 168 -23.64 59.04 -33.31
CA PRO E 168 -24.64 59.99 -33.80
C PRO E 168 -25.96 59.92 -33.00
N GLU E 169 -26.55 61.08 -32.72
CA GLU E 169 -27.81 61.23 -31.95
C GLU E 169 -28.92 60.35 -32.56
N ALA E 170 -28.91 60.05 -33.86
CA ALA E 170 -30.01 59.30 -34.50
C ALA E 170 -29.92 57.82 -34.07
N LEU E 171 -28.73 57.23 -34.13
CA LEU E 171 -28.48 55.82 -33.71
C LEU E 171 -28.79 55.61 -32.21
N VAL E 172 -28.39 56.52 -31.33
CA VAL E 172 -28.69 56.49 -29.86
C VAL E 172 -30.22 56.48 -29.68
N ALA E 173 -30.96 57.38 -30.33
CA ALA E 173 -32.43 57.48 -30.16
C ALA E 173 -33.13 56.21 -30.67
N GLN E 174 -32.63 55.64 -31.78
CA GLN E 174 -33.10 54.35 -32.36
C GLN E 174 -32.85 53.19 -31.41
N MET E 175 -31.68 53.14 -30.80
CA MET E 175 -31.40 52.06 -29.82
C MET E 175 -32.44 52.12 -28.68
N PHE E 176 -32.74 53.32 -28.14
CA PHE E 176 -33.65 53.53 -26.97
C PHE E 176 -35.12 53.64 -27.39
N ASP E 177 -35.40 53.39 -28.66
CA ASP E 177 -36.76 53.48 -29.22
C ASP E 177 -37.62 52.42 -28.51
N GLY E 178 -38.80 52.82 -28.07
CA GLY E 178 -39.67 51.98 -27.24
C GLY E 178 -39.61 52.36 -25.77
N PHE E 179 -38.53 52.99 -25.32
CA PHE E 179 -38.29 53.16 -23.86
C PHE E 179 -39.27 54.16 -23.28
N ALA E 180 -39.90 55.02 -24.09
CA ALA E 180 -40.83 56.09 -23.62
C ALA E 180 -42.30 55.71 -23.90
N ASP E 181 -42.55 54.60 -24.59
CA ASP E 181 -43.91 54.20 -25.03
C ASP E 181 -44.95 54.40 -23.89
N ARG E 182 -44.64 54.15 -22.60
CA ARG E 182 -45.67 54.21 -21.50
C ARG E 182 -45.28 55.26 -20.47
N LEU E 183 -44.47 56.23 -20.86
CA LEU E 183 -44.05 57.32 -19.96
C LEU E 183 -44.92 58.54 -20.21
N SER E 184 -45.16 59.31 -19.18
CA SER E 184 -45.91 60.57 -19.33
C SER E 184 -44.96 61.75 -19.30
N GLU E 185 -45.54 62.94 -19.30
CA GLU E 185 -44.81 64.23 -19.29
C GLU E 185 -43.99 64.30 -18.00
N ASP E 186 -44.66 64.11 -16.87
CA ASP E 186 -44.00 64.24 -15.54
C ASP E 186 -43.06 63.07 -15.22
N ASP E 187 -43.09 61.97 -15.96
CA ASP E 187 -42.19 60.84 -15.67
C ASP E 187 -40.72 61.26 -15.86
N GLY E 188 -40.45 62.09 -16.87
CA GLY E 188 -39.09 62.48 -17.22
C GLY E 188 -38.59 61.60 -18.36
N PRO E 189 -37.51 61.97 -19.08
CA PRO E 189 -37.00 61.09 -20.15
C PRO E 189 -36.35 59.81 -19.61
N THR E 190 -36.07 59.74 -18.31
CA THR E 190 -35.51 58.52 -17.66
C THR E 190 -36.56 57.88 -16.72
N GLY E 191 -37.80 58.34 -16.75
CA GLY E 191 -38.93 57.71 -16.02
C GLY E 191 -38.97 56.20 -16.18
N TRP E 192 -38.48 55.64 -17.30
CA TRP E 192 -38.48 54.17 -17.54
C TRP E 192 -37.56 53.41 -16.54
N VAL E 193 -36.63 54.11 -15.89
CA VAL E 193 -35.64 53.55 -14.92
C VAL E 193 -36.39 52.96 -13.73
N ALA E 194 -37.42 53.65 -13.26
CA ALA E 194 -38.23 53.23 -12.10
C ALA E 194 -39.50 54.08 -12.01
N ARG E 195 -40.53 53.49 -11.41
CA ARG E 195 -41.82 54.14 -11.03
C ARG E 195 -41.52 55.15 -9.91
N SER E 196 -40.67 54.78 -8.97
CA SER E 196 -40.27 55.66 -7.84
C SER E 196 -39.43 56.81 -8.41
N LYS E 197 -39.97 58.02 -8.35
CA LYS E 197 -39.28 59.25 -8.77
C LYS E 197 -37.99 59.42 -7.95
N GLU E 198 -37.97 58.93 -6.71
CA GLU E 198 -36.81 59.13 -5.83
C GLU E 198 -35.62 58.32 -6.40
N VAL E 199 -35.87 57.11 -6.93
CA VAL E 199 -34.82 56.24 -7.52
C VAL E 199 -34.26 56.90 -8.78
N VAL E 200 -35.17 57.41 -9.60
CA VAL E 200 -34.83 58.03 -10.92
C VAL E 200 -33.95 59.25 -10.65
N ALA E 201 -34.30 60.07 -9.65
CA ALA E 201 -33.62 61.35 -9.33
C ALA E 201 -32.21 61.04 -8.81
N ASP E 202 -32.13 60.10 -7.87
CA ASP E 202 -30.85 59.56 -7.36
C ASP E 202 -30.05 59.01 -8.54
N HIS E 203 -30.70 58.29 -9.48
CA HIS E 203 -29.97 57.69 -10.63
C HIS E 203 -29.25 58.84 -11.36
N GLY E 204 -29.91 59.99 -11.51
CA GLY E 204 -29.44 61.12 -12.33
C GLY E 204 -28.38 61.93 -11.60
N LYS E 205 -28.40 61.94 -10.26
CA LYS E 205 -27.52 62.79 -9.40
C LYS E 205 -26.20 62.08 -9.02
N ASP E 206 -26.10 60.75 -9.12
CA ASP E 206 -24.94 59.98 -8.60
C ASP E 206 -23.75 60.20 -9.56
N LYS E 207 -22.68 60.84 -9.08
CA LYS E 207 -21.44 61.13 -9.84
C LYS E 207 -20.85 59.84 -10.44
N PHE E 208 -21.08 58.68 -9.84
CA PHE E 208 -20.50 57.40 -10.34
C PHE E 208 -21.42 56.77 -11.39
N ASN E 209 -22.65 57.29 -11.55
CA ASN E 209 -23.49 57.07 -12.76
C ASN E 209 -22.97 57.92 -13.93
N ASN E 210 -22.76 59.22 -13.68
CA ASN E 210 -22.51 60.24 -14.73
C ASN E 210 -23.39 59.88 -15.94
N PHE E 211 -24.65 59.51 -15.69
CA PHE E 211 -25.64 59.16 -16.74
C PHE E 211 -25.88 60.40 -17.62
N GLY E 212 -25.92 60.18 -18.93
CA GLY E 212 -26.02 61.26 -19.94
C GLY E 212 -24.72 61.43 -20.72
N ALA E 213 -23.61 60.94 -20.17
CA ALA E 213 -22.27 60.92 -20.84
C ALA E 213 -22.44 60.27 -22.20
N PRO E 214 -21.96 60.91 -23.28
CA PRO E 214 -22.16 60.39 -24.63
C PRO E 214 -21.42 59.07 -24.89
N MET E 215 -22.14 58.06 -25.42
CA MET E 215 -21.55 56.79 -25.88
C MET E 215 -20.71 57.08 -27.13
N SER E 216 -19.56 56.44 -27.25
CA SER E 216 -18.86 56.33 -28.55
C SER E 216 -19.66 55.42 -29.51
N THR E 217 -19.30 55.47 -30.79
CA THR E 217 -19.87 54.67 -31.89
C THR E 217 -19.50 53.20 -31.69
N ARG E 218 -18.20 52.91 -31.48
CA ARG E 218 -17.72 51.52 -31.26
C ARG E 218 -18.39 50.93 -30.01
N PHE E 219 -18.85 51.78 -29.09
CA PHE E 219 -19.51 51.34 -27.84
C PHE E 219 -20.96 50.94 -28.16
N LEU E 220 -21.68 51.71 -28.98
CA LEU E 220 -23.05 51.38 -29.43
C LEU E 220 -23.01 50.09 -30.28
N GLN E 221 -22.07 49.94 -31.20
CA GLN E 221 -21.90 48.66 -31.92
C GLN E 221 -21.70 47.52 -30.91
N GLY E 222 -20.96 47.79 -29.83
CA GLY E 222 -20.79 46.86 -28.69
C GLY E 222 -22.12 46.38 -28.13
N LEU E 223 -23.13 47.28 -28.07
CA LEU E 223 -24.44 46.98 -27.44
C LEU E 223 -25.28 46.14 -28.39
N ALA E 224 -25.21 46.40 -29.70
CA ALA E 224 -25.91 45.64 -30.76
C ALA E 224 -25.31 44.24 -30.81
N ASP E 225 -24.00 44.17 -30.67
CA ASP E 225 -23.25 42.89 -30.66
C ASP E 225 -23.76 42.10 -29.44
N ILE E 226 -23.72 42.70 -28.25
CA ILE E 226 -24.03 41.95 -27.00
C ILE E 226 -25.51 41.59 -27.00
N TYR E 227 -26.39 42.46 -27.52
CA TYR E 227 -27.82 42.13 -27.72
C TYR E 227 -27.98 40.86 -28.58
N ALA E 228 -27.37 40.84 -29.77
CA ALA E 228 -27.45 39.71 -30.70
C ALA E 228 -26.96 38.45 -30.00
N MET E 229 -25.86 38.56 -29.24
CA MET E 229 -25.22 37.38 -28.59
C MET E 229 -26.19 36.78 -27.57
N ALA E 230 -26.78 37.67 -26.74
CA ALA E 230 -27.66 37.33 -25.61
C ALA E 230 -28.97 36.73 -26.11
N ASN E 231 -29.50 37.18 -27.25
CA ASN E 231 -30.89 36.85 -27.69
C ASN E 231 -30.87 35.94 -28.92
N GLY E 232 -29.66 35.56 -29.37
CA GLY E 232 -29.38 34.72 -30.53
C GLY E 232 -29.63 33.25 -30.26
N ASP E 233 -29.63 32.46 -31.33
CA ASP E 233 -29.97 31.01 -31.30
C ASP E 233 -28.93 30.27 -30.46
N SER E 234 -27.66 30.65 -30.52
CA SER E 234 -26.58 29.88 -29.86
C SER E 234 -26.68 30.06 -28.34
N PHE E 235 -27.19 31.20 -27.88
CA PHE E 235 -27.43 31.37 -26.43
C PHE E 235 -28.46 30.33 -26.01
N TYR E 236 -29.62 30.28 -26.68
CA TYR E 236 -30.75 29.39 -26.27
C TYR E 236 -30.32 27.92 -26.34
N ALA E 237 -29.42 27.58 -27.26
CA ALA E 237 -29.04 26.18 -27.59
C ALA E 237 -27.82 25.76 -26.77
N THR E 238 -26.92 26.65 -26.38
CA THR E 238 -25.72 26.24 -25.60
C THR E 238 -25.92 26.53 -24.11
N MET E 239 -26.95 27.27 -23.70
CA MET E 239 -27.16 27.67 -22.26
C MET E 239 -27.02 26.40 -21.41
N PRO E 240 -26.11 26.34 -20.44
CA PRO E 240 -25.95 25.12 -19.65
C PRO E 240 -27.21 24.80 -18.82
N ASN E 241 -27.33 23.55 -18.36
CA ASN E 241 -28.51 23.04 -17.58
C ASN E 241 -28.26 23.36 -16.10
N ILE E 242 -28.45 24.63 -15.73
CA ILE E 242 -28.28 25.13 -14.35
C ILE E 242 -29.52 25.94 -14.07
N PRO E 243 -29.83 26.15 -12.77
CA PRO E 243 -30.93 27.02 -12.39
C PRO E 243 -30.79 28.45 -12.93
N ILE E 244 -31.89 28.97 -13.45
CA ILE E 244 -31.98 30.34 -14.00
C ILE E 244 -33.10 31.02 -13.23
N VAL E 245 -32.90 32.25 -12.81
CA VAL E 245 -34.00 33.08 -12.23
C VAL E 245 -33.99 34.41 -12.98
N LEU E 246 -35.20 34.92 -13.26
CA LEU E 246 -35.45 36.15 -14.07
C LEU E 246 -36.27 37.10 -13.18
N PHE E 247 -35.83 38.35 -13.03
CA PHE E 247 -36.52 39.48 -12.36
C PHE E 247 -36.72 40.59 -13.40
N ALA E 248 -37.97 41.02 -13.58
CA ALA E 248 -38.33 42.11 -14.53
C ALA E 248 -39.59 42.82 -14.06
N GLY E 249 -39.68 44.12 -14.38
CA GLY E 249 -40.92 44.91 -14.22
C GLY E 249 -41.87 44.68 -15.38
N SER E 250 -43.16 44.63 -15.10
CA SER E 250 -44.20 44.50 -16.17
C SER E 250 -44.13 45.74 -17.10
N GLU E 251 -43.73 46.91 -16.57
CA GLU E 251 -43.66 48.22 -17.30
C GLU E 251 -42.22 48.52 -17.70
N ASP E 252 -41.33 47.52 -17.75
CA ASP E 252 -39.93 47.72 -18.18
C ASP E 252 -39.89 47.68 -19.72
N PRO E 253 -39.54 48.78 -20.44
CA PRO E 253 -39.39 48.73 -21.90
C PRO E 253 -38.26 47.80 -22.37
N ALA E 254 -37.22 47.57 -21.55
CA ALA E 254 -36.06 46.74 -21.94
C ALA E 254 -36.50 45.32 -22.32
N GLY E 255 -37.52 44.80 -21.63
CA GLY E 255 -37.98 43.40 -21.80
C GLY E 255 -39.26 43.34 -22.62
N ASP E 256 -39.49 44.40 -23.42
CA ASP E 256 -40.73 44.69 -24.19
C ASP E 256 -41.93 44.62 -23.25
N PHE E 257 -41.82 45.21 -22.06
CA PHE E 257 -42.94 45.40 -21.09
C PHE E 257 -43.46 44.01 -20.69
N GLY E 258 -42.55 43.11 -20.32
CA GLY E 258 -42.89 41.73 -19.88
C GLY E 258 -42.90 40.71 -21.01
N THR E 259 -43.43 41.07 -22.17
CA THR E 259 -43.59 40.18 -23.33
C THR E 259 -42.25 39.59 -23.74
N GLY E 260 -41.17 40.37 -23.80
CA GLY E 260 -39.86 39.81 -24.22
C GLY E 260 -39.33 38.81 -23.17
N VAL E 261 -39.47 39.17 -21.90
CA VAL E 261 -38.98 38.38 -20.75
C VAL E 261 -39.73 37.05 -20.68
N LYS E 262 -41.06 37.05 -20.87
CA LYS E 262 -41.84 35.79 -20.80
C LYS E 262 -41.40 34.88 -21.93
N ALA E 263 -41.13 35.43 -23.11
CA ALA E 263 -40.70 34.67 -24.30
C ALA E 263 -39.33 34.05 -24.04
N VAL E 264 -38.44 34.77 -23.35
CA VAL E 264 -37.14 34.21 -22.88
C VAL E 264 -37.41 33.04 -21.93
N ALA E 265 -38.25 33.29 -20.93
CA ALA E 265 -38.65 32.26 -19.93
C ALA E 265 -39.21 31.03 -20.67
N GLU E 266 -40.17 31.23 -21.57
CA GLU E 266 -40.84 30.15 -22.36
C GLU E 266 -39.79 29.39 -23.18
N ARG E 267 -38.90 30.12 -23.85
CA ARG E 267 -37.98 29.45 -24.79
C ARG E 267 -37.02 28.56 -23.98
N LEU E 268 -36.51 29.07 -22.87
CA LEU E 268 -35.66 28.28 -21.91
C LEU E 268 -36.39 27.05 -21.35
N ARG E 269 -37.68 27.17 -20.98
CA ARG E 269 -38.45 26.02 -20.44
C ARG E 269 -38.66 24.98 -21.55
N ARG E 270 -39.36 25.36 -22.59
CA ARG E 270 -39.50 24.56 -23.83
C ARG E 270 -38.19 23.79 -24.12
N ASP E 271 -37.03 24.43 -23.97
CA ASP E 271 -35.70 23.81 -24.29
C ASP E 271 -35.16 22.98 -23.11
N GLY E 272 -35.92 22.81 -22.04
CA GLY E 272 -35.62 21.83 -20.99
C GLY E 272 -34.93 22.44 -19.80
N HIS E 273 -34.96 23.76 -19.62
CA HIS E 273 -34.26 24.48 -18.50
C HIS E 273 -35.17 24.66 -17.28
N ASN E 274 -34.52 24.85 -16.15
CA ASN E 274 -35.13 25.15 -14.85
C ASN E 274 -35.15 26.69 -14.70
N VAL E 275 -36.35 27.29 -14.70
CA VAL E 275 -36.58 28.75 -14.85
C VAL E 275 -37.62 29.20 -13.82
N GLU E 276 -37.28 30.22 -13.03
CA GLU E 276 -38.15 30.87 -12.02
C GLU E 276 -38.30 32.32 -12.48
N LEU E 277 -39.51 32.74 -12.82
CA LEU E 277 -39.85 34.07 -13.36
C LEU E 277 -40.46 34.88 -12.22
N HIS E 278 -39.94 36.08 -12.00
CA HIS E 278 -40.51 37.09 -11.08
C HIS E 278 -40.85 38.30 -11.94
N LEU E 279 -42.14 38.55 -12.11
CA LEU E 279 -42.63 39.66 -12.96
C LEU E 279 -43.43 40.54 -12.02
N TYR E 280 -42.95 41.75 -11.74
CA TYR E 280 -43.52 42.65 -10.71
C TYR E 280 -44.49 43.61 -11.38
N ASP E 281 -45.78 43.43 -11.07
CA ASP E 281 -46.89 44.18 -11.72
C ASP E 281 -46.77 45.69 -11.47
N GLY E 282 -46.60 46.48 -12.54
CA GLY E 282 -46.68 47.95 -12.52
C GLY E 282 -45.33 48.60 -12.22
N LEU E 283 -44.26 47.83 -12.11
CA LEU E 283 -42.93 48.38 -11.75
C LEU E 283 -42.11 48.49 -13.03
N ARG E 284 -41.08 49.32 -13.03
CA ARG E 284 -40.35 49.64 -14.27
C ARG E 284 -39.00 48.89 -14.34
N HIS E 285 -37.91 49.50 -14.81
CA HIS E 285 -36.65 48.76 -15.18
C HIS E 285 -36.00 48.12 -13.93
N GLU E 286 -35.81 48.89 -12.88
CA GLU E 286 -34.88 48.62 -11.76
C GLU E 286 -35.68 48.05 -10.59
N VAL E 287 -36.30 46.89 -10.78
CA VAL E 287 -37.11 46.19 -9.75
C VAL E 287 -36.26 45.90 -8.50
N HIS E 288 -34.94 45.82 -8.60
CA HIS E 288 -34.01 45.61 -7.45
C HIS E 288 -33.85 46.94 -6.66
N ASN E 289 -34.30 48.05 -7.21
CA ASN E 289 -34.19 49.39 -6.56
C ASN E 289 -35.58 49.92 -6.19
N GLU E 290 -36.64 49.46 -6.86
CA GLU E 290 -38.05 49.87 -6.56
C GLU E 290 -38.36 49.51 -5.11
N PRO E 291 -38.79 50.45 -4.25
CA PRO E 291 -39.07 50.10 -2.86
C PRO E 291 -40.12 48.99 -2.68
N GLU E 292 -41.00 48.76 -3.64
CA GLU E 292 -42.10 47.78 -3.49
C GLU E 292 -41.56 46.39 -3.75
N SER E 293 -40.51 46.26 -4.58
CA SER E 293 -39.97 44.96 -5.04
C SER E 293 -38.57 44.68 -4.48
N ARG E 294 -37.84 45.66 -3.94
CA ARG E 294 -36.41 45.42 -3.58
C ARG E 294 -36.29 44.17 -2.69
N ALA E 295 -37.08 44.12 -1.61
CA ALA E 295 -36.94 43.11 -0.54
C ALA E 295 -37.23 41.74 -1.16
N ASP E 296 -38.17 41.68 -2.10
CA ASP E 296 -38.61 40.38 -2.69
C ASP E 296 -37.60 39.91 -3.75
N VAL E 297 -36.87 40.82 -4.40
CA VAL E 297 -35.82 40.44 -5.39
C VAL E 297 -34.68 39.84 -4.58
N GLU E 298 -34.25 40.53 -3.52
CA GLU E 298 -33.12 40.16 -2.65
C GLU E 298 -33.43 38.84 -1.93
N SER E 299 -34.61 38.68 -1.30
CA SER E 299 -34.96 37.42 -0.55
C SER E 299 -35.14 36.28 -1.56
N SER E 300 -35.64 36.55 -2.77
CA SER E 300 -35.77 35.53 -3.85
C SER E 300 -34.37 35.13 -4.37
N LEU E 301 -33.43 36.07 -4.41
CA LEU E 301 -32.07 35.81 -4.93
C LEU E 301 -31.31 34.98 -3.85
N VAL E 302 -31.58 35.25 -2.57
CA VAL E 302 -30.88 34.53 -1.47
C VAL E 302 -31.32 33.06 -1.52
N THR E 303 -32.63 32.82 -1.64
CA THR E 303 -33.29 31.49 -1.70
C THR E 303 -32.78 30.75 -2.94
N PHE E 304 -32.70 31.44 -4.09
CA PHE E 304 -32.13 30.89 -5.34
C PHE E 304 -30.70 30.39 -5.12
N VAL E 305 -29.82 31.23 -4.55
CA VAL E 305 -28.38 30.90 -4.35
C VAL E 305 -28.27 29.69 -3.41
N ASP E 306 -29.12 29.60 -2.38
CA ASP E 306 -29.14 28.49 -1.37
C ASP E 306 -29.45 27.17 -2.12
N ARG E 307 -30.37 27.23 -3.08
CA ARG E 307 -30.84 26.10 -3.92
C ARG E 307 -29.71 25.68 -4.88
N VAL E 308 -28.96 26.68 -5.34
CA VAL E 308 -27.80 26.38 -6.19
C VAL E 308 -26.79 25.72 -5.25
N ALA E 309 -26.60 26.20 -4.03
CA ALA E 309 -25.63 25.56 -3.11
C ALA E 309 -26.03 24.09 -2.85
N ASN E 310 -27.32 23.85 -2.67
CA ASN E 310 -27.93 22.52 -2.43
C ASN E 310 -27.52 21.52 -3.51
N ARG E 311 -27.69 21.93 -4.75
CA ARG E 311 -27.42 21.14 -5.98
C ARG E 311 -25.97 20.71 -6.10
N ARG E 312 -25.05 21.34 -5.37
CA ARG E 312 -23.61 21.01 -5.51
C ARG E 312 -22.94 20.58 -4.20
N ALA F 2 -26.61 57.65 -3.94
CA ALA F 2 -25.42 58.20 -4.60
C ALA F 2 -24.17 58.01 -3.73
N LEU F 3 -22.99 58.09 -4.35
CA LEU F 3 -21.69 57.90 -3.64
C LEU F 3 -20.80 59.08 -4.03
N GLN F 4 -20.20 59.75 -3.05
CA GLN F 4 -19.10 60.71 -3.29
C GLN F 4 -17.81 60.08 -2.77
N GLU F 5 -16.76 60.10 -3.60
CA GLU F 5 -15.38 59.94 -3.12
C GLU F 5 -14.80 61.31 -2.78
N ILE F 6 -14.43 61.47 -1.52
CA ILE F 6 -13.67 62.63 -1.02
C ILE F 6 -12.26 62.17 -0.61
N GLU F 7 -11.25 62.92 -1.02
CA GLU F 7 -9.90 62.84 -0.41
C GLU F 7 -9.62 64.24 0.08
N PHE F 8 -8.76 64.38 1.06
CA PHE F 8 -8.12 65.66 1.42
C PHE F 8 -6.81 65.28 2.10
N THR F 9 -5.89 66.23 2.09
CA THR F 9 -4.61 66.12 2.76
C THR F 9 -4.87 66.18 4.26
N SER F 10 -4.41 65.16 4.96
CA SER F 10 -4.35 65.10 6.44
C SER F 10 -3.69 66.39 6.94
N HIS F 11 -4.07 66.81 8.14
CA HIS F 11 -3.32 67.81 8.94
C HIS F 11 -1.82 67.43 9.08
N ASN F 12 -1.38 66.19 8.80
CA ASN F 12 0.03 65.75 9.01
C ASN F 12 0.87 66.11 7.77
N GLY F 13 0.21 66.57 6.71
CA GLY F 13 0.88 67.00 5.46
C GLY F 13 1.45 65.85 4.64
N ARG F 14 1.24 64.61 5.06
CA ARG F 14 1.74 63.35 4.41
C ARG F 14 0.59 62.63 3.68
N ASP F 15 -0.43 62.18 4.39
CA ASP F 15 -1.49 61.28 3.84
C ASP F 15 -2.58 62.03 3.06
N ALA F 16 -3.00 61.46 1.93
CA ALA F 16 -4.32 61.68 1.29
C ALA F 16 -5.35 60.80 2.03
N ILE F 17 -6.09 61.39 2.98
CA ILE F 17 -7.24 60.80 3.74
C ILE F 17 -8.32 60.32 2.75
N GLN F 18 -8.58 59.02 2.68
CA GLN F 18 -9.64 58.40 1.87
C GLN F 18 -10.96 58.50 2.63
N ALA F 19 -11.97 59.10 1.99
CA ALA F 19 -13.26 59.42 2.61
C ALA F 19 -14.36 59.14 1.60
N TRP F 20 -15.57 58.87 2.09
CA TRP F 20 -16.79 58.62 1.30
C TRP F 20 -17.95 59.36 1.95
N ALA F 21 -18.87 59.87 1.14
CA ALA F 21 -20.24 60.22 1.55
C ALA F 21 -21.19 59.31 0.77
N TYR F 22 -22.15 58.71 1.50
CA TYR F 22 -23.22 57.84 0.97
C TYR F 22 -24.53 58.61 1.17
N GLU F 23 -25.23 58.95 0.09
CA GLU F 23 -26.52 59.71 0.18
C GLU F 23 -27.62 58.71 -0.14
N PRO F 24 -28.73 58.73 0.63
CA PRO F 24 -29.85 57.80 0.44
C PRO F 24 -30.66 58.30 -0.76
N VAL F 25 -31.48 57.40 -1.29
CA VAL F 25 -32.56 57.72 -2.25
C VAL F 25 -33.54 58.66 -1.51
N GLY F 26 -33.97 59.75 -2.13
CA GLY F 26 -34.93 60.69 -1.51
C GLY F 26 -34.25 61.70 -0.60
N THR F 27 -35.05 62.52 0.10
CA THR F 27 -34.60 63.71 0.89
C THR F 27 -34.09 63.24 2.25
N PRO F 28 -32.76 63.29 2.47
CA PRO F 28 -32.21 62.93 3.77
C PRO F 28 -32.66 63.92 4.86
N THR F 29 -32.66 63.46 6.12
CA THR F 29 -33.14 64.21 7.30
C THR F 29 -32.03 64.39 8.34
N ALA F 30 -30.86 63.78 8.11
CA ALA F 30 -29.73 63.90 9.05
C ALA F 30 -28.47 63.39 8.36
N VAL F 31 -27.34 63.89 8.83
CA VAL F 31 -25.99 63.38 8.51
C VAL F 31 -25.53 62.57 9.72
N VAL F 32 -25.03 61.36 9.49
CA VAL F 32 -24.22 60.57 10.47
C VAL F 32 -22.78 60.48 9.97
N GLN F 33 -21.85 60.96 10.79
CA GLN F 33 -20.41 60.83 10.59
C GLN F 33 -19.97 59.64 11.44
N ILE F 34 -19.51 58.55 10.78
CA ILE F 34 -18.93 57.38 11.47
C ILE F 34 -17.41 57.60 11.59
N ILE F 35 -16.89 57.36 12.78
CA ILE F 35 -15.44 57.46 13.13
C ILE F 35 -15.03 56.10 13.70
N HIS F 36 -14.29 55.35 12.89
CA HIS F 36 -13.86 53.98 13.20
C HIS F 36 -12.76 54.04 14.25
N GLY F 37 -12.49 52.89 14.85
CA GLY F 37 -11.49 52.70 15.91
C GLY F 37 -10.16 52.18 15.39
N LEU F 38 -9.28 51.80 16.32
CA LEU F 38 -7.92 51.30 16.01
C LEU F 38 -7.99 49.96 15.28
N GLY F 39 -7.07 49.78 14.33
CA GLY F 39 -6.88 48.55 13.52
C GLY F 39 -8.12 48.15 12.72
N GLU F 40 -8.96 49.11 12.31
CA GLU F 40 -10.11 48.76 11.43
C GLU F 40 -10.27 49.92 10.45
N HIS F 41 -11.40 50.01 9.78
CA HIS F 41 -11.57 51.00 8.70
C HIS F 41 -13.05 51.28 8.47
N SER F 42 -13.37 52.32 7.72
CA SER F 42 -14.76 52.85 7.62
C SER F 42 -15.62 51.97 6.71
N ARG F 43 -15.04 51.19 5.79
CA ARG F 43 -15.84 50.34 4.85
C ARG F 43 -16.19 49.01 5.51
N ARG F 44 -15.67 48.77 6.71
CA ARG F 44 -16.08 47.64 7.59
C ARG F 44 -17.51 47.86 8.09
N TYR F 45 -18.05 49.08 8.01
CA TYR F 45 -19.38 49.46 8.57
C TYR F 45 -20.46 49.34 7.47
N LEU F 46 -20.28 48.41 6.53
CA LEU F 46 -21.16 48.29 5.34
C LEU F 46 -22.60 48.13 5.82
N HIS F 47 -22.82 47.24 6.77
CA HIS F 47 -24.17 46.92 7.31
C HIS F 47 -24.78 48.18 7.95
N MET F 48 -24.06 48.90 8.79
CA MET F 48 -24.54 50.10 9.50
C MET F 48 -24.83 51.22 8.47
N ILE F 49 -23.97 51.37 7.47
CA ILE F 49 -24.14 52.43 6.43
C ILE F 49 -25.44 52.12 5.68
N SER F 50 -25.63 50.87 5.26
CA SER F 50 -26.82 50.51 4.46
C SER F 50 -28.09 50.69 5.33
N ALA F 51 -28.04 50.37 6.63
CA ALA F 51 -29.21 50.57 7.51
C ALA F 51 -29.48 52.07 7.75
N LEU F 52 -28.44 52.91 7.79
CA LEU F 52 -28.59 54.38 8.01
C LEU F 52 -29.18 55.02 6.75
N LEU F 53 -28.75 54.56 5.55
CA LEU F 53 -29.27 55.02 4.23
C LEU F 53 -30.77 54.65 4.13
N ASP F 54 -31.18 53.45 4.57
CA ASP F 54 -32.61 52.99 4.58
C ASP F 54 -33.43 53.94 5.46
N ALA F 55 -32.85 54.39 6.56
CA ALA F 55 -33.49 55.30 7.54
C ALA F 55 -33.53 56.72 6.97
N GLY F 56 -32.90 56.99 5.84
CA GLY F 56 -32.92 58.29 5.17
C GLY F 56 -31.85 59.26 5.68
N PHE F 57 -30.69 58.77 6.09
CA PHE F 57 -29.60 59.64 6.61
C PHE F 57 -28.44 59.67 5.61
N VAL F 58 -27.78 60.81 5.52
CA VAL F 58 -26.46 60.89 4.85
C VAL F 58 -25.42 60.33 5.82
N VAL F 59 -24.56 59.46 5.30
CA VAL F 59 -23.42 58.85 6.05
C VAL F 59 -22.11 59.37 5.45
N ILE F 60 -21.24 59.88 6.29
CA ILE F 60 -19.89 60.31 5.82
C ILE F 60 -18.88 59.62 6.75
N ALA F 61 -17.74 59.19 6.22
CA ALA F 61 -16.74 58.38 6.94
C ALA F 61 -15.43 58.45 6.19
N ASP F 62 -14.32 58.44 6.91
CA ASP F 62 -12.96 58.38 6.34
C ASP F 62 -12.20 57.26 7.04
N ASP F 63 -11.21 56.74 6.35
CA ASP F 63 -10.13 55.89 6.91
C ASP F 63 -9.08 56.84 7.48
N HIS F 64 -8.88 56.83 8.80
CA HIS F 64 -7.96 57.83 9.45
C HIS F 64 -6.51 57.60 8.99
N ALA F 65 -5.65 58.54 9.32
CA ALA F 65 -4.19 58.46 9.09
C ALA F 65 -3.75 57.15 9.71
N GLY F 66 -2.96 56.37 8.99
CA GLY F 66 -2.39 55.10 9.49
C GLY F 66 -3.39 53.94 9.42
N HIS F 67 -4.58 54.13 8.87
CA HIS F 67 -5.64 53.07 8.87
C HIS F 67 -6.21 52.86 7.49
N GLY F 68 -6.76 51.68 7.24
CA GLY F 68 -7.53 51.39 6.02
C GLY F 68 -6.85 51.85 4.72
N ARG F 69 -7.68 52.35 3.82
CA ARG F 69 -7.28 52.74 2.46
C ARG F 69 -6.32 53.92 2.58
N THR F 70 -6.44 54.71 3.63
CA THR F 70 -5.48 55.83 3.85
C THR F 70 -4.06 55.26 3.97
N ALA F 71 -3.87 54.19 4.75
CA ALA F 71 -2.58 53.49 4.94
C ALA F 71 -2.21 52.71 3.66
N MET F 72 -3.18 52.13 2.97
CA MET F 72 -2.94 51.27 1.78
C MET F 72 -2.36 52.17 0.66
N GLN F 73 -2.88 53.39 0.48
CA GLN F 73 -2.43 54.36 -0.55
C GLN F 73 -1.16 55.09 -0.10
N SER F 74 -0.94 55.25 1.20
CA SER F 74 0.24 55.97 1.75
C SER F 74 1.41 54.98 1.99
N GLY F 75 1.14 53.71 2.35
CA GLY F 75 2.15 52.70 2.76
C GLY F 75 2.57 52.76 4.25
N VAL F 76 2.05 53.71 5.04
CA VAL F 76 2.38 53.94 6.48
C VAL F 76 1.20 53.45 7.33
N TRP F 77 1.39 52.46 8.19
CA TRP F 77 0.31 51.90 9.04
C TRP F 77 0.54 52.28 10.50
N ALA F 78 -0.53 52.53 11.24
CA ALA F 78 -0.44 52.68 12.70
C ALA F 78 0.60 53.77 13.02
N ASP F 79 0.65 54.79 12.19
CA ASP F 79 1.30 56.08 12.51
C ASP F 79 0.54 57.18 11.76
N ALA F 80 0.43 58.35 12.38
CA ALA F 80 -0.38 59.48 11.86
C ALA F 80 0.45 60.74 11.82
N GLY F 81 1.74 60.66 12.12
CA GLY F 81 2.63 61.84 12.14
C GLY F 81 2.86 62.33 13.54
N ASP F 82 3.64 63.41 13.69
CA ASP F 82 3.78 64.13 14.99
C ASP F 82 2.37 64.59 15.44
N ASN F 83 2.16 64.78 16.75
CA ASN F 83 0.90 65.34 17.29
C ASN F 83 -0.27 64.49 16.78
N ALA F 84 -0.20 63.17 16.95
CA ALA F 84 -1.16 62.24 16.32
C ALA F 84 -2.57 62.57 16.78
N ALA F 85 -2.77 62.84 18.08
CA ALA F 85 -4.10 63.17 18.63
C ALA F 85 -4.69 64.33 17.85
N GLU F 86 -3.96 65.43 17.74
CA GLU F 86 -4.37 66.67 17.04
C GLU F 86 -4.64 66.35 15.55
N VAL F 87 -3.86 65.46 14.94
CA VAL F 87 -4.03 65.15 13.49
C VAL F 87 -5.41 64.52 13.27
N VAL F 88 -5.77 63.46 13.99
CA VAL F 88 -7.04 62.73 13.68
C VAL F 88 -8.27 63.59 14.08
N ILE F 89 -8.20 64.39 15.15
CA ILE F 89 -9.28 65.37 15.51
C ILE F 89 -9.45 66.37 14.36
N SER F 90 -8.40 67.05 13.98
CA SER F 90 -8.40 68.03 12.84
C SER F 90 -8.91 67.38 11.55
N ASP F 91 -8.51 66.14 11.22
CA ASP F 91 -9.03 65.45 10.00
C ASP F 91 -10.54 65.17 10.14
N GLU F 92 -11.04 64.83 11.33
CA GLU F 92 -12.50 64.59 11.52
C GLU F 92 -13.28 65.90 11.32
N LEU F 93 -12.74 67.06 11.74
CA LEU F 93 -13.36 68.40 11.51
C LEU F 93 -13.29 68.72 10.02
N THR F 94 -12.13 68.55 9.41
CA THR F 94 -11.99 68.66 7.93
C THR F 94 -13.03 67.78 7.21
N LEU F 95 -13.24 66.54 7.62
CA LEU F 95 -14.27 65.70 6.96
C LEU F 95 -15.64 66.41 7.01
N GLN F 96 -16.01 67.05 8.12
CA GLN F 96 -17.33 67.75 8.22
C GLN F 96 -17.49 68.81 7.11
N GLN F 97 -16.43 69.50 6.73
CA GLN F 97 -16.43 70.63 5.76
C GLN F 97 -16.41 70.15 4.30
N GLN F 98 -16.22 68.86 4.04
CA GLN F 98 -16.33 68.28 2.66
C GLN F 98 -17.79 68.29 2.17
N LEU F 99 -18.76 68.45 3.08
CA LEU F 99 -20.22 68.52 2.75
C LEU F 99 -20.75 69.96 2.86
N ALA F 100 -19.86 70.94 3.08
CA ALA F 100 -20.17 72.40 3.12
C ALA F 100 -20.97 72.81 1.88
N GLY F 101 -22.14 73.42 2.12
CA GLY F 101 -23.08 73.87 1.07
C GLY F 101 -24.14 72.81 0.73
N GLN F 102 -23.89 71.53 1.01
CA GLN F 102 -24.75 70.44 0.49
C GLN F 102 -25.84 70.13 1.50
N PHE F 103 -25.61 70.30 2.79
CA PHE F 103 -26.52 69.78 3.85
C PHE F 103 -26.46 70.65 5.11
N ASP F 104 -26.29 71.96 4.94
CA ASP F 104 -26.06 72.90 6.08
C ASP F 104 -27.26 72.92 7.04
N ASP F 105 -28.46 72.61 6.57
CA ASP F 105 -29.73 72.71 7.35
C ASP F 105 -29.98 71.39 8.12
N LEU F 106 -29.26 70.31 7.79
CA LEU F 106 -29.52 68.97 8.40
C LEU F 106 -28.80 68.89 9.74
N PRO F 107 -29.41 68.24 10.74
CA PRO F 107 -28.71 67.87 11.97
C PRO F 107 -27.58 66.86 11.73
N TRP F 108 -26.47 67.02 12.46
CA TRP F 108 -25.21 66.25 12.33
C TRP F 108 -25.02 65.40 13.60
N VAL F 109 -25.04 64.07 13.47
CA VAL F 109 -24.73 63.16 14.60
C VAL F 109 -23.41 62.44 14.29
N VAL F 110 -22.54 62.41 15.28
CA VAL F 110 -21.22 61.70 15.24
C VAL F 110 -21.41 60.41 15.99
N PHE F 111 -21.10 59.29 15.35
CA PHE F 111 -21.05 57.94 15.95
C PHE F 111 -19.59 57.55 15.98
N GLY F 112 -19.04 57.30 17.18
CA GLY F 112 -17.60 56.97 17.30
C GLY F 112 -17.43 55.65 17.99
N HIS F 113 -16.56 54.80 17.47
CA HIS F 113 -16.26 53.47 18.08
C HIS F 113 -14.82 53.39 18.61
N SER F 114 -14.62 53.03 19.88
CA SER F 114 -13.29 52.80 20.53
C SER F 114 -12.42 54.07 20.45
N TRP F 115 -11.26 54.03 19.79
CA TRP F 115 -10.47 55.25 19.46
C TRP F 115 -11.40 56.33 18.90
N GLY F 116 -12.33 55.94 18.06
CA GLY F 116 -13.28 56.88 17.45
C GLY F 116 -14.21 57.49 18.46
N SER F 117 -14.54 56.77 19.54
CA SER F 117 -15.30 57.37 20.68
C SER F 117 -14.43 58.47 21.35
N MET F 118 -13.12 58.24 21.50
CA MET F 118 -12.21 59.21 22.13
C MET F 118 -12.05 60.41 21.19
N ILE F 119 -11.97 60.23 19.87
CA ILE F 119 -11.90 61.37 18.93
C ILE F 119 -13.21 62.18 18.98
N ALA F 120 -14.37 61.51 18.98
CA ALA F 120 -15.71 62.16 19.02
C ALA F 120 -15.79 63.02 20.29
N ARG F 121 -15.29 62.49 21.38
CA ARG F 121 -15.45 63.21 22.67
C ARG F 121 -14.56 64.44 22.65
N ALA F 122 -13.34 64.32 22.10
CA ALA F 122 -12.40 65.43 21.98
C ALA F 122 -12.99 66.46 21.01
N MET F 123 -13.61 66.02 19.92
CA MET F 123 -14.33 66.94 18.99
C MET F 123 -15.39 67.76 19.69
N ALA F 124 -16.18 67.16 20.56
CA ALA F 124 -17.35 67.80 21.20
C ALA F 124 -16.89 68.89 22.19
N THR F 125 -15.61 68.95 22.54
CA THR F 125 -15.05 69.93 23.50
C THR F 125 -14.53 71.18 22.77
N ARG F 126 -14.33 71.10 21.44
CA ARG F 126 -13.77 72.21 20.62
C ARG F 126 -14.89 73.19 20.27
N PRO F 127 -14.61 74.51 20.41
CA PRO F 127 -15.49 75.56 19.90
C PRO F 127 -15.82 75.26 18.43
N GLY F 128 -17.09 75.43 18.05
CA GLY F 128 -17.59 75.36 16.67
C GLY F 128 -17.57 73.96 16.08
N THR F 129 -17.55 72.90 16.89
CA THR F 129 -17.70 71.54 16.31
C THR F 129 -19.16 71.41 15.90
N ARG F 130 -19.39 71.05 14.64
CA ARG F 130 -20.77 70.77 14.15
C ARG F 130 -21.20 69.43 14.77
N LEU F 131 -22.05 69.48 15.80
CA LEU F 131 -22.49 68.31 16.60
C LEU F 131 -23.85 68.59 17.24
N ASP F 132 -24.90 67.94 16.72
CA ASP F 132 -26.29 68.07 17.19
C ASP F 132 -26.66 66.91 18.11
N GLY F 133 -25.83 65.87 18.14
CA GLY F 133 -26.03 64.64 18.93
C GLY F 133 -24.82 63.74 18.80
N LEU F 134 -24.46 63.07 19.89
CA LEU F 134 -23.24 62.26 20.07
C LEU F 134 -23.61 60.81 20.40
N ALA F 135 -23.13 59.87 19.60
CA ALA F 135 -23.31 58.43 19.86
C ALA F 135 -21.91 57.80 20.04
N LEU F 136 -21.66 57.17 21.18
CA LEU F 136 -20.38 56.51 21.53
C LEU F 136 -20.63 55.00 21.62
N CYS F 137 -19.79 54.22 20.94
CA CYS F 137 -19.75 52.74 20.93
C CYS F 137 -18.36 52.26 21.31
N GLY F 138 -18.25 51.14 22.03
CA GLY F 138 -16.97 50.53 22.46
C GLY F 138 -16.12 51.53 23.26
N ILE F 139 -16.76 52.25 24.19
CA ILE F 139 -16.21 53.45 24.86
C ILE F 139 -14.96 53.05 25.65
N VAL F 140 -13.90 53.85 25.52
CA VAL F 140 -12.63 53.68 26.25
C VAL F 140 -12.72 54.56 27.49
N ALA F 141 -12.94 53.96 28.65
CA ALA F 141 -13.10 54.69 29.92
C ALA F 141 -12.73 53.82 31.11
N GLN F 142 -11.64 54.21 31.77
CA GLN F 142 -11.06 53.62 33.00
C GLN F 142 -10.57 52.17 32.87
N PRO F 143 -10.00 51.71 31.74
CA PRO F 143 -9.46 50.36 31.70
C PRO F 143 -8.13 50.40 32.46
N ARG F 144 -7.75 49.29 33.11
CA ARG F 144 -6.52 49.20 33.94
C ARG F 144 -5.28 49.78 33.24
N GLY F 145 -5.07 49.44 31.96
CA GLY F 145 -3.92 49.86 31.18
C GLY F 145 -3.76 51.35 31.06
N PHE F 146 -4.77 52.08 30.60
CA PHE F 146 -4.63 53.54 30.46
C PHE F 146 -4.67 54.20 31.83
N GLU F 147 -5.39 53.62 32.78
CA GLU F 147 -5.58 54.26 34.10
C GLU F 147 -4.46 53.95 35.09
N THR F 148 -3.86 52.77 35.05
CA THR F 148 -2.89 52.47 36.12
C THR F 148 -1.61 51.77 35.63
N THR F 149 -1.68 50.90 34.62
CA THR F 149 -0.46 50.17 34.16
C THR F 149 0.46 51.03 33.29
N LEU F 150 -0.07 51.88 32.42
CA LEU F 150 0.77 52.74 31.53
C LEU F 150 1.73 53.59 32.35
N ASP F 151 3.02 53.48 32.05
CA ASP F 151 4.10 54.22 32.74
C ASP F 151 4.36 55.50 31.94
N HIS F 152 3.91 56.64 32.44
CA HIS F 152 3.99 57.93 31.71
C HIS F 152 5.46 58.37 31.69
N LYS F 153 6.27 57.81 32.58
CA LYS F 153 7.71 58.14 32.67
C LYS F 153 8.42 57.41 31.52
N THR F 154 8.20 56.10 31.39
CA THR F 154 8.74 55.26 30.29
C THR F 154 8.30 55.86 28.95
N LEU F 155 7.04 56.31 28.86
CA LEU F 155 6.48 56.84 27.58
C LEU F 155 7.21 58.12 27.21
N ALA F 156 7.42 59.03 28.17
CA ALA F 156 8.12 60.34 28.02
C ALA F 156 9.54 60.13 27.49
N LYS F 157 10.27 59.20 28.12
CA LYS F 157 11.69 58.85 27.77
C LYS F 157 11.74 58.28 26.34
N ALA F 158 10.80 57.39 25.97
CA ALA F 158 10.71 56.81 24.60
C ALA F 158 10.43 57.93 23.59
N MET F 159 9.61 58.94 23.96
CA MET F 159 9.21 60.06 23.06
C MET F 159 10.39 61.01 22.86
N ALA F 160 11.19 61.27 23.90
CA ALA F 160 12.42 62.10 23.80
C ALA F 160 13.53 61.33 23.07
N THR F 161 13.56 60.01 23.18
CA THR F 161 14.65 59.21 22.55
C THR F 161 14.33 58.83 21.11
N ALA F 162 13.16 58.28 20.84
CA ALA F 162 12.86 57.81 19.47
C ALA F 162 11.35 57.83 19.21
N PRO F 163 10.75 59.00 18.94
CA PRO F 163 9.32 59.11 18.73
C PRO F 163 8.77 58.48 17.45
N THR F 164 9.61 58.38 16.44
CA THR F 164 9.27 57.89 15.09
C THR F 164 9.47 56.37 14.98
N ASP F 165 10.29 55.80 15.87
CA ASP F 165 10.56 54.34 15.87
C ASP F 165 9.35 53.59 16.43
N PRO F 166 9.16 52.29 16.11
CA PRO F 166 8.03 51.51 16.62
C PRO F 166 7.94 51.55 18.15
N ALA F 167 6.73 51.68 18.69
CA ALA F 167 6.52 51.75 20.15
C ALA F 167 7.17 50.52 20.79
N PRO F 168 8.02 50.66 21.81
CA PRO F 168 8.53 49.50 22.53
C PRO F 168 7.38 48.59 22.95
N GLU F 169 7.58 47.28 22.85
CA GLU F 169 6.64 46.21 23.27
C GLU F 169 5.99 46.54 24.62
N ALA F 170 6.77 46.96 25.62
CA ALA F 170 6.30 47.14 27.01
C ALA F 170 5.24 48.25 27.10
N LEU F 171 5.43 49.38 26.41
CA LEU F 171 4.40 50.45 26.39
C LEU F 171 3.10 49.97 25.73
N VAL F 172 3.16 49.21 24.63
CA VAL F 172 1.95 48.70 23.94
C VAL F 172 1.22 47.73 24.87
N ALA F 173 1.95 46.82 25.50
CA ALA F 173 1.41 45.81 26.41
C ALA F 173 0.81 46.54 27.62
N GLN F 174 1.45 47.59 28.07
CA GLN F 174 0.99 48.37 29.24
C GLN F 174 -0.34 49.00 28.88
N MET F 175 -0.37 49.72 27.77
CA MET F 175 -1.56 50.51 27.40
C MET F 175 -2.81 49.61 27.35
N PHE F 176 -2.68 48.37 26.86
CA PHE F 176 -3.79 47.41 26.55
C PHE F 176 -3.89 46.31 27.63
N ASP F 177 -3.14 46.46 28.72
CA ASP F 177 -3.27 45.60 29.90
C ASP F 177 -4.71 45.72 30.39
N GLY F 178 -5.32 44.59 30.71
CA GLY F 178 -6.78 44.53 30.94
C GLY F 178 -7.55 43.88 29.80
N PHE F 179 -7.15 43.99 28.55
CA PHE F 179 -7.98 43.50 27.42
C PHE F 179 -8.15 41.98 27.45
N ALA F 180 -7.24 41.24 28.07
CA ALA F 180 -7.33 39.78 28.04
C ALA F 180 -7.77 39.19 29.38
N ASP F 181 -8.21 40.04 30.31
CA ASP F 181 -8.63 39.64 31.69
C ASP F 181 -9.70 38.56 31.71
N ARG F 182 -10.67 38.60 30.81
CA ARG F 182 -11.80 37.61 30.91
C ARG F 182 -11.75 36.58 29.77
N LEU F 183 -10.64 36.47 29.02
CA LEU F 183 -10.53 35.49 27.88
C LEU F 183 -10.03 34.13 28.35
N SER F 184 -10.58 33.04 27.84
CA SER F 184 -9.91 31.71 27.96
C SER F 184 -8.96 31.55 26.76
N GLU F 185 -8.13 30.50 26.78
CA GLU F 185 -7.19 30.10 25.70
C GLU F 185 -7.93 30.08 24.35
N ASP F 186 -9.05 29.36 24.32
CA ASP F 186 -9.91 29.06 23.15
C ASP F 186 -10.41 30.36 22.46
N ASP F 187 -10.47 31.51 23.12
CA ASP F 187 -10.92 32.83 22.58
C ASP F 187 -9.81 33.47 21.71
N GLY F 188 -8.55 33.09 21.95
CA GLY F 188 -7.40 33.62 21.22
C GLY F 188 -7.08 35.02 21.74
N PRO F 189 -5.97 35.61 21.31
CA PRO F 189 -5.49 36.83 21.95
C PRO F 189 -6.35 38.08 21.68
N THR F 190 -7.14 38.07 20.60
CA THR F 190 -8.08 39.16 20.18
C THR F 190 -9.53 38.78 20.50
N GLY F 191 -9.73 37.74 21.31
CA GLY F 191 -11.07 37.33 21.80
C GLY F 191 -11.91 38.49 22.34
N TRP F 192 -11.26 39.54 22.81
CA TRP F 192 -11.95 40.69 23.42
C TRP F 192 -12.74 41.44 22.33
N VAL F 193 -12.39 41.29 21.05
CA VAL F 193 -13.06 42.08 19.97
C VAL F 193 -14.58 41.79 20.00
N ALA F 194 -14.97 40.53 20.16
CA ALA F 194 -16.38 40.08 20.10
C ALA F 194 -16.49 38.67 20.70
N ARG F 195 -17.62 38.32 21.31
CA ARG F 195 -17.90 36.93 21.72
C ARG F 195 -17.98 36.06 20.46
N SER F 196 -18.54 36.58 19.38
CA SER F 196 -18.63 35.78 18.12
C SER F 196 -17.20 35.52 17.59
N LYS F 197 -16.82 34.23 17.49
CA LYS F 197 -15.55 33.76 16.85
C LYS F 197 -15.44 34.26 15.38
N GLU F 198 -16.53 34.18 14.61
CA GLU F 198 -16.62 34.56 13.18
C GLU F 198 -16.11 36.00 13.01
N VAL F 199 -16.64 36.90 13.82
CA VAL F 199 -16.30 38.36 13.82
C VAL F 199 -14.83 38.55 14.09
N VAL F 200 -14.31 37.82 15.09
CA VAL F 200 -12.87 37.94 15.47
C VAL F 200 -11.98 37.48 14.30
N ALA F 201 -12.24 36.31 13.73
CA ALA F 201 -11.44 35.77 12.60
C ALA F 201 -11.52 36.74 11.41
N ASP F 202 -12.72 37.21 11.05
CA ASP F 202 -12.89 38.21 9.95
C ASP F 202 -12.06 39.46 10.25
N HIS F 203 -12.16 39.99 11.46
CA HIS F 203 -11.35 41.13 11.94
C HIS F 203 -9.87 40.83 11.69
N GLY F 204 -9.44 39.57 11.91
CA GLY F 204 -8.04 39.13 11.65
C GLY F 204 -7.69 39.09 10.18
N LYS F 205 -8.59 38.63 9.31
CA LYS F 205 -8.36 38.42 7.85
C LYS F 205 -8.39 39.76 7.09
N ASP F 206 -9.30 40.67 7.46
CA ASP F 206 -9.61 41.88 6.64
C ASP F 206 -8.30 42.64 6.36
N LYS F 207 -7.90 42.73 5.08
CA LYS F 207 -6.62 43.36 4.65
C LYS F 207 -6.67 44.87 4.95
N PHE F 208 -7.85 45.50 4.99
CA PHE F 208 -8.02 46.92 5.34
C PHE F 208 -7.97 47.13 6.85
N ASN F 209 -7.94 46.06 7.66
CA ASN F 209 -7.58 46.17 9.10
C ASN F 209 -6.06 46.14 9.27
N ASN F 210 -5.38 45.22 8.58
CA ASN F 210 -3.91 44.96 8.73
C ASN F 210 -3.62 44.95 10.23
N PHE F 211 -4.52 44.37 11.02
CA PHE F 211 -4.48 44.41 12.51
C PHE F 211 -3.14 43.80 12.97
N GLY F 212 -2.49 44.46 13.95
CA GLY F 212 -1.15 44.10 14.48
C GLY F 212 0.00 44.63 13.65
N ALA F 213 -0.24 45.59 12.76
CA ALA F 213 0.80 46.49 12.22
C ALA F 213 1.34 47.21 13.44
N PRO F 214 2.66 47.16 13.67
CA PRO F 214 3.23 47.73 14.89
C PRO F 214 3.06 49.25 14.85
N MET F 215 2.55 49.84 15.91
CA MET F 215 2.34 51.30 15.92
C MET F 215 3.65 51.96 16.40
N SER F 216 3.85 53.20 15.98
CA SER F 216 4.98 54.08 16.37
C SER F 216 4.78 54.62 17.79
N THR F 217 5.88 55.02 18.41
CA THR F 217 5.97 55.64 19.75
C THR F 217 5.05 56.86 19.80
N ARG F 218 5.08 57.72 18.79
CA ARG F 218 4.34 59.02 18.80
C ARG F 218 2.86 58.74 18.54
N PHE F 219 2.54 57.67 17.83
CA PHE F 219 1.13 57.22 17.68
C PHE F 219 0.60 56.79 19.04
N LEU F 220 1.42 56.15 19.86
CA LEU F 220 1.00 55.63 21.18
C LEU F 220 0.86 56.82 22.15
N GLN F 221 1.74 57.82 22.08
CA GLN F 221 1.60 59.13 22.78
C GLN F 221 0.26 59.74 22.37
N GLY F 222 -0.11 59.65 21.08
CA GLY F 222 -1.42 60.09 20.58
C GLY F 222 -2.58 59.38 21.30
N LEU F 223 -2.44 58.09 21.59
CA LEU F 223 -3.53 57.34 22.28
C LEU F 223 -3.68 57.86 23.71
N ALA F 224 -2.58 58.04 24.45
CA ALA F 224 -2.53 58.57 25.83
C ALA F 224 -3.06 59.98 25.84
N ASP F 225 -2.65 60.79 24.87
CA ASP F 225 -3.11 62.19 24.76
C ASP F 225 -4.62 62.19 24.56
N ILE F 226 -5.18 61.37 23.66
CA ILE F 226 -6.62 61.51 23.27
C ILE F 226 -7.50 60.86 24.35
N TYR F 227 -7.03 59.79 24.99
CA TYR F 227 -7.64 59.18 26.18
C TYR F 227 -7.88 60.24 27.27
N ALA F 228 -6.86 61.04 27.61
CA ALA F 228 -6.92 62.11 28.63
C ALA F 228 -7.86 63.23 28.17
N MET F 229 -7.86 63.59 26.90
CA MET F 229 -8.80 64.61 26.36
C MET F 229 -10.24 64.12 26.50
N ALA F 230 -10.48 62.84 26.21
CA ALA F 230 -11.80 62.22 26.12
C ALA F 230 -12.37 61.97 27.52
N ASN F 231 -11.52 61.69 28.52
CA ASN F 231 -11.91 61.24 29.88
C ASN F 231 -11.55 62.26 30.97
N GLY F 232 -11.11 63.46 30.61
CA GLY F 232 -10.59 64.49 31.55
C GLY F 232 -11.56 65.64 31.77
N ASP F 233 -11.30 66.40 32.84
CA ASP F 233 -12.31 67.23 33.54
C ASP F 233 -12.94 68.19 32.54
N SER F 234 -12.17 68.58 31.52
CA SER F 234 -12.57 69.61 30.53
C SER F 234 -13.58 69.05 29.52
N PHE F 235 -13.54 67.74 29.26
CA PHE F 235 -14.57 67.07 28.45
C PHE F 235 -15.94 67.17 29.15
N TYR F 236 -15.98 66.69 30.38
CA TYR F 236 -17.20 66.65 31.22
C TYR F 236 -17.77 68.06 31.41
N ALA F 237 -16.92 69.09 31.47
CA ALA F 237 -17.31 70.47 31.87
C ALA F 237 -17.78 71.23 30.64
N THR F 238 -17.28 70.92 29.45
CA THR F 238 -17.66 71.70 28.25
C THR F 238 -18.60 70.89 27.37
N MET F 239 -18.75 69.58 27.58
CA MET F 239 -19.69 68.75 26.77
C MET F 239 -20.98 69.53 26.57
N PRO F 240 -21.35 69.92 25.34
CA PRO F 240 -22.61 70.60 25.08
C PRO F 240 -23.88 69.83 25.51
N ASN F 241 -24.97 70.55 25.73
CA ASN F 241 -26.27 70.02 26.23
C ASN F 241 -27.08 69.56 25.02
N ILE F 242 -26.67 68.40 24.48
CA ILE F 242 -27.26 67.72 23.30
C ILE F 242 -27.51 66.26 23.67
N PRO F 243 -28.42 65.57 22.96
CA PRO F 243 -28.57 64.12 23.12
C PRO F 243 -27.23 63.36 22.99
N ILE F 244 -27.02 62.46 23.95
CA ILE F 244 -25.90 61.51 24.02
C ILE F 244 -26.51 60.10 24.16
N VAL F 245 -26.02 59.15 23.35
CA VAL F 245 -26.28 57.70 23.53
C VAL F 245 -24.95 56.94 23.61
N LEU F 246 -24.88 55.92 24.48
CA LEU F 246 -23.69 55.06 24.73
C LEU F 246 -24.05 53.59 24.46
N PHE F 247 -23.25 52.93 23.64
CA PHE F 247 -23.30 51.47 23.42
C PHE F 247 -22.00 50.83 23.89
N ALA F 248 -22.11 49.81 24.76
CA ALA F 248 -20.98 48.97 25.20
C ALA F 248 -21.46 47.55 25.51
N GLY F 249 -20.57 46.58 25.33
CA GLY F 249 -20.71 45.24 25.91
C GLY F 249 -20.32 45.27 27.38
N SER F 250 -21.09 44.59 28.23
CA SER F 250 -20.76 44.45 29.67
C SER F 250 -19.41 43.75 29.79
N GLU F 251 -19.04 42.90 28.81
CA GLU F 251 -17.74 42.15 28.84
C GLU F 251 -16.71 42.80 27.90
N ASP F 252 -16.85 44.11 27.66
CA ASP F 252 -15.88 44.89 26.85
C ASP F 252 -14.85 45.48 27.78
N PRO F 253 -13.56 45.11 27.68
CA PRO F 253 -12.54 45.67 28.55
C PRO F 253 -12.24 47.15 28.38
N ALA F 254 -12.46 47.70 27.18
CA ALA F 254 -12.14 49.12 26.85
C ALA F 254 -12.84 50.06 27.83
N GLY F 255 -14.00 49.65 28.33
CA GLY F 255 -14.78 50.43 29.30
C GLY F 255 -14.80 49.76 30.66
N ASP F 256 -13.70 49.13 31.05
CA ASP F 256 -13.57 48.46 32.36
C ASP F 256 -14.79 47.54 32.57
N PHE F 257 -15.15 46.79 31.54
CA PHE F 257 -16.22 45.77 31.55
C PHE F 257 -17.49 46.42 32.10
N GLY F 258 -17.86 47.60 31.59
CA GLY F 258 -19.14 48.25 31.92
C GLY F 258 -19.02 49.27 33.01
N THR F 259 -18.07 49.10 33.91
CA THR F 259 -17.86 49.99 35.08
C THR F 259 -17.46 51.40 34.62
N GLY F 260 -16.61 51.54 33.60
CA GLY F 260 -16.10 52.84 33.15
C GLY F 260 -17.16 53.58 32.38
N VAL F 261 -17.99 52.84 31.65
CA VAL F 261 -19.14 53.39 30.88
C VAL F 261 -20.20 53.95 31.86
N LYS F 262 -20.59 53.15 32.85
CA LYS F 262 -21.49 53.63 33.93
C LYS F 262 -20.91 54.93 34.53
N ALA F 263 -19.61 55.03 34.82
CA ALA F 263 -18.98 56.25 35.37
C ALA F 263 -19.12 57.42 34.39
N VAL F 264 -18.99 57.18 33.09
CA VAL F 264 -19.20 58.25 32.08
C VAL F 264 -20.66 58.73 32.14
N ALA F 265 -21.64 57.81 32.07
CA ALA F 265 -23.07 58.15 32.04
C ALA F 265 -23.40 58.91 33.32
N GLU F 266 -22.91 58.43 34.44
CA GLU F 266 -23.31 58.97 35.75
C GLU F 266 -22.70 60.37 35.89
N ARG F 267 -21.52 60.61 35.33
CA ARG F 267 -20.81 61.89 35.54
C ARG F 267 -21.47 62.93 34.64
N LEU F 268 -21.76 62.56 33.40
CA LEU F 268 -22.55 63.43 32.50
C LEU F 268 -23.91 63.70 33.16
N ARG F 269 -24.48 62.74 33.85
CA ARG F 269 -25.88 62.87 34.37
C ARG F 269 -25.85 63.84 35.54
N ARG F 270 -24.89 63.68 36.45
CA ARG F 270 -24.64 64.55 37.63
C ARG F 270 -24.40 66.01 37.19
N ASP F 271 -23.96 66.26 35.95
CA ASP F 271 -23.71 67.63 35.39
C ASP F 271 -24.91 68.06 34.50
N GLY F 272 -26.03 67.33 34.58
CA GLY F 272 -27.34 67.75 34.04
C GLY F 272 -27.62 67.24 32.64
N HIS F 273 -26.85 66.27 32.12
CA HIS F 273 -26.93 65.83 30.69
C HIS F 273 -28.00 64.74 30.51
N ASN F 274 -28.58 64.71 29.32
CA ASN F 274 -29.52 63.68 28.84
C ASN F 274 -28.69 62.53 28.24
N VAL F 275 -28.54 61.40 28.95
CA VAL F 275 -27.69 60.24 28.54
C VAL F 275 -28.54 58.99 28.38
N GLU F 276 -28.52 58.37 27.21
CA GLU F 276 -29.17 57.06 26.96
C GLU F 276 -28.08 55.98 26.98
N LEU F 277 -28.18 55.00 27.88
CA LEU F 277 -27.17 53.92 28.05
C LEU F 277 -27.74 52.58 27.56
N HIS F 278 -27.06 51.94 26.61
CA HIS F 278 -27.32 50.55 26.18
C HIS F 278 -26.09 49.73 26.51
N LEU F 279 -26.24 48.88 27.51
CA LEU F 279 -25.26 47.93 28.02
C LEU F 279 -25.73 46.54 27.61
N TYR F 280 -24.94 45.82 26.82
CA TYR F 280 -25.35 44.50 26.28
C TYR F 280 -24.69 43.40 27.09
N ASP F 281 -25.49 42.71 27.94
CA ASP F 281 -25.03 41.62 28.85
C ASP F 281 -24.41 40.48 28.03
N GLY F 282 -23.20 40.07 28.43
CA GLY F 282 -22.49 38.90 27.89
C GLY F 282 -21.72 39.21 26.61
N LEU F 283 -21.67 40.48 26.15
CA LEU F 283 -21.02 40.82 24.86
C LEU F 283 -19.78 41.69 25.11
N ARG F 284 -18.96 41.79 24.06
CA ARG F 284 -17.55 42.23 24.15
C ARG F 284 -17.44 43.57 23.41
N HIS F 285 -16.31 43.84 22.75
CA HIS F 285 -15.98 45.23 22.36
C HIS F 285 -16.92 45.73 21.23
N GLU F 286 -17.13 44.91 20.21
CA GLU F 286 -17.79 45.36 18.95
C GLU F 286 -19.29 45.04 19.00
N VAL F 287 -20.06 45.70 19.87
CA VAL F 287 -21.52 45.39 20.03
C VAL F 287 -22.29 45.76 18.76
N HIS F 288 -21.76 46.62 17.90
CA HIS F 288 -22.27 46.89 16.54
C HIS F 288 -22.01 45.73 15.56
N ASN F 289 -21.13 44.78 15.87
CA ASN F 289 -20.81 43.69 14.91
C ASN F 289 -21.30 42.36 15.48
N GLU F 290 -21.51 42.25 16.80
CA GLU F 290 -21.95 41.01 17.47
C GLU F 290 -23.32 40.66 16.93
N PRO F 291 -23.55 39.43 16.38
CA PRO F 291 -24.83 39.07 15.77
C PRO F 291 -26.02 39.25 16.72
N GLU F 292 -25.81 39.11 18.02
CA GLU F 292 -26.93 39.15 18.99
C GLU F 292 -27.33 40.61 19.24
N SER F 293 -26.49 41.61 18.99
CA SER F 293 -26.73 43.03 19.36
C SER F 293 -26.76 43.98 18.15
N ARG F 294 -26.19 43.63 16.99
CA ARG F 294 -26.04 44.61 15.88
C ARG F 294 -27.39 45.25 15.58
N ALA F 295 -28.44 44.44 15.37
CA ALA F 295 -29.78 44.91 14.95
C ALA F 295 -30.27 45.96 15.95
N ASP F 296 -30.11 45.71 17.27
CA ASP F 296 -30.54 46.61 18.36
C ASP F 296 -29.72 47.91 18.39
N VAL F 297 -28.39 47.83 18.25
CA VAL F 297 -27.50 49.02 18.23
C VAL F 297 -27.94 49.90 17.05
N GLU F 298 -28.21 49.29 15.90
CA GLU F 298 -28.55 50.02 14.65
C GLU F 298 -29.92 50.68 14.80
N SER F 299 -30.88 50.01 15.43
CA SER F 299 -32.28 50.51 15.50
C SER F 299 -32.32 51.59 16.59
N SER F 300 -31.63 51.37 17.71
CA SER F 300 -31.44 52.39 18.77
C SER F 300 -30.77 53.64 18.18
N LEU F 301 -29.80 53.47 17.29
CA LEU F 301 -29.12 54.63 16.66
C LEU F 301 -30.09 55.37 15.71
N VAL F 302 -30.97 54.63 15.02
CA VAL F 302 -31.89 55.24 14.02
C VAL F 302 -32.88 56.12 14.82
N THR F 303 -33.53 55.55 15.82
CA THR F 303 -34.43 56.26 16.77
C THR F 303 -33.70 57.47 17.40
N PHE F 304 -32.40 57.35 17.71
CA PHE F 304 -31.63 58.44 18.34
C PHE F 304 -31.42 59.55 17.31
N VAL F 305 -31.06 59.20 16.07
CA VAL F 305 -30.85 60.23 15.03
C VAL F 305 -32.17 61.01 14.78
N ASP F 306 -33.30 60.31 14.67
CA ASP F 306 -34.68 60.83 14.43
C ASP F 306 -35.05 61.85 15.53
N ARG F 307 -34.68 61.58 16.78
CA ARG F 307 -35.03 62.40 17.96
C ARG F 307 -34.13 63.66 18.04
N VAL F 308 -32.95 63.65 17.43
CA VAL F 308 -32.01 64.83 17.36
C VAL F 308 -32.54 65.84 16.33
N ALA F 309 -33.12 65.29 15.26
CA ALA F 309 -33.86 65.95 14.15
C ALA F 309 -35.34 66.15 14.52
N ALA G 2 69.15 28.20 -27.89
CA ALA G 2 70.48 28.68 -28.44
C ALA G 2 70.28 29.33 -29.82
N LEU G 3 71.11 30.33 -30.14
CA LEU G 3 71.12 31.07 -31.44
C LEU G 3 72.45 30.91 -32.17
N GLN G 4 72.39 30.73 -33.50
CA GLN G 4 73.57 30.80 -34.40
C GLN G 4 73.30 31.80 -35.53
N GLU G 5 74.29 32.66 -35.81
CA GLU G 5 74.35 33.50 -37.04
C GLU G 5 75.28 32.77 -38.02
N ILE G 6 74.78 32.53 -39.23
CA ILE G 6 75.24 31.50 -40.20
C ILE G 6 75.33 32.12 -41.61
N GLU G 7 75.72 33.39 -41.74
CA GLU G 7 76.12 34.04 -43.02
C GLU G 7 76.95 33.13 -43.91
N PHE G 8 76.80 33.28 -45.22
CA PHE G 8 77.72 32.73 -46.23
C PHE G 8 77.54 33.56 -47.49
N THR G 9 78.44 33.38 -48.44
CA THR G 9 78.40 34.13 -49.70
C THR G 9 77.42 33.43 -50.64
N SER G 10 76.52 34.22 -51.19
CA SER G 10 75.56 33.74 -52.21
C SER G 10 76.28 33.13 -53.42
N HIS G 11 75.58 32.21 -54.09
CA HIS G 11 75.88 31.71 -55.45
C HIS G 11 76.06 32.90 -56.42
N ASN G 12 75.36 34.03 -56.21
CA ASN G 12 75.48 35.22 -57.09
C ASN G 12 76.84 35.92 -56.92
N GLY G 13 77.66 35.53 -55.92
CA GLY G 13 79.01 36.11 -55.71
C GLY G 13 79.00 37.54 -55.13
N ARG G 14 77.83 38.14 -54.90
CA ARG G 14 77.69 39.57 -54.50
C ARG G 14 77.26 39.65 -53.04
N ASP G 15 76.13 39.01 -52.70
CA ASP G 15 75.46 39.11 -51.38
C ASP G 15 76.18 38.26 -50.34
N ALA G 16 76.23 38.77 -49.10
CA ALA G 16 76.38 38.00 -47.85
C ALA G 16 74.96 37.65 -47.36
N ILE G 17 74.56 36.40 -47.60
CA ILE G 17 73.25 35.82 -47.17
C ILE G 17 73.24 35.80 -45.65
N GLN G 18 72.27 36.49 -45.07
CA GLN G 18 72.12 36.62 -43.62
C GLN G 18 71.25 35.45 -43.19
N ALA G 19 71.73 34.66 -42.24
CA ALA G 19 71.05 33.42 -41.83
C ALA G 19 71.19 33.23 -40.33
N TRP G 20 70.21 32.49 -39.79
CA TRP G 20 70.04 32.13 -38.36
C TRP G 20 69.71 30.63 -38.23
N ALA G 21 70.27 29.95 -37.22
CA ALA G 21 69.72 28.70 -36.66
C ALA G 21 69.19 28.96 -35.24
N TYR G 22 67.98 28.50 -34.95
CA TYR G 22 67.36 28.67 -33.62
C TYR G 22 67.25 27.27 -33.01
N GLU G 23 68.01 27.00 -31.94
CA GLU G 23 67.99 25.67 -31.28
C GLU G 23 67.11 25.75 -30.04
N PRO G 24 66.23 24.75 -29.84
CA PRO G 24 65.32 24.74 -28.71
C PRO G 24 66.08 24.29 -27.46
N VAL G 25 65.38 24.41 -26.35
CA VAL G 25 65.81 23.91 -25.03
C VAL G 25 65.54 22.40 -25.03
N GLY G 26 66.57 21.61 -24.75
CA GLY G 26 66.46 20.15 -24.68
C GLY G 26 66.99 19.50 -25.94
N THR G 27 66.85 18.17 -26.06
CA THR G 27 67.26 17.43 -27.26
C THR G 27 66.23 17.64 -28.38
N PRO G 28 66.64 18.22 -29.51
CA PRO G 28 65.72 18.42 -30.61
C PRO G 28 65.39 17.11 -31.36
N THR G 29 64.16 17.02 -31.90
CA THR G 29 63.62 15.84 -32.64
C THR G 29 63.52 16.11 -34.16
N ALA G 30 63.65 17.33 -34.63
CA ALA G 30 63.65 17.64 -36.08
C ALA G 30 64.29 19.01 -36.32
N VAL G 31 64.68 19.27 -37.57
CA VAL G 31 65.01 20.61 -38.15
C VAL G 31 63.86 21.06 -39.04
N VAL G 32 63.45 22.32 -38.96
CA VAL G 32 62.53 22.95 -39.91
C VAL G 32 63.25 24.11 -40.59
N GLN G 33 63.40 24.03 -41.92
CA GLN G 33 63.99 25.10 -42.75
C GLN G 33 62.79 25.95 -43.21
N ILE G 34 62.68 27.21 -42.78
CA ILE G 34 61.66 28.17 -43.31
C ILE G 34 62.25 28.93 -44.50
N ILE G 35 61.55 28.90 -45.62
CA ILE G 35 61.95 29.62 -46.86
C ILE G 35 60.88 30.69 -47.12
N HIS G 36 61.23 31.94 -46.88
CA HIS G 36 60.29 33.10 -46.97
C HIS G 36 60.00 33.44 -48.44
N GLY G 37 58.95 34.24 -48.64
CA GLY G 37 58.47 34.64 -49.96
C GLY G 37 58.96 36.00 -50.41
N LEU G 38 58.33 36.48 -51.48
CA LEU G 38 58.66 37.75 -52.20
C LEU G 38 58.28 38.92 -51.31
N GLY G 39 59.14 39.94 -51.22
CA GLY G 39 58.86 41.16 -50.44
C GLY G 39 58.67 40.92 -48.95
N GLU G 40 59.20 39.84 -48.41
CA GLU G 40 59.25 39.63 -46.93
C GLU G 40 60.64 39.11 -46.53
N HIS G 41 60.76 38.55 -45.33
CA HIS G 41 62.05 38.14 -44.72
C HIS G 41 61.78 37.11 -43.63
N SER G 42 62.82 36.42 -43.17
CA SER G 42 62.74 35.24 -42.28
C SER G 42 62.43 35.65 -40.83
N ARG G 43 62.69 36.88 -40.41
CA ARG G 43 62.54 37.28 -38.97
C ARG G 43 61.10 37.72 -38.76
N ARG G 44 60.34 37.81 -39.84
CA ARG G 44 58.88 38.03 -39.83
C ARG G 44 58.17 36.77 -39.34
N TYR G 45 58.84 35.62 -39.24
CA TYR G 45 58.24 34.29 -38.90
C TYR G 45 58.43 33.94 -37.40
N LEU G 46 58.42 34.97 -36.56
CA LEU G 46 58.92 34.96 -35.17
C LEU G 46 57.99 34.07 -34.34
N HIS G 47 56.70 34.29 -34.54
CA HIS G 47 55.63 33.59 -33.83
C HIS G 47 55.78 32.13 -34.18
N MET G 48 55.89 31.81 -35.47
CA MET G 48 56.00 30.40 -35.91
C MET G 48 57.34 29.81 -35.45
N ILE G 49 58.44 30.60 -35.49
CA ILE G 49 59.79 30.09 -35.10
C ILE G 49 59.70 29.67 -33.65
N SER G 50 59.15 30.53 -32.80
CA SER G 50 58.96 30.30 -31.35
C SER G 50 58.06 29.07 -31.15
N ALA G 51 56.97 28.95 -31.91
CA ALA G 51 56.06 27.79 -31.78
C ALA G 51 56.87 26.52 -32.06
N LEU G 52 57.76 26.57 -33.06
CA LEU G 52 58.51 25.36 -33.49
C LEU G 52 59.59 25.00 -32.46
N LEU G 53 60.22 26.00 -31.85
CA LEU G 53 61.17 25.85 -30.70
C LEU G 53 60.41 25.25 -29.49
N ASP G 54 59.17 25.70 -29.21
CA ASP G 54 58.33 25.09 -28.13
C ASP G 54 58.11 23.61 -28.46
N ALA G 55 58.01 23.20 -29.71
CA ALA G 55 57.76 21.79 -30.08
C ALA G 55 59.04 20.94 -30.11
N GLY G 56 60.22 21.52 -29.85
CA GLY G 56 61.49 20.77 -29.77
C GLY G 56 62.13 20.63 -31.13
N PHE G 57 61.94 21.58 -32.04
CA PHE G 57 62.60 21.55 -33.38
C PHE G 57 63.63 22.69 -33.47
N VAL G 58 64.72 22.38 -34.16
CA VAL G 58 65.67 23.37 -34.74
C VAL G 58 64.97 24.07 -35.90
N VAL G 59 65.00 25.39 -35.91
CA VAL G 59 64.53 26.20 -37.06
C VAL G 59 65.79 26.80 -37.69
N ILE G 60 65.93 26.72 -39.01
CA ILE G 60 66.99 27.42 -39.79
C ILE G 60 66.29 28.19 -40.92
N ALA G 61 66.55 29.48 -41.06
CA ALA G 61 66.08 30.32 -42.17
C ALA G 61 67.20 31.28 -42.59
N ASP G 62 67.12 31.79 -43.83
CA ASP G 62 67.90 32.95 -44.31
C ASP G 62 66.95 33.97 -44.93
N ASP G 63 67.44 35.21 -45.06
CA ASP G 63 66.87 36.25 -45.92
C ASP G 63 67.54 36.06 -47.29
N HIS G 64 66.73 35.79 -48.33
CA HIS G 64 67.26 35.40 -49.66
C HIS G 64 67.91 36.63 -50.31
N ALA G 65 68.80 36.39 -51.29
CA ALA G 65 69.32 37.40 -52.21
C ALA G 65 68.21 38.43 -52.49
N GLY G 66 68.48 39.72 -52.27
CA GLY G 66 67.56 40.82 -52.60
C GLY G 66 66.47 41.04 -51.56
N HIS G 67 66.56 40.38 -50.40
CA HIS G 67 65.52 40.42 -49.35
C HIS G 67 66.09 40.67 -47.95
N GLY G 68 65.24 41.25 -47.10
CA GLY G 68 65.50 41.45 -45.65
C GLY G 68 66.87 42.00 -45.33
N ARG G 69 67.52 41.41 -44.33
CA ARG G 69 68.86 41.82 -43.85
C ARG G 69 69.91 41.66 -44.95
N THR G 70 69.77 40.69 -45.84
CA THR G 70 70.70 40.47 -46.96
C THR G 70 70.67 41.69 -47.90
N ALA G 71 69.49 42.19 -48.22
CA ALA G 71 69.32 43.42 -49.03
C ALA G 71 69.80 44.62 -48.22
N MET G 72 69.55 44.62 -46.91
CA MET G 72 69.84 45.80 -46.09
C MET G 72 71.37 45.96 -46.02
N GLN G 73 72.10 44.84 -45.99
CA GLN G 73 73.58 44.80 -46.00
C GLN G 73 74.17 45.07 -47.41
N SER G 74 73.59 44.53 -48.48
CA SER G 74 74.19 44.61 -49.85
C SER G 74 73.85 45.97 -50.46
N GLY G 75 72.73 46.56 -50.05
CA GLY G 75 72.11 47.70 -50.73
C GLY G 75 71.24 47.30 -51.92
N VAL G 76 71.14 46.00 -52.25
CA VAL G 76 70.35 45.57 -53.43
C VAL G 76 69.06 44.85 -53.02
N TRP G 77 67.94 45.49 -53.37
CA TRP G 77 66.56 44.99 -53.18
C TRP G 77 66.00 44.40 -54.47
N ALA G 78 65.31 43.27 -54.37
CA ALA G 78 64.41 42.75 -55.40
C ALA G 78 65.26 42.39 -56.62
N ASP G 79 66.45 41.89 -56.35
CA ASP G 79 67.37 41.39 -57.40
C ASP G 79 68.29 40.36 -56.77
N ALA G 80 68.51 39.26 -57.45
CA ALA G 80 69.32 38.14 -56.93
C ALA G 80 70.45 37.83 -57.90
N GLY G 81 70.77 38.73 -58.83
CA GLY G 81 71.84 38.56 -59.82
C GLY G 81 71.33 37.81 -61.04
N ASP G 82 72.21 37.42 -61.96
CA ASP G 82 71.84 36.61 -63.15
C ASP G 82 71.50 35.22 -62.65
N ASN G 83 70.62 34.52 -63.35
CA ASN G 83 70.22 33.15 -63.00
C ASN G 83 69.65 33.16 -61.58
N ALA G 84 68.74 34.08 -61.33
CA ALA G 84 68.10 34.33 -60.02
C ALA G 84 67.57 33.01 -59.45
N ALA G 85 66.75 32.33 -60.22
CA ALA G 85 66.22 31.01 -59.87
C ALA G 85 67.36 30.11 -59.35
N GLU G 86 68.43 29.93 -60.11
CA GLU G 86 69.56 29.06 -59.68
C GLU G 86 70.17 29.61 -58.38
N VAL G 87 70.28 30.92 -58.25
CA VAL G 87 70.93 31.54 -57.06
C VAL G 87 70.15 31.11 -55.80
N VAL G 88 68.85 31.41 -55.77
CA VAL G 88 68.05 31.25 -54.52
C VAL G 88 67.92 29.77 -54.21
N ILE G 89 67.79 28.88 -55.21
CA ILE G 89 67.70 27.40 -54.98
C ILE G 89 69.05 27.00 -54.39
N SER G 90 70.12 27.40 -55.06
CA SER G 90 71.48 27.04 -54.64
C SER G 90 71.73 27.55 -53.20
N ASP G 91 71.28 28.74 -52.84
CA ASP G 91 71.55 29.29 -51.49
C ASP G 91 70.79 28.50 -50.41
N GLU G 92 69.61 27.95 -50.74
CA GLU G 92 68.79 27.18 -49.77
C GLU G 92 69.45 25.82 -49.49
N LEU G 93 70.07 25.21 -50.51
CA LEU G 93 70.88 23.98 -50.34
C LEU G 93 72.16 24.28 -49.52
N THR G 94 72.86 25.39 -49.76
CA THR G 94 74.03 25.83 -48.95
C THR G 94 73.57 26.10 -47.50
N LEU G 95 72.38 26.68 -47.28
CA LEU G 95 71.85 26.85 -45.90
C LEU G 95 71.80 25.51 -45.15
N GLN G 96 71.41 24.42 -45.80
CA GLN G 96 71.23 23.12 -45.14
C GLN G 96 72.60 22.65 -44.63
N GLN G 97 73.63 22.89 -45.44
CA GLN G 97 75.01 22.43 -45.17
C GLN G 97 75.63 23.24 -44.00
N GLN G 98 75.06 24.38 -43.61
CA GLN G 98 75.61 25.19 -42.49
C GLN G 98 75.41 24.43 -41.17
N LEU G 99 74.52 23.43 -41.14
CA LEU G 99 74.37 22.60 -39.94
C LEU G 99 75.02 21.22 -40.12
N ALA G 100 75.85 21.02 -41.14
CA ALA G 100 76.58 19.74 -41.33
C ALA G 100 77.27 19.34 -40.02
N GLY G 101 77.15 18.06 -39.66
CA GLY G 101 77.78 17.46 -38.47
C GLY G 101 77.06 17.81 -37.16
N GLN G 102 76.01 18.63 -37.16
CA GLN G 102 75.32 19.09 -35.91
C GLN G 102 74.04 18.27 -35.66
N PHE G 103 73.29 17.92 -36.70
CA PHE G 103 71.97 17.25 -36.58
C PHE G 103 71.76 16.28 -37.75
N ASP G 104 72.81 15.60 -38.22
CA ASP G 104 72.76 14.73 -39.42
C ASP G 104 71.73 13.61 -39.24
N ASP G 105 71.45 13.20 -38.01
CA ASP G 105 70.59 12.04 -37.68
C ASP G 105 69.14 12.51 -37.47
N LEU G 106 68.84 13.81 -37.62
CA LEU G 106 67.46 14.33 -37.37
C LEU G 106 66.73 14.40 -38.70
N PRO G 107 65.40 14.17 -38.69
CA PRO G 107 64.58 14.39 -39.86
C PRO G 107 64.52 15.88 -40.21
N TRP G 108 64.51 16.19 -41.51
CA TRP G 108 64.62 17.56 -42.02
C TRP G 108 63.37 17.93 -42.81
N VAL G 109 62.65 18.94 -42.37
CA VAL G 109 61.42 19.37 -43.04
C VAL G 109 61.59 20.80 -43.60
N VAL G 110 61.20 21.03 -44.85
CA VAL G 110 61.25 22.37 -45.47
C VAL G 110 59.83 22.94 -45.49
N PHE G 111 59.66 24.13 -44.93
CA PHE G 111 58.45 24.96 -45.04
C PHE G 111 58.75 26.15 -45.92
N GLY G 112 58.04 26.24 -47.05
CA GLY G 112 58.17 27.30 -48.05
C GLY G 112 56.85 28.00 -48.23
N HIS G 113 56.86 29.33 -48.16
CA HIS G 113 55.70 30.20 -48.41
C HIS G 113 55.88 31.01 -49.71
N SER G 114 54.88 30.96 -50.61
CA SER G 114 54.76 31.75 -51.87
C SER G 114 55.99 31.43 -52.75
N TRP G 115 56.83 32.41 -53.09
CA TRP G 115 58.09 32.18 -53.84
C TRP G 115 58.92 31.10 -53.14
N GLY G 116 58.86 31.05 -51.81
CA GLY G 116 59.54 30.02 -50.99
C GLY G 116 58.97 28.64 -51.26
N SER G 117 57.65 28.55 -51.46
CA SER G 117 56.97 27.28 -51.78
C SER G 117 57.45 26.81 -53.17
N MET G 118 57.75 27.73 -54.08
CA MET G 118 58.22 27.40 -55.45
C MET G 118 59.70 27.02 -55.32
N ILE G 119 60.47 27.68 -54.44
CA ILE G 119 61.91 27.30 -54.23
C ILE G 119 61.94 25.89 -53.64
N ALA G 120 61.11 25.61 -52.64
CA ALA G 120 61.09 24.30 -51.93
C ALA G 120 60.68 23.19 -52.90
N ARG G 121 59.83 23.48 -53.87
CA ARG G 121 59.42 22.44 -54.86
C ARG G 121 60.57 22.17 -55.84
N ALA G 122 61.30 23.21 -56.24
CA ALA G 122 62.51 23.11 -57.09
C ALA G 122 63.59 22.30 -56.36
N MET G 123 63.80 22.56 -55.07
CA MET G 123 64.79 21.79 -54.25
C MET G 123 64.43 20.31 -54.26
N ALA G 124 63.15 19.97 -54.18
CA ALA G 124 62.72 18.56 -54.00
C ALA G 124 63.20 17.74 -55.21
N THR G 125 63.40 18.38 -56.35
CA THR G 125 63.68 17.76 -57.68
C THR G 125 65.19 17.53 -57.84
N ARG G 126 66.01 18.17 -57.00
CA ARG G 126 67.48 18.08 -57.12
C ARG G 126 68.00 16.88 -56.34
N PRO G 127 68.97 16.14 -56.88
CA PRO G 127 69.52 14.98 -56.17
C PRO G 127 70.16 15.43 -54.86
N GLY G 128 70.02 14.58 -53.83
CA GLY G 128 70.63 14.73 -52.49
C GLY G 128 70.22 16.03 -51.79
N THR G 129 69.04 16.57 -52.09
CA THR G 129 68.42 17.58 -51.20
C THR G 129 68.11 16.85 -49.90
N ARG G 130 68.35 17.48 -48.76
CA ARG G 130 67.90 16.98 -47.44
C ARG G 130 66.43 17.35 -47.34
N LEU G 131 65.57 16.36 -47.32
CA LEU G 131 64.10 16.61 -47.33
C LEU G 131 63.43 15.32 -46.91
N ASP G 132 62.98 15.25 -45.67
CA ASP G 132 62.27 14.07 -45.13
C ASP G 132 60.77 14.35 -45.07
N GLY G 133 60.35 15.59 -45.11
CA GLY G 133 58.95 15.98 -45.36
C GLY G 133 58.90 17.39 -45.96
N LEU G 134 57.76 17.76 -46.53
CA LEU G 134 57.63 19.01 -47.33
C LEU G 134 56.32 19.71 -46.97
N ALA G 135 56.43 20.94 -46.48
CA ALA G 135 55.32 21.85 -46.13
C ALA G 135 55.31 23.00 -47.12
N LEU G 136 54.20 23.22 -47.83
CA LEU G 136 54.06 24.41 -48.71
C LEU G 136 52.91 25.26 -48.20
N CYS G 137 53.09 26.57 -48.23
CA CYS G 137 52.11 27.58 -47.75
C CYS G 137 51.96 28.61 -48.86
N GLY G 138 50.76 29.13 -49.12
CA GLY G 138 50.51 30.12 -50.18
C GLY G 138 51.05 29.61 -51.51
N ILE G 139 50.78 28.35 -51.84
CA ILE G 139 51.30 27.64 -53.05
C ILE G 139 51.02 28.48 -54.31
N VAL G 140 52.00 28.61 -55.21
CA VAL G 140 51.83 29.32 -56.52
C VAL G 140 51.58 28.24 -57.57
N ALA G 141 50.32 28.13 -58.00
CA ALA G 141 49.89 27.11 -59.01
C ALA G 141 48.67 27.59 -59.83
N GLN G 142 48.89 27.77 -61.15
CA GLN G 142 47.89 28.10 -62.18
C GLN G 142 47.17 29.42 -61.92
N PRO G 143 47.76 30.51 -61.39
CA PRO G 143 47.06 31.79 -61.41
C PRO G 143 47.13 32.32 -62.85
N ARG G 144 46.13 33.08 -63.29
CA ARG G 144 45.98 33.47 -64.71
C ARG G 144 47.33 34.06 -65.19
N GLY G 145 47.88 35.02 -64.42
CA GLY G 145 49.16 35.69 -64.69
C GLY G 145 50.22 34.74 -65.19
N PHE G 146 50.64 33.77 -64.38
CA PHE G 146 51.84 32.94 -64.71
C PHE G 146 51.52 31.92 -65.81
N GLU G 147 50.23 31.60 -65.97
CA GLU G 147 49.75 30.63 -67.00
C GLU G 147 49.72 31.34 -68.36
N THR G 148 48.83 32.33 -68.50
CA THR G 148 48.37 32.85 -69.81
C THR G 148 48.86 34.29 -70.01
N THR G 149 48.58 35.23 -69.08
CA THR G 149 48.78 36.70 -69.25
C THR G 149 50.26 37.04 -69.49
N LEU G 150 51.20 36.45 -68.77
CA LEU G 150 52.63 36.84 -68.86
C LEU G 150 53.08 36.50 -70.27
N ASP G 151 53.57 37.50 -70.97
CA ASP G 151 54.01 37.39 -72.37
C ASP G 151 55.51 37.10 -72.36
N HIS G 152 55.88 35.87 -72.69
CA HIS G 152 57.27 35.33 -72.63
C HIS G 152 58.10 35.97 -73.76
N LYS G 153 57.43 36.43 -74.81
CA LYS G 153 58.10 37.09 -75.97
C LYS G 153 58.53 38.51 -75.51
N THR G 154 57.62 39.29 -74.91
CA THR G 154 57.97 40.58 -74.26
C THR G 154 59.15 40.39 -73.29
N LEU G 155 59.12 39.32 -72.50
CA LEU G 155 60.11 39.08 -71.42
C LEU G 155 61.48 38.74 -72.01
N ALA G 156 61.54 37.80 -72.94
CA ALA G 156 62.78 37.50 -73.71
C ALA G 156 63.39 38.78 -74.28
N LYS G 157 62.55 39.65 -74.84
CA LYS G 157 62.99 40.90 -75.49
C LYS G 157 63.60 41.79 -74.41
N ALA G 158 62.97 41.93 -73.23
CA ALA G 158 63.51 42.81 -72.17
C ALA G 158 64.83 42.23 -71.65
N MET G 159 64.93 40.91 -71.57
CA MET G 159 66.12 40.22 -71.04
C MET G 159 67.28 40.38 -72.02
N ALA G 160 66.98 40.43 -73.33
CA ALA G 160 68.00 40.68 -74.38
C ALA G 160 68.47 42.13 -74.24
N THR G 161 67.57 43.09 -74.07
CA THR G 161 67.94 44.54 -74.16
C THR G 161 68.42 45.09 -72.82
N ALA G 162 67.78 44.79 -71.70
CA ALA G 162 68.16 45.41 -70.41
C ALA G 162 67.87 44.51 -69.20
N PRO G 163 68.69 43.46 -68.91
CA PRO G 163 68.36 42.46 -67.87
C PRO G 163 68.42 43.04 -66.44
N THR G 164 69.14 44.14 -66.35
CA THR G 164 69.66 44.71 -65.09
C THR G 164 68.66 45.75 -64.57
N ASP G 165 67.85 46.28 -65.48
CA ASP G 165 66.99 47.46 -65.22
C ASP G 165 65.67 47.01 -64.59
N PRO G 166 64.87 47.95 -64.03
CA PRO G 166 63.62 47.61 -63.35
C PRO G 166 62.67 46.91 -64.32
N ALA G 167 62.01 45.84 -63.88
CA ALA G 167 61.09 45.07 -64.74
C ALA G 167 60.09 46.07 -65.33
N PRO G 168 59.83 46.09 -66.65
CA PRO G 168 58.81 46.97 -67.21
C PRO G 168 57.44 46.64 -66.61
N GLU G 169 56.63 47.69 -66.41
CA GLU G 169 55.34 47.70 -65.68
C GLU G 169 54.40 46.64 -66.29
N ALA G 170 54.36 46.52 -67.61
CA ALA G 170 53.48 45.56 -68.30
C ALA G 170 53.78 44.13 -67.85
N LEU G 171 55.05 43.75 -67.73
CA LEU G 171 55.47 42.37 -67.35
C LEU G 171 55.13 42.13 -65.89
N VAL G 172 55.28 43.12 -65.02
CA VAL G 172 54.89 42.97 -63.58
C VAL G 172 53.36 42.78 -63.49
N ALA G 173 52.57 43.64 -64.17
CA ALA G 173 51.09 43.61 -64.11
C ALA G 173 50.61 42.28 -64.67
N GLN G 174 51.26 41.78 -65.73
CA GLN G 174 50.89 40.50 -66.39
C GLN G 174 51.21 39.36 -65.43
N MET G 175 52.38 39.38 -64.81
CA MET G 175 52.86 38.28 -63.93
C MET G 175 51.89 38.14 -62.74
N PHE G 176 51.40 39.25 -62.15
CA PHE G 176 50.50 39.26 -60.96
C PHE G 176 49.03 39.50 -61.37
N ASP G 177 48.72 39.20 -62.63
CA ASP G 177 47.35 39.29 -63.19
C ASP G 177 46.49 38.21 -62.52
N GLY G 178 45.33 38.62 -61.99
CA GLY G 178 44.40 37.74 -61.27
C GLY G 178 44.53 37.86 -59.76
N PHE G 179 45.46 38.68 -59.29
CA PHE G 179 45.74 38.86 -57.84
C PHE G 179 44.68 39.78 -57.24
N ALA G 180 43.97 40.52 -58.09
CA ALA G 180 43.04 41.59 -57.67
C ALA G 180 41.58 41.15 -57.88
N ASP G 181 41.32 40.00 -58.48
CA ASP G 181 39.95 39.65 -58.95
C ASP G 181 38.90 39.80 -57.85
N ARG G 182 39.18 39.32 -56.63
CA ARG G 182 38.16 39.19 -55.55
C ARG G 182 38.37 40.27 -54.49
N LEU G 183 38.98 41.39 -54.90
CA LEU G 183 39.12 42.57 -54.02
C LEU G 183 38.04 43.59 -54.42
N SER G 184 37.45 44.25 -53.42
CA SER G 184 36.73 45.53 -53.56
C SER G 184 37.79 46.64 -53.52
N GLU G 185 37.44 47.89 -53.89
CA GLU G 185 38.38 49.05 -53.86
C GLU G 185 38.90 49.17 -52.43
N ASP G 186 38.05 48.82 -51.47
CA ASP G 186 38.26 48.95 -50.00
C ASP G 186 39.43 48.07 -49.53
N ASP G 187 39.60 46.88 -50.12
CA ASP G 187 40.71 45.93 -49.83
C ASP G 187 42.06 46.50 -50.30
N GLY G 188 42.06 47.42 -51.27
CA GLY G 188 43.28 48.12 -51.71
C GLY G 188 44.18 47.25 -52.60
N PRO G 189 45.31 47.82 -53.06
CA PRO G 189 46.17 47.14 -54.02
C PRO G 189 46.79 45.83 -53.50
N THR G 190 47.10 45.75 -52.19
CA THR G 190 47.81 44.60 -51.55
C THR G 190 46.85 43.68 -50.77
N GLY G 191 45.54 43.87 -50.92
CA GLY G 191 44.55 43.23 -50.04
C GLY G 191 44.58 41.72 -50.17
N TRP G 192 45.02 41.21 -51.31
CA TRP G 192 45.11 39.75 -51.53
C TRP G 192 46.09 39.11 -50.52
N VAL G 193 46.93 39.90 -49.84
CA VAL G 193 47.96 39.40 -48.89
C VAL G 193 47.30 38.67 -47.71
N ALA G 194 46.27 39.28 -47.15
CA ALA G 194 45.48 38.71 -46.02
C ALA G 194 44.14 39.43 -45.93
N ARG G 195 43.10 38.77 -45.38
CA ARG G 195 41.79 39.40 -45.04
C ARG G 195 42.07 40.44 -43.98
N SER G 196 42.91 40.11 -43.01
CA SER G 196 43.25 41.06 -41.92
C SER G 196 43.91 42.29 -42.50
N LYS G 197 43.34 43.47 -42.25
CA LYS G 197 43.88 44.77 -42.70
C LYS G 197 45.17 45.04 -41.92
N GLU G 198 45.19 44.67 -40.65
CA GLU G 198 46.35 44.83 -39.75
C GLU G 198 47.58 44.05 -40.29
N VAL G 199 47.44 42.81 -40.76
CA VAL G 199 48.60 42.08 -41.34
C VAL G 199 49.08 42.83 -42.59
N VAL G 200 48.15 43.29 -43.45
CA VAL G 200 48.48 44.04 -44.70
C VAL G 200 49.23 45.33 -44.34
N ALA G 201 48.75 46.12 -43.39
CA ALA G 201 49.40 47.40 -43.00
C ALA G 201 50.83 47.14 -42.48
N ASP G 202 51.00 46.10 -41.65
CA ASP G 202 52.29 45.77 -41.01
C ASP G 202 53.26 45.30 -42.08
N HIS G 203 52.79 44.41 -42.95
CA HIS G 203 53.51 43.99 -44.18
C HIS G 203 53.96 45.24 -44.93
N GLY G 204 53.14 46.29 -44.97
CA GLY G 204 53.40 47.55 -45.70
C GLY G 204 54.45 48.38 -44.98
N LYS G 205 54.48 48.33 -43.66
CA LYS G 205 55.34 49.19 -42.79
C LYS G 205 56.70 48.51 -42.51
N ASP G 206 56.79 47.19 -42.55
CA ASP G 206 57.97 46.44 -42.01
C ASP G 206 59.20 46.81 -42.85
N LYS G 207 60.20 47.48 -42.26
CA LYS G 207 61.39 47.99 -42.98
C LYS G 207 62.18 46.88 -43.66
N PHE G 208 62.10 45.67 -43.12
CA PHE G 208 62.83 44.49 -43.65
C PHE G 208 62.04 43.85 -44.79
N ASN G 209 60.87 44.41 -45.09
CA ASN G 209 60.07 43.94 -46.23
C ASN G 209 60.37 44.86 -47.41
N ASN G 210 60.70 46.12 -47.15
CA ASN G 210 60.93 47.16 -48.18
C ASN G 210 59.86 47.08 -49.29
N PHE G 211 58.59 47.15 -48.87
CA PHE G 211 57.31 47.05 -49.61
C PHE G 211 57.35 47.23 -51.13
N GLY G 212 57.60 48.44 -51.62
CA GLY G 212 57.48 48.60 -53.09
C GLY G 212 58.77 48.71 -53.84
N ALA G 213 59.82 48.01 -53.41
CA ALA G 213 61.09 48.01 -54.14
C ALA G 213 60.90 47.28 -55.47
N PRO G 214 61.05 47.98 -56.60
CA PRO G 214 60.87 47.39 -57.90
C PRO G 214 61.86 46.29 -58.23
N MET G 215 61.32 45.17 -58.68
CA MET G 215 62.11 44.00 -59.13
C MET G 215 62.85 44.40 -60.41
N SER G 216 64.04 43.88 -60.59
CA SER G 216 64.72 43.91 -61.90
C SER G 216 64.03 42.92 -62.83
N THR G 217 64.27 43.12 -64.12
CA THR G 217 63.82 42.25 -65.23
C THR G 217 64.38 40.85 -65.04
N ARG G 218 65.64 40.67 -64.64
CA ARG G 218 66.22 39.31 -64.51
C ARG G 218 65.66 38.61 -63.27
N PHE G 219 65.21 39.37 -62.27
CA PHE G 219 64.55 38.80 -61.09
C PHE G 219 63.22 38.19 -61.57
N LEU G 220 62.49 38.97 -62.36
CA LEU G 220 61.13 38.59 -62.86
C LEU G 220 61.31 37.32 -63.71
N GLN G 221 62.35 37.27 -64.55
CA GLN G 221 62.74 36.05 -65.27
C GLN G 221 62.88 34.88 -64.28
N GLY G 222 63.60 35.10 -63.19
CA GLY G 222 63.70 34.20 -62.03
C GLY G 222 62.34 33.71 -61.55
N LEU G 223 61.38 34.61 -61.39
CA LEU G 223 60.03 34.22 -60.94
C LEU G 223 59.38 33.32 -62.00
N ALA G 224 59.55 33.64 -63.29
CA ALA G 224 58.99 32.81 -64.39
C ALA G 224 59.70 31.46 -64.36
N ASP G 225 61.02 31.44 -64.30
CA ASP G 225 61.81 30.17 -64.31
C ASP G 225 61.37 29.28 -63.13
N ILE G 226 61.29 29.83 -61.91
CA ILE G 226 61.02 29.05 -60.66
C ILE G 226 59.61 28.45 -60.75
N TYR G 227 58.64 29.25 -61.20
CA TYR G 227 57.22 28.83 -61.35
C TYR G 227 57.15 27.55 -62.21
N ALA G 228 57.98 27.49 -63.25
CA ALA G 228 58.00 26.38 -64.24
C ALA G 228 58.73 25.17 -63.64
N MET G 229 59.77 25.41 -62.85
CA MET G 229 60.44 24.36 -62.07
C MET G 229 59.44 23.83 -61.04
N ALA G 230 58.72 24.73 -60.37
CA ALA G 230 57.80 24.35 -59.24
C ALA G 230 56.64 23.52 -59.76
N ASN G 231 56.21 23.74 -61.00
CA ASN G 231 54.98 23.16 -61.61
C ASN G 231 55.37 22.31 -62.84
N GLY G 232 56.64 21.90 -62.96
CA GLY G 232 57.19 21.07 -64.06
C GLY G 232 57.03 19.58 -63.80
N ASP G 233 57.04 18.79 -64.88
CA ASP G 233 56.74 17.34 -64.88
C ASP G 233 57.81 16.66 -63.99
N SER G 234 59.00 17.23 -63.96
CA SER G 234 60.15 16.73 -63.19
C SER G 234 59.84 16.76 -61.69
N PHE G 235 59.24 17.84 -61.22
CA PHE G 235 58.80 17.96 -59.81
C PHE G 235 57.90 16.77 -59.51
N TYR G 236 56.76 16.71 -60.19
CA TYR G 236 55.71 15.69 -59.97
C TYR G 236 56.34 14.30 -60.09
N ALA G 237 57.26 14.10 -61.04
CA ALA G 237 57.82 12.76 -61.38
C ALA G 237 58.98 12.38 -60.47
N THR G 238 59.69 13.33 -59.84
CA THR G 238 60.81 12.92 -58.95
C THR G 238 60.59 13.35 -57.49
N MET G 239 59.54 14.13 -57.19
CA MET G 239 59.12 14.37 -55.79
C MET G 239 59.26 13.04 -55.05
N PRO G 240 60.15 12.95 -54.04
CA PRO G 240 60.26 11.76 -53.19
C PRO G 240 58.98 11.32 -52.45
N ASN G 241 58.92 10.03 -52.14
CA ASN G 241 57.83 9.38 -51.37
C ASN G 241 57.95 9.83 -49.91
N ILE G 242 57.69 11.09 -49.61
CA ILE G 242 57.82 11.59 -48.22
C ILE G 242 56.47 12.22 -47.90
N PRO G 243 56.08 12.44 -46.62
CA PRO G 243 54.87 13.20 -46.32
C PRO G 243 54.94 14.62 -46.86
N ILE G 244 53.79 15.11 -47.29
CA ILE G 244 53.63 16.46 -47.86
C ILE G 244 52.40 17.07 -47.20
N VAL G 245 52.49 18.34 -46.81
CA VAL G 245 51.34 19.12 -46.31
C VAL G 245 51.26 20.45 -47.10
N LEU G 246 50.03 20.88 -47.37
CA LEU G 246 49.71 22.09 -48.16
C LEU G 246 48.84 22.99 -47.29
N PHE G 247 49.16 24.28 -47.21
CA PHE G 247 48.40 25.33 -46.50
C PHE G 247 48.07 26.42 -47.52
N ALA G 248 46.80 26.83 -47.60
CA ALA G 248 46.32 27.76 -48.62
C ALA G 248 44.98 28.31 -48.19
N GLY G 249 44.79 29.61 -48.40
CA GLY G 249 43.47 30.24 -48.28
C GLY G 249 42.67 29.99 -49.54
N SER G 250 41.35 29.86 -49.39
CA SER G 250 40.41 29.62 -50.52
C SER G 250 40.41 30.88 -51.39
N GLU G 251 40.63 32.06 -50.80
CA GLU G 251 40.59 33.37 -51.48
C GLU G 251 42.03 33.91 -51.75
N ASP G 252 43.05 33.06 -51.72
CA ASP G 252 44.44 33.36 -52.18
C ASP G 252 44.52 33.20 -53.70
N PRO G 253 44.78 34.29 -54.45
CA PRO G 253 44.95 34.20 -55.91
C PRO G 253 46.13 33.37 -56.44
N ALA G 254 47.19 33.24 -55.64
CA ALA G 254 48.45 32.63 -56.07
C ALA G 254 48.25 31.16 -56.41
N GLY G 255 47.25 30.52 -55.80
CA GLY G 255 46.88 29.11 -56.09
C GLY G 255 45.60 29.00 -56.90
N ASP G 256 45.33 30.00 -57.74
CA ASP G 256 44.06 30.15 -58.50
C ASP G 256 42.89 29.83 -57.58
N PHE G 257 42.84 30.48 -56.42
CA PHE G 257 41.72 30.48 -55.45
C PHE G 257 41.33 29.05 -55.08
N GLY G 258 42.31 28.22 -54.71
CA GLY G 258 42.10 26.87 -54.21
C GLY G 258 42.13 25.86 -55.33
N THR G 259 41.69 26.25 -56.52
CA THR G 259 41.63 25.35 -57.70
C THR G 259 43.04 24.85 -58.02
N GLY G 260 44.03 25.75 -58.17
CA GLY G 260 45.40 25.34 -58.51
C GLY G 260 46.02 24.47 -57.42
N VAL G 261 45.72 24.77 -56.15
CA VAL G 261 46.22 24.04 -54.95
C VAL G 261 45.62 22.63 -55.01
N LYS G 262 44.30 22.54 -55.20
CA LYS G 262 43.63 21.22 -55.31
C LYS G 262 44.35 20.40 -56.38
N ALA G 263 44.68 21.03 -57.52
CA ALA G 263 45.34 20.38 -58.69
C ALA G 263 46.72 19.82 -58.33
N VAL G 264 47.49 20.53 -57.51
CA VAL G 264 48.81 20.03 -57.08
C VAL G 264 48.60 18.78 -56.24
N ALA G 265 47.60 18.83 -55.34
CA ALA G 265 47.33 17.77 -54.35
C ALA G 265 46.84 16.54 -55.11
N GLU G 266 45.90 16.71 -56.05
CA GLU G 266 45.33 15.56 -56.78
C GLU G 266 46.43 15.00 -57.68
N ARG G 267 47.28 15.83 -58.29
CA ARG G 267 48.28 15.24 -59.22
C ARG G 267 49.28 14.42 -58.39
N LEU G 268 49.69 14.91 -57.23
CA LEU G 268 50.64 14.17 -56.37
C LEU G 268 49.99 12.85 -55.93
N ARG G 269 48.70 12.83 -55.58
CA ARG G 269 48.03 11.59 -55.07
C ARG G 269 47.86 10.61 -56.24
N ARG G 270 47.43 11.10 -57.41
CA ARG G 270 47.45 10.36 -58.70
C ARG G 270 48.75 9.54 -58.77
N ASP G 271 49.91 10.16 -58.51
CA ASP G 271 51.24 9.52 -58.70
C ASP G 271 51.61 8.72 -57.44
N GLY G 272 50.71 8.56 -56.47
CA GLY G 272 50.90 7.63 -55.34
C GLY G 272 51.53 8.25 -54.10
N HIS G 273 51.46 9.58 -53.97
CA HIS G 273 51.94 10.38 -52.81
C HIS G 273 50.84 10.51 -51.76
N ASN G 274 51.26 10.74 -50.51
CA ASN G 274 50.38 11.05 -49.36
C ASN G 274 50.38 12.58 -49.20
N VAL G 275 49.22 13.23 -49.30
CA VAL G 275 49.14 14.69 -49.26
C VAL G 275 48.04 15.09 -48.32
N GLU G 276 48.38 15.89 -47.32
CA GLU G 276 47.43 16.49 -46.36
C GLU G 276 47.24 17.94 -46.82
N LEU G 277 45.99 18.38 -46.98
CA LEU G 277 45.67 19.71 -47.53
C LEU G 277 44.82 20.40 -46.49
N HIS G 278 45.19 21.61 -46.10
CA HIS G 278 44.40 22.51 -45.24
C HIS G 278 44.04 23.71 -46.08
N LEU G 279 42.76 23.79 -46.47
CA LEU G 279 42.19 24.85 -47.31
C LEU G 279 41.28 25.67 -46.39
N TYR G 280 41.68 26.92 -46.11
CA TYR G 280 41.03 27.76 -45.07
C TYR G 280 39.99 28.60 -45.77
N ASP G 281 38.72 28.22 -45.61
CA ASP G 281 37.55 28.99 -46.10
C ASP G 281 37.67 30.47 -45.74
N GLY G 282 37.73 31.31 -46.79
CA GLY G 282 37.49 32.76 -46.72
C GLY G 282 38.76 33.54 -46.41
N LEU G 283 39.90 32.86 -46.39
CA LEU G 283 41.21 33.48 -46.07
C LEU G 283 42.05 33.57 -47.35
N ARG G 284 43.01 34.46 -47.31
CA ARG G 284 43.77 34.93 -48.49
C ARG G 284 45.16 34.28 -48.46
N HIS G 285 46.20 35.01 -48.85
CA HIS G 285 47.53 34.44 -49.16
C HIS G 285 48.23 33.92 -47.89
N GLU G 286 48.31 34.75 -46.85
CA GLU G 286 49.17 34.53 -45.65
C GLU G 286 48.37 33.85 -44.53
N VAL G 287 47.95 32.61 -44.77
CA VAL G 287 47.18 31.79 -43.78
C VAL G 287 48.01 31.60 -42.49
N HIS G 288 49.34 31.55 -42.57
CA HIS G 288 50.29 31.47 -41.43
C HIS G 288 50.22 32.77 -40.61
N ASN G 289 49.77 33.87 -41.19
CA ASN G 289 49.76 35.18 -40.49
C ASN G 289 48.33 35.59 -40.12
N GLU G 290 47.29 35.07 -40.80
CA GLU G 290 45.86 35.44 -40.54
C GLU G 290 45.52 35.04 -39.11
N PRO G 291 44.97 35.94 -38.28
CA PRO G 291 44.66 35.57 -36.89
C PRO G 291 43.75 34.34 -36.71
N GLU G 292 42.91 33.98 -37.68
CA GLU G 292 41.89 32.94 -37.44
C GLU G 292 42.48 31.59 -37.91
N SER G 293 43.48 31.57 -38.79
CA SER G 293 44.15 30.34 -39.27
C SER G 293 45.51 30.08 -38.59
N ARG G 294 46.19 31.09 -38.03
CA ARG G 294 47.61 30.96 -37.61
C ARG G 294 47.80 29.73 -36.70
N ALA G 295 47.25 29.75 -35.49
CA ALA G 295 47.28 28.64 -34.49
C ALA G 295 47.14 27.30 -35.21
N ASP G 296 46.16 27.20 -36.09
CA ASP G 296 45.85 25.91 -36.78
C ASP G 296 47.00 25.56 -37.72
N VAL G 297 47.54 26.55 -38.44
CA VAL G 297 48.67 26.26 -39.37
C VAL G 297 49.87 25.78 -38.54
N GLU G 298 50.17 26.45 -37.43
CA GLU G 298 51.36 26.10 -36.61
C GLU G 298 51.10 24.71 -36.00
N SER G 299 49.94 24.51 -35.33
CA SER G 299 49.61 23.23 -34.64
C SER G 299 49.64 22.08 -35.69
N SER G 300 49.07 22.28 -36.87
CA SER G 300 49.08 21.29 -37.97
C SER G 300 50.53 20.99 -38.35
N LEU G 301 51.39 22.01 -38.43
CA LEU G 301 52.77 21.85 -38.92
C LEU G 301 53.53 21.03 -37.88
N VAL G 302 53.27 21.29 -36.61
CA VAL G 302 53.92 20.54 -35.48
C VAL G 302 53.50 19.09 -35.57
N THR G 303 52.20 18.82 -35.74
CA THR G 303 51.72 17.41 -35.87
C THR G 303 52.41 16.78 -37.11
N PHE G 304 52.49 17.54 -38.22
CA PHE G 304 53.11 17.02 -39.48
C PHE G 304 54.56 16.57 -39.25
N VAL G 305 55.34 17.42 -38.59
CA VAL G 305 56.79 17.21 -38.33
C VAL G 305 56.94 16.06 -37.34
N ASP G 306 56.12 15.97 -36.29
CA ASP G 306 56.18 14.83 -35.36
C ASP G 306 55.93 13.54 -36.15
N ARG G 307 55.05 13.56 -37.16
CA ARG G 307 54.70 12.33 -37.93
C ARG G 307 55.88 11.96 -38.83
N VAL G 308 56.62 12.97 -39.32
CA VAL G 308 57.81 12.74 -40.19
C VAL G 308 58.90 12.15 -39.30
N ALA G 309 58.97 12.62 -38.07
CA ALA G 309 60.02 12.18 -37.14
C ALA G 309 59.72 10.75 -36.67
N ASN G 310 58.45 10.40 -36.51
CA ASN G 310 58.07 9.05 -36.06
C ASN G 310 58.47 7.99 -37.09
N ARG G 311 58.19 8.27 -38.37
CA ARG G 311 58.44 7.37 -39.54
C ARG G 311 58.24 5.89 -39.15
N ALA H 2 56.55 43.99 -37.49
CA ALA H 2 57.65 44.84 -38.06
C ALA H 2 58.87 44.76 -37.15
N LEU H 3 60.04 44.67 -37.77
CA LEU H 3 61.35 44.63 -37.06
C LEU H 3 62.13 45.91 -37.42
N GLN H 4 62.86 46.44 -36.44
CA GLN H 4 63.81 47.54 -36.66
C GLN H 4 65.15 47.07 -36.11
N GLU H 5 66.21 47.24 -36.89
CA GLU H 5 67.57 47.21 -36.33
C GLU H 5 67.94 48.63 -35.89
N ILE H 6 68.22 48.76 -34.60
CA ILE H 6 68.92 49.95 -34.06
C ILE H 6 70.33 49.55 -33.60
N GLU H 7 71.24 50.49 -33.71
CA GLU H 7 72.63 50.35 -33.27
C GLU H 7 72.93 51.76 -32.84
N PHE H 8 73.76 51.94 -31.82
CA PHE H 8 74.28 53.26 -31.47
C PHE H 8 75.68 53.04 -30.91
N THR H 9 76.53 54.06 -30.93
CA THR H 9 77.80 54.03 -30.18
C THR H 9 77.46 54.02 -28.68
N SER H 10 77.96 53.01 -27.98
CA SER H 10 77.92 52.93 -26.50
C SER H 10 78.51 54.22 -25.94
N HIS H 11 78.10 54.57 -24.73
CA HIS H 11 78.78 55.50 -23.80
C HIS H 11 80.26 55.10 -23.71
N ASN H 12 80.64 53.82 -23.87
CA ASN H 12 82.06 53.44 -23.62
C ASN H 12 82.94 53.87 -24.79
N GLY H 13 82.37 54.43 -25.87
CA GLY H 13 83.08 54.98 -27.03
C GLY H 13 83.67 53.91 -27.96
N ARG H 14 83.60 52.62 -27.57
CA ARG H 14 84.22 51.48 -28.29
C ARG H 14 83.12 50.69 -29.00
N ASP H 15 82.05 50.28 -28.31
CA ASP H 15 81.12 49.25 -28.85
C ASP H 15 80.02 49.87 -29.69
N ALA H 16 79.63 49.18 -30.74
CA ALA H 16 78.37 49.37 -31.50
C ALA H 16 77.28 48.57 -30.79
N ILE H 17 76.46 49.19 -29.95
CA ILE H 17 75.36 48.46 -29.27
C ILE H 17 74.40 47.91 -30.31
N GLN H 18 74.29 46.59 -30.36
CA GLN H 18 73.30 45.90 -31.22
C GLN H 18 71.94 45.92 -30.50
N ALA H 19 70.91 46.33 -31.22
CA ALA H 19 69.56 46.57 -30.68
C ALA H 19 68.48 46.29 -31.72
N TRP H 20 67.29 45.92 -31.22
CA TRP H 20 66.10 45.57 -31.98
C TRP H 20 64.91 46.25 -31.32
N ALA H 21 63.99 46.82 -32.11
CA ALA H 21 62.61 47.08 -31.69
C ALA H 21 61.69 46.14 -32.48
N TYR H 22 60.75 45.49 -31.78
CA TYR H 22 59.72 44.59 -32.38
C TYR H 22 58.35 45.27 -32.28
N GLU H 23 57.68 45.47 -33.42
CA GLU H 23 56.32 46.05 -33.46
C GLU H 23 55.33 44.95 -33.78
N PRO H 24 54.21 44.84 -33.03
CA PRO H 24 53.17 43.86 -33.33
C PRO H 24 52.24 44.30 -34.47
N VAL H 25 51.54 43.37 -35.08
CA VAL H 25 50.50 43.81 -36.06
C VAL H 25 49.39 44.52 -35.27
N GLY H 26 48.71 45.47 -35.88
CA GLY H 26 47.64 46.23 -35.20
C GLY H 26 48.26 47.41 -34.50
N THR H 27 47.45 48.17 -33.76
CA THR H 27 47.85 49.40 -33.03
C THR H 27 48.39 48.96 -31.68
N PRO H 28 49.67 49.24 -31.35
CA PRO H 28 50.23 48.82 -30.07
C PRO H 28 49.72 49.73 -28.93
N THR H 29 49.73 49.26 -27.69
CA THR H 29 49.13 49.92 -26.49
C THR H 29 50.19 50.25 -25.43
N ALA H 30 51.46 49.89 -25.66
CA ALA H 30 52.54 49.93 -24.63
C ALA H 30 53.88 49.49 -25.23
N VAL H 31 54.96 50.02 -24.69
CA VAL H 31 56.35 49.55 -24.97
C VAL H 31 56.83 48.78 -23.75
N VAL H 32 57.34 47.57 -23.96
CA VAL H 32 58.17 46.85 -22.93
C VAL H 32 59.60 46.87 -23.41
N GLN H 33 60.51 47.37 -22.55
CA GLN H 33 61.98 47.32 -22.72
C GLN H 33 62.50 46.15 -21.88
N ILE H 34 63.05 45.15 -22.55
CA ILE H 34 63.76 44.00 -21.90
C ILE H 34 65.25 44.34 -21.72
N ILE H 35 65.73 44.20 -20.50
CA ILE H 35 67.17 44.37 -20.13
C ILE H 35 67.67 43.01 -19.62
N HIS H 36 68.45 42.35 -20.45
CA HIS H 36 68.98 41.01 -20.13
C HIS H 36 70.06 41.15 -19.06
N GLY H 37 70.44 40.01 -18.47
CA GLY H 37 71.42 39.95 -17.38
C GLY H 37 72.76 39.43 -17.85
N LEU H 38 73.60 39.07 -16.87
CA LEU H 38 75.01 38.70 -17.09
C LEU H 38 75.09 37.40 -17.89
N GLY H 39 76.06 37.30 -18.78
CA GLY H 39 76.39 36.10 -19.57
C GLY H 39 75.24 35.61 -20.44
N GLU H 40 74.27 36.45 -20.82
CA GLU H 40 73.17 36.14 -21.76
C GLU H 40 72.97 37.33 -22.72
N HIS H 41 71.86 37.37 -23.45
CA HIS H 41 71.62 38.35 -24.54
C HIS H 41 70.12 38.49 -24.73
N SER H 42 69.68 39.55 -25.43
CA SER H 42 68.27 39.98 -25.63
C SER H 42 67.50 38.96 -26.49
N ARG H 43 68.17 38.23 -27.39
CA ARG H 43 67.45 37.36 -28.35
C ARG H 43 67.18 36.00 -27.70
N ARG H 44 67.77 35.73 -26.54
CA ARG H 44 67.38 34.59 -25.68
C ARG H 44 65.91 34.74 -25.19
N TYR H 45 65.29 35.94 -25.32
CA TYR H 45 63.92 36.30 -24.87
C TYR H 45 62.85 36.07 -25.96
N LEU H 46 63.20 35.29 -26.98
CA LEU H 46 62.33 34.96 -28.16
C LEU H 46 60.90 34.63 -27.70
N HIS H 47 60.73 33.71 -26.75
CA HIS H 47 59.38 33.22 -26.32
C HIS H 47 58.63 34.40 -25.70
N MET H 48 59.31 35.15 -24.86
CA MET H 48 58.71 36.30 -24.18
C MET H 48 58.39 37.41 -25.18
N ILE H 49 59.28 37.69 -26.13
CA ILE H 49 59.12 38.78 -27.14
C ILE H 49 57.86 38.47 -27.94
N SER H 50 57.66 37.19 -28.29
CA SER H 50 56.52 36.75 -29.12
C SER H 50 55.22 36.86 -28.30
N ALA H 51 55.27 36.58 -27.01
CA ALA H 51 54.10 36.67 -26.13
C ALA H 51 53.69 38.14 -25.97
N LEU H 52 54.66 39.03 -25.89
CA LEU H 52 54.40 40.48 -25.70
C LEU H 52 53.84 41.05 -27.01
N LEU H 53 54.33 40.57 -28.15
CA LEU H 53 53.81 41.00 -29.47
C LEU H 53 52.35 40.53 -29.59
N ASP H 54 52.07 39.27 -29.29
CA ASP H 54 50.71 38.66 -29.31
C ASP H 54 49.75 39.55 -28.51
N ALA H 55 50.24 40.11 -27.38
CA ALA H 55 49.44 40.90 -26.40
C ALA H 55 49.29 42.36 -26.86
N GLY H 56 49.97 42.74 -27.95
CA GLY H 56 49.80 44.01 -28.63
C GLY H 56 50.74 45.06 -28.11
N PHE H 57 51.93 44.66 -27.66
CA PHE H 57 53.01 45.56 -27.19
C PHE H 57 54.17 45.60 -28.18
N VAL H 58 54.81 46.77 -28.27
CA VAL H 58 56.15 47.04 -28.87
C VAL H 58 57.21 46.48 -27.90
N VAL H 59 58.18 45.73 -28.36
CA VAL H 59 59.30 45.28 -27.48
C VAL H 59 60.60 45.89 -28.01
N ILE H 60 61.40 46.42 -27.10
CA ILE H 60 62.70 46.99 -27.48
C ILE H 60 63.75 46.44 -26.51
N ALA H 61 64.90 46.00 -27.02
CA ALA H 61 65.97 45.38 -26.22
C ALA H 61 67.30 45.54 -26.94
N ASP H 62 68.37 45.59 -26.18
CA ASP H 62 69.76 45.57 -26.70
C ASP H 62 70.57 44.46 -26.04
N ASP H 63 71.65 44.07 -26.72
CA ASP H 63 72.76 43.25 -26.17
C ASP H 63 73.70 44.28 -25.54
N HIS H 64 73.82 44.26 -24.22
CA HIS H 64 74.61 45.31 -23.54
C HIS H 64 76.09 45.17 -23.97
N ALA H 65 76.89 46.21 -23.75
CA ALA H 65 78.37 46.14 -23.71
C ALA H 65 78.82 44.81 -23.14
N GLY H 66 79.68 44.12 -23.89
CA GLY H 66 80.34 42.90 -23.41
C GLY H 66 79.52 41.64 -23.65
N HIS H 67 78.37 41.76 -24.31
CA HIS H 67 77.39 40.63 -24.39
C HIS H 67 76.82 40.43 -25.80
N GLY H 68 76.30 39.23 -26.08
CA GLY H 68 75.59 38.87 -27.30
C GLY H 68 76.26 39.42 -28.54
N ARG H 69 75.47 40.00 -29.42
CA ARG H 69 75.96 40.46 -30.74
C ARG H 69 76.89 41.66 -30.56
N THR H 70 76.80 42.39 -29.45
CA THR H 70 77.65 43.57 -29.22
C THR H 70 79.09 43.07 -29.08
N ALA H 71 79.31 41.98 -28.37
CA ALA H 71 80.65 41.34 -28.17
C ALA H 71 81.08 40.59 -29.43
N MET H 72 80.13 39.96 -30.09
CA MET H 72 80.34 39.12 -31.26
C MET H 72 80.94 40.04 -32.33
N GLN H 73 80.52 41.30 -32.41
CA GLN H 73 80.99 42.28 -33.42
C GLN H 73 82.16 43.14 -32.92
N SER H 74 82.25 43.45 -31.62
CA SER H 74 83.38 44.23 -31.04
C SER H 74 84.57 43.30 -30.79
N GLY H 75 84.35 42.00 -30.61
CA GLY H 75 85.38 41.01 -30.19
C GLY H 75 85.57 40.91 -28.68
N VAL H 76 85.13 41.89 -27.89
CA VAL H 76 85.37 41.98 -26.42
C VAL H 76 84.13 41.48 -25.64
N TRP H 77 84.30 40.37 -24.91
CA TRP H 77 83.28 39.77 -24.01
C TRP H 77 83.55 40.17 -22.55
N ALA H 78 82.49 40.37 -21.78
CA ALA H 78 82.53 40.36 -20.31
C ALA H 78 83.37 41.58 -19.85
N ASP H 79 83.29 42.65 -20.64
CA ASP H 79 83.91 43.95 -20.31
C ASP H 79 83.15 45.04 -21.07
N ALA H 80 82.86 46.12 -20.39
CA ALA H 80 81.98 47.21 -20.91
C ALA H 80 82.74 48.53 -20.91
N GLY H 81 84.06 48.48 -20.75
CA GLY H 81 84.91 49.68 -20.67
C GLY H 81 85.01 50.16 -19.25
N ASP H 82 85.75 51.25 -19.03
CA ASP H 82 85.82 52.07 -17.78
C ASP H 82 84.40 52.49 -17.36
N ASN H 83 84.13 52.55 -16.04
CA ASN H 83 82.83 52.98 -15.42
C ASN H 83 81.70 52.09 -16.01
N ALA H 84 81.91 50.80 -16.01
CA ALA H 84 80.99 49.77 -16.55
C ALA H 84 79.55 50.09 -16.20
N ALA H 85 79.27 50.43 -14.95
CA ALA H 85 77.89 50.64 -14.45
C ALA H 85 77.29 51.84 -15.16
N GLU H 86 77.95 53.01 -15.16
CA GLU H 86 77.40 54.21 -15.84
C GLU H 86 77.18 53.92 -17.33
N VAL H 87 78.06 53.12 -17.95
CA VAL H 87 78.00 52.76 -19.40
C VAL H 87 76.72 51.96 -19.67
N VAL H 88 76.48 50.87 -18.96
CA VAL H 88 75.27 50.06 -19.31
C VAL H 88 73.99 50.82 -18.91
N ILE H 89 74.06 51.66 -17.88
CA ILE H 89 72.89 52.50 -17.47
C ILE H 89 72.61 53.50 -18.57
N SER H 90 73.60 54.30 -18.95
CA SER H 90 73.51 55.26 -20.08
C SER H 90 73.01 54.58 -21.39
N ASP H 91 73.56 53.43 -21.75
CA ASP H 91 73.12 52.70 -22.96
C ASP H 91 71.61 52.40 -22.87
N GLU H 92 71.10 52.00 -21.70
CA GLU H 92 69.67 51.65 -21.57
C GLU H 92 68.83 52.91 -21.75
N LEU H 93 69.29 54.07 -21.30
CA LEU H 93 68.58 55.34 -21.53
C LEU H 93 68.67 55.70 -23.03
N THR H 94 69.83 55.50 -23.63
CA THR H 94 70.05 55.76 -25.07
C THR H 94 69.15 54.84 -25.88
N LEU H 95 68.96 53.59 -25.46
CA LEU H 95 68.05 52.66 -26.19
C LEU H 95 66.67 53.29 -26.32
N GLN H 96 66.17 53.92 -25.25
CA GLN H 96 64.80 54.49 -25.19
C GLN H 96 64.69 55.63 -26.21
N GLN H 97 65.74 56.44 -26.33
CA GLN H 97 65.67 57.63 -27.22
C GLN H 97 65.67 57.16 -28.69
N GLN H 98 65.92 55.87 -28.98
CA GLN H 98 65.93 55.36 -30.37
C GLN H 98 64.53 55.23 -30.93
N LEU H 99 63.47 55.28 -30.11
CA LEU H 99 62.06 55.35 -30.59
C LEU H 99 61.45 56.75 -30.38
N ALA H 100 62.21 57.75 -29.92
CA ALA H 100 61.72 59.16 -29.83
C ALA H 100 60.93 59.47 -31.09
N GLY H 101 59.73 60.02 -30.94
CA GLY H 101 58.89 60.41 -32.08
C GLY H 101 58.01 59.28 -32.56
N GLN H 102 58.25 58.01 -32.19
CA GLN H 102 57.40 56.92 -32.76
C GLN H 102 56.24 56.54 -31.81
N PHE H 103 56.49 56.38 -30.52
CA PHE H 103 55.52 55.82 -29.55
C PHE H 103 55.53 56.70 -28.29
N ASP H 104 55.56 58.03 -28.48
CA ASP H 104 55.73 59.03 -27.40
C ASP H 104 54.52 59.03 -26.47
N ASP H 105 53.35 58.56 -26.95
CA ASP H 105 52.08 58.53 -26.17
C ASP H 105 51.79 57.14 -25.55
N LEU H 106 52.62 56.14 -25.75
CA LEU H 106 52.41 54.82 -25.08
C LEU H 106 53.09 54.80 -23.71
N PRO H 107 52.48 54.10 -22.74
CA PRO H 107 53.19 53.74 -21.52
C PRO H 107 54.42 52.87 -21.84
N TRP H 108 55.45 53.07 -21.07
CA TRP H 108 56.75 52.37 -21.18
C TRP H 108 57.01 51.62 -19.87
N VAL H 109 57.16 50.32 -19.99
CA VAL H 109 57.44 49.38 -18.88
C VAL H 109 58.84 48.83 -19.12
N VAL H 110 59.70 48.86 -18.12
CA VAL H 110 61.03 48.19 -18.18
C VAL H 110 60.92 46.85 -17.46
N PHE H 111 61.32 45.79 -18.14
CA PHE H 111 61.47 44.43 -17.58
C PHE H 111 62.96 44.11 -17.50
N GLY H 112 63.47 43.88 -16.29
CA GLY H 112 64.88 43.61 -16.00
C GLY H 112 65.11 42.29 -15.28
N HIS H 113 65.99 41.45 -15.83
CA HIS H 113 66.38 40.14 -15.25
C HIS H 113 67.81 40.18 -14.74
N SER H 114 68.00 39.85 -13.46
CA SER H 114 69.31 39.67 -12.79
C SER H 114 70.11 40.99 -12.82
N TRP H 115 71.28 41.03 -13.49
CA TRP H 115 72.09 42.25 -13.77
C TRP H 115 71.22 43.36 -14.37
N GLY H 116 70.26 43.01 -15.21
CA GLY H 116 69.29 43.95 -15.81
C GLY H 116 68.25 44.46 -14.84
N SER H 117 67.86 43.67 -13.84
CA SER H 117 67.00 44.16 -12.73
C SER H 117 67.77 45.22 -11.93
N MET H 118 69.05 44.98 -11.62
CA MET H 118 69.90 45.99 -10.95
C MET H 118 70.00 47.23 -11.85
N ILE H 119 70.22 47.06 -13.14
CA ILE H 119 70.26 48.18 -14.11
C ILE H 119 68.92 48.90 -14.12
N ALA H 120 67.83 48.16 -14.30
CA ALA H 120 66.46 48.74 -14.16
C ALA H 120 66.36 49.60 -12.87
N ARG H 121 66.88 49.10 -11.75
CA ARG H 121 66.71 49.82 -10.46
C ARG H 121 67.53 51.11 -10.49
N ALA H 122 68.76 51.04 -10.98
CA ALA H 122 69.63 52.23 -11.19
C ALA H 122 68.92 53.26 -12.08
N MET H 123 68.41 52.86 -13.26
CA MET H 123 67.68 53.76 -14.22
C MET H 123 66.48 54.41 -13.54
N ALA H 124 65.78 53.68 -12.68
CA ALA H 124 64.53 54.19 -12.07
C ALA H 124 64.84 55.44 -11.25
N THR H 125 66.08 55.60 -10.74
CA THR H 125 66.48 56.73 -9.87
C THR H 125 66.83 58.01 -10.69
N ARG H 126 67.08 57.85 -12.00
CA ARG H 126 67.60 58.90 -12.90
C ARG H 126 66.51 59.78 -13.49
N PRO H 127 66.79 61.08 -13.64
CA PRO H 127 65.86 62.07 -14.15
C PRO H 127 65.02 61.86 -15.40
N GLY H 128 65.61 61.45 -16.51
CA GLY H 128 64.76 61.33 -17.69
C GLY H 128 64.46 59.90 -18.12
N THR H 129 64.37 58.98 -17.17
CA THR H 129 64.06 57.60 -17.60
C THR H 129 62.58 57.50 -17.97
N ARG H 130 62.29 56.85 -19.07
CA ARG H 130 60.89 56.63 -19.46
C ARG H 130 60.47 55.42 -18.64
N LEU H 131 59.64 55.63 -17.64
CA LEU H 131 59.27 54.54 -16.72
C LEU H 131 57.86 54.74 -16.17
N ASP H 132 56.91 53.99 -16.73
CA ASP H 132 55.48 54.03 -16.33
C ASP H 132 55.15 52.80 -15.47
N GLY H 133 56.02 51.80 -15.50
CA GLY H 133 55.89 50.53 -14.78
C GLY H 133 57.23 49.84 -14.73
N LEU H 134 57.53 49.19 -13.60
CA LEU H 134 58.81 48.48 -13.34
C LEU H 134 58.54 47.01 -12.97
N ALA H 135 59.12 46.11 -13.76
CA ALA H 135 59.01 44.64 -13.66
C ALA H 135 60.42 44.11 -13.47
N LEU H 136 60.68 43.46 -12.34
CA LEU H 136 62.02 42.96 -11.97
C LEU H 136 61.91 41.45 -11.87
N CYS H 137 62.86 40.76 -12.47
CA CYS H 137 62.97 39.29 -12.45
C CYS H 137 64.39 38.96 -11.98
N GLY H 138 64.55 37.88 -11.22
CA GLY H 138 65.83 37.40 -10.66
C GLY H 138 66.49 38.46 -9.83
N ILE H 139 65.74 39.15 -8.98
CA ILE H 139 66.18 40.37 -8.24
C ILE H 139 67.44 40.01 -7.48
N VAL H 140 68.44 40.88 -7.51
CA VAL H 140 69.70 40.65 -6.77
C VAL H 140 69.64 41.49 -5.49
N ALA H 141 69.47 40.85 -4.32
CA ALA H 141 69.26 41.55 -3.03
C ALA H 141 69.65 40.68 -1.84
N GLN H 142 70.69 41.13 -1.13
CA GLN H 142 71.22 40.51 0.11
C GLN H 142 71.83 39.12 -0.07
N PRO H 143 72.47 38.71 -1.19
CA PRO H 143 73.11 37.41 -1.24
C PRO H 143 74.45 37.56 -0.51
N ARG H 144 74.93 36.50 0.16
CA ARG H 144 76.16 36.53 1.00
C ARG H 144 77.35 37.18 0.27
N GLY H 145 77.65 36.75 -0.94
CA GLY H 145 78.78 37.28 -1.72
C GLY H 145 78.79 38.79 -1.83
N PHE H 146 77.79 39.38 -2.45
CA PHE H 146 77.75 40.84 -2.63
C PHE H 146 77.67 41.55 -1.29
N GLU H 147 77.00 40.96 -0.31
CA GLU H 147 76.74 41.63 0.98
C GLU H 147 77.96 41.61 1.89
N THR H 148 78.69 40.51 1.93
CA THR H 148 79.77 40.41 2.92
C THR H 148 81.02 39.69 2.38
N THR H 149 80.89 38.71 1.51
CA THR H 149 82.09 37.95 1.09
C THR H 149 83.03 38.77 0.20
N LEU H 150 82.49 39.45 -0.81
CA LEU H 150 83.32 40.24 -1.73
C LEU H 150 84.16 41.27 -0.96
N ASP H 151 85.48 41.17 -1.02
CA ASP H 151 86.41 42.12 -0.36
C ASP H 151 86.65 43.31 -1.28
N HIS H 152 85.95 44.40 -0.99
CA HIS H 152 85.96 45.65 -1.82
C HIS H 152 87.37 46.23 -1.87
N LYS H 153 88.12 46.08 -0.76
CA LYS H 153 89.54 46.51 -0.63
C LYS H 153 90.41 45.87 -1.71
N THR H 154 90.49 44.52 -1.75
CA THR H 154 91.30 43.70 -2.72
C THR H 154 90.85 43.98 -4.16
N LEU H 155 89.55 44.23 -4.40
CA LEU H 155 89.00 44.61 -5.72
C LEU H 155 89.59 45.97 -6.12
N ALA H 156 89.45 47.00 -5.29
CA ALA H 156 89.88 48.38 -5.56
C ALA H 156 91.37 48.45 -5.90
N LYS H 157 92.19 47.63 -5.24
CA LYS H 157 93.65 47.53 -5.49
C LYS H 157 93.89 46.93 -6.89
N ALA H 158 93.14 45.90 -7.29
CA ALA H 158 93.20 45.31 -8.64
C ALA H 158 92.77 46.36 -9.68
N MET H 159 91.76 47.18 -9.37
CA MET H 159 91.35 48.31 -10.25
C MET H 159 92.48 49.34 -10.44
N ALA H 160 93.31 49.60 -9.40
CA ALA H 160 94.40 50.61 -9.43
C ALA H 160 95.55 50.15 -10.36
N THR H 161 95.88 48.85 -10.36
CA THR H 161 97.10 48.26 -10.97
C THR H 161 96.81 47.59 -12.34
N ALA H 162 95.62 47.03 -12.58
CA ALA H 162 95.33 46.19 -13.78
C ALA H 162 93.84 46.17 -14.13
N PRO H 163 93.19 47.37 -14.28
CA PRO H 163 91.74 47.45 -14.48
C PRO H 163 91.21 46.58 -15.64
N THR H 164 92.02 46.41 -16.70
CA THR H 164 91.58 45.80 -17.97
C THR H 164 91.87 44.30 -17.99
N ASP H 165 92.56 43.76 -16.99
CA ASP H 165 92.95 42.32 -16.96
C ASP H 165 91.78 41.46 -16.49
N PRO H 166 91.82 40.12 -16.69
CA PRO H 166 90.74 39.26 -16.22
C PRO H 166 90.68 39.29 -14.67
N ALA H 167 89.54 39.63 -14.09
CA ALA H 167 89.33 39.71 -12.62
C ALA H 167 89.95 38.49 -11.95
N PRO H 168 90.69 38.71 -10.86
CA PRO H 168 91.25 37.61 -10.07
C PRO H 168 90.18 36.57 -9.68
N GLU H 169 90.47 35.28 -9.83
CA GLU H 169 89.61 34.13 -9.45
C GLU H 169 88.96 34.36 -8.08
N ALA H 170 89.76 34.72 -7.08
CA ALA H 170 89.29 34.86 -5.68
C ALA H 170 88.14 35.86 -5.63
N LEU H 171 88.21 36.95 -6.41
CA LEU H 171 87.20 38.04 -6.35
C LEU H 171 85.90 37.59 -7.02
N VAL H 172 85.98 36.88 -8.15
CA VAL H 172 84.80 36.30 -8.86
C VAL H 172 84.10 35.31 -7.90
N ALA H 173 84.85 34.44 -7.24
CA ALA H 173 84.30 33.38 -6.38
C ALA H 173 83.70 34.01 -5.13
N GLN H 174 84.27 35.11 -4.66
CA GLN H 174 83.72 35.87 -3.52
C GLN H 174 82.35 36.44 -3.86
N MET H 175 82.24 37.14 -4.99
CA MET H 175 80.99 37.79 -5.46
C MET H 175 79.83 36.78 -5.50
N PHE H 176 80.08 35.60 -6.08
CA PHE H 176 79.07 34.53 -6.36
C PHE H 176 79.02 33.51 -5.17
N ASP H 177 79.62 33.86 -4.02
CA ASP H 177 79.48 33.05 -2.79
C ASP H 177 78.01 33.06 -2.40
N GLY H 178 77.46 31.87 -2.10
CA GLY H 178 76.03 31.70 -1.79
C GLY H 178 75.24 31.09 -2.95
N PHE H 179 75.80 31.14 -4.17
CA PHE H 179 75.09 30.72 -5.39
C PHE H 179 74.95 29.20 -5.43
N ALA H 180 75.86 28.43 -4.82
CA ALA H 180 75.86 26.96 -4.77
C ALA H 180 75.30 26.40 -3.45
N ASP H 181 74.83 27.24 -2.51
CA ASP H 181 74.38 26.78 -1.17
C ASP H 181 73.43 25.58 -1.24
N ARG H 182 72.54 25.53 -2.23
CA ARG H 182 71.44 24.55 -2.29
C ARG H 182 71.55 23.72 -3.57
N LEU H 183 72.75 23.36 -3.99
CA LEU H 183 73.00 22.45 -5.14
C LEU H 183 73.71 21.19 -4.65
N SER H 184 73.42 20.04 -5.27
CA SER H 184 74.28 18.83 -5.24
C SER H 184 75.13 18.81 -6.52
N GLU H 185 76.07 17.87 -6.66
CA GLU H 185 77.00 17.81 -7.82
C GLU H 185 76.18 17.43 -9.06
N ASP H 186 75.13 16.62 -8.86
CA ASP H 186 74.05 16.31 -9.83
C ASP H 186 73.63 17.58 -10.59
N ASP H 187 73.60 18.74 -9.92
CA ASP H 187 73.17 20.06 -10.44
C ASP H 187 74.30 20.79 -11.20
N GLY H 188 75.58 20.46 -10.95
CA GLY H 188 76.71 21.18 -11.57
C GLY H 188 76.86 22.60 -11.03
N PRO H 189 77.98 23.27 -11.38
CA PRO H 189 78.32 24.56 -10.79
C PRO H 189 77.36 25.71 -11.15
N THR H 190 76.64 25.64 -12.28
CA THR H 190 75.65 26.66 -12.74
C THR H 190 74.21 26.15 -12.53
N GLY H 191 74.00 25.13 -11.69
CA GLY H 191 72.67 24.62 -11.33
C GLY H 191 71.71 25.72 -10.87
N TRP H 192 72.21 26.81 -10.28
CA TRP H 192 71.38 27.87 -9.66
C TRP H 192 70.60 28.60 -10.75
N VAL H 193 71.01 28.47 -12.01
CA VAL H 193 70.34 29.15 -13.15
C VAL H 193 68.87 28.69 -13.22
N ALA H 194 68.65 27.40 -13.09
CA ALA H 194 67.30 26.82 -13.20
C ALA H 194 67.34 25.38 -12.68
N ARG H 195 66.23 24.93 -12.13
CA ARG H 195 66.08 23.51 -11.70
C ARG H 195 66.10 22.63 -12.95
N SER H 196 65.52 23.12 -14.05
CA SER H 196 65.57 22.48 -15.37
C SER H 196 67.01 22.38 -15.88
N LYS H 197 67.53 21.17 -15.94
CA LYS H 197 68.85 20.84 -16.48
C LYS H 197 68.88 21.28 -17.95
N GLU H 198 67.76 21.13 -18.64
CA GLU H 198 67.66 21.49 -20.08
C GLU H 198 67.93 23.00 -20.25
N VAL H 199 67.30 23.84 -19.44
CA VAL H 199 67.50 25.32 -19.45
C VAL H 199 68.99 25.65 -19.21
N VAL H 200 69.65 24.92 -18.29
CA VAL H 200 71.06 25.14 -17.87
C VAL H 200 72.02 24.73 -19.00
N ALA H 201 71.77 23.59 -19.64
CA ALA H 201 72.68 23.04 -20.68
C ALA H 201 72.62 23.95 -21.92
N ASP H 202 71.43 24.44 -22.27
CA ASP H 202 71.22 25.43 -23.34
C ASP H 202 71.92 26.73 -22.96
N HIS H 203 71.77 27.24 -21.73
CA HIS H 203 72.48 28.47 -21.23
C HIS H 203 73.98 28.31 -21.50
N GLY H 204 74.52 27.14 -21.18
CA GLY H 204 75.91 26.73 -21.44
C GLY H 204 76.25 26.68 -22.92
N LYS H 205 75.37 26.21 -23.81
CA LYS H 205 75.74 25.94 -25.24
C LYS H 205 75.59 27.20 -26.13
N ASP H 206 74.70 28.14 -25.79
CA ASP H 206 74.30 29.24 -26.69
C ASP H 206 75.55 30.10 -26.97
N LYS H 207 75.96 30.26 -28.23
CA LYS H 207 77.21 31.01 -28.58
C LYS H 207 77.05 32.48 -28.25
N PHE H 208 75.81 32.98 -28.20
CA PHE H 208 75.50 34.39 -27.85
C PHE H 208 75.56 34.59 -26.33
N ASN H 209 75.66 33.52 -25.53
CA ASN H 209 76.03 33.64 -24.09
C ASN H 209 77.55 33.70 -23.96
N ASN H 210 78.28 32.89 -24.75
CA ASN H 210 79.75 32.68 -24.65
C ASN H 210 80.09 32.45 -23.16
N PHE H 211 79.51 31.41 -22.57
CA PHE H 211 79.67 31.05 -21.14
C PHE H 211 81.11 30.57 -20.92
N GLY H 212 81.72 31.01 -19.81
CA GLY H 212 83.13 30.78 -19.48
C GLY H 212 83.99 32.00 -19.75
N ALA H 213 83.50 32.99 -20.50
CA ALA H 213 84.31 34.17 -20.88
C ALA H 213 84.60 34.93 -19.59
N PRO H 214 85.89 35.12 -19.25
CA PRO H 214 86.25 35.76 -17.98
C PRO H 214 85.92 37.27 -17.97
N MET H 215 85.32 37.74 -16.89
CA MET H 215 85.03 39.17 -16.66
C MET H 215 86.35 39.91 -16.42
N SER H 216 86.42 41.17 -16.85
CA SER H 216 87.54 42.07 -16.54
C SER H 216 87.38 42.56 -15.11
N THR H 217 88.47 42.96 -14.48
CA THR H 217 88.51 43.51 -13.11
C THR H 217 87.57 44.71 -13.05
N ARG H 218 87.68 45.63 -14.00
CA ARG H 218 86.79 46.81 -14.01
C ARG H 218 85.32 46.40 -14.25
N PHE H 219 85.06 45.26 -14.88
CA PHE H 219 83.67 44.77 -15.07
C PHE H 219 83.11 44.30 -13.73
N LEU H 220 83.86 43.47 -12.99
CA LEU H 220 83.53 43.02 -11.62
C LEU H 220 83.21 44.25 -10.79
N GLN H 221 83.99 45.34 -10.95
CA GLN H 221 83.85 46.56 -10.11
C GLN H 221 82.50 47.18 -10.47
N GLY H 222 82.17 47.25 -11.76
CA GLY H 222 80.84 47.59 -12.27
C GLY H 222 79.70 46.80 -11.61
N LEU H 223 79.89 45.51 -11.33
CA LEU H 223 78.80 44.70 -10.75
C LEU H 223 78.63 45.12 -9.28
N ALA H 224 79.73 45.37 -8.57
CA ALA H 224 79.71 45.86 -7.17
C ALA H 224 79.04 47.24 -7.16
N ASP H 225 79.41 48.12 -8.09
CA ASP H 225 78.82 49.48 -8.19
C ASP H 225 77.30 49.35 -8.37
N ILE H 226 76.88 48.64 -9.41
CA ILE H 226 75.46 48.47 -9.80
C ILE H 226 74.67 47.80 -8.68
N TYR H 227 75.25 46.84 -7.98
CA TYR H 227 74.55 46.22 -6.84
C TYR H 227 74.22 47.27 -5.76
N ALA H 228 75.21 48.10 -5.43
CA ALA H 228 75.08 49.15 -4.41
C ALA H 228 74.08 50.22 -4.87
N MET H 229 74.01 50.49 -6.15
CA MET H 229 73.05 51.49 -6.68
C MET H 229 71.63 50.96 -6.49
N ALA H 230 71.42 49.72 -6.89
CA ALA H 230 70.12 49.03 -6.90
C ALA H 230 69.57 48.86 -5.48
N ASN H 231 70.41 48.51 -4.53
CA ASN H 231 69.97 48.13 -3.17
C ASN H 231 70.29 49.26 -2.19
N GLY H 232 70.57 50.49 -2.69
CA GLY H 232 71.05 51.63 -1.87
C GLY H 232 69.88 52.41 -1.37
N ASP H 233 70.08 53.34 -0.44
CA ASP H 233 69.03 54.19 0.16
C ASP H 233 68.43 55.10 -0.91
N SER H 234 69.22 55.55 -1.92
CA SER H 234 68.71 56.51 -2.91
C SER H 234 67.81 55.77 -3.91
N PHE H 235 67.98 54.48 -4.17
CA PHE H 235 66.96 53.76 -4.98
C PHE H 235 65.61 53.80 -4.24
N TYR H 236 65.55 53.34 -2.99
CA TYR H 236 64.28 53.24 -2.22
C TYR H 236 63.65 54.62 -2.04
N ALA H 237 64.45 55.67 -1.84
CA ALA H 237 63.94 57.03 -1.54
C ALA H 237 63.52 57.74 -2.84
N THR H 238 64.08 57.38 -4.00
CA THR H 238 63.74 58.16 -5.21
C THR H 238 62.84 57.33 -6.13
N MET H 239 62.70 56.02 -5.90
CA MET H 239 61.86 55.14 -6.76
C MET H 239 60.54 55.85 -7.07
N PRO H 240 60.20 56.18 -8.34
CA PRO H 240 58.90 56.80 -8.61
C PRO H 240 57.68 55.96 -8.17
N ASN H 241 56.55 56.63 -7.96
CA ASN H 241 55.28 56.00 -7.47
C ASN H 241 54.59 55.44 -8.69
N ILE H 242 55.08 54.31 -9.18
CA ILE H 242 54.51 53.63 -10.36
C ILE H 242 54.35 52.19 -9.99
N PRO H 243 53.47 51.44 -10.67
CA PRO H 243 53.28 50.02 -10.37
C PRO H 243 54.60 49.27 -10.50
N ILE H 244 54.86 48.40 -9.53
CA ILE H 244 56.07 47.55 -9.47
C ILE H 244 55.62 46.10 -9.44
N VAL H 245 56.24 45.24 -10.25
CA VAL H 245 56.04 43.78 -10.21
C VAL H 245 57.42 43.13 -10.04
N LEU H 246 57.49 42.08 -9.21
CA LEU H 246 58.71 41.29 -8.88
C LEU H 246 58.41 39.82 -9.13
N PHE H 247 59.35 39.10 -9.73
CA PHE H 247 59.32 37.67 -10.06
C PHE H 247 60.61 37.05 -9.54
N ALA H 248 60.54 35.98 -8.75
CA ALA H 248 61.75 35.32 -8.21
C ALA H 248 61.46 33.88 -7.87
N GLY H 249 62.45 32.99 -8.03
CA GLY H 249 62.43 31.63 -7.48
C GLY H 249 62.72 31.67 -5.99
N SER H 250 61.99 30.90 -5.18
CA SER H 250 62.23 30.77 -3.71
C SER H 250 63.63 30.16 -3.49
N GLU H 251 64.16 29.45 -4.49
CA GLU H 251 65.49 28.74 -4.50
C GLU H 251 66.54 29.51 -5.33
N ASP H 252 66.29 30.78 -5.63
CA ASP H 252 67.24 31.66 -6.35
C ASP H 252 68.22 32.24 -5.35
N PRO H 253 69.51 31.88 -5.39
CA PRO H 253 70.48 32.51 -4.49
C PRO H 253 70.62 34.03 -4.67
N ALA H 254 70.42 34.57 -5.88
CA ALA H 254 70.60 36.02 -6.18
C ALA H 254 69.79 36.87 -5.19
N GLY H 255 68.57 36.43 -4.89
CA GLY H 255 67.66 37.09 -3.95
C GLY H 255 67.76 36.53 -2.52
N ASP H 256 68.82 35.75 -2.24
CA ASP H 256 69.06 35.05 -0.95
C ASP H 256 67.87 34.13 -0.67
N PHE H 257 67.52 33.32 -1.68
CA PHE H 257 66.44 32.30 -1.60
C PHE H 257 65.16 32.94 -1.06
N GLY H 258 64.67 34.00 -1.74
CA GLY H 258 63.40 34.68 -1.40
C GLY H 258 63.50 35.72 -0.30
N THR H 259 64.43 35.57 0.66
CA THR H 259 64.57 36.43 1.87
C THR H 259 64.81 37.88 1.41
N GLY H 260 65.82 38.08 0.57
CA GLY H 260 66.18 39.41 0.04
C GLY H 260 65.06 40.05 -0.76
N VAL H 261 64.37 39.27 -1.58
CA VAL H 261 63.29 39.79 -2.47
C VAL H 261 62.15 40.26 -1.58
N LYS H 262 61.89 39.57 -0.47
CA LYS H 262 60.81 39.97 0.48
C LYS H 262 61.18 41.29 1.13
N ALA H 263 62.45 41.45 1.50
CA ALA H 263 62.99 42.71 2.07
C ALA H 263 62.74 43.84 1.08
N VAL H 264 62.96 43.61 -0.23
CA VAL H 264 62.78 44.64 -1.30
C VAL H 264 61.31 45.06 -1.32
N ALA H 265 60.45 44.06 -1.45
CA ALA H 265 58.98 44.23 -1.46
C ALA H 265 58.60 45.04 -0.22
N GLU H 266 59.08 44.65 0.96
CA GLU H 266 58.61 45.25 2.23
C GLU H 266 59.02 46.72 2.31
N ARG H 267 60.26 47.07 1.94
CA ARG H 267 60.79 48.45 2.12
C ARG H 267 60.06 49.39 1.15
N LEU H 268 59.92 48.98 -0.11
CA LEU H 268 59.11 49.72 -1.10
C LEU H 268 57.70 49.89 -0.56
N ARG H 269 57.03 48.83 -0.06
CA ARG H 269 55.64 48.94 0.48
C ARG H 269 55.63 49.93 1.65
N ARG H 270 56.55 49.77 2.60
CA ARG H 270 56.80 50.73 3.71
C ARG H 270 56.71 52.16 3.16
N ASP H 271 57.37 52.46 2.04
CA ASP H 271 57.53 53.85 1.54
C ASP H 271 56.30 54.26 0.69
N GLY H 272 55.23 53.44 0.62
CA GLY H 272 53.95 53.78 -0.05
C GLY H 272 53.81 53.15 -1.44
N HIS H 273 54.75 52.30 -1.91
CA HIS H 273 54.73 51.76 -3.30
C HIS H 273 53.71 50.63 -3.48
N ASN H 274 53.11 50.57 -4.67
CA ASN H 274 52.25 49.46 -5.14
C ASN H 274 53.19 48.37 -5.65
N VAL H 275 53.32 47.25 -4.91
CA VAL H 275 54.22 46.15 -5.31
C VAL H 275 53.44 44.84 -5.48
N GLU H 276 53.64 44.17 -6.60
CA GLU H 276 53.07 42.84 -6.89
C GLU H 276 54.21 41.82 -6.87
N LEU H 277 54.16 40.83 -5.98
CA LEU H 277 55.25 39.86 -5.73
C LEU H 277 54.79 38.46 -6.23
N HIS H 278 55.56 37.84 -7.12
CA HIS H 278 55.35 36.45 -7.59
C HIS H 278 56.55 35.66 -7.17
N LEU H 279 56.43 34.85 -6.11
CA LEU H 279 57.53 33.99 -5.61
C LEU H 279 57.18 32.55 -5.95
N TYR H 280 57.94 31.94 -6.86
CA TYR H 280 57.70 30.57 -7.43
C TYR H 280 58.45 29.54 -6.59
N ASP H 281 57.69 28.84 -5.77
CA ASP H 281 58.13 27.76 -4.86
C ASP H 281 58.95 26.71 -5.61
N GLY H 282 60.16 26.39 -5.13
CA GLY H 282 60.94 25.26 -5.65
C GLY H 282 61.73 25.63 -6.90
N LEU H 283 61.51 26.80 -7.49
CA LEU H 283 62.22 27.21 -8.74
C LEU H 283 63.43 28.08 -8.41
N ARG H 284 64.41 28.06 -9.31
CA ARG H 284 65.70 28.77 -9.14
C ARG H 284 65.67 30.11 -9.87
N HIS H 285 66.78 30.54 -10.47
CA HIS H 285 66.99 31.96 -10.84
C HIS H 285 66.05 32.38 -12.01
N GLU H 286 66.09 31.67 -13.13
CA GLU H 286 65.44 32.11 -14.39
C GLU H 286 63.97 31.65 -14.36
N VAL H 287 63.17 32.24 -13.50
CA VAL H 287 61.73 31.86 -13.42
C VAL H 287 61.05 32.09 -14.79
N HIS H 288 61.55 33.03 -15.60
CA HIS H 288 60.99 33.31 -16.96
C HIS H 288 61.37 32.19 -17.95
N ASN H 289 62.31 31.33 -17.63
CA ASN H 289 62.72 30.25 -18.55
C ASN H 289 62.28 28.86 -18.04
N GLU H 290 62.05 28.70 -16.71
CA GLU H 290 61.66 27.40 -16.08
C GLU H 290 60.37 26.96 -16.71
N PRO H 291 60.26 25.69 -17.20
CA PRO H 291 59.04 25.23 -17.87
C PRO H 291 57.76 25.40 -17.02
N GLU H 292 57.83 25.32 -15.71
CA GLU H 292 56.59 25.32 -14.90
C GLU H 292 56.16 26.76 -14.66
N SER H 293 57.06 27.74 -14.65
CA SER H 293 56.72 29.14 -14.27
C SER H 293 56.58 30.04 -15.50
N ARG H 294 57.09 29.64 -16.66
CA ARG H 294 57.33 30.59 -17.78
C ARG H 294 55.99 31.23 -18.18
N ALA H 295 54.96 30.42 -18.36
CA ALA H 295 53.63 30.88 -18.84
C ALA H 295 53.04 31.86 -17.84
N ASP H 296 53.16 31.58 -16.55
CA ASP H 296 52.64 32.50 -15.49
C ASP H 296 53.46 33.82 -15.42
N VAL H 297 54.76 33.78 -15.66
CA VAL H 297 55.57 35.03 -15.66
C VAL H 297 55.11 35.90 -16.84
N GLU H 298 54.94 35.30 -18.03
CA GLU H 298 54.54 36.05 -19.25
C GLU H 298 53.11 36.58 -19.08
N SER H 299 52.14 35.76 -18.68
CA SER H 299 50.72 36.21 -18.55
C SER H 299 50.59 37.24 -17.40
N SER H 300 51.34 37.10 -16.30
CA SER H 300 51.38 38.09 -15.18
C SER H 300 51.94 39.42 -15.70
N LEU H 301 52.98 39.36 -16.52
CA LEU H 301 53.62 40.57 -17.11
C LEU H 301 52.63 41.23 -18.09
N VAL H 302 51.92 40.47 -18.94
CA VAL H 302 50.91 41.08 -19.87
C VAL H 302 49.88 41.87 -19.02
N THR H 303 49.28 41.23 -18.01
CA THR H 303 48.27 41.80 -17.09
C THR H 303 48.82 43.08 -16.47
N PHE H 304 50.05 43.00 -15.94
CA PHE H 304 50.79 44.13 -15.34
C PHE H 304 50.88 45.29 -16.35
N VAL H 305 51.30 45.03 -17.59
CA VAL H 305 51.46 46.09 -18.62
C VAL H 305 50.07 46.69 -18.94
N ASP H 306 49.05 45.87 -19.19
CA ASP H 306 47.64 46.37 -19.42
C ASP H 306 47.21 47.24 -18.23
N ARG H 307 47.70 46.91 -17.04
CA ARG H 307 47.29 47.63 -15.80
C ARG H 307 47.92 49.02 -15.76
N VAL H 308 49.15 49.17 -16.24
CA VAL H 308 49.86 50.46 -16.26
C VAL H 308 49.38 51.28 -17.46
N ALA H 309 48.90 50.61 -18.49
CA ALA H 309 48.26 51.32 -19.62
C ALA H 309 46.89 51.83 -19.15
N ASN H 310 46.43 51.29 -18.03
CA ASN H 310 45.19 51.63 -17.30
C ASN H 310 44.02 51.80 -18.26
N ALA I 2 -60.25 -32.30 35.70
CA ALA I 2 -58.98 -31.85 35.17
C ALA I 2 -59.23 -31.18 33.82
N LEU I 3 -58.33 -30.27 33.42
CA LEU I 3 -58.38 -29.48 32.17
C LEU I 3 -57.08 -29.72 31.37
N GLN I 4 -57.20 -29.86 30.06
CA GLN I 4 -56.04 -29.94 29.13
C GLN I 4 -56.21 -28.85 28.06
N GLU I 5 -55.13 -28.15 27.74
CA GLU I 5 -55.08 -27.26 26.56
C GLU I 5 -54.35 -28.02 25.46
N ILE I 6 -55.02 -28.14 24.32
CA ILE I 6 -54.48 -28.71 23.07
C ILE I 6 -54.49 -27.63 21.99
N GLU I 7 -53.33 -27.25 21.50
CA GLU I 7 -53.22 -26.51 20.24
C GLU I 7 -52.62 -27.53 19.31
N PHE I 8 -53.06 -27.51 18.06
CA PHE I 8 -52.37 -28.18 16.94
C PHE I 8 -52.43 -27.23 15.75
N THR I 9 -51.49 -27.37 14.81
CA THR I 9 -51.52 -26.57 13.58
C THR I 9 -52.72 -27.06 12.78
N SER I 10 -53.55 -26.14 12.32
CA SER I 10 -54.65 -26.43 11.40
C SER I 10 -54.12 -27.11 10.14
N HIS I 11 -55.00 -27.83 9.47
CA HIS I 11 -54.79 -28.37 8.12
C HIS I 11 -54.54 -27.22 7.12
N ASN I 12 -55.01 -25.99 7.40
CA ASN I 12 -54.83 -24.83 6.48
C ASN I 12 -53.41 -24.27 6.60
N GLY I 13 -52.64 -24.71 7.60
CA GLY I 13 -51.21 -24.42 7.76
C GLY I 13 -50.95 -23.06 8.38
N ARG I 14 -52.00 -22.25 8.51
CA ARG I 14 -52.00 -20.88 9.08
C ARG I 14 -52.37 -20.92 10.57
N ASP I 15 -53.50 -21.55 10.93
CA ASP I 15 -54.10 -21.35 12.28
C ASP I 15 -53.49 -22.28 13.33
N ALA I 16 -53.31 -21.74 14.53
CA ALA I 16 -53.08 -22.55 15.75
C ALA I 16 -54.46 -22.92 16.27
N ILE I 17 -54.92 -24.15 16.10
CA ILE I 17 -56.32 -24.50 16.52
C ILE I 17 -56.37 -24.48 18.04
N GLN I 18 -57.24 -23.67 18.63
CA GLN I 18 -57.36 -23.56 20.11
C GLN I 18 -58.38 -24.61 20.54
N ALA I 19 -58.02 -25.48 21.49
CA ALA I 19 -58.81 -26.67 21.87
C ALA I 19 -58.65 -26.97 23.34
N TRP I 20 -59.68 -27.58 23.91
CA TRP I 20 -59.70 -28.00 25.31
C TRP I 20 -60.20 -29.46 25.41
N ALA I 21 -59.66 -30.18 26.38
CA ALA I 21 -60.25 -31.42 26.93
C ALA I 21 -60.55 -31.17 28.39
N TYR I 22 -61.80 -31.47 28.79
CA TYR I 22 -62.34 -31.37 30.15
C TYR I 22 -62.49 -32.80 30.71
N GLU I 23 -61.84 -33.18 31.81
CA GLU I 23 -62.11 -34.52 32.40
C GLU I 23 -62.85 -34.39 33.72
N PRO I 24 -63.84 -35.28 33.99
CA PRO I 24 -64.57 -35.27 35.25
C PRO I 24 -63.77 -36.01 36.31
N VAL I 25 -64.16 -35.80 37.57
CA VAL I 25 -63.65 -36.57 38.74
C VAL I 25 -64.16 -37.98 38.51
N GLY I 26 -63.39 -38.99 38.91
CA GLY I 26 -63.80 -40.39 38.77
C GLY I 26 -63.57 -40.87 37.35
N THR I 27 -63.77 -42.16 37.15
CA THR I 27 -63.46 -42.90 35.91
C THR I 27 -64.52 -42.53 34.90
N PRO I 28 -64.17 -41.81 33.83
CA PRO I 28 -65.18 -41.43 32.84
C PRO I 28 -65.70 -42.69 32.15
N THR I 29 -66.97 -42.68 31.72
CA THR I 29 -67.62 -43.78 30.95
C THR I 29 -67.77 -43.46 29.46
N ALA I 30 -67.59 -42.22 29.03
CA ALA I 30 -67.63 -41.89 27.59
C ALA I 30 -66.86 -40.60 27.29
N VAL I 31 -66.62 -40.38 25.99
CA VAL I 31 -66.07 -39.12 25.44
C VAL I 31 -67.13 -38.48 24.54
N VAL I 32 -67.42 -37.19 24.73
CA VAL I 32 -68.27 -36.33 23.86
C VAL I 32 -67.41 -35.21 23.26
N GLN I 33 -67.31 -35.17 21.93
CA GLN I 33 -66.70 -34.11 21.12
C GLN I 33 -67.82 -33.15 20.73
N ILE I 34 -67.77 -31.89 21.18
CA ILE I 34 -68.72 -30.81 20.77
C ILE I 34 -68.09 -30.10 19.57
N ILE I 35 -68.82 -30.02 18.48
CA ILE I 35 -68.42 -29.24 17.27
C ILE I 35 -69.37 -28.07 17.14
N HIS I 36 -68.88 -26.84 17.36
CA HIS I 36 -69.70 -25.59 17.34
C HIS I 36 -69.99 -25.13 15.91
N GLY I 37 -70.98 -24.25 15.78
CA GLY I 37 -71.45 -23.78 14.48
C GLY I 37 -70.76 -22.51 14.04
N LEU I 38 -71.36 -21.90 13.04
CA LEU I 38 -70.88 -20.66 12.41
C LEU I 38 -71.18 -19.51 13.37
N GLY I 39 -70.28 -18.53 13.42
CA GLY I 39 -70.39 -17.31 14.24
C GLY I 39 -70.40 -17.53 15.74
N GLU I 40 -69.94 -18.68 16.25
CA GLU I 40 -69.88 -18.98 17.72
C GLU I 40 -68.53 -19.62 18.05
N HIS I 41 -68.38 -20.20 19.24
CA HIS I 41 -67.09 -20.73 19.78
C HIS I 41 -67.41 -21.82 20.80
N SER I 42 -66.44 -22.67 21.13
CA SER I 42 -66.66 -23.91 21.91
C SER I 42 -66.90 -23.56 23.39
N ARG I 43 -66.34 -22.45 23.86
CA ARG I 43 -66.47 -22.04 25.29
C ARG I 43 -67.86 -21.41 25.53
N ARG I 44 -68.65 -21.24 24.47
CA ARG I 44 -70.08 -20.84 24.61
C ARG I 44 -70.94 -21.97 25.19
N TYR I 45 -70.42 -23.20 25.24
CA TYR I 45 -71.14 -24.44 25.64
C TYR I 45 -70.94 -24.72 27.15
N LEU I 46 -70.58 -23.69 27.91
CA LEU I 46 -70.19 -23.88 29.34
C LEU I 46 -71.24 -24.75 30.02
N HIS I 47 -72.51 -24.37 29.93
CA HIS I 47 -73.63 -25.09 30.59
C HIS I 47 -73.57 -26.56 30.18
N MET I 48 -73.47 -26.84 28.89
CA MET I 48 -73.48 -28.21 28.34
C MET I 48 -72.24 -29.00 28.76
N ILE I 49 -71.08 -28.36 28.91
CA ILE I 49 -69.81 -29.04 29.25
C ILE I 49 -69.92 -29.45 30.71
N SER I 50 -70.43 -28.54 31.53
CA SER I 50 -70.56 -28.82 32.99
C SER I 50 -71.48 -30.01 33.18
N ALA I 51 -72.58 -30.04 32.44
CA ALA I 51 -73.65 -31.06 32.52
C ALA I 51 -73.06 -32.42 32.11
N LEU I 52 -72.19 -32.42 31.09
CA LEU I 52 -71.57 -33.67 30.58
C LEU I 52 -70.48 -34.16 31.55
N LEU I 53 -69.78 -33.25 32.24
CA LEU I 53 -68.87 -33.62 33.34
C LEU I 53 -69.71 -34.16 34.52
N ASP I 54 -70.87 -33.59 34.84
CA ASP I 54 -71.68 -34.11 35.99
C ASP I 54 -72.02 -35.58 35.68
N ALA I 55 -72.29 -35.90 34.41
CA ALA I 55 -72.73 -37.23 33.89
C ALA I 55 -71.56 -38.24 33.85
N GLY I 56 -70.31 -37.81 34.05
CA GLY I 56 -69.15 -38.71 34.04
C GLY I 56 -68.49 -38.85 32.67
N PHE I 57 -68.66 -37.86 31.77
CA PHE I 57 -68.04 -37.91 30.42
C PHE I 57 -66.84 -36.95 30.30
N VAL I 58 -65.83 -37.36 29.53
CA VAL I 58 -64.80 -36.44 29.01
C VAL I 58 -65.47 -35.60 27.93
N VAL I 59 -65.19 -34.31 27.89
CA VAL I 59 -65.68 -33.39 26.83
C VAL I 59 -64.45 -32.83 26.12
N ILE I 60 -64.44 -32.87 24.80
CA ILE I 60 -63.34 -32.28 24.00
C ILE I 60 -63.98 -31.33 22.96
N ALA I 61 -63.45 -30.15 22.79
CA ALA I 61 -63.91 -29.21 21.75
C ALA I 61 -62.78 -28.27 21.32
N ASP I 62 -62.85 -27.77 20.08
CA ASP I 62 -61.94 -26.73 19.57
C ASP I 62 -62.78 -25.57 19.04
N ASP I 63 -62.11 -24.44 18.88
CA ASP I 63 -62.62 -23.28 18.12
C ASP I 63 -62.08 -23.49 16.70
N HIS I 64 -62.98 -23.77 15.74
CA HIS I 64 -62.60 -24.11 14.35
C HIS I 64 -61.82 -22.93 13.76
N ALA I 65 -61.06 -23.16 12.69
CA ALA I 65 -60.46 -22.09 11.88
C ALA I 65 -61.49 -20.96 11.66
N GLY I 66 -61.07 -19.70 11.83
CA GLY I 66 -61.88 -18.48 11.62
C GLY I 66 -62.86 -18.24 12.76
N HIS I 67 -62.67 -18.93 13.90
CA HIS I 67 -63.66 -18.88 15.02
C HIS I 67 -63.00 -18.73 16.39
N GLY I 68 -63.69 -17.99 17.27
CA GLY I 68 -63.34 -17.85 18.70
C GLY I 68 -61.87 -17.57 18.89
N ARG I 69 -61.26 -18.29 19.82
CA ARG I 69 -59.87 -18.04 20.27
C ARG I 69 -58.91 -18.30 19.10
N THR I 70 -59.21 -19.27 18.22
CA THR I 70 -58.33 -19.62 17.07
C THR I 70 -58.19 -18.39 16.18
N ALA I 71 -59.30 -17.66 15.99
CA ALA I 71 -59.34 -16.38 15.23
C ALA I 71 -58.76 -15.25 16.08
N MET I 72 -59.00 -15.26 17.39
CA MET I 72 -58.52 -14.21 18.32
C MET I 72 -56.99 -14.19 18.22
N GLN I 73 -56.37 -15.36 18.18
CA GLN I 73 -54.90 -15.52 18.14
C GLN I 73 -54.37 -15.25 16.73
N SER I 74 -55.03 -15.72 15.67
CA SER I 74 -54.52 -15.69 14.27
C SER I 74 -54.75 -14.30 13.63
N GLY I 75 -55.82 -13.61 14.00
CA GLY I 75 -56.16 -12.31 13.39
C GLY I 75 -57.23 -12.47 12.32
N VAL I 76 -57.59 -13.70 11.92
CA VAL I 76 -58.44 -13.99 10.73
C VAL I 76 -59.76 -14.60 11.19
N TRP I 77 -60.85 -13.85 10.99
CA TRP I 77 -62.25 -14.23 11.29
C TRP I 77 -62.96 -14.73 10.03
N ALA I 78 -63.84 -15.73 10.16
CA ALA I 78 -64.78 -16.14 9.10
C ALA I 78 -64.04 -16.50 7.80
N ASP I 79 -62.79 -16.92 7.88
CA ASP I 79 -62.08 -17.60 6.76
C ASP I 79 -61.30 -18.75 7.38
N ALA I 80 -61.13 -19.84 6.63
CA ALA I 80 -60.60 -21.16 7.08
C ALA I 80 -59.49 -21.64 6.15
N GLY I 81 -59.02 -20.78 5.25
CA GLY I 81 -58.01 -21.11 4.25
C GLY I 81 -58.68 -21.60 2.99
N ASP I 82 -57.88 -22.11 2.06
CA ASP I 82 -58.33 -22.86 0.86
C ASP I 82 -58.96 -24.19 1.32
N ASN I 83 -59.91 -24.71 0.52
CA ASN I 83 -60.51 -26.04 0.70
C ASN I 83 -61.10 -26.10 2.11
N ALA I 84 -61.91 -25.10 2.46
CA ALA I 84 -62.34 -24.80 3.84
C ALA I 84 -63.11 -25.98 4.43
N ALA I 85 -64.00 -26.62 3.67
CA ALA I 85 -64.70 -27.82 4.17
C ALA I 85 -63.69 -28.90 4.53
N GLU I 86 -62.68 -29.18 3.70
CA GLU I 86 -61.64 -30.23 4.01
C GLU I 86 -60.82 -29.81 5.25
N VAL I 87 -60.54 -28.52 5.41
CA VAL I 87 -59.80 -27.99 6.59
C VAL I 87 -60.59 -28.36 7.86
N VAL I 88 -61.88 -28.01 7.92
CA VAL I 88 -62.61 -28.11 9.22
C VAL I 88 -62.90 -29.56 9.56
N ILE I 89 -63.06 -30.44 8.54
CA ILE I 89 -63.21 -31.91 8.77
C ILE I 89 -61.89 -32.50 9.32
N SER I 90 -60.80 -32.27 8.62
CA SER I 90 -59.43 -32.68 8.99
C SER I 90 -59.16 -32.25 10.44
N ASP I 91 -59.41 -31.00 10.80
CA ASP I 91 -59.17 -30.45 12.17
C ASP I 91 -60.01 -31.20 13.22
N GLU I 92 -61.27 -31.53 12.94
CA GLU I 92 -62.10 -32.34 13.89
C GLU I 92 -61.56 -33.77 13.99
N LEU I 93 -60.95 -34.31 12.95
CA LEU I 93 -60.32 -35.68 13.05
C LEU I 93 -59.01 -35.59 13.85
N THR I 94 -58.16 -34.61 13.54
CA THR I 94 -56.96 -34.25 14.34
C THR I 94 -57.33 -33.99 15.80
N LEU I 95 -58.48 -33.38 16.11
CA LEU I 95 -58.84 -33.16 17.52
C LEU I 95 -59.00 -34.52 18.22
N GLN I 96 -59.65 -35.48 17.60
CA GLN I 96 -59.84 -36.81 18.24
C GLN I 96 -58.48 -37.44 18.60
N GLN I 97 -57.44 -37.28 17.79
CA GLN I 97 -56.14 -38.00 17.97
C GLN I 97 -55.27 -37.24 18.98
N GLN I 98 -55.71 -36.07 19.44
CA GLN I 98 -55.07 -35.37 20.57
C GLN I 98 -55.26 -36.14 21.89
N LEU I 99 -56.27 -37.01 21.98
CA LEU I 99 -56.52 -37.85 23.18
C LEU I 99 -56.09 -39.30 22.88
N ALA I 100 -55.22 -39.53 21.88
CA ALA I 100 -54.70 -40.87 21.52
C ALA I 100 -53.95 -41.46 22.74
N GLY I 101 -54.28 -42.71 23.11
CA GLY I 101 -53.70 -43.42 24.28
C GLY I 101 -54.33 -43.05 25.62
N GLN I 102 -55.30 -42.14 25.66
CA GLN I 102 -55.86 -41.68 26.96
C GLN I 102 -57.21 -42.41 27.23
N PHE I 103 -58.05 -42.58 26.20
CA PHE I 103 -59.45 -43.02 26.36
C PHE I 103 -59.83 -44.00 25.24
N ASP I 104 -58.87 -44.82 24.82
CA ASP I 104 -58.97 -45.64 23.59
C ASP I 104 -60.17 -46.60 23.67
N ASP I 105 -60.53 -47.06 24.85
CA ASP I 105 -61.57 -48.12 25.04
C ASP I 105 -62.91 -47.53 25.53
N LEU I 106 -63.03 -46.20 25.54
CA LEU I 106 -64.30 -45.50 25.81
C LEU I 106 -65.06 -45.30 24.51
N PRO I 107 -66.41 -45.25 24.57
CA PRO I 107 -67.19 -44.73 23.46
C PRO I 107 -67.06 -43.20 23.24
N TRP I 108 -67.09 -42.82 21.98
CA TRP I 108 -66.90 -41.44 21.49
C TRP I 108 -68.20 -40.98 20.83
N VAL I 109 -68.80 -39.91 21.33
CA VAL I 109 -70.02 -39.29 20.70
C VAL I 109 -69.61 -37.92 20.20
N VAL I 110 -69.80 -37.71 18.91
CA VAL I 110 -69.70 -36.37 18.28
C VAL I 110 -71.07 -35.71 18.43
N PHE I 111 -71.10 -34.55 19.06
CA PHE I 111 -72.26 -33.62 19.07
C PHE I 111 -71.96 -32.43 18.16
N GLY I 112 -72.81 -32.15 17.18
CA GLY I 112 -72.57 -31.03 16.22
C GLY I 112 -73.79 -30.12 16.13
N HIS I 113 -73.61 -28.81 16.18
CA HIS I 113 -74.72 -27.83 16.04
C HIS I 113 -74.45 -26.97 14.80
N SER I 114 -75.43 -26.86 13.89
CA SER I 114 -75.49 -26.00 12.66
C SER I 114 -74.37 -26.43 11.72
N TRP I 115 -73.44 -25.54 11.37
CA TRP I 115 -72.22 -25.89 10.59
C TRP I 115 -71.54 -27.09 11.25
N GLY I 116 -71.56 -27.16 12.57
CA GLY I 116 -71.03 -28.31 13.33
C GLY I 116 -71.77 -29.59 13.01
N SER I 117 -73.09 -29.50 12.76
CA SER I 117 -73.91 -30.67 12.38
C SER I 117 -73.48 -31.17 11.00
N MET I 118 -73.21 -30.24 10.08
CA MET I 118 -72.74 -30.57 8.71
C MET I 118 -71.33 -31.20 8.80
N ILE I 119 -70.42 -30.62 9.57
CA ILE I 119 -69.06 -31.20 9.78
C ILE I 119 -69.21 -32.63 10.31
N ALA I 120 -70.09 -32.85 11.30
CA ALA I 120 -70.27 -34.16 11.97
C ALA I 120 -70.75 -35.19 10.92
N ARG I 121 -71.75 -34.86 10.13
CA ARG I 121 -72.22 -35.76 9.05
C ARG I 121 -71.07 -36.04 8.08
N ALA I 122 -70.29 -35.05 7.72
CA ALA I 122 -69.20 -35.21 6.72
C ALA I 122 -68.15 -36.20 7.28
N MET I 123 -67.82 -36.09 8.57
CA MET I 123 -66.85 -36.93 9.32
C MET I 123 -67.38 -38.37 9.39
N ALA I 124 -68.70 -38.51 9.50
CA ALA I 124 -69.34 -39.84 9.56
C ALA I 124 -68.96 -40.66 8.32
N THR I 125 -68.87 -40.04 7.16
CA THR I 125 -68.61 -40.78 5.89
C THR I 125 -67.11 -41.13 5.79
N ARG I 126 -66.24 -40.62 6.66
CA ARG I 126 -64.77 -40.78 6.52
C ARG I 126 -64.27 -41.93 7.38
N PRO I 127 -63.21 -42.63 6.92
CA PRO I 127 -62.63 -43.71 7.71
C PRO I 127 -61.79 -43.14 8.86
N GLY I 128 -61.74 -43.88 9.97
CA GLY I 128 -60.88 -43.56 11.12
C GLY I 128 -61.49 -42.51 12.01
N THR I 129 -62.66 -41.96 11.67
CA THR I 129 -63.48 -41.12 12.58
C THR I 129 -63.85 -41.97 13.78
N ARG I 130 -63.60 -41.49 15.00
CA ARG I 130 -64.15 -42.13 16.21
C ARG I 130 -65.62 -41.71 16.32
N LEU I 131 -66.56 -42.62 16.12
CA LEU I 131 -68.01 -42.32 16.12
C LEU I 131 -68.81 -43.54 16.58
N ASP I 132 -69.11 -43.65 17.89
CA ASP I 132 -69.93 -44.74 18.48
C ASP I 132 -71.35 -44.21 18.66
N GLY I 133 -71.52 -42.88 18.55
CA GLY I 133 -72.83 -42.21 18.61
C GLY I 133 -72.76 -40.87 17.92
N LEU I 134 -73.83 -40.47 17.22
CA LEU I 134 -73.92 -39.21 16.48
C LEU I 134 -75.11 -38.40 17.02
N ALA I 135 -74.85 -37.17 17.48
CA ALA I 135 -75.89 -36.22 17.94
C ALA I 135 -75.78 -34.96 17.10
N LEU I 136 -76.87 -34.59 16.43
CA LEU I 136 -76.93 -33.37 15.59
C LEU I 136 -77.92 -32.39 16.23
N CYS I 137 -77.61 -31.11 16.15
CA CYS I 137 -78.41 -30.00 16.74
C CYS I 137 -78.46 -28.86 15.75
N GLY I 138 -79.56 -28.13 15.68
CA GLY I 138 -79.78 -27.11 14.65
C GLY I 138 -79.43 -27.64 13.27
N ILE I 139 -80.00 -28.77 12.88
CA ILE I 139 -79.62 -29.50 11.63
C ILE I 139 -79.89 -28.62 10.42
N VAL I 140 -78.95 -28.64 9.48
CA VAL I 140 -79.06 -27.91 8.19
C VAL I 140 -79.49 -28.94 7.13
N ALA I 141 -80.76 -28.93 6.81
CA ALA I 141 -81.35 -29.92 5.87
C ALA I 141 -82.52 -29.32 5.09
N GLN I 142 -82.32 -29.11 3.79
CA GLN I 142 -83.33 -28.65 2.83
C GLN I 142 -83.82 -27.22 3.05
N PRO I 143 -82.99 -26.23 3.46
CA PRO I 143 -83.49 -24.86 3.52
C PRO I 143 -83.51 -24.32 2.08
N ARG I 144 -84.35 -23.34 1.79
CA ARG I 144 -84.51 -22.81 0.40
C ARG I 144 -83.17 -22.34 -0.19
N GLY I 145 -82.42 -21.53 0.56
CA GLY I 145 -81.13 -21.01 0.09
C GLY I 145 -80.13 -22.05 -0.31
N PHE I 146 -79.96 -23.13 0.46
CA PHE I 146 -78.91 -24.13 0.10
C PHE I 146 -79.37 -25.04 -1.04
N GLU I 147 -80.64 -25.48 -1.08
CA GLU I 147 -81.14 -26.47 -2.09
C GLU I 147 -81.28 -25.81 -3.46
N THR I 148 -81.68 -24.52 -3.51
CA THR I 148 -82.21 -23.86 -4.74
C THR I 148 -81.54 -22.53 -5.03
N THR I 149 -81.71 -21.56 -4.11
CA THR I 149 -81.48 -20.12 -4.33
C THR I 149 -79.99 -19.82 -4.49
N LEU I 150 -79.07 -20.48 -3.77
CA LEU I 150 -77.61 -20.22 -3.93
C LEU I 150 -77.21 -20.58 -5.35
N ASP I 151 -76.69 -19.62 -6.11
CA ASP I 151 -76.30 -19.77 -7.53
C ASP I 151 -74.87 -20.27 -7.59
N HIS I 152 -74.70 -21.58 -7.63
CA HIS I 152 -73.37 -22.26 -7.60
C HIS I 152 -72.48 -21.73 -8.73
N LYS I 153 -73.11 -21.26 -9.81
CA LYS I 153 -72.44 -20.75 -11.03
C LYS I 153 -71.73 -19.43 -10.70
N THR I 154 -72.49 -18.44 -10.24
CA THR I 154 -72.01 -17.13 -9.74
C THR I 154 -70.93 -17.34 -8.67
N LEU I 155 -71.14 -18.29 -7.75
CA LEU I 155 -70.21 -18.50 -6.62
C LEU I 155 -68.89 -19.03 -7.18
N ALA I 156 -68.96 -20.02 -8.06
CA ALA I 156 -67.82 -20.64 -8.77
C ALA I 156 -66.95 -19.53 -9.36
N LYS I 157 -67.58 -18.57 -10.04
CA LYS I 157 -66.93 -17.48 -10.79
C LYS I 157 -66.23 -16.54 -9.81
N ALA I 158 -66.89 -16.20 -8.70
CA ALA I 158 -66.36 -15.27 -7.69
C ALA I 158 -65.13 -15.92 -7.02
N MET I 159 -65.14 -17.26 -6.92
CA MET I 159 -64.06 -18.13 -6.36
C MET I 159 -62.80 -18.13 -7.24
N ALA I 160 -62.98 -18.08 -8.56
CA ALA I 160 -61.92 -18.04 -9.59
C ALA I 160 -61.27 -16.63 -9.66
N THR I 161 -61.97 -15.56 -9.26
CA THR I 161 -61.55 -14.15 -9.49
C THR I 161 -60.94 -13.53 -8.21
N ALA I 162 -61.55 -13.74 -7.03
CA ALA I 162 -61.14 -13.13 -5.74
C ALA I 162 -61.56 -14.04 -4.58
N PRO I 163 -61.03 -15.28 -4.51
CA PRO I 163 -61.39 -16.24 -3.45
C PRO I 163 -61.29 -15.76 -2.00
N THR I 164 -60.37 -14.81 -1.72
CA THR I 164 -59.97 -14.32 -0.36
C THR I 164 -60.78 -13.08 0.03
N ASP I 165 -61.40 -12.41 -0.93
CA ASP I 165 -62.18 -11.19 -0.64
C ASP I 165 -63.46 -11.60 0.09
N PRO I 166 -64.14 -10.66 0.78
CA PRO I 166 -65.47 -10.93 1.33
C PRO I 166 -66.45 -11.50 0.31
N ALA I 167 -67.26 -12.47 0.75
CA ALA I 167 -68.37 -13.02 -0.02
C ALA I 167 -69.18 -11.82 -0.51
N PRO I 168 -69.45 -11.66 -1.83
CA PRO I 168 -70.40 -10.64 -2.27
C PRO I 168 -71.73 -10.83 -1.51
N GLU I 169 -72.35 -9.71 -1.11
CA GLU I 169 -73.61 -9.65 -0.31
C GLU I 169 -74.69 -10.54 -0.91
N ALA I 170 -74.85 -10.55 -2.23
CA ALA I 170 -75.96 -11.23 -2.93
C ALA I 170 -75.85 -12.75 -2.70
N LEU I 171 -74.63 -13.30 -2.69
CA LEU I 171 -74.38 -14.75 -2.50
C LEU I 171 -74.67 -15.14 -1.05
N VAL I 172 -74.22 -14.34 -0.08
CA VAL I 172 -74.55 -14.61 1.35
C VAL I 172 -76.08 -14.60 1.50
N ALA I 173 -76.76 -13.56 1.00
CA ALA I 173 -78.25 -13.46 1.05
C ALA I 173 -78.91 -14.70 0.43
N GLN I 174 -78.35 -15.21 -0.67
CA GLN I 174 -78.88 -16.38 -1.42
C GLN I 174 -78.80 -17.59 -0.49
N MET I 175 -77.63 -17.84 0.07
CA MET I 175 -77.36 -19.03 0.89
C MET I 175 -78.37 -19.03 2.05
N PHE I 176 -78.66 -17.86 2.60
CA PHE I 176 -79.43 -17.70 3.86
C PHE I 176 -80.86 -17.29 3.53
N ASP I 177 -81.27 -17.48 2.27
CA ASP I 177 -82.62 -17.06 1.81
C ASP I 177 -83.62 -17.78 2.69
N GLY I 178 -84.55 -17.06 3.29
CA GLY I 178 -85.66 -17.66 4.03
C GLY I 178 -85.36 -17.90 5.51
N PHE I 179 -84.20 -17.45 6.02
CA PHE I 179 -83.87 -17.51 7.47
C PHE I 179 -84.83 -16.55 8.20
N ALA I 180 -85.16 -15.42 7.55
CA ALA I 180 -85.90 -14.28 8.12
C ALA I 180 -87.42 -14.43 7.93
N ASP I 181 -87.87 -15.55 7.35
CA ASP I 181 -89.25 -15.71 6.80
C ASP I 181 -90.33 -15.71 7.86
N ARG I 182 -90.12 -16.36 9.01
CA ARG I 182 -91.17 -16.53 10.06
C ARG I 182 -90.89 -15.58 11.22
N LEU I 183 -90.20 -14.46 10.97
CA LEU I 183 -89.86 -13.45 11.99
C LEU I 183 -90.86 -12.29 11.90
N SER I 184 -90.89 -11.38 12.89
CA SER I 184 -91.63 -10.08 12.88
C SER I 184 -90.61 -8.93 12.88
N GLU I 185 -91.09 -7.68 13.01
CA GLU I 185 -90.23 -6.47 13.19
C GLU I 185 -89.47 -6.62 14.52
N ASP I 186 -90.18 -6.95 15.58
CA ASP I 186 -89.66 -6.93 16.97
C ASP I 186 -88.51 -7.95 17.14
N ASP I 187 -88.54 -9.06 16.39
CA ASP I 187 -87.56 -10.17 16.48
C ASP I 187 -86.17 -9.67 16.03
N GLY I 188 -86.10 -8.85 14.97
CA GLY I 188 -84.84 -8.33 14.41
C GLY I 188 -84.20 -9.27 13.40
N PRO I 189 -83.14 -8.83 12.70
CA PRO I 189 -82.48 -9.64 11.66
C PRO I 189 -81.97 -11.05 12.04
N THR I 190 -81.25 -11.22 13.15
CA THR I 190 -80.73 -12.56 13.59
C THR I 190 -81.70 -13.18 14.60
N GLY I 191 -82.98 -12.85 14.52
CA GLY I 191 -84.02 -13.33 15.45
C GLY I 191 -84.27 -14.82 15.34
N TRP I 192 -83.91 -15.44 14.23
CA TRP I 192 -84.03 -16.91 14.00
C TRP I 192 -83.06 -17.68 14.91
N VAL I 193 -82.08 -16.99 15.51
CA VAL I 193 -81.07 -17.66 16.35
C VAL I 193 -81.80 -18.29 17.54
N ALA I 194 -82.72 -17.57 18.16
CA ALA I 194 -83.57 -18.09 19.26
C ALA I 194 -84.86 -17.27 19.43
N ARG I 195 -85.92 -17.88 19.96
CA ARG I 195 -87.07 -17.11 20.48
C ARG I 195 -86.62 -16.21 21.63
N SER I 196 -85.77 -16.73 22.53
CA SER I 196 -85.15 -15.91 23.61
C SER I 196 -84.39 -14.71 23.04
N LYS I 197 -84.98 -13.52 23.15
CA LYS I 197 -84.32 -12.21 22.91
C LYS I 197 -82.98 -12.14 23.67
N GLU I 198 -82.94 -12.69 24.87
CA GLU I 198 -81.74 -12.62 25.73
C GLU I 198 -80.62 -13.52 25.15
N VAL I 199 -80.94 -14.71 24.65
CA VAL I 199 -79.89 -15.55 24.00
C VAL I 199 -79.32 -14.77 22.81
N VAL I 200 -80.21 -14.25 21.96
CA VAL I 200 -79.85 -13.53 20.70
C VAL I 200 -78.89 -12.39 21.04
N ALA I 201 -79.18 -11.65 22.12
CA ALA I 201 -78.41 -10.43 22.47
C ALA I 201 -77.01 -10.85 22.95
N ASP I 202 -76.96 -11.86 23.81
CA ASP I 202 -75.66 -12.39 24.30
C ASP I 202 -74.90 -12.92 23.08
N HIS I 203 -75.60 -13.56 22.14
CA HIS I 203 -74.99 -14.07 20.89
C HIS I 203 -74.33 -12.88 20.18
N GLY I 204 -75.02 -11.73 20.20
CA GLY I 204 -74.58 -10.49 19.56
C GLY I 204 -73.40 -9.88 20.28
N LYS I 205 -73.32 -10.08 21.59
CA LYS I 205 -72.41 -9.33 22.48
C LYS I 205 -71.10 -10.11 22.64
N ASP I 206 -71.18 -11.43 22.67
CA ASP I 206 -70.02 -12.30 22.98
C ASP I 206 -68.86 -11.94 22.01
N LYS I 207 -67.76 -11.45 22.54
CA LYS I 207 -66.58 -11.05 21.75
C LYS I 207 -65.96 -12.25 21.05
N PHE I 208 -66.17 -13.45 21.61
CA PHE I 208 -65.64 -14.71 21.03
C PHE I 208 -66.56 -15.21 19.90
N ASN I 209 -67.73 -14.59 19.76
CA ASN I 209 -68.60 -14.89 18.60
C ASN I 209 -68.20 -13.96 17.47
N ASN I 210 -67.75 -12.74 17.77
CA ASN I 210 -67.40 -11.71 16.77
C ASN I 210 -68.53 -11.58 15.76
N PHE I 211 -69.64 -11.04 16.22
CA PHE I 211 -70.93 -10.84 15.52
C PHE I 211 -70.76 -10.19 14.14
N GLY I 212 -71.28 -10.89 13.14
CA GLY I 212 -71.33 -10.43 11.74
C GLY I 212 -70.00 -10.23 11.06
N ALA I 213 -68.96 -10.96 11.44
CA ALA I 213 -67.67 -10.85 10.70
C ALA I 213 -67.95 -11.31 9.27
N PRO I 214 -67.52 -10.60 8.23
CA PRO I 214 -67.81 -11.00 6.87
C PRO I 214 -67.03 -12.25 6.45
N MET I 215 -67.76 -13.25 5.96
CA MET I 215 -67.20 -14.50 5.43
C MET I 215 -66.47 -14.21 4.12
N SER I 216 -65.34 -14.86 3.88
CA SER I 216 -64.67 -14.81 2.57
C SER I 216 -65.50 -15.64 1.59
N THR I 217 -65.23 -15.45 0.31
CA THR I 217 -65.87 -16.18 -0.82
C THR I 217 -65.48 -17.66 -0.71
N ARG I 218 -64.22 -17.96 -0.45
CA ARG I 218 -63.75 -19.36 -0.32
C ARG I 218 -64.39 -19.99 0.92
N PHE I 219 -64.70 -19.19 1.95
CA PHE I 219 -65.40 -19.71 3.13
C PHE I 219 -66.82 -20.12 2.72
N LEU I 220 -67.57 -19.23 2.06
CA LEU I 220 -68.95 -19.48 1.60
C LEU I 220 -68.97 -20.75 0.77
N GLN I 221 -67.98 -20.92 -0.12
CA GLN I 221 -67.88 -22.10 -0.99
C GLN I 221 -67.82 -23.35 -0.11
N GLY I 222 -67.01 -23.34 0.94
CA GLY I 222 -66.90 -24.43 1.95
C GLY I 222 -68.23 -24.73 2.64
N LEU I 223 -69.09 -23.74 2.88
CA LEU I 223 -70.44 -23.99 3.44
C LEU I 223 -71.27 -24.78 2.43
N ALA I 224 -71.21 -24.41 1.15
CA ALA I 224 -71.85 -25.12 0.03
C ALA I 224 -71.34 -26.57 -0.01
N ASP I 225 -70.03 -26.72 -0.02
CA ASP I 225 -69.37 -28.06 -0.14
C ASP I 225 -69.83 -28.94 1.03
N ILE I 226 -69.82 -28.38 2.25
CA ILE I 226 -70.08 -29.15 3.51
C ILE I 226 -71.56 -29.50 3.55
N TYR I 227 -72.42 -28.61 3.03
CA TYR I 227 -73.87 -28.86 2.88
C TYR I 227 -74.02 -30.06 1.96
N ALA I 228 -73.35 -30.02 0.80
CA ALA I 228 -73.49 -31.08 -0.22
C ALA I 228 -73.05 -32.41 0.40
N MET I 229 -71.93 -32.43 1.14
CA MET I 229 -71.42 -33.67 1.78
C MET I 229 -72.42 -34.17 2.83
N ALA I 230 -72.97 -33.27 3.64
CA ALA I 230 -73.80 -33.64 4.83
C ALA I 230 -75.16 -34.19 4.39
N ASN I 231 -75.66 -33.69 3.27
CA ASN I 231 -77.02 -34.00 2.77
C ASN I 231 -76.98 -34.90 1.54
N GLY I 232 -75.79 -35.29 1.05
CA GLY I 232 -75.63 -36.07 -0.20
C GLY I 232 -75.91 -37.55 0.00
N ASP I 233 -75.97 -38.31 -1.10
CA ASP I 233 -76.25 -39.76 -1.06
C ASP I 233 -75.17 -40.48 -0.23
N SER I 234 -73.90 -40.08 -0.34
CA SER I 234 -72.79 -40.85 0.31
C SER I 234 -72.90 -40.77 1.84
N PHE I 235 -73.44 -39.67 2.40
CA PHE I 235 -73.72 -39.66 3.86
C PHE I 235 -74.73 -40.78 4.21
N TYR I 236 -75.93 -40.77 3.63
CA TYR I 236 -77.06 -41.70 3.94
C TYR I 236 -76.65 -43.16 3.75
N ALA I 237 -75.88 -43.47 2.70
CA ALA I 237 -75.37 -44.83 2.41
C ALA I 237 -74.18 -45.22 3.33
N THR I 238 -73.32 -44.27 3.73
CA THR I 238 -72.07 -44.60 4.48
C THR I 238 -72.32 -44.54 5.98
N MET I 239 -73.28 -43.75 6.44
CA MET I 239 -73.61 -43.58 7.88
C MET I 239 -73.44 -44.93 8.57
N PRO I 240 -72.50 -45.05 9.55
CA PRO I 240 -72.32 -46.30 10.30
C PRO I 240 -73.59 -46.68 11.08
N ASN I 241 -73.71 -47.97 11.39
CA ASN I 241 -74.82 -48.59 12.15
C ASN I 241 -74.61 -48.32 13.64
N ILE I 242 -75.03 -47.13 14.09
CA ILE I 242 -74.80 -46.63 15.48
C ILE I 242 -75.98 -45.77 15.89
N PRO I 243 -76.18 -45.57 17.21
CA PRO I 243 -77.14 -44.57 17.67
C PRO I 243 -76.94 -43.14 17.11
N ILE I 244 -78.05 -42.57 16.65
CA ILE I 244 -78.14 -41.19 16.11
C ILE I 244 -79.24 -40.49 16.89
N VAL I 245 -79.01 -39.26 17.32
CA VAL I 245 -80.08 -38.41 17.92
C VAL I 245 -80.03 -37.02 17.27
N LEU I 246 -81.22 -36.51 16.98
CA LEU I 246 -81.46 -35.23 16.27
C LEU I 246 -82.26 -34.29 17.20
N PHE I 247 -81.82 -33.05 17.36
CA PHE I 247 -82.44 -31.94 18.12
C PHE I 247 -82.66 -30.75 17.20
N ALA I 248 -83.87 -30.21 17.14
CA ALA I 248 -84.15 -29.02 16.31
C ALA I 248 -85.42 -28.37 16.80
N GLY I 249 -85.51 -27.07 16.55
CA GLY I 249 -86.71 -26.24 16.73
C GLY I 249 -87.61 -26.34 15.51
N SER I 250 -88.92 -26.31 15.73
CA SER I 250 -89.92 -26.39 14.66
C SER I 250 -89.87 -25.08 13.88
N GLU I 251 -89.41 -23.98 14.49
CA GLU I 251 -89.33 -22.67 13.77
C GLU I 251 -87.91 -22.32 13.36
N ASP I 252 -87.02 -23.34 13.26
CA ASP I 252 -85.60 -23.24 12.81
C ASP I 252 -85.57 -23.24 11.29
N PRO I 253 -85.24 -22.11 10.63
CA PRO I 253 -85.10 -22.12 9.18
C PRO I 253 -84.07 -23.12 8.64
N ALA I 254 -83.03 -23.45 9.42
CA ALA I 254 -81.87 -24.26 8.97
C ALA I 254 -82.34 -25.66 8.58
N GLY I 255 -83.34 -26.21 9.28
CA GLY I 255 -83.95 -27.53 8.96
C GLY I 255 -85.26 -27.41 8.18
N ASP I 256 -85.46 -26.31 7.46
CA ASP I 256 -86.74 -25.95 6.79
C ASP I 256 -87.91 -26.17 7.76
N PHE I 257 -87.84 -25.55 8.93
CA PHE I 257 -88.90 -25.51 9.97
C PHE I 257 -89.44 -26.92 10.22
N GLY I 258 -88.58 -27.85 10.62
CA GLY I 258 -88.93 -29.25 10.94
C GLY I 258 -89.01 -30.16 9.71
N THR I 259 -89.39 -29.64 8.54
CA THR I 259 -89.66 -30.45 7.32
C THR I 259 -88.35 -31.11 6.90
N GLY I 260 -87.33 -30.32 6.66
CA GLY I 260 -85.95 -30.76 6.35
C GLY I 260 -85.48 -31.83 7.31
N VAL I 261 -85.60 -31.57 8.63
CA VAL I 261 -85.09 -32.47 9.71
C VAL I 261 -85.91 -33.75 9.77
N LYS I 262 -87.22 -33.72 9.52
CA LYS I 262 -88.04 -34.97 9.53
C LYS I 262 -87.62 -35.86 8.35
N ALA I 263 -87.43 -35.27 7.17
CA ALA I 263 -86.87 -35.98 5.99
C ALA I 263 -85.57 -36.66 6.41
N VAL I 264 -84.66 -35.96 7.09
CA VAL I 264 -83.33 -36.53 7.47
C VAL I 264 -83.53 -37.78 8.31
N ALA I 265 -84.40 -37.68 9.33
CA ALA I 265 -84.72 -38.77 10.28
C ALA I 265 -85.41 -39.93 9.54
N GLU I 266 -86.46 -39.64 8.78
CA GLU I 266 -87.21 -40.70 8.05
C GLU I 266 -86.23 -41.44 7.14
N ARG I 267 -85.39 -40.70 6.41
CA ARG I 267 -84.49 -41.31 5.41
C ARG I 267 -83.50 -42.24 6.10
N LEU I 268 -82.94 -41.86 7.26
CA LEU I 268 -82.09 -42.74 8.09
C LEU I 268 -82.94 -43.92 8.60
N ARG I 269 -84.16 -43.70 9.09
CA ARG I 269 -85.03 -44.80 9.61
C ARG I 269 -85.22 -45.83 8.48
N ARG I 270 -85.76 -45.35 7.36
CA ARG I 270 -85.97 -46.08 6.08
C ARG I 270 -84.73 -46.94 5.74
N ASP I 271 -83.51 -46.52 6.09
CA ASP I 271 -82.22 -47.23 5.77
C ASP I 271 -81.76 -48.12 6.95
N GLY I 272 -82.61 -48.23 7.99
CA GLY I 272 -82.51 -49.22 9.08
C GLY I 272 -81.73 -48.72 10.28
N HIS I 273 -81.56 -47.41 10.38
CA HIS I 273 -80.74 -46.75 11.43
C HIS I 273 -81.58 -46.54 12.70
N ASN I 274 -80.93 -46.69 13.85
CA ASN I 274 -81.42 -46.29 15.20
C ASN I 274 -81.41 -44.74 15.30
N VAL I 275 -82.59 -44.12 15.21
CA VAL I 275 -82.80 -42.65 15.17
C VAL I 275 -83.80 -42.24 16.25
N GLU I 276 -83.42 -41.25 17.07
CA GLU I 276 -84.19 -40.60 18.15
C GLU I 276 -84.37 -39.13 17.74
N LEU I 277 -85.61 -38.64 17.61
CA LEU I 277 -85.92 -37.28 17.09
C LEU I 277 -86.54 -36.46 18.22
N HIS I 278 -85.92 -35.32 18.55
CA HIS I 278 -86.47 -34.28 19.46
C HIS I 278 -86.78 -33.02 18.65
N LEU I 279 -88.05 -32.84 18.27
CA LEU I 279 -88.57 -31.58 17.68
C LEU I 279 -89.27 -30.73 18.77
N TYR I 280 -88.79 -29.51 19.01
CA TYR I 280 -89.31 -28.54 20.01
C TYR I 280 -90.21 -27.53 19.28
N ASP I 281 -91.53 -27.63 19.49
CA ASP I 281 -92.58 -26.69 19.01
C ASP I 281 -92.27 -25.29 19.51
N GLY I 282 -92.29 -24.29 18.62
CA GLY I 282 -92.22 -22.86 18.96
C GLY I 282 -90.81 -22.30 18.93
N LEU I 283 -89.81 -23.15 19.19
CA LEU I 283 -88.39 -22.74 19.43
C LEU I 283 -87.66 -22.65 18.09
N ARG I 284 -86.54 -21.93 18.08
CA ARG I 284 -85.83 -21.60 16.82
C ARG I 284 -84.53 -22.41 16.79
N HIS I 285 -83.43 -21.82 16.33
CA HIS I 285 -82.23 -22.58 15.91
C HIS I 285 -81.56 -23.23 17.13
N GLU I 286 -81.24 -22.46 18.16
CA GLU I 286 -80.35 -22.90 19.26
C GLU I 286 -81.19 -23.55 20.37
N VAL I 287 -81.78 -24.70 20.11
CA VAL I 287 -82.61 -25.43 21.12
C VAL I 287 -81.76 -25.84 22.33
N HIS I 288 -80.44 -25.90 22.18
CA HIS I 288 -79.50 -26.18 23.29
C HIS I 288 -79.31 -24.91 24.15
N ASN I 289 -79.73 -23.73 23.67
CA ASN I 289 -79.55 -22.45 24.42
C ASN I 289 -80.91 -21.90 24.91
N GLU I 290 -82.01 -22.20 24.20
CA GLU I 290 -83.39 -21.79 24.55
C GLU I 290 -83.73 -22.30 25.95
N PRO I 291 -84.14 -21.39 26.87
CA PRO I 291 -84.50 -21.77 28.24
C PRO I 291 -85.59 -22.85 28.38
N GLU I 292 -86.57 -22.87 27.49
CA GLU I 292 -87.69 -23.85 27.62
C GLU I 292 -87.14 -25.26 27.39
N SER I 293 -86.13 -25.42 26.53
CA SER I 293 -85.69 -26.76 26.02
C SER I 293 -84.26 -27.14 26.47
N ARG I 294 -83.43 -26.20 26.92
CA ARG I 294 -82.00 -26.47 27.21
C ARG I 294 -81.86 -27.79 27.97
N ALA I 295 -82.59 -27.91 29.08
CA ALA I 295 -82.46 -29.00 30.08
C ALA I 295 -82.96 -30.32 29.48
N ASP I 296 -83.89 -30.27 28.55
CA ASP I 296 -84.35 -31.50 27.84
C ASP I 296 -83.27 -31.92 26.83
N VAL I 297 -82.64 -30.99 26.13
CA VAL I 297 -81.59 -31.38 25.17
C VAL I 297 -80.46 -32.06 25.95
N GLU I 298 -80.04 -31.44 27.07
CA GLU I 298 -78.85 -31.90 27.84
C GLU I 298 -79.16 -33.27 28.46
N SER I 299 -80.31 -33.45 29.11
CA SER I 299 -80.69 -34.75 29.75
C SER I 299 -80.91 -35.83 28.68
N SER I 300 -81.55 -35.49 27.55
CA SER I 300 -81.73 -36.43 26.41
C SER I 300 -80.36 -36.84 25.86
N LEU I 301 -79.41 -35.90 25.81
CA LEU I 301 -78.04 -36.15 25.26
C LEU I 301 -77.30 -37.03 26.26
N VAL I 302 -77.46 -36.81 27.56
CA VAL I 302 -76.83 -37.65 28.62
C VAL I 302 -77.38 -39.08 28.52
N THR I 303 -78.72 -39.23 28.48
CA THR I 303 -79.44 -40.53 28.38
C THR I 303 -78.92 -41.24 27.13
N PHE I 304 -78.75 -40.52 26.02
CA PHE I 304 -78.28 -41.07 24.71
C PHE I 304 -76.85 -41.64 24.82
N VAL I 305 -75.96 -40.90 25.43
CA VAL I 305 -74.52 -41.27 25.58
C VAL I 305 -74.37 -42.48 26.51
N ASP I 306 -75.12 -42.57 27.61
CA ASP I 306 -75.20 -43.80 28.47
C ASP I 306 -75.68 -45.01 27.65
N ARG I 307 -76.70 -44.84 26.78
CA ARG I 307 -77.24 -45.90 25.88
C ARG I 307 -76.14 -46.31 24.90
N VAL I 308 -75.39 -45.35 24.36
CA VAL I 308 -74.27 -45.65 23.42
C VAL I 308 -73.19 -46.41 24.19
N ALA I 309 -73.04 -46.13 25.47
CA ALA I 309 -72.01 -46.79 26.31
C ALA I 309 -72.42 -48.22 26.66
N ASN I 310 -73.73 -48.47 26.83
CA ASN I 310 -74.29 -49.81 27.16
C ASN I 310 -73.94 -50.84 26.08
N ARG I 311 -73.97 -50.39 24.82
CA ARG I 311 -73.71 -51.17 23.59
C ARG I 311 -72.22 -51.50 23.44
N ARG I 312 -71.32 -50.70 23.98
CA ARG I 312 -69.87 -51.00 23.84
C ARG I 312 -69.32 -51.59 25.14
N ALA J 2 -71.53 -14.46 27.43
CA ALA J 2 -70.33 -13.82 26.85
C ALA J 2 -69.08 -14.25 27.63
N LEU J 3 -67.95 -14.39 26.95
CA LEU J 3 -66.64 -14.67 27.62
C LEU J 3 -65.67 -13.53 27.28
N GLN J 4 -64.92 -13.03 28.26
CA GLN J 4 -63.83 -12.02 28.04
C GLN J 4 -62.51 -12.61 28.55
N GLU J 5 -61.45 -12.56 27.77
CA GLU J 5 -60.10 -12.89 28.27
C GLU J 5 -59.46 -11.59 28.73
N ILE J 6 -58.97 -11.58 29.96
CA ILE J 6 -58.28 -10.40 30.53
C ILE J 6 -56.86 -10.79 30.94
N GLU J 7 -55.94 -9.88 30.74
CA GLU J 7 -54.53 -10.09 31.15
C GLU J 7 -54.03 -8.72 31.57
N PHE J 8 -53.19 -8.72 32.59
CA PHE J 8 -52.52 -7.53 33.12
C PHE J 8 -51.22 -8.07 33.71
N THR J 9 -50.19 -7.24 33.71
CA THR J 9 -48.91 -7.57 34.35
C THR J 9 -49.17 -7.61 35.86
N SER J 10 -48.83 -8.72 36.50
CA SER J 10 -48.80 -8.87 37.97
C SER J 10 -48.10 -7.65 38.60
N HIS J 11 -48.54 -7.27 39.80
CA HIS J 11 -47.76 -6.45 40.75
C HIS J 11 -46.31 -6.95 40.88
N ASN J 12 -45.99 -8.21 40.57
CA ASN J 12 -44.56 -8.67 40.67
C ASN J 12 -43.72 -8.19 39.46
N GLY J 13 -44.35 -7.69 38.39
CA GLY J 13 -43.67 -7.19 37.18
C GLY J 13 -43.23 -8.28 36.21
N ARG J 14 -43.41 -9.57 36.55
CA ARG J 14 -42.91 -10.72 35.73
C ARG J 14 -44.07 -11.46 35.07
N ASP J 15 -45.08 -11.87 35.85
CA ASP J 15 -46.19 -12.73 35.37
C ASP J 15 -47.24 -11.89 34.59
N ALA J 16 -47.72 -12.46 33.47
CA ALA J 16 -48.97 -12.06 32.80
C ALA J 16 -50.13 -12.83 33.46
N ILE J 17 -50.87 -12.18 34.34
CA ILE J 17 -52.03 -12.78 35.03
C ILE J 17 -53.04 -13.20 33.97
N GLN J 18 -53.36 -14.49 33.92
CA GLN J 18 -54.44 -15.03 33.06
C GLN J 18 -55.73 -14.88 33.82
N ALA J 19 -56.75 -14.31 33.19
CA ALA J 19 -58.06 -14.03 33.81
C ALA J 19 -59.16 -14.14 32.77
N TRP J 20 -60.37 -14.36 33.27
CA TRP J 20 -61.60 -14.53 32.48
C TRP J 20 -62.71 -13.79 33.22
N ALA J 21 -63.64 -13.21 32.49
CA ALA J 21 -64.95 -12.74 32.98
C ALA J 21 -66.01 -13.49 32.19
N TYR J 22 -66.96 -14.10 32.86
CA TYR J 22 -68.10 -14.87 32.31
C TYR J 22 -69.39 -14.10 32.59
N GLU J 23 -70.09 -13.69 31.53
CA GLU J 23 -71.35 -12.92 31.63
C GLU J 23 -72.50 -13.84 31.25
N PRO J 24 -73.59 -13.79 32.02
CA PRO J 24 -74.73 -14.65 31.76
C PRO J 24 -75.57 -14.06 30.63
N VAL J 25 -76.40 -14.91 30.07
CA VAL J 25 -77.58 -14.55 29.24
C VAL J 25 -78.41 -13.60 30.11
N GLY J 26 -78.86 -12.47 29.56
CA GLY J 26 -79.79 -11.58 30.28
C GLY J 26 -79.07 -10.48 31.04
N THR J 27 -79.78 -9.81 31.95
CA THR J 27 -79.29 -8.65 32.73
C THR J 27 -78.70 -9.21 34.03
N PRO J 28 -77.40 -9.03 34.30
CA PRO J 28 -76.83 -9.57 35.54
C PRO J 28 -77.27 -8.71 36.73
N THR J 29 -77.41 -9.32 37.91
CA THR J 29 -77.80 -8.67 39.19
C THR J 29 -76.59 -8.49 40.13
N ALA J 30 -75.45 -9.09 39.79
CA ALA J 30 -74.28 -9.13 40.69
C ALA J 30 -73.07 -9.67 39.97
N VAL J 31 -71.93 -9.43 40.57
CA VAL J 31 -70.61 -9.95 40.15
C VAL J 31 -70.09 -10.79 41.30
N VAL J 32 -69.64 -12.00 40.98
CA VAL J 32 -68.89 -12.87 41.92
C VAL J 32 -67.45 -12.96 41.43
N GLN J 33 -66.51 -12.51 42.25
CA GLN J 33 -65.06 -12.73 42.03
C GLN J 33 -64.69 -14.00 42.80
N ILE J 34 -64.22 -15.00 42.08
CA ILE J 34 -63.76 -16.30 42.63
C ILE J 34 -62.25 -16.17 42.80
N ILE J 35 -61.73 -16.44 44.00
CA ILE J 35 -60.25 -16.42 44.30
C ILE J 35 -59.90 -17.83 44.73
N HIS J 36 -59.23 -18.56 43.85
CA HIS J 36 -58.83 -19.97 44.11
C HIS J 36 -57.70 -19.99 45.13
N GLY J 37 -57.39 -21.18 45.62
CA GLY J 37 -56.36 -21.38 46.65
C GLY J 37 -55.10 -22.01 46.10
N LEU J 38 -54.32 -22.59 47.01
CA LEU J 38 -52.93 -23.00 46.74
C LEU J 38 -52.99 -24.25 45.88
N GLY J 39 -52.09 -24.38 44.90
CA GLY J 39 -51.95 -25.59 44.08
C GLY J 39 -53.22 -25.92 43.31
N GLU J 40 -54.09 -24.95 43.04
CA GLU J 40 -55.24 -25.16 42.11
C GLU J 40 -55.29 -23.97 41.14
N HIS J 41 -56.41 -23.81 40.44
CA HIS J 41 -56.59 -22.80 39.38
C HIS J 41 -58.07 -22.46 39.27
N SER J 42 -58.36 -21.35 38.58
CA SER J 42 -59.71 -20.75 38.55
C SER J 42 -60.63 -21.49 37.56
N ARG J 43 -60.10 -22.23 36.58
CA ARG J 43 -60.98 -22.98 35.65
C ARG J 43 -61.36 -24.35 36.24
N ARG J 44 -60.83 -24.70 37.40
CA ARG J 44 -61.30 -25.88 38.18
C ARG J 44 -62.69 -25.61 38.74
N TYR J 45 -63.17 -24.37 38.70
CA TYR J 45 -64.45 -23.89 39.30
C TYR J 45 -65.59 -23.94 38.27
N LEU J 46 -65.48 -24.79 37.25
CA LEU J 46 -66.42 -24.90 36.12
C LEU J 46 -67.86 -25.10 36.61
N HIS J 47 -68.11 -26.10 37.44
CA HIS J 47 -69.45 -26.34 38.02
C HIS J 47 -69.97 -25.03 38.63
N MET J 48 -69.20 -24.38 39.48
CA MET J 48 -69.68 -23.20 40.27
C MET J 48 -69.90 -21.98 39.36
N ILE J 49 -68.99 -21.74 38.43
CA ILE J 49 -69.14 -20.66 37.42
C ILE J 49 -70.45 -20.87 36.66
N SER J 50 -70.73 -22.07 36.17
CA SER J 50 -71.96 -22.35 35.39
C SER J 50 -73.21 -22.08 36.27
N ALA J 51 -73.21 -22.55 37.52
CA ALA J 51 -74.28 -22.31 38.53
C ALA J 51 -74.49 -20.80 38.73
N LEU J 52 -73.40 -20.06 38.89
CA LEU J 52 -73.50 -18.60 39.19
C LEU J 52 -74.06 -17.88 37.94
N LEU J 53 -73.70 -18.35 36.73
CA LEU J 53 -74.23 -17.75 35.48
C LEU J 53 -75.74 -18.05 35.40
N ASP J 54 -76.13 -19.30 35.59
CA ASP J 54 -77.55 -19.74 35.61
C ASP J 54 -78.39 -18.82 36.51
N ALA J 55 -77.81 -18.34 37.63
CA ALA J 55 -78.45 -17.51 38.68
C ALA J 55 -78.38 -16.03 38.35
N GLY J 56 -77.80 -15.67 37.21
CA GLY J 56 -77.84 -14.32 36.63
C GLY J 56 -76.67 -13.49 37.09
N PHE J 57 -75.56 -14.11 37.52
CA PHE J 57 -74.38 -13.36 38.00
C PHE J 57 -73.26 -13.37 36.97
N VAL J 58 -72.58 -12.23 36.84
CA VAL J 58 -71.24 -12.08 36.20
C VAL J 58 -70.27 -12.81 37.11
N VAL J 59 -69.35 -13.60 36.56
CA VAL J 59 -68.23 -14.19 37.35
C VAL J 59 -66.91 -13.67 36.78
N ILE J 60 -65.96 -13.36 37.65
CA ILE J 60 -64.58 -12.91 37.26
C ILE J 60 -63.59 -13.69 38.13
N ALA J 61 -62.51 -14.14 37.55
CA ALA J 61 -61.46 -14.94 38.23
C ALA J 61 -60.16 -14.85 37.45
N ASP J 62 -59.06 -14.94 38.17
CA ASP J 62 -57.72 -15.08 37.56
C ASP J 62 -57.01 -16.30 38.15
N ASP J 63 -55.99 -16.77 37.43
CA ASP J 63 -55.02 -17.76 37.95
C ASP J 63 -53.91 -16.91 38.54
N HIS J 64 -53.74 -16.96 39.87
CA HIS J 64 -52.77 -16.09 40.59
C HIS J 64 -51.38 -16.52 40.16
N ALA J 65 -50.40 -15.65 40.48
CA ALA J 65 -48.97 -15.82 40.18
C ALA J 65 -48.54 -17.19 40.70
N GLY J 66 -47.65 -17.89 39.98
CA GLY J 66 -47.20 -19.25 40.34
C GLY J 66 -48.27 -20.33 40.16
N HIS J 67 -49.43 -20.03 39.57
CA HIS J 67 -50.61 -20.95 39.51
C HIS J 67 -51.25 -21.04 38.12
N GLY J 68 -51.93 -22.17 37.85
CA GLY J 68 -52.82 -22.38 36.69
C GLY J 68 -52.18 -21.93 35.38
N ARG J 69 -52.93 -21.19 34.54
CA ARG J 69 -52.44 -20.83 33.20
C ARG J 69 -51.32 -19.79 33.36
N THR J 70 -51.35 -18.99 34.43
CA THR J 70 -50.36 -17.94 34.69
C THR J 70 -48.99 -18.59 34.82
N ALA J 71 -48.94 -19.70 35.53
CA ALA J 71 -47.69 -20.47 35.69
C ALA J 71 -47.36 -21.17 34.37
N MET J 72 -48.37 -21.72 33.68
CA MET J 72 -48.18 -22.45 32.40
C MET J 72 -47.53 -21.48 31.38
N GLN J 73 -47.89 -20.19 31.34
CA GLN J 73 -47.37 -19.21 30.33
C GLN J 73 -46.02 -18.62 30.76
N SER J 74 -45.84 -18.28 32.04
CA SER J 74 -44.57 -17.69 32.57
C SER J 74 -43.47 -18.75 32.75
N GLY J 75 -43.81 -20.05 32.80
CA GLY J 75 -42.91 -21.16 33.18
C GLY J 75 -42.56 -21.26 34.68
N VAL J 76 -43.15 -20.45 35.57
CA VAL J 76 -42.78 -20.37 37.01
C VAL J 76 -43.94 -20.84 37.88
N TRP J 77 -43.74 -21.91 38.67
CA TRP J 77 -44.80 -22.46 39.57
C TRP J 77 -44.46 -22.23 41.03
N ALA J 78 -45.48 -21.97 41.85
CA ALA J 78 -45.39 -21.93 43.32
C ALA J 78 -44.37 -20.87 43.73
N ASP J 79 -44.31 -19.78 42.94
CA ASP J 79 -43.59 -18.52 43.25
C ASP J 79 -44.35 -17.35 42.61
N ALA J 80 -44.46 -16.26 43.37
CA ALA J 80 -45.15 -15.02 42.96
C ALA J 80 -44.17 -13.83 43.04
N GLY J 81 -42.87 -14.10 43.11
CA GLY J 81 -41.84 -13.07 43.29
C GLY J 81 -41.64 -12.70 44.75
N ASP J 82 -40.83 -11.68 45.02
CA ASP J 82 -40.68 -11.06 46.37
C ASP J 82 -42.04 -10.51 46.76
N ASN J 83 -42.26 -10.32 48.06
CA ASN J 83 -43.45 -9.68 48.70
C ASN J 83 -44.67 -10.40 48.13
N ALA J 84 -44.63 -11.74 48.22
CA ALA J 84 -45.60 -12.63 47.52
C ALA J 84 -47.01 -12.24 47.92
N ALA J 85 -47.21 -11.94 49.21
CA ALA J 85 -48.51 -11.64 49.82
C ALA J 85 -49.07 -10.36 49.21
N GLU J 86 -48.28 -9.28 49.18
CA GLU J 86 -48.74 -7.95 48.68
C GLU J 86 -49.05 -8.07 47.18
N VAL J 87 -48.33 -8.96 46.50
CA VAL J 87 -48.45 -9.22 45.03
C VAL J 87 -49.86 -9.73 44.77
N VAL J 88 -50.24 -10.85 45.42
CA VAL J 88 -51.51 -11.55 45.07
C VAL J 88 -52.71 -10.74 45.55
N ILE J 89 -52.55 -9.98 46.64
CA ILE J 89 -53.61 -9.05 47.10
C ILE J 89 -53.77 -7.97 46.03
N SER J 90 -52.65 -7.34 45.68
CA SER J 90 -52.55 -6.31 44.63
C SER J 90 -53.17 -6.85 43.32
N ASP J 91 -52.87 -8.09 42.93
CA ASP J 91 -53.44 -8.70 41.69
C ASP J 91 -54.94 -8.88 41.80
N GLU J 92 -55.49 -9.27 42.95
CA GLU J 92 -56.97 -9.40 43.08
C GLU J 92 -57.66 -8.03 43.09
N LEU J 93 -56.99 -6.97 43.53
CA LEU J 93 -57.55 -5.58 43.46
C LEU J 93 -57.56 -5.14 41.98
N THR J 94 -56.46 -5.37 41.27
CA THR J 94 -56.30 -5.01 39.83
C THR J 94 -57.38 -5.74 39.03
N LEU J 95 -57.59 -7.03 39.33
CA LEU J 95 -58.67 -7.80 38.67
C LEU J 95 -60.02 -7.08 38.81
N GLN J 96 -60.35 -6.54 39.99
CA GLN J 96 -61.62 -5.79 40.19
C GLN J 96 -61.69 -4.68 39.14
N GLN J 97 -60.57 -4.02 38.89
CA GLN J 97 -60.48 -2.81 38.04
C GLN J 97 -60.77 -3.22 36.59
N GLN J 98 -60.54 -4.47 36.20
CA GLN J 98 -60.62 -4.89 34.78
C GLN J 98 -62.05 -4.81 34.25
N LEU J 99 -63.06 -4.63 35.11
CA LEU J 99 -64.49 -4.48 34.70
C LEU J 99 -64.96 -3.04 34.88
N ALA J 100 -64.11 -2.13 35.35
CA ALA J 100 -64.47 -0.71 35.61
C ALA J 100 -65.21 -0.18 34.37
N GLY J 101 -66.35 0.48 34.59
CA GLY J 101 -67.23 1.01 33.53
C GLY J 101 -68.32 0.05 33.09
N GLN J 102 -68.22 -1.24 33.41
CA GLN J 102 -69.10 -2.30 32.81
C GLN J 102 -70.27 -2.61 33.75
N PHE J 103 -69.98 -2.82 35.04
CA PHE J 103 -70.95 -3.23 36.08
C PHE J 103 -70.69 -2.40 37.35
N ASP J 104 -70.65 -1.06 37.22
CA ASP J 104 -70.32 -0.07 38.29
C ASP J 104 -71.39 -0.04 39.39
N ASP J 105 -72.65 -0.34 39.07
CA ASP J 105 -73.80 -0.26 40.01
C ASP J 105 -74.23 -1.64 40.53
N LEU J 106 -73.67 -2.73 40.02
CA LEU J 106 -73.94 -4.10 40.56
C LEU J 106 -73.22 -4.29 41.89
N PRO J 107 -73.86 -4.98 42.85
CA PRO J 107 -73.17 -5.50 44.02
C PRO J 107 -72.09 -6.55 43.70
N TRP J 108 -71.03 -6.55 44.50
CA TRP J 108 -69.79 -7.29 44.18
C TRP J 108 -69.45 -8.22 45.34
N VAL J 109 -69.53 -9.52 45.10
CA VAL J 109 -69.23 -10.53 46.15
C VAL J 109 -67.91 -11.21 45.80
N VAL J 110 -66.99 -11.25 46.76
CA VAL J 110 -65.72 -12.02 46.70
C VAL J 110 -65.97 -13.36 47.36
N PHE J 111 -65.63 -14.44 46.65
CA PHE J 111 -65.57 -15.81 47.19
C PHE J 111 -64.12 -16.25 47.09
N GLY J 112 -63.52 -16.55 48.23
CA GLY J 112 -62.14 -17.07 48.37
C GLY J 112 -62.16 -18.46 49.00
N HIS J 113 -61.42 -19.40 48.40
CA HIS J 113 -61.14 -20.74 48.96
C HIS J 113 -59.67 -20.87 49.38
N SER J 114 -59.44 -21.44 50.58
CA SER J 114 -58.16 -21.76 51.27
C SER J 114 -57.25 -20.51 51.28
N TRP J 115 -56.13 -20.53 50.55
CA TRP J 115 -55.27 -19.35 50.31
C TRP J 115 -56.14 -18.16 49.86
N GLY J 116 -57.14 -18.39 49.03
CA GLY J 116 -57.98 -17.32 48.47
C GLY J 116 -58.87 -16.69 49.54
N SER J 117 -59.21 -17.46 50.59
CA SER J 117 -60.02 -16.96 51.73
C SER J 117 -59.14 -16.05 52.58
N MET J 118 -57.85 -16.37 52.68
CA MET J 118 -56.84 -15.51 53.36
C MET J 118 -56.63 -14.21 52.58
N ILE J 119 -56.48 -14.30 51.25
CA ILE J 119 -56.39 -13.13 50.34
C ILE J 119 -57.70 -12.34 50.43
N ALA J 120 -58.83 -13.00 50.37
CA ALA J 120 -60.13 -12.30 50.46
C ALA J 120 -60.24 -11.53 51.78
N ARG J 121 -59.82 -12.13 52.89
CA ARG J 121 -59.88 -11.44 54.19
C ARG J 121 -58.91 -10.25 54.21
N ALA J 122 -57.75 -10.39 53.61
CA ALA J 122 -56.73 -9.33 53.55
C ALA J 122 -57.27 -8.14 52.76
N MET J 123 -58.00 -8.39 51.69
CA MET J 123 -58.57 -7.34 50.82
C MET J 123 -59.68 -6.62 51.57
N ALA J 124 -60.42 -7.34 52.40
CA ALA J 124 -61.62 -6.78 53.06
C ALA J 124 -61.22 -5.56 53.91
N THR J 125 -60.00 -5.57 54.44
CA THR J 125 -59.47 -4.59 55.42
C THR J 125 -58.91 -3.34 54.77
N ARG J 126 -58.82 -3.26 53.42
CA ARG J 126 -58.15 -2.16 52.67
C ARG J 126 -59.21 -1.19 52.17
N PRO J 127 -58.98 0.14 52.25
CA PRO J 127 -59.92 1.10 51.70
C PRO J 127 -60.06 0.92 50.18
N GLY J 128 -61.27 1.12 49.64
CA GLY J 128 -61.51 1.10 48.20
C GLY J 128 -61.68 -0.30 47.63
N THR J 129 -61.54 -1.37 48.42
CA THR J 129 -61.86 -2.74 47.94
C THR J 129 -63.36 -2.78 47.61
N ARG J 130 -63.71 -3.14 46.37
CA ARG J 130 -65.12 -3.44 46.00
C ARG J 130 -65.55 -4.70 46.78
N LEU J 131 -66.40 -4.56 47.80
CA LEU J 131 -66.83 -5.68 48.67
C LEU J 131 -68.17 -5.40 49.36
N ASP J 132 -69.25 -5.96 48.82
CA ASP J 132 -70.63 -5.85 49.36
C ASP J 132 -71.07 -7.16 50.06
N GLY J 133 -70.34 -8.23 49.86
CA GLY J 133 -70.52 -9.51 50.57
C GLY J 133 -69.21 -10.28 50.51
N LEU J 134 -68.81 -10.89 51.61
CA LEU J 134 -67.57 -11.72 51.68
C LEU J 134 -67.99 -13.18 51.92
N ALA J 135 -67.58 -14.09 51.04
CA ALA J 135 -67.89 -15.52 51.15
C ALA J 135 -66.58 -16.31 51.21
N LEU J 136 -66.37 -17.07 52.29
CA LEU J 136 -65.09 -17.76 52.57
C LEU J 136 -65.41 -19.25 52.55
N CYS J 137 -64.51 -20.03 51.96
CA CYS J 137 -64.62 -21.49 51.82
C CYS J 137 -63.26 -22.07 52.22
N GLY J 138 -63.22 -23.30 52.73
CA GLY J 138 -61.98 -23.99 53.17
C GLY J 138 -61.13 -23.07 54.01
N ILE J 139 -61.76 -22.43 54.98
CA ILE J 139 -61.18 -21.29 55.74
C ILE J 139 -59.90 -21.74 56.45
N VAL J 140 -58.82 -20.95 56.31
CA VAL J 140 -57.57 -21.16 57.08
C VAL J 140 -57.66 -20.30 58.35
N ALA J 141 -57.94 -20.92 59.51
CA ALA J 141 -57.98 -20.28 60.85
C ALA J 141 -57.54 -21.27 61.97
N GLN J 142 -56.47 -20.91 62.67
CA GLN J 142 -55.92 -21.68 63.84
C GLN J 142 -55.48 -23.11 63.48
N PRO J 143 -54.72 -23.34 62.38
CA PRO J 143 -54.15 -24.68 62.09
C PRO J 143 -52.95 -24.86 63.03
N ARG J 144 -52.54 -26.10 63.38
CA ARG J 144 -51.44 -26.12 64.37
C ARG J 144 -50.15 -25.57 63.74
N GLY J 145 -49.90 -25.88 62.47
CA GLY J 145 -48.72 -25.44 61.72
C GLY J 145 -48.54 -23.94 61.70
N PHE J 146 -49.55 -23.21 61.23
CA PHE J 146 -49.52 -21.73 61.17
C PHE J 146 -49.49 -21.13 62.59
N GLU J 147 -50.28 -21.65 63.51
CA GLU J 147 -50.43 -21.09 64.88
C GLU J 147 -49.13 -21.27 65.68
N THR J 148 -48.50 -22.46 65.68
CA THR J 148 -47.39 -22.80 66.63
C THR J 148 -46.20 -23.52 65.95
N THR J 149 -46.42 -24.55 65.14
CA THR J 149 -45.33 -25.44 64.64
C THR J 149 -44.37 -24.69 63.70
N LEU J 150 -44.84 -23.70 62.95
CA LEU J 150 -43.97 -22.96 61.99
C LEU J 150 -42.93 -22.13 62.76
N ASP J 151 -41.65 -22.33 62.45
CA ASP J 151 -40.50 -21.68 63.16
C ASP J 151 -40.07 -20.44 62.38
N HIS J 152 -40.58 -19.27 62.78
CA HIS J 152 -40.35 -17.94 62.18
C HIS J 152 -38.85 -17.61 62.14
N LYS J 153 -38.06 -18.15 63.07
CA LYS J 153 -36.58 -17.93 63.08
C LYS J 153 -35.87 -18.79 62.02
N THR J 154 -36.20 -20.07 61.87
CA THR J 154 -35.73 -20.90 60.73
C THR J 154 -36.13 -20.23 59.39
N LEU J 155 -37.40 -19.81 59.28
CA LEU J 155 -37.98 -19.17 58.06
C LEU J 155 -37.16 -17.91 57.73
N ALA J 156 -36.97 -17.01 58.70
CA ALA J 156 -36.16 -15.76 58.54
C ALA J 156 -34.73 -16.12 58.06
N LYS J 157 -34.15 -17.21 58.57
CA LYS J 157 -32.76 -17.65 58.23
C LYS J 157 -32.70 -18.22 56.81
N ALA J 158 -33.72 -18.97 56.37
CA ALA J 158 -33.85 -19.50 54.99
C ALA J 158 -34.11 -18.33 54.03
N MET J 159 -34.77 -17.24 54.49
CA MET J 159 -35.04 -16.02 53.68
C MET J 159 -33.74 -15.24 53.37
N ALA J 160 -32.91 -14.99 54.39
CA ALA J 160 -31.61 -14.29 54.29
C ALA J 160 -30.63 -15.11 53.42
N THR J 161 -30.58 -16.43 53.58
CA THR J 161 -29.58 -17.29 52.87
C THR J 161 -29.97 -17.50 51.39
N ALA J 162 -31.21 -17.84 51.05
CA ALA J 162 -31.61 -18.20 49.65
C ALA J 162 -33.13 -18.10 49.45
N PRO J 163 -33.71 -16.87 49.33
CA PRO J 163 -35.17 -16.71 49.22
C PRO J 163 -35.80 -17.25 47.91
N THR J 164 -35.02 -17.38 46.84
CA THR J 164 -35.44 -17.92 45.52
C THR J 164 -35.49 -19.45 45.54
N ASP J 165 -34.79 -20.11 46.46
CA ASP J 165 -34.60 -21.59 46.41
C ASP J 165 -35.89 -22.26 46.86
N PRO J 166 -36.07 -23.57 46.60
CA PRO J 166 -37.18 -24.35 47.17
C PRO J 166 -37.25 -24.26 48.69
N ALA J 167 -38.39 -23.81 49.24
CA ALA J 167 -38.65 -23.80 50.68
C ALA J 167 -38.12 -25.11 51.24
N PRO J 168 -37.23 -25.07 52.25
CA PRO J 168 -36.78 -26.29 52.93
C PRO J 168 -37.96 -27.15 53.39
N GLU J 169 -37.80 -28.47 53.29
CA GLU J 169 -38.79 -29.51 53.66
C GLU J 169 -39.29 -29.25 55.10
N ALA J 170 -38.44 -28.77 56.01
CA ALA J 170 -38.77 -28.68 57.44
C ALA J 170 -39.84 -27.59 57.62
N LEU J 171 -39.69 -26.46 56.92
CA LEU J 171 -40.66 -25.32 56.99
C LEU J 171 -42.01 -25.73 56.36
N VAL J 172 -41.99 -26.35 55.19
CA VAL J 172 -43.20 -26.86 54.47
C VAL J 172 -43.98 -27.81 55.42
N ALA J 173 -43.31 -28.76 56.06
CA ALA J 173 -43.97 -29.78 56.90
C ALA J 173 -44.46 -29.14 58.21
N GLN J 174 -43.76 -28.13 58.71
CA GLN J 174 -44.21 -27.33 59.87
C GLN J 174 -45.49 -26.56 59.49
N MET J 175 -45.50 -25.91 58.34
CA MET J 175 -46.62 -25.00 57.93
C MET J 175 -47.95 -25.79 57.97
N PHE J 176 -47.96 -26.98 57.36
CA PHE J 176 -49.14 -27.87 57.18
C PHE J 176 -49.11 -28.99 58.24
N ASP J 177 -48.41 -28.76 59.36
CA ASP J 177 -48.46 -29.68 60.53
C ASP J 177 -49.88 -29.59 61.08
N GLY J 178 -50.58 -30.73 61.11
CA GLY J 178 -52.02 -30.83 61.40
C GLY J 178 -52.80 -31.48 60.26
N PHE J 179 -52.33 -31.37 59.01
CA PHE J 179 -53.14 -31.67 57.81
C PHE J 179 -53.41 -33.18 57.76
N ALA J 180 -52.56 -33.98 58.40
CA ALA J 180 -52.60 -35.46 58.44
C ALA J 180 -53.17 -36.02 59.77
N ASP J 181 -53.68 -35.21 60.70
CA ASP J 181 -54.06 -35.70 62.07
C ASP J 181 -55.09 -36.84 62.03
N ARG J 182 -56.07 -36.80 61.09
CA ARG J 182 -57.27 -37.69 61.07
C ARG J 182 -57.31 -38.49 59.77
N LEU J 183 -56.14 -38.69 59.18
CA LEU J 183 -56.01 -39.45 57.92
C LEU J 183 -55.66 -40.91 58.23
N SER J 184 -55.98 -41.80 57.31
CA SER J 184 -55.67 -43.24 57.34
C SER J 184 -54.75 -43.57 56.16
N GLU J 185 -54.10 -44.75 56.19
CA GLU J 185 -53.31 -45.30 55.06
C GLU J 185 -54.08 -45.05 53.75
N ASP J 186 -55.34 -45.49 53.66
CA ASP J 186 -56.14 -45.55 52.38
C ASP J 186 -56.43 -44.16 51.80
N ASP J 187 -56.46 -43.11 52.65
CA ASP J 187 -56.71 -41.70 52.22
C ASP J 187 -55.52 -41.16 51.42
N GLY J 188 -54.31 -41.65 51.70
CA GLY J 188 -53.08 -41.16 51.07
C GLY J 188 -52.67 -39.86 51.74
N PRO J 189 -51.50 -39.30 51.43
CA PRO J 189 -50.99 -38.13 52.14
C PRO J 189 -51.76 -36.82 51.84
N THR J 190 -52.61 -36.76 50.81
CA THR J 190 -53.40 -35.56 50.43
C THR J 190 -54.91 -35.81 50.60
N GLY J 191 -55.30 -36.78 51.43
CA GLY J 191 -56.71 -37.14 51.63
C GLY J 191 -57.41 -36.10 52.48
N TRP J 192 -56.64 -35.15 53.04
CA TRP J 192 -57.25 -34.01 53.74
C TRP J 192 -58.04 -33.16 52.75
N VAL J 193 -57.77 -33.30 51.46
CA VAL J 193 -58.28 -32.34 50.43
C VAL J 193 -59.78 -32.50 50.33
N ALA J 194 -60.24 -33.76 50.35
CA ALA J 194 -61.66 -34.15 50.15
C ALA J 194 -61.91 -35.54 50.74
N ARG J 195 -63.11 -35.78 51.29
CA ARG J 195 -63.49 -37.14 51.73
C ARG J 195 -63.42 -38.05 50.52
N SER J 196 -64.07 -37.64 49.45
CA SER J 196 -64.14 -38.29 48.13
C SER J 196 -62.74 -38.51 47.55
N LYS J 197 -62.31 -39.77 47.43
CA LYS J 197 -61.02 -40.15 46.82
C LYS J 197 -60.99 -39.64 45.37
N GLU J 198 -62.16 -39.53 44.74
CA GLU J 198 -62.23 -39.14 43.30
C GLU J 198 -61.81 -37.66 43.09
N VAL J 199 -62.28 -36.74 43.93
CA VAL J 199 -61.88 -35.30 43.92
C VAL J 199 -60.37 -35.17 44.13
N VAL J 200 -59.85 -35.87 45.14
CA VAL J 200 -58.41 -35.94 45.53
C VAL J 200 -57.54 -36.46 44.37
N ALA J 201 -57.99 -37.51 43.65
CA ALA J 201 -57.27 -38.10 42.49
C ALA J 201 -57.27 -37.12 41.29
N ASP J 202 -58.43 -36.59 40.91
CA ASP J 202 -58.52 -35.54 39.87
C ASP J 202 -57.62 -34.37 40.29
N HIS J 203 -57.56 -34.05 41.60
CA HIS J 203 -56.75 -32.92 42.13
C HIS J 203 -55.26 -33.17 41.88
N GLY J 204 -54.76 -34.39 42.07
CA GLY J 204 -53.37 -34.75 41.74
C GLY J 204 -53.08 -34.79 40.23
N LYS J 205 -54.05 -35.12 39.40
CA LYS J 205 -53.88 -35.44 37.95
C LYS J 205 -53.93 -34.14 37.12
N ASP J 206 -54.74 -33.16 37.53
CA ASP J 206 -55.06 -31.95 36.75
C ASP J 206 -53.73 -31.23 36.50
N LYS J 207 -53.40 -30.98 35.24
CA LYS J 207 -52.09 -30.42 34.82
C LYS J 207 -52.03 -28.94 35.19
N PHE J 208 -53.16 -28.25 35.27
CA PHE J 208 -53.22 -26.82 35.66
C PHE J 208 -53.17 -26.67 37.18
N ASN J 209 -53.23 -27.77 37.93
CA ASN J 209 -52.79 -27.81 39.36
C ASN J 209 -51.28 -28.12 39.46
N ASN J 210 -50.69 -28.93 38.56
CA ASN J 210 -49.24 -29.32 38.61
C ASN J 210 -48.83 -29.67 40.03
N PHE J 211 -49.77 -30.18 40.82
CA PHE J 211 -49.56 -30.45 42.28
C PHE J 211 -48.23 -31.16 42.58
N GLY J 212 -47.61 -30.71 43.65
CA GLY J 212 -46.31 -31.29 44.01
C GLY J 212 -45.21 -30.29 43.78
N ALA J 213 -45.38 -29.44 42.78
CA ALA J 213 -44.41 -28.38 42.42
C ALA J 213 -44.01 -27.66 43.70
N PRO J 214 -42.73 -27.73 44.08
CA PRO J 214 -42.27 -27.13 45.32
C PRO J 214 -42.40 -25.61 45.34
N MET J 215 -42.90 -25.08 46.45
CA MET J 215 -43.04 -23.62 46.66
C MET J 215 -41.66 -23.08 46.95
N SER J 216 -41.48 -21.79 46.68
CA SER J 216 -40.21 -21.11 46.98
C SER J 216 -40.24 -20.66 48.45
N THR J 217 -39.08 -20.31 48.98
CA THR J 217 -38.92 -19.91 50.40
C THR J 217 -39.74 -18.64 50.58
N ARG J 218 -39.63 -17.68 49.66
CA ARG J 218 -40.30 -16.34 49.74
C ARG J 218 -41.81 -16.48 49.50
N PHE J 219 -42.22 -17.49 48.75
CA PHE J 219 -43.64 -17.85 48.61
C PHE J 219 -44.17 -18.31 49.99
N LEU J 220 -43.41 -19.15 50.69
CA LEU J 220 -43.82 -19.70 52.02
C LEU J 220 -43.93 -18.57 53.03
N GLN J 221 -43.06 -17.56 52.91
CA GLN J 221 -43.12 -16.31 53.72
C GLN J 221 -44.40 -15.54 53.38
N GLY J 222 -44.81 -15.56 52.12
CA GLY J 222 -46.07 -14.93 51.67
C GLY J 222 -47.28 -15.52 52.34
N LEU J 223 -47.33 -16.85 52.46
CA LEU J 223 -48.44 -17.55 53.17
C LEU J 223 -48.38 -17.18 54.66
N ALA J 224 -47.19 -17.16 55.25
CA ALA J 224 -47.02 -16.83 56.69
C ALA J 224 -47.54 -15.40 56.92
N ASP J 225 -47.12 -14.46 56.08
CA ASP J 225 -47.50 -13.03 56.15
C ASP J 225 -49.03 -12.91 56.03
N ILE J 226 -49.63 -13.58 55.04
CA ILE J 226 -51.06 -13.39 54.70
C ILE J 226 -51.96 -14.12 55.70
N TYR J 227 -51.44 -15.18 56.35
CA TYR J 227 -52.15 -15.96 57.42
C TYR J 227 -52.48 -14.99 58.58
N ALA J 228 -51.50 -14.16 58.96
CA ALA J 228 -51.58 -13.14 60.04
C ALA J 228 -52.43 -11.93 59.61
N MET J 229 -52.37 -11.49 58.34
CA MET J 229 -53.27 -10.38 57.90
C MET J 229 -54.72 -10.85 57.99
N ALA J 230 -54.97 -12.14 57.71
CA ALA J 230 -56.32 -12.73 57.64
C ALA J 230 -56.82 -13.10 59.05
N ASN J 231 -55.91 -13.41 59.99
CA ASN J 231 -56.29 -14.10 61.27
C ASN J 231 -55.97 -13.26 62.52
N GLY J 232 -55.05 -12.29 62.44
CA GLY J 232 -54.68 -11.43 63.59
C GLY J 232 -55.80 -10.50 64.02
N ASP J 233 -55.73 -9.94 65.24
CA ASP J 233 -56.79 -9.09 65.86
C ASP J 233 -57.17 -7.91 64.94
N SER J 234 -56.21 -7.40 64.16
CA SER J 234 -56.45 -6.26 63.24
C SER J 234 -57.47 -6.64 62.17
N PHE J 235 -57.55 -7.91 61.74
CA PHE J 235 -58.56 -8.36 60.73
C PHE J 235 -59.96 -8.16 61.30
N TYR J 236 -60.19 -8.70 62.50
CA TYR J 236 -61.55 -8.72 63.15
C TYR J 236 -62.03 -7.29 63.48
N ALA J 237 -61.11 -6.38 63.84
CA ALA J 237 -61.41 -4.98 64.22
C ALA J 237 -61.66 -4.09 62.99
N THR J 238 -61.00 -4.41 61.86
CA THR J 238 -60.93 -3.53 60.66
C THR J 238 -61.91 -3.98 59.57
N MET J 239 -62.59 -5.13 59.78
CA MET J 239 -63.46 -5.80 58.78
C MET J 239 -64.71 -4.96 58.63
N PRO J 240 -65.09 -4.55 57.40
CA PRO J 240 -66.31 -3.77 57.18
C PRO J 240 -67.58 -4.51 57.64
N ASN J 241 -68.70 -3.77 57.72
CA ASN J 241 -70.03 -4.22 58.22
C ASN J 241 -70.84 -4.68 57.00
N ILE J 242 -70.51 -5.85 56.45
CA ILE J 242 -71.16 -6.37 55.23
C ILE J 242 -71.52 -7.83 55.48
N PRO J 243 -72.55 -8.40 54.82
CA PRO J 243 -72.91 -9.81 55.04
C PRO J 243 -71.73 -10.75 54.76
N ILE J 244 -71.59 -11.78 55.58
CA ILE J 244 -70.48 -12.79 55.54
C ILE J 244 -71.13 -14.19 55.60
N VAL J 245 -70.70 -15.05 54.70
CA VAL J 245 -71.04 -16.50 54.72
C VAL J 245 -69.72 -17.28 54.80
N LEU J 246 -69.73 -18.40 55.52
CA LEU J 246 -68.54 -19.27 55.74
C LEU J 246 -68.89 -20.71 55.35
N PHE J 247 -67.98 -21.37 54.64
CA PHE J 247 -68.17 -22.74 54.13
C PHE J 247 -66.94 -23.57 54.51
N ALA J 248 -67.13 -24.58 55.37
CA ALA J 248 -66.05 -25.44 55.92
C ALA J 248 -66.54 -26.87 56.17
N GLY J 249 -65.66 -27.84 55.93
CA GLY J 249 -65.80 -29.22 56.43
C GLY J 249 -65.37 -29.31 57.89
N SER J 250 -66.09 -30.10 58.69
CA SER J 250 -65.77 -30.37 60.11
C SER J 250 -64.40 -31.05 60.21
N GLU J 251 -64.02 -31.89 59.25
CA GLU J 251 -62.72 -32.63 59.23
C GLU J 251 -61.70 -31.97 58.27
N ASP J 252 -61.82 -30.67 58.06
CA ASP J 252 -60.86 -29.81 57.33
C ASP J 252 -59.80 -29.32 58.30
N PRO J 253 -58.52 -29.76 58.13
CA PRO J 253 -57.44 -29.29 58.98
C PRO J 253 -57.19 -27.79 58.89
N ALA J 254 -57.45 -27.18 57.74
CA ALA J 254 -57.10 -25.76 57.50
C ALA J 254 -57.85 -24.93 58.54
N GLY J 255 -59.08 -25.31 58.88
CA GLY J 255 -59.92 -24.61 59.88
C GLY J 255 -59.85 -25.22 61.28
N ASP J 256 -58.78 -25.97 61.54
CA ASP J 256 -58.56 -26.74 62.80
C ASP J 256 -59.81 -27.58 63.09
N PHE J 257 -60.26 -28.31 62.07
CA PHE J 257 -61.39 -29.28 62.13
C PHE J 257 -62.66 -28.62 62.67
N GLY J 258 -63.05 -27.52 62.06
CA GLY J 258 -64.26 -26.78 62.46
C GLY J 258 -64.09 -25.83 63.63
N THR J 259 -63.10 -26.04 64.49
CA THR J 259 -62.88 -25.25 65.73
C THR J 259 -62.45 -23.84 65.40
N GLY J 260 -61.47 -23.70 64.51
CA GLY J 260 -60.96 -22.39 64.10
C GLY J 260 -62.01 -21.59 63.38
N VAL J 261 -62.82 -22.27 62.58
CA VAL J 261 -63.91 -21.69 61.77
C VAL J 261 -65.00 -21.18 62.70
N LYS J 262 -65.44 -21.99 63.65
CA LYS J 262 -66.44 -21.59 64.70
C LYS J 262 -65.90 -20.36 65.42
N ALA J 263 -64.61 -20.29 65.70
CA ALA J 263 -64.00 -19.12 66.35
C ALA J 263 -64.13 -17.90 65.43
N VAL J 264 -63.84 -18.04 64.14
CA VAL J 264 -63.96 -16.87 63.22
C VAL J 264 -65.42 -16.40 63.31
N ALA J 265 -66.38 -17.31 63.24
CA ALA J 265 -67.81 -16.98 63.15
C ALA J 265 -68.24 -16.27 64.44
N GLU J 266 -67.99 -16.92 65.59
CA GLU J 266 -68.39 -16.42 66.94
C GLU J 266 -67.80 -15.02 67.08
N ARG J 267 -66.56 -14.84 66.62
CA ARG J 267 -65.79 -13.62 66.92
C ARG J 267 -66.30 -12.45 66.05
N LEU J 268 -66.51 -12.68 64.75
CA LEU J 268 -67.22 -11.75 63.85
C LEU J 268 -68.62 -11.44 64.42
N ARG J 269 -69.39 -12.48 64.80
CA ARG J 269 -70.78 -12.36 65.34
C ARG J 269 -70.76 -11.42 66.56
N ARG J 270 -69.71 -11.54 67.38
CA ARG J 270 -69.50 -10.80 68.64
C ARG J 270 -69.35 -9.31 68.32
N ASP J 271 -68.46 -8.94 67.40
CA ASP J 271 -68.13 -7.51 67.12
C ASP J 271 -69.27 -6.91 66.28
N GLY J 272 -70.36 -7.63 66.04
CA GLY J 272 -71.60 -7.11 65.42
C GLY J 272 -71.83 -7.52 63.96
N HIS J 273 -70.89 -8.24 63.35
CA HIS J 273 -70.94 -8.70 61.93
C HIS J 273 -72.10 -9.69 61.73
N ASN J 274 -72.77 -9.63 60.57
CA ASN J 274 -73.91 -10.51 60.15
C ASN J 274 -73.31 -11.73 59.41
N VAL J 275 -73.23 -12.88 60.09
CA VAL J 275 -72.41 -14.05 59.64
C VAL J 275 -73.33 -15.26 59.43
N GLU J 276 -73.36 -15.83 58.24
CA GLU J 276 -73.99 -17.14 57.98
C GLU J 276 -72.87 -18.21 58.04
N LEU J 277 -73.04 -19.29 58.82
CA LEU J 277 -72.02 -20.36 58.97
C LEU J 277 -72.60 -21.67 58.46
N HIS J 278 -71.94 -22.28 57.48
CA HIS J 278 -72.25 -23.62 56.93
C HIS J 278 -71.09 -24.55 57.28
N LEU J 279 -71.33 -25.54 58.13
CA LEU J 279 -70.33 -26.55 58.56
C LEU J 279 -70.84 -27.94 58.18
N TYR J 280 -70.06 -28.70 57.43
CA TYR J 280 -70.51 -29.97 56.80
C TYR J 280 -69.89 -31.17 57.56
N ASP J 281 -70.67 -31.76 58.46
CA ASP J 281 -70.16 -32.87 59.29
C ASP J 281 -69.58 -33.96 58.41
N GLY J 282 -68.33 -34.35 58.69
CA GLY J 282 -67.64 -35.52 58.11
C GLY J 282 -66.82 -35.19 56.85
N LEU J 283 -66.92 -33.96 56.34
CA LEU J 283 -66.33 -33.52 55.05
C LEU J 283 -65.05 -32.76 55.34
N ARG J 284 -64.17 -32.71 54.34
CA ARG J 284 -62.77 -32.22 54.47
C ARG J 284 -62.68 -30.84 53.81
N HIS J 285 -61.53 -30.50 53.20
CA HIS J 285 -61.19 -29.11 52.78
C HIS J 285 -62.17 -28.58 51.72
N GLU J 286 -62.30 -29.29 50.61
CA GLU J 286 -62.94 -28.72 49.40
C GLU J 286 -64.45 -29.00 49.44
N VAL J 287 -65.21 -28.38 50.34
CA VAL J 287 -66.67 -28.66 50.46
C VAL J 287 -67.42 -28.18 49.21
N HIS J 288 -66.86 -27.28 48.43
CA HIS J 288 -67.44 -26.87 47.11
C HIS J 288 -67.19 -27.92 46.00
N ASN J 289 -66.37 -28.94 46.22
CA ASN J 289 -66.13 -30.05 45.25
C ASN J 289 -66.69 -31.40 45.79
N GLU J 290 -66.78 -31.60 47.12
CA GLU J 290 -67.31 -32.85 47.72
C GLU J 290 -68.72 -33.10 47.20
N PRO J 291 -69.02 -34.25 46.57
CA PRO J 291 -70.34 -34.51 45.99
C PRO J 291 -71.53 -34.28 46.93
N GLU J 292 -71.37 -34.59 48.21
CA GLU J 292 -72.46 -34.53 49.22
C GLU J 292 -72.85 -33.08 49.52
N SER J 293 -71.91 -32.11 49.48
CA SER J 293 -72.11 -30.71 49.93
C SER J 293 -72.09 -29.70 48.78
N ARG J 294 -71.58 -30.04 47.57
CA ARG J 294 -71.35 -29.03 46.50
C ARG J 294 -72.65 -28.29 46.21
N ALA J 295 -73.76 -29.03 46.02
CA ALA J 295 -75.10 -28.48 45.66
C ALA J 295 -75.53 -27.44 46.70
N ASP J 296 -75.39 -27.79 47.97
CA ASP J 296 -75.74 -26.90 49.10
C ASP J 296 -74.81 -25.68 49.10
N VAL J 297 -73.54 -25.84 48.75
CA VAL J 297 -72.58 -24.71 48.83
C VAL J 297 -73.01 -23.69 47.76
N GLU J 298 -73.32 -24.18 46.57
CA GLU J 298 -73.69 -23.32 45.42
C GLU J 298 -75.07 -22.67 45.68
N SER J 299 -76.09 -23.43 46.11
CA SER J 299 -77.45 -22.88 46.37
C SER J 299 -77.38 -21.85 47.52
N SER J 300 -76.65 -22.13 48.59
CA SER J 300 -76.47 -21.16 49.72
C SER J 300 -75.75 -19.91 49.20
N LEU J 301 -74.71 -20.06 48.36
CA LEU J 301 -73.96 -18.92 47.77
C LEU J 301 -74.92 -18.08 46.91
N VAL J 302 -75.78 -18.73 46.13
CA VAL J 302 -76.72 -17.98 45.26
C VAL J 302 -77.60 -17.14 46.17
N THR J 303 -78.24 -17.79 47.16
CA THR J 303 -79.14 -17.17 48.16
C THR J 303 -78.40 -15.98 48.77
N PHE J 304 -77.17 -16.19 49.19
CA PHE J 304 -76.35 -15.15 49.85
C PHE J 304 -76.16 -13.96 48.91
N VAL J 305 -75.78 -14.20 47.65
CA VAL J 305 -75.51 -13.11 46.66
C VAL J 305 -76.84 -12.38 46.47
N ASP J 306 -77.92 -13.12 46.29
CA ASP J 306 -79.28 -12.53 46.08
C ASP J 306 -79.61 -11.60 47.24
N ARG J 307 -79.35 -12.01 48.47
CA ARG J 307 -79.63 -11.21 49.69
C ARG J 307 -78.72 -9.97 49.71
N VAL J 308 -77.49 -10.09 49.23
CA VAL J 308 -76.53 -8.96 49.21
C VAL J 308 -76.98 -7.95 48.15
N ALA J 309 -77.60 -8.43 47.08
CA ALA J 309 -78.09 -7.60 45.97
C ALA J 309 -79.24 -6.73 46.50
N ASN J 310 -80.14 -7.34 47.27
CA ASN J 310 -81.28 -6.72 47.98
C ASN J 310 -80.69 -5.93 49.16
N ARG J 311 -80.05 -4.78 48.89
CA ARG J 311 -79.20 -3.93 49.76
C ARG J 311 -79.13 -4.37 51.22
N ALA K 2 24.44 7.43 -7.00
CA ALA K 2 25.70 7.84 -7.58
C ALA K 2 25.40 8.74 -8.80
N LEU K 3 26.30 9.67 -9.11
CA LEU K 3 26.21 10.60 -10.29
C LEU K 3 27.46 10.43 -11.15
N GLN K 4 27.31 10.37 -12.45
CA GLN K 4 28.45 10.40 -13.42
C GLN K 4 28.22 11.61 -14.35
N GLU K 5 29.26 12.36 -14.67
CA GLU K 5 29.19 13.36 -15.75
C GLU K 5 29.88 12.76 -16.99
N ILE K 6 29.16 12.74 -18.11
CA ILE K 6 29.71 12.33 -19.43
C ILE K 6 29.67 13.49 -20.41
N GLU K 7 30.76 13.77 -21.03
CA GLU K 7 30.79 14.69 -22.16
C GLU K 7 31.34 13.81 -23.26
N PHE K 8 30.89 14.04 -24.48
CA PHE K 8 31.59 13.55 -25.67
C PHE K 8 31.39 14.63 -26.71
N THR K 9 32.34 14.74 -27.63
CA THR K 9 32.24 15.46 -28.92
C THR K 9 31.01 14.94 -29.67
N SER K 10 30.05 15.83 -29.95
CA SER K 10 28.95 15.62 -30.92
C SER K 10 29.52 15.13 -32.26
N HIS K 11 28.81 14.22 -32.93
CA HIS K 11 28.95 13.85 -34.37
C HIS K 11 29.10 15.10 -35.28
N ASN K 12 28.60 16.31 -34.89
CA ASN K 12 28.76 17.56 -35.70
C ASN K 12 30.19 18.12 -35.60
N GLY K 13 31.01 17.59 -34.69
CA GLY K 13 32.43 17.98 -34.49
C GLY K 13 32.64 19.31 -33.78
N ARG K 14 31.58 20.00 -33.38
CA ARG K 14 31.60 21.37 -32.76
C ARG K 14 31.26 21.28 -31.25
N ASP K 15 30.12 20.66 -30.90
CA ASP K 15 29.52 20.72 -29.54
C ASP K 15 30.18 19.67 -28.62
N ALA K 16 30.43 20.03 -27.35
CA ALA K 16 30.64 19.06 -26.25
C ALA K 16 29.26 18.70 -25.69
N ILE K 17 28.83 17.46 -25.92
CA ILE K 17 27.47 17.00 -25.51
C ILE K 17 27.53 16.80 -24.00
N GLN K 18 26.74 17.57 -23.25
CA GLN K 18 26.66 17.51 -21.77
C GLN K 18 25.70 16.38 -21.43
N ALA K 19 26.15 15.38 -20.65
CA ALA K 19 25.37 14.16 -20.31
C ALA K 19 25.60 13.72 -18.86
N TRP K 20 24.60 13.10 -18.27
CA TRP K 20 24.61 12.57 -16.89
C TRP K 20 24.06 11.16 -16.87
N ALA K 21 24.64 10.30 -16.05
CA ALA K 21 24.05 9.01 -15.64
C ALA K 21 23.77 9.11 -14.13
N TYR K 22 22.63 8.61 -13.69
CA TYR K 22 22.11 8.66 -12.31
C TYR K 22 21.94 7.20 -11.90
N GLU K 23 22.71 6.74 -10.91
CA GLU K 23 22.60 5.35 -10.40
C GLU K 23 21.88 5.38 -9.07
N PRO K 24 20.91 4.47 -8.85
CA PRO K 24 20.19 4.41 -7.59
C PRO K 24 21.02 3.63 -6.57
N VAL K 25 20.61 3.69 -5.30
CA VAL K 25 21.11 2.82 -4.21
C VAL K 25 20.71 1.37 -4.55
N GLY K 26 21.58 0.41 -4.28
CA GLY K 26 21.27 -1.01 -4.53
C GLY K 26 21.61 -1.44 -5.94
N THR K 27 21.27 -2.69 -6.27
CA THR K 27 21.56 -3.31 -7.59
C THR K 27 20.44 -2.84 -8.50
N PRO K 28 20.73 -2.04 -9.56
CA PRO K 28 19.70 -1.63 -10.49
C PRO K 28 19.14 -2.80 -11.32
N THR K 29 17.88 -2.71 -11.74
CA THR K 29 17.20 -3.79 -12.54
C THR K 29 17.06 -3.38 -14.03
N ALA K 30 17.31 -2.11 -14.39
CA ALA K 30 17.19 -1.59 -15.77
C ALA K 30 17.89 -0.24 -15.93
N VAL K 31 18.05 0.14 -17.18
CA VAL K 31 18.55 1.46 -17.63
C VAL K 31 17.42 2.10 -18.43
N VAL K 32 17.09 3.36 -18.11
CA VAL K 32 16.17 4.25 -18.85
C VAL K 32 16.96 5.45 -19.38
N GLN K 33 16.96 5.58 -20.72
CA GLN K 33 17.58 6.69 -21.46
C GLN K 33 16.44 7.67 -21.77
N ILE K 34 16.57 8.90 -21.26
CA ILE K 34 15.57 10.00 -21.49
C ILE K 34 16.11 10.85 -22.63
N ILE K 35 15.32 11.03 -23.67
CA ILE K 35 15.68 11.88 -24.83
C ILE K 35 14.68 13.04 -24.86
N HIS K 36 15.15 14.22 -24.43
CA HIS K 36 14.28 15.41 -24.29
C HIS K 36 13.90 15.89 -25.69
N GLY K 37 12.92 16.77 -25.75
CA GLY K 37 12.43 17.38 -27.00
C GLY K 37 12.99 18.76 -27.26
N LEU K 38 12.41 19.39 -28.26
CA LEU K 38 12.81 20.73 -28.76
C LEU K 38 12.48 21.79 -27.71
N GLY K 39 13.39 22.77 -27.59
CA GLY K 39 13.27 23.92 -26.69
C GLY K 39 13.23 23.51 -25.22
N GLU K 40 13.75 22.34 -24.86
CA GLU K 40 13.91 21.92 -23.44
C GLU K 40 15.30 21.28 -23.29
N HIS K 41 15.51 20.52 -22.19
CA HIS K 41 16.82 19.99 -21.76
C HIS K 41 16.57 18.84 -20.80
N SER K 42 17.56 17.99 -20.52
CA SER K 42 17.38 16.73 -19.75
C SER K 42 17.15 16.95 -18.24
N ARG K 43 17.68 18.03 -17.65
CA ARG K 43 17.59 18.26 -16.18
C ARG K 43 16.23 18.91 -15.84
N ARG K 44 15.37 19.15 -16.84
CA ARG K 44 13.94 19.52 -16.65
C ARG K 44 13.14 18.31 -16.14
N TYR K 45 13.75 17.11 -16.23
CA TYR K 45 13.15 15.78 -15.92
C TYR K 45 13.41 15.35 -14.46
N LEU K 46 13.93 16.25 -13.61
CA LEU K 46 14.26 15.98 -12.19
C LEU K 46 13.18 15.12 -11.53
N HIS K 47 11.91 15.48 -11.66
CA HIS K 47 10.84 14.66 -11.00
C HIS K 47 10.90 13.21 -11.51
N MET K 48 10.98 12.99 -12.81
CA MET K 48 10.95 11.61 -13.40
C MET K 48 12.24 10.87 -13.10
N ILE K 49 13.38 11.58 -13.18
CA ILE K 49 14.69 10.99 -12.86
C ILE K 49 14.64 10.44 -11.43
N SER K 50 14.03 11.20 -10.53
CA SER K 50 13.91 10.79 -9.11
C SER K 50 13.03 9.54 -8.98
N ALA K 51 11.88 9.56 -9.64
CA ALA K 51 10.89 8.46 -9.56
C ALA K 51 11.55 7.19 -10.11
N LEU K 52 12.31 7.32 -11.21
CA LEU K 52 13.00 6.14 -11.83
C LEU K 52 14.10 5.64 -10.89
N LEU K 53 14.84 6.53 -10.22
CA LEU K 53 15.87 6.10 -9.22
C LEU K 53 15.20 5.35 -8.05
N ASP K 54 14.04 5.81 -7.56
CA ASP K 54 13.28 5.15 -6.47
C ASP K 54 12.87 3.74 -6.91
N ALA K 55 12.53 3.55 -8.18
CA ALA K 55 12.10 2.24 -8.73
C ALA K 55 13.32 1.33 -8.94
N GLY K 56 14.55 1.80 -8.70
CA GLY K 56 15.75 0.92 -8.83
C GLY K 56 16.31 0.89 -10.25
N PHE K 57 16.10 1.96 -11.04
CA PHE K 57 16.63 2.11 -12.43
C PHE K 57 17.81 3.12 -12.51
N VAL K 58 18.79 2.75 -13.32
CA VAL K 58 19.81 3.70 -13.85
C VAL K 58 19.06 4.64 -14.81
N VAL K 59 19.34 5.94 -14.71
CA VAL K 59 18.84 6.93 -15.68
C VAL K 59 20.05 7.54 -16.42
N ILE K 60 19.96 7.75 -17.73
CA ILE K 60 21.02 8.41 -18.53
C ILE K 60 20.33 9.36 -19.49
N ALA K 61 20.86 10.57 -19.64
CA ALA K 61 20.27 11.62 -20.50
C ALA K 61 21.39 12.55 -20.92
N ASP K 62 21.15 13.29 -22.00
CA ASP K 62 22.08 14.34 -22.48
C ASP K 62 21.24 15.51 -22.96
N ASP K 63 21.88 16.68 -23.05
CA ASP K 63 21.35 17.92 -23.67
C ASP K 63 21.84 17.85 -25.13
N HIS K 64 20.92 17.74 -26.07
CA HIS K 64 21.23 17.49 -27.49
C HIS K 64 21.97 18.72 -28.02
N ALA K 65 22.72 18.57 -29.10
CA ALA K 65 23.27 19.66 -29.92
C ALA K 65 22.22 20.79 -30.02
N GLY K 66 22.60 22.01 -29.63
CA GLY K 66 21.72 23.18 -29.76
C GLY K 66 20.77 23.31 -28.58
N HIS K 67 20.97 22.55 -27.51
CA HIS K 67 19.98 22.51 -26.40
C HIS K 67 20.64 22.57 -25.02
N GLY K 68 19.95 23.16 -24.06
CA GLY K 68 20.33 23.11 -22.63
C GLY K 68 21.77 23.50 -22.42
N ARG K 69 22.48 22.72 -21.59
CA ARG K 69 23.85 23.00 -21.15
C ARG K 69 24.82 22.85 -22.31
N THR K 70 24.51 22.00 -23.28
CA THR K 70 25.32 21.84 -24.52
C THR K 70 25.37 23.20 -25.27
N ALA K 71 24.21 23.84 -25.41
CA ALA K 71 24.09 25.17 -26.03
C ALA K 71 24.70 26.20 -25.10
N MET K 72 24.48 26.06 -23.80
CA MET K 72 24.94 27.04 -22.80
C MET K 72 26.47 27.13 -22.95
N GLN K 73 27.18 26.02 -23.12
CA GLN K 73 28.67 25.95 -23.15
C GLN K 73 29.26 26.30 -24.52
N SER K 74 28.56 26.01 -25.62
CA SER K 74 29.04 26.14 -27.01
C SER K 74 28.63 27.50 -27.59
N GLY K 75 27.60 28.14 -27.04
CA GLY K 75 27.07 29.42 -27.54
C GLY K 75 25.98 29.21 -28.57
N VAL K 76 25.76 27.98 -29.05
CA VAL K 76 24.89 27.78 -30.25
C VAL K 76 23.59 27.11 -29.84
N TRP K 77 22.47 27.80 -30.09
CA TRP K 77 21.09 27.37 -29.73
C TRP K 77 20.28 27.07 -30.99
N ALA K 78 19.48 26.03 -30.94
CA ALA K 78 18.48 25.67 -31.97
C ALA K 78 19.18 25.44 -33.33
N ASP K 79 20.41 24.97 -33.30
CA ASP K 79 21.17 24.50 -34.48
C ASP K 79 22.06 23.34 -34.04
N ALA K 80 22.20 22.29 -34.84
CA ALA K 80 22.90 21.05 -34.45
C ALA K 80 23.93 20.68 -35.51
N GLY K 81 24.29 21.64 -36.40
CA GLY K 81 25.20 21.37 -37.55
C GLY K 81 24.49 20.89 -38.81
N ASP K 82 25.22 20.72 -39.91
CA ASP K 82 24.75 19.98 -41.12
C ASP K 82 24.19 18.62 -40.69
N ASN K 83 23.25 18.04 -41.44
CA ASN K 83 22.83 16.63 -41.27
C ASN K 83 22.26 16.47 -39.85
N ALA K 84 21.47 17.45 -39.43
CA ALA K 84 20.97 17.63 -38.07
C ALA K 84 20.35 16.33 -37.58
N ALA K 85 19.52 15.66 -38.38
CA ALA K 85 18.86 14.41 -37.95
C ALA K 85 19.91 13.36 -37.62
N GLU K 86 20.86 13.12 -38.52
CA GLU K 86 21.98 12.16 -38.30
C GLU K 86 22.70 12.54 -37.00
N VAL K 87 22.98 13.84 -36.75
CA VAL K 87 23.83 14.26 -35.58
C VAL K 87 23.16 13.78 -34.30
N VAL K 88 21.87 14.02 -34.15
CA VAL K 88 21.15 13.78 -32.87
C VAL K 88 20.93 12.29 -32.68
N ILE K 89 20.69 11.53 -33.75
CA ILE K 89 20.52 10.07 -33.60
C ILE K 89 21.89 9.49 -33.23
N SER K 90 22.91 9.82 -33.99
CA SER K 90 24.28 9.36 -33.74
C SER K 90 24.68 9.66 -32.29
N ASP K 91 24.44 10.89 -31.81
CA ASP K 91 24.77 11.29 -30.42
C ASP K 91 23.98 10.49 -29.39
N GLU K 92 22.68 10.21 -29.64
CA GLU K 92 21.89 9.33 -28.74
C GLU K 92 22.46 7.90 -28.75
N LEU K 93 23.06 7.41 -29.86
CA LEU K 93 23.65 6.06 -29.89
C LEU K 93 24.98 6.09 -29.14
N THR K 94 25.74 7.17 -29.22
CA THR K 94 27.03 7.35 -28.48
C THR K 94 26.77 7.51 -26.96
N LEU K 95 25.67 8.16 -26.55
CA LEU K 95 25.25 8.19 -25.12
C LEU K 95 25.19 6.77 -24.55
N GLN K 96 24.53 5.86 -25.25
CA GLN K 96 24.44 4.43 -24.83
C GLN K 96 25.85 3.90 -24.50
N GLN K 97 26.85 4.20 -25.34
CA GLN K 97 28.17 3.53 -25.33
C GLN K 97 29.02 4.13 -24.21
N GLN K 98 28.56 5.21 -23.58
CA GLN K 98 29.24 5.84 -22.43
C GLN K 98 29.08 4.93 -21.22
N LEU K 99 28.07 4.06 -21.18
CA LEU K 99 27.96 3.04 -20.11
C LEU K 99 28.47 1.66 -20.55
N ALA K 100 29.20 1.56 -21.66
CA ALA K 100 29.85 0.30 -22.12
C ALA K 100 30.63 -0.33 -20.96
N GLY K 101 30.23 -1.55 -20.58
CA GLY K 101 30.94 -2.37 -19.58
C GLY K 101 30.32 -2.29 -18.18
N GLN K 102 29.37 -1.37 -17.96
CA GLN K 102 28.86 -1.07 -16.62
C GLN K 102 27.54 -1.83 -16.42
N PHE K 103 26.62 -1.82 -17.39
CA PHE K 103 25.28 -2.45 -17.23
C PHE K 103 24.90 -3.28 -18.46
N ASP K 104 25.86 -4.07 -18.95
CA ASP K 104 25.76 -4.83 -20.22
C ASP K 104 24.60 -5.83 -20.15
N ASP K 105 24.28 -6.39 -18.98
CA ASP K 105 23.26 -7.45 -18.87
C ASP K 105 21.90 -6.85 -18.47
N LEU K 106 21.79 -5.54 -18.35
CA LEU K 106 20.49 -4.93 -17.93
C LEU K 106 19.65 -4.66 -19.17
N PRO K 107 18.30 -4.74 -19.08
CA PRO K 107 17.45 -4.20 -20.12
C PRO K 107 17.52 -2.65 -20.16
N TRP K 108 17.38 -2.09 -21.36
CA TRP K 108 17.59 -0.68 -21.68
C TRP K 108 16.27 -0.14 -22.27
N VAL K 109 15.58 0.75 -21.58
CA VAL K 109 14.35 1.35 -22.17
C VAL K 109 14.73 2.75 -22.63
N VAL K 110 14.36 3.15 -23.84
CA VAL K 110 14.46 4.55 -24.33
C VAL K 110 13.11 5.23 -24.13
N PHE K 111 13.08 6.30 -23.36
CA PHE K 111 11.90 7.20 -23.25
C PHE K 111 12.21 8.48 -24.03
N GLY K 112 11.33 8.84 -24.95
CA GLY K 112 11.49 10.01 -25.82
C GLY K 112 10.28 10.91 -25.75
N HIS K 113 10.51 12.21 -25.59
CA HIS K 113 9.43 13.22 -25.59
C HIS K 113 9.51 14.10 -26.83
N SER K 114 8.42 14.19 -27.61
CA SER K 114 8.26 15.12 -28.78
C SER K 114 9.34 14.83 -29.84
N TRP K 115 10.20 15.79 -30.14
CA TRP K 115 11.42 15.57 -30.97
C TRP K 115 12.15 14.31 -30.50
N GLY K 116 12.21 14.07 -29.19
CA GLY K 116 12.88 12.88 -28.63
C GLY K 116 12.15 11.60 -29.02
N SER K 117 10.79 11.64 -29.18
CA SER K 117 9.95 10.49 -29.64
C SER K 117 10.33 10.13 -31.09
N MET K 118 10.58 11.14 -31.90
CA MET K 118 11.06 10.95 -33.30
C MET K 118 12.49 10.37 -33.27
N ILE K 119 13.36 10.90 -32.44
CA ILE K 119 14.75 10.41 -32.41
C ILE K 119 14.73 8.94 -31.98
N ALA K 120 13.98 8.64 -30.91
CA ALA K 120 13.82 7.28 -30.31
C ALA K 120 13.30 6.34 -31.40
N ARG K 121 12.32 6.79 -32.17
CA ARG K 121 11.79 5.94 -33.27
C ARG K 121 12.87 5.75 -34.33
N ALA K 122 13.62 6.81 -34.67
CA ALA K 122 14.65 6.71 -35.72
C ALA K 122 15.71 5.69 -35.26
N MET K 123 16.02 5.69 -33.96
CA MET K 123 17.01 4.78 -33.30
C MET K 123 16.54 3.33 -33.41
N ALA K 124 15.26 3.11 -33.17
CA ALA K 124 14.74 1.75 -33.00
C ALA K 124 15.00 0.97 -34.31
N THR K 125 15.04 1.65 -35.47
CA THR K 125 15.15 1.03 -36.81
C THR K 125 16.60 0.63 -37.08
N ARG K 126 17.57 1.07 -36.28
CA ARG K 126 19.03 0.88 -36.59
C ARG K 126 19.62 -0.32 -35.83
N PRO K 127 20.31 -1.26 -36.50
CA PRO K 127 20.86 -2.44 -35.84
C PRO K 127 21.81 -1.97 -34.73
N GLY K 128 21.91 -2.74 -33.65
CA GLY K 128 22.87 -2.45 -32.57
C GLY K 128 22.39 -1.36 -31.60
N THR K 129 21.18 -0.82 -31.76
CA THR K 129 20.62 0.12 -30.77
C THR K 129 20.31 -0.69 -29.51
N ARG K 130 20.66 -0.21 -28.32
CA ARG K 130 20.18 -0.88 -27.09
C ARG K 130 18.73 -0.44 -26.92
N LEU K 131 17.80 -1.38 -27.00
CA LEU K 131 16.34 -1.10 -26.99
C LEU K 131 15.60 -2.37 -26.67
N ASP K 132 15.35 -2.63 -25.39
CA ASP K 132 14.55 -3.76 -24.89
C ASP K 132 13.11 -3.28 -24.65
N GLY K 133 12.86 -1.98 -24.74
CA GLY K 133 11.51 -1.42 -24.58
C GLY K 133 11.53 0.03 -25.01
N LEU K 134 10.42 0.52 -25.54
CA LEU K 134 10.34 1.88 -26.10
C LEU K 134 9.09 2.54 -25.54
N ALA K 135 9.30 3.70 -24.91
CA ALA K 135 8.28 4.60 -24.34
C ALA K 135 8.36 5.93 -25.07
N LEU K 136 7.30 6.27 -25.78
CA LEU K 136 7.19 7.54 -26.53
C LEU K 136 6.24 8.45 -25.75
N CYS K 137 6.58 9.72 -25.62
CA CYS K 137 5.76 10.75 -24.96
C CYS K 137 5.59 11.91 -25.93
N GLY K 138 4.43 12.54 -25.89
CA GLY K 138 4.16 13.76 -26.66
C GLY K 138 4.34 13.47 -28.12
N ILE K 139 3.78 12.38 -28.63
CA ILE K 139 4.22 11.80 -29.91
C ILE K 139 3.83 12.75 -31.05
N VAL K 140 4.76 12.93 -32.01
CA VAL K 140 4.58 13.71 -33.25
C VAL K 140 4.15 12.71 -34.33
N ALA K 141 2.86 12.73 -34.69
CA ALA K 141 2.22 11.71 -35.57
C ALA K 141 1.06 12.36 -36.34
N GLN K 142 1.27 12.58 -37.64
CA GLN K 142 0.24 13.05 -38.61
C GLN K 142 -0.35 14.40 -38.22
N PRO K 143 0.40 15.37 -37.66
CA PRO K 143 -0.13 16.73 -37.53
C PRO K 143 -0.13 17.32 -38.94
N ARG K 144 -1.15 18.06 -39.31
CA ARG K 144 -1.30 18.64 -40.67
C ARG K 144 0.03 19.31 -41.10
N GLY K 145 0.74 19.96 -40.17
CA GLY K 145 2.01 20.65 -40.47
C GLY K 145 2.98 19.77 -41.24
N PHE K 146 3.52 18.75 -40.57
CA PHE K 146 4.52 17.83 -41.15
C PHE K 146 3.92 17.04 -42.33
N GLU K 147 2.67 16.54 -42.24
CA GLU K 147 2.08 15.64 -43.26
C GLU K 147 1.84 16.37 -44.57
N THR K 148 1.27 17.57 -44.51
CA THR K 148 0.55 18.23 -45.63
C THR K 148 1.11 19.63 -45.95
N THR K 149 1.18 20.54 -44.98
CA THR K 149 1.47 21.99 -45.20
C THR K 149 2.95 22.23 -45.55
N LEU K 150 3.92 21.69 -44.80
CA LEU K 150 5.37 21.94 -45.06
C LEU K 150 5.64 21.66 -46.55
N ASP K 151 6.17 22.67 -47.24
CA ASP K 151 6.48 22.69 -48.69
C ASP K 151 7.96 22.27 -48.86
N HIS K 152 8.21 21.04 -49.27
CA HIS K 152 9.58 20.48 -49.31
C HIS K 152 10.35 21.13 -50.46
N LYS K 153 9.66 21.75 -51.42
CA LYS K 153 10.26 22.58 -52.50
C LYS K 153 10.85 23.85 -51.90
N THR K 154 10.05 24.62 -51.16
CA THR K 154 10.47 25.89 -50.53
C THR K 154 11.63 25.63 -49.56
N LEU K 155 11.58 24.51 -48.84
CA LEU K 155 12.63 24.06 -47.91
C LEU K 155 13.94 23.79 -48.66
N ALA K 156 13.90 23.05 -49.77
CA ALA K 156 15.11 22.73 -50.57
C ALA K 156 15.76 24.02 -51.10
N LYS K 157 14.97 24.99 -51.55
CA LYS K 157 15.54 26.26 -52.09
C LYS K 157 16.23 26.98 -50.91
N ALA K 158 15.57 27.08 -49.75
CA ALA K 158 16.10 27.72 -48.53
C ALA K 158 17.42 27.04 -48.11
N MET K 159 17.54 25.73 -48.30
CA MET K 159 18.78 24.96 -48.00
C MET K 159 19.89 25.28 -49.02
N ALA K 160 19.54 25.58 -50.26
CA ALA K 160 20.50 25.91 -51.34
C ALA K 160 21.06 27.33 -51.16
N THR K 161 20.27 28.31 -50.70
CA THR K 161 20.70 29.74 -50.64
C THR K 161 21.30 30.06 -49.25
N ALA K 162 20.62 29.70 -48.15
CA ALA K 162 21.08 30.09 -46.79
C ALA K 162 20.84 28.96 -45.76
N PRO K 163 21.59 27.84 -45.80
CA PRO K 163 21.33 26.73 -44.87
C PRO K 163 21.48 27.09 -43.37
N THR K 164 22.37 28.03 -43.04
CA THR K 164 22.77 28.40 -41.65
C THR K 164 21.95 29.58 -41.13
N ASP K 165 21.17 30.27 -41.97
CA ASP K 165 20.37 31.46 -41.53
C ASP K 165 19.19 30.98 -40.67
N PRO K 166 18.52 31.88 -39.93
CA PRO K 166 17.20 31.57 -39.36
C PRO K 166 16.24 30.88 -40.33
N ALA K 167 15.50 29.89 -39.86
CA ALA K 167 14.45 29.20 -40.66
C ALA K 167 13.42 30.24 -41.10
N PRO K 168 13.13 30.39 -42.41
CA PRO K 168 12.16 31.40 -42.86
C PRO K 168 10.81 31.23 -42.15
N GLU K 169 10.15 32.35 -41.87
CA GLU K 169 8.84 32.46 -41.19
C GLU K 169 7.86 31.44 -41.81
N ALA K 170 7.83 31.33 -43.13
CA ALA K 170 6.78 30.57 -43.84
C ALA K 170 6.96 29.09 -43.46
N LEU K 171 8.21 28.61 -43.47
CA LEU K 171 8.50 27.16 -43.28
C LEU K 171 8.20 26.78 -41.84
N VAL K 172 8.44 27.67 -40.88
CA VAL K 172 8.14 27.46 -39.43
C VAL K 172 6.62 27.40 -39.25
N ALA K 173 5.89 28.40 -39.73
CA ALA K 173 4.41 28.47 -39.58
C ALA K 173 3.74 27.24 -40.23
N GLN K 174 4.27 26.77 -41.37
CA GLN K 174 3.84 25.53 -42.06
C GLN K 174 4.06 24.33 -41.13
N MET K 175 5.29 24.17 -40.62
CA MET K 175 5.67 22.98 -39.81
C MET K 175 4.77 22.84 -38.57
N PHE K 176 4.39 23.95 -37.92
CA PHE K 176 3.64 23.96 -36.64
C PHE K 176 2.20 24.39 -36.93
N ASP K 177 1.84 24.40 -38.21
CA ASP K 177 0.45 24.54 -38.66
C ASP K 177 -0.37 23.48 -37.91
N GLY K 178 -1.46 23.92 -37.29
CA GLY K 178 -2.33 23.02 -36.51
C GLY K 178 -2.11 23.15 -35.01
N PHE K 179 -0.97 23.71 -34.58
CA PHE K 179 -0.60 23.77 -33.16
C PHE K 179 -1.44 24.79 -32.40
N ALA K 180 -2.02 25.77 -33.10
CA ALA K 180 -2.83 26.83 -32.46
C ALA K 180 -4.33 26.47 -32.48
N ASP K 181 -4.73 25.41 -33.19
CA ASP K 181 -6.14 25.17 -33.63
C ASP K 181 -7.14 25.13 -32.46
N ARG K 182 -6.76 24.64 -31.29
CA ARG K 182 -7.69 24.56 -30.12
C ARG K 182 -7.24 25.53 -29.01
N LEU K 183 -6.76 26.72 -29.39
CA LEU K 183 -6.32 27.79 -28.42
C LEU K 183 -7.23 29.04 -28.53
N SER K 184 -7.58 29.63 -27.38
CA SER K 184 -8.30 30.93 -27.24
C SER K 184 -7.29 32.07 -27.05
N GLU K 185 -7.71 33.33 -27.29
CA GLU K 185 -6.88 34.57 -27.16
C GLU K 185 -6.01 34.44 -25.91
N ASP K 186 -6.65 34.15 -24.78
CA ASP K 186 -6.03 33.96 -23.45
C ASP K 186 -4.72 33.19 -23.60
N ASP K 187 -4.83 31.90 -23.95
CA ASP K 187 -3.81 30.82 -23.76
C ASP K 187 -2.42 31.25 -24.18
N GLY K 188 -2.32 32.09 -25.22
CA GLY K 188 -1.04 32.56 -25.80
C GLY K 188 -0.48 31.56 -26.81
N PRO K 189 0.52 31.97 -27.60
CA PRO K 189 1.01 31.13 -28.69
C PRO K 189 1.53 29.74 -28.24
N THR K 190 2.07 29.66 -27.02
CA THR K 190 2.76 28.48 -26.40
C THR K 190 1.75 27.61 -25.66
N GLY K 191 0.47 27.99 -25.65
CA GLY K 191 -0.57 27.36 -24.81
C GLY K 191 -0.74 25.87 -25.10
N TRP K 192 -0.21 25.37 -26.23
CA TRP K 192 -0.32 23.94 -26.62
C TRP K 192 0.62 23.07 -25.77
N VAL K 193 1.62 23.66 -25.11
CA VAL K 193 2.67 22.92 -24.35
C VAL K 193 2.00 22.16 -23.20
N ALA K 194 1.02 22.77 -22.53
CA ALA K 194 0.33 22.18 -21.38
C ALA K 194 -0.94 22.98 -21.04
N ARG K 195 -1.89 22.33 -20.39
CA ARG K 195 -3.14 22.95 -19.91
C ARG K 195 -2.71 23.89 -18.77
N SER K 196 -1.85 23.39 -17.88
CA SER K 196 -1.20 24.11 -16.75
C SER K 196 -0.46 25.36 -17.23
N LYS K 197 -1.03 26.55 -16.99
CA LYS K 197 -0.39 27.86 -17.28
C LYS K 197 0.95 27.92 -16.56
N GLU K 198 1.07 27.27 -15.41
CA GLU K 198 2.31 27.31 -14.58
C GLU K 198 3.44 26.56 -15.32
N VAL K 199 3.12 25.38 -15.86
CA VAL K 199 4.05 24.53 -16.67
C VAL K 199 4.55 25.38 -17.84
N VAL K 200 3.66 26.14 -18.50
CA VAL K 200 4.00 26.97 -19.69
C VAL K 200 4.88 28.16 -19.25
N ALA K 201 4.48 28.90 -18.22
CA ALA K 201 5.28 30.04 -17.70
C ALA K 201 6.65 29.51 -17.29
N ASP K 202 6.70 28.35 -16.61
CA ASP K 202 8.00 27.80 -16.15
C ASP K 202 8.82 27.48 -17.41
N HIS K 203 8.16 26.92 -18.42
CA HIS K 203 8.78 26.49 -19.70
C HIS K 203 9.42 27.70 -20.38
N GLY K 204 8.73 28.86 -20.34
CA GLY K 204 9.15 30.14 -20.94
C GLY K 204 10.31 30.75 -20.17
N LYS K 205 10.41 30.53 -18.86
CA LYS K 205 11.36 31.24 -17.97
C LYS K 205 12.65 30.41 -17.78
N ASP K 206 12.59 29.08 -17.85
CA ASP K 206 13.77 28.22 -17.64
C ASP K 206 14.88 28.66 -18.62
N LYS K 207 16.04 29.06 -18.13
CA LYS K 207 17.14 29.58 -18.99
C LYS K 207 17.77 28.45 -19.80
N PHE K 208 17.64 27.21 -19.33
CA PHE K 208 18.19 26.05 -20.07
C PHE K 208 17.19 25.57 -21.14
N ASN K 209 15.97 26.13 -21.21
CA ASN K 209 15.09 25.97 -22.39
C ASN K 209 15.54 26.97 -23.47
N ASN K 210 15.85 28.22 -23.07
CA ASN K 210 16.11 29.39 -23.94
C ASN K 210 15.02 29.42 -25.03
N PHE K 211 13.75 29.46 -24.60
CA PHE K 211 12.60 29.36 -25.53
C PHE K 211 12.45 30.69 -26.26
N GLY K 212 12.28 30.61 -27.59
CA GLY K 212 12.25 31.76 -28.52
C GLY K 212 13.44 31.75 -29.48
N ALA K 213 14.53 31.06 -29.13
CA ALA K 213 15.79 31.04 -29.91
C ALA K 213 15.47 30.48 -31.29
N PRO K 214 15.76 31.22 -32.37
CA PRO K 214 15.30 30.81 -33.70
C PRO K 214 16.12 29.60 -34.20
N MET K 215 15.39 28.57 -34.67
CA MET K 215 15.96 27.39 -35.38
C MET K 215 16.64 27.88 -36.64
N SER K 216 17.71 27.22 -37.04
CA SER K 216 18.38 27.38 -38.35
C SER K 216 17.53 26.68 -39.41
N THR K 217 17.81 26.96 -40.67
CA THR K 217 17.13 26.33 -41.84
C THR K 217 17.55 24.86 -41.85
N ARG K 218 18.83 24.55 -41.67
CA ARG K 218 19.30 23.14 -41.67
C ARG K 218 18.76 22.40 -40.43
N PHE K 219 18.54 23.11 -39.32
CA PHE K 219 17.95 22.45 -38.13
C PHE K 219 16.53 22.04 -38.46
N LEU K 220 15.81 22.88 -39.22
CA LEU K 220 14.40 22.62 -39.60
C LEU K 220 14.35 21.45 -40.63
N GLN K 221 15.27 21.41 -41.58
CA GLN K 221 15.51 20.25 -42.48
C GLN K 221 15.65 18.98 -41.65
N GLY K 222 16.39 19.07 -40.54
CA GLY K 222 16.60 17.94 -39.60
C GLY K 222 15.29 17.46 -38.97
N LEU K 223 14.38 18.38 -38.67
CA LEU K 223 13.07 18.04 -38.08
C LEU K 223 12.20 17.35 -39.16
N ALA K 224 12.26 17.85 -40.40
CA ALA K 224 11.52 17.29 -41.55
C ALA K 224 12.04 15.88 -41.76
N ASP K 225 13.35 15.71 -41.70
CA ASP K 225 14.06 14.44 -42.03
C ASP K 225 13.70 13.38 -40.98
N ILE K 226 13.73 13.73 -39.69
CA ILE K 226 13.51 12.75 -38.59
C ILE K 226 12.00 12.44 -38.50
N TYR K 227 11.14 13.37 -38.88
CA TYR K 227 9.68 13.11 -38.96
C TYR K 227 9.44 11.94 -39.90
N ALA K 228 10.03 12.02 -41.10
CA ALA K 228 9.95 10.95 -42.14
C ALA K 228 10.46 9.63 -41.58
N MET K 229 11.65 9.57 -40.95
CA MET K 229 12.22 8.31 -40.39
C MET K 229 11.32 7.76 -39.28
N ALA K 230 10.62 8.63 -38.52
CA ALA K 230 9.76 8.21 -37.38
C ALA K 230 8.41 7.72 -37.86
N ASN K 231 7.82 8.30 -38.92
CA ASN K 231 6.41 8.08 -39.32
C ASN K 231 6.28 7.41 -40.71
N GLY K 232 7.37 7.20 -41.43
CA GLY K 232 7.37 6.60 -42.78
C GLY K 232 7.08 5.11 -42.75
N ASP K 233 6.66 4.52 -43.87
CA ASP K 233 6.34 3.07 -43.91
C ASP K 233 7.54 2.28 -43.37
N SER K 234 8.78 2.71 -43.66
CA SER K 234 10.00 1.97 -43.26
C SER K 234 10.02 1.81 -41.75
N PHE K 235 9.70 2.87 -40.99
CA PHE K 235 9.71 2.76 -39.51
C PHE K 235 8.86 1.55 -39.09
N TYR K 236 7.64 1.43 -39.64
CA TYR K 236 6.59 0.47 -39.19
C TYR K 236 6.96 -0.94 -39.64
N ALA K 237 7.69 -1.06 -40.74
CA ALA K 237 8.15 -2.35 -41.29
C ALA K 237 9.42 -2.83 -40.56
N THR K 238 10.21 -1.92 -39.97
CA THR K 238 11.55 -2.24 -39.42
C THR K 238 11.58 -2.09 -37.89
N MET K 239 10.50 -1.66 -37.24
CA MET K 239 10.43 -1.60 -35.75
C MET K 239 10.65 -3.02 -35.21
N PRO K 240 11.63 -3.27 -34.31
CA PRO K 240 11.78 -4.60 -33.71
C PRO K 240 10.58 -4.98 -32.83
N ASN K 241 10.42 -6.26 -32.52
CA ASN K 241 9.30 -6.80 -31.69
C ASN K 241 9.72 -6.69 -30.23
N ILE K 242 9.43 -5.55 -29.62
CA ILE K 242 9.73 -5.25 -28.18
C ILE K 242 8.53 -4.49 -27.64
N PRO K 243 8.26 -4.55 -26.32
CA PRO K 243 7.20 -3.73 -25.75
C PRO K 243 7.40 -2.24 -26.08
N ILE K 244 6.29 -1.61 -26.45
CA ILE K 244 6.14 -0.18 -26.82
C ILE K 244 5.02 0.39 -25.95
N VAL K 245 5.28 1.51 -25.31
CA VAL K 245 4.27 2.26 -24.52
C VAL K 245 4.22 3.69 -25.07
N LEU K 246 3.02 4.26 -25.17
CA LEU K 246 2.75 5.59 -25.75
C LEU K 246 2.01 6.42 -24.68
N PHE K 247 2.42 7.67 -24.47
CA PHE K 247 1.71 8.64 -23.60
C PHE K 247 1.40 9.90 -24.39
N ALA K 248 0.15 10.36 -24.38
CA ALA K 248 -0.22 11.62 -25.06
C ALA K 248 -1.51 12.25 -24.51
N GLY K 249 -1.57 13.57 -24.64
CA GLY K 249 -2.80 14.35 -24.39
C GLY K 249 -3.70 14.34 -25.59
N SER K 250 -5.00 14.10 -25.40
CA SER K 250 -6.03 14.16 -26.48
C SER K 250 -6.03 15.57 -27.11
N GLU K 251 -5.53 16.60 -26.40
CA GLU K 251 -5.52 18.02 -26.87
C GLU K 251 -4.16 18.42 -27.42
N ASP K 252 -3.29 17.44 -27.70
CA ASP K 252 -1.89 17.63 -28.16
C ASP K 252 -1.91 17.75 -29.67
N PRO K 253 -1.70 18.93 -30.26
CA PRO K 253 -1.58 19.05 -31.72
C PRO K 253 -0.46 18.22 -32.37
N ALA K 254 0.60 17.92 -31.63
CA ALA K 254 1.75 17.12 -32.10
C ALA K 254 1.29 15.76 -32.66
N GLY K 255 0.27 15.15 -32.01
CA GLY K 255 -0.31 13.86 -32.38
C GLY K 255 -1.64 13.98 -33.10
N ASP K 256 -1.92 15.11 -33.77
CA ASP K 256 -3.28 15.43 -34.34
C ASP K 256 -4.38 15.15 -33.29
N PHE K 257 -4.24 15.71 -32.09
CA PHE K 257 -5.28 15.70 -31.02
C PHE K 257 -5.75 14.25 -30.84
N GLY K 258 -4.78 13.34 -30.64
CA GLY K 258 -4.98 11.91 -30.31
C GLY K 258 -5.20 11.06 -31.53
N THR K 259 -5.76 11.60 -32.60
CA THR K 259 -6.07 10.85 -33.85
C THR K 259 -4.78 10.21 -34.37
N GLY K 260 -3.69 10.98 -34.45
CA GLY K 260 -2.38 10.52 -34.96
C GLY K 260 -1.85 9.38 -34.10
N VAL K 261 -1.95 9.56 -32.78
CA VAL K 261 -1.32 8.66 -31.79
C VAL K 261 -2.10 7.34 -31.78
N LYS K 262 -3.43 7.37 -31.94
CA LYS K 262 -4.26 6.14 -32.06
C LYS K 262 -3.92 5.41 -33.36
N ALA K 263 -3.65 6.16 -34.42
CA ALA K 263 -3.18 5.63 -35.73
C ALA K 263 -1.86 4.88 -35.55
N VAL K 264 -0.88 5.45 -34.82
CA VAL K 264 0.45 4.84 -34.50
C VAL K 264 0.21 3.53 -33.75
N ALA K 265 -0.54 3.61 -32.65
CA ALA K 265 -0.89 2.44 -31.84
C ALA K 265 -1.45 1.34 -32.77
N GLU K 266 -2.44 1.68 -33.61
CA GLU K 266 -3.20 0.64 -34.34
C GLU K 266 -2.30 0.07 -35.44
N ARG K 267 -1.43 0.89 -36.03
CA ARG K 267 -0.59 0.39 -37.12
C ARG K 267 0.45 -0.55 -36.52
N LEU K 268 1.15 -0.15 -35.47
CA LEU K 268 2.12 -1.04 -34.77
C LEU K 268 1.40 -2.34 -34.39
N ARG K 269 0.21 -2.24 -33.87
CA ARG K 269 -0.52 -3.42 -33.38
C ARG K 269 -0.78 -4.34 -34.56
N ARG K 270 -1.20 -3.79 -35.71
CA ARG K 270 -1.61 -4.61 -36.90
C ARG K 270 -0.36 -5.37 -37.40
N ASP K 271 0.84 -4.82 -37.25
CA ASP K 271 2.11 -5.48 -37.66
C ASP K 271 2.61 -6.43 -36.55
N GLY K 272 1.80 -6.74 -35.54
CA GLY K 272 2.08 -7.74 -34.48
C GLY K 272 2.74 -7.19 -33.20
N HIS K 273 2.95 -5.88 -33.11
CA HIS K 273 3.68 -5.29 -31.95
C HIS K 273 2.75 -5.30 -30.71
N ASN K 274 3.39 -5.47 -29.55
CA ASN K 274 2.87 -5.26 -28.17
C ASN K 274 2.85 -3.76 -27.81
N VAL K 275 1.68 -3.13 -27.80
CA VAL K 275 1.53 -1.66 -27.64
C VAL K 275 0.60 -1.36 -26.47
N GLU K 276 1.00 -0.43 -25.60
CA GLU K 276 0.24 0.04 -24.43
C GLU K 276 0.00 1.53 -24.70
N LEU K 277 -1.21 2.00 -24.59
CA LEU K 277 -1.55 3.38 -25.03
C LEU K 277 -2.22 4.07 -23.85
N HIS K 278 -1.66 5.22 -23.44
CA HIS K 278 -2.17 6.14 -22.40
C HIS K 278 -2.57 7.46 -23.06
N LEU K 279 -3.88 7.65 -23.26
CA LEU K 279 -4.49 8.90 -23.77
C LEU K 279 -5.20 9.64 -22.64
N TYR K 280 -4.75 10.86 -22.35
CA TYR K 280 -5.20 11.65 -21.18
C TYR K 280 -6.14 12.70 -21.74
N ASP K 281 -7.44 12.50 -21.50
CA ASP K 281 -8.54 13.34 -22.03
C ASP K 281 -8.30 14.77 -21.53
N GLY K 282 -8.36 15.77 -22.40
CA GLY K 282 -8.30 17.19 -22.01
C GLY K 282 -6.90 17.73 -21.79
N LEU K 283 -5.86 16.92 -21.60
CA LEU K 283 -4.48 17.42 -21.34
C LEU K 283 -3.74 17.60 -22.65
N ARG K 284 -2.59 18.29 -22.65
CA ARG K 284 -1.96 18.83 -23.88
C ARG K 284 -0.64 18.09 -24.15
N HIS K 285 0.38 18.79 -24.65
CA HIS K 285 1.63 18.15 -25.13
C HIS K 285 2.40 17.46 -23.99
N GLU K 286 2.70 18.19 -22.93
CA GLU K 286 3.56 17.72 -21.81
C GLU K 286 2.76 16.97 -20.73
N VAL K 287 2.27 15.78 -21.05
CA VAL K 287 1.50 14.96 -20.08
C VAL K 287 2.40 14.44 -18.94
N HIS K 288 3.68 14.24 -19.19
CA HIS K 288 4.65 13.93 -18.11
C HIS K 288 4.80 15.12 -17.15
N ASN K 289 4.28 16.32 -17.50
CA ASN K 289 4.48 17.53 -16.65
C ASN K 289 3.13 18.05 -16.13
N GLU K 290 2.01 17.77 -16.81
CA GLU K 290 0.67 18.26 -16.36
C GLU K 290 0.46 17.73 -14.96
N PRO K 291 0.08 18.54 -13.96
CA PRO K 291 -0.22 18.02 -12.61
C PRO K 291 -1.12 16.78 -12.49
N GLU K 292 -2.17 16.66 -13.32
CA GLU K 292 -3.20 15.59 -13.22
C GLU K 292 -2.64 14.24 -13.75
N SER K 293 -1.72 14.26 -14.73
CA SER K 293 -1.19 13.03 -15.40
C SER K 293 0.24 12.64 -14.94
N ARG K 294 1.05 13.56 -14.41
CA ARG K 294 2.49 13.30 -14.12
C ARG K 294 2.62 11.98 -13.39
N ALA K 295 1.89 11.81 -12.30
CA ALA K 295 1.97 10.61 -11.44
C ALA K 295 1.63 9.33 -12.24
N ASP K 296 0.65 9.36 -13.14
CA ASP K 296 0.22 8.15 -13.88
C ASP K 296 1.22 7.86 -15.00
N VAL K 297 1.79 8.88 -15.65
CA VAL K 297 2.86 8.66 -16.65
C VAL K 297 4.02 7.92 -15.98
N GLU K 298 4.48 8.38 -14.82
CA GLU K 298 5.70 7.83 -14.17
C GLU K 298 5.41 6.43 -13.60
N SER K 299 4.26 6.22 -12.93
CA SER K 299 3.91 4.88 -12.35
C SER K 299 3.66 3.87 -13.49
N SER K 300 3.00 4.28 -14.58
CA SER K 300 2.76 3.45 -15.80
C SER K 300 4.11 3.08 -16.40
N LEU K 301 5.00 4.07 -16.53
CA LEU K 301 6.37 3.89 -17.05
C LEU K 301 7.16 2.94 -16.14
N VAL K 302 7.05 3.11 -14.83
CA VAL K 302 7.80 2.21 -13.91
C VAL K 302 7.33 0.77 -14.21
N THR K 303 6.00 0.58 -14.28
CA THR K 303 5.34 -0.75 -14.47
C THR K 303 5.88 -1.31 -15.79
N PHE K 304 5.94 -0.48 -16.83
CA PHE K 304 6.45 -0.87 -18.17
C PHE K 304 7.86 -1.46 -18.07
N VAL K 305 8.76 -0.74 -17.42
CA VAL K 305 10.19 -1.13 -17.39
C VAL K 305 10.30 -2.46 -16.61
N ASP K 306 9.61 -2.58 -15.47
CA ASP K 306 9.53 -3.83 -14.68
C ASP K 306 9.13 -4.98 -15.61
N ARG K 307 8.15 -4.76 -16.48
CA ARG K 307 7.64 -5.80 -17.42
C ARG K 307 8.73 -6.16 -18.48
N VAL K 308 9.38 -5.17 -19.08
CA VAL K 308 10.56 -5.37 -19.99
C VAL K 308 11.65 -6.15 -19.23
N ALA K 309 11.81 -5.91 -17.93
CA ALA K 309 12.85 -6.64 -17.18
C ALA K 309 12.46 -8.12 -17.05
N ASN K 310 11.20 -8.41 -16.75
CA ASN K 310 10.59 -9.76 -16.57
C ASN K 310 10.80 -10.56 -17.86
N ARG K 311 10.53 -9.96 -19.01
CA ARG K 311 10.62 -10.62 -20.34
C ARG K 311 12.05 -11.00 -20.65
N ARG K 312 13.00 -10.23 -20.16
CA ARG K 312 14.42 -10.47 -20.45
C ARG K 312 15.03 -11.44 -19.43
N ILE K 313 14.23 -11.86 -18.46
CA ILE K 313 14.50 -12.83 -17.36
C ILE K 313 15.44 -12.17 -16.34
N ALA L 2 12.23 25.41 -13.32
CA ALA L 2 13.38 26.09 -13.96
C ALA L 2 14.66 25.72 -13.21
N LEU L 3 15.81 25.95 -13.85
CA LEU L 3 17.14 25.62 -13.31
C LEU L 3 18.11 26.78 -13.59
N GLN L 4 18.95 27.10 -12.58
CA GLN L 4 20.04 28.13 -12.70
C GLN L 4 21.35 27.49 -12.24
N GLU L 5 22.39 27.72 -13.04
CA GLU L 5 23.79 27.48 -12.68
C GLU L 5 24.38 28.81 -12.20
N ILE L 6 24.82 28.76 -10.95
CA ILE L 6 25.55 29.81 -10.21
C ILE L 6 26.91 29.21 -9.95
N GLU L 7 27.95 29.93 -10.34
CA GLU L 7 29.35 29.71 -9.99
C GLU L 7 29.77 31.01 -9.34
N PHE L 8 30.75 30.95 -8.47
CA PHE L 8 31.38 32.17 -7.94
C PHE L 8 32.71 31.73 -7.35
N THR L 9 33.59 32.70 -7.18
CA THR L 9 34.93 32.53 -6.61
C THR L 9 34.77 32.32 -5.10
N SER L 10 35.27 31.18 -4.61
CA SER L 10 35.39 30.86 -3.17
C SER L 10 36.16 32.00 -2.47
N HIS L 11 35.76 32.31 -1.24
CA HIS L 11 36.56 33.12 -0.28
C HIS L 11 38.03 32.68 -0.27
N ASN L 12 38.34 31.42 -0.60
CA ASN L 12 39.74 30.94 -0.55
C ASN L 12 40.54 31.47 -1.77
N GLY L 13 39.90 32.10 -2.75
CA GLY L 13 40.56 32.71 -3.92
C GLY L 13 40.93 31.73 -5.03
N ARG L 14 40.78 30.43 -4.80
CA ARG L 14 41.32 29.35 -5.68
C ARG L 14 40.18 28.64 -6.40
N ASP L 15 39.13 28.23 -5.67
CA ASP L 15 38.04 27.39 -6.22
C ASP L 15 36.96 28.27 -6.88
N ALA L 16 36.44 27.78 -7.99
CA ALA L 16 35.13 28.15 -8.57
C ALA L 16 34.05 27.31 -7.88
N ILE L 17 33.29 27.88 -6.94
CA ILE L 17 32.21 27.14 -6.23
C ILE L 17 31.16 26.77 -7.29
N GLN L 18 30.86 25.46 -7.43
CA GLN L 18 29.77 24.97 -8.31
C GLN L 18 28.48 24.96 -7.50
N ALA L 19 27.42 25.52 -8.07
CA ALA L 19 26.16 25.78 -7.33
C ALA L 19 24.99 25.76 -8.30
N TRP L 20 23.81 25.48 -7.78
CA TRP L 20 22.58 25.36 -8.57
C TRP L 20 21.45 26.00 -7.76
N ALA L 21 20.49 26.59 -8.46
CA ALA L 21 19.17 26.93 -7.93
C ALA L 21 18.12 26.20 -8.77
N TYR L 22 17.13 25.61 -8.12
CA TYR L 22 16.04 24.81 -8.73
C TYR L 22 14.73 25.54 -8.43
N GLU L 23 14.00 26.00 -9.46
CA GLU L 23 12.73 26.74 -9.22
C GLU L 23 11.58 25.84 -9.58
N PRO L 24 10.58 25.75 -8.70
CA PRO L 24 9.44 24.87 -8.90
C PRO L 24 8.50 25.49 -9.92
N VAL L 25 7.58 24.70 -10.44
CA VAL L 25 6.46 25.22 -11.26
C VAL L 25 5.58 26.09 -10.35
N GLY L 26 5.17 27.27 -10.81
CA GLY L 26 4.25 28.12 -10.05
C GLY L 26 5.00 29.11 -9.17
N THR L 27 4.30 29.66 -8.18
CA THR L 27 4.86 30.70 -7.28
C THR L 27 5.44 29.98 -6.09
N PRO L 28 6.76 30.11 -5.88
CA PRO L 28 7.38 29.54 -4.68
C PRO L 28 6.96 30.28 -3.39
N THR L 29 6.82 29.53 -2.28
CA THR L 29 6.39 30.04 -0.94
C THR L 29 7.59 30.11 0.03
N ALA L 30 8.77 29.65 -0.38
CA ALA L 30 9.97 29.56 0.50
C ALA L 30 11.20 29.22 -0.33
N VAL L 31 12.38 29.54 0.21
CA VAL L 31 13.70 29.12 -0.30
C VAL L 31 14.30 28.16 0.72
N VAL L 32 14.78 26.99 0.27
CA VAL L 32 15.51 26.01 1.13
C VAL L 32 16.92 25.90 0.58
N GLN L 33 17.90 26.28 1.41
CA GLN L 33 19.34 26.16 1.14
C GLN L 33 19.82 24.86 1.78
N ILE L 34 20.30 23.93 0.93
CA ILE L 34 20.87 22.64 1.39
C ILE L 34 22.39 22.79 1.46
N ILE L 35 22.96 22.44 2.61
CA ILE L 35 24.40 22.48 2.87
C ILE L 35 24.87 21.04 3.18
N HIS L 36 25.67 20.49 2.27
CA HIS L 36 26.08 19.09 2.30
C HIS L 36 27.23 18.94 3.32
N GLY L 37 27.48 17.69 3.69
CA GLY L 37 28.51 17.34 4.66
C GLY L 37 29.79 16.89 4.01
N LEU L 38 30.65 16.34 4.87
CA LEU L 38 32.02 15.91 4.53
C LEU L 38 31.89 14.68 3.64
N GLY L 39 32.73 14.61 2.60
CA GLY L 39 32.78 13.47 1.68
C GLY L 39 31.48 13.30 0.90
N GLU L 40 30.74 14.39 0.64
CA GLU L 40 29.55 14.28 -0.22
C GLU L 40 29.41 15.53 -1.08
N HIS L 41 28.27 15.64 -1.74
CA HIS L 41 28.00 16.78 -2.66
C HIS L 41 26.51 17.10 -2.66
N SER L 42 26.15 18.25 -3.25
CA SER L 42 24.78 18.80 -3.22
C SER L 42 23.86 18.00 -4.15
N ARG L 43 24.43 17.29 -5.15
CA ARG L 43 23.57 16.66 -6.19
C ARG L 43 23.18 15.27 -5.70
N ARG L 44 23.69 14.86 -4.55
CA ARG L 44 23.33 13.61 -3.83
C ARG L 44 21.91 13.71 -3.28
N TYR L 45 21.40 14.94 -3.15
CA TYR L 45 20.14 15.35 -2.49
C TYR L 45 18.99 15.40 -3.51
N LEU L 46 19.15 14.68 -4.63
CA LEU L 46 18.18 14.65 -5.76
C LEU L 46 16.75 14.38 -5.24
N HIS L 47 16.56 13.38 -4.38
CA HIS L 47 15.22 12.99 -3.86
C HIS L 47 14.66 14.12 -2.96
N MET L 48 15.47 14.71 -2.08
CA MET L 48 15.01 15.85 -1.23
C MET L 48 14.73 17.09 -2.10
N ILE L 49 15.58 17.38 -3.09
CA ILE L 49 15.39 18.58 -3.95
C ILE L 49 14.03 18.49 -4.65
N SER L 50 13.72 17.31 -5.23
CA SER L 50 12.47 17.06 -5.99
C SER L 50 11.29 17.22 -5.02
N ALA L 51 11.37 16.71 -3.80
CA ALA L 51 10.28 16.79 -2.81
C ALA L 51 10.05 18.25 -2.39
N LEU L 52 11.10 19.05 -2.33
CA LEU L 52 10.95 20.47 -1.92
C LEU L 52 10.32 21.25 -3.09
N LEU L 53 10.78 20.99 -4.32
CA LEU L 53 10.15 21.56 -5.54
C LEU L 53 8.66 21.18 -5.58
N ASP L 54 8.28 19.91 -5.37
CA ASP L 54 6.86 19.46 -5.35
C ASP L 54 6.04 20.27 -4.35
N ALA L 55 6.69 20.64 -3.23
CA ALA L 55 6.10 21.36 -2.08
C ALA L 55 5.94 22.85 -2.37
N GLY L 56 6.50 23.37 -3.46
CA GLY L 56 6.43 24.78 -3.86
C GLY L 56 7.66 25.60 -3.45
N PHE L 57 8.79 24.96 -3.12
CA PHE L 57 9.98 25.69 -2.58
C PHE L 57 11.05 25.85 -3.66
N VAL L 58 11.74 26.99 -3.65
CA VAL L 58 13.03 27.17 -4.38
C VAL L 58 14.04 26.37 -3.57
N VAL L 59 14.97 25.67 -4.23
CA VAL L 59 16.09 24.98 -3.55
C VAL L 59 17.38 25.55 -4.14
N ILE L 60 18.39 25.72 -3.31
CA ILE L 60 19.67 26.34 -3.72
C ILE L 60 20.75 25.62 -2.91
N ALA L 61 21.87 25.30 -3.54
CA ALA L 61 22.94 24.52 -2.88
C ALA L 61 24.20 24.65 -3.70
N ASP L 62 25.33 24.50 -3.04
CA ASP L 62 26.66 24.46 -3.67
C ASP L 62 27.40 23.18 -3.24
N ASP L 63 28.46 22.85 -3.98
CA ASP L 63 29.48 21.86 -3.59
C ASP L 63 30.60 22.68 -2.94
N HIS L 64 30.85 22.45 -1.67
CA HIS L 64 31.81 23.25 -0.88
C HIS L 64 33.20 23.08 -1.50
N ALA L 65 34.07 24.04 -1.22
CA ALA L 65 35.52 23.98 -1.45
C ALA L 65 35.97 22.58 -1.10
N GLY L 66 36.67 21.91 -2.02
CA GLY L 66 37.26 20.57 -1.78
C GLY L 66 36.28 19.43 -1.92
N HIS L 67 35.10 19.66 -2.46
CA HIS L 67 34.00 18.68 -2.50
C HIS L 67 33.26 18.63 -3.86
N GLY L 68 32.74 17.46 -4.22
CA GLY L 68 31.86 17.32 -5.38
C GLY L 68 32.46 17.96 -6.64
N ARG L 69 31.62 18.68 -7.39
CA ARG L 69 31.94 19.24 -8.72
C ARG L 69 32.93 20.37 -8.53
N THR L 70 33.02 20.95 -7.33
CA THR L 70 33.95 22.08 -7.08
C THR L 70 35.36 21.50 -7.10
N ALA L 71 35.54 20.33 -6.48
CA ALA L 71 36.81 19.59 -6.40
C ALA L 71 37.13 18.96 -7.78
N MET L 72 36.12 18.50 -8.51
CA MET L 72 36.28 17.83 -9.82
C MET L 72 36.83 18.87 -10.84
N GLN L 73 36.43 20.13 -10.72
CA GLN L 73 36.80 21.25 -11.61
C GLN L 73 38.16 21.84 -11.18
N SER L 74 38.43 22.07 -9.87
CA SER L 74 39.74 22.56 -9.33
C SER L 74 40.80 21.44 -9.19
N GLY L 75 40.37 20.18 -9.10
CA GLY L 75 41.29 19.03 -8.89
C GLY L 75 41.72 18.89 -7.43
N VAL L 76 41.36 19.82 -6.52
CA VAL L 76 41.75 19.73 -5.07
C VAL L 76 40.57 19.18 -4.23
N TRP L 77 40.76 17.98 -3.68
CA TRP L 77 39.79 17.26 -2.81
C TRP L 77 40.15 17.46 -1.33
N ALA L 78 39.16 17.64 -0.45
CA ALA L 78 39.27 17.52 1.03
C ALA L 78 40.24 18.58 1.60
N ASP L 79 40.40 19.71 0.91
CA ASP L 79 41.05 20.93 1.43
C ASP L 79 40.23 22.11 0.92
N ALA L 80 40.12 23.17 1.72
CA ALA L 80 39.30 24.36 1.37
C ALA L 80 40.16 25.63 1.47
N GLY L 81 41.49 25.49 1.52
CA GLY L 81 42.44 26.60 1.73
C GLY L 81 42.71 26.91 3.20
N ASP L 82 43.54 27.91 3.48
CA ASP L 82 43.78 28.44 4.87
C ASP L 82 42.43 28.92 5.39
N ASN L 83 42.26 28.97 6.71
CA ASN L 83 41.02 29.48 7.38
C ASN L 83 39.80 28.70 6.85
N ALA L 84 39.88 27.36 6.85
CA ALA L 84 38.89 26.49 6.17
C ALA L 84 37.48 26.81 6.68
N ALA L 85 37.31 26.98 7.99
CA ALA L 85 35.98 27.25 8.58
C ALA L 85 35.42 28.59 8.09
N GLU L 86 36.20 29.67 8.04
CA GLU L 86 35.67 30.97 7.50
C GLU L 86 35.45 30.84 5.98
N VAL L 87 36.26 30.05 5.27
CA VAL L 87 36.02 29.86 3.82
C VAL L 87 34.61 29.31 3.66
N VAL L 88 34.27 28.20 4.32
CA VAL L 88 33.01 27.51 3.92
C VAL L 88 31.81 28.28 4.46
N ILE L 89 31.98 28.93 5.60
CA ILE L 89 30.89 29.77 6.18
C ILE L 89 30.69 30.96 5.24
N SER L 90 31.79 31.58 4.80
CA SER L 90 31.70 32.72 3.85
C SER L 90 31.05 32.27 2.52
N ASP L 91 31.39 31.10 1.98
CA ASP L 91 30.82 30.62 0.68
C ASP L 91 29.30 30.38 0.80
N GLU L 92 28.82 29.80 1.90
CA GLU L 92 27.37 29.68 2.12
C GLU L 92 26.69 31.06 2.23
N LEU L 93 27.33 32.09 2.81
CA LEU L 93 26.71 33.45 2.82
C LEU L 93 26.67 34.01 1.39
N THR L 94 27.73 33.83 0.60
CA THR L 94 27.82 34.32 -0.80
C THR L 94 26.73 33.65 -1.67
N LEU L 95 26.47 32.36 -1.46
CA LEU L 95 25.45 31.59 -2.23
C LEU L 95 24.08 32.24 -2.08
N GLN L 96 23.72 32.66 -0.86
CA GLN L 96 22.44 33.33 -0.58
C GLN L 96 22.27 34.57 -1.49
N GLN L 97 23.35 35.30 -1.71
CA GLN L 97 23.36 36.60 -2.42
C GLN L 97 23.35 36.34 -3.92
N GLN L 98 23.50 35.09 -4.36
CA GLN L 98 23.32 34.71 -5.78
C GLN L 98 21.84 34.88 -6.21
N LEU L 99 20.91 34.92 -5.28
CA LEU L 99 19.47 35.07 -5.60
C LEU L 99 18.99 36.48 -5.25
N ALA L 100 19.88 37.39 -4.85
CA ALA L 100 19.50 38.80 -4.52
C ALA L 100 18.58 39.33 -5.60
N GLY L 101 17.41 39.82 -5.20
CA GLY L 101 16.43 40.49 -6.08
C GLY L 101 15.44 39.53 -6.70
N GLN L 102 15.64 38.20 -6.57
CA GLN L 102 14.69 37.20 -7.12
C GLN L 102 13.65 36.81 -6.08
N PHE L 103 14.01 36.59 -4.81
CA PHE L 103 13.06 36.02 -3.82
C PHE L 103 13.14 36.77 -2.49
N ASP L 104 13.28 38.09 -2.53
CA ASP L 104 13.67 38.93 -1.35
C ASP L 104 12.61 38.85 -0.26
N ASP L 105 11.34 38.64 -0.64
CA ASP L 105 10.20 38.61 0.32
C ASP L 105 9.89 37.20 0.73
N LEU L 106 10.62 36.20 0.26
CA LEU L 106 10.33 34.80 0.67
C LEU L 106 11.11 34.50 1.94
N PRO L 107 10.52 33.68 2.83
CA PRO L 107 11.28 33.10 3.95
C PRO L 107 12.35 32.12 3.43
N TRP L 108 13.47 32.07 4.11
CA TRP L 108 14.67 31.28 3.78
C TRP L 108 14.98 30.29 4.92
N VAL L 109 14.89 28.99 4.65
CA VAL L 109 15.26 27.92 5.63
C VAL L 109 16.59 27.31 5.23
N VAL L 110 17.55 27.21 6.17
CA VAL L 110 18.83 26.50 5.92
C VAL L 110 18.74 25.11 6.50
N PHE L 111 18.90 24.10 5.64
CA PHE L 111 19.01 22.66 6.00
C PHE L 111 20.46 22.21 5.86
N GLY L 112 21.01 21.74 6.96
CA GLY L 112 22.43 21.38 7.09
C GLY L 112 22.57 19.98 7.65
N HIS L 113 23.41 19.16 6.99
CA HIS L 113 23.65 17.76 7.36
C HIS L 113 25.12 17.62 7.73
N SER L 114 25.38 17.09 8.94
CA SER L 114 26.71 16.72 9.49
C SER L 114 27.60 17.98 9.51
N TRP L 115 28.69 18.00 8.73
CA TRP L 115 29.58 19.20 8.58
C TRP L 115 28.72 20.42 8.22
N GLY L 116 27.70 20.20 7.41
CA GLY L 116 26.72 21.22 7.01
C GLY L 116 25.89 21.69 8.18
N SER L 117 25.55 20.81 9.13
CA SER L 117 24.85 21.21 10.40
C SER L 117 25.77 22.09 11.27
N MET L 118 27.08 21.90 11.20
CA MET L 118 28.05 22.74 11.92
C MET L 118 28.20 24.06 11.19
N ILE L 119 28.34 24.05 9.86
CA ILE L 119 28.35 25.27 9.01
C ILE L 119 27.09 26.10 9.25
N ALA L 120 25.91 25.46 9.12
CA ALA L 120 24.57 26.05 9.39
C ALA L 120 24.54 26.75 10.76
N ARG L 121 24.96 26.08 11.82
CA ARG L 121 24.94 26.66 13.18
C ARG L 121 25.88 27.87 13.26
N ALA L 122 27.04 27.79 12.62
CA ALA L 122 28.01 28.91 12.60
C ALA L 122 27.40 30.10 11.85
N MET L 123 26.74 29.85 10.73
CA MET L 123 26.07 30.93 9.94
C MET L 123 24.98 31.62 10.78
N ALA L 124 24.27 30.86 11.60
CA ALA L 124 23.10 31.39 12.33
C ALA L 124 23.52 32.54 13.24
N THR L 125 24.78 32.63 13.63
CA THR L 125 25.30 33.58 14.64
C THR L 125 25.88 34.83 13.95
N ARG L 126 26.02 34.80 12.61
CA ARG L 126 26.64 35.89 11.80
C ARG L 126 25.58 36.93 11.40
N PRO L 127 25.88 38.26 11.42
CA PRO L 127 24.93 39.28 10.96
C PRO L 127 24.61 39.14 9.47
N GLY L 128 23.37 39.46 9.10
CA GLY L 128 22.90 39.51 7.70
C GLY L 128 22.90 38.15 7.00
N THR L 129 22.94 37.05 7.76
CA THR L 129 22.66 35.71 7.24
C THR L 129 21.17 35.76 6.97
N ARG L 130 20.71 35.33 5.81
CA ARG L 130 19.25 35.09 5.64
C ARG L 130 18.93 33.78 6.35
N LEU L 131 18.01 33.81 7.32
CA LEU L 131 17.68 32.65 8.17
C LEU L 131 16.38 32.83 8.92
N ASP L 132 15.26 32.36 8.39
CA ASP L 132 13.94 32.42 9.06
C ASP L 132 13.61 31.09 9.71
N GLY L 133 14.35 30.04 9.36
CA GLY L 133 14.24 28.71 9.99
C GLY L 133 15.52 27.90 9.86
N LEU L 134 15.81 27.07 10.85
CA LEU L 134 17.08 26.30 10.92
C LEU L 134 16.71 24.84 11.01
N ALA L 135 17.11 24.03 10.01
CA ALA L 135 16.91 22.57 10.04
C ALA L 135 18.29 21.91 10.03
N LEU L 136 18.60 21.10 11.06
CA LEU L 136 19.90 20.41 11.22
C LEU L 136 19.64 18.91 11.12
N CYS L 137 20.59 18.16 10.55
CA CYS L 137 20.51 16.72 10.24
C CYS L 137 21.89 16.07 10.49
N GLY L 138 21.93 14.85 10.99
CA GLY L 138 23.21 14.20 11.32
C GLY L 138 24.06 15.12 12.16
N ILE L 139 23.45 15.69 13.21
CA ILE L 139 24.00 16.79 14.01
C ILE L 139 25.28 16.26 14.67
N VAL L 140 26.37 17.03 14.55
CA VAL L 140 27.66 16.74 15.23
C VAL L 140 27.60 17.45 16.58
N ALA L 141 27.37 16.70 17.66
CA ALA L 141 27.25 17.24 19.05
C ALA L 141 27.79 16.21 20.04
N GLN L 142 28.91 16.53 20.69
CA GLN L 142 29.45 15.79 21.88
C GLN L 142 29.95 14.39 21.51
N PRO L 143 30.43 14.12 20.27
CA PRO L 143 31.14 12.86 20.01
C PRO L 143 32.50 12.84 20.74
N ARG L 144 32.97 11.67 21.12
CA ARG L 144 34.18 11.51 21.97
C ARG L 144 35.37 12.23 21.31
N GLY L 145 35.57 12.03 20.01
CA GLY L 145 36.72 12.61 19.29
C GLY L 145 36.76 14.11 19.44
N PHE L 146 35.70 14.81 19.00
CA PHE L 146 35.71 16.29 18.95
C PHE L 146 35.75 16.85 20.39
N GLU L 147 35.08 16.23 21.36
CA GLU L 147 35.01 16.70 22.76
C GLU L 147 36.36 16.52 23.47
N THR L 148 37.00 15.35 23.31
CA THR L 148 38.09 14.87 24.22
C THR L 148 39.33 14.41 23.45
N THR L 149 39.18 13.41 22.59
CA THR L 149 40.30 12.61 22.04
C THR L 149 41.19 13.46 21.11
N LEU L 150 40.62 14.36 20.30
CA LEU L 150 41.42 15.20 19.37
C LEU L 150 42.39 16.03 20.18
N ASP L 151 43.68 15.93 19.90
CA ASP L 151 44.74 16.60 20.68
C ASP L 151 45.06 17.96 20.03
N HIS L 152 44.50 19.06 20.56
CA HIS L 152 44.61 20.43 19.98
C HIS L 152 46.07 20.90 19.97
N LYS L 153 46.92 20.39 20.86
CA LYS L 153 48.36 20.75 20.88
C LYS L 153 49.05 20.01 19.74
N THR L 154 48.78 18.72 19.55
CA THR L 154 49.42 17.93 18.47
C THR L 154 49.03 18.55 17.14
N LEU L 155 47.75 18.97 17.02
CA LEU L 155 47.17 19.49 15.77
C LEU L 155 47.78 20.87 15.49
N ALA L 156 47.94 21.69 16.53
CA ALA L 156 48.66 22.98 16.47
C ALA L 156 50.10 22.76 15.96
N LYS L 157 50.84 21.79 16.48
CA LYS L 157 52.20 21.45 15.99
C LYS L 157 52.15 21.16 14.49
N ALA L 158 51.26 20.24 14.07
CA ALA L 158 51.15 19.76 12.67
C ALA L 158 50.80 20.94 11.74
N MET L 159 50.05 21.91 12.24
CA MET L 159 49.64 23.09 11.45
C MET L 159 50.82 24.03 11.20
N ALA L 160 51.82 24.02 12.08
CA ALA L 160 52.96 24.95 11.93
C ALA L 160 54.02 24.32 11.02
N THR L 161 54.11 23.01 11.03
CA THR L 161 55.15 22.36 10.22
C THR L 161 54.70 22.11 8.79
N ALA L 162 53.44 21.77 8.56
CA ALA L 162 52.98 21.46 7.19
C ALA L 162 51.46 21.53 7.12
N PRO L 163 50.83 22.72 7.12
CA PRO L 163 49.39 22.81 7.04
C PRO L 163 48.79 22.23 5.75
N THR L 164 49.52 22.37 4.65
CA THR L 164 49.11 21.96 3.29
C THR L 164 49.15 20.44 3.13
N ASP L 165 49.97 19.76 3.89
CA ASP L 165 50.09 18.31 3.72
C ASP L 165 48.88 17.56 4.27
N PRO L 166 48.68 16.30 3.88
CA PRO L 166 47.59 15.53 4.40
C PRO L 166 47.70 15.45 5.92
N ALA L 167 46.56 15.53 6.61
CA ALA L 167 46.44 15.42 8.07
C ALA L 167 47.10 14.12 8.46
N PRO L 168 48.00 14.10 9.47
CA PRO L 168 48.51 12.86 10.03
C PRO L 168 47.35 11.97 10.49
N GLU L 169 47.54 10.66 10.42
CA GLU L 169 46.46 9.65 10.45
C GLU L 169 46.04 9.47 11.90
N ALA L 170 46.98 9.60 12.82
CA ALA L 170 46.71 9.60 14.28
C ALA L 170 45.70 10.74 14.62
N LEU L 171 45.68 11.88 13.91
CA LEU L 171 44.76 12.99 14.29
C LEU L 171 43.38 12.72 13.69
N VAL L 172 43.32 12.16 12.51
CA VAL L 172 42.03 11.77 11.86
C VAL L 172 41.39 10.71 12.76
N ALA L 173 42.17 9.76 13.29
CA ALA L 173 41.71 8.68 14.19
C ALA L 173 41.24 9.25 15.52
N GLN L 174 41.90 10.28 16.04
CA GLN L 174 41.45 10.95 17.28
C GLN L 174 40.11 11.65 17.05
N MET L 175 39.97 12.42 15.98
CA MET L 175 38.77 13.24 15.69
C MET L 175 37.52 12.37 15.51
N PHE L 176 37.66 11.21 14.84
CA PHE L 176 36.54 10.29 14.51
C PHE L 176 36.53 9.10 15.49
N ASP L 177 37.26 9.17 16.61
CA ASP L 177 37.09 8.28 17.79
C ASP L 177 35.61 8.38 18.17
N GLY L 178 35.00 7.24 18.42
CA GLY L 178 33.55 7.19 18.70
C GLY L 178 32.75 6.58 17.56
N PHE L 179 33.30 6.54 16.33
CA PHE L 179 32.45 6.34 15.13
C PHE L 179 32.25 4.87 14.82
N ALA L 180 33.12 3.96 15.29
CA ALA L 180 33.02 2.53 14.98
C ALA L 180 32.44 1.73 16.16
N ASP L 181 32.10 2.40 17.26
CA ASP L 181 31.75 1.81 18.58
C ASP L 181 30.68 0.72 18.39
N ARG L 182 29.58 1.00 17.71
CA ARG L 182 28.39 0.09 17.76
C ARG L 182 28.27 -0.68 16.43
N LEU L 183 29.38 -0.78 15.71
CA LEU L 183 29.42 -1.49 14.42
C LEU L 183 29.87 -2.95 14.66
N SER L 184 29.24 -3.86 13.93
CA SER L 184 29.63 -5.30 13.89
C SER L 184 30.91 -5.48 13.07
N GLU L 185 31.52 -6.67 13.17
CA GLU L 185 32.65 -7.13 12.32
C GLU L 185 32.28 -7.01 10.83
N ASP L 186 31.02 -7.31 10.48
CA ASP L 186 30.53 -7.48 9.08
C ASP L 186 29.85 -6.21 8.58
N ASP L 187 29.96 -5.11 9.35
CA ASP L 187 29.33 -3.78 9.03
C ASP L 187 30.27 -2.92 8.20
N GLY L 188 31.59 -3.13 8.29
CA GLY L 188 32.62 -2.32 7.62
C GLY L 188 32.94 -1.00 8.33
N PRO L 189 34.00 -0.29 7.89
CA PRO L 189 34.53 0.83 8.67
C PRO L 189 33.56 2.03 8.67
N THR L 190 32.85 2.25 7.55
CA THR L 190 31.97 3.41 7.28
C THR L 190 30.53 2.98 7.51
N GLY L 191 30.29 1.88 8.21
CA GLY L 191 28.94 1.43 8.56
C GLY L 191 28.17 2.43 9.40
N TRP L 192 28.85 3.39 10.02
CA TRP L 192 28.16 4.43 10.83
C TRP L 192 27.35 5.37 9.90
N VAL L 193 27.62 5.33 8.58
CA VAL L 193 26.97 6.28 7.63
C VAL L 193 25.44 6.02 7.59
N ALA L 194 25.03 4.77 7.53
CA ALA L 194 23.61 4.31 7.46
C ALA L 194 23.55 2.83 7.87
N ARG L 195 22.42 2.43 8.49
CA ARG L 195 22.08 1.00 8.77
C ARG L 195 21.91 0.25 7.43
N SER L 196 21.41 0.93 6.40
CA SER L 196 21.28 0.44 5.00
C SER L 196 22.66 0.27 4.37
N LYS L 197 23.02 -0.97 4.07
CA LYS L 197 24.30 -1.29 3.40
C LYS L 197 24.22 -0.73 1.98
N GLU L 198 23.02 -0.65 1.43
CA GLU L 198 22.83 -0.16 0.04
C GLU L 198 23.26 1.31 -0.01
N VAL L 199 22.87 2.11 1.00
CA VAL L 199 23.22 3.56 1.06
C VAL L 199 24.75 3.69 1.22
N VAL L 200 25.33 2.88 2.09
CA VAL L 200 26.80 2.94 2.40
C VAL L 200 27.58 2.60 1.13
N ALA L 201 27.19 1.56 0.39
CA ALA L 201 27.94 1.07 -0.79
C ALA L 201 27.88 2.14 -1.89
N ASP L 202 26.69 2.75 -2.11
CA ASP L 202 26.52 3.85 -3.10
C ASP L 202 27.37 5.05 -2.69
N HIS L 203 27.43 5.36 -1.37
CA HIS L 203 28.23 6.47 -0.81
C HIS L 203 29.73 6.29 -1.13
N GLY L 204 30.24 5.06 -1.09
CA GLY L 204 31.64 4.72 -1.44
C GLY L 204 31.88 4.75 -2.96
N LYS L 205 30.86 4.49 -3.77
CA LYS L 205 31.02 4.34 -5.24
C LYS L 205 30.95 5.72 -5.89
N ASP L 206 30.13 6.63 -5.35
CA ASP L 206 29.73 7.90 -6.03
C ASP L 206 30.99 8.73 -6.26
N LYS L 207 31.34 9.00 -7.51
CA LYS L 207 32.64 9.63 -7.91
C LYS L 207 32.68 11.07 -7.37
N PHE L 208 31.52 11.73 -7.26
CA PHE L 208 31.32 13.10 -6.74
C PHE L 208 31.43 13.11 -5.23
N ASN L 209 31.36 11.95 -4.58
CA ASN L 209 31.77 11.89 -3.15
C ASN L 209 33.29 11.83 -3.03
N ASN L 210 33.95 11.01 -3.85
CA ASN L 210 35.38 10.64 -3.81
C ASN L 210 35.77 10.30 -2.37
N PHE L 211 34.77 10.02 -1.54
CA PHE L 211 34.91 9.78 -0.08
C PHE L 211 36.10 8.85 0.17
N GLY L 212 36.77 9.07 1.31
CA GLY L 212 38.06 8.44 1.68
C GLY L 212 39.26 9.09 1.01
N ALA L 213 39.10 10.26 0.37
CA ALA L 213 40.20 11.13 -0.07
C ALA L 213 40.78 11.79 1.17
N PRO L 214 42.11 11.93 1.30
CA PRO L 214 42.72 12.33 2.57
C PRO L 214 42.68 13.86 2.75
N MET L 215 42.13 14.31 3.89
CA MET L 215 41.99 15.72 4.32
C MET L 215 43.38 16.31 4.41
N SER L 216 43.50 17.61 4.19
CA SER L 216 44.71 18.36 4.58
C SER L 216 44.66 18.67 6.09
N THR L 217 45.82 18.98 6.66
CA THR L 217 45.97 19.30 8.09
C THR L 217 45.11 20.52 8.40
N ARG L 218 45.18 21.55 7.54
CA ARG L 218 44.43 22.79 7.75
C ARG L 218 42.92 22.56 7.58
N PHE L 219 42.51 21.55 6.81
CA PHE L 219 41.07 21.20 6.67
C PHE L 219 40.63 20.65 8.03
N LEU L 220 41.46 19.77 8.61
CA LEU L 220 41.19 19.11 9.89
C LEU L 220 41.04 20.19 10.96
N GLN L 221 41.96 21.15 11.00
CA GLN L 221 41.85 22.37 11.88
C GLN L 221 40.52 23.05 11.62
N GLY L 222 40.09 23.13 10.38
CA GLY L 222 38.78 23.72 10.01
C GLY L 222 37.60 22.99 10.62
N LEU L 223 37.65 21.66 10.73
CA LEU L 223 36.57 20.86 11.37
C LEU L 223 36.57 21.11 12.89
N ALA L 224 37.75 21.24 13.53
CA ALA L 224 37.87 21.52 14.98
C ALA L 224 37.31 22.91 15.24
N ASP L 225 37.64 23.87 14.38
CA ASP L 225 37.20 25.28 14.51
C ASP L 225 35.67 25.35 14.33
N ILE L 226 35.12 24.70 13.32
CA ILE L 226 33.67 24.82 13.00
C ILE L 226 32.90 24.11 14.13
N TYR L 227 33.43 23.00 14.64
CA TYR L 227 32.85 22.23 15.77
C TYR L 227 32.57 23.17 16.96
N ALA L 228 33.60 23.89 17.40
CA ALA L 228 33.56 24.83 18.55
C ALA L 228 32.60 25.99 18.28
N MET L 229 32.56 26.51 17.04
CA MET L 229 31.62 27.57 16.63
C MET L 229 30.20 27.06 16.78
N ALA L 230 29.99 25.78 16.46
CA ALA L 230 28.65 25.16 16.38
C ALA L 230 28.17 24.71 17.76
N ASN L 231 29.10 24.30 18.63
CA ASN L 231 28.78 23.63 19.93
C ASN L 231 29.25 24.47 21.13
N GLY L 232 30.00 25.55 20.93
CA GLY L 232 30.53 26.38 22.04
C GLY L 232 29.40 27.15 22.72
N ASP L 233 29.66 27.68 23.91
CA ASP L 233 28.64 28.43 24.68
C ASP L 233 28.04 29.56 23.85
N SER L 234 28.81 30.17 22.94
CA SER L 234 28.43 31.42 22.24
C SER L 234 27.34 31.15 21.21
N PHE L 235 27.33 29.95 20.63
CA PHE L 235 26.28 29.56 19.65
C PHE L 235 24.94 29.63 20.36
N TYR L 236 24.88 29.02 21.56
CA TYR L 236 23.63 28.96 22.39
C TYR L 236 23.14 30.36 22.76
N ALA L 237 24.06 31.30 23.05
CA ALA L 237 23.75 32.68 23.48
C ALA L 237 23.42 33.58 22.26
N THR L 238 23.99 33.30 21.07
CA THR L 238 23.84 34.19 19.88
C THR L 238 22.75 33.71 18.90
N MET L 239 22.30 32.45 19.01
CA MET L 239 21.24 31.84 18.16
C MET L 239 20.02 32.74 18.16
N PRO L 240 19.57 33.25 16.98
CA PRO L 240 18.32 33.99 16.91
C PRO L 240 17.09 33.17 17.34
N ASN L 241 16.01 33.89 17.64
CA ASN L 241 14.70 33.33 18.04
C ASN L 241 13.88 33.01 16.78
N ILE L 242 14.16 31.86 16.18
CA ILE L 242 13.52 31.38 14.90
C ILE L 242 13.26 29.90 15.08
N PRO L 243 12.25 29.31 14.41
CA PRO L 243 11.99 27.89 14.56
C PRO L 243 13.22 27.07 14.20
N ILE L 244 13.47 26.02 14.96
CA ILE L 244 14.61 25.08 14.79
C ILE L 244 14.05 23.67 14.72
N VAL L 245 14.55 22.86 13.78
CA VAL L 245 14.22 21.40 13.70
C VAL L 245 15.53 20.61 13.59
N LEU L 246 15.61 19.50 14.33
CA LEU L 246 16.74 18.57 14.41
C LEU L 246 16.27 17.18 13.95
N PHE L 247 17.04 16.56 13.05
CA PHE L 247 16.91 15.16 12.60
C PHE L 247 18.20 14.41 12.89
N ALA L 248 18.13 13.38 13.70
CA ALA L 248 19.27 12.45 13.94
C ALA L 248 18.79 11.01 14.13
N GLY L 249 19.69 10.06 13.87
CA GLY L 249 19.53 8.64 14.21
C GLY L 249 20.04 8.37 15.61
N SER L 250 19.46 7.42 16.33
CA SER L 250 19.86 7.15 17.74
C SER L 250 21.17 6.36 17.75
N GLU L 251 21.61 5.78 16.64
CA GLU L 251 22.91 5.08 16.48
C GLU L 251 23.88 5.93 15.64
N ASP L 252 23.67 7.24 15.59
CA ASP L 252 24.63 8.16 14.92
C ASP L 252 25.73 8.57 15.89
N PRO L 253 26.98 8.13 15.71
CA PRO L 253 28.05 8.54 16.61
C PRO L 253 28.29 10.06 16.64
N ALA L 254 28.06 10.72 15.51
CA ALA L 254 28.26 12.18 15.37
C ALA L 254 27.53 12.97 16.47
N GLY L 255 26.36 12.49 16.93
CA GLY L 255 25.51 13.12 17.96
C GLY L 255 25.56 12.39 19.30
N ASP L 256 26.68 11.74 19.59
CA ASP L 256 26.89 10.83 20.76
C ASP L 256 25.70 9.86 20.86
N PHE L 257 25.26 9.31 19.74
CA PHE L 257 24.20 8.27 19.71
C PHE L 257 22.94 8.83 20.40
N GLY L 258 22.43 9.97 19.92
CA GLY L 258 21.22 10.62 20.43
C GLY L 258 21.49 11.59 21.59
N THR L 259 22.41 11.24 22.49
CA THR L 259 22.61 11.95 23.78
C THR L 259 23.02 13.41 23.57
N GLY L 260 23.97 13.64 22.63
CA GLY L 260 24.47 14.97 22.21
C GLY L 260 23.38 15.81 21.58
N VAL L 261 22.60 15.23 20.67
CA VAL L 261 21.45 15.90 19.99
C VAL L 261 20.36 16.22 21.03
N LYS L 262 20.07 15.32 21.95
CA LYS L 262 19.15 15.57 23.10
C LYS L 262 19.61 16.82 23.83
N ALA L 263 20.91 16.87 24.18
CA ALA L 263 21.54 17.97 24.92
C ALA L 263 21.40 19.29 24.12
N VAL L 264 21.64 19.27 22.80
CA VAL L 264 21.44 20.47 21.96
C VAL L 264 20.00 20.93 22.15
N ALA L 265 19.02 20.07 21.94
CA ALA L 265 17.60 20.52 21.94
C ALA L 265 17.25 21.09 23.31
N GLU L 266 17.64 20.39 24.37
CA GLU L 266 17.28 20.74 25.77
C GLU L 266 17.86 22.13 26.05
N ARG L 267 19.08 22.35 25.63
CA ARG L 267 19.77 23.61 25.96
C ARG L 267 19.13 24.75 25.18
N LEU L 268 18.75 24.54 23.93
CA LEU L 268 18.08 25.60 23.15
C LEU L 268 16.72 25.88 23.78
N ARG L 269 15.95 24.85 24.10
CA ARG L 269 14.65 25.02 24.81
C ARG L 269 14.79 25.87 26.07
N ARG L 270 15.68 25.46 26.99
CA ARG L 270 15.96 26.16 28.27
C ARG L 270 16.12 27.66 28.02
N ASP L 271 16.74 28.07 26.91
CA ASP L 271 16.98 29.50 26.63
C ASP L 271 15.79 30.14 25.89
N GLY L 272 14.65 29.44 25.70
CA GLY L 272 13.43 30.06 25.13
C GLY L 272 13.19 29.72 23.67
N HIS L 273 14.07 28.95 23.04
CA HIS L 273 14.00 28.65 21.58
C HIS L 273 12.85 27.69 21.26
N ASN L 274 12.29 27.82 20.08
CA ASN L 274 11.27 26.90 19.49
C ASN L 274 12.01 25.75 18.81
N VAL L 275 12.00 24.56 19.39
CA VAL L 275 12.83 23.43 18.90
C VAL L 275 11.90 22.25 18.66
N GLU L 276 12.01 21.60 17.49
CA GLU L 276 11.32 20.34 17.14
C GLU L 276 12.40 19.26 16.89
N LEU L 277 12.27 18.12 17.56
CA LEU L 277 13.29 17.03 17.62
C LEU L 277 12.72 15.76 16.98
N HIS L 278 13.38 15.28 15.92
CA HIS L 278 13.10 13.97 15.28
C HIS L 278 14.28 13.03 15.52
N LEU L 279 14.21 12.19 16.55
CA LEU L 279 15.20 11.13 16.83
C LEU L 279 14.62 9.82 16.34
N TYR L 280 15.32 9.16 15.42
CA TYR L 280 14.93 7.88 14.77
C TYR L 280 15.72 6.70 15.35
N ASP L 281 15.04 5.83 16.12
CA ASP L 281 15.63 4.63 16.76
C ASP L 281 16.18 3.65 15.73
N GLY L 282 17.32 3.05 16.09
CA GLY L 282 17.99 1.98 15.36
C GLY L 282 18.72 2.48 14.12
N LEU L 283 18.49 3.75 13.71
CA LEU L 283 19.11 4.36 12.48
C LEU L 283 20.36 5.16 12.82
N ARG L 284 21.25 5.33 11.83
CA ARG L 284 22.60 5.97 12.01
C ARG L 284 22.57 7.41 11.44
N HIS L 285 23.64 7.81 10.74
CA HIS L 285 23.97 9.24 10.44
C HIS L 285 22.97 9.81 9.43
N GLU L 286 22.77 9.14 8.29
CA GLU L 286 22.08 9.70 7.12
C GLU L 286 20.60 9.30 7.18
N VAL L 287 19.87 9.85 8.15
CA VAL L 287 18.42 9.58 8.33
C VAL L 287 17.63 10.15 7.14
N HIS L 288 18.14 11.18 6.48
CA HIS L 288 17.54 11.69 5.21
C HIS L 288 17.74 10.69 4.04
N ASN L 289 18.61 9.69 4.18
CA ASN L 289 18.87 8.70 3.10
C ASN L 289 18.38 7.30 3.54
N GLU L 290 18.35 6.99 4.84
CA GLU L 290 17.86 5.65 5.33
C GLU L 290 16.47 5.44 4.73
N PRO L 291 16.14 4.27 4.14
CA PRO L 291 14.80 4.05 3.57
C PRO L 291 13.63 4.13 4.57
N GLU L 292 13.81 3.81 5.84
CA GLU L 292 12.65 3.84 6.80
C GLU L 292 12.38 5.26 7.29
N SER L 293 13.35 6.18 7.23
CA SER L 293 13.20 7.55 7.78
C SER L 293 13.08 8.59 6.66
N ARG L 294 13.52 8.29 5.44
CA ARG L 294 13.73 9.37 4.44
C ARG L 294 12.42 10.15 4.33
N ALA L 295 11.32 9.43 4.14
CA ALA L 295 9.99 9.99 3.76
C ALA L 295 9.55 10.92 4.90
N ASP L 296 9.77 10.49 6.15
CA ASP L 296 9.37 11.25 7.36
C ASP L 296 10.22 12.52 7.43
N VAL L 297 11.54 12.42 7.22
CA VAL L 297 12.47 13.57 7.33
C VAL L 297 11.97 14.64 6.33
N GLU L 298 11.68 14.25 5.10
CA GLU L 298 11.27 15.22 4.06
C GLU L 298 9.88 15.78 4.38
N SER L 299 8.92 14.94 4.83
CA SER L 299 7.50 15.40 5.08
C SER L 299 7.49 16.36 6.28
N SER L 300 8.23 16.02 7.33
CA SER L 300 8.54 16.88 8.49
C SER L 300 9.20 18.20 8.07
N LEU L 301 10.13 18.15 7.11
CA LEU L 301 10.88 19.38 6.70
C LEU L 301 9.93 20.30 5.92
N VAL L 302 9.16 19.73 5.02
CA VAL L 302 8.07 20.44 4.29
C VAL L 302 7.15 21.11 5.32
N THR L 303 6.66 20.37 6.31
CA THR L 303 5.72 20.90 7.33
C THR L 303 6.45 22.04 8.05
N PHE L 304 7.73 21.86 8.39
CA PHE L 304 8.56 22.88 9.08
C PHE L 304 8.60 24.17 8.27
N VAL L 305 8.93 24.08 6.99
CA VAL L 305 9.11 25.28 6.12
C VAL L 305 7.73 25.97 5.94
N ASP L 306 6.67 25.21 5.80
CA ASP L 306 5.33 25.83 5.69
C ASP L 306 5.04 26.65 6.94
N ARG L 307 5.41 26.12 8.11
CA ARG L 307 5.19 26.77 9.43
C ARG L 307 6.03 28.04 9.54
N VAL L 308 7.24 28.00 8.99
CA VAL L 308 8.13 29.18 9.02
C VAL L 308 7.54 30.25 8.10
N ALA L 309 7.02 29.85 6.95
CA ALA L 309 6.43 30.79 5.99
C ALA L 309 5.17 31.43 6.58
N ASN L 310 4.40 30.68 7.34
CA ASN L 310 3.18 31.18 8.02
C ASN L 310 3.53 32.29 9.01
N ARG L 311 4.57 32.12 9.81
CA ARG L 311 4.99 33.07 10.88
C ARG L 311 5.51 34.35 10.23
N ARG L 312 6.09 34.23 9.06
CA ARG L 312 6.66 35.43 8.44
C ARG L 312 5.61 36.18 7.63
N ILE L 313 4.44 35.56 7.43
CA ILE L 313 3.31 36.19 6.69
C ILE L 313 2.22 36.64 7.67
N ALA M 2 -55.23 14.93 24.72
CA ALA M 2 -53.90 15.49 24.25
C ALA M 2 -54.13 16.36 23.00
N LEU M 3 -53.22 17.26 22.69
CA LEU M 3 -53.19 18.03 21.42
C LEU M 3 -51.80 17.90 20.78
N GLN M 4 -51.75 17.79 19.45
CA GLN M 4 -50.51 17.85 18.63
C GLN M 4 -50.74 18.88 17.54
N GLU M 5 -49.80 19.78 17.37
CA GLU M 5 -49.76 20.62 16.17
C GLU M 5 -48.89 19.85 15.20
N ILE M 6 -49.37 19.72 13.98
CA ILE M 6 -48.58 19.18 12.84
C ILE M 6 -48.46 20.27 11.78
N GLU M 7 -47.25 20.57 11.37
CA GLU M 7 -47.00 21.38 10.15
C GLU M 7 -46.34 20.39 9.20
N PHE M 8 -46.61 20.52 7.92
CA PHE M 8 -45.80 19.90 6.85
C PHE M 8 -45.88 20.83 5.65
N THR M 9 -44.78 20.97 4.93
CA THR M 9 -44.70 21.63 3.60
C THR M 9 -45.72 20.95 2.69
N SER M 10 -46.61 21.73 2.10
CA SER M 10 -47.58 21.24 1.09
C SER M 10 -46.83 20.64 -0.10
N HIS M 11 -47.50 19.76 -0.85
CA HIS M 11 -47.17 19.32 -2.24
C HIS M 11 -46.95 20.52 -3.17
N ASN M 12 -47.45 21.72 -2.85
CA ASN M 12 -47.33 22.81 -3.84
C ASN M 12 -45.98 23.52 -3.63
N GLY M 13 -45.18 23.12 -2.62
CA GLY M 13 -43.84 23.68 -2.33
C GLY M 13 -43.85 25.01 -1.55
N ARG M 14 -44.97 25.73 -1.58
CA ARG M 14 -45.12 27.08 -0.95
C ARG M 14 -45.58 26.93 0.51
N ASP M 15 -46.72 26.28 0.73
CA ASP M 15 -47.53 26.40 1.97
C ASP M 15 -46.96 25.50 3.08
N ALA M 16 -46.84 26.07 4.28
CA ALA M 16 -46.85 25.35 5.57
C ALA M 16 -48.33 25.04 5.90
N ILE M 17 -48.74 23.77 5.72
CA ILE M 17 -50.11 23.28 6.02
C ILE M 17 -50.29 23.19 7.54
N GLN M 18 -51.30 23.90 8.04
CA GLN M 18 -51.63 23.97 9.50
C GLN M 18 -52.55 22.79 9.81
N ALA M 19 -52.06 21.85 10.59
CA ALA M 19 -52.78 20.60 10.93
C ALA M 19 -52.81 20.42 12.45
N TRP M 20 -53.83 19.72 12.92
CA TRP M 20 -54.00 19.37 14.34
C TRP M 20 -54.37 17.90 14.45
N ALA M 21 -53.87 17.22 15.47
CA ALA M 21 -54.43 15.94 15.95
C ALA M 21 -54.94 16.11 17.39
N TYR M 22 -56.19 15.71 17.60
CA TYR M 22 -56.87 15.72 18.91
C TYR M 22 -56.97 14.26 19.37
N GLU M 23 -56.35 13.90 20.49
CA GLU M 23 -56.46 12.56 21.12
C GLU M 23 -57.42 12.61 22.30
N PRO M 24 -58.31 11.61 22.48
CA PRO M 24 -59.25 11.59 23.61
C PRO M 24 -58.56 11.05 24.87
N VAL M 25 -59.19 11.23 26.03
CA VAL M 25 -58.70 10.61 27.29
C VAL M 25 -58.98 9.11 27.15
N GLY M 26 -58.11 8.27 27.66
CA GLY M 26 -58.29 6.81 27.59
C GLY M 26 -57.80 6.27 26.26
N THR M 27 -58.21 5.04 25.92
CA THR M 27 -57.67 4.29 24.75
C THR M 27 -58.58 4.57 23.57
N PRO M 28 -58.08 5.26 22.53
CA PRO M 28 -58.92 5.51 21.35
C PRO M 28 -59.29 4.21 20.60
N THR M 29 -60.49 4.12 20.03
CA THR M 29 -60.94 2.95 19.23
C THR M 29 -60.85 3.23 17.72
N ALA M 30 -60.74 4.51 17.31
CA ALA M 30 -60.77 4.91 15.89
C ALA M 30 -60.04 6.23 15.68
N VAL M 31 -59.52 6.44 14.48
CA VAL M 31 -59.11 7.78 13.97
C VAL M 31 -60.18 8.26 12.99
N VAL M 32 -60.47 9.56 13.01
CA VAL M 32 -61.42 10.23 12.09
C VAL M 32 -60.76 11.48 11.54
N GLN M 33 -60.53 11.48 10.22
CA GLN M 33 -59.90 12.61 9.49
C GLN M 33 -61.03 13.49 8.94
N ILE M 34 -61.09 14.75 9.39
CA ILE M 34 -62.07 15.77 8.88
C ILE M 34 -61.38 16.61 7.80
N ILE M 35 -62.03 16.70 6.64
CA ILE M 35 -61.58 17.44 5.42
C ILE M 35 -62.68 18.44 5.11
N HIS M 36 -62.38 19.69 5.42
CA HIS M 36 -63.31 20.85 5.31
C HIS M 36 -63.45 21.24 3.85
N GLY M 37 -64.40 22.13 3.57
CA GLY M 37 -64.81 22.56 2.25
C GLY M 37 -64.22 23.90 1.93
N LEU M 38 -64.67 24.45 0.81
CA LEU M 38 -64.22 25.74 0.25
C LEU M 38 -64.70 26.85 1.19
N GLY M 39 -63.91 27.93 1.35
CA GLY M 39 -64.25 29.12 2.14
C GLY M 39 -64.48 28.83 3.64
N GLU M 40 -63.99 27.70 4.18
CA GLU M 40 -64.09 27.45 5.65
C GLU M 40 -62.73 26.95 6.14
N HIS M 41 -62.70 26.32 7.32
CA HIS M 41 -61.44 25.84 7.98
C HIS M 41 -61.75 24.73 8.98
N SER M 42 -60.73 23.99 9.43
CA SER M 42 -60.88 22.75 10.23
C SER M 42 -61.29 23.06 11.67
N ARG M 43 -61.01 24.24 12.19
CA ARG M 43 -61.31 24.55 13.61
C ARG M 43 -62.76 25.04 13.75
N ARG M 44 -63.52 25.13 12.67
CA ARG M 44 -64.98 25.42 12.68
C ARG M 44 -65.75 24.15 13.09
N TYR M 45 -65.09 23.01 13.17
CA TYR M 45 -65.65 21.67 13.53
C TYR M 45 -65.47 21.39 15.02
N LEU M 46 -65.34 22.44 15.84
CA LEU M 46 -65.07 22.37 17.31
C LEU M 46 -66.07 21.43 17.96
N HIS M 47 -67.37 21.66 17.76
CA HIS M 47 -68.50 20.85 18.30
C HIS M 47 -68.36 19.38 17.87
N MET M 48 -68.20 19.14 16.56
CA MET M 48 -68.03 17.76 16.03
C MET M 48 -66.74 17.14 16.60
N ILE M 49 -65.65 17.89 16.61
CA ILE M 49 -64.36 17.37 17.15
C ILE M 49 -64.60 16.90 18.59
N SER M 50 -65.14 17.79 19.44
CA SER M 50 -65.44 17.46 20.85
C SER M 50 -66.36 16.23 20.96
N ALA M 51 -67.43 16.12 20.20
CA ALA M 51 -68.26 14.89 20.25
C ALA M 51 -67.40 13.63 19.92
N LEU M 52 -66.52 13.70 18.93
CA LEU M 52 -65.79 12.52 18.43
C LEU M 52 -64.74 12.11 19.47
N LEU M 53 -64.12 13.09 20.12
CA LEU M 53 -63.23 12.87 21.29
C LEU M 53 -64.06 12.23 22.44
N ASP M 54 -65.29 12.70 22.70
CA ASP M 54 -66.19 12.13 23.77
C ASP M 54 -66.50 10.67 23.47
N ALA M 55 -66.51 10.28 22.19
CA ALA M 55 -66.87 8.91 21.75
C ALA M 55 -65.62 8.05 21.66
N GLY M 56 -64.44 8.58 22.04
CA GLY M 56 -63.18 7.81 22.15
C GLY M 56 -62.44 7.73 20.80
N PHE M 57 -62.55 8.74 19.94
CA PHE M 57 -61.87 8.81 18.60
C PHE M 57 -60.73 9.83 18.62
N VAL M 58 -59.60 9.44 18.04
CA VAL M 58 -58.56 10.41 17.59
C VAL M 58 -59.15 11.18 16.42
N VAL M 59 -59.03 12.50 16.44
CA VAL M 59 -59.47 13.38 15.32
C VAL M 59 -58.24 14.10 14.79
N ILE M 60 -58.09 14.10 13.47
CA ILE M 60 -56.98 14.78 12.75
C ILE M 60 -57.65 15.61 11.65
N ALA M 61 -57.14 16.80 11.41
CA ALA M 61 -57.66 17.69 10.34
C ALA M 61 -56.61 18.72 10.02
N ASP M 62 -56.58 19.19 8.77
CA ASP M 62 -55.73 20.34 8.39
C ASP M 62 -56.64 21.38 7.77
N ASP M 63 -56.12 22.59 7.70
CA ASP M 63 -56.60 23.70 6.85
C ASP M 63 -55.83 23.56 5.53
N HIS M 64 -56.55 23.22 4.46
CA HIS M 64 -56.03 23.00 3.09
C HIS M 64 -55.28 24.27 2.61
N ALA M 65 -54.36 24.07 1.68
CA ALA M 65 -53.77 25.13 0.81
C ALA M 65 -54.82 26.22 0.55
N GLY M 66 -54.42 27.48 0.71
CA GLY M 66 -55.26 28.65 0.43
C GLY M 66 -56.47 28.75 1.34
N HIS M 67 -56.46 28.18 2.55
CA HIS M 67 -57.61 28.16 3.50
C HIS M 67 -57.18 28.29 4.97
N GLY M 68 -58.07 28.84 5.80
CA GLY M 68 -57.91 29.02 7.26
C GLY M 68 -56.51 29.48 7.66
N ARG M 69 -55.93 28.82 8.67
CA ARG M 69 -54.66 29.26 9.28
C ARG M 69 -53.53 29.17 8.25
N THR M 70 -53.65 28.27 7.26
CA THR M 70 -52.61 28.05 6.21
C THR M 70 -52.50 29.30 5.32
N ALA M 71 -53.63 29.88 4.89
CA ALA M 71 -53.70 31.18 4.18
C ALA M 71 -53.20 32.33 5.07
N MET M 72 -53.60 32.38 6.34
CA MET M 72 -53.22 33.47 7.28
C MET M 72 -51.69 33.48 7.48
N GLN M 73 -51.02 32.32 7.56
CA GLN M 73 -49.55 32.22 7.76
C GLN M 73 -48.80 32.51 6.46
N SER M 74 -49.27 31.99 5.33
CA SER M 74 -48.59 32.11 4.00
C SER M 74 -48.94 33.45 3.31
N GLY M 75 -50.11 34.03 3.60
CA GLY M 75 -50.64 35.25 2.96
C GLY M 75 -51.49 34.98 1.71
N VAL M 76 -51.64 33.72 1.31
CA VAL M 76 -52.29 33.35 0.01
C VAL M 76 -53.59 32.58 0.27
N TRP M 77 -54.70 33.18 -0.20
CA TRP M 77 -56.10 32.74 0.01
C TRP M 77 -56.69 32.23 -1.30
N ALA M 78 -57.46 31.13 -1.27
CA ALA M 78 -58.31 30.67 -2.40
C ALA M 78 -57.42 30.35 -3.61
N ASP M 79 -56.23 29.83 -3.34
CA ASP M 79 -55.25 29.34 -4.36
C ASP M 79 -54.35 28.29 -3.70
N ALA M 80 -54.15 27.18 -4.40
CA ALA M 80 -53.45 25.98 -3.90
C ALA M 80 -52.17 25.70 -4.72
N GLY M 81 -51.77 26.63 -5.59
CA GLY M 81 -50.64 26.42 -6.53
C GLY M 81 -51.05 25.70 -7.81
N ASP M 82 -50.09 25.43 -8.68
CA ASP M 82 -50.30 24.62 -9.91
C ASP M 82 -50.83 23.26 -9.47
N ASN M 83 -51.71 22.65 -10.30
CA ASN M 83 -52.30 21.29 -10.15
C ASN M 83 -53.03 21.21 -8.82
N ALA M 84 -53.86 22.21 -8.55
CA ALA M 84 -54.56 22.42 -7.26
C ALA M 84 -55.17 21.11 -6.76
N ALA M 85 -55.87 20.37 -7.64
CA ALA M 85 -56.49 19.09 -7.28
C ALA M 85 -55.43 18.11 -6.74
N GLU M 86 -54.36 17.80 -7.48
CA GLU M 86 -53.35 16.82 -6.97
C GLU M 86 -52.78 17.30 -5.64
N VAL M 87 -52.58 18.60 -5.46
CA VAL M 87 -52.03 19.23 -4.21
C VAL M 87 -52.93 18.89 -3.00
N VAL M 88 -54.21 19.26 -3.03
CA VAL M 88 -55.08 19.07 -1.84
C VAL M 88 -55.24 17.56 -1.58
N ILE M 89 -55.35 16.74 -2.63
CA ILE M 89 -55.46 15.26 -2.43
C ILE M 89 -54.19 14.77 -1.73
N SER M 90 -53.03 15.02 -2.35
CA SER M 90 -51.69 14.67 -1.83
C SER M 90 -51.52 15.20 -0.40
N ASP M 91 -51.86 16.45 -0.14
CA ASP M 91 -51.76 17.03 1.24
C ASP M 91 -52.59 16.20 2.21
N GLU M 92 -53.79 15.75 1.81
CA GLU M 92 -54.67 14.93 2.69
C GLU M 92 -54.07 13.54 3.01
N LEU M 93 -53.28 12.94 2.11
CA LEU M 93 -52.62 11.62 2.35
C LEU M 93 -51.38 11.80 3.25
N THR M 94 -50.66 12.91 3.07
CA THR M 94 -49.48 13.32 3.90
C THR M 94 -49.98 13.50 5.33
N LEU M 95 -51.15 14.12 5.52
CA LEU M 95 -51.79 14.31 6.86
C LEU M 95 -51.96 12.94 7.51
N GLN M 96 -52.47 11.98 6.77
CA GLN M 96 -52.61 10.60 7.25
C GLN M 96 -51.29 10.08 7.82
N GLN M 97 -50.16 10.40 7.18
CA GLN M 97 -48.81 9.85 7.53
C GLN M 97 -48.20 10.58 8.72
N GLN M 98 -48.82 11.64 9.26
CA GLN M 98 -48.27 12.33 10.46
C GLN M 98 -48.57 11.50 11.72
N LEU M 99 -49.47 10.51 11.66
CA LEU M 99 -49.75 9.58 12.79
C LEU M 99 -49.12 8.20 12.55
N ALA M 100 -48.26 8.05 11.56
CA ALA M 100 -47.48 6.81 11.33
C ALA M 100 -46.80 6.35 12.63
N GLY M 101 -47.12 5.14 13.09
CA GLY M 101 -46.53 4.53 14.30
C GLY M 101 -47.43 4.72 15.52
N GLN M 102 -48.29 5.75 15.52
CA GLN M 102 -49.02 6.16 16.75
C GLN M 102 -50.29 5.31 16.89
N PHE M 103 -50.99 5.06 15.79
CA PHE M 103 -52.33 4.40 15.80
C PHE M 103 -52.50 3.53 14.55
N ASP M 104 -51.52 2.69 14.21
CA ASP M 104 -51.52 1.91 12.94
C ASP M 104 -52.58 0.79 12.98
N ASP M 105 -52.95 0.28 14.16
CA ASP M 105 -53.90 -0.86 14.29
C ASP M 105 -55.34 -0.35 14.47
N LEU M 106 -55.58 0.96 14.54
CA LEU M 106 -56.94 1.55 14.67
C LEU M 106 -57.58 1.69 13.30
N PRO M 107 -58.91 1.51 13.19
CA PRO M 107 -59.60 1.84 11.94
C PRO M 107 -59.48 3.34 11.69
N TRP M 108 -59.48 3.72 10.43
CA TRP M 108 -59.40 5.13 9.95
C TRP M 108 -60.67 5.46 9.15
N VAL M 109 -61.44 6.46 9.55
CA VAL M 109 -62.60 6.97 8.76
C VAL M 109 -62.27 8.38 8.30
N VAL M 110 -62.70 8.72 7.09
CA VAL M 110 -62.59 10.08 6.51
C VAL M 110 -64.00 10.64 6.45
N PHE M 111 -64.17 11.84 6.98
CA PHE M 111 -65.36 12.70 6.91
C PHE M 111 -64.96 13.94 6.14
N GLY M 112 -65.71 14.22 5.09
CA GLY M 112 -65.39 15.23 4.08
C GLY M 112 -66.65 15.98 3.77
N HIS M 113 -66.59 17.32 3.80
CA HIS M 113 -67.75 18.20 3.58
C HIS M 113 -67.49 19.07 2.34
N SER M 114 -68.50 19.23 1.46
CA SER M 114 -68.49 19.95 0.15
C SER M 114 -67.20 19.59 -0.65
N TRP M 115 -66.31 20.54 -0.92
CA TRP M 115 -64.99 20.30 -1.56
C TRP M 115 -64.25 19.14 -0.88
N GLY M 116 -64.46 18.93 0.43
CA GLY M 116 -63.81 17.85 1.20
C GLY M 116 -64.42 16.49 0.94
N SER M 117 -65.69 16.43 0.54
CA SER M 117 -66.30 15.17 0.00
C SER M 117 -65.64 14.85 -1.35
N MET M 118 -65.49 15.84 -2.25
CA MET M 118 -64.82 15.62 -3.58
C MET M 118 -63.39 15.12 -3.34
N ILE M 119 -62.64 15.74 -2.42
CA ILE M 119 -61.25 15.31 -2.09
C ILE M 119 -61.29 13.89 -1.54
N ALA M 120 -62.15 13.62 -0.56
CA ALA M 120 -62.28 12.27 0.06
C ALA M 120 -62.69 11.23 -1.00
N ARG M 121 -63.55 11.63 -1.91
CA ARG M 121 -64.00 10.73 -3.00
C ARG M 121 -62.77 10.36 -3.86
N ALA M 122 -61.87 11.32 -4.12
CA ALA M 122 -60.64 11.13 -4.92
C ALA M 122 -59.61 10.29 -4.16
N MET M 123 -59.45 10.54 -2.86
CA MET M 123 -58.51 9.78 -1.99
C MET M 123 -58.95 8.32 -1.96
N ALA M 124 -60.26 8.06 -1.88
CA ALA M 124 -60.84 6.70 -1.75
C ALA M 124 -60.31 5.78 -2.87
N THR M 125 -60.31 6.27 -4.10
CA THR M 125 -59.75 5.69 -5.37
C THR M 125 -58.29 5.21 -5.25
N ARG M 126 -57.40 6.04 -4.69
CA ARG M 126 -55.92 5.92 -4.83
C ARG M 126 -55.45 4.68 -4.07
N PRO M 127 -54.53 3.89 -4.65
CA PRO M 127 -53.97 2.75 -3.94
C PRO M 127 -53.21 3.24 -2.70
N GLY M 128 -53.25 2.49 -1.59
CA GLY M 128 -52.46 2.76 -0.37
C GLY M 128 -53.03 3.89 0.47
N THR M 129 -54.24 4.37 0.16
CA THR M 129 -55.02 5.28 1.03
C THR M 129 -55.47 4.48 2.27
N ARG M 130 -55.22 4.99 3.47
CA ARG M 130 -55.82 4.41 4.69
C ARG M 130 -57.29 4.83 4.75
N LEU M 131 -58.20 3.88 4.62
CA LEU M 131 -59.66 4.15 4.54
C LEU M 131 -60.40 2.83 4.87
N ASP M 132 -60.95 2.75 6.10
CA ASP M 132 -61.77 1.63 6.60
C ASP M 132 -63.27 1.97 6.55
N GLY M 133 -63.62 3.22 6.23
CA GLY M 133 -64.99 3.67 5.96
C GLY M 133 -64.98 5.13 5.55
N LEU M 134 -66.04 5.59 4.90
CA LEU M 134 -66.07 6.90 4.22
C LEU M 134 -67.38 7.58 4.57
N ALA M 135 -67.29 8.78 5.17
CA ALA M 135 -68.46 9.58 5.51
C ALA M 135 -68.38 10.82 4.68
N LEU M 136 -69.41 11.12 3.91
CA LEU M 136 -69.49 12.33 3.05
C LEU M 136 -70.64 13.20 3.50
N CYS M 137 -70.47 14.51 3.44
CA CYS M 137 -71.44 15.50 3.96
C CYS M 137 -71.48 16.64 2.96
N GLY M 138 -72.63 17.27 2.74
CA GLY M 138 -72.78 18.37 1.76
C GLY M 138 -72.28 17.94 0.40
N ILE M 139 -72.67 16.74 -0.03
CA ILE M 139 -72.09 16.06 -1.22
C ILE M 139 -72.30 16.90 -2.49
N VAL M 140 -71.26 17.05 -3.29
CA VAL M 140 -71.31 17.75 -4.61
C VAL M 140 -71.51 16.69 -5.70
N ALA M 141 -72.72 16.63 -6.30
CA ALA M 141 -73.17 15.53 -7.21
C ALA M 141 -74.35 15.96 -8.09
N GLN M 142 -74.07 16.21 -9.39
CA GLN M 142 -75.01 16.56 -10.51
C GLN M 142 -75.66 17.93 -10.31
N PRO M 143 -75.02 18.95 -9.69
CA PRO M 143 -75.55 20.31 -9.73
C PRO M 143 -75.33 20.88 -11.12
N ARG M 144 -76.21 21.78 -11.55
CA ARG M 144 -76.20 22.40 -12.90
C ARG M 144 -74.80 22.91 -13.26
N GLY M 145 -74.15 23.68 -12.39
CA GLY M 145 -72.92 24.41 -12.75
C GLY M 145 -71.80 23.48 -13.16
N PHE M 146 -71.47 22.50 -12.32
CA PHE M 146 -70.37 21.54 -12.62
C PHE M 146 -70.71 20.73 -13.87
N GLU M 147 -71.99 20.30 -14.03
CA GLU M 147 -72.50 19.35 -15.05
C GLU M 147 -72.57 19.99 -16.46
N THR M 148 -72.93 21.28 -16.55
CA THR M 148 -73.41 21.93 -17.81
C THR M 148 -72.84 23.34 -17.97
N THR M 149 -73.15 24.24 -17.03
CA THR M 149 -72.92 25.70 -17.20
C THR M 149 -71.41 26.01 -17.31
N LEU M 150 -70.55 25.50 -16.42
CA LEU M 150 -69.10 25.82 -16.53
C LEU M 150 -68.65 25.52 -17.97
N ASP M 151 -68.14 26.55 -18.66
CA ASP M 151 -67.61 26.44 -20.05
C ASP M 151 -66.11 26.06 -19.97
N HIS M 152 -65.80 24.76 -20.06
CA HIS M 152 -64.43 24.22 -19.83
C HIS M 152 -63.45 24.79 -20.87
N LYS M 153 -63.92 25.16 -22.07
CA LYS M 153 -63.06 25.76 -23.14
C LYS M 153 -62.51 27.09 -22.62
N THR M 154 -63.40 28.00 -22.15
CA THR M 154 -63.09 29.41 -21.77
C THR M 154 -62.14 29.44 -20.57
N LEU M 155 -62.29 28.45 -19.69
CA LEU M 155 -61.41 28.19 -18.51
C LEU M 155 -60.04 27.75 -19.06
N ALA M 156 -59.99 26.78 -19.99
CA ALA M 156 -58.71 26.26 -20.57
C ALA M 156 -57.86 27.42 -21.10
N LYS M 157 -58.56 28.31 -21.79
CA LYS M 157 -57.98 29.53 -22.40
C LYS M 157 -57.48 30.46 -21.30
N ALA M 158 -58.25 30.62 -20.22
CA ALA M 158 -57.80 31.46 -19.09
C ALA M 158 -56.59 30.77 -18.40
N MET M 159 -56.55 29.43 -18.41
CA MET M 159 -55.41 28.63 -17.86
C MET M 159 -54.17 28.77 -18.76
N ALA M 160 -54.35 29.02 -20.05
CA ALA M 160 -53.23 29.24 -21.00
C ALA M 160 -52.65 30.66 -20.86
N THR M 161 -53.47 31.67 -20.55
CA THR M 161 -53.09 33.13 -20.58
C THR M 161 -52.64 33.59 -19.18
N ALA M 162 -53.45 33.38 -18.13
CA ALA M 162 -53.23 33.90 -16.75
C ALA M 162 -53.65 32.88 -15.68
N PRO M 163 -52.94 31.73 -15.53
CA PRO M 163 -53.30 30.75 -14.51
C PRO M 163 -53.40 31.27 -13.07
N THR M 164 -52.53 32.22 -12.68
CA THR M 164 -52.37 32.73 -11.30
C THR M 164 -53.27 33.95 -11.05
N ASP M 165 -53.90 34.52 -12.08
CA ASP M 165 -54.74 35.75 -11.94
C ASP M 165 -56.06 35.37 -11.28
N PRO M 166 -56.77 36.34 -10.66
CA PRO M 166 -58.15 36.11 -10.24
C PRO M 166 -58.88 35.35 -11.37
N ALA M 167 -59.65 34.32 -11.03
CA ALA M 167 -60.58 33.65 -11.97
C ALA M 167 -61.57 34.71 -12.42
N PRO M 168 -61.91 34.78 -13.73
CA PRO M 168 -62.97 35.65 -14.21
C PRO M 168 -64.33 35.39 -13.53
N GLU M 169 -65.05 36.47 -13.24
CA GLU M 169 -66.30 36.50 -12.44
C GLU M 169 -67.35 35.58 -13.09
N ALA M 170 -67.43 35.62 -14.41
CA ALA M 170 -68.43 34.87 -15.22
C ALA M 170 -68.28 33.34 -15.00
N LEU M 171 -67.04 32.84 -14.93
CA LEU M 171 -66.77 31.38 -14.82
C LEU M 171 -67.09 30.91 -13.38
N VAL M 172 -66.82 31.77 -12.40
CA VAL M 172 -67.19 31.55 -10.98
C VAL M 172 -68.71 31.32 -10.91
N ALA M 173 -69.52 32.27 -11.38
CA ALA M 173 -71.00 32.19 -11.31
C ALA M 173 -71.49 30.97 -12.11
N GLN M 174 -70.76 30.60 -13.17
CA GLN M 174 -71.06 29.40 -13.99
C GLN M 174 -70.93 28.12 -13.16
N MET M 175 -69.85 28.00 -12.40
CA MET M 175 -69.63 26.81 -11.56
C MET M 175 -70.75 26.71 -10.52
N PHE M 176 -71.20 27.86 -10.00
CA PHE M 176 -72.10 27.93 -8.81
C PHE M 176 -73.50 28.31 -9.26
N ASP M 177 -73.76 28.35 -10.57
CA ASP M 177 -75.15 28.36 -11.12
C ASP M 177 -75.85 27.13 -10.54
N GLY M 178 -77.11 27.30 -10.14
CA GLY M 178 -77.89 26.30 -9.41
C GLY M 178 -78.02 26.65 -7.93
N PHE M 179 -77.07 27.40 -7.37
CA PHE M 179 -76.94 27.62 -5.90
C PHE M 179 -78.03 28.58 -5.39
N ALA M 180 -78.33 29.69 -6.09
CA ALA M 180 -79.32 30.72 -5.66
C ALA M 180 -80.76 30.37 -6.07
N ASP M 181 -81.04 29.13 -6.49
CA ASP M 181 -82.33 28.74 -7.11
C ASP M 181 -83.45 28.86 -6.07
N ARG M 182 -83.43 28.03 -5.03
CA ARG M 182 -84.52 27.90 -4.03
C ARG M 182 -84.30 28.86 -2.85
N LEU M 183 -83.77 30.04 -3.15
CA LEU M 183 -83.48 31.06 -2.11
C LEU M 183 -84.47 32.21 -2.25
N SER M 184 -85.03 32.63 -1.13
CA SER M 184 -86.04 33.73 -1.02
C SER M 184 -85.49 35.07 -1.51
N GLU M 185 -86.38 35.95 -1.94
CA GLU M 185 -85.97 37.27 -2.47
C GLU M 185 -85.18 38.02 -1.40
N ASP M 186 -85.82 38.36 -0.29
CA ASP M 186 -85.08 39.06 0.78
C ASP M 186 -84.09 38.05 1.36
N ASP M 187 -82.86 38.01 0.84
CA ASP M 187 -81.86 37.04 1.33
C ASP M 187 -80.49 37.32 0.72
N GLY M 188 -79.48 36.60 1.20
CA GLY M 188 -78.14 36.86 0.68
C GLY M 188 -77.72 35.79 -0.27
N PRO M 189 -76.64 36.05 -1.02
CA PRO M 189 -76.08 35.06 -1.93
C PRO M 189 -75.68 33.75 -1.22
N THR M 190 -75.19 33.82 0.02
CA THR M 190 -74.79 32.62 0.78
C THR M 190 -75.95 31.94 1.50
N GLY M 191 -77.20 32.41 1.34
CA GLY M 191 -78.39 31.74 1.90
C GLY M 191 -78.38 30.21 1.78
N TRP M 192 -77.67 29.67 0.78
CA TRP M 192 -77.65 28.21 0.50
C TRP M 192 -76.84 27.47 1.57
N VAL M 193 -76.02 28.20 2.35
CA VAL M 193 -75.08 27.63 3.36
C VAL M 193 -75.92 26.87 4.40
N ALA M 194 -77.02 27.47 4.86
CA ALA M 194 -77.95 26.82 5.82
C ALA M 194 -79.27 27.59 5.89
N ARG M 195 -80.33 26.90 6.33
CA ARG M 195 -81.66 27.50 6.63
C ARG M 195 -81.43 28.53 7.74
N SER M 196 -80.73 28.12 8.81
CA SER M 196 -80.33 28.98 9.96
C SER M 196 -79.54 30.20 9.46
N LYS M 197 -80.12 31.40 9.59
CA LYS M 197 -79.51 32.68 9.15
C LYS M 197 -78.34 33.01 10.08
N GLU M 198 -78.35 32.43 11.29
CA GLU M 198 -77.28 32.63 12.31
C GLU M 198 -75.99 31.96 11.80
N VAL M 199 -76.10 30.69 11.39
CA VAL M 199 -74.97 29.90 10.85
C VAL M 199 -74.36 30.69 9.69
N VAL M 200 -75.19 31.34 8.86
CA VAL M 200 -74.73 32.01 7.61
C VAL M 200 -74.00 33.30 7.99
N ALA M 201 -74.54 34.13 8.89
CA ALA M 201 -73.92 35.41 9.32
C ALA M 201 -72.56 35.07 9.97
N ASP M 202 -72.51 33.95 10.70
CA ASP M 202 -71.27 33.47 11.37
C ASP M 202 -70.29 33.06 10.29
N HIS M 203 -70.71 32.17 9.39
CA HIS M 203 -69.91 31.77 8.20
C HIS M 203 -69.32 33.03 7.57
N GLY M 204 -70.16 34.05 7.37
CA GLY M 204 -69.82 35.37 6.76
C GLY M 204 -68.72 36.08 7.54
N LYS M 205 -68.74 36.06 8.87
CA LYS M 205 -67.91 36.94 9.76
C LYS M 205 -66.58 36.27 10.17
N ASP M 206 -66.54 34.95 10.33
CA ASP M 206 -65.36 34.17 10.80
C ASP M 206 -64.14 34.48 9.92
N LYS M 207 -63.13 35.11 10.51
CA LYS M 207 -61.96 35.62 9.78
C LYS M 207 -61.10 34.47 9.22
N PHE M 208 -61.19 33.26 9.79
CA PHE M 208 -60.47 32.07 9.24
C PHE M 208 -61.22 31.51 8.02
N ASN M 209 -62.49 31.88 7.81
CA ASN M 209 -63.23 31.59 6.55
C ASN M 209 -62.80 32.57 5.45
N ASN M 210 -62.77 33.88 5.75
CA ASN M 210 -62.41 34.95 4.78
C ASN M 210 -63.20 34.61 3.50
N PHE M 211 -64.50 34.91 3.52
CA PHE M 211 -65.41 34.75 2.36
C PHE M 211 -65.39 36.04 1.50
N GLY M 212 -65.67 35.87 0.21
CA GLY M 212 -65.54 36.93 -0.80
C GLY M 212 -64.10 37.15 -1.21
N ALA M 213 -63.23 36.17 -0.94
CA ALA M 213 -61.80 36.15 -1.35
C ALA M 213 -61.70 35.47 -2.71
N PRO M 214 -61.18 36.16 -3.73
CA PRO M 214 -61.26 35.66 -5.11
C PRO M 214 -60.37 34.44 -5.37
N MET M 215 -60.96 33.31 -5.77
CA MET M 215 -60.24 32.13 -6.34
C MET M 215 -59.32 32.55 -7.50
N SER M 216 -58.11 31.98 -7.56
CA SER M 216 -57.25 32.03 -8.75
C SER M 216 -57.91 31.15 -9.84
N THR M 217 -57.57 31.38 -11.11
CA THR M 217 -58.00 30.57 -12.29
C THR M 217 -57.55 29.12 -12.10
N ARG M 218 -56.28 28.87 -11.77
CA ARG M 218 -55.74 27.49 -11.56
C ARG M 218 -56.55 26.82 -10.43
N PHE M 219 -56.87 27.55 -9.37
CA PHE M 219 -57.78 27.05 -8.32
C PHE M 219 -59.15 26.67 -8.91
N LEU M 220 -59.76 27.49 -9.75
CA LEU M 220 -61.09 27.11 -10.34
C LEU M 220 -60.95 25.81 -11.17
N GLN M 221 -59.87 25.66 -11.95
CA GLN M 221 -59.58 24.42 -12.73
C GLN M 221 -59.49 23.26 -11.74
N GLY M 222 -58.85 23.48 -10.60
CA GLY M 222 -58.77 22.47 -9.52
C GLY M 222 -60.15 21.95 -9.14
N LEU M 223 -61.16 22.82 -9.07
CA LEU M 223 -62.52 22.40 -8.63
C LEU M 223 -63.14 21.56 -9.74
N ALA M 224 -63.00 21.99 -10.99
CA ALA M 224 -63.48 21.24 -12.18
C ALA M 224 -62.83 19.85 -12.21
N ASP M 225 -61.52 19.81 -11.96
CA ASP M 225 -60.66 18.60 -11.96
C ASP M 225 -61.16 17.64 -10.85
N ILE M 226 -61.33 18.14 -9.62
CA ILE M 226 -61.65 17.29 -8.44
C ILE M 226 -63.12 16.83 -8.58
N TYR M 227 -64.00 17.69 -9.12
CA TYR M 227 -65.42 17.30 -9.36
C TYR M 227 -65.43 16.06 -10.26
N ALA M 228 -64.72 16.13 -11.41
CA ALA M 228 -64.80 15.04 -12.43
C ALA M 228 -64.23 13.76 -11.85
N MET M 229 -63.14 13.83 -11.09
CA MET M 229 -62.57 12.64 -10.38
C MET M 229 -63.63 12.05 -9.44
N ALA M 230 -64.32 12.90 -8.68
CA ALA M 230 -65.21 12.46 -7.58
C ALA M 230 -66.50 11.85 -8.13
N ASN M 231 -66.92 12.25 -9.33
CA ASN M 231 -68.22 11.86 -9.92
C ASN M 231 -68.01 10.99 -11.16
N GLY M 232 -66.77 10.68 -11.53
CA GLY M 232 -66.46 9.96 -12.79
C GLY M 232 -66.68 8.49 -12.64
N ASP M 233 -66.84 7.76 -13.73
CA ASP M 233 -67.10 6.30 -13.68
C ASP M 233 -66.04 5.59 -12.85
N SER M 234 -64.78 6.04 -12.93
CA SER M 234 -63.60 5.48 -12.22
C SER M 234 -63.90 5.41 -10.71
N PHE M 235 -64.43 6.49 -10.15
CA PHE M 235 -64.77 6.55 -8.71
C PHE M 235 -65.76 5.42 -8.39
N TYR M 236 -66.90 5.41 -9.09
CA TYR M 236 -67.99 4.43 -8.80
C TYR M 236 -67.47 3.00 -8.92
N ALA M 237 -66.62 2.71 -9.92
CA ALA M 237 -66.12 1.34 -10.21
C ALA M 237 -65.00 0.89 -9.27
N THR M 238 -64.20 1.82 -8.69
CA THR M 238 -62.99 1.49 -7.89
C THR M 238 -63.26 1.67 -6.39
N MET M 239 -64.26 2.47 -6.02
CA MET M 239 -64.64 2.73 -4.60
C MET M 239 -64.51 1.45 -3.79
N PRO M 240 -63.64 1.37 -2.76
CA PRO M 240 -63.43 0.10 -2.07
C PRO M 240 -64.72 -0.33 -1.37
N ASN M 241 -64.82 -1.63 -1.07
CA ASN M 241 -66.00 -2.32 -0.48
C ASN M 241 -65.95 -2.17 1.05
N ILE M 242 -66.18 -0.95 1.54
CA ILE M 242 -66.15 -0.57 2.98
C ILE M 242 -67.44 0.21 3.23
N PRO M 243 -67.89 0.29 4.50
CA PRO M 243 -69.11 1.03 4.83
C PRO M 243 -68.92 2.49 4.47
N ILE M 244 -69.96 3.06 3.87
CA ILE M 244 -70.05 4.46 3.41
C ILE M 244 -71.27 5.06 4.08
N VAL M 245 -71.21 6.32 4.47
CA VAL M 245 -72.42 7.05 4.96
C VAL M 245 -72.40 8.41 4.31
N LEU M 246 -73.59 8.95 4.06
CA LEU M 246 -73.85 10.23 3.37
C LEU M 246 -74.81 11.08 4.22
N PHE M 247 -74.51 12.35 4.42
CA PHE M 247 -75.36 13.35 5.12
C PHE M 247 -75.54 14.53 4.19
N ALA M 248 -76.76 14.95 3.95
CA ALA M 248 -77.02 16.07 3.04
C ALA M 248 -78.42 16.53 3.31
N GLY M 249 -78.64 17.83 3.10
CA GLY M 249 -79.96 18.48 3.15
C GLY M 249 -80.69 18.29 1.83
N SER M 250 -82.00 18.13 1.90
CA SER M 250 -82.89 18.04 0.71
C SER M 250 -82.85 19.36 -0.07
N GLU M 251 -82.53 20.50 0.59
CA GLU M 251 -82.49 21.85 -0.05
C GLU M 251 -81.05 22.28 -0.36
N ASP M 252 -80.12 21.31 -0.45
CA ASP M 252 -78.69 21.57 -0.72
C ASP M 252 -78.48 21.62 -2.24
N PRO M 253 -78.23 22.81 -2.83
CA PRO M 253 -77.92 22.87 -4.25
C PRO M 253 -76.73 21.98 -4.65
N ALA M 254 -75.72 21.86 -3.79
CA ALA M 254 -74.47 21.13 -4.10
C ALA M 254 -74.77 19.71 -4.66
N GLY M 255 -75.74 19.01 -4.09
CA GLY M 255 -76.08 17.64 -4.49
C GLY M 255 -77.36 17.57 -5.28
N ASP M 256 -77.68 18.64 -6.00
CA ASP M 256 -78.89 18.76 -6.84
C ASP M 256 -80.15 18.51 -6.00
N PHE M 257 -80.19 19.13 -4.83
CA PHE M 257 -81.35 19.08 -3.92
C PHE M 257 -81.73 17.63 -3.61
N GLY M 258 -80.77 16.81 -3.25
CA GLY M 258 -81.07 15.43 -2.84
C GLY M 258 -81.04 14.43 -3.98
N THR M 259 -81.49 14.80 -5.16
CA THR M 259 -81.53 13.88 -6.32
C THR M 259 -80.15 13.35 -6.64
N GLY M 260 -79.17 14.24 -6.80
CA GLY M 260 -77.78 13.85 -7.08
C GLY M 260 -77.22 12.96 -6.00
N VAL M 261 -77.51 13.31 -4.75
CA VAL M 261 -77.05 12.54 -3.56
C VAL M 261 -77.62 11.13 -3.62
N LYS M 262 -78.91 10.98 -3.94
CA LYS M 262 -79.57 9.64 -3.99
C LYS M 262 -78.92 8.78 -5.07
N ALA M 263 -78.77 9.32 -6.28
CA ALA M 263 -77.99 8.75 -7.41
C ALA M 263 -76.66 8.15 -6.93
N VAL M 264 -75.98 8.80 -5.99
CA VAL M 264 -74.62 8.40 -5.53
C VAL M 264 -74.77 7.12 -4.71
N ALA M 265 -75.63 7.17 -3.70
CA ALA M 265 -76.01 6.01 -2.87
C ALA M 265 -76.52 4.89 -3.79
N GLU M 266 -77.42 5.22 -4.72
CA GLU M 266 -78.09 4.18 -5.55
C GLU M 266 -77.03 3.50 -6.43
N ARG M 267 -76.20 4.28 -7.14
CA ARG M 267 -75.09 3.75 -7.98
C ARG M 267 -74.12 2.90 -7.16
N LEU M 268 -73.78 3.35 -5.94
CA LEU M 268 -72.85 2.60 -5.06
C LEU M 268 -73.51 1.27 -4.64
N ARG M 269 -74.79 1.23 -4.22
CA ARG M 269 -75.44 -0.02 -3.76
C ARG M 269 -75.61 -0.99 -4.94
N ARG M 270 -75.99 -0.49 -6.12
CA ARG M 270 -76.06 -1.23 -7.41
C ARG M 270 -74.74 -1.99 -7.66
N ASP M 271 -73.60 -1.35 -7.42
CA ASP M 271 -72.25 -1.97 -7.54
C ASP M 271 -71.91 -2.77 -6.27
N GLY M 272 -72.88 -3.00 -5.35
CA GLY M 272 -72.81 -4.00 -4.25
C GLY M 272 -72.26 -3.45 -2.93
N HIS M 273 -72.10 -2.12 -2.77
CA HIS M 273 -71.49 -1.46 -1.57
C HIS M 273 -72.50 -1.37 -0.42
N ASN M 274 -71.99 -1.33 0.81
CA ASN M 274 -72.77 -1.01 2.05
C ASN M 274 -72.85 0.51 2.21
N VAL M 275 -74.07 1.07 2.09
CA VAL M 275 -74.32 2.54 1.95
C VAL M 275 -75.46 2.96 2.89
N GLU M 276 -75.22 4.01 3.68
CA GLU M 276 -76.19 4.53 4.68
C GLU M 276 -76.45 5.99 4.33
N LEU M 277 -77.67 6.31 3.90
CA LEU M 277 -78.08 7.70 3.57
C LEU M 277 -78.90 8.29 4.74
N HIS M 278 -78.57 9.54 5.07
CA HIS M 278 -79.30 10.52 5.92
C HIS M 278 -79.54 11.77 5.08
N LEU M 279 -80.74 11.91 4.56
CA LEU M 279 -81.18 13.17 3.88
C LEU M 279 -82.16 13.87 4.82
N TYR M 280 -81.77 15.06 5.28
CA TYR M 280 -82.47 15.93 6.27
C TYR M 280 -83.41 16.87 5.51
N ASP M 281 -84.70 16.50 5.51
CA ASP M 281 -85.86 17.22 4.92
C ASP M 281 -85.85 18.68 5.37
N GLY M 282 -85.69 19.62 4.41
CA GLY M 282 -85.93 21.05 4.63
C GLY M 282 -84.65 21.85 4.81
N LEU M 283 -83.55 21.17 5.17
CA LEU M 283 -82.25 21.78 5.52
C LEU M 283 -81.39 21.90 4.27
N ARG M 284 -80.43 22.82 4.31
CA ARG M 284 -79.54 23.15 3.16
C ARG M 284 -78.17 22.48 3.29
N HIS M 285 -77.11 23.18 2.91
CA HIS M 285 -75.77 22.62 2.65
C HIS M 285 -75.18 22.04 3.94
N GLU M 286 -75.05 22.86 4.98
CA GLU M 286 -74.27 22.49 6.19
C GLU M 286 -75.14 21.75 7.22
N VAL M 287 -75.51 20.51 6.94
CA VAL M 287 -76.39 19.73 7.86
C VAL M 287 -75.59 19.40 9.13
N HIS M 288 -74.25 19.50 9.07
CA HIS M 288 -73.42 19.29 10.28
C HIS M 288 -73.50 20.52 11.21
N ASN M 289 -73.85 21.72 10.71
CA ASN M 289 -73.89 22.98 11.53
C ASN M 289 -75.33 23.49 11.73
N GLU M 290 -76.31 22.87 11.07
CA GLU M 290 -77.76 23.14 11.25
C GLU M 290 -78.21 22.69 12.64
N PRO M 291 -78.83 23.59 13.46
CA PRO M 291 -79.30 23.24 14.80
C PRO M 291 -80.16 21.97 14.82
N GLU M 292 -81.00 21.79 13.81
CA GLU M 292 -82.02 20.70 13.79
C GLU M 292 -81.31 19.38 13.49
N SER M 293 -80.22 19.35 12.71
CA SER M 293 -79.60 18.09 12.23
C SER M 293 -78.28 17.77 12.93
N ARG M 294 -77.66 18.77 13.57
CA ARG M 294 -76.25 18.64 14.00
C ARG M 294 -76.07 17.38 14.88
N ALA M 295 -76.85 17.23 15.95
CA ALA M 295 -76.75 16.12 16.93
C ALA M 295 -76.93 14.80 16.19
N ASP M 296 -77.89 14.76 15.27
CA ASP M 296 -78.23 13.51 14.52
C ASP M 296 -77.01 13.13 13.68
N VAL M 297 -76.45 14.09 12.92
CA VAL M 297 -75.25 13.88 12.05
C VAL M 297 -74.14 13.27 12.90
N GLU M 298 -73.88 13.90 14.06
CA GLU M 298 -72.77 13.56 14.99
C GLU M 298 -73.01 12.19 15.60
N SER M 299 -74.21 11.90 16.14
CA SER M 299 -74.51 10.56 16.75
C SER M 299 -74.62 9.48 15.65
N SER M 300 -75.16 9.81 14.48
CA SER M 300 -75.12 8.87 13.31
C SER M 300 -73.65 8.51 12.99
N LEU M 301 -72.77 9.52 12.99
CA LEU M 301 -71.35 9.39 12.55
C LEU M 301 -70.65 8.61 13.66
N VAL M 302 -71.10 8.78 14.91
CA VAL M 302 -70.51 8.03 16.05
C VAL M 302 -70.85 6.55 15.85
N THR M 303 -72.12 6.23 15.64
CA THR M 303 -72.59 4.83 15.48
C THR M 303 -71.85 4.22 14.28
N PHE M 304 -71.71 5.01 13.20
CA PHE M 304 -71.05 4.57 11.95
C PHE M 304 -69.61 4.15 12.26
N VAL M 305 -68.87 5.01 12.96
CA VAL M 305 -67.42 4.78 13.22
C VAL M 305 -67.29 3.52 14.10
N ASP M 306 -68.17 3.37 15.09
CA ASP M 306 -68.12 2.17 15.96
C ASP M 306 -68.28 0.93 15.09
N ARG M 307 -69.21 0.98 14.14
CA ARG M 307 -69.54 -0.12 13.21
C ARG M 307 -68.32 -0.45 12.33
N VAL M 308 -67.57 0.55 11.91
CA VAL M 308 -66.36 0.33 11.07
C VAL M 308 -65.33 -0.36 11.96
N ALA M 309 -65.19 0.11 13.18
CA ALA M 309 -64.20 -0.44 14.13
C ALA M 309 -64.63 -1.82 14.63
N ASN M 310 -65.92 -2.17 14.56
CA ASN M 310 -66.41 -3.49 14.99
C ASN M 310 -66.10 -4.50 13.90
N ALA N 2 -67.20 31.54 15.01
CA ALA N 2 -66.03 32.37 14.59
C ALA N 2 -64.83 32.07 15.48
N LEU N 3 -63.62 32.23 14.94
CA LEU N 3 -62.35 32.08 15.70
C LEU N 3 -61.51 33.34 15.49
N GLN N 4 -61.04 33.96 16.57
CA GLN N 4 -59.98 34.99 16.46
C GLN N 4 -58.70 34.43 17.09
N GLU N 5 -57.56 34.66 16.42
CA GLU N 5 -56.22 34.50 17.00
C GLU N 5 -55.73 35.87 17.44
N ILE N 6 -55.52 35.99 18.76
CA ILE N 6 -54.90 37.16 19.43
C ILE N 6 -53.56 36.72 19.99
N GLU N 7 -52.49 37.35 19.57
CA GLU N 7 -51.21 37.32 20.30
C GLU N 7 -51.15 38.72 20.90
N PHE N 8 -50.43 38.88 21.98
CA PHE N 8 -49.80 40.17 22.35
C PHE N 8 -48.51 39.79 23.07
N THR N 9 -47.59 40.72 23.09
CA THR N 9 -46.38 40.74 23.92
C THR N 9 -46.81 40.80 25.39
N SER N 10 -46.37 39.78 26.15
CA SER N 10 -46.38 39.66 27.63
C SER N 10 -45.80 40.90 28.30
N HIS N 11 -46.22 41.14 29.55
CA HIS N 11 -45.60 42.12 30.50
C HIS N 11 -44.13 41.76 30.77
N ASN N 12 -43.74 40.46 30.64
CA ASN N 12 -42.35 40.00 30.80
C ASN N 12 -41.49 40.44 29.59
N GLY N 13 -42.08 41.01 28.52
CA GLY N 13 -41.35 41.58 27.36
C GLY N 13 -40.66 40.51 26.51
N ARG N 14 -40.84 39.22 26.82
CA ARG N 14 -40.13 38.07 26.18
C ARG N 14 -41.14 37.29 25.31
N ASP N 15 -42.28 36.90 25.88
CA ASP N 15 -43.23 35.93 25.27
C ASP N 15 -44.22 36.65 24.35
N ALA N 16 -44.56 36.06 23.19
CA ALA N 16 -45.82 36.35 22.45
C ALA N 16 -46.88 35.44 23.06
N ILE N 17 -47.77 36.01 23.88
CA ILE N 17 -48.87 35.23 24.51
C ILE N 17 -49.78 34.72 23.40
N GLN N 18 -49.92 33.41 23.28
CA GLN N 18 -50.86 32.77 22.34
C GLN N 18 -52.23 32.79 23.01
N ALA N 19 -53.17 33.49 22.38
CA ALA N 19 -54.58 33.66 22.83
C ALA N 19 -55.57 33.30 21.71
N TRP N 20 -56.76 32.86 22.12
CA TRP N 20 -57.90 32.61 21.21
C TRP N 20 -59.15 33.29 21.75
N ALA N 21 -60.00 33.76 20.87
CA ALA N 21 -61.42 34.06 21.18
C ALA N 21 -62.33 33.18 20.32
N TYR N 22 -63.25 32.47 20.96
CA TYR N 22 -64.25 31.57 20.32
C TYR N 22 -65.61 32.30 20.38
N GLU N 23 -66.23 32.57 19.24
CA GLU N 23 -67.52 33.27 19.21
C GLU N 23 -68.58 32.30 18.72
N PRO N 24 -69.77 32.22 19.36
CA PRO N 24 -70.75 31.21 18.99
C PRO N 24 -71.55 31.78 17.80
N VAL N 25 -72.29 30.88 17.17
CA VAL N 25 -73.39 31.21 16.23
C VAL N 25 -74.45 32.02 16.97
N GLY N 26 -74.74 33.21 16.48
CA GLY N 26 -75.86 34.05 16.95
C GLY N 26 -75.36 35.13 17.86
N THR N 27 -76.27 35.74 18.65
CA THR N 27 -75.97 36.89 19.55
C THR N 27 -75.56 36.31 20.89
N PRO N 28 -74.28 36.51 21.30
CA PRO N 28 -73.82 36.05 22.61
C PRO N 28 -74.45 36.90 23.73
N THR N 29 -74.64 36.33 24.92
CA THR N 29 -75.22 36.98 26.14
C THR N 29 -74.14 37.27 27.20
N ALA N 30 -72.93 36.70 27.09
CA ALA N 30 -71.83 36.82 28.06
C ALA N 30 -70.49 36.38 27.45
N VAL N 31 -69.41 36.97 27.94
CA VAL N 31 -68.02 36.49 27.74
C VAL N 31 -67.60 35.64 28.93
N VAL N 32 -66.91 34.51 28.70
CA VAL N 32 -66.25 33.73 29.79
C VAL N 32 -64.76 33.64 29.47
N GLN N 33 -63.95 34.23 30.34
CA GLN N 33 -62.47 34.16 30.28
C GLN N 33 -62.05 32.91 31.06
N ILE N 34 -61.44 31.94 30.39
CA ILE N 34 -60.87 30.73 31.07
C ILE N 34 -59.41 31.05 31.32
N ILE N 35 -58.98 30.78 32.55
CA ILE N 35 -57.59 30.96 33.05
C ILE N 35 -57.08 29.60 33.51
N HIS N 36 -56.29 28.96 32.66
CA HIS N 36 -55.76 27.60 32.89
C HIS N 36 -54.80 27.64 34.08
N GLY N 37 -54.50 26.46 34.62
CA GLY N 37 -53.57 26.28 35.74
C GLY N 37 -52.17 25.88 35.28
N LEU N 38 -51.45 25.26 36.18
CA LEU N 38 -50.01 25.02 36.09
C LEU N 38 -49.78 23.68 35.38
N GLY N 39 -48.78 23.64 34.50
CA GLY N 39 -48.49 22.46 33.67
C GLY N 39 -49.67 22.07 32.79
N GLU N 40 -50.42 23.04 32.29
CA GLU N 40 -51.60 22.77 31.41
C GLU N 40 -51.72 23.92 30.41
N HIS N 41 -52.80 23.98 29.63
CA HIS N 41 -52.94 24.99 28.54
C HIS N 41 -54.41 25.25 28.29
N SER N 42 -54.77 26.34 27.60
CA SER N 42 -56.18 26.75 27.40
C SER N 42 -56.90 25.79 26.45
N ARG N 43 -56.21 25.09 25.55
CA ARG N 43 -56.90 24.32 24.49
C ARG N 43 -57.24 22.93 25.03
N ARG N 44 -56.87 22.67 26.28
CA ARG N 44 -57.23 21.42 26.99
C ARG N 44 -58.70 21.49 27.37
N TYR N 45 -59.31 22.68 27.37
CA TYR N 45 -60.69 22.98 27.84
C TYR N 45 -61.68 22.92 26.68
N LEU N 46 -61.33 22.23 25.60
CA LEU N 46 -62.12 22.07 24.35
C LEU N 46 -63.56 21.67 24.69
N HIS N 47 -63.74 20.64 25.53
CA HIS N 47 -65.09 20.17 25.95
C HIS N 47 -65.88 21.29 26.65
N MET N 48 -65.26 22.03 27.59
CA MET N 48 -65.88 23.21 28.26
C MET N 48 -66.11 24.39 27.26
N ILE N 49 -65.16 24.63 26.38
CA ILE N 49 -65.23 25.74 25.39
C ILE N 49 -66.43 25.45 24.50
N SER N 50 -66.51 24.23 23.95
CA SER N 50 -67.63 23.81 23.08
C SER N 50 -68.96 24.00 23.86
N ALA N 51 -69.04 23.54 25.11
CA ALA N 51 -70.30 23.60 25.92
C ALA N 51 -70.71 25.07 26.20
N LEU N 52 -69.76 25.97 26.38
CA LEU N 52 -70.08 27.41 26.61
C LEU N 52 -70.54 28.08 25.30
N LEU N 53 -69.97 27.73 24.14
CA LEU N 53 -70.46 28.22 22.81
C LEU N 53 -71.89 27.71 22.55
N ASP N 54 -72.17 26.44 22.83
CA ASP N 54 -73.54 25.87 22.81
C ASP N 54 -74.45 26.75 23.68
N ALA N 55 -73.96 27.30 24.79
CA ALA N 55 -74.76 28.07 25.78
C ALA N 55 -74.92 29.51 25.33
N GLY N 56 -74.25 29.87 24.24
CA GLY N 56 -74.36 31.20 23.62
C GLY N 56 -73.43 32.21 24.25
N PHE N 57 -72.26 31.77 24.74
CA PHE N 57 -71.22 32.66 25.35
C PHE N 57 -69.99 32.74 24.42
N VAL N 58 -69.40 33.94 24.30
CA VAL N 58 -68.01 34.14 23.84
C VAL N 58 -67.08 33.44 24.84
N VAL N 59 -66.04 32.76 24.38
CA VAL N 59 -64.95 32.24 25.23
C VAL N 59 -63.65 32.91 24.80
N ILE N 60 -62.95 33.57 25.72
CA ILE N 60 -61.57 34.11 25.49
C ILE N 60 -60.64 33.37 26.45
N ALA N 61 -59.44 33.06 25.99
CA ALA N 61 -58.45 32.32 26.79
C ALA N 61 -57.07 32.44 26.13
N ASP N 62 -56.04 32.40 26.97
CA ASP N 62 -54.64 32.47 26.51
C ASP N 62 -53.82 31.38 27.19
N ASP N 63 -52.71 31.03 26.56
CA ASP N 63 -51.72 30.13 27.14
C ASP N 63 -50.81 31.06 27.94
N HIS N 64 -50.62 30.81 29.24
CA HIS N 64 -49.83 31.77 30.02
C HIS N 64 -48.34 31.65 29.72
N ALA N 65 -47.60 32.68 30.09
CA ALA N 65 -46.13 32.75 30.03
C ALA N 65 -45.55 31.45 30.58
N GLY N 66 -44.71 30.77 29.81
CA GLY N 66 -44.07 29.50 30.21
C GLY N 66 -44.98 28.30 30.05
N HIS N 67 -46.05 28.41 29.28
CA HIS N 67 -47.08 27.34 29.20
C HIS N 67 -47.66 27.20 27.78
N GLY N 68 -48.10 25.99 27.43
CA GLY N 68 -48.77 25.66 26.17
C GLY N 68 -48.08 26.14 24.91
N ARG N 69 -48.82 26.81 24.04
CA ARG N 69 -48.32 27.28 22.74
C ARG N 69 -47.43 28.48 22.97
N THR N 70 -47.59 29.16 24.11
CA THR N 70 -46.75 30.33 24.43
C THR N 70 -45.32 29.82 24.65
N ALA N 71 -45.17 28.75 25.40
CA ALA N 71 -43.86 28.12 25.72
C ALA N 71 -43.31 27.46 24.47
N MET N 72 -44.18 26.85 23.67
CA MET N 72 -43.77 26.03 22.51
C MET N 72 -43.15 26.98 21.48
N GLN N 73 -43.58 28.24 21.43
CA GLN N 73 -43.05 29.25 20.46
C GLN N 73 -41.84 29.99 21.05
N SER N 74 -41.81 30.26 22.37
CA SER N 74 -40.72 31.03 23.03
C SER N 74 -39.56 30.08 23.33
N GLY N 75 -39.81 28.78 23.42
CA GLY N 75 -38.79 27.79 23.80
C GLY N 75 -38.59 27.71 25.31
N VAL N 76 -39.34 28.49 26.10
CA VAL N 76 -39.11 28.57 27.58
C VAL N 76 -40.34 28.06 28.32
N TRP N 77 -40.19 26.95 29.02
CA TRP N 77 -41.25 26.30 29.85
C TRP N 77 -41.09 26.64 31.32
N ALA N 78 -42.21 26.87 32.01
CA ALA N 78 -42.32 26.83 33.49
C ALA N 78 -41.53 28.00 34.09
N ASP N 79 -41.56 29.13 33.39
CA ASP N 79 -40.95 30.41 33.82
C ASP N 79 -41.65 31.53 33.06
N ALA N 80 -42.07 32.56 33.77
CA ALA N 80 -42.89 33.67 33.23
C ALA N 80 -42.11 34.97 33.26
N GLY N 81 -40.80 34.91 33.56
CA GLY N 81 -39.91 36.08 33.74
C GLY N 81 -39.84 36.56 35.19
N ASP N 82 -39.17 37.71 35.40
CA ASP N 82 -39.10 38.39 36.72
C ASP N 82 -40.52 38.86 37.09
N ASN N 83 -40.84 38.89 38.40
CA ASN N 83 -42.15 39.36 38.93
C ASN N 83 -43.28 38.54 38.29
N ALA N 84 -43.20 37.22 38.42
CA ALA N 84 -44.03 36.28 37.63
C ALA N 84 -45.48 36.51 37.98
N ALA N 85 -45.77 36.78 39.23
CA ALA N 85 -47.17 36.91 39.68
C ALA N 85 -47.80 38.09 38.93
N GLU N 86 -47.10 39.23 38.85
CA GLU N 86 -47.59 40.48 38.19
C GLU N 86 -47.71 40.27 36.69
N VAL N 87 -46.76 39.56 36.09
CA VAL N 87 -46.77 39.25 34.63
C VAL N 87 -48.07 38.54 34.32
N VAL N 88 -48.34 37.42 35.00
CA VAL N 88 -49.50 36.58 34.64
C VAL N 88 -50.81 37.33 34.94
N ILE N 89 -50.86 38.15 36.01
CA ILE N 89 -52.07 38.97 36.33
C ILE N 89 -52.22 40.03 35.25
N SER N 90 -51.14 40.74 34.93
CA SER N 90 -51.14 41.79 33.87
C SER N 90 -51.59 41.18 32.51
N ASP N 91 -51.07 40.00 32.13
CA ASP N 91 -51.43 39.34 30.84
C ASP N 91 -52.94 38.98 30.82
N GLU N 92 -53.52 38.57 31.94
CA GLU N 92 -54.97 38.26 32.02
C GLU N 92 -55.81 39.53 31.87
N LEU N 93 -55.30 40.69 32.29
CA LEU N 93 -56.01 41.98 32.13
C LEU N 93 -55.89 42.43 30.66
N THR N 94 -54.71 42.28 30.07
CA THR N 94 -54.45 42.62 28.64
C THR N 94 -55.30 41.71 27.77
N LEU N 95 -55.47 40.44 28.15
CA LEU N 95 -56.33 39.53 27.34
C LEU N 95 -57.75 40.12 27.27
N GLN N 96 -58.29 40.73 28.33
CA GLN N 96 -59.69 41.28 28.36
C GLN N 96 -59.81 42.42 27.35
N GLN N 97 -58.71 43.17 27.19
CA GLN N 97 -58.55 44.36 26.30
C GLN N 97 -58.48 43.96 24.83
N GLN N 98 -58.17 42.70 24.51
CA GLN N 98 -58.11 42.24 23.11
C GLN N 98 -59.53 42.23 22.51
N LEU N 99 -60.61 42.33 23.32
CA LEU N 99 -62.03 42.40 22.84
C LEU N 99 -62.63 43.83 23.03
N ALA N 100 -61.84 44.84 23.40
CA ALA N 100 -62.33 46.24 23.51
C ALA N 100 -63.03 46.64 22.21
N GLY N 101 -64.28 47.05 22.32
CA GLY N 101 -65.08 47.51 21.17
C GLY N 101 -66.06 46.45 20.70
N GLN N 102 -65.82 45.16 20.97
CA GLN N 102 -66.67 44.09 20.38
C GLN N 102 -67.80 43.73 21.36
N PHE N 103 -67.52 43.55 22.66
CA PHE N 103 -68.51 42.92 23.59
C PHE N 103 -68.59 43.71 24.91
N ASP N 104 -68.58 45.04 24.80
CA ASP N 104 -68.44 45.99 25.94
C ASP N 104 -69.69 45.99 26.84
N ASP N 105 -70.86 45.68 26.30
CA ASP N 105 -72.13 45.71 27.09
C ASP N 105 -72.47 44.29 27.59
N LEU N 106 -71.66 43.26 27.31
CA LEU N 106 -71.95 41.88 27.81
C LEU N 106 -71.34 41.69 29.19
N PRO N 107 -72.02 40.96 30.11
CA PRO N 107 -71.39 40.55 31.36
C PRO N 107 -70.18 39.65 31.14
N TRP N 108 -69.14 39.83 31.98
CA TRP N 108 -67.82 39.16 31.89
C TRP N 108 -67.59 38.26 33.12
N VAL N 109 -67.59 36.95 32.91
CA VAL N 109 -67.30 35.99 34.00
C VAL N 109 -65.87 35.43 33.82
N VAL N 110 -65.11 35.32 34.91
CA VAL N 110 -63.74 34.74 34.91
C VAL N 110 -63.84 33.34 35.50
N PHE N 111 -63.40 32.33 34.76
CA PHE N 111 -63.29 30.95 35.25
C PHE N 111 -61.79 30.66 35.36
N GLY N 112 -61.37 30.32 36.56
CA GLY N 112 -59.96 29.99 36.83
C GLY N 112 -59.82 28.69 37.57
N HIS N 113 -58.86 27.89 37.14
CA HIS N 113 -58.55 26.59 37.75
C HIS N 113 -57.13 26.57 38.29
N SER N 114 -57.00 26.12 39.55
CA SER N 114 -55.74 25.92 40.31
C SER N 114 -54.97 27.25 40.35
N TRP N 115 -53.77 27.28 39.80
CA TRP N 115 -52.99 28.52 39.56
C TRP N 115 -53.88 29.63 38.95
N GLY N 116 -54.79 29.25 38.05
CA GLY N 116 -55.69 30.21 37.35
C GLY N 116 -56.74 30.75 38.32
N SER N 117 -57.10 29.97 39.35
CA SER N 117 -58.00 30.41 40.44
C SER N 117 -57.27 31.46 41.28
N MET N 118 -56.01 31.20 41.61
CA MET N 118 -55.21 32.19 42.36
C MET N 118 -55.07 33.49 41.53
N ILE N 119 -54.82 33.36 40.23
CA ILE N 119 -54.73 34.54 39.33
C ILE N 119 -56.07 35.26 39.26
N ALA N 120 -57.17 34.55 39.12
CA ALA N 120 -58.53 35.16 39.09
C ALA N 120 -58.78 35.95 40.38
N ARG N 121 -58.43 35.36 41.50
CA ARG N 121 -58.65 35.96 42.84
C ARG N 121 -57.87 37.28 42.96
N ALA N 122 -56.60 37.29 42.53
CA ALA N 122 -55.73 38.49 42.58
C ALA N 122 -56.29 39.52 41.60
N MET N 123 -56.81 39.09 40.46
CA MET N 123 -57.45 39.99 39.45
C MET N 123 -58.67 40.69 40.02
N ALA N 124 -59.44 40.00 40.86
CA ALA N 124 -60.67 40.55 41.43
C ALA N 124 -60.34 41.75 42.32
N THR N 125 -59.13 41.86 42.85
CA THR N 125 -58.77 42.94 43.79
C THR N 125 -58.36 44.19 43.01
N ARG N 126 -58.05 44.12 41.71
CA ARG N 126 -57.42 45.22 40.95
C ARG N 126 -58.48 46.16 40.36
N PRO N 127 -58.16 47.47 40.24
CA PRO N 127 -59.08 48.43 39.64
C PRO N 127 -59.33 48.12 38.16
N GLY N 128 -60.52 48.43 37.65
CA GLY N 128 -60.89 48.19 36.25
C GLY N 128 -60.51 46.78 35.80
N THR N 129 -60.74 45.78 36.63
CA THR N 129 -60.93 44.39 36.14
C THR N 129 -62.40 44.33 35.71
N ARG N 130 -62.65 43.72 34.56
CA ARG N 130 -63.99 43.38 34.06
C ARG N 130 -64.30 42.03 34.67
N LEU N 131 -65.31 42.01 35.52
CA LEU N 131 -65.60 40.88 36.41
C LEU N 131 -67.01 41.11 36.96
N ASP N 132 -68.00 40.47 36.35
CA ASP N 132 -69.42 40.57 36.69
C ASP N 132 -69.80 39.28 37.42
N GLY N 133 -69.03 38.20 37.21
CA GLY N 133 -69.11 36.95 38.00
C GLY N 133 -67.74 36.33 38.16
N LEU N 134 -67.52 35.57 39.23
CA LEU N 134 -66.23 34.88 39.50
C LEU N 134 -66.50 33.41 39.76
N ALA N 135 -65.94 32.56 38.92
CA ALA N 135 -66.07 31.10 39.02
C ALA N 135 -64.68 30.55 39.31
N LEU N 136 -64.52 29.85 40.43
CA LEU N 136 -63.19 29.27 40.81
C LEU N 136 -63.31 27.75 40.85
N CYS N 137 -62.29 27.08 40.32
CA CYS N 137 -62.20 25.59 40.23
C CYS N 137 -60.84 25.19 40.79
N GLY N 138 -60.75 24.08 41.50
CA GLY N 138 -59.47 23.59 42.04
C GLY N 138 -58.81 24.64 42.90
N ILE N 139 -59.59 25.24 43.81
CA ILE N 139 -59.15 26.38 44.66
C ILE N 139 -57.89 25.99 45.45
N VAL N 140 -56.88 26.87 45.46
CA VAL N 140 -55.66 26.66 46.28
C VAL N 140 -55.82 27.46 47.58
N ALA N 141 -56.14 26.77 48.68
CA ALA N 141 -56.55 27.32 49.99
C ALA N 141 -56.05 26.38 51.10
N GLN N 142 -55.10 26.85 51.88
CA GLN N 142 -54.67 26.25 53.17
C GLN N 142 -53.98 24.90 52.94
N PRO N 143 -53.40 24.57 51.75
CA PRO N 143 -52.69 23.29 51.60
C PRO N 143 -51.37 23.32 52.40
N ARG N 144 -50.86 22.18 52.89
CA ARG N 144 -49.77 22.23 53.91
C ARG N 144 -48.55 23.00 53.36
N GLY N 145 -48.10 22.65 52.16
CA GLY N 145 -46.91 23.24 51.53
C GLY N 145 -46.94 24.74 51.39
N PHE N 146 -47.95 25.32 50.75
CA PHE N 146 -47.99 26.79 50.57
C PHE N 146 -48.23 27.49 51.91
N GLU N 147 -48.94 26.85 52.82
CA GLU N 147 -49.27 27.49 54.10
C GLU N 147 -48.10 27.44 55.08
N THR N 148 -47.42 26.31 55.22
CA THR N 148 -46.40 26.21 56.28
C THR N 148 -45.09 25.54 55.85
N THR N 149 -45.11 24.56 54.95
CA THR N 149 -43.87 23.82 54.61
C THR N 149 -42.88 24.62 53.74
N LEU N 150 -43.37 25.34 52.74
CA LEU N 150 -42.48 26.10 51.85
C LEU N 150 -41.73 27.15 52.66
N ASP N 151 -40.41 26.96 52.76
CA ASP N 151 -39.49 27.89 53.48
C ASP N 151 -39.25 29.12 52.58
N HIS N 152 -39.72 30.27 53.05
CA HIS N 152 -39.61 31.55 52.30
C HIS N 152 -38.18 32.12 52.33
N LYS N 153 -37.45 31.92 53.41
CA LYS N 153 -36.03 32.34 53.57
C LYS N 153 -35.17 31.61 52.54
N THR N 154 -35.21 30.27 52.51
CA THR N 154 -34.48 29.42 51.55
C THR N 154 -34.84 29.85 50.13
N LEU N 155 -36.12 30.13 49.88
CA LEU N 155 -36.60 30.54 48.55
C LEU N 155 -36.05 31.93 48.24
N ALA N 156 -36.14 32.88 49.18
CA ALA N 156 -35.58 34.26 49.00
C ALA N 156 -34.08 34.20 48.68
N LYS N 157 -33.33 33.32 49.35
CA LYS N 157 -31.89 33.02 49.11
C LYS N 157 -31.66 32.44 47.70
N ALA N 158 -32.38 31.39 47.29
CA ALA N 158 -32.26 30.84 45.93
C ALA N 158 -32.57 31.97 44.92
N MET N 159 -33.55 32.83 45.20
CA MET N 159 -33.93 33.98 44.33
C MET N 159 -32.76 34.97 44.15
N ALA N 160 -32.02 35.24 45.24
CA ALA N 160 -30.83 36.13 45.24
C ALA N 160 -29.69 35.52 44.42
N THR N 161 -29.34 34.21 44.60
CA THR N 161 -28.11 33.59 44.01
C THR N 161 -28.33 33.19 42.54
N ALA N 162 -29.51 32.69 42.15
CA ALA N 162 -29.79 32.21 40.78
C ALA N 162 -31.29 32.16 40.48
N PRO N 163 -31.93 33.32 40.17
CA PRO N 163 -33.37 33.36 39.94
C PRO N 163 -33.84 32.59 38.70
N THR N 164 -32.98 32.39 37.69
CA THR N 164 -33.34 31.82 36.36
C THR N 164 -33.14 30.30 36.37
N ASP N 165 -32.38 29.76 37.34
CA ASP N 165 -32.03 28.32 37.42
C ASP N 165 -33.27 27.53 37.85
N PRO N 166 -33.29 26.20 37.62
CA PRO N 166 -34.33 25.34 38.18
C PRO N 166 -34.47 25.52 39.69
N ALA N 167 -35.70 25.67 40.19
CA ALA N 167 -35.99 25.69 41.64
C ALA N 167 -35.28 24.49 42.27
N PRO N 168 -34.50 24.67 43.37
CA PRO N 168 -33.91 23.52 44.06
C PRO N 168 -34.98 22.51 44.47
N GLU N 169 -34.72 21.22 44.30
CA GLU N 169 -35.68 20.10 44.53
C GLU N 169 -36.36 20.29 45.90
N ALA N 170 -35.62 20.73 46.92
CA ALA N 170 -36.18 20.88 48.29
C ALA N 170 -37.39 21.84 48.26
N LEU N 171 -37.32 22.96 47.53
CA LEU N 171 -38.38 24.00 47.52
C LEU N 171 -39.61 23.52 46.70
N VAL N 172 -39.42 22.77 45.62
CA VAL N 172 -40.55 22.17 44.81
C VAL N 172 -41.29 21.16 45.69
N ALA N 173 -40.56 20.26 46.35
CA ALA N 173 -41.11 19.27 47.30
C ALA N 173 -41.88 19.96 48.43
N GLN N 174 -41.33 21.01 49.02
CA GLN N 174 -42.01 21.76 50.10
C GLN N 174 -43.40 22.20 49.59
N MET N 175 -43.46 22.86 48.44
CA MET N 175 -44.70 23.47 47.90
C MET N 175 -45.78 22.39 47.69
N PHE N 176 -45.37 21.24 47.16
CA PHE N 176 -46.23 20.06 46.91
C PHE N 176 -46.54 19.31 48.22
N ASP N 177 -45.86 19.55 49.34
CA ASP N 177 -46.10 18.80 50.59
C ASP N 177 -47.60 18.82 50.92
N GLY N 178 -48.16 17.66 51.23
CA GLY N 178 -49.62 17.48 51.36
C GLY N 178 -50.29 16.85 50.14
N PHE N 179 -49.71 16.94 48.94
CA PHE N 179 -50.39 16.56 47.66
C PHE N 179 -50.53 15.03 47.60
N ALA N 180 -49.62 14.32 48.28
CA ALA N 180 -49.53 12.85 48.30
C ALA N 180 -50.12 12.23 49.58
N ASP N 181 -50.82 13.03 50.40
CA ASP N 181 -51.35 12.56 51.72
C ASP N 181 -52.42 11.46 51.57
N ARG N 182 -53.25 11.46 50.54
CA ARG N 182 -54.34 10.44 50.40
C ARG N 182 -54.13 9.58 49.15
N LEU N 183 -52.89 9.50 48.66
CA LEU N 183 -52.49 8.64 47.50
C LEU N 183 -51.81 7.35 48.03
N SER N 184 -52.30 6.20 47.57
CA SER N 184 -51.64 4.88 47.63
C SER N 184 -50.61 4.80 46.50
N GLU N 185 -49.67 3.84 46.62
CA GLU N 185 -48.67 3.46 45.59
C GLU N 185 -49.34 3.42 44.22
N ASP N 186 -50.47 2.70 44.15
CA ASP N 186 -51.26 2.36 42.93
C ASP N 186 -51.66 3.64 42.17
N ASP N 187 -52.06 4.71 42.88
CA ASP N 187 -52.47 6.02 42.31
C ASP N 187 -51.34 6.62 41.48
N GLY N 188 -50.08 6.42 41.89
CA GLY N 188 -48.89 7.07 41.27
C GLY N 188 -48.62 8.45 41.85
N PRO N 189 -47.48 9.08 41.48
CA PRO N 189 -47.04 10.30 42.16
C PRO N 189 -47.93 11.52 41.85
N THR N 190 -48.69 11.48 40.75
CA THR N 190 -49.51 12.60 40.21
C THR N 190 -50.99 12.23 40.34
N GLY N 191 -51.26 11.20 41.13
CA GLY N 191 -52.62 10.67 41.38
C GLY N 191 -53.58 11.77 41.82
N TRP N 192 -53.05 12.85 42.42
CA TRP N 192 -53.87 13.95 42.98
C TRP N 192 -54.60 14.74 41.88
N VAL N 193 -54.13 14.66 40.64
CA VAL N 193 -54.74 15.42 39.53
C VAL N 193 -56.20 14.97 39.34
N ALA N 194 -56.46 13.66 39.38
CA ALA N 194 -57.82 13.09 39.24
C ALA N 194 -57.88 11.66 39.77
N ARG N 195 -59.07 11.26 40.20
CA ARG N 195 -59.40 9.87 40.57
C ARG N 195 -59.21 9.03 39.29
N SER N 196 -59.76 9.51 38.15
CA SER N 196 -59.68 8.86 36.81
C SER N 196 -58.22 8.78 36.37
N LYS N 197 -57.69 7.56 36.21
CA LYS N 197 -56.28 7.30 35.82
C LYS N 197 -56.09 7.75 34.36
N GLU N 198 -57.17 7.76 33.59
CA GLU N 198 -57.17 8.18 32.17
C GLU N 198 -56.97 9.71 32.09
N VAL N 199 -57.61 10.50 32.96
CA VAL N 199 -57.33 11.98 32.98
C VAL N 199 -55.83 12.15 33.24
N VAL N 200 -55.30 11.43 34.25
CA VAL N 200 -53.89 11.48 34.76
C VAL N 200 -52.92 11.11 33.64
N ALA N 201 -53.14 9.94 32.99
CA ALA N 201 -52.34 9.45 31.83
C ALA N 201 -52.40 10.46 30.68
N ASP N 202 -53.57 10.94 30.28
CA ASP N 202 -53.70 12.01 29.25
C ASP N 202 -52.84 13.21 29.66
N HIS N 203 -52.96 13.66 30.90
CA HIS N 203 -52.26 14.86 31.44
C HIS N 203 -50.74 14.67 31.26
N GLY N 204 -50.25 13.44 31.41
CA GLY N 204 -48.84 13.06 31.22
C GLY N 204 -48.38 13.10 29.76
N LYS N 205 -49.23 12.73 28.82
CA LYS N 205 -48.87 12.55 27.38
C LYS N 205 -48.90 13.90 26.66
N ASP N 206 -49.83 14.77 27.04
CA ASP N 206 -50.21 15.98 26.25
C ASP N 206 -48.96 16.86 26.18
N LYS N 207 -48.44 17.11 24.98
CA LYS N 207 -47.17 17.85 24.77
C LYS N 207 -47.37 19.30 25.18
N PHE N 208 -48.58 19.82 25.00
CA PHE N 208 -48.90 21.21 25.40
C PHE N 208 -48.96 21.34 26.92
N ASN N 209 -49.08 20.24 27.67
CA ASN N 209 -48.82 20.22 29.13
C ASN N 209 -47.30 20.25 29.39
N ASN N 210 -46.56 19.33 28.81
CA ASN N 210 -45.11 19.15 29.08
C ASN N 210 -44.92 19.08 30.60
N PHE N 211 -45.66 18.21 31.30
CA PHE N 211 -45.56 18.07 32.78
C PHE N 211 -44.15 17.57 33.09
N GLY N 212 -43.64 17.98 34.26
CA GLY N 212 -42.27 17.68 34.71
C GLY N 212 -41.25 18.51 33.94
N ALA N 213 -41.67 19.60 33.31
CA ALA N 213 -40.76 20.69 32.94
C ALA N 213 -40.40 21.38 34.25
N PRO N 214 -39.10 21.54 34.54
CA PRO N 214 -38.67 22.04 35.83
C PRO N 214 -39.02 23.53 35.92
N MET N 215 -39.70 23.94 37.00
CA MET N 215 -39.98 25.37 37.27
C MET N 215 -38.68 26.10 37.58
N SER N 216 -38.56 27.36 37.23
CA SER N 216 -37.44 28.21 37.69
C SER N 216 -37.72 28.67 39.13
N THR N 217 -36.70 29.25 39.75
CA THR N 217 -36.77 29.78 41.14
C THR N 217 -37.75 30.95 41.13
N ARG N 218 -37.60 31.87 40.18
CA ARG N 218 -38.44 33.10 40.15
C ARG N 218 -39.90 32.72 39.85
N PHE N 219 -40.15 31.66 39.09
CA PHE N 219 -41.53 31.18 38.83
C PHE N 219 -42.11 30.64 40.15
N LEU N 220 -41.32 29.88 40.89
CA LEU N 220 -41.75 29.37 42.20
C LEU N 220 -42.06 30.55 43.14
N GLN N 221 -41.18 31.57 43.20
CA GLN N 221 -41.36 32.74 44.09
C GLN N 221 -42.70 33.39 43.72
N GLY N 222 -43.00 33.45 42.43
CA GLY N 222 -44.28 33.97 41.90
C GLY N 222 -45.49 33.14 42.34
N LEU N 223 -45.34 31.84 42.57
CA LEU N 223 -46.49 31.01 43.03
C LEU N 223 -46.80 31.34 44.50
N ALA N 224 -45.75 31.57 45.32
CA ALA N 224 -45.86 31.96 46.74
C ALA N 224 -46.51 33.33 46.81
N ASP N 225 -46.04 34.22 45.94
CA ASP N 225 -46.56 35.60 45.78
C ASP N 225 -48.07 35.51 45.49
N ILE N 226 -48.46 34.75 44.48
CA ILE N 226 -49.87 34.77 44.00
C ILE N 226 -50.70 34.04 45.05
N TYR N 227 -50.15 33.00 45.68
CA TYR N 227 -50.84 32.28 46.77
C TYR N 227 -51.24 33.31 47.84
N ALA N 228 -50.29 34.18 48.24
CA ALA N 228 -50.49 35.15 49.35
C ALA N 228 -51.48 36.24 48.93
N MET N 229 -51.46 36.65 47.68
CA MET N 229 -52.38 37.70 47.17
C MET N 229 -53.81 37.12 47.21
N ALA N 230 -53.95 35.84 46.85
CA ALA N 230 -55.25 35.17 46.68
C ALA N 230 -55.90 34.85 48.03
N ASN N 231 -55.13 34.77 49.12
CA ASN N 231 -55.58 34.16 50.40
C ASN N 231 -55.35 35.18 51.51
N GLY N 232 -54.81 36.35 51.15
CA GLY N 232 -54.49 37.44 52.10
C GLY N 232 -55.70 38.34 52.30
N ASP N 233 -55.58 39.29 53.22
CA ASP N 233 -56.71 40.07 53.76
C ASP N 233 -57.31 40.98 52.67
N SER N 234 -56.49 41.55 51.78
CA SER N 234 -56.99 42.55 50.81
C SER N 234 -57.90 41.86 49.80
N PHE N 235 -57.64 40.59 49.46
CA PHE N 235 -58.56 39.84 48.58
C PHE N 235 -59.95 39.86 49.22
N TYR N 236 -60.07 39.32 50.45
CA TYR N 236 -61.35 39.15 51.15
C TYR N 236 -62.05 40.48 51.39
N ALA N 237 -61.31 41.53 51.73
CA ALA N 237 -61.86 42.87 52.05
C ALA N 237 -62.26 43.60 50.76
N THR N 238 -61.57 43.41 49.61
CA THR N 238 -61.84 44.20 48.37
C THR N 238 -62.67 43.38 47.36
N MET N 239 -62.90 42.08 47.60
CA MET N 239 -63.69 41.22 46.69
C MET N 239 -65.00 41.94 46.33
N PRO N 240 -65.22 42.31 45.04
CA PRO N 240 -66.46 42.96 44.65
C PRO N 240 -67.73 42.17 45.02
N ASN N 241 -68.85 42.90 45.05
CA ASN N 241 -70.19 42.35 45.39
C ASN N 241 -70.79 41.81 44.10
N ILE N 242 -70.36 40.61 43.72
CA ILE N 242 -70.76 39.94 42.45
C ILE N 242 -70.93 38.45 42.74
N PRO N 243 -71.78 37.75 41.99
CA PRO N 243 -71.91 36.31 42.16
C PRO N 243 -70.57 35.56 42.12
N ILE N 244 -70.41 34.64 43.06
CA ILE N 244 -69.22 33.76 43.16
C ILE N 244 -69.68 32.31 43.16
N VAL N 245 -69.02 31.48 42.35
CA VAL N 245 -69.20 30.01 42.38
C VAL N 245 -67.81 29.37 42.56
N LEU N 246 -67.79 28.23 43.26
CA LEU N 246 -66.59 27.48 43.70
C LEU N 246 -66.83 25.99 43.40
N PHE N 247 -65.85 25.33 42.77
CA PHE N 247 -65.89 23.93 42.31
C PHE N 247 -64.65 23.23 42.89
N ALA N 248 -64.81 22.19 43.69
CA ALA N 248 -63.64 21.48 44.25
C ALA N 248 -64.02 20.04 44.57
N GLY N 249 -63.02 19.17 44.49
CA GLY N 249 -63.03 17.80 45.00
C GLY N 249 -62.80 17.76 46.50
N SER N 250 -63.56 16.92 47.17
CA SER N 250 -63.40 16.61 48.61
C SER N 250 -61.98 16.07 48.86
N GLU N 251 -61.39 15.32 47.92
CA GLU N 251 -60.02 14.72 48.09
C GLU N 251 -58.96 15.50 47.29
N ASP N 252 -59.22 16.77 46.97
CA ASP N 252 -58.26 17.68 46.30
C ASP N 252 -57.26 18.25 47.32
N PRO N 253 -55.98 17.85 47.33
CA PRO N 253 -55.06 18.43 48.30
C PRO N 253 -54.92 19.96 48.18
N ALA N 254 -55.10 20.55 47.00
CA ALA N 254 -54.85 21.98 46.74
C ALA N 254 -55.70 22.83 47.70
N GLY N 255 -56.94 22.42 47.97
CA GLY N 255 -57.87 23.10 48.90
C GLY N 255 -57.97 22.38 50.25
N ASP N 256 -56.87 21.77 50.70
CA ASP N 256 -56.76 21.02 51.96
C ASP N 256 -58.00 20.12 52.06
N PHE N 257 -58.25 19.33 51.03
CA PHE N 257 -59.25 18.25 51.03
C PHE N 257 -60.61 18.81 51.47
N GLY N 258 -61.03 19.92 50.84
CA GLY N 258 -62.31 20.61 51.09
C GLY N 258 -62.23 21.64 52.22
N THR N 259 -61.39 21.41 53.25
CA THR N 259 -61.38 22.25 54.48
C THR N 259 -61.00 23.68 54.12
N GLY N 260 -59.92 23.89 53.36
CA GLY N 260 -59.54 25.24 52.89
C GLY N 260 -60.62 25.90 52.05
N VAL N 261 -61.28 25.13 51.17
CA VAL N 261 -62.28 25.68 50.22
C VAL N 261 -63.52 26.05 51.04
N LYS N 262 -63.91 25.23 52.01
CA LYS N 262 -65.04 25.57 52.92
C LYS N 262 -64.73 26.88 53.64
N ALA N 263 -63.48 27.06 54.09
CA ALA N 263 -63.02 28.29 54.79
C ALA N 263 -63.11 29.48 53.85
N VAL N 264 -62.70 29.34 52.60
CA VAL N 264 -62.85 30.42 51.58
C VAL N 264 -64.34 30.81 51.52
N ALA N 265 -65.20 29.85 51.24
CA ALA N 265 -66.66 30.10 51.15
C ALA N 265 -67.16 30.76 52.43
N GLU N 266 -66.85 30.22 53.62
CA GLU N 266 -67.51 30.71 54.86
C GLU N 266 -67.07 32.18 55.08
N ARG N 267 -65.81 32.50 54.78
CA ARG N 267 -65.27 33.86 54.98
C ARG N 267 -65.94 34.87 54.04
N LEU N 268 -66.08 34.52 52.76
CA LEU N 268 -66.77 35.38 51.77
C LEU N 268 -68.22 35.58 52.26
N ARG N 269 -68.86 34.52 52.71
CA ARG N 269 -70.29 34.61 53.13
C ARG N 269 -70.38 35.61 54.27
N ARG N 270 -69.58 35.41 55.34
CA ARG N 270 -69.74 36.24 56.56
C ARG N 270 -69.43 37.72 56.25
N ASP N 271 -68.69 38.03 55.17
CA ASP N 271 -68.42 39.43 54.74
C ASP N 271 -69.54 39.85 53.75
N GLY N 272 -70.55 39.01 53.53
CA GLY N 272 -71.81 39.44 52.89
C GLY N 272 -71.82 39.22 51.40
N HIS N 273 -71.07 38.24 50.88
CA HIS N 273 -71.02 37.86 49.44
C HIS N 273 -72.03 36.76 49.09
N ASN N 274 -72.54 36.81 47.87
CA ASN N 274 -73.27 35.69 47.18
C ASN N 274 -72.24 34.60 46.79
N VAL N 275 -72.26 33.45 47.44
CA VAL N 275 -71.30 32.35 47.19
C VAL N 275 -72.03 31.02 47.00
N GLU N 276 -71.70 30.31 45.91
CA GLU N 276 -72.29 29.02 45.52
C GLU N 276 -71.16 28.00 45.50
N LEU N 277 -71.22 27.01 46.38
CA LEU N 277 -70.12 26.03 46.57
C LEU N 277 -70.55 24.64 46.06
N HIS N 278 -69.77 24.05 45.16
CA HIS N 278 -69.99 22.67 44.68
C HIS N 278 -68.80 21.85 45.13
N LEU N 279 -68.99 21.09 46.22
CA LEU N 279 -67.99 20.12 46.73
C LEU N 279 -68.36 18.73 46.25
N TYR N 280 -67.49 18.07 45.47
CA TYR N 280 -67.72 16.77 44.77
C TYR N 280 -67.02 15.67 45.57
N ASP N 281 -67.84 14.86 46.23
CA ASP N 281 -67.44 13.83 47.21
C ASP N 281 -66.59 12.73 46.53
N GLY N 282 -65.35 12.51 46.98
CA GLY N 282 -64.53 11.37 46.56
C GLY N 282 -63.63 11.67 45.37
N LEU N 283 -63.76 12.86 44.77
CA LEU N 283 -63.00 13.32 43.57
C LEU N 283 -61.83 14.21 43.99
N ARG N 284 -60.84 14.33 43.11
CA ARG N 284 -59.56 14.99 43.41
C ARG N 284 -59.58 16.38 42.74
N HIS N 285 -58.46 16.84 42.19
CA HIS N 285 -58.24 18.26 41.79
C HIS N 285 -59.10 18.69 40.60
N GLU N 286 -59.04 17.95 39.49
CA GLU N 286 -59.58 18.40 38.19
C GLU N 286 -61.06 17.97 38.10
N VAL N 287 -61.93 18.54 38.93
CA VAL N 287 -63.35 18.14 38.94
C VAL N 287 -64.02 18.56 37.62
N HIS N 288 -63.48 19.56 36.90
CA HIS N 288 -63.92 19.94 35.53
C HIS N 288 -63.55 18.86 34.48
N ASN N 289 -62.63 17.93 34.78
CA ASN N 289 -62.16 16.86 33.84
C ASN N 289 -62.56 15.45 34.33
N GLU N 290 -62.85 15.23 35.63
CA GLU N 290 -63.30 13.91 36.19
C GLU N 290 -64.57 13.54 35.46
N PRO N 291 -64.72 12.30 34.93
CA PRO N 291 -65.96 11.94 34.22
C PRO N 291 -67.27 12.07 35.01
N GLU N 292 -67.26 11.82 36.32
CA GLU N 292 -68.51 11.83 37.13
C GLU N 292 -68.97 13.28 37.35
N SER N 293 -68.08 14.28 37.39
CA SER N 293 -68.47 15.67 37.80
C SER N 293 -68.46 16.64 36.64
N ARG N 294 -67.84 16.31 35.50
CA ARG N 294 -67.54 17.32 34.45
C ARG N 294 -68.86 17.99 34.02
N ALA N 295 -69.87 17.16 33.74
CA ALA N 295 -71.19 17.58 33.21
C ALA N 295 -71.80 18.55 34.22
N ASP N 296 -71.70 18.23 35.52
CA ASP N 296 -72.29 19.07 36.58
C ASP N 296 -71.50 20.40 36.66
N VAL N 297 -70.16 20.37 36.53
CA VAL N 297 -69.30 21.59 36.56
C VAL N 297 -69.70 22.50 35.41
N GLU N 298 -69.88 21.95 34.22
CA GLU N 298 -70.27 22.70 33.02
C GLU N 298 -71.73 23.18 33.11
N SER N 299 -72.70 22.32 33.48
CA SER N 299 -74.13 22.75 33.61
C SER N 299 -74.26 23.82 34.72
N SER N 300 -73.62 23.63 35.87
CA SER N 300 -73.66 24.64 36.96
C SER N 300 -73.05 25.96 36.48
N LEU N 301 -71.98 25.94 35.69
CA LEU N 301 -71.25 27.16 35.20
C LEU N 301 -72.15 27.92 34.22
N VAL N 302 -72.80 27.19 33.32
CA VAL N 302 -73.80 27.76 32.36
C VAL N 302 -74.89 28.48 33.16
N THR N 303 -75.47 27.81 34.15
CA THR N 303 -76.54 28.39 35.02
C THR N 303 -75.99 29.66 35.69
N PHE N 304 -74.76 29.59 36.19
CA PHE N 304 -74.14 30.71 36.94
C PHE N 304 -74.02 31.94 36.04
N VAL N 305 -73.50 31.78 34.82
CA VAL N 305 -73.32 32.89 33.84
C VAL N 305 -74.69 33.51 33.48
N ASP N 306 -75.70 32.69 33.16
CA ASP N 306 -77.09 33.15 32.85
C ASP N 306 -77.62 33.97 34.04
N ARG N 307 -77.28 33.60 35.28
CA ARG N 307 -77.75 34.37 36.46
C ARG N 307 -76.96 35.68 36.57
N VAL N 308 -75.67 35.66 36.23
CA VAL N 308 -74.84 36.89 36.23
C VAL N 308 -75.39 37.82 35.13
N ALA N 309 -75.77 37.25 33.99
CA ALA N 309 -76.32 38.00 32.83
C ALA N 309 -77.68 38.61 33.18
N ASN N 310 -78.43 37.93 34.05
CA ASN N 310 -79.75 38.36 34.58
C ASN N 310 -79.58 39.61 35.46
N ARG N 311 -78.41 39.80 36.07
CA ARG N 311 -77.93 41.00 36.80
C ARG N 311 -78.45 41.04 38.24
N ALA O 2 62.84 -69.80 -7.59
CA ALA O 2 64.11 -69.44 -8.31
C ALA O 2 63.74 -68.76 -9.62
N LEU O 3 64.58 -67.83 -10.06
CA LEU O 3 64.48 -67.16 -11.37
C LEU O 3 65.78 -67.36 -12.14
N GLN O 4 65.72 -67.76 -13.41
CA GLN O 4 66.89 -67.71 -14.33
C GLN O 4 66.56 -66.74 -15.47
N GLU O 5 67.54 -65.93 -15.82
CA GLU O 5 67.60 -65.16 -17.09
C GLU O 5 68.44 -65.99 -18.06
N ILE O 6 67.97 -66.12 -19.29
CA ILE O 6 68.49 -67.19 -20.16
C ILE O 6 68.57 -66.73 -21.61
N GLU O 7 69.03 -65.50 -21.84
CA GLU O 7 69.24 -64.94 -23.20
C GLU O 7 70.00 -65.93 -24.09
N PHE O 8 69.77 -65.85 -25.40
CA PHE O 8 70.57 -66.49 -26.47
C PHE O 8 70.36 -65.72 -27.77
N THR O 9 71.32 -65.80 -28.69
CA THR O 9 71.23 -65.21 -30.05
C THR O 9 70.19 -65.96 -30.90
N SER O 10 69.26 -65.19 -31.49
CA SER O 10 68.18 -65.66 -32.39
C SER O 10 68.82 -66.35 -33.60
N HIS O 11 68.05 -67.20 -34.25
CA HIS O 11 68.36 -67.76 -35.58
C HIS O 11 68.44 -66.61 -36.60
N ASN O 12 67.95 -65.39 -36.30
CA ASN O 12 68.07 -64.28 -37.27
C ASN O 12 69.48 -63.66 -37.21
N GLY O 13 70.29 -63.99 -36.20
CA GLY O 13 71.69 -63.54 -36.11
C GLY O 13 71.83 -62.11 -35.56
N ARG O 14 70.69 -61.43 -35.28
CA ARG O 14 70.57 -60.00 -34.91
C ARG O 14 70.18 -59.90 -33.42
N ASP O 15 69.04 -60.44 -33.03
CA ASP O 15 68.41 -60.24 -31.70
C ASP O 15 69.04 -61.15 -30.65
N ALA O 16 69.38 -60.59 -29.48
CA ALA O 16 69.52 -61.32 -28.19
C ALA O 16 68.11 -61.57 -27.64
N ILE O 17 67.62 -62.80 -27.79
CA ILE O 17 66.27 -63.18 -27.33
C ILE O 17 66.29 -63.08 -25.81
N GLN O 18 65.40 -62.28 -25.26
CA GLN O 18 65.27 -62.12 -23.80
C GLN O 18 64.34 -63.23 -23.33
N ALA O 19 64.82 -64.02 -22.38
CA ALA O 19 64.15 -65.25 -21.93
C ALA O 19 64.18 -65.34 -20.40
N TRP O 20 63.31 -66.17 -19.84
CA TRP O 20 63.21 -66.37 -18.37
C TRP O 20 62.81 -67.81 -18.12
N ALA O 21 63.34 -68.42 -17.08
CA ALA O 21 62.78 -69.66 -16.48
C ALA O 21 62.44 -69.37 -15.02
N TYR O 22 61.24 -69.77 -14.60
CA TYR O 22 60.68 -69.59 -13.25
C TYR O 22 60.55 -70.99 -12.67
N GLU O 23 61.15 -71.22 -11.51
CA GLU O 23 61.12 -72.55 -10.84
C GLU O 23 60.27 -72.38 -9.58
N PRO O 24 59.33 -73.29 -9.30
CA PRO O 24 58.56 -73.23 -8.09
C PRO O 24 59.44 -73.78 -6.95
N VAL O 25 59.04 -73.42 -5.75
CA VAL O 25 59.44 -74.08 -4.49
C VAL O 25 59.03 -75.56 -4.60
N GLY O 26 59.91 -76.45 -4.16
CA GLY O 26 59.63 -77.90 -4.08
C GLY O 26 60.11 -78.62 -5.31
N THR O 27 59.70 -79.88 -5.48
CA THR O 27 60.11 -80.71 -6.63
C THR O 27 59.06 -80.48 -7.71
N PRO O 28 59.44 -79.89 -8.86
CA PRO O 28 58.49 -79.66 -9.95
C PRO O 28 58.05 -80.99 -10.60
N THR O 29 56.82 -81.06 -11.15
CA THR O 29 56.24 -82.27 -11.83
C THR O 29 56.16 -82.10 -13.34
N ALA O 30 56.31 -80.88 -13.86
CA ALA O 30 56.25 -80.57 -15.30
C ALA O 30 56.92 -79.24 -15.60
N VAL O 31 57.22 -79.04 -16.87
CA VAL O 31 57.63 -77.74 -17.46
C VAL O 31 56.49 -77.28 -18.38
N VAL O 32 56.03 -76.04 -18.23
CA VAL O 32 55.11 -75.41 -19.23
C VAL O 32 55.89 -74.35 -20.01
N GLN O 33 55.97 -74.49 -21.33
CA GLN O 33 56.57 -73.43 -22.21
C GLN O 33 55.43 -72.50 -22.69
N ILE O 34 55.51 -71.20 -22.35
CA ILE O 34 54.48 -70.20 -22.76
C ILE O 34 54.98 -69.51 -24.00
N ILE O 35 54.18 -69.51 -25.06
CA ILE O 35 54.56 -68.86 -26.34
C ILE O 35 53.55 -67.74 -26.56
N HIS O 36 54.00 -66.50 -26.39
CA HIS O 36 53.13 -65.31 -26.53
C HIS O 36 52.83 -65.03 -28.01
N GLY O 37 51.88 -64.12 -28.22
CA GLY O 37 51.29 -63.79 -29.51
C GLY O 37 51.87 -62.52 -30.06
N LEU O 38 51.22 -62.02 -31.11
CA LEU O 38 51.64 -60.80 -31.86
C LEU O 38 51.33 -59.55 -31.01
N GLY O 39 52.22 -58.57 -31.01
CA GLY O 39 52.11 -57.30 -30.25
C GLY O 39 52.04 -57.48 -28.73
N GLU O 40 52.42 -58.59 -28.15
CA GLU O 40 52.54 -58.68 -26.68
C GLU O 40 53.91 -59.24 -26.31
N HIS O 41 54.03 -59.75 -25.09
CA HIS O 41 55.31 -60.23 -24.49
C HIS O 41 55.01 -61.22 -23.36
N SER O 42 56.05 -61.93 -22.89
CA SER O 42 55.90 -63.11 -21.99
C SER O 42 55.68 -62.68 -20.54
N ARG O 43 56.10 -61.48 -20.15
CA ARG O 43 55.95 -60.97 -18.76
C ARG O 43 54.54 -60.40 -18.57
N ARG O 44 53.75 -60.31 -19.64
CA ARG O 44 52.29 -60.06 -19.57
C ARG O 44 51.57 -61.26 -18.96
N TYR O 45 52.23 -62.42 -18.86
CA TYR O 45 51.64 -63.70 -18.37
C TYR O 45 51.83 -63.88 -16.85
N LEU O 46 52.00 -62.80 -16.09
CA LEU O 46 52.40 -62.85 -14.66
C LEU O 46 51.42 -63.70 -13.84
N HIS O 47 50.12 -63.40 -13.96
CA HIS O 47 49.06 -64.16 -13.26
C HIS O 47 49.19 -65.66 -13.56
N MET O 48 49.33 -65.99 -14.83
CA MET O 48 49.41 -67.41 -15.26
C MET O 48 50.74 -68.02 -14.78
N ILE O 49 51.85 -67.30 -14.87
CA ILE O 49 53.18 -67.82 -14.45
C ILE O 49 53.12 -68.24 -12.98
N SER O 50 52.53 -67.38 -12.14
CA SER O 50 52.42 -67.56 -10.68
C SER O 50 51.39 -68.66 -10.38
N ALA O 51 50.28 -68.74 -11.10
CA ALA O 51 49.31 -69.88 -10.97
C ALA O 51 50.01 -71.23 -11.24
N LEU O 52 50.92 -71.27 -12.23
CA LEU O 52 51.59 -72.50 -12.73
C LEU O 52 52.69 -72.87 -11.74
N LEU O 53 53.40 -71.89 -11.17
CA LEU O 53 54.35 -72.15 -10.06
C LEU O 53 53.59 -72.69 -8.85
N ASP O 54 52.42 -72.14 -8.52
CA ASP O 54 51.62 -72.61 -7.38
C ASP O 54 51.23 -74.06 -7.60
N ALA O 55 51.08 -74.49 -8.86
CA ALA O 55 50.72 -75.89 -9.20
C ALA O 55 51.97 -76.76 -9.19
N GLY O 56 53.15 -76.19 -9.02
CA GLY O 56 54.42 -76.94 -8.91
C GLY O 56 55.04 -77.29 -10.26
N PHE O 57 54.90 -76.41 -11.24
CA PHE O 57 55.49 -76.53 -12.59
C PHE O 57 56.59 -75.47 -12.73
N VAL O 58 57.65 -75.80 -13.46
CA VAL O 58 58.60 -74.86 -14.07
C VAL O 58 57.88 -74.14 -15.23
N VAL O 59 58.12 -72.85 -15.36
CA VAL O 59 57.58 -72.07 -16.50
C VAL O 59 58.75 -71.43 -17.23
N ILE O 60 58.78 -71.56 -18.56
CA ILE O 60 59.84 -70.96 -19.42
C ILE O 60 59.16 -70.18 -20.55
N ALA O 61 59.77 -69.06 -20.96
CA ALA O 61 59.17 -68.11 -21.92
C ALA O 61 60.20 -67.11 -22.44
N ASP O 62 60.04 -66.70 -23.68
CA ASP O 62 60.95 -65.69 -24.23
C ASP O 62 60.12 -64.59 -24.87
N ASP O 63 60.72 -63.43 -25.00
CA ASP O 63 60.07 -62.40 -25.80
C ASP O 63 60.56 -62.72 -27.19
N HIS O 64 59.67 -62.91 -28.15
CA HIS O 64 60.13 -63.30 -29.50
C HIS O 64 60.80 -62.13 -30.22
N ALA O 65 61.56 -62.43 -31.26
CA ALA O 65 62.18 -61.43 -32.15
C ALA O 65 61.17 -60.35 -32.54
N GLY O 66 61.53 -59.09 -32.36
CA GLY O 66 60.65 -57.94 -32.64
C GLY O 66 59.60 -57.73 -31.59
N HIS O 67 59.70 -58.37 -30.44
CA HIS O 67 58.66 -58.26 -29.39
C HIS O 67 59.27 -58.03 -28.01
N GLY O 68 58.51 -57.39 -27.13
CA GLY O 68 58.87 -57.13 -25.73
C GLY O 68 60.26 -56.60 -25.46
N ARG O 69 60.93 -57.21 -24.49
CA ARG O 69 62.29 -56.80 -24.04
C ARG O 69 63.27 -57.09 -25.16
N THR O 70 63.00 -58.09 -26.00
CA THR O 70 63.89 -58.47 -27.13
C THR O 70 63.95 -57.28 -28.09
N ALA O 71 62.80 -56.66 -28.35
CA ALA O 71 62.64 -55.45 -29.20
C ALA O 71 63.15 -54.21 -28.46
N MET O 72 62.97 -54.18 -27.14
CA MET O 72 63.46 -53.06 -26.30
C MET O 72 64.98 -53.00 -26.43
N GLN O 73 65.67 -54.13 -26.29
CA GLN O 73 67.16 -54.21 -26.35
C GLN O 73 67.71 -54.05 -27.78
N SER O 74 67.02 -54.53 -28.81
CA SER O 74 67.54 -54.64 -30.20
C SER O 74 67.24 -53.35 -30.97
N GLY O 75 66.20 -52.63 -30.59
CA GLY O 75 65.74 -51.42 -31.32
C GLY O 75 64.82 -51.74 -32.48
N VAL O 76 64.50 -53.02 -32.74
CA VAL O 76 63.65 -53.41 -33.91
C VAL O 76 62.35 -54.09 -33.43
N TRP O 77 61.20 -53.51 -33.77
CA TRP O 77 59.83 -54.00 -33.43
C TRP O 77 59.12 -54.53 -34.69
N ALA O 78 58.30 -55.57 -34.52
CA ALA O 78 57.38 -56.14 -35.52
C ALA O 78 58.15 -56.66 -36.75
N ASP O 79 59.42 -57.00 -36.58
CA ASP O 79 60.28 -57.68 -37.60
C ASP O 79 61.18 -58.70 -36.89
N ALA O 80 61.33 -59.90 -37.47
CA ALA O 80 62.04 -61.02 -36.84
C ALA O 80 63.20 -61.44 -37.73
N GLY O 81 63.50 -60.64 -38.75
CA GLY O 81 64.53 -60.94 -39.77
C GLY O 81 63.90 -61.61 -40.97
N ASP O 82 64.71 -61.95 -41.98
CA ASP O 82 64.32 -62.82 -43.13
C ASP O 82 63.86 -64.18 -42.57
N ASN O 83 62.89 -64.81 -43.24
CA ASN O 83 62.41 -66.18 -42.88
C ASN O 83 61.86 -66.16 -41.46
N ALA O 84 60.99 -65.20 -41.21
CA ALA O 84 60.46 -64.86 -39.87
C ALA O 84 59.88 -66.11 -39.21
N ALA O 85 59.09 -66.91 -39.93
CA ALA O 85 58.48 -68.12 -39.36
C ALA O 85 59.52 -69.13 -38.87
N GLU O 86 60.56 -69.40 -39.65
CA GLU O 86 61.63 -70.35 -39.26
C GLU O 86 62.38 -69.81 -38.06
N VAL O 87 62.65 -68.51 -38.05
CA VAL O 87 63.36 -67.81 -36.94
C VAL O 87 62.61 -68.01 -35.62
N VAL O 88 61.32 -67.71 -35.56
CA VAL O 88 60.57 -67.78 -34.27
C VAL O 88 60.32 -69.25 -33.90
N ILE O 89 60.10 -70.15 -34.87
CA ILE O 89 59.98 -71.60 -34.56
C ILE O 89 61.31 -72.09 -33.98
N SER O 90 62.39 -71.74 -34.65
CA SER O 90 63.78 -72.12 -34.28
C SER O 90 64.08 -71.59 -32.87
N ASP O 91 63.79 -70.32 -32.64
CA ASP O 91 64.01 -69.68 -31.31
C ASP O 91 63.20 -70.43 -30.22
N GLU O 92 62.01 -70.93 -30.52
CA GLU O 92 61.22 -71.69 -29.52
C GLU O 92 61.85 -73.05 -29.23
N LEU O 93 62.51 -73.68 -30.20
CA LEU O 93 63.19 -75.00 -30.02
C LEU O 93 64.49 -74.77 -29.27
N THR O 94 65.21 -73.67 -29.51
CA THR O 94 66.40 -73.27 -28.71
C THR O 94 66.02 -72.99 -27.25
N LEU O 95 64.90 -72.32 -27.02
CA LEU O 95 64.42 -72.01 -25.65
C LEU O 95 64.30 -73.32 -24.86
N GLN O 96 63.71 -74.38 -25.44
CA GLN O 96 63.63 -75.72 -24.82
C GLN O 96 65.02 -76.22 -24.39
N GLN O 97 66.07 -75.95 -25.16
CA GLN O 97 67.45 -76.50 -24.98
C GLN O 97 68.19 -75.74 -23.85
N GLN O 98 67.72 -74.55 -23.46
CA GLN O 98 68.39 -73.72 -22.42
C GLN O 98 68.27 -74.40 -21.06
N LEU O 99 67.34 -75.35 -20.91
CA LEU O 99 67.15 -76.20 -19.70
C LEU O 99 67.71 -77.63 -19.91
N ALA O 100 68.38 -77.94 -21.03
CA ALA O 100 68.98 -79.27 -21.28
C ALA O 100 69.66 -79.74 -19.98
N GLY O 101 69.22 -80.89 -19.47
CA GLY O 101 69.87 -81.57 -18.33
C GLY O 101 69.37 -81.11 -16.97
N GLN O 102 68.41 -80.17 -16.90
CA GLN O 102 67.88 -79.62 -15.60
C GLN O 102 66.60 -80.37 -15.21
N PHE O 103 65.78 -80.72 -16.18
CA PHE O 103 64.44 -81.30 -15.96
C PHE O 103 64.16 -82.30 -17.08
N ASP O 104 65.16 -83.07 -17.49
CA ASP O 104 65.08 -83.89 -18.73
C ASP O 104 64.00 -84.96 -18.64
N ASP O 105 63.64 -85.39 -17.43
CA ASP O 105 62.64 -86.45 -17.15
C ASP O 105 61.27 -85.87 -16.78
N LEU O 106 61.08 -84.55 -16.91
CA LEU O 106 59.75 -83.94 -16.65
C LEU O 106 58.96 -83.93 -17.94
N PRO O 107 57.66 -84.18 -17.88
CA PRO O 107 56.78 -83.83 -19.00
C PRO O 107 56.85 -82.34 -19.36
N TRP O 108 56.86 -82.05 -20.66
CA TRP O 108 56.99 -80.70 -21.22
C TRP O 108 55.71 -80.35 -21.99
N VAL O 109 55.02 -79.31 -21.54
CA VAL O 109 53.74 -78.86 -22.16
C VAL O 109 53.96 -77.48 -22.75
N VAL O 110 53.52 -77.31 -23.98
CA VAL O 110 53.54 -75.99 -24.68
C VAL O 110 52.15 -75.37 -24.60
N PHE O 111 52.11 -74.14 -24.16
CA PHE O 111 50.91 -73.29 -24.20
C PHE O 111 51.23 -72.11 -25.12
N GLY O 112 50.51 -71.99 -26.23
CA GLY O 112 50.68 -70.93 -27.24
C GLY O 112 49.40 -70.13 -27.40
N HIS O 113 49.52 -68.82 -27.49
CA HIS O 113 48.38 -67.90 -27.72
C HIS O 113 48.54 -67.19 -29.07
N SER O 114 47.55 -67.30 -29.96
CA SER O 114 47.39 -66.49 -31.22
C SER O 114 48.59 -66.84 -32.12
N TRP O 115 49.41 -65.86 -32.49
CA TRP O 115 50.66 -66.17 -33.21
C TRP O 115 51.34 -67.35 -32.49
N GLY O 116 51.25 -67.36 -31.17
CA GLY O 116 51.99 -68.34 -30.35
C GLY O 116 51.44 -69.74 -30.52
N SER O 117 50.13 -69.83 -30.75
CA SER O 117 49.41 -71.07 -31.09
C SER O 117 49.85 -71.59 -32.47
N MET O 118 50.04 -70.71 -33.47
CA MET O 118 50.57 -71.10 -34.82
C MET O 118 51.99 -71.63 -34.67
N ILE O 119 52.79 -70.98 -33.85
CA ILE O 119 54.18 -71.42 -33.60
C ILE O 119 54.11 -72.81 -32.95
N ALA O 120 53.19 -73.01 -32.02
CA ALA O 120 53.10 -74.27 -31.24
C ALA O 120 52.68 -75.41 -32.14
N ARG O 121 51.73 -75.15 -33.04
CA ARG O 121 51.25 -76.17 -34.01
C ARG O 121 52.37 -76.50 -34.99
N ALA O 122 53.22 -75.51 -35.31
CA ALA O 122 54.35 -75.70 -36.23
C ALA O 122 55.39 -76.60 -35.56
N MET O 123 55.76 -76.26 -34.33
CA MET O 123 56.72 -77.03 -33.51
C MET O 123 56.23 -78.48 -33.33
N ALA O 124 54.96 -78.63 -32.99
CA ALA O 124 54.40 -79.97 -32.73
C ALA O 124 54.61 -80.87 -33.96
N THR O 125 54.79 -80.34 -35.17
CA THR O 125 54.93 -81.12 -36.44
C THR O 125 56.38 -81.23 -36.91
N ARG O 126 57.35 -80.72 -36.16
CA ARG O 126 58.77 -80.90 -36.55
C ARG O 126 59.24 -82.19 -35.91
N PRO O 127 60.10 -82.99 -36.58
CA PRO O 127 60.70 -84.16 -35.93
C PRO O 127 61.56 -83.70 -34.76
N GLY O 128 61.53 -84.45 -33.66
CA GLY O 128 62.41 -84.27 -32.48
C GLY O 128 62.03 -83.09 -31.59
N THR O 129 60.79 -82.59 -31.65
CA THR O 129 60.35 -81.52 -30.71
C THR O 129 60.01 -82.19 -29.37
N ARG O 130 60.41 -81.54 -28.28
CA ARG O 130 60.05 -82.01 -26.91
C ARG O 130 58.60 -81.58 -26.69
N LEU O 131 57.68 -82.51 -26.62
CA LEU O 131 56.25 -82.15 -26.48
C LEU O 131 55.45 -83.36 -25.97
N ASP O 132 54.94 -83.25 -24.76
CA ASP O 132 54.15 -84.35 -24.15
C ASP O 132 52.69 -83.92 -24.10
N GLY O 133 52.44 -82.65 -24.35
CA GLY O 133 51.08 -82.06 -24.30
C GLY O 133 51.06 -80.72 -25.01
N LEU O 134 49.94 -80.42 -25.69
CA LEU O 134 49.78 -79.17 -26.48
C LEU O 134 48.53 -78.40 -26.01
N ALA O 135 48.73 -77.18 -25.54
CA ALA O 135 47.65 -76.26 -25.11
C ALA O 135 47.66 -75.05 -26.06
N LEU O 136 46.57 -74.87 -26.83
CA LEU O 136 46.43 -73.71 -27.74
C LEU O 136 45.32 -72.81 -27.18
N CYS O 137 45.62 -71.52 -27.14
CA CYS O 137 44.72 -70.42 -26.77
C CYS O 137 44.64 -69.46 -27.97
N GLY O 138 43.53 -68.77 -28.15
CA GLY O 138 43.32 -67.79 -29.24
C GLY O 138 43.68 -68.35 -30.60
N ILE O 139 43.17 -69.55 -30.88
CA ILE O 139 43.62 -70.35 -32.05
C ILE O 139 43.33 -69.55 -33.32
N VAL O 140 44.27 -69.48 -34.24
CA VAL O 140 44.05 -68.85 -35.57
C VAL O 140 43.67 -69.93 -36.58
N ALA O 141 42.41 -69.96 -37.02
CA ALA O 141 41.91 -70.97 -37.96
C ALA O 141 40.66 -70.46 -38.70
N GLN O 142 40.80 -70.38 -40.03
CA GLN O 142 39.73 -70.15 -41.02
C GLN O 142 39.13 -68.75 -40.82
N PRO O 143 39.88 -67.71 -40.40
CA PRO O 143 39.33 -66.36 -40.39
C PRO O 143 39.38 -65.84 -41.82
N ARG O 144 38.42 -65.00 -42.21
CA ARG O 144 38.19 -64.58 -43.61
C ARG O 144 39.47 -63.99 -44.20
N GLY O 145 40.18 -63.18 -43.43
CA GLY O 145 41.45 -62.54 -43.84
C GLY O 145 42.48 -63.55 -44.32
N PHE O 146 42.95 -64.43 -43.44
CA PHE O 146 44.03 -65.40 -43.80
C PHE O 146 43.52 -66.35 -44.89
N GLU O 147 42.25 -66.77 -44.84
CA GLU O 147 41.66 -67.80 -45.74
C GLU O 147 41.44 -67.32 -47.17
N THR O 148 40.93 -66.10 -47.37
CA THR O 148 40.34 -65.63 -48.66
C THR O 148 40.78 -64.19 -48.97
N THR O 149 40.73 -63.24 -48.02
CA THR O 149 41.01 -61.81 -48.34
C THR O 149 42.49 -61.56 -48.68
N LEU O 150 43.46 -62.19 -48.01
CA LEU O 150 44.89 -61.89 -48.27
C LEU O 150 45.20 -62.19 -49.74
N ASP O 151 45.96 -61.30 -50.37
CA ASP O 151 46.26 -61.38 -51.82
C ASP O 151 47.70 -61.82 -51.97
N HIS O 152 47.89 -63.08 -52.27
CA HIS O 152 49.20 -63.77 -52.24
C HIS O 152 50.08 -63.19 -53.35
N LYS O 153 49.46 -62.71 -54.43
CA LYS O 153 50.21 -62.09 -55.56
C LYS O 153 50.71 -60.72 -55.11
N THR O 154 49.88 -59.92 -54.41
CA THR O 154 50.25 -58.57 -53.85
C THR O 154 51.41 -58.71 -52.85
N LEU O 155 51.36 -59.71 -51.98
CA LEU O 155 52.42 -60.00 -50.98
C LEU O 155 53.70 -60.46 -51.68
N ALA O 156 53.58 -61.38 -52.63
CA ALA O 156 54.71 -61.81 -53.51
C ALA O 156 55.41 -60.58 -54.11
N LYS O 157 54.65 -59.71 -54.80
CA LYS O 157 55.11 -58.39 -55.34
C LYS O 157 55.83 -57.57 -54.24
N ALA O 158 55.20 -57.37 -53.07
CA ALA O 158 55.80 -56.54 -51.98
C ALA O 158 57.08 -57.19 -51.47
N MET O 159 57.11 -58.53 -51.38
CA MET O 159 58.32 -59.25 -50.93
C MET O 159 59.46 -59.08 -51.96
N ALA O 160 59.16 -59.03 -53.26
CA ALA O 160 60.19 -58.84 -54.33
C ALA O 160 60.80 -57.44 -54.28
N THR O 161 60.01 -56.39 -54.02
CA THR O 161 60.44 -54.98 -54.20
C THR O 161 61.03 -54.45 -52.88
N ALA O 162 60.41 -54.76 -51.74
CA ALA O 162 60.80 -54.16 -50.43
C ALA O 162 60.37 -55.07 -49.29
N PRO O 163 61.16 -56.13 -48.99
CA PRO O 163 60.86 -57.02 -47.87
C PRO O 163 60.98 -56.40 -46.46
N THR O 164 61.95 -55.52 -46.32
CA THR O 164 62.49 -54.93 -45.07
C THR O 164 61.60 -53.78 -44.58
N ASP O 165 60.88 -53.13 -45.49
CA ASP O 165 60.14 -51.87 -45.25
C ASP O 165 58.75 -52.21 -44.73
N PRO O 166 58.06 -51.22 -44.11
CA PRO O 166 56.79 -51.47 -43.46
C PRO O 166 55.82 -52.12 -44.45
N ALA O 167 55.04 -53.11 -44.02
CA ALA O 167 54.07 -53.85 -44.85
C ALA O 167 53.00 -52.89 -45.36
N PRO O 168 52.78 -52.80 -46.68
CA PRO O 168 51.71 -51.96 -47.23
C PRO O 168 50.38 -52.12 -46.49
N GLU O 169 49.64 -51.02 -46.33
CA GLU O 169 48.40 -50.94 -45.51
C GLU O 169 47.38 -51.97 -46.04
N ALA O 170 47.27 -52.10 -47.36
CA ALA O 170 46.35 -53.06 -48.00
C ALA O 170 46.62 -54.50 -47.53
N LEU O 171 47.88 -54.90 -47.32
CA LEU O 171 48.23 -56.31 -46.95
C LEU O 171 47.87 -56.58 -45.47
N VAL O 172 48.15 -55.63 -44.58
CA VAL O 172 47.74 -55.68 -43.16
C VAL O 172 46.22 -55.77 -43.09
N ALA O 173 45.49 -54.86 -43.74
CA ALA O 173 44.02 -54.79 -43.57
C ALA O 173 43.42 -56.08 -44.11
N GLN O 174 44.02 -56.63 -45.16
CA GLN O 174 43.55 -57.90 -45.75
C GLN O 174 43.77 -59.05 -44.76
N MET O 175 45.00 -59.16 -44.22
CA MET O 175 45.44 -60.31 -43.39
C MET O 175 44.51 -60.42 -42.18
N PHE O 176 44.05 -59.28 -41.64
CA PHE O 176 43.24 -59.17 -40.39
C PHE O 176 41.78 -58.87 -40.72
N ASP O 177 41.39 -58.97 -42.00
CA ASP O 177 39.97 -58.76 -42.39
C ASP O 177 39.16 -59.76 -41.58
N GLY O 178 38.07 -59.28 -40.98
CA GLY O 178 37.16 -60.09 -40.15
C GLY O 178 37.32 -59.83 -38.67
N PHE O 179 38.44 -59.30 -38.24
CA PHE O 179 38.70 -59.03 -36.81
C PHE O 179 37.71 -57.99 -36.27
N ALA O 180 37.15 -57.12 -37.11
CA ALA O 180 36.18 -56.08 -36.68
C ALA O 180 34.71 -56.49 -36.94
N ASP O 181 34.40 -57.71 -37.35
CA ASP O 181 32.99 -58.03 -37.70
C ASP O 181 32.03 -57.81 -36.52
N ARG O 182 32.46 -57.97 -35.27
CA ARG O 182 31.48 -57.93 -34.14
C ARG O 182 31.79 -56.78 -33.17
N LEU O 183 32.41 -55.72 -33.66
CA LEU O 183 32.76 -54.54 -32.84
C LEU O 183 31.76 -53.45 -33.20
N SER O 184 31.36 -52.64 -32.23
CA SER O 184 30.75 -51.31 -32.44
C SER O 184 31.91 -50.30 -32.41
N GLU O 185 31.65 -49.09 -32.94
CA GLU O 185 32.53 -47.91 -32.85
C GLU O 185 33.16 -47.83 -31.44
N ASP O 186 32.36 -48.19 -30.43
CA ASP O 186 32.65 -48.06 -28.97
C ASP O 186 33.70 -49.06 -28.47
N ASP O 187 33.86 -50.20 -29.14
CA ASP O 187 34.86 -51.22 -28.76
C ASP O 187 36.26 -50.73 -29.19
N GLY O 188 36.31 -49.87 -30.21
CA GLY O 188 37.54 -49.32 -30.79
C GLY O 188 38.20 -50.32 -31.73
N PRO O 189 39.25 -49.94 -32.47
CA PRO O 189 39.87 -50.83 -33.46
C PRO O 189 40.46 -52.15 -32.91
N THR O 190 40.80 -52.20 -31.62
CA THR O 190 41.42 -53.39 -30.99
C THR O 190 40.43 -54.05 -30.03
N GLY O 191 39.16 -53.67 -30.08
CA GLY O 191 38.12 -54.21 -29.18
C GLY O 191 38.02 -55.73 -29.26
N TRP O 192 38.54 -56.34 -30.32
CA TRP O 192 38.51 -57.83 -30.50
C TRP O 192 39.46 -58.51 -29.52
N VAL O 193 40.39 -57.75 -28.92
CA VAL O 193 41.36 -58.31 -27.95
C VAL O 193 40.61 -58.93 -26.77
N ALA O 194 39.57 -58.28 -26.25
CA ALA O 194 38.78 -58.78 -25.10
C ALA O 194 37.46 -58.01 -24.98
N ARG O 195 36.42 -58.68 -24.49
CA ARG O 195 35.16 -58.01 -24.08
C ARG O 195 35.48 -56.94 -23.03
N SER O 196 36.32 -57.22 -22.01
CA SER O 196 36.72 -56.21 -20.99
C SER O 196 37.44 -55.02 -21.64
N LYS O 197 36.92 -53.82 -21.46
CA LYS O 197 37.53 -52.56 -21.97
C LYS O 197 38.83 -52.34 -21.20
N GLU O 198 38.90 -52.80 -19.95
CA GLU O 198 40.08 -52.55 -19.10
C GLU O 198 41.29 -53.33 -19.65
N VAL O 199 41.09 -54.57 -20.11
CA VAL O 199 42.15 -55.42 -20.72
C VAL O 199 42.67 -54.72 -21.99
N VAL O 200 41.75 -54.31 -22.88
CA VAL O 200 42.05 -53.67 -24.21
C VAL O 200 42.91 -52.44 -23.93
N ALA O 201 42.45 -51.61 -22.99
CA ALA O 201 43.11 -50.34 -22.60
C ALA O 201 44.54 -50.65 -22.12
N ASP O 202 44.68 -51.64 -21.23
CA ASP O 202 46.01 -52.06 -20.68
C ASP O 202 46.88 -52.58 -21.83
N HIS O 203 46.34 -53.42 -22.71
CA HIS O 203 47.03 -53.94 -23.92
C HIS O 203 47.61 -52.79 -24.73
N GLY O 204 46.89 -51.65 -24.84
CA GLY O 204 47.29 -50.44 -25.60
C GLY O 204 48.35 -49.63 -24.89
N LYS O 205 48.34 -49.64 -23.57
CA LYS O 205 49.20 -48.76 -22.72
C LYS O 205 50.56 -49.46 -22.52
N ASP O 206 50.55 -50.79 -22.37
CA ASP O 206 51.76 -51.57 -21.96
C ASP O 206 52.90 -51.30 -22.95
N LYS O 207 54.00 -50.73 -22.49
CA LYS O 207 55.12 -50.30 -23.34
C LYS O 207 55.82 -51.54 -23.92
N PHE O 208 55.68 -52.69 -23.25
CA PHE O 208 56.37 -53.94 -23.65
C PHE O 208 55.53 -54.60 -24.74
N ASN O 209 54.28 -54.16 -24.94
CA ASN O 209 53.49 -54.45 -26.16
C ASN O 209 53.90 -53.50 -27.29
N ASN O 210 54.13 -52.22 -27.00
CA ASN O 210 54.40 -51.15 -28.01
C ASN O 210 53.34 -51.20 -29.12
N PHE O 211 52.14 -50.70 -28.79
CA PHE O 211 50.83 -50.85 -29.48
C PHE O 211 50.96 -50.84 -31.02
N GLY O 212 51.27 -49.66 -31.59
CA GLY O 212 51.02 -49.37 -33.02
C GLY O 212 52.17 -49.75 -33.93
N ALA O 213 53.19 -50.46 -33.45
CA ALA O 213 54.46 -50.72 -34.18
C ALA O 213 54.14 -51.40 -35.51
N PRO O 214 54.53 -50.77 -36.64
CA PRO O 214 54.19 -51.30 -37.96
C PRO O 214 55.02 -52.56 -38.29
N MET O 215 54.35 -53.62 -38.76
CA MET O 215 55.02 -54.87 -39.19
C MET O 215 55.79 -54.62 -40.48
N SER O 216 56.94 -55.26 -40.63
CA SER O 216 57.69 -55.30 -41.91
C SER O 216 56.97 -56.25 -42.87
N THR O 217 57.22 -56.14 -44.17
CA THR O 217 56.54 -56.98 -45.18
C THR O 217 56.98 -58.44 -44.97
N ARG O 218 58.26 -58.66 -44.71
CA ARG O 218 58.82 -60.03 -44.49
C ARG O 218 58.29 -60.62 -43.19
N PHE O 219 57.90 -59.80 -42.22
CA PHE O 219 57.22 -60.32 -41.01
C PHE O 219 55.82 -60.80 -41.41
N LEU O 220 55.14 -60.07 -42.31
CA LEU O 220 53.75 -60.34 -42.73
C LEU O 220 53.80 -61.65 -43.51
N GLN O 221 54.80 -61.78 -44.38
CA GLN O 221 55.05 -63.04 -45.11
C GLN O 221 55.15 -64.16 -44.06
N GLY O 222 55.94 -63.95 -43.02
CA GLY O 222 56.12 -64.89 -41.89
C GLY O 222 54.80 -65.35 -41.30
N LEU O 223 53.80 -64.45 -41.13
CA LEU O 223 52.47 -64.81 -40.56
C LEU O 223 51.65 -65.63 -41.58
N ALA O 224 51.69 -65.24 -42.85
CA ALA O 224 51.11 -66.05 -43.93
C ALA O 224 51.75 -67.47 -43.91
N ASP O 225 53.07 -67.57 -43.80
CA ASP O 225 53.84 -68.85 -43.80
C ASP O 225 53.44 -69.67 -42.58
N ILE O 226 53.49 -69.10 -41.38
CA ILE O 226 53.19 -69.84 -40.12
C ILE O 226 51.71 -70.25 -40.14
N TYR O 227 50.81 -69.38 -40.61
CA TYR O 227 49.38 -69.72 -40.80
C TYR O 227 49.28 -70.99 -41.66
N ALA O 228 49.95 -71.08 -42.81
CA ALA O 228 49.83 -72.30 -43.63
C ALA O 228 50.52 -73.52 -42.95
N MET O 229 51.66 -73.35 -42.27
CA MET O 229 52.23 -74.45 -41.42
C MET O 229 51.19 -74.96 -40.40
N ALA O 230 50.48 -74.06 -39.73
CA ALA O 230 49.65 -74.35 -38.55
C ALA O 230 48.35 -75.04 -38.97
N ASN O 231 47.82 -74.70 -40.15
CA ASN O 231 46.46 -75.09 -40.63
C ASN O 231 46.52 -76.04 -41.84
N GLY O 232 47.72 -76.36 -42.35
CA GLY O 232 47.94 -77.14 -43.57
C GLY O 232 47.73 -78.62 -43.32
N ASP O 233 47.74 -79.43 -44.38
CA ASP O 233 47.48 -80.89 -44.26
C ASP O 233 48.62 -81.55 -43.46
N SER O 234 49.84 -81.01 -43.52
CA SER O 234 51.00 -81.58 -42.81
C SER O 234 50.72 -81.59 -41.31
N PHE O 235 50.28 -80.46 -40.76
CA PHE O 235 50.01 -80.35 -39.31
C PHE O 235 49.02 -81.46 -38.91
N TYR O 236 47.92 -81.57 -39.63
CA TYR O 236 46.83 -82.52 -39.29
C TYR O 236 47.26 -83.98 -39.39
N ALA O 237 48.08 -84.31 -40.38
CA ALA O 237 48.54 -85.69 -40.61
C ALA O 237 49.72 -86.08 -39.70
N THR O 238 50.51 -85.11 -39.22
CA THR O 238 51.72 -85.40 -38.41
C THR O 238 51.47 -85.19 -36.92
N MET O 239 50.49 -84.35 -36.55
CA MET O 239 50.14 -84.06 -35.12
C MET O 239 50.08 -85.35 -34.31
N PRO O 240 50.83 -85.46 -33.19
CA PRO O 240 50.86 -86.69 -32.36
C PRO O 240 49.56 -87.00 -31.61
N ASN O 241 49.46 -88.23 -31.09
CA ASN O 241 48.26 -88.69 -30.34
C ASN O 241 48.40 -88.30 -28.86
N ILE O 242 49.12 -87.21 -28.58
CA ILE O 242 49.30 -86.71 -27.20
C ILE O 242 48.09 -85.87 -26.84
N PRO O 243 47.88 -85.56 -25.56
CA PRO O 243 46.77 -84.72 -25.18
C PRO O 243 46.91 -83.32 -25.80
N ILE O 244 45.79 -82.83 -26.30
CA ILE O 244 45.64 -81.47 -26.88
C ILE O 244 44.52 -80.78 -26.14
N VAL O 245 44.75 -79.54 -25.70
CA VAL O 245 43.63 -78.72 -25.18
C VAL O 245 43.56 -77.41 -25.95
N LEU O 246 42.34 -76.98 -26.24
CA LEU O 246 41.99 -75.73 -26.97
C LEU O 246 41.17 -74.81 -26.05
N PHE O 247 41.55 -73.54 -25.99
CA PHE O 247 40.76 -72.44 -25.39
C PHE O 247 40.54 -71.36 -26.47
N ALA O 248 39.31 -70.90 -26.64
CA ALA O 248 38.93 -69.79 -27.56
C ALA O 248 37.66 -69.11 -27.07
N GLY O 249 37.57 -67.81 -27.30
CA GLY O 249 36.29 -67.11 -27.14
C GLY O 249 35.37 -67.39 -28.30
N SER O 250 34.06 -67.48 -28.08
CA SER O 250 33.06 -67.63 -29.18
C SER O 250 33.05 -66.36 -30.02
N GLU O 251 33.45 -65.20 -29.45
CA GLU O 251 33.49 -63.90 -30.17
C GLU O 251 34.92 -63.56 -30.62
N ASP O 252 35.81 -64.54 -30.69
CA ASP O 252 37.21 -64.31 -31.09
C ASP O 252 37.31 -64.42 -32.59
N PRO O 253 37.69 -63.37 -33.35
CA PRO O 253 37.84 -63.47 -34.80
C PRO O 253 38.98 -64.35 -35.34
N ALA O 254 40.04 -64.56 -34.55
CA ALA O 254 41.19 -65.42 -34.95
C ALA O 254 40.70 -66.79 -35.36
N GLY O 255 39.74 -67.35 -34.61
CA GLY O 255 39.20 -68.70 -34.84
C GLY O 255 37.84 -68.66 -35.50
N ASP O 256 37.58 -67.61 -36.28
CA ASP O 256 36.31 -67.36 -37.02
C ASP O 256 35.15 -67.51 -36.03
N PHE O 257 35.22 -66.77 -34.94
CA PHE O 257 34.07 -66.68 -34.00
C PHE O 257 33.64 -68.11 -33.64
N GLY O 258 34.61 -68.97 -33.27
CA GLY O 258 34.38 -70.34 -32.77
C GLY O 258 34.16 -71.38 -33.87
N THR O 259 33.87 -71.00 -35.11
CA THR O 259 33.67 -71.98 -36.21
C THR O 259 34.99 -72.63 -36.61
N GLY O 260 36.05 -71.85 -36.77
CA GLY O 260 37.38 -72.38 -37.12
C GLY O 260 37.89 -73.33 -36.04
N VAL O 261 37.78 -72.92 -34.79
CA VAL O 261 38.25 -73.69 -33.60
C VAL O 261 37.55 -75.04 -33.57
N LYS O 262 36.25 -75.05 -33.78
CA LYS O 262 35.44 -76.29 -33.84
C LYS O 262 35.91 -77.18 -34.99
N ALA O 263 36.29 -76.60 -36.14
CA ALA O 263 36.80 -77.35 -37.32
C ALA O 263 38.16 -77.98 -36.98
N VAL O 264 39.03 -77.23 -36.31
CA VAL O 264 40.36 -77.73 -35.83
C VAL O 264 40.15 -79.01 -34.98
N ALA O 265 39.37 -78.91 -33.91
CA ALA O 265 39.00 -80.01 -33.02
C ALA O 265 38.36 -81.15 -33.81
N GLU O 266 37.41 -80.85 -34.69
CA GLU O 266 36.66 -81.91 -35.41
C GLU O 266 37.62 -82.71 -36.30
N ARG O 267 38.58 -82.05 -36.95
CA ARG O 267 39.52 -82.69 -37.91
C ARG O 267 40.57 -83.49 -37.12
N LEU O 268 40.94 -83.06 -35.92
CA LEU O 268 41.88 -83.86 -35.09
C LEU O 268 41.15 -85.12 -34.59
N ARG O 269 39.88 -84.99 -34.15
CA ARG O 269 39.07 -86.13 -33.65
C ARG O 269 38.86 -87.12 -34.80
N ARG O 270 38.50 -86.61 -35.98
CA ARG O 270 38.32 -87.36 -37.24
C ARG O 270 39.53 -88.29 -37.46
N ASP O 271 40.74 -87.85 -37.09
CA ASP O 271 42.03 -88.56 -37.31
C ASP O 271 42.36 -89.42 -36.06
N GLY O 272 41.51 -89.40 -35.02
CA GLY O 272 41.64 -90.23 -33.80
C GLY O 272 42.40 -89.55 -32.66
N HIS O 273 42.56 -88.23 -32.68
CA HIS O 273 43.17 -87.46 -31.56
C HIS O 273 42.16 -87.32 -30.43
N ASN O 274 42.66 -87.32 -29.20
CA ASN O 274 41.93 -86.89 -27.99
C ASN O 274 42.09 -85.36 -27.91
N VAL O 275 40.97 -84.63 -27.99
CA VAL O 275 40.96 -83.14 -27.98
C VAL O 275 39.97 -82.60 -26.95
N GLU O 276 40.45 -81.80 -26.01
CA GLU O 276 39.62 -81.14 -24.95
C GLU O 276 39.40 -79.70 -25.41
N LEU O 277 38.13 -79.31 -25.59
CA LEU O 277 37.75 -77.99 -26.16
C LEU O 277 37.09 -77.11 -25.07
N HIS O 278 37.68 -75.96 -24.78
CA HIS O 278 37.06 -74.93 -23.89
C HIS O 278 36.68 -73.71 -24.73
N LEU O 279 35.39 -73.53 -25.04
CA LEU O 279 34.84 -72.34 -25.77
C LEU O 279 34.09 -71.47 -24.76
N TYR O 280 34.41 -70.19 -24.67
CA TYR O 280 33.79 -69.26 -23.69
C TYR O 280 32.74 -68.41 -24.42
N ASP O 281 31.48 -68.75 -24.23
CA ASP O 281 30.35 -68.00 -24.79
C ASP O 281 30.53 -66.50 -24.50
N GLY O 282 30.59 -65.64 -25.52
CA GLY O 282 30.50 -64.17 -25.38
C GLY O 282 31.84 -63.45 -25.25
N LEU O 283 32.92 -64.21 -25.03
CA LEU O 283 34.29 -63.66 -24.81
C LEU O 283 35.06 -63.57 -26.13
N ARG O 284 35.97 -62.60 -26.21
CA ARG O 284 36.70 -62.33 -27.45
C ARG O 284 38.06 -63.05 -27.35
N HIS O 285 39.17 -62.41 -27.71
CA HIS O 285 40.39 -63.14 -28.12
C HIS O 285 41.08 -63.72 -26.88
N GLU O 286 41.45 -62.85 -25.94
CA GLU O 286 42.31 -63.15 -24.77
C GLU O 286 41.47 -63.79 -23.64
N VAL O 287 41.02 -65.01 -23.81
CA VAL O 287 40.23 -65.70 -22.77
C VAL O 287 41.09 -65.96 -21.51
N HIS O 288 42.43 -66.02 -21.66
CA HIS O 288 43.38 -66.10 -20.52
C HIS O 288 43.48 -64.79 -19.71
N ASN O 289 43.03 -63.66 -20.23
CA ASN O 289 43.07 -62.34 -19.54
C ASN O 289 41.65 -61.85 -19.15
N GLU O 290 40.59 -62.34 -19.82
CA GLU O 290 39.19 -61.92 -19.59
C GLU O 290 38.87 -62.29 -18.15
N PRO O 291 38.42 -61.35 -17.30
CA PRO O 291 38.04 -61.70 -15.93
C PRO O 291 37.07 -62.88 -15.79
N GLU O 292 36.14 -63.09 -16.71
CA GLU O 292 35.10 -64.14 -16.49
C GLU O 292 35.73 -65.52 -16.71
N SER O 293 36.75 -65.64 -17.56
CA SER O 293 37.32 -66.95 -17.98
C SER O 293 38.73 -67.22 -17.42
N ARG O 294 39.49 -66.21 -16.99
CA ARG O 294 40.94 -66.37 -16.63
C ARG O 294 41.17 -67.56 -15.68
N ALA O 295 40.34 -67.65 -14.64
CA ALA O 295 40.41 -68.68 -13.56
C ALA O 295 40.17 -70.06 -14.18
N ASP O 296 39.18 -70.17 -15.08
CA ASP O 296 38.79 -71.47 -15.68
C ASP O 296 39.91 -71.88 -16.65
N VAL O 297 40.39 -70.97 -17.49
CA VAL O 297 41.54 -71.29 -18.39
C VAL O 297 42.73 -71.80 -17.56
N GLU O 298 43.14 -71.12 -16.47
CA GLU O 298 44.34 -71.52 -15.65
C GLU O 298 44.05 -72.85 -14.91
N SER O 299 42.89 -73.02 -14.30
CA SER O 299 42.55 -74.27 -13.55
C SER O 299 42.38 -75.44 -14.53
N SER O 300 41.89 -75.19 -15.74
CA SER O 300 41.74 -76.22 -16.79
C SER O 300 43.14 -76.61 -17.29
N LEU O 301 44.08 -75.67 -17.36
CA LEU O 301 45.44 -75.91 -17.91
C LEU O 301 46.26 -76.73 -16.90
N VAL O 302 46.13 -76.40 -15.63
CA VAL O 302 46.75 -77.13 -14.49
C VAL O 302 46.26 -78.58 -14.56
N THR O 303 44.95 -78.80 -14.65
CA THR O 303 44.33 -80.16 -14.64
C THR O 303 44.87 -80.93 -15.86
N PHE O 304 45.07 -80.22 -16.97
CA PHE O 304 45.58 -80.78 -18.24
C PHE O 304 47.04 -81.21 -18.04
N VAL O 305 47.87 -80.33 -17.45
CA VAL O 305 49.32 -80.59 -17.25
C VAL O 305 49.45 -81.81 -16.33
N ASP O 306 48.72 -81.86 -15.23
CA ASP O 306 48.68 -83.03 -14.30
C ASP O 306 48.31 -84.32 -15.07
N ARG O 307 47.41 -84.26 -16.03
CA ARG O 307 46.96 -85.45 -16.78
C ARG O 307 48.07 -85.91 -17.74
N VAL O 308 48.86 -84.97 -18.24
CA VAL O 308 50.00 -85.23 -19.15
C VAL O 308 51.15 -85.82 -18.35
N ALA O 309 51.30 -85.40 -17.09
CA ALA O 309 52.38 -85.86 -16.20
C ALA O 309 52.09 -87.29 -15.75
N ASN O 310 50.81 -87.65 -15.67
CA ASN O 310 50.27 -88.97 -15.27
C ASN O 310 50.18 -89.92 -16.48
N ARG O 311 50.83 -89.57 -17.60
CA ARG O 311 50.95 -90.26 -18.90
C ARG O 311 49.59 -90.47 -19.56
N ALA P 2 50.36 -54.13 -17.50
CA ALA P 2 51.35 -53.18 -18.09
C ALA P 2 52.64 -53.25 -17.28
N LEU P 3 53.79 -53.10 -17.92
CA LEU P 3 55.08 -53.30 -17.22
C LEU P 3 55.99 -52.14 -17.60
N GLN P 4 56.70 -51.56 -16.65
CA GLN P 4 57.73 -50.52 -16.94
C GLN P 4 59.07 -51.02 -16.39
N GLU P 5 60.17 -50.80 -17.12
CA GLU P 5 61.54 -51.04 -16.61
C GLU P 5 62.05 -49.65 -16.25
N ILE P 6 62.56 -49.44 -15.02
CA ILE P 6 62.63 -48.08 -14.43
C ILE P 6 63.97 -47.83 -13.72
N GLU P 7 65.05 -48.33 -14.31
CA GLU P 7 66.48 -48.14 -13.91
C GLU P 7 66.79 -46.65 -13.66
N PHE P 8 67.70 -46.42 -12.72
CA PHE P 8 68.27 -45.10 -12.37
C PHE P 8 69.63 -45.35 -11.72
N THR P 9 70.56 -44.42 -11.91
CA THR P 9 71.88 -44.44 -11.26
C THR P 9 71.65 -44.37 -9.74
N SER P 10 72.24 -45.30 -8.98
CA SER P 10 72.20 -45.30 -7.50
C SER P 10 72.90 -44.04 -6.96
N HIS P 11 72.62 -43.69 -5.71
CA HIS P 11 73.35 -42.71 -4.88
C HIS P 11 74.82 -43.13 -4.72
N ASN P 12 75.18 -44.41 -4.87
CA ASN P 12 76.61 -44.76 -4.69
C ASN P 12 77.40 -44.33 -5.93
N GLY P 13 76.74 -43.85 -6.99
CA GLY P 13 77.37 -43.38 -8.23
C GLY P 13 77.80 -44.53 -9.14
N ARG P 14 77.78 -45.78 -8.63
CA ARG P 14 78.35 -46.98 -9.27
C ARG P 14 77.24 -47.76 -10.00
N ASP P 15 76.12 -48.05 -9.33
CA ASP P 15 75.20 -49.12 -9.80
C ASP P 15 74.12 -48.56 -10.69
N ALA P 16 73.70 -49.36 -11.67
CA ALA P 16 72.38 -49.25 -12.34
C ALA P 16 71.36 -50.03 -11.52
N ILE P 17 70.63 -49.36 -10.64
CA ILE P 17 69.53 -49.96 -9.83
C ILE P 17 68.53 -50.52 -10.83
N GLN P 18 68.32 -51.83 -10.85
CA GLN P 18 67.31 -52.49 -11.71
C GLN P 18 65.96 -52.38 -10.99
N ALA P 19 64.94 -51.95 -11.71
CA ALA P 19 63.66 -51.61 -11.07
C ALA P 19 62.55 -51.89 -12.06
N TRP P 20 61.40 -52.25 -11.52
CA TRP P 20 60.16 -52.55 -12.26
C TRP P 20 58.98 -51.79 -11.65
N ALA P 21 58.03 -51.44 -12.51
CA ALA P 21 56.68 -51.04 -12.07
C ALA P 21 55.66 -51.95 -12.76
N TYR P 22 54.76 -52.53 -11.97
CA TYR P 22 53.67 -53.42 -12.42
C TYR P 22 52.37 -52.63 -12.29
N GLU P 23 51.65 -52.44 -13.39
CA GLU P 23 50.32 -51.77 -13.34
C GLU P 23 49.24 -52.81 -13.59
N PRO P 24 48.14 -52.80 -12.80
CA PRO P 24 47.00 -53.66 -13.05
C PRO P 24 46.12 -53.16 -14.22
N VAL P 25 45.39 -54.13 -14.77
CA VAL P 25 44.19 -53.93 -15.61
C VAL P 25 43.22 -53.07 -14.78
N GLY P 26 42.61 -52.05 -15.39
CA GLY P 26 41.58 -51.24 -14.72
C GLY P 26 42.11 -49.92 -14.20
N THR P 27 41.38 -49.30 -13.29
CA THR P 27 41.85 -48.07 -12.61
C THR P 27 42.43 -48.49 -11.27
N PRO P 28 43.70 -48.13 -11.02
CA PRO P 28 44.33 -48.53 -9.77
C PRO P 28 43.94 -47.59 -8.61
N THR P 29 43.72 -48.16 -7.41
CA THR P 29 43.35 -47.46 -6.13
C THR P 29 44.54 -47.20 -5.20
N ALA P 30 45.76 -47.67 -5.49
CA ALA P 30 46.95 -47.53 -4.62
C ALA P 30 48.24 -47.99 -5.30
N VAL P 31 49.35 -47.47 -4.80
CA VAL P 31 50.72 -47.96 -5.08
C VAL P 31 51.25 -48.68 -3.86
N VAL P 32 51.82 -49.87 -4.06
CA VAL P 32 52.63 -50.58 -3.01
C VAL P 32 54.09 -50.63 -3.46
N GLN P 33 55.01 -50.11 -2.65
CA GLN P 33 56.48 -50.18 -2.86
C GLN P 33 57.00 -51.37 -2.03
N ILE P 34 57.42 -52.44 -2.66
CA ILE P 34 58.00 -53.60 -1.94
C ILE P 34 59.52 -53.36 -1.83
N ILE P 35 60.05 -53.45 -0.61
CA ILE P 35 61.51 -53.29 -0.32
C ILE P 35 62.06 -54.63 0.18
N HIS P 36 62.83 -55.31 -0.68
CA HIS P 36 63.34 -56.67 -0.45
C HIS P 36 64.40 -56.59 0.63
N GLY P 37 64.64 -57.74 1.27
CA GLY P 37 65.65 -57.86 2.33
C GLY P 37 67.00 -58.39 1.86
N LEU P 38 67.86 -58.70 2.85
CA LEU P 38 69.29 -59.06 2.64
C LEU P 38 69.38 -60.39 1.88
N GLY P 39 70.31 -60.52 0.91
CA GLY P 39 70.58 -61.76 0.15
C GLY P 39 69.42 -62.25 -0.71
N GLU P 40 68.43 -61.42 -1.03
CA GLU P 40 67.32 -61.78 -1.94
C GLU P 40 67.12 -60.62 -2.93
N HIS P 41 65.96 -60.58 -3.60
CA HIS P 41 65.68 -59.67 -4.74
C HIS P 41 64.16 -59.52 -4.95
N SER P 42 63.77 -58.49 -5.70
CA SER P 42 62.36 -58.03 -5.79
C SER P 42 61.45 -59.01 -6.59
N ARG P 43 62.02 -59.79 -7.52
CA ARG P 43 61.26 -60.73 -8.43
C ARG P 43 61.02 -62.08 -7.76
N ARG P 44 61.52 -62.25 -6.54
CA ARG P 44 61.23 -63.35 -5.62
C ARG P 44 59.80 -63.19 -5.09
N TYR P 45 59.17 -62.03 -5.32
CA TYR P 45 57.86 -61.64 -4.74
C TYR P 45 56.76 -61.82 -5.78
N LEU P 46 57.00 -62.62 -6.81
CA LEU P 46 56.06 -62.81 -7.94
C LEU P 46 54.65 -63.10 -7.42
N HIS P 47 54.48 -63.99 -6.44
CA HIS P 47 53.16 -64.39 -5.90
C HIS P 47 52.49 -63.15 -5.28
N MET P 48 53.24 -62.41 -4.46
CA MET P 48 52.72 -61.20 -3.80
C MET P 48 52.45 -60.10 -4.84
N ILE P 49 53.30 -59.97 -5.87
CA ILE P 49 53.15 -58.88 -6.87
C ILE P 49 51.84 -59.15 -7.62
N SER P 50 51.62 -60.41 -7.99
CA SER P 50 50.42 -60.87 -8.71
C SER P 50 49.17 -60.64 -7.84
N ALA P 51 49.21 -61.05 -6.58
CA ALA P 51 48.08 -60.89 -5.64
C ALA P 51 47.71 -59.40 -5.54
N LEU P 52 48.70 -58.50 -5.49
CA LEU P 52 48.44 -57.05 -5.30
C LEU P 52 47.86 -56.45 -6.59
N LEU P 53 48.40 -56.78 -7.78
CA LEU P 53 47.81 -56.42 -9.11
C LEU P 53 46.35 -56.90 -9.18
N ASP P 54 46.08 -58.13 -8.76
CA ASP P 54 44.72 -58.70 -8.81
C ASP P 54 43.76 -57.86 -7.98
N ALA P 55 44.29 -57.26 -6.89
CA ALA P 55 43.54 -56.45 -5.89
C ALA P 55 43.42 -54.99 -6.33
N GLY P 56 44.07 -54.60 -7.42
CA GLY P 56 43.87 -53.29 -8.09
C GLY P 56 44.96 -52.30 -7.73
N PHE P 57 46.13 -52.76 -7.27
CA PHE P 57 47.23 -51.85 -6.85
C PHE P 57 48.33 -51.86 -7.90
N VAL P 58 48.96 -50.71 -8.09
CA VAL P 58 50.25 -50.59 -8.83
C VAL P 58 51.30 -51.09 -7.86
N VAL P 59 52.29 -51.84 -8.36
CA VAL P 59 53.44 -52.38 -7.57
C VAL P 59 54.75 -51.86 -8.16
N ILE P 60 55.64 -51.39 -7.28
CA ILE P 60 56.99 -50.88 -7.66
C ILE P 60 58.00 -51.48 -6.68
N ALA P 61 59.12 -51.95 -7.19
CA ALA P 61 60.20 -52.58 -6.41
C ALA P 61 61.50 -52.42 -7.21
N ASP P 62 62.61 -52.28 -6.52
CA ASP P 62 63.92 -52.31 -7.19
C ASP P 62 64.74 -53.43 -6.57
N ASP P 63 65.77 -53.83 -7.26
CA ASP P 63 66.75 -54.74 -6.65
C ASP P 63 67.76 -53.76 -6.08
N HIS P 64 68.01 -53.83 -4.79
CA HIS P 64 68.92 -52.85 -4.17
C HIS P 64 70.37 -53.07 -4.60
N ALA P 65 71.17 -52.03 -4.38
CA ALA P 65 72.62 -52.02 -4.50
C ALA P 65 73.20 -53.28 -3.84
N GLY P 66 73.98 -54.03 -4.60
CA GLY P 66 74.62 -55.29 -4.18
C GLY P 66 73.72 -56.49 -4.21
N HIS P 67 72.55 -56.39 -4.83
CA HIS P 67 71.55 -57.50 -4.81
C HIS P 67 70.88 -57.75 -6.17
N GLY P 68 70.29 -58.94 -6.33
CA GLY P 68 69.57 -59.37 -7.54
C GLY P 68 70.20 -58.95 -8.87
N ARG P 69 69.37 -58.43 -9.77
CA ARG P 69 69.80 -57.98 -11.11
C ARG P 69 70.75 -56.80 -11.03
N THR P 70 70.61 -55.97 -10.00
CA THR P 70 71.52 -54.80 -9.80
C THR P 70 72.98 -55.28 -9.70
N ALA P 71 73.21 -56.35 -8.92
CA ALA P 71 74.54 -56.96 -8.73
C ALA P 71 74.93 -57.79 -9.97
N MET P 72 73.96 -58.46 -10.61
CA MET P 72 74.23 -59.31 -11.79
C MET P 72 74.83 -58.39 -12.88
N GLN P 73 74.31 -57.18 -13.03
CA GLN P 73 74.74 -56.25 -14.11
C GLN P 73 76.06 -55.59 -13.74
N SER P 74 76.21 -55.12 -12.50
CA SER P 74 77.40 -54.37 -12.02
C SER P 74 78.54 -55.34 -11.67
N GLY P 75 78.24 -56.60 -11.38
CA GLY P 75 79.21 -57.62 -10.92
C GLY P 75 79.59 -57.46 -9.47
N VAL P 76 79.02 -56.50 -8.72
CA VAL P 76 79.36 -56.34 -7.27
C VAL P 76 78.20 -56.75 -6.35
N TRP P 77 78.47 -57.76 -5.50
CA TRP P 77 77.51 -58.40 -4.60
C TRP P 77 77.79 -58.01 -3.15
N ALA P 78 76.76 -57.86 -2.33
CA ALA P 78 76.85 -57.75 -0.86
C ALA P 78 77.67 -56.51 -0.48
N ASP P 79 77.64 -55.48 -1.32
CA ASP P 79 78.24 -54.15 -1.08
C ASP P 79 77.40 -53.11 -1.83
N ALA P 80 77.16 -51.96 -1.21
CA ALA P 80 76.32 -50.87 -1.76
C ALA P 80 77.10 -49.56 -1.87
N GLY P 81 78.44 -49.60 -1.82
CA GLY P 81 79.34 -48.43 -1.78
C GLY P 81 79.50 -47.83 -0.38
N ASP P 82 80.20 -46.69 -0.30
CA ASP P 82 80.41 -45.87 0.93
C ASP P 82 79.05 -45.34 1.43
N ASN P 83 78.82 -45.36 2.74
CA ASN P 83 77.59 -44.81 3.40
C ASN P 83 76.39 -45.64 2.95
N ALA P 84 76.47 -46.94 3.13
CA ALA P 84 75.52 -47.95 2.58
C ALA P 84 74.08 -47.66 3.02
N ALA P 85 73.88 -47.37 4.31
CA ALA P 85 72.55 -47.01 4.86
C ALA P 85 71.95 -45.85 4.07
N GLU P 86 72.64 -44.71 3.94
CA GLU P 86 72.10 -43.54 3.17
C GLU P 86 71.87 -43.92 1.70
N VAL P 87 72.75 -44.73 1.09
CA VAL P 87 72.64 -45.16 -0.35
C VAL P 87 71.27 -45.83 -0.53
N VAL P 88 70.99 -46.86 0.28
CA VAL P 88 69.80 -47.72 0.00
C VAL P 88 68.51 -46.93 0.37
N ILE P 89 68.56 -46.05 1.36
CA ILE P 89 67.45 -45.13 1.72
C ILE P 89 67.18 -44.14 0.58
N SER P 90 68.19 -43.36 0.16
CA SER P 90 68.17 -42.46 -1.04
C SER P 90 67.55 -43.16 -2.28
N ASP P 91 68.01 -44.36 -2.61
CA ASP P 91 67.59 -45.11 -3.81
C ASP P 91 66.11 -45.51 -3.69
N GLU P 92 65.63 -45.90 -2.51
CA GLU P 92 64.17 -46.13 -2.31
C GLU P 92 63.37 -44.84 -2.49
N LEU P 93 63.93 -43.70 -2.10
CA LEU P 93 63.28 -42.39 -2.33
C LEU P 93 63.28 -42.05 -3.82
N THR P 94 64.39 -42.30 -4.50
CA THR P 94 64.45 -42.09 -5.96
C THR P 94 63.49 -43.04 -6.65
N LEU P 95 63.35 -44.28 -6.18
CA LEU P 95 62.34 -45.21 -6.77
C LEU P 95 60.95 -44.55 -6.74
N GLN P 96 60.57 -43.91 -5.64
CA GLN P 96 59.23 -43.26 -5.57
C GLN P 96 59.09 -42.23 -6.70
N GLN P 97 60.11 -41.40 -6.94
CA GLN P 97 60.07 -40.27 -7.92
C GLN P 97 60.01 -40.78 -9.37
N GLN P 98 60.16 -42.09 -9.61
CA GLN P 98 60.11 -42.66 -10.99
C GLN P 98 58.65 -42.68 -11.45
N LEU P 99 57.68 -42.69 -10.53
CA LEU P 99 56.26 -42.68 -10.97
C LEU P 99 55.72 -41.24 -10.89
N ALA P 100 56.57 -40.26 -10.59
CA ALA P 100 56.18 -38.82 -10.53
C ALA P 100 55.32 -38.43 -11.74
N GLY P 101 54.11 -37.96 -11.47
CA GLY P 101 53.15 -37.50 -12.48
C GLY P 101 52.23 -38.62 -12.94
N GLN P 102 52.44 -39.89 -12.51
CA GLN P 102 51.62 -41.03 -13.00
C GLN P 102 50.53 -41.35 -11.96
N PHE P 103 50.84 -41.28 -10.67
CA PHE P 103 49.95 -41.78 -9.61
C PHE P 103 49.99 -40.88 -8.38
N ASP P 104 50.03 -39.56 -8.57
CA ASP P 104 50.25 -38.53 -7.49
C ASP P 104 49.01 -38.44 -6.60
N ASP P 105 47.85 -38.82 -7.10
CA ASP P 105 46.59 -38.71 -6.33
C ASP P 105 46.39 -40.01 -5.56
N LEU P 106 47.17 -41.04 -5.82
CA LEU P 106 46.97 -42.38 -5.18
C LEU P 106 47.60 -42.49 -3.78
N PRO P 107 46.95 -43.23 -2.85
CA PRO P 107 47.61 -43.62 -1.58
C PRO P 107 48.78 -44.58 -1.84
N TRP P 108 49.86 -44.39 -1.11
CA TRP P 108 51.20 -45.01 -1.31
C TRP P 108 51.57 -45.78 -0.06
N VAL P 109 51.59 -47.11 -0.13
CA VAL P 109 52.00 -48.04 0.96
C VAL P 109 53.39 -48.63 0.70
N VAL P 110 54.29 -48.51 1.66
CA VAL P 110 55.62 -49.21 1.67
C VAL P 110 55.50 -50.54 2.43
N PHE P 111 55.92 -51.63 1.80
CA PHE P 111 56.01 -52.97 2.44
C PHE P 111 57.48 -53.36 2.43
N GLY P 112 58.06 -53.55 3.60
CA GLY P 112 59.51 -53.87 3.74
C GLY P 112 59.71 -55.20 4.46
N HIS P 113 60.57 -56.06 3.91
CA HIS P 113 60.93 -57.34 4.56
C HIS P 113 62.37 -57.28 5.07
N SER P 114 62.58 -57.52 6.38
CA SER P 114 63.90 -57.73 7.06
C SER P 114 64.74 -56.44 6.91
N TRP P 115 65.92 -56.50 6.28
CA TRP P 115 66.69 -55.30 5.88
C TRP P 115 65.74 -54.30 5.23
N GLY P 116 64.77 -54.78 4.45
CA GLY P 116 63.76 -53.92 3.79
C GLY P 116 62.88 -53.17 4.80
N SER P 117 62.46 -53.83 5.87
CA SER P 117 61.72 -53.21 7.01
C SER P 117 62.53 -52.10 7.69
N MET P 118 63.85 -52.26 7.76
CA MET P 118 64.71 -51.31 8.47
C MET P 118 64.84 -50.08 7.57
N ILE P 119 65.01 -50.34 6.28
CA ILE P 119 65.09 -49.26 5.28
C ILE P 119 63.77 -48.48 5.34
N ALA P 120 62.66 -49.20 5.37
CA ALA P 120 61.28 -48.66 5.46
C ALA P 120 61.08 -47.81 6.72
N ARG P 121 61.53 -48.25 7.88
CA ARG P 121 61.30 -47.43 9.10
C ARG P 121 62.15 -46.17 9.00
N ALA P 122 63.37 -46.31 8.52
CA ALA P 122 64.30 -45.18 8.35
C ALA P 122 63.70 -44.22 7.34
N MET P 123 63.08 -44.72 6.29
CA MET P 123 62.47 -43.83 5.28
C MET P 123 61.33 -43.02 5.90
N ALA P 124 60.56 -43.63 6.80
CA ALA P 124 59.33 -43.06 7.42
C ALA P 124 59.69 -41.83 8.27
N THR P 125 60.84 -41.85 8.91
CA THR P 125 61.40 -40.79 9.78
C THR P 125 62.05 -39.64 8.96
N ARG P 126 61.95 -39.68 7.63
CA ARG P 126 62.55 -38.63 6.77
C ARG P 126 61.47 -37.69 6.22
N PRO P 127 61.74 -36.38 6.21
CA PRO P 127 60.81 -35.37 5.70
C PRO P 127 60.10 -35.62 4.37
N GLY P 128 60.86 -35.79 3.31
CA GLY P 128 60.20 -35.99 2.02
C GLY P 128 60.10 -37.46 1.70
N THR P 129 59.20 -38.16 2.36
CA THR P 129 58.94 -39.57 2.03
C THR P 129 57.45 -39.68 1.76
N ARG P 130 57.09 -40.38 0.68
CA ARG P 130 55.67 -40.64 0.35
C ARG P 130 55.28 -41.89 1.11
N LEU P 131 54.49 -41.72 2.14
CA LEU P 131 54.09 -42.84 3.01
C LEU P 131 52.71 -42.53 3.59
N ASP P 132 51.69 -43.22 3.07
CA ASP P 132 50.30 -43.17 3.58
C ASP P 132 49.99 -44.38 4.47
N GLY P 133 50.76 -45.46 4.36
CA GLY P 133 50.61 -46.63 5.25
C GLY P 133 51.92 -47.40 5.27
N LEU P 134 52.30 -48.00 6.39
CA LEU P 134 53.60 -48.73 6.55
C LEU P 134 53.33 -50.19 6.90
N ALA P 135 53.89 -51.10 6.12
CA ALA P 135 53.73 -52.55 6.28
C ALA P 135 55.11 -53.18 6.45
N LEU P 136 55.36 -53.78 7.60
CA LEU P 136 56.68 -54.37 7.97
C LEU P 136 56.50 -55.88 8.11
N CYS P 137 57.44 -56.65 7.57
CA CYS P 137 57.46 -58.13 7.58
C CYS P 137 58.85 -58.55 8.04
N GLY P 138 58.94 -59.57 8.91
CA GLY P 138 60.25 -60.07 9.40
C GLY P 138 61.03 -58.97 10.07
N ILE P 139 60.40 -58.21 10.93
CA ILE P 139 60.98 -57.00 11.54
C ILE P 139 62.28 -57.34 12.28
N VAL P 140 63.26 -56.45 12.21
CA VAL P 140 64.54 -56.61 12.97
C VAL P 140 64.45 -55.69 14.18
N ALA P 141 64.14 -56.26 15.35
CA ALA P 141 64.07 -55.51 16.62
C ALA P 141 64.51 -56.41 17.78
N GLN P 142 65.56 -56.00 18.49
CA GLN P 142 65.97 -56.52 19.82
C GLN P 142 66.51 -57.94 19.75
N PRO P 143 67.07 -58.42 18.62
CA PRO P 143 67.76 -59.72 18.62
C PRO P 143 69.15 -59.54 19.24
N ARG P 144 69.72 -60.59 19.83
CA ARG P 144 70.91 -60.54 20.74
C ARG P 144 72.10 -59.93 19.97
N GLY P 145 72.31 -60.39 18.74
CA GLY P 145 73.40 -59.91 17.86
C GLY P 145 73.48 -58.40 17.78
N PHE P 146 72.43 -57.76 17.27
CA PHE P 146 72.42 -56.30 16.98
C PHE P 146 72.43 -55.53 18.29
N GLU P 147 71.84 -56.12 19.32
CA GLU P 147 71.53 -55.42 20.60
C GLU P 147 72.79 -55.29 21.43
N THR P 148 73.49 -56.40 21.66
CA THR P 148 74.57 -56.55 22.66
C THR P 148 75.83 -57.14 22.00
N THR P 149 75.74 -58.27 21.26
CA THR P 149 76.90 -59.05 20.74
C THR P 149 77.77 -58.24 19.76
N LEU P 150 77.22 -57.54 18.75
CA LEU P 150 78.08 -56.83 17.75
C LEU P 150 78.99 -55.85 18.51
N ASP P 151 80.31 -56.07 18.44
CA ASP P 151 81.36 -55.19 19.02
C ASP P 151 81.63 -54.04 18.06
N HIS P 152 81.11 -52.85 18.42
CA HIS P 152 81.04 -51.67 17.53
C HIS P 152 82.42 -51.01 17.37
N LYS P 153 83.31 -51.14 18.35
CA LYS P 153 84.73 -50.64 18.27
C LYS P 153 85.43 -51.40 17.12
N THR P 154 85.56 -52.73 17.27
CA THR P 154 86.13 -53.69 16.30
C THR P 154 85.62 -53.34 14.91
N LEU P 155 84.33 -53.04 14.82
CA LEU P 155 83.69 -52.74 13.53
C LEU P 155 84.24 -51.41 13.04
N ALA P 156 84.44 -50.43 13.91
CA ALA P 156 84.96 -49.10 13.46
C ALA P 156 86.43 -49.22 13.05
N LYS P 157 87.23 -50.00 13.79
CA LYS P 157 88.64 -50.38 13.46
C LYS P 157 88.71 -50.95 12.03
N ALA P 158 87.87 -51.95 11.72
CA ALA P 158 87.84 -52.60 10.39
C ALA P 158 87.44 -51.56 9.33
N MET P 159 86.57 -50.61 9.69
CA MET P 159 86.21 -49.46 8.83
C MET P 159 87.43 -48.52 8.68
N ALA P 160 88.27 -48.44 9.71
CA ALA P 160 89.47 -47.58 9.71
C ALA P 160 90.49 -48.17 8.71
N THR P 161 90.91 -49.43 8.90
CA THR P 161 91.98 -50.13 8.13
C THR P 161 91.50 -50.53 6.71
N ALA P 162 90.27 -51.05 6.52
CA ALA P 162 89.85 -51.61 5.21
C ALA P 162 88.33 -51.79 5.10
N PRO P 163 87.61 -50.71 4.71
CA PRO P 163 86.15 -50.76 4.56
C PRO P 163 85.63 -51.56 3.37
N THR P 164 86.49 -51.76 2.38
CA THR P 164 86.18 -52.39 1.07
C THR P 164 86.42 -53.91 1.20
N ASP P 165 87.13 -54.34 2.24
CA ASP P 165 87.49 -55.78 2.37
C ASP P 165 86.23 -56.59 2.66
N PRO P 166 86.26 -57.92 2.47
CA PRO P 166 85.19 -58.78 2.97
C PRO P 166 85.07 -58.60 4.49
N ALA P 167 83.87 -58.42 5.01
CA ALA P 167 83.62 -58.22 6.45
C ALA P 167 84.33 -59.34 7.20
N PRO P 168 85.16 -59.04 8.22
CA PRO P 168 85.74 -60.09 9.04
C PRO P 168 84.68 -61.06 9.61
N GLU P 169 84.99 -62.36 9.72
CA GLU P 169 84.04 -63.39 10.22
C GLU P 169 83.49 -63.00 11.59
N ALA P 170 84.31 -62.43 12.47
CA ALA P 170 83.94 -62.16 13.87
C ALA P 170 82.70 -61.25 13.88
N LEU P 171 82.72 -60.21 13.05
CA LEU P 171 81.66 -59.19 13.03
C LEU P 171 80.40 -59.74 12.36
N VAL P 172 80.53 -60.66 11.40
CA VAL P 172 79.35 -61.28 10.72
C VAL P 172 78.63 -62.20 11.71
N ALA P 173 79.35 -63.05 12.42
CA ALA P 173 78.74 -63.98 13.40
C ALA P 173 78.16 -63.20 14.61
N GLN P 174 78.81 -62.11 15.04
CA GLN P 174 78.28 -61.25 16.14
C GLN P 174 76.93 -60.63 15.71
N MET P 175 76.94 -59.93 14.58
CA MET P 175 75.71 -59.30 14.05
C MET P 175 74.54 -60.29 14.04
N PHE P 176 74.75 -61.51 13.54
CA PHE P 176 73.69 -62.53 13.30
C PHE P 176 73.66 -63.50 14.49
N ASP P 177 74.28 -63.14 15.62
CA ASP P 177 74.19 -63.91 16.88
C ASP P 177 72.72 -63.89 17.33
N GLY P 178 72.19 -65.06 17.66
CA GLY P 178 70.78 -65.24 18.01
C GLY P 178 70.00 -65.90 16.89
N PHE P 179 70.51 -65.99 15.65
CA PHE P 179 69.66 -66.46 14.51
C PHE P 179 69.52 -67.98 14.55
N ALA P 180 70.54 -68.66 15.08
CA ALA P 180 70.64 -70.12 15.17
C ALA P 180 69.98 -70.65 16.43
N ASP P 181 69.42 -69.83 17.33
CA ASP P 181 69.05 -70.29 18.71
C ASP P 181 68.01 -71.41 18.69
N ARG P 182 67.16 -71.50 17.68
CA ARG P 182 66.00 -72.43 17.70
C ARG P 182 66.03 -73.37 16.51
N LEU P 183 67.23 -73.56 15.98
CA LEU P 183 67.49 -74.47 14.86
C LEU P 183 68.13 -75.76 15.38
N SER P 184 67.71 -76.91 14.87
CA SER P 184 68.28 -78.23 15.22
C SER P 184 69.50 -78.50 14.33
N GLU P 185 70.16 -79.63 14.50
CA GLU P 185 71.33 -79.82 13.60
C GLU P 185 70.86 -80.15 12.19
N ASP P 186 69.72 -80.82 12.08
CA ASP P 186 69.21 -81.16 10.74
C ASP P 186 69.02 -79.87 9.95
N ASP P 187 68.32 -78.90 10.56
CA ASP P 187 67.87 -77.57 10.07
C ASP P 187 68.83 -76.89 9.08
N GLY P 188 70.11 -76.74 9.42
CA GLY P 188 71.05 -76.09 8.49
C GLY P 188 71.33 -74.65 8.88
N PRO P 189 72.41 -74.02 8.38
CA PRO P 189 72.77 -72.67 8.79
C PRO P 189 71.79 -71.56 8.42
N THR P 190 70.83 -71.87 7.56
CA THR P 190 69.84 -70.87 7.07
C THR P 190 68.43 -71.32 7.45
N GLY P 191 68.29 -72.34 8.30
CA GLY P 191 66.97 -72.89 8.68
C GLY P 191 66.06 -71.84 9.29
N TRP P 192 66.62 -70.76 9.80
CA TRP P 192 65.83 -69.65 10.37
C TRP P 192 64.99 -68.95 9.29
N VAL P 193 65.34 -69.11 8.01
CA VAL P 193 64.70 -68.40 6.87
C VAL P 193 63.20 -68.77 6.84
N ALA P 194 62.90 -70.04 7.03
CA ALA P 194 61.51 -70.55 7.03
C ALA P 194 61.51 -71.96 7.63
N ARG P 195 60.41 -72.34 8.30
CA ARG P 195 60.14 -73.74 8.71
C ARG P 195 60.07 -74.66 7.48
N SER P 196 59.43 -74.25 6.39
CA SER P 196 59.44 -75.04 5.12
C SER P 196 60.85 -75.12 4.53
N LYS P 197 61.37 -76.33 4.45
CA LYS P 197 62.70 -76.67 3.91
C LYS P 197 62.73 -76.41 2.41
N GLU P 198 61.60 -76.50 1.75
CA GLU P 198 61.48 -76.23 0.29
C GLU P 198 61.81 -74.74 0.06
N VAL P 199 61.25 -73.86 0.88
CA VAL P 199 61.52 -72.41 0.73
C VAL P 199 63.01 -72.17 0.96
N VAL P 200 63.58 -72.81 1.98
CA VAL P 200 65.02 -72.59 2.33
C VAL P 200 65.89 -73.07 1.16
N ALA P 201 65.57 -74.25 0.64
CA ALA P 201 66.32 -74.91 -0.44
C ALA P 201 66.28 -74.02 -1.70
N ASP P 202 65.08 -73.51 -2.02
CA ASP P 202 64.86 -72.57 -3.15
C ASP P 202 65.61 -71.27 -2.86
N HIS P 203 65.52 -70.70 -1.66
CA HIS P 203 66.31 -69.50 -1.20
C HIS P 203 67.81 -69.69 -1.52
N GLY P 204 68.41 -70.84 -1.18
CA GLY P 204 69.83 -71.18 -1.43
C GLY P 204 70.15 -71.35 -2.91
N LYS P 205 69.20 -71.75 -3.76
CA LYS P 205 69.48 -72.12 -5.18
C LYS P 205 69.33 -70.89 -6.11
N ASP P 206 68.34 -70.05 -5.91
CA ASP P 206 67.98 -68.89 -6.78
C ASP P 206 69.22 -68.07 -7.12
N LYS P 207 69.60 -67.99 -8.39
CA LYS P 207 70.81 -67.26 -8.82
C LYS P 207 70.71 -65.76 -8.54
N PHE P 208 69.50 -65.24 -8.40
CA PHE P 208 69.32 -63.80 -8.12
C PHE P 208 69.52 -63.50 -6.63
N ASN P 209 69.71 -64.55 -5.84
CA ASN P 209 69.97 -64.41 -4.40
C ASN P 209 71.46 -64.45 -4.14
N ASN P 210 72.22 -65.18 -4.93
CA ASN P 210 73.68 -65.36 -4.74
C ASN P 210 73.96 -65.67 -3.26
N PHE P 211 73.51 -66.83 -2.81
CA PHE P 211 73.55 -67.35 -1.40
C PHE P 211 74.68 -66.81 -0.52
N GLY P 212 75.88 -67.35 -0.66
CA GLY P 212 76.95 -66.95 0.28
C GLY P 212 77.79 -65.78 -0.15
N ALA P 213 77.25 -64.82 -0.89
CA ALA P 213 78.07 -63.68 -1.26
C ALA P 213 78.56 -62.97 0.02
N PRO P 214 79.89 -62.87 0.22
CA PRO P 214 80.45 -62.24 1.40
C PRO P 214 80.23 -60.72 1.42
N MET P 215 79.76 -60.25 2.56
CA MET P 215 79.45 -58.81 2.79
C MET P 215 80.76 -58.03 2.93
N SER P 216 80.84 -56.84 2.36
CA SER P 216 81.92 -55.88 2.69
C SER P 216 81.70 -55.30 4.10
N THR P 217 82.78 -54.81 4.70
CA THR P 217 82.86 -54.19 6.05
C THR P 217 81.95 -52.96 6.04
N ARG P 218 82.02 -52.16 4.98
CA ARG P 218 81.24 -50.91 4.89
C ARG P 218 79.76 -51.26 4.76
N PHE P 219 79.41 -52.29 3.99
CA PHE P 219 78.00 -52.81 3.90
C PHE P 219 77.49 -53.19 5.29
N LEU P 220 78.34 -53.86 6.06
CA LEU P 220 78.01 -54.38 7.40
C LEU P 220 77.85 -53.17 8.36
N GLN P 221 78.70 -52.15 8.25
CA GLN P 221 78.53 -50.87 8.96
C GLN P 221 77.17 -50.28 8.54
N GLY P 222 76.84 -50.33 7.26
CA GLY P 222 75.53 -49.91 6.77
C GLY P 222 74.40 -50.63 7.51
N LEU P 223 74.52 -51.92 7.84
CA LEU P 223 73.45 -52.68 8.50
C LEU P 223 73.30 -52.23 9.96
N ALA P 224 74.41 -52.09 10.68
CA ALA P 224 74.40 -51.53 12.06
C ALA P 224 73.81 -50.10 12.05
N ASP P 225 74.19 -49.26 11.10
CA ASP P 225 73.62 -47.90 10.93
C ASP P 225 72.09 -48.00 10.73
N ILE P 226 71.62 -48.90 9.86
CA ILE P 226 70.18 -48.95 9.49
C ILE P 226 69.38 -49.54 10.67
N TYR P 227 69.94 -50.47 11.45
CA TYR P 227 69.31 -51.05 12.65
C TYR P 227 69.06 -49.93 13.68
N ALA P 228 70.08 -49.12 13.98
CA ALA P 228 70.03 -47.98 14.92
C ALA P 228 69.02 -46.94 14.40
N MET P 229 69.00 -46.65 13.11
CA MET P 229 67.96 -45.73 12.57
C MET P 229 66.56 -46.34 12.78
N ALA P 230 66.31 -47.58 12.37
CA ALA P 230 64.98 -48.24 12.46
C ALA P 230 64.48 -48.38 13.91
N ASN P 231 65.38 -48.62 14.87
CA ASN P 231 65.03 -48.98 16.27
C ASN P 231 65.37 -47.82 17.23
N GLY P 232 65.85 -46.70 16.71
CA GLY P 232 66.19 -45.49 17.51
C GLY P 232 64.98 -44.75 18.05
N ASP P 233 65.25 -43.76 18.90
CA ASP P 233 64.23 -42.91 19.50
C ASP P 233 63.59 -42.05 18.41
N SER P 234 64.35 -41.52 17.46
CA SER P 234 63.77 -40.58 16.48
C SER P 234 62.80 -41.33 15.57
N PHE P 235 63.02 -42.63 15.27
CA PHE P 235 61.99 -43.38 14.51
C PHE P 235 60.66 -43.33 15.28
N TYR P 236 60.66 -43.73 16.54
CA TYR P 236 59.39 -43.84 17.32
C TYR P 236 58.75 -42.46 17.46
N ALA P 237 59.54 -41.39 17.62
CA ALA P 237 59.06 -40.02 17.90
C ALA P 237 58.55 -39.35 16.63
N THR P 238 59.13 -39.67 15.45
CA THR P 238 58.86 -38.93 14.21
C THR P 238 57.86 -39.74 13.38
N MET P 239 57.61 -40.98 13.70
CA MET P 239 56.74 -41.86 12.87
C MET P 239 55.44 -41.10 12.59
N PRO P 240 55.07 -40.90 11.31
CA PRO P 240 53.82 -40.22 11.02
C PRO P 240 52.60 -41.00 11.53
N ASN P 241 51.49 -40.29 11.63
CA ASN P 241 50.21 -40.78 12.20
C ASN P 241 49.49 -41.50 11.07
N ILE P 242 50.00 -42.64 10.65
CA ILE P 242 49.37 -43.41 9.54
C ILE P 242 49.15 -44.84 9.99
N PRO P 243 48.31 -45.62 9.30
CA PRO P 243 48.17 -47.05 9.59
C PRO P 243 49.52 -47.75 9.44
N ILE P 244 49.79 -48.66 10.39
CA ILE P 244 50.99 -49.53 10.45
C ILE P 244 50.48 -50.96 10.61
N VAL P 245 51.04 -51.88 9.81
CA VAL P 245 50.78 -53.35 9.90
C VAL P 245 52.13 -54.08 10.00
N LEU P 246 52.21 -55.06 10.92
CA LEU P 246 53.42 -55.84 11.27
C LEU P 246 53.09 -57.32 11.03
N PHE P 247 53.98 -58.03 10.34
CA PHE P 247 53.90 -59.45 9.97
C PHE P 247 55.17 -60.13 10.50
N ALA P 248 55.07 -61.12 11.37
CA ALA P 248 56.25 -61.85 11.90
C ALA P 248 55.86 -63.25 12.34
N GLY P 249 56.82 -64.18 12.24
CA GLY P 249 56.70 -65.54 12.80
C GLY P 249 57.13 -65.58 14.27
N SER P 250 56.42 -66.32 15.13
CA SER P 250 56.79 -66.44 16.57
C SER P 250 58.23 -67.00 16.69
N GLU P 251 58.71 -67.78 15.70
CA GLU P 251 60.04 -68.48 15.69
C GLU P 251 61.07 -67.71 14.84
N ASP P 252 60.79 -66.44 14.57
CA ASP P 252 61.69 -65.62 13.74
C ASP P 252 62.75 -64.99 14.65
N PRO P 253 64.06 -65.25 14.49
CA PRO P 253 65.07 -64.61 15.35
C PRO P 253 65.27 -63.10 15.15
N ALA P 254 65.10 -62.63 13.92
CA ALA P 254 65.16 -61.19 13.55
C ALA P 254 64.46 -60.34 14.63
N GLY P 255 63.27 -60.73 15.11
CA GLY P 255 62.47 -59.93 16.05
C GLY P 255 62.43 -60.54 17.45
N ASP P 256 63.52 -61.21 17.83
CA ASP P 256 63.73 -61.90 19.12
C ASP P 256 62.49 -62.79 19.40
N PHE P 257 62.10 -63.60 18.43
CA PHE P 257 61.09 -64.69 18.58
C PHE P 257 59.78 -64.07 19.04
N GLY P 258 59.40 -62.97 18.39
CA GLY P 258 58.15 -62.24 18.63
C GLY P 258 58.28 -61.21 19.73
N THR P 259 59.22 -61.37 20.68
CA THR P 259 59.36 -60.45 21.85
C THR P 259 59.74 -59.04 21.35
N GLY P 260 60.67 -58.93 20.40
CA GLY P 260 61.10 -57.68 19.74
C GLY P 260 59.96 -56.99 19.03
N VAL P 261 59.19 -57.76 18.25
CA VAL P 261 58.01 -57.24 17.47
C VAL P 261 56.95 -56.68 18.44
N LYS P 262 56.57 -57.44 19.47
CA LYS P 262 55.60 -56.99 20.51
C LYS P 262 56.03 -55.60 21.01
N ALA P 263 57.31 -55.44 21.32
CA ALA P 263 57.85 -54.22 21.95
C ALA P 263 57.72 -53.04 20.99
N VAL P 264 57.90 -53.28 19.68
CA VAL P 264 57.77 -52.21 18.64
C VAL P 264 56.29 -51.83 18.59
N ALA P 265 55.42 -52.82 18.56
CA ALA P 265 53.96 -52.62 18.49
C ALA P 265 53.57 -51.83 19.73
N GLU P 266 53.98 -52.23 20.95
CA GLU P 266 53.44 -51.57 22.18
C GLU P 266 53.99 -50.14 22.27
N ARG P 267 55.24 -49.94 21.84
CA ARG P 267 55.87 -48.60 21.93
C ARG P 267 55.16 -47.66 20.94
N LEU P 268 54.83 -48.14 19.76
CA LEU P 268 54.12 -47.34 18.76
C LEU P 268 52.73 -46.98 19.32
N ARG P 269 52.08 -47.92 20.03
CA ARG P 269 50.71 -47.73 20.58
C ARG P 269 50.74 -46.69 21.70
N ARG P 270 51.81 -46.66 22.50
CA ARG P 270 51.95 -45.69 23.62
C ARG P 270 51.94 -44.29 23.03
N ASP P 271 52.49 -44.13 21.82
CA ASP P 271 52.53 -42.80 21.15
C ASP P 271 51.24 -42.59 20.36
N GLY P 272 50.23 -43.45 20.50
CA GLY P 272 48.88 -43.23 19.94
C GLY P 272 48.71 -43.74 18.52
N HIS P 273 49.60 -44.61 18.04
CA HIS P 273 49.56 -45.13 16.65
C HIS P 273 48.54 -46.28 16.49
N ASN P 274 48.01 -46.37 15.28
CA ASN P 274 47.11 -47.45 14.81
C ASN P 274 48.01 -48.58 14.29
N VAL P 275 48.19 -49.63 15.09
CA VAL P 275 49.10 -50.74 14.74
C VAL P 275 48.25 -52.02 14.68
N GLU P 276 48.39 -52.78 13.60
CA GLU P 276 47.76 -54.10 13.42
C GLU P 276 48.90 -55.13 13.41
N LEU P 277 48.85 -56.15 14.28
CA LEU P 277 49.96 -57.12 14.47
C LEU P 277 49.51 -58.55 14.11
N HIS P 278 50.17 -59.16 13.11
CA HIS P 278 50.00 -60.57 12.72
C HIS P 278 51.26 -61.34 13.13
N LEU P 279 51.17 -62.10 14.21
CA LEU P 279 52.22 -63.01 14.71
C LEU P 279 51.80 -64.44 14.34
N TYR P 280 52.53 -65.11 13.46
CA TYR P 280 52.18 -66.47 12.95
C TYR P 280 52.90 -67.53 13.80
N ASP P 281 52.10 -68.30 14.52
CA ASP P 281 52.57 -69.22 15.59
C ASP P 281 53.32 -70.37 14.90
N GLY P 282 54.59 -70.58 15.27
CA GLY P 282 55.42 -71.74 14.87
C GLY P 282 56.26 -71.46 13.63
N LEU P 283 56.11 -70.28 13.02
CA LEU P 283 56.72 -69.96 11.71
C LEU P 283 57.94 -69.09 11.93
N ARG P 284 58.85 -69.12 10.96
CA ARG P 284 60.15 -68.45 11.07
C ARG P 284 60.05 -67.14 10.29
N HIS P 285 61.13 -66.71 9.65
CA HIS P 285 61.33 -65.31 9.20
C HIS P 285 60.42 -64.96 8.02
N GLU P 286 60.36 -65.82 7.01
CA GLU P 286 59.74 -65.44 5.70
C GLU P 286 58.25 -65.86 5.70
N VAL P 287 57.44 -65.27 6.58
CA VAL P 287 56.01 -65.61 6.72
C VAL P 287 55.26 -65.27 5.40
N HIS P 288 55.81 -64.41 4.56
CA HIS P 288 55.19 -64.09 3.25
C HIS P 288 55.46 -65.24 2.28
N ASN P 289 56.41 -66.13 2.61
CA ASN P 289 56.76 -67.29 1.73
C ASN P 289 56.41 -68.62 2.41
N GLU P 290 56.21 -68.70 3.73
CA GLU P 290 55.82 -69.99 4.39
C GLU P 290 54.48 -70.41 3.78
N PRO P 291 54.32 -71.68 3.34
CA PRO P 291 53.07 -72.09 2.69
C PRO P 291 51.82 -71.90 3.56
N GLU P 292 51.90 -72.03 4.88
CA GLU P 292 50.69 -71.98 5.74
C GLU P 292 50.30 -70.52 6.06
N SER P 293 51.14 -69.51 5.86
CA SER P 293 50.85 -68.11 6.26
C SER P 293 50.76 -67.14 5.07
N ARG P 294 51.32 -67.47 3.91
CA ARG P 294 51.42 -66.59 2.72
C ARG P 294 50.04 -65.99 2.41
N ALA P 295 49.03 -66.84 2.29
CA ALA P 295 47.71 -66.44 1.76
C ALA P 295 47.16 -65.37 2.72
N ASP P 296 47.41 -65.57 4.02
CA ASP P 296 46.88 -64.66 5.09
C ASP P 296 47.69 -63.34 5.09
N VAL P 297 48.99 -63.37 4.84
CA VAL P 297 49.84 -62.15 4.78
C VAL P 297 49.30 -61.30 3.63
N GLU P 298 49.04 -61.93 2.48
CA GLU P 298 48.62 -61.25 1.24
C GLU P 298 47.21 -60.65 1.42
N SER P 299 46.23 -61.42 1.89
CA SER P 299 44.84 -60.94 2.06
C SER P 299 44.77 -59.92 3.19
N SER P 300 45.58 -60.05 4.25
CA SER P 300 45.67 -58.98 5.32
C SER P 300 46.31 -57.71 4.72
N LEU P 301 47.31 -57.85 3.87
CA LEU P 301 47.98 -56.69 3.25
C LEU P 301 47.03 -55.94 2.32
N VAL P 302 46.27 -56.67 1.50
CA VAL P 302 45.25 -56.11 0.57
C VAL P 302 44.26 -55.33 1.43
N THR P 303 43.62 -56.00 2.40
CA THR P 303 42.63 -55.41 3.34
C THR P 303 43.22 -54.12 3.93
N PHE P 304 44.50 -54.12 4.30
CA PHE P 304 45.20 -52.96 4.90
C PHE P 304 45.35 -51.81 3.90
N VAL P 305 45.80 -52.09 2.69
CA VAL P 305 45.96 -51.07 1.63
C VAL P 305 44.58 -50.47 1.32
N ASP P 306 43.53 -51.30 1.28
CA ASP P 306 42.14 -50.84 0.99
C ASP P 306 41.65 -49.85 2.06
N ARG P 307 42.06 -50.08 3.30
CA ARG P 307 41.76 -49.28 4.50
C ARG P 307 42.54 -47.96 4.44
N VAL P 308 43.74 -47.97 3.86
CA VAL P 308 44.59 -46.75 3.72
C VAL P 308 44.01 -45.88 2.60
N ALA P 309 43.33 -46.52 1.66
CA ALA P 309 42.71 -45.88 0.47
C ALA P 309 41.39 -45.17 0.82
N ASN P 310 40.89 -45.32 2.04
CA ASN P 310 39.64 -44.66 2.48
C ASN P 310 39.98 -43.60 3.53
N ARG P 311 40.20 -42.37 3.05
CA ARG P 311 40.44 -41.13 3.84
C ARG P 311 40.14 -39.91 2.97
N ALA Q 2 -21.37 -56.87 24.41
CA ALA Q 2 -20.08 -56.51 23.84
C ALA Q 2 -20.36 -55.86 22.49
N LEU Q 3 -19.50 -54.97 22.04
CA LEU Q 3 -19.66 -54.29 20.74
C LEU Q 3 -18.39 -54.49 19.90
N GLN Q 4 -18.57 -54.77 18.62
CA GLN Q 4 -17.51 -54.88 17.60
C GLN Q 4 -17.79 -53.89 16.48
N GLU Q 5 -16.79 -53.08 16.13
CA GLU Q 5 -16.75 -52.29 14.88
C GLU Q 5 -16.02 -53.17 13.88
N ILE Q 6 -16.79 -53.68 12.92
CA ILE Q 6 -16.29 -54.21 11.64
C ILE Q 6 -16.49 -53.15 10.58
N GLU Q 7 -15.53 -53.04 9.70
CA GLU Q 7 -15.54 -52.11 8.57
C GLU Q 7 -14.88 -53.00 7.56
N PHE Q 8 -15.24 -52.91 6.29
CA PHE Q 8 -14.55 -53.66 5.23
C PHE Q 8 -14.80 -52.89 3.95
N THR Q 9 -13.93 -53.06 2.97
CA THR Q 9 -14.02 -52.38 1.67
C THR Q 9 -15.17 -53.01 0.90
N SER Q 10 -16.15 -52.20 0.51
CA SER Q 10 -17.30 -52.64 -0.29
C SER Q 10 -16.79 -53.37 -1.53
N HIS Q 11 -17.62 -54.23 -2.08
CA HIS Q 11 -17.42 -54.83 -3.42
C HIS Q 11 -17.23 -53.72 -4.45
N ASN Q 12 -17.78 -52.51 -4.24
CA ASN Q 12 -17.69 -51.41 -5.25
C ASN Q 12 -16.27 -50.82 -5.29
N GLY Q 13 -15.41 -51.11 -4.31
CA GLY Q 13 -14.03 -50.57 -4.21
C GLY Q 13 -13.93 -49.14 -3.67
N ARG Q 14 -15.01 -48.37 -3.60
CA ARG Q 14 -14.99 -46.97 -3.10
C ARG Q 14 -15.26 -46.98 -1.59
N ASP Q 15 -16.41 -47.50 -1.16
CA ASP Q 15 -16.97 -47.34 0.21
C ASP Q 15 -16.26 -48.24 1.23
N ALA Q 16 -15.94 -47.69 2.42
CA ALA Q 16 -15.75 -48.44 3.68
C ALA Q 16 -17.12 -48.71 4.31
N ILE Q 17 -17.63 -49.93 4.15
CA ILE Q 17 -18.93 -50.34 4.74
C ILE Q 17 -18.82 -50.29 6.27
N GLN Q 18 -19.57 -49.39 6.89
CA GLN Q 18 -19.71 -49.26 8.35
C GLN Q 18 -20.64 -50.37 8.87
N ALA Q 19 -20.15 -51.11 9.85
CA ALA Q 19 -20.82 -52.34 10.32
C ALA Q 19 -20.60 -52.50 11.83
N TRP Q 20 -21.52 -53.22 12.47
CA TRP Q 20 -21.51 -53.47 13.93
C TRP Q 20 -21.87 -54.92 14.18
N ALA Q 21 -21.20 -55.58 15.12
CA ALA Q 21 -21.71 -56.80 15.78
C ALA Q 21 -21.97 -56.42 17.24
N TYR Q 22 -23.18 -56.72 17.69
CA TYR Q 22 -23.63 -56.58 19.09
C TYR Q 22 -23.78 -57.98 19.64
N GLU Q 23 -22.98 -58.36 20.64
CA GLU Q 23 -23.03 -59.71 21.24
C GLU Q 23 -23.76 -59.58 22.56
N PRO Q 24 -24.69 -60.50 22.93
CA PRO Q 24 -25.38 -60.40 24.22
C PRO Q 24 -24.48 -60.85 25.38
N VAL Q 25 -24.93 -60.61 26.63
CA VAL Q 25 -24.27 -61.16 27.85
C VAL Q 25 -24.66 -62.65 27.92
N GLY Q 26 -23.72 -63.53 28.24
CA GLY Q 26 -23.98 -64.99 28.30
C GLY Q 26 -23.62 -65.74 27.02
N THR Q 27 -24.14 -66.95 26.88
CA THR Q 27 -23.91 -67.80 25.69
C THR Q 27 -25.03 -67.48 24.69
N PRO Q 28 -24.72 -66.93 23.50
CA PRO Q 28 -25.77 -66.67 22.51
C PRO Q 28 -26.29 -67.95 21.84
N THR Q 29 -27.60 -68.00 21.50
CA THR Q 29 -28.29 -69.15 20.82
C THR Q 29 -28.37 -68.97 19.30
N ALA Q 30 -28.18 -67.76 18.77
CA ALA Q 30 -28.30 -67.51 17.31
C ALA Q 30 -27.63 -66.19 16.94
N VAL Q 31 -27.47 -66.02 15.63
CA VAL Q 31 -27.06 -64.77 14.96
C VAL Q 31 -28.23 -64.27 14.11
N VAL Q 32 -28.54 -62.97 14.22
CA VAL Q 32 -29.54 -62.30 13.34
C VAL Q 32 -28.82 -61.17 12.58
N GLN Q 33 -28.88 -61.23 11.26
CA GLN Q 33 -28.36 -60.20 10.33
C GLN Q 33 -29.55 -59.32 9.91
N ILE Q 34 -29.66 -58.12 10.49
CA ILE Q 34 -30.56 -57.04 10.01
C ILE Q 34 -29.99 -56.46 8.70
N ILE Q 35 -30.78 -56.45 7.64
CA ILE Q 35 -30.45 -55.75 6.37
C ILE Q 35 -31.50 -54.67 6.18
N HIS Q 36 -31.07 -53.43 6.38
CA HIS Q 36 -31.91 -52.21 6.31
C HIS Q 36 -32.31 -51.93 4.86
N GLY Q 37 -33.31 -51.08 4.66
CA GLY Q 37 -33.80 -50.73 3.32
C GLY Q 37 -33.33 -49.37 2.84
N LEU Q 38 -34.02 -48.90 1.80
CA LEU Q 38 -33.72 -47.64 1.10
C LEU Q 38 -34.00 -46.45 2.03
N GLY Q 39 -33.14 -45.42 1.99
CA GLY Q 39 -33.33 -44.15 2.73
C GLY Q 39 -33.37 -44.35 4.23
N GLU Q 40 -32.64 -45.35 4.76
CA GLU Q 40 -32.49 -45.56 6.22
C GLU Q 40 -31.13 -46.21 6.54
N HIS Q 41 -30.93 -46.76 7.72
CA HIS Q 41 -29.61 -47.25 8.21
C HIS Q 41 -29.81 -48.24 9.36
N SER Q 42 -28.77 -48.99 9.72
CA SER Q 42 -28.83 -50.12 10.69
C SER Q 42 -29.06 -49.65 12.14
N ARG Q 43 -28.54 -48.48 12.53
CA ARG Q 43 -28.61 -47.98 13.95
C ARG Q 43 -29.99 -47.40 14.26
N ARG Q 44 -30.84 -47.24 13.25
CA ARG Q 44 -32.28 -46.95 13.39
C ARG Q 44 -33.00 -48.14 14.07
N TYR Q 45 -32.43 -49.36 14.01
CA TYR Q 45 -33.00 -50.62 14.55
C TYR Q 45 -32.70 -50.78 16.05
N LEU Q 46 -32.18 -49.75 16.71
CA LEU Q 46 -31.75 -49.83 18.13
C LEU Q 46 -32.76 -50.65 18.98
N HIS Q 47 -34.04 -50.27 18.97
CA HIS Q 47 -35.10 -50.94 19.76
C HIS Q 47 -35.14 -52.45 19.46
N MET Q 48 -35.02 -52.85 18.18
CA MET Q 48 -35.00 -54.28 17.77
C MET Q 48 -33.66 -54.95 18.14
N ILE Q 49 -32.52 -54.26 17.93
CA ILE Q 49 -31.16 -54.79 18.27
C ILE Q 49 -31.14 -55.17 19.75
N SER Q 50 -31.58 -54.26 20.61
CA SER Q 50 -31.72 -54.48 22.08
C SER Q 50 -32.68 -55.64 22.38
N ALA Q 51 -33.81 -55.79 21.66
CA ALA Q 51 -34.84 -56.82 21.95
C ALA Q 51 -34.23 -58.19 21.70
N LEU Q 52 -33.44 -58.26 20.63
CA LEU Q 52 -32.79 -59.50 20.16
C LEU Q 52 -31.63 -59.88 21.11
N LEU Q 53 -30.88 -58.89 21.62
CA LEU Q 53 -29.80 -59.10 22.63
C LEU Q 53 -30.42 -59.66 23.93
N ASP Q 54 -31.57 -59.09 24.32
CA ASP Q 54 -32.38 -59.56 25.48
C ASP Q 54 -32.78 -61.03 25.29
N ALA Q 55 -33.10 -61.44 24.07
CA ALA Q 55 -33.49 -62.84 23.73
C ALA Q 55 -32.24 -63.73 23.52
N GLY Q 56 -31.02 -63.21 23.77
CA GLY Q 56 -29.74 -63.95 23.74
C GLY Q 56 -29.20 -64.21 22.35
N PHE Q 57 -29.44 -63.32 21.39
CA PHE Q 57 -28.93 -63.48 19.99
C PHE Q 57 -27.79 -62.48 19.75
N VAL Q 58 -26.80 -62.89 18.97
CA VAL Q 58 -25.83 -61.95 18.33
C VAL Q 58 -26.59 -61.25 17.20
N VAL Q 59 -26.47 -59.92 17.15
CA VAL Q 59 -27.02 -59.12 16.02
C VAL Q 59 -25.86 -58.51 15.25
N ILE Q 60 -25.88 -58.62 13.92
CA ILE Q 60 -24.84 -58.04 13.02
C ILE Q 60 -25.56 -57.26 11.92
N ALA Q 61 -25.04 -56.07 11.59
CA ALA Q 61 -25.69 -55.16 10.63
C ALA Q 61 -24.66 -54.18 10.07
N ASP Q 62 -24.87 -53.78 8.80
CA ASP Q 62 -24.09 -52.73 8.10
C ASP Q 62 -25.03 -51.64 7.58
N ASP Q 63 -24.52 -50.42 7.45
CA ASP Q 63 -25.10 -49.38 6.58
C ASP Q 63 -24.58 -49.67 5.17
N HIS Q 64 -25.46 -49.96 4.22
CA HIS Q 64 -25.06 -50.41 2.86
C HIS Q 64 -24.43 -49.22 2.12
N ALA Q 65 -23.74 -49.52 1.03
CA ALA Q 65 -23.15 -48.53 0.11
C ALA Q 65 -24.16 -47.43 -0.19
N GLY Q 66 -23.76 -46.19 0.00
CA GLY Q 66 -24.60 -45.00 -0.26
C GLY Q 66 -25.63 -44.75 0.81
N HIS Q 67 -25.43 -45.29 2.01
CA HIS Q 67 -26.45 -45.20 3.09
C HIS Q 67 -25.83 -45.04 4.48
N GLY Q 68 -26.56 -44.39 5.37
CA GLY Q 68 -26.18 -44.14 6.77
C GLY Q 68 -24.76 -43.65 6.95
N ARG Q 69 -24.05 -44.25 7.89
CA ARG Q 69 -22.65 -43.91 8.23
C ARG Q 69 -21.70 -44.20 7.06
N THR Q 70 -22.00 -45.18 6.20
CA THR Q 70 -21.18 -45.49 5.02
C THR Q 70 -21.17 -44.29 4.08
N ALA Q 71 -22.32 -43.67 3.90
CA ALA Q 71 -22.45 -42.48 3.04
C ALA Q 71 -21.89 -41.25 3.78
N MET Q 72 -22.19 -41.09 5.06
CA MET Q 72 -21.64 -39.98 5.88
C MET Q 72 -20.09 -39.97 5.70
N GLN Q 73 -19.44 -41.14 5.70
CA GLN Q 73 -17.96 -41.29 5.71
C GLN Q 73 -17.38 -41.07 4.31
N SER Q 74 -18.06 -41.55 3.26
CA SER Q 74 -17.53 -41.60 1.86
C SER Q 74 -17.95 -40.35 1.10
N GLY Q 75 -19.08 -39.75 1.51
CA GLY Q 75 -19.69 -38.55 0.91
C GLY Q 75 -20.68 -38.89 -0.20
N VAL Q 76 -20.85 -40.16 -0.56
CA VAL Q 76 -21.78 -40.51 -1.66
C VAL Q 76 -23.09 -41.11 -1.13
N TRP Q 77 -24.20 -40.44 -1.42
CA TRP Q 77 -25.55 -40.88 -1.00
C TRP Q 77 -26.29 -41.53 -2.17
N ALA Q 78 -27.00 -42.61 -1.90
CA ALA Q 78 -28.04 -43.14 -2.81
C ALA Q 78 -27.38 -43.52 -4.13
N ASP Q 79 -26.15 -44.04 -4.03
CA ASP Q 79 -25.40 -44.69 -5.12
C ASP Q 79 -24.44 -45.68 -4.47
N ALA Q 80 -24.32 -46.89 -5.03
CA ALA Q 80 -23.52 -48.01 -4.48
C ALA Q 80 -22.48 -48.46 -5.50
N GLY Q 81 -22.32 -47.71 -6.59
CA GLY Q 81 -21.39 -48.04 -7.70
C GLY Q 81 -22.08 -48.68 -8.89
N ASP Q 82 -21.28 -49.06 -9.87
CA ASP Q 82 -21.63 -50.01 -10.96
C ASP Q 82 -22.10 -51.33 -10.34
N ASN Q 83 -22.97 -52.06 -11.03
CA ASN Q 83 -23.43 -53.39 -10.55
C ASN Q 83 -23.94 -53.26 -9.09
N ALA Q 84 -24.83 -52.28 -8.83
CA ALA Q 84 -25.40 -51.91 -7.51
C ALA Q 84 -26.00 -53.12 -6.79
N ALA Q 85 -26.78 -53.93 -7.48
CA ALA Q 85 -27.41 -55.15 -6.93
C ALA Q 85 -26.29 -56.07 -6.46
N GLU Q 86 -25.34 -56.33 -7.33
CA GLU Q 86 -24.25 -57.27 -7.01
C GLU Q 86 -23.43 -56.66 -5.89
N VAL Q 87 -23.24 -55.34 -5.88
CA VAL Q 87 -22.46 -54.71 -4.78
C VAL Q 87 -23.15 -55.03 -3.43
N VAL Q 88 -24.46 -54.81 -3.30
CA VAL Q 88 -25.07 -54.87 -1.94
C VAL Q 88 -25.22 -56.33 -1.48
N ILE Q 89 -25.47 -57.26 -2.41
CA ILE Q 89 -25.48 -58.72 -2.09
C ILE Q 89 -24.09 -59.14 -1.61
N SER Q 90 -23.02 -58.69 -2.26
CA SER Q 90 -21.65 -59.14 -1.89
C SER Q 90 -21.33 -58.64 -0.49
N ASP Q 91 -21.64 -57.38 -0.22
CA ASP Q 91 -21.28 -56.74 1.07
C ASP Q 91 -22.01 -57.51 2.18
N GLU Q 92 -23.21 -58.03 1.92
CA GLU Q 92 -24.03 -58.79 2.90
C GLU Q 92 -23.46 -60.19 3.16
N LEU Q 93 -22.94 -60.86 2.13
CA LEU Q 93 -22.17 -62.12 2.26
C LEU Q 93 -20.86 -61.86 3.01
N THR Q 94 -20.17 -60.78 2.67
CA THR Q 94 -18.90 -60.36 3.32
C THR Q 94 -19.14 -59.98 4.79
N LEU Q 95 -20.32 -59.42 5.10
CA LEU Q 95 -20.70 -59.08 6.49
C LEU Q 95 -20.70 -60.35 7.34
N GLN Q 96 -21.23 -61.45 6.80
CA GLN Q 96 -21.30 -62.79 7.44
C GLN Q 96 -19.88 -63.32 7.69
N GLN Q 97 -18.97 -63.09 6.75
CA GLN Q 97 -17.55 -63.54 6.85
C GLN Q 97 -16.80 -62.73 7.90
N GLN Q 98 -17.40 -61.70 8.48
CA GLN Q 98 -16.68 -60.87 9.47
C GLN Q 98 -16.68 -61.58 10.82
N LEU Q 99 -17.56 -62.58 11.00
CA LEU Q 99 -17.73 -63.42 12.24
C LEU Q 99 -17.24 -64.86 12.04
N ALA Q 100 -16.57 -65.19 10.93
CA ALA Q 100 -15.95 -66.54 10.74
C ALA Q 100 -15.03 -66.82 11.93
N GLY Q 101 -15.15 -68.02 12.51
CA GLY Q 101 -14.46 -68.41 13.75
C GLY Q 101 -15.35 -68.23 14.98
N GLN Q 102 -16.24 -67.24 15.01
CA GLN Q 102 -16.80 -66.76 16.30
C GLN Q 102 -18.07 -67.54 16.68
N PHE Q 103 -18.94 -67.91 15.73
CA PHE Q 103 -20.29 -68.46 16.03
C PHE Q 103 -20.68 -69.43 14.92
N ASP Q 104 -19.69 -70.19 14.44
CA ASP Q 104 -19.80 -71.08 13.24
C ASP Q 104 -20.88 -72.14 13.47
N ASP Q 105 -21.21 -72.44 14.73
CA ASP Q 105 -22.14 -73.54 15.09
C ASP Q 105 -23.51 -73.00 15.46
N LEU Q 106 -23.71 -71.67 15.46
CA LEU Q 106 -25.02 -71.05 15.83
C LEU Q 106 -25.89 -70.99 14.57
N PRO Q 107 -27.22 -71.11 14.70
CA PRO Q 107 -28.13 -70.83 13.58
C PRO Q 107 -28.12 -69.35 13.16
N TRP Q 108 -28.27 -69.13 11.85
CA TRP Q 108 -28.13 -67.78 11.25
C TRP Q 108 -29.46 -67.39 10.59
N VAL Q 109 -30.15 -66.42 11.17
CA VAL Q 109 -31.40 -65.84 10.58
C VAL Q 109 -31.12 -64.47 9.94
N VAL Q 110 -31.60 -64.26 8.72
CA VAL Q 110 -31.53 -62.92 8.04
C VAL Q 110 -32.90 -62.28 8.16
N PHE Q 111 -32.89 -61.01 8.52
CA PHE Q 111 -34.09 -60.16 8.58
C PHE Q 111 -33.82 -58.98 7.65
N GLY Q 112 -34.60 -58.83 6.60
CA GLY Q 112 -34.52 -57.72 5.62
C GLY Q 112 -35.82 -56.94 5.55
N HIS Q 113 -35.71 -55.62 5.59
CA HIS Q 113 -36.81 -54.66 5.39
C HIS Q 113 -36.68 -54.00 4.00
N SER Q 114 -37.75 -54.00 3.22
CA SER Q 114 -37.91 -53.28 1.91
C SER Q 114 -36.81 -53.70 0.91
N TRP Q 115 -35.91 -52.79 0.51
CA TRP Q 115 -34.67 -53.11 -0.24
C TRP Q 115 -33.97 -54.27 0.52
N GLY Q 116 -33.92 -54.15 1.84
CA GLY Q 116 -33.37 -55.20 2.70
C GLY Q 116 -34.02 -56.54 2.39
N SER Q 117 -35.36 -56.58 2.25
CA SER Q 117 -36.11 -57.82 1.97
C SER Q 117 -35.67 -58.39 0.62
N MET Q 118 -35.67 -57.59 -0.44
CA MET Q 118 -35.21 -58.02 -1.79
C MET Q 118 -33.77 -58.55 -1.73
N ILE Q 119 -32.84 -57.84 -1.10
CA ILE Q 119 -31.43 -58.33 -0.95
C ILE Q 119 -31.43 -59.71 -0.26
N ALA Q 120 -32.19 -59.89 0.82
CA ALA Q 120 -32.30 -61.15 1.57
C ALA Q 120 -32.74 -62.31 0.67
N ARG Q 121 -33.81 -62.12 -0.10
CA ARG Q 121 -34.32 -63.13 -1.05
C ARG Q 121 -33.27 -63.47 -2.10
N ALA Q 122 -32.53 -62.47 -2.57
CA ALA Q 122 -31.43 -62.68 -3.55
C ALA Q 122 -30.30 -63.48 -2.88
N MET Q 123 -29.93 -63.15 -1.64
CA MET Q 123 -28.82 -63.86 -0.93
C MET Q 123 -29.23 -65.33 -0.79
N ALA Q 124 -30.50 -65.58 -0.46
CA ALA Q 124 -31.08 -66.90 -0.13
C ALA Q 124 -30.91 -67.84 -1.32
N THR Q 125 -30.99 -67.33 -2.55
CA THR Q 125 -30.93 -68.10 -3.83
C THR Q 125 -29.50 -68.17 -4.37
N ARG Q 126 -28.50 -67.81 -3.58
CA ARG Q 126 -27.07 -67.93 -3.96
C ARG Q 126 -26.53 -69.19 -3.31
N PRO Q 127 -25.62 -69.92 -3.99
CA PRO Q 127 -24.98 -71.10 -3.43
C PRO Q 127 -24.14 -70.71 -2.22
N GLY Q 128 -24.01 -71.61 -1.25
CA GLY Q 128 -23.13 -71.49 -0.07
C GLY Q 128 -23.28 -70.16 0.64
N THR Q 129 -24.51 -69.65 0.78
CA THR Q 129 -24.86 -68.57 1.74
C THR Q 129 -25.28 -69.25 3.05
N ARG Q 130 -24.92 -68.64 4.16
CA ARG Q 130 -25.35 -69.07 5.50
C ARG Q 130 -26.75 -68.55 5.74
N LEU Q 131 -27.74 -69.45 5.83
CA LEU Q 131 -29.15 -69.02 6.04
C LEU Q 131 -29.97 -70.17 6.63
N ASP Q 132 -30.33 -70.05 7.93
CA ASP Q 132 -31.08 -71.09 8.65
C ASP Q 132 -32.54 -70.67 8.81
N GLY Q 133 -32.82 -69.36 8.75
CA GLY Q 133 -34.20 -68.85 8.66
C GLY Q 133 -34.22 -67.51 7.94
N LEU Q 134 -35.30 -67.21 7.24
CA LEU Q 134 -35.44 -65.98 6.43
C LEU Q 134 -36.65 -65.22 6.95
N ALA Q 135 -36.41 -64.05 7.53
CA ALA Q 135 -37.44 -63.10 7.97
C ALA Q 135 -37.46 -61.90 7.00
N LEU Q 136 -38.63 -61.58 6.44
CA LEU Q 136 -38.82 -60.50 5.42
C LEU Q 136 -39.83 -59.50 5.97
N CYS Q 137 -39.48 -58.21 5.94
CA CYS Q 137 -40.33 -57.07 6.43
C CYS Q 137 -40.47 -56.05 5.30
N GLY Q 138 -41.62 -55.35 5.20
CA GLY Q 138 -41.93 -54.39 4.12
C GLY Q 138 -41.68 -55.00 2.74
N ILE Q 139 -42.07 -56.27 2.53
CA ILE Q 139 -41.77 -57.08 1.31
C ILE Q 139 -42.07 -56.30 0.03
N VAL Q 140 -41.17 -56.35 -0.95
CA VAL Q 140 -41.40 -55.69 -2.26
C VAL Q 140 -41.81 -56.76 -3.28
N ALA Q 141 -43.11 -56.82 -3.60
CA ALA Q 141 -43.76 -57.88 -4.41
C ALA Q 141 -44.96 -57.29 -5.16
N GLN Q 142 -44.80 -57.18 -6.47
CA GLN Q 142 -45.84 -56.79 -7.45
C GLN Q 142 -46.43 -55.39 -7.27
N PRO Q 143 -45.69 -54.31 -6.95
CA PRO Q 143 -46.27 -52.98 -6.97
C PRO Q 143 -46.27 -52.52 -8.44
N ARG Q 144 -47.24 -51.70 -8.82
CA ARG Q 144 -47.46 -51.26 -10.22
C ARG Q 144 -46.17 -50.77 -10.89
N GLY Q 145 -45.38 -49.94 -10.23
CA GLY Q 145 -44.11 -49.44 -10.80
C GLY Q 145 -43.09 -50.50 -11.16
N PHE Q 146 -42.78 -51.44 -10.28
CA PHE Q 146 -41.73 -52.43 -10.60
C PHE Q 146 -42.27 -53.41 -11.63
N GLU Q 147 -43.56 -53.78 -11.55
CA GLU Q 147 -44.17 -54.85 -12.39
C GLU Q 147 -44.33 -54.35 -13.82
N THR Q 148 -44.85 -53.12 -13.97
CA THR Q 148 -45.48 -52.63 -15.23
C THR Q 148 -45.03 -51.22 -15.60
N THR Q 149 -45.18 -50.22 -14.73
CA THR Q 149 -44.97 -48.82 -15.13
C THR Q 149 -43.52 -48.59 -15.59
N LEU Q 150 -42.53 -49.06 -14.81
CA LEU Q 150 -41.12 -48.71 -15.09
C LEU Q 150 -40.76 -49.21 -16.50
N ASP Q 151 -40.28 -48.30 -17.34
CA ASP Q 151 -39.98 -48.52 -18.78
C ASP Q 151 -38.50 -48.89 -18.89
N HIS Q 152 -38.20 -50.19 -19.03
CA HIS Q 152 -36.82 -50.74 -19.06
C HIS Q 152 -36.07 -50.18 -20.26
N LYS Q 153 -36.73 -49.84 -21.37
CA LYS Q 153 -35.94 -49.28 -22.51
C LYS Q 153 -35.42 -47.88 -22.12
N THR Q 154 -36.27 -47.03 -21.53
CA THR Q 154 -35.95 -45.64 -21.08
C THR Q 154 -34.77 -45.71 -20.10
N LEU Q 155 -34.82 -46.66 -19.17
CA LEU Q 155 -33.80 -46.88 -18.13
C LEU Q 155 -32.45 -47.27 -18.77
N ALA Q 156 -32.47 -48.20 -19.73
CA ALA Q 156 -31.27 -48.74 -20.39
C ALA Q 156 -30.60 -47.64 -21.20
N LYS Q 157 -31.38 -46.79 -21.88
CA LYS Q 157 -30.83 -45.63 -22.64
C LYS Q 157 -30.10 -44.72 -21.63
N ALA Q 158 -30.75 -44.39 -20.51
CA ALA Q 158 -30.17 -43.57 -19.43
C ALA Q 158 -28.88 -44.23 -18.92
N MET Q 159 -28.81 -45.56 -18.88
CA MET Q 159 -27.61 -46.30 -18.38
C MET Q 159 -26.43 -46.16 -19.35
N ALA Q 160 -26.72 -46.04 -20.64
CA ALA Q 160 -25.73 -46.01 -21.73
C ALA Q 160 -25.14 -44.59 -21.80
N THR Q 161 -25.94 -43.54 -21.56
CA THR Q 161 -25.54 -42.13 -21.77
C THR Q 161 -24.91 -41.55 -20.50
N ALA Q 162 -25.49 -41.82 -19.31
CA ALA Q 162 -25.24 -41.05 -18.07
C ALA Q 162 -25.47 -41.91 -16.82
N PRO Q 163 -24.77 -43.06 -16.65
CA PRO Q 163 -25.03 -43.96 -15.53
C PRO Q 163 -24.84 -43.37 -14.14
N THR Q 164 -23.95 -42.37 -13.95
CA THR Q 164 -23.60 -41.78 -12.62
C THR Q 164 -24.46 -40.54 -12.32
N ASP Q 165 -25.14 -39.96 -13.31
CA ASP Q 165 -26.01 -38.79 -13.07
C ASP Q 165 -27.22 -39.17 -12.22
N PRO Q 166 -27.83 -38.19 -11.54
CA PRO Q 166 -29.09 -38.41 -10.84
C PRO Q 166 -30.10 -38.98 -11.84
N ALA Q 167 -30.89 -39.95 -11.39
CA ALA Q 167 -31.95 -40.66 -12.16
C ALA Q 167 -32.99 -39.65 -12.57
N PRO Q 168 -33.37 -39.60 -13.87
CA PRO Q 168 -34.47 -38.72 -14.29
C PRO Q 168 -35.76 -38.95 -13.47
N GLU Q 169 -36.42 -37.85 -13.06
CA GLU Q 169 -37.75 -37.82 -12.38
C GLU Q 169 -38.68 -38.89 -12.99
N ALA Q 170 -38.76 -38.98 -14.32
CA ALA Q 170 -39.68 -39.92 -14.99
C ALA Q 170 -39.42 -41.36 -14.52
N LEU Q 171 -38.17 -41.84 -14.43
CA LEU Q 171 -37.89 -43.23 -14.01
C LEU Q 171 -38.16 -43.40 -12.50
N VAL Q 172 -37.81 -42.42 -11.66
CA VAL Q 172 -38.04 -42.49 -10.20
C VAL Q 172 -39.55 -42.60 -10.00
N ALA Q 173 -40.35 -41.80 -10.70
CA ALA Q 173 -41.82 -41.73 -10.57
C ALA Q 173 -42.45 -43.03 -11.06
N GLN Q 174 -42.03 -43.54 -12.22
CA GLN Q 174 -42.46 -44.88 -12.72
C GLN Q 174 -42.16 -45.95 -11.66
N MET Q 175 -40.92 -46.03 -11.18
CA MET Q 175 -40.49 -47.13 -10.29
C MET Q 175 -41.42 -47.20 -9.08
N PHE Q 176 -41.82 -46.05 -8.52
CA PHE Q 176 -42.49 -45.94 -7.20
C PHE Q 176 -43.96 -45.64 -7.43
N ASP Q 177 -44.42 -45.76 -8.69
CA ASP Q 177 -45.86 -45.67 -9.09
C ASP Q 177 -46.64 -46.73 -8.33
N GLY Q 178 -47.75 -46.30 -7.69
CA GLY Q 178 -48.52 -47.08 -6.72
C GLY Q 178 -48.34 -46.59 -5.28
N PHE Q 179 -47.19 -46.05 -4.92
CA PHE Q 179 -46.82 -45.74 -3.51
C PHE Q 179 -47.75 -44.67 -2.91
N ALA Q 180 -48.40 -43.86 -3.74
CA ALA Q 180 -49.29 -42.75 -3.27
C ALA Q 180 -50.78 -43.10 -3.47
N ASP Q 181 -51.11 -44.32 -3.87
CA ASP Q 181 -52.50 -44.74 -4.24
C ASP Q 181 -53.47 -44.60 -3.05
N ARG Q 182 -53.05 -44.83 -1.80
CA ARG Q 182 -53.98 -44.74 -0.64
C ARG Q 182 -53.56 -43.61 0.31
N LEU Q 183 -52.96 -42.53 -0.20
CA LEU Q 183 -52.61 -41.39 0.67
C LEU Q 183 -53.64 -40.27 0.46
N SER Q 184 -54.22 -39.80 1.56
CA SER Q 184 -55.02 -38.55 1.68
C SER Q 184 -54.08 -37.32 1.70
N GLU Q 185 -54.68 -36.12 1.69
CA GLU Q 185 -54.01 -34.82 1.94
C GLU Q 185 -53.38 -34.88 3.33
N ASP Q 186 -54.14 -35.38 4.32
CA ASP Q 186 -53.75 -35.49 5.76
C ASP Q 186 -52.47 -36.30 5.93
N ASP Q 187 -52.04 -37.06 4.90
CA ASP Q 187 -50.92 -38.04 4.99
C ASP Q 187 -49.62 -37.35 4.58
N GLY Q 188 -49.59 -36.67 3.44
CA GLY Q 188 -48.32 -36.16 2.88
C GLY Q 188 -47.67 -37.19 1.96
N PRO Q 189 -46.56 -36.82 1.28
CA PRO Q 189 -46.04 -37.62 0.16
C PRO Q 189 -45.26 -38.89 0.57
N THR Q 190 -44.68 -38.90 1.77
CA THR Q 190 -43.96 -40.08 2.35
C THR Q 190 -44.89 -40.83 3.33
N GLY Q 191 -46.16 -40.47 3.40
CA GLY Q 191 -47.12 -41.09 4.33
C GLY Q 191 -47.15 -42.60 4.20
N TRP Q 192 -46.67 -43.15 3.08
CA TRP Q 192 -46.73 -44.62 2.83
C TRP Q 192 -45.75 -45.33 3.75
N VAL Q 193 -44.89 -44.59 4.46
CA VAL Q 193 -43.81 -45.11 5.35
C VAL Q 193 -44.45 -45.70 6.60
N ALA Q 194 -45.37 -44.99 7.26
CA ALA Q 194 -46.12 -45.49 8.43
C ALA Q 194 -47.41 -44.68 8.63
N ARG Q 195 -48.47 -45.33 9.13
CA ARG Q 195 -49.71 -44.68 9.63
C ARG Q 195 -49.33 -43.67 10.73
N SER Q 196 -48.43 -44.06 11.64
CA SER Q 196 -47.88 -43.17 12.69
C SER Q 196 -47.11 -42.00 12.06
N LYS Q 197 -47.65 -40.79 12.17
CA LYS Q 197 -47.03 -39.53 11.66
C LYS Q 197 -45.72 -39.23 12.43
N GLU Q 198 -45.64 -39.61 13.70
CA GLU Q 198 -44.43 -39.47 14.55
C GLU Q 198 -43.26 -40.24 13.95
N VAL Q 199 -43.51 -41.44 13.39
CA VAL Q 199 -42.51 -42.31 12.72
C VAL Q 199 -42.03 -41.62 11.47
N VAL Q 200 -42.99 -41.15 10.66
CA VAL Q 200 -42.76 -40.40 9.37
C VAL Q 200 -41.90 -39.18 9.74
N ALA Q 201 -42.29 -38.39 10.75
CA ALA Q 201 -41.54 -37.17 11.15
C ALA Q 201 -40.10 -37.56 11.53
N ASP Q 202 -39.94 -38.60 12.34
CA ASP Q 202 -38.58 -39.05 12.78
C ASP Q 202 -37.79 -39.57 11.55
N HIS Q 203 -38.43 -40.30 10.64
CA HIS Q 203 -37.83 -40.75 9.36
C HIS Q 203 -37.24 -39.55 8.59
N GLY Q 204 -37.89 -38.39 8.60
CA GLY Q 204 -37.49 -37.22 7.79
C GLY Q 204 -36.38 -36.40 8.43
N LYS Q 205 -36.30 -36.34 9.77
CA LYS Q 205 -35.26 -35.55 10.48
C LYS Q 205 -33.94 -36.34 10.58
N ASP Q 206 -33.98 -37.65 10.73
CA ASP Q 206 -32.82 -38.51 11.10
C ASP Q 206 -31.74 -38.29 10.06
N LYS Q 207 -30.61 -37.71 10.48
CA LYS Q 207 -29.44 -37.33 9.65
C LYS Q 207 -28.87 -38.53 8.91
N PHE Q 208 -28.95 -39.72 9.52
CA PHE Q 208 -28.33 -40.96 8.98
C PHE Q 208 -29.30 -41.64 8.01
N ASN Q 209 -30.54 -41.19 7.92
CA ASN Q 209 -31.47 -41.64 6.84
C ASN Q 209 -31.14 -40.85 5.57
N ASN Q 210 -31.12 -39.51 5.70
CA ASN Q 210 -31.06 -38.54 4.58
C ASN Q 210 -31.99 -39.03 3.45
N PHE Q 211 -33.28 -39.22 3.76
CA PHE Q 211 -34.38 -39.55 2.81
C PHE Q 211 -34.48 -38.40 1.77
N GLY Q 212 -34.71 -38.76 0.50
CA GLY Q 212 -34.90 -37.81 -0.62
C GLY Q 212 -33.60 -37.47 -1.35
N ALA Q 213 -32.44 -37.77 -0.74
CA ALA Q 213 -31.12 -37.82 -1.42
C ALA Q 213 -31.34 -38.47 -2.77
N PRO Q 214 -31.12 -37.75 -3.89
CA PRO Q 214 -31.45 -38.26 -5.21
C PRO Q 214 -30.66 -39.55 -5.54
N MET Q 215 -31.34 -40.59 -6.06
CA MET Q 215 -30.65 -41.86 -6.45
C MET Q 215 -29.97 -41.65 -7.79
N SER Q 216 -28.84 -42.28 -8.04
CA SER Q 216 -28.23 -42.31 -9.39
C SER Q 216 -29.03 -43.25 -10.31
N THR Q 217 -28.78 -43.13 -11.61
CA THR Q 217 -29.42 -43.96 -12.68
C THR Q 217 -28.97 -45.42 -12.47
N ARG Q 218 -27.69 -45.65 -12.17
CA ARG Q 218 -27.17 -47.04 -12.00
C ARG Q 218 -27.74 -47.66 -10.73
N PHE Q 219 -27.99 -46.87 -9.69
CA PHE Q 219 -28.57 -47.37 -8.42
C PHE Q 219 -30.00 -47.85 -8.71
N LEU Q 220 -30.72 -47.10 -9.56
CA LEU Q 220 -32.11 -47.39 -9.99
C LEU Q 220 -32.17 -48.68 -10.81
N GLN Q 221 -31.19 -48.89 -11.69
CA GLN Q 221 -30.94 -50.18 -12.40
C GLN Q 221 -30.77 -51.30 -11.37
N GLY Q 222 -29.97 -51.05 -10.35
CA GLY Q 222 -29.78 -51.98 -9.22
C GLY Q 222 -31.10 -52.36 -8.56
N LEU Q 223 -32.04 -51.41 -8.41
CA LEU Q 223 -33.35 -51.68 -7.77
C LEU Q 223 -34.23 -52.49 -8.71
N ALA Q 224 -34.15 -52.27 -10.02
CA ALA Q 224 -34.89 -53.06 -11.04
C ALA Q 224 -34.28 -54.45 -11.06
N ASP Q 225 -32.97 -54.53 -10.93
CA ASP Q 225 -32.20 -55.81 -11.07
C ASP Q 225 -32.55 -56.67 -9.85
N ILE Q 226 -32.47 -56.08 -8.67
CA ILE Q 226 -32.68 -56.81 -7.40
C ILE Q 226 -34.17 -57.13 -7.27
N TYR Q 227 -35.07 -56.31 -7.79
CA TYR Q 227 -36.51 -56.63 -7.78
C TYR Q 227 -36.77 -57.90 -8.60
N ALA Q 228 -36.21 -57.97 -9.81
CA ALA Q 228 -36.27 -59.15 -10.72
C ALA Q 228 -35.65 -60.39 -10.07
N MET Q 229 -34.52 -60.28 -9.35
CA MET Q 229 -33.88 -61.43 -8.67
C MET Q 229 -34.81 -61.97 -7.57
N ALA Q 230 -35.38 -61.09 -6.73
CA ALA Q 230 -36.12 -61.48 -5.52
C ALA Q 230 -37.52 -62.01 -5.88
N ASN Q 231 -38.11 -61.62 -7.02
CA ASN Q 231 -39.52 -61.94 -7.41
C ASN Q 231 -39.59 -62.82 -8.68
N GLY Q 232 -38.47 -63.18 -9.31
CA GLY Q 232 -38.48 -63.99 -10.54
C GLY Q 232 -38.63 -65.48 -10.28
N ASP Q 233 -38.65 -66.30 -11.34
CA ASP Q 233 -38.92 -67.77 -11.31
C ASP Q 233 -37.77 -68.50 -10.61
N SER Q 234 -36.55 -68.03 -10.87
CA SER Q 234 -35.30 -68.58 -10.31
C SER Q 234 -35.37 -68.57 -8.77
N PHE Q 235 -35.91 -67.51 -8.18
CA PHE Q 235 -36.02 -67.38 -6.70
C PHE Q 235 -37.02 -68.41 -6.13
N TYR Q 236 -38.22 -68.52 -6.70
CA TYR Q 236 -39.34 -69.36 -6.17
C TYR Q 236 -38.90 -70.82 -6.21
N ALA Q 237 -38.04 -71.16 -7.16
CA ALA Q 237 -37.63 -72.54 -7.47
C ALA Q 237 -36.41 -72.96 -6.66
N THR Q 238 -35.57 -72.03 -6.20
CA THR Q 238 -34.28 -72.41 -5.55
C THR Q 238 -34.37 -72.15 -4.04
N MET Q 239 -35.33 -71.36 -3.56
CA MET Q 239 -35.45 -70.99 -2.10
C MET Q 239 -35.26 -72.22 -1.22
N PRO Q 240 -34.25 -72.23 -0.32
CA PRO Q 240 -34.04 -73.36 0.59
C PRO Q 240 -35.28 -73.68 1.43
N ASN Q 241 -35.34 -74.92 1.95
CA ASN Q 241 -36.45 -75.45 2.79
C ASN Q 241 -36.10 -75.12 4.22
N ILE Q 242 -36.38 -73.89 4.63
CA ILE Q 242 -36.04 -73.35 5.97
C ILE Q 242 -37.24 -72.55 6.44
N PRO Q 243 -37.41 -72.35 7.74
CA PRO Q 243 -38.41 -71.40 8.20
C PRO Q 243 -38.29 -70.07 7.44
N ILE Q 244 -39.44 -69.58 6.96
CA ILE Q 244 -39.66 -68.25 6.33
C ILE Q 244 -40.76 -67.56 7.12
N VAL Q 245 -40.54 -66.31 7.55
CA VAL Q 245 -41.60 -65.46 8.16
C VAL Q 245 -41.70 -64.12 7.42
N LEU Q 246 -42.93 -63.61 7.26
CA LEU Q 246 -43.29 -62.42 6.44
C LEU Q 246 -44.02 -61.40 7.32
N PHE Q 247 -43.50 -60.18 7.42
CA PHE Q 247 -44.14 -59.08 8.16
C PHE Q 247 -44.49 -57.96 7.18
N ALA Q 248 -45.76 -57.60 7.04
CA ALA Q 248 -46.20 -56.51 6.15
C ALA Q 248 -47.49 -55.90 6.66
N GLY Q 249 -47.66 -54.61 6.38
CA GLY Q 249 -48.92 -53.89 6.58
C GLY Q 249 -49.84 -54.12 5.39
N SER Q 250 -51.15 -54.16 5.62
CA SER Q 250 -52.19 -54.31 4.57
C SER Q 250 -52.21 -53.06 3.69
N GLU Q 251 -51.86 -51.90 4.24
CA GLU Q 251 -51.83 -50.62 3.49
C GLU Q 251 -50.38 -50.28 3.07
N ASP Q 252 -49.46 -51.25 3.08
CA ASP Q 252 -48.09 -51.04 2.52
C ASP Q 252 -48.18 -51.15 1.02
N PRO Q 253 -47.89 -50.07 0.25
CA PRO Q 253 -47.81 -50.15 -1.20
C PRO Q 253 -46.72 -51.07 -1.77
N ALA Q 254 -45.60 -51.25 -1.06
CA ALA Q 254 -44.44 -52.02 -1.58
C ALA Q 254 -44.88 -53.46 -1.91
N GLY Q 255 -45.78 -54.03 -1.07
CA GLY Q 255 -46.35 -55.37 -1.25
C GLY Q 255 -47.70 -55.35 -1.96
N ASP Q 256 -48.00 -54.27 -2.70
CA ASP Q 256 -49.28 -54.07 -3.41
C ASP Q 256 -50.43 -54.17 -2.39
N PHE Q 257 -50.33 -53.45 -1.29
CA PHE Q 257 -51.40 -53.38 -0.26
C PHE Q 257 -51.89 -54.80 0.12
N GLY Q 258 -50.96 -55.72 0.43
CA GLY Q 258 -51.24 -57.06 0.97
C GLY Q 258 -51.23 -58.15 -0.10
N THR Q 259 -51.63 -57.82 -1.32
CA THR Q 259 -51.96 -58.79 -2.39
C THR Q 259 -50.68 -59.47 -2.87
N GLY Q 260 -49.62 -58.72 -3.12
CA GLY Q 260 -48.33 -59.29 -3.58
C GLY Q 260 -47.69 -60.15 -2.49
N VAL Q 261 -47.90 -59.76 -1.23
CA VAL Q 261 -47.33 -60.44 -0.03
C VAL Q 261 -48.02 -61.79 0.11
N LYS Q 262 -49.36 -61.78 0.05
CA LYS Q 262 -50.17 -63.01 0.04
C LYS Q 262 -49.65 -63.90 -1.08
N ALA Q 263 -49.43 -63.35 -2.27
CA ALA Q 263 -48.95 -64.10 -3.45
C ALA Q 263 -47.57 -64.71 -3.16
N VAL Q 264 -46.70 -64.00 -2.44
CA VAL Q 264 -45.34 -64.56 -2.12
C VAL Q 264 -45.56 -65.80 -1.25
N ALA Q 265 -46.39 -65.66 -0.23
CA ALA Q 265 -46.73 -66.72 0.74
C ALA Q 265 -47.34 -67.91 -0.01
N GLU Q 266 -48.31 -67.67 -0.91
CA GLU Q 266 -49.06 -68.73 -1.62
C GLU Q 266 -48.16 -69.39 -2.67
N ARG Q 267 -47.17 -68.70 -3.23
CA ARG Q 267 -46.30 -69.36 -4.24
C ARG Q 267 -45.26 -70.22 -3.50
N LEU Q 268 -44.69 -69.68 -2.43
CA LEU Q 268 -43.80 -70.45 -1.54
C LEU Q 268 -44.60 -71.64 -0.99
N ARG Q 269 -45.77 -71.45 -0.37
CA ARG Q 269 -46.55 -72.56 0.27
C ARG Q 269 -46.94 -73.65 -0.74
N ARG Q 270 -47.18 -73.28 -1.99
CA ARG Q 270 -47.57 -74.18 -3.09
C ARG Q 270 -46.35 -75.03 -3.52
N ASP Q 271 -45.14 -74.60 -3.18
CA ASP Q 271 -43.87 -75.32 -3.50
C ASP Q 271 -43.41 -76.09 -2.25
N GLY Q 272 -44.25 -76.05 -1.20
CA GLY Q 272 -44.18 -76.93 -0.01
C GLY Q 272 -43.40 -76.29 1.11
N HIS Q 273 -43.41 -74.96 1.19
CA HIS Q 273 -42.52 -74.18 2.08
C HIS Q 273 -43.22 -73.91 3.42
N ASN Q 274 -42.40 -73.79 4.45
CA ASN Q 274 -42.76 -73.48 5.85
C ASN Q 274 -42.85 -71.94 5.95
N VAL Q 275 -44.02 -71.36 5.66
CA VAL Q 275 -44.20 -69.87 5.66
C VAL Q 275 -45.16 -69.46 6.79
N GLU Q 276 -44.73 -68.52 7.63
CA GLU Q 276 -45.54 -67.89 8.70
C GLU Q 276 -45.79 -66.45 8.23
N LEU Q 277 -47.05 -66.06 8.08
CA LEU Q 277 -47.48 -64.74 7.53
C LEU Q 277 -48.11 -63.94 8.67
N HIS Q 278 -47.60 -62.72 8.87
CA HIS Q 278 -48.18 -61.69 9.77
C HIS Q 278 -48.54 -60.48 8.91
N LEU Q 279 -49.83 -60.27 8.73
CA LEU Q 279 -50.39 -59.15 7.94
C LEU Q 279 -51.11 -58.22 8.90
N TYR Q 280 -50.66 -56.98 9.05
CA TYR Q 280 -51.20 -56.09 10.11
C TYR Q 280 -52.17 -55.13 9.43
N ASP Q 281 -53.43 -55.22 9.86
CA ASP Q 281 -54.57 -54.52 9.21
C ASP Q 281 -54.46 -53.03 9.53
N GLY Q 282 -54.53 -52.17 8.51
CA GLY Q 282 -54.61 -50.71 8.67
C GLY Q 282 -53.26 -50.03 8.74
N LEU Q 283 -52.17 -50.81 8.79
CA LEU Q 283 -50.76 -50.33 8.98
C LEU Q 283 -49.99 -50.32 7.66
N ARG Q 284 -48.92 -49.54 7.61
CA ARG Q 284 -48.27 -49.19 6.33
C ARG Q 284 -46.96 -49.95 6.24
N HIS Q 285 -45.95 -49.36 5.60
CA HIS Q 285 -44.68 -50.01 5.21
C HIS Q 285 -43.94 -50.55 6.44
N GLU Q 286 -43.60 -49.69 7.41
CA GLU Q 286 -42.61 -50.02 8.48
C GLU Q 286 -43.32 -50.62 9.70
N VAL Q 287 -43.93 -51.81 9.56
CA VAL Q 287 -44.72 -52.44 10.66
C VAL Q 287 -43.81 -52.77 11.86
N HIS Q 288 -42.50 -52.79 11.69
CA HIS Q 288 -41.54 -52.99 12.80
C HIS Q 288 -41.34 -51.72 13.63
N ASN Q 289 -41.83 -50.56 13.17
CA ASN Q 289 -41.62 -49.23 13.81
C ASN Q 289 -42.97 -48.63 14.24
N GLU Q 290 -44.08 -49.13 13.69
CA GLU Q 290 -45.45 -48.67 14.07
C GLU Q 290 -45.62 -48.93 15.56
N PRO Q 291 -46.04 -47.93 16.37
CA PRO Q 291 -46.38 -48.22 17.77
C PRO Q 291 -47.33 -49.42 17.93
N GLU Q 292 -48.27 -49.62 17.02
CA GLU Q 292 -49.33 -50.64 17.15
C GLU Q 292 -48.73 -52.04 16.96
N SER Q 293 -47.73 -52.22 16.09
CA SER Q 293 -47.31 -53.58 15.64
C SER Q 293 -45.91 -53.95 16.15
N ARG Q 294 -45.09 -53.00 16.57
CA ARG Q 294 -43.62 -53.22 16.72
C ARG Q 294 -43.36 -54.39 17.67
N ALA Q 295 -44.11 -54.43 18.79
CA ALA Q 295 -43.94 -55.43 19.88
C ALA Q 295 -44.22 -56.81 19.25
N ASP Q 296 -45.28 -56.88 18.46
CA ASP Q 296 -45.75 -58.16 17.84
C ASP Q 296 -44.70 -58.63 16.83
N VAL Q 297 -44.04 -57.71 16.15
CA VAL Q 297 -43.01 -58.02 15.11
C VAL Q 297 -41.77 -58.53 15.83
N GLU Q 298 -41.37 -57.86 16.92
CA GLU Q 298 -40.18 -58.26 17.69
C GLU Q 298 -40.44 -59.64 18.32
N SER Q 299 -41.51 -59.80 19.11
CA SER Q 299 -41.81 -61.08 19.83
C SER Q 299 -42.05 -62.22 18.81
N SER Q 300 -42.66 -61.93 17.65
CA SER Q 300 -42.84 -62.91 16.55
C SER Q 300 -41.48 -63.30 15.97
N LEU Q 301 -40.58 -62.33 15.80
CA LEU Q 301 -39.25 -62.60 15.25
C LEU Q 301 -38.45 -63.43 16.27
N VAL Q 302 -38.62 -63.15 17.56
CA VAL Q 302 -37.84 -63.85 18.62
C VAL Q 302 -38.26 -65.33 18.65
N THR Q 303 -39.57 -65.61 18.71
CA THR Q 303 -40.17 -66.99 18.66
C THR Q 303 -39.67 -67.71 17.40
N PHE Q 304 -39.70 -67.02 16.27
CA PHE Q 304 -39.25 -67.57 14.98
C PHE Q 304 -37.77 -68.02 15.05
N VAL Q 305 -36.87 -67.20 15.61
CA VAL Q 305 -35.41 -67.54 15.67
C VAL Q 305 -35.21 -68.76 16.58
N ASP Q 306 -35.88 -68.78 17.74
CA ASP Q 306 -35.82 -69.90 18.70
C ASP Q 306 -36.32 -71.18 18.00
N ARG Q 307 -37.32 -71.06 17.15
CA ARG Q 307 -37.87 -72.24 16.46
C ARG Q 307 -36.89 -72.72 15.40
N VAL Q 308 -36.11 -71.80 14.83
CA VAL Q 308 -35.10 -72.13 13.80
C VAL Q 308 -33.92 -72.79 14.51
N ALA Q 309 -33.67 -72.37 15.74
CA ALA Q 309 -32.54 -72.88 16.55
C ALA Q 309 -32.80 -74.32 16.97
N ASN Q 310 -34.08 -74.66 17.18
CA ASN Q 310 -34.53 -76.02 17.58
C ASN Q 310 -34.21 -77.02 16.47
N ARG Q 311 -34.51 -76.68 15.23
CA ARG Q 311 -34.27 -77.57 14.07
C ARG Q 311 -32.78 -77.92 13.95
N ARG Q 312 -31.87 -76.98 14.26
CA ARG Q 312 -30.42 -77.24 14.18
C ARG Q 312 -30.01 -78.31 15.21
N ALA R 2 -34.05 -40.81 15.64
CA ALA R 2 -32.95 -40.07 14.98
C ALA R 2 -31.65 -40.26 15.76
N LEU R 3 -30.53 -40.24 15.05
CA LEU R 3 -29.19 -40.38 15.66
C LEU R 3 -28.41 -39.12 15.29
N GLN R 4 -27.65 -38.58 16.22
CA GLN R 4 -26.62 -37.55 15.89
C GLN R 4 -25.28 -38.11 16.33
N GLU R 5 -24.30 -38.10 15.44
CA GLU R 5 -22.90 -38.19 15.84
C GLU R 5 -22.41 -36.77 16.14
N ILE R 6 -21.86 -36.57 17.34
CA ILE R 6 -21.10 -35.37 17.80
C ILE R 6 -19.65 -35.75 18.09
N GLU R 7 -18.72 -35.22 17.33
CA GLU R 7 -17.28 -35.23 17.70
C GLU R 7 -17.03 -33.82 18.22
N PHE R 8 -16.22 -33.69 19.26
CA PHE R 8 -15.59 -32.40 19.62
C PHE R 8 -14.19 -32.71 20.12
N THR R 9 -13.25 -31.79 19.85
CA THR R 9 -11.90 -31.78 20.45
C THR R 9 -12.06 -31.69 21.97
N SER R 10 -11.49 -32.66 22.70
CA SER R 10 -11.39 -32.61 24.18
C SER R 10 -10.71 -31.30 24.61
N HIS R 11 -11.04 -30.87 25.81
CA HIS R 11 -10.24 -29.97 26.67
C HIS R 11 -8.73 -30.32 26.62
N ASN R 12 -8.33 -31.56 26.33
CA ASN R 12 -6.90 -31.96 26.44
C ASN R 12 -6.18 -31.59 25.14
N GLY R 13 -6.90 -31.12 24.13
CA GLY R 13 -6.31 -30.65 22.85
C GLY R 13 -5.89 -31.79 21.94
N ARG R 14 -5.90 -33.04 22.43
CA ARG R 14 -5.46 -34.27 21.70
C ARG R 14 -6.67 -35.04 21.14
N ASP R 15 -7.65 -35.41 21.99
CA ASP R 15 -8.64 -36.47 21.67
C ASP R 15 -9.88 -35.94 20.95
N ALA R 16 -10.24 -36.58 19.84
CA ALA R 16 -11.59 -36.48 19.24
C ALA R 16 -12.53 -37.34 20.10
N ILE R 17 -13.28 -36.65 20.97
CA ILE R 17 -14.30 -37.24 21.87
C ILE R 17 -15.45 -37.74 21.00
N GLN R 18 -15.68 -39.04 20.99
CA GLN R 18 -16.81 -39.63 20.24
C GLN R 18 -18.06 -39.54 21.12
N ALA R 19 -19.13 -38.98 20.54
CA ALA R 19 -20.41 -38.70 21.24
C ALA R 19 -21.59 -38.96 20.31
N TRP R 20 -22.72 -39.31 20.94
CA TRP R 20 -24.01 -39.60 20.27
C TRP R 20 -25.13 -38.87 21.01
N ALA R 21 -26.14 -38.44 20.26
CA ALA R 21 -27.47 -38.05 20.76
C ALA R 21 -28.49 -38.93 20.06
N TYR R 22 -29.36 -39.51 20.87
CA TYR R 22 -30.43 -40.44 20.46
C TYR R 22 -31.75 -39.72 20.70
N GLU R 23 -32.51 -39.40 19.66
CA GLU R 23 -33.81 -38.71 19.80
C GLU R 23 -34.93 -39.75 19.68
N PRO R 24 -35.94 -39.74 20.59
CA PRO R 24 -37.03 -40.69 20.49
C PRO R 24 -37.96 -40.25 19.37
N VAL R 25 -38.84 -41.13 18.94
CA VAL R 25 -39.94 -40.81 18.00
C VAL R 25 -40.93 -39.92 18.77
N GLY R 26 -41.41 -38.83 18.17
CA GLY R 26 -42.37 -37.91 18.82
C GLY R 26 -41.68 -36.80 19.59
N THR R 27 -42.45 -36.05 20.40
CA THR R 27 -41.96 -34.85 21.15
C THR R 27 -41.28 -35.34 22.43
N PRO R 28 -39.96 -35.10 22.58
CA PRO R 28 -39.26 -35.52 23.78
C PRO R 28 -39.62 -34.57 24.93
N THR R 29 -39.66 -35.11 26.18
CA THR R 29 -40.08 -34.40 27.43
C THR R 29 -38.89 -34.12 28.36
N ALA R 30 -37.70 -34.65 28.06
CA ALA R 30 -36.47 -34.53 28.89
C ALA R 30 -35.22 -35.01 28.14
N VAL R 31 -34.07 -34.52 28.58
CA VAL R 31 -32.71 -34.98 28.20
C VAL R 31 -32.06 -35.72 29.36
N VAL R 32 -31.59 -36.96 29.12
CA VAL R 32 -30.70 -37.74 30.04
C VAL R 32 -29.27 -37.79 29.46
N GLN R 33 -28.31 -37.25 30.20
CA GLN R 33 -26.86 -37.36 29.94
C GLN R 33 -26.32 -38.52 30.78
N ILE R 34 -25.91 -39.61 30.10
CA ILE R 34 -25.23 -40.81 30.67
C ILE R 34 -23.74 -40.51 30.70
N ILE R 35 -23.16 -40.57 31.89
CA ILE R 35 -21.68 -40.47 32.06
C ILE R 35 -21.18 -41.85 32.51
N HIS R 36 -20.54 -42.57 31.57
CA HIS R 36 -19.91 -43.89 31.82
C HIS R 36 -18.79 -43.78 32.84
N GLY R 37 -18.50 -44.90 33.50
CA GLY R 37 -17.38 -45.02 34.46
C GLY R 37 -16.12 -45.59 33.83
N LEU R 38 -15.19 -45.96 34.72
CA LEU R 38 -13.82 -46.39 34.36
C LEU R 38 -13.89 -47.71 33.62
N GLY R 39 -13.14 -47.79 32.49
CA GLY R 39 -12.90 -49.03 31.73
C GLY R 39 -14.16 -49.62 31.09
N GLU R 40 -15.15 -48.76 30.82
CA GLU R 40 -16.32 -49.09 29.98
C GLU R 40 -16.55 -47.94 28.99
N HIS R 41 -17.73 -47.90 28.38
CA HIS R 41 -18.05 -46.96 27.28
C HIS R 41 -19.55 -46.70 27.28
N SER R 42 -19.99 -45.70 26.51
CA SER R 42 -21.40 -45.21 26.52
C SER R 42 -22.30 -46.18 25.76
N ARG R 43 -21.78 -46.80 24.71
CA ARG R 43 -22.56 -47.75 23.89
C ARG R 43 -22.76 -49.07 24.66
N ARG R 44 -22.11 -49.28 25.80
CA ARG R 44 -22.46 -50.36 26.75
C ARG R 44 -23.88 -50.13 27.34
N TYR R 45 -24.49 -48.94 27.23
CA TYR R 45 -25.76 -48.59 27.89
C TYR R 45 -26.96 -48.73 26.93
N LEU R 46 -26.80 -49.52 25.86
CA LEU R 46 -27.81 -49.83 24.81
C LEU R 46 -29.17 -50.07 25.44
N HIS R 47 -29.23 -51.00 26.40
CA HIS R 47 -30.51 -51.42 27.04
C HIS R 47 -31.17 -50.21 27.68
N MET R 48 -30.37 -49.40 28.38
CA MET R 48 -30.89 -48.22 29.11
C MET R 48 -31.23 -47.09 28.13
N ILE R 49 -30.41 -46.91 27.09
CA ILE R 49 -30.60 -45.83 26.09
C ILE R 49 -31.95 -46.09 25.42
N SER R 50 -32.21 -47.36 25.07
CA SER R 50 -33.48 -47.84 24.47
C SER R 50 -34.66 -47.57 25.42
N ALA R 51 -34.59 -48.05 26.66
CA ALA R 51 -35.66 -47.85 27.66
C ALA R 51 -35.91 -46.35 27.86
N LEU R 52 -34.89 -45.50 27.76
CA LEU R 52 -35.04 -44.04 28.01
C LEU R 52 -35.74 -43.43 26.80
N LEU R 53 -35.45 -43.94 25.62
CA LEU R 53 -36.02 -43.47 24.33
C LEU R 53 -37.49 -43.84 24.34
N ASP R 54 -37.82 -45.10 24.69
CA ASP R 54 -39.21 -45.60 24.81
C ASP R 54 -40.04 -44.68 25.72
N ALA R 55 -39.41 -44.07 26.73
CA ALA R 55 -40.10 -43.19 27.70
C ALA R 55 -40.15 -41.76 27.19
N GLY R 56 -39.71 -41.50 25.94
CA GLY R 56 -39.81 -40.18 25.31
C GLY R 56 -38.75 -39.17 25.78
N PHE R 57 -37.55 -39.67 26.11
CA PHE R 57 -36.38 -38.86 26.56
C PHE R 57 -35.30 -38.82 25.47
N VAL R 58 -34.66 -37.67 25.29
CA VAL R 58 -33.39 -37.56 24.52
C VAL R 58 -32.29 -38.20 25.38
N VAL R 59 -31.37 -38.95 24.77
CA VAL R 59 -30.17 -39.48 25.47
C VAL R 59 -28.91 -38.95 24.78
N ILE R 60 -28.00 -38.40 25.58
CA ILE R 60 -26.69 -37.86 25.11
C ILE R 60 -25.60 -38.50 25.95
N ALA R 61 -24.50 -38.92 25.33
CA ALA R 61 -23.37 -39.58 26.01
C ALA R 61 -22.14 -39.57 25.10
N ASP R 62 -20.97 -39.42 25.73
CA ASP R 62 -19.65 -39.56 25.09
C ASP R 62 -18.86 -40.70 25.72
N ASP R 63 -17.90 -41.19 24.94
CA ASP R 63 -16.76 -41.98 25.43
C ASP R 63 -15.74 -40.94 25.95
N HIS R 64 -15.48 -40.95 27.26
CA HIS R 64 -14.53 -40.00 27.89
C HIS R 64 -13.17 -40.21 27.22
N ALA R 65 -12.34 -39.16 27.22
CA ALA R 65 -10.88 -39.20 26.94
C ALA R 65 -10.29 -40.48 27.55
N GLY R 66 -9.48 -41.22 26.78
CA GLY R 66 -8.85 -42.46 27.24
C GLY R 66 -9.79 -43.65 27.22
N HIS R 67 -11.01 -43.54 26.69
CA HIS R 67 -12.02 -44.63 26.75
C HIS R 67 -12.82 -44.87 25.44
N GLY R 68 -13.37 -46.07 25.29
CA GLY R 68 -14.24 -46.48 24.17
C GLY R 68 -13.75 -46.05 22.80
N ARG R 69 -14.67 -45.57 21.94
CA ARG R 69 -14.33 -45.20 20.56
C ARG R 69 -13.38 -44.01 20.58
N THR R 70 -13.26 -43.25 21.66
CA THR R 70 -12.33 -42.08 21.74
C THR R 70 -10.88 -42.59 21.78
N ALA R 71 -10.61 -43.62 22.58
CA ALA R 71 -9.30 -44.28 22.68
C ALA R 71 -9.01 -45.10 21.40
N MET R 72 -10.03 -45.78 20.85
CA MET R 72 -9.87 -46.60 19.63
C MET R 72 -9.39 -45.71 18.47
N GLN R 73 -9.89 -44.45 18.39
CA GLN R 73 -9.59 -43.50 17.28
C GLN R 73 -8.33 -42.68 17.54
N SER R 74 -8.07 -42.28 18.78
CA SER R 74 -6.86 -41.53 19.20
C SER R 74 -5.64 -42.48 19.31
N GLY R 75 -5.86 -43.76 19.65
CA GLY R 75 -4.82 -44.77 20.00
C GLY R 75 -4.44 -44.77 21.48
N VAL R 76 -5.05 -43.92 22.33
CA VAL R 76 -4.58 -43.66 23.73
C VAL R 76 -5.65 -44.07 24.76
N TRP R 77 -5.41 -45.19 25.45
CA TRP R 77 -6.30 -45.77 26.49
C TRP R 77 -5.80 -45.34 27.87
N ALA R 78 -6.73 -45.19 28.81
CA ALA R 78 -6.44 -44.98 30.24
C ALA R 78 -5.56 -43.74 30.44
N ASP R 79 -5.74 -42.70 29.63
CA ASP R 79 -5.10 -41.39 29.89
C ASP R 79 -5.88 -40.27 29.20
N ALA R 80 -6.09 -39.18 29.92
CA ALA R 80 -6.99 -38.09 29.53
C ALA R 80 -6.22 -36.80 29.38
N GLY R 81 -4.89 -36.89 29.40
CA GLY R 81 -3.98 -35.73 29.30
C GLY R 81 -3.64 -35.19 30.67
N ASP R 82 -2.94 -34.04 30.73
CA ASP R 82 -2.61 -33.35 32.01
C ASP R 82 -3.93 -32.90 32.62
N ASN R 83 -4.00 -32.79 33.96
CA ASN R 83 -5.20 -32.34 34.72
C ASN R 83 -6.43 -33.17 34.28
N ALA R 84 -6.31 -34.49 34.39
CA ALA R 84 -7.30 -35.45 33.88
C ALA R 84 -8.68 -35.06 34.40
N ALA R 85 -8.81 -34.79 35.70
CA ALA R 85 -10.12 -34.45 36.30
C ALA R 85 -10.76 -33.26 35.55
N GLU R 86 -10.07 -32.14 35.38
CA GLU R 86 -10.69 -30.93 34.75
C GLU R 86 -11.05 -31.24 33.30
N VAL R 87 -10.25 -32.05 32.62
CA VAL R 87 -10.48 -32.40 31.18
C VAL R 87 -11.87 -33.04 31.09
N VAL R 88 -12.09 -34.13 31.83
CA VAL R 88 -13.33 -34.95 31.68
C VAL R 88 -14.55 -34.17 32.22
N ILE R 89 -14.36 -33.30 33.21
CA ILE R 89 -15.44 -32.39 33.68
C ILE R 89 -15.78 -31.39 32.56
N SER R 90 -14.78 -30.67 32.10
CA SER R 90 -14.85 -29.74 30.94
C SER R 90 -15.55 -30.46 29.76
N ASP R 91 -15.13 -31.68 29.41
CA ASP R 91 -15.69 -32.42 28.23
C ASP R 91 -17.17 -32.75 28.47
N GLU R 92 -17.55 -33.18 29.66
CA GLU R 92 -19.01 -33.41 29.93
C GLU R 92 -19.80 -32.11 29.75
N LEU R 93 -19.30 -30.95 30.18
CA LEU R 93 -20.03 -29.65 30.02
C LEU R 93 -20.13 -29.31 28.52
N THR R 94 -19.04 -29.46 27.79
CA THR R 94 -18.98 -29.23 26.31
C THR R 94 -20.06 -30.11 25.65
N LEU R 95 -20.17 -31.37 26.06
CA LEU R 95 -21.23 -32.29 25.54
C LEU R 95 -22.59 -31.62 25.68
N GLN R 96 -22.94 -31.06 26.86
CA GLN R 96 -24.25 -30.41 27.10
C GLN R 96 -24.48 -29.36 26.01
N GLN R 97 -23.42 -28.59 25.68
CA GLN R 97 -23.48 -27.45 24.73
C GLN R 97 -23.65 -27.94 23.28
N GLN R 98 -23.42 -29.21 22.98
CA GLN R 98 -23.61 -29.75 21.61
C GLN R 98 -25.12 -29.82 21.28
N LEU R 99 -26.01 -29.68 22.26
CA LEU R 99 -27.48 -29.65 21.94
C LEU R 99 -28.06 -28.23 22.12
N ALA R 100 -27.24 -27.21 22.35
CA ALA R 100 -27.63 -25.77 22.40
C ALA R 100 -28.64 -25.48 21.27
N GLY R 101 -29.80 -24.92 21.62
CA GLY R 101 -30.81 -24.44 20.66
C GLY R 101 -31.86 -25.49 20.34
N GLN R 102 -31.61 -26.78 20.60
CA GLN R 102 -32.47 -27.92 20.15
C GLN R 102 -33.46 -28.36 21.24
N PHE R 103 -33.09 -28.25 22.53
CA PHE R 103 -33.93 -28.73 23.66
C PHE R 103 -33.75 -27.84 24.88
N ASP R 104 -33.58 -26.52 24.67
CA ASP R 104 -33.35 -25.52 25.74
C ASP R 104 -34.50 -25.53 26.75
N ASP R 105 -35.73 -25.80 26.30
CA ASP R 105 -36.97 -25.80 27.13
C ASP R 105 -37.10 -27.09 27.93
N LEU R 106 -36.20 -28.08 27.72
CA LEU R 106 -36.34 -29.43 28.33
C LEU R 106 -35.59 -29.51 29.66
N PRO R 107 -36.11 -30.27 30.63
CA PRO R 107 -35.34 -30.65 31.80
C PRO R 107 -34.20 -31.61 31.45
N TRP R 108 -33.03 -31.37 32.04
CA TRP R 108 -31.77 -32.12 31.85
C TRP R 108 -31.43 -32.92 33.12
N VAL R 109 -31.34 -34.24 32.99
CA VAL R 109 -30.98 -35.13 34.11
C VAL R 109 -29.65 -35.78 33.79
N VAL R 110 -28.64 -35.55 34.62
CA VAL R 110 -27.35 -36.28 34.52
C VAL R 110 -27.46 -37.58 35.31
N PHE R 111 -27.13 -38.69 34.67
CA PHE R 111 -26.96 -40.04 35.25
C PHE R 111 -25.49 -40.43 35.13
N GLY R 112 -24.78 -40.54 36.25
CA GLY R 112 -23.34 -40.90 36.26
C GLY R 112 -23.10 -42.18 37.02
N HIS R 113 -22.31 -43.08 36.44
CA HIS R 113 -21.97 -44.40 37.04
C HIS R 113 -20.49 -44.46 37.39
N SER R 114 -20.15 -44.91 38.61
CA SER R 114 -18.77 -45.05 39.17
C SER R 114 -17.98 -43.73 39.04
N TRP R 115 -16.92 -43.73 38.23
CA TRP R 115 -16.12 -42.52 37.88
C TRP R 115 -17.11 -41.49 37.36
N GLY R 116 -18.15 -41.96 36.66
CA GLY R 116 -19.23 -41.12 36.12
C GLY R 116 -19.94 -40.39 37.24
N SER R 117 -20.21 -41.03 38.40
CA SER R 117 -20.93 -40.39 39.52
C SER R 117 -20.04 -39.27 40.08
N MET R 118 -18.73 -39.50 40.15
CA MET R 118 -17.75 -38.56 40.71
C MET R 118 -17.75 -37.34 39.80
N ILE R 119 -17.63 -37.55 38.49
CA ILE R 119 -17.72 -36.48 37.46
C ILE R 119 -19.05 -35.75 37.66
N ALA R 120 -20.17 -36.47 37.66
CA ALA R 120 -21.53 -35.90 37.89
C ALA R 120 -21.50 -34.97 39.09
N ARG R 121 -20.97 -35.43 40.21
CA ARG R 121 -20.98 -34.67 41.47
C ARG R 121 -20.19 -33.37 41.34
N ALA R 122 -19.04 -33.39 40.65
CA ALA R 122 -18.18 -32.17 40.49
C ALA R 122 -18.83 -31.22 39.49
N MET R 123 -19.54 -31.74 38.48
CA MET R 123 -20.31 -30.90 37.55
C MET R 123 -21.39 -30.13 38.32
N ALA R 124 -22.06 -30.79 39.26
CA ALA R 124 -23.29 -30.27 39.91
C ALA R 124 -22.97 -28.97 40.69
N THR R 125 -21.72 -28.80 41.11
CA THR R 125 -21.23 -27.64 41.89
C THR R 125 -20.87 -26.47 40.94
N ARG R 126 -20.65 -26.73 39.66
CA ARG R 126 -20.21 -25.66 38.72
C ARG R 126 -21.45 -24.86 38.31
N PRO R 127 -21.39 -23.50 38.36
CA PRO R 127 -22.44 -22.70 37.74
C PRO R 127 -22.38 -23.01 36.23
N GLY R 128 -23.46 -22.74 35.50
CA GLY R 128 -23.47 -22.99 34.04
C GLY R 128 -23.60 -24.47 33.66
N THR R 129 -23.49 -25.40 34.62
CA THR R 129 -23.93 -26.80 34.45
C THR R 129 -25.44 -26.79 34.29
N ARG R 130 -25.93 -27.39 33.21
CA ARG R 130 -27.35 -27.74 33.00
C ARG R 130 -27.59 -29.00 33.85
N LEU R 131 -28.42 -28.88 34.88
CA LEU R 131 -28.71 -29.95 35.86
C LEU R 131 -30.02 -29.64 36.60
N ASP R 132 -31.08 -30.35 36.25
CA ASP R 132 -32.42 -30.23 36.90
C ASP R 132 -32.66 -31.44 37.80
N GLY R 133 -31.95 -32.54 37.56
CA GLY R 133 -31.94 -33.73 38.43
C GLY R 133 -30.62 -34.49 38.32
N LEU R 134 -30.24 -35.18 39.37
CA LEU R 134 -28.94 -35.90 39.48
C LEU R 134 -29.25 -37.33 39.90
N ALA R 135 -28.87 -38.31 39.07
CA ALA R 135 -28.92 -39.76 39.34
C ALA R 135 -27.49 -40.29 39.37
N LEU R 136 -27.09 -40.89 40.48
CA LEU R 136 -25.73 -41.46 40.70
C LEU R 136 -25.91 -42.97 40.88
N CYS R 137 -25.07 -43.76 40.22
CA CYS R 137 -25.05 -45.25 40.21
C CYS R 137 -23.60 -45.68 40.49
N GLY R 138 -23.39 -46.83 41.15
CA GLY R 138 -22.09 -47.31 41.65
C GLY R 138 -21.29 -46.22 42.39
N ILE R 139 -21.91 -45.53 43.34
CA ILE R 139 -21.38 -44.29 43.96
C ILE R 139 -20.03 -44.61 44.60
N VAL R 140 -19.03 -43.78 44.34
CA VAL R 140 -17.67 -43.92 44.94
C VAL R 140 -17.64 -43.06 46.20
N ALA R 141 -17.85 -43.68 47.37
CA ALA R 141 -17.99 -42.95 48.64
C ALA R 141 -17.42 -43.76 49.79
N GLN R 142 -16.32 -43.24 50.31
CA GLN R 142 -15.61 -43.70 51.54
C GLN R 142 -15.14 -45.13 51.39
N PRO R 143 -14.66 -45.58 50.22
CA PRO R 143 -13.99 -46.89 50.12
C PRO R 143 -12.58 -46.78 50.71
N ARG R 144 -12.12 -47.78 51.47
CA ARG R 144 -10.83 -47.75 52.21
C ARG R 144 -9.71 -47.15 51.35
N GLY R 145 -9.66 -47.52 50.06
CA GLY R 145 -8.53 -47.22 49.16
C GLY R 145 -8.33 -45.72 48.96
N PHE R 146 -9.37 -45.02 48.50
CA PHE R 146 -9.34 -43.54 48.31
C PHE R 146 -9.20 -42.84 49.67
N GLU R 147 -9.85 -43.38 50.71
CA GLU R 147 -9.95 -42.75 52.07
C GLU R 147 -8.58 -42.79 52.80
N THR R 148 -7.89 -43.95 52.87
CA THR R 148 -6.75 -44.20 53.81
C THR R 148 -5.51 -44.73 53.05
N THR R 149 -5.64 -45.78 52.24
CA THR R 149 -4.50 -46.55 51.70
C THR R 149 -3.74 -45.75 50.63
N LEU R 150 -4.43 -45.02 49.75
CA LEU R 150 -3.72 -44.30 48.66
C LEU R 150 -2.70 -43.33 49.28
N ASP R 151 -1.44 -43.49 48.89
CA ASP R 151 -0.29 -42.65 49.35
C ASP R 151 -0.09 -41.50 48.36
N HIS R 152 -0.66 -40.35 48.73
CA HIS R 152 -0.71 -39.10 47.92
C HIS R 152 0.72 -38.56 47.73
N LYS R 153 1.61 -38.73 48.74
CA LYS R 153 3.04 -38.32 48.65
C LYS R 153 3.67 -39.03 47.45
N THR R 154 3.66 -40.37 47.45
CA THR R 154 4.29 -41.21 46.40
C THR R 154 3.69 -40.88 45.03
N LEU R 155 2.36 -40.75 44.99
CA LEU R 155 1.66 -40.45 43.73
C LEU R 155 2.19 -39.12 43.17
N ALA R 156 2.29 -38.05 43.99
CA ALA R 156 2.85 -36.73 43.55
C ALA R 156 4.34 -36.86 43.16
N LYS R 157 5.10 -37.72 43.85
CA LYS R 157 6.50 -38.09 43.51
C LYS R 157 6.58 -38.69 42.10
N ALA R 158 5.64 -39.57 41.76
CA ALA R 158 5.54 -40.27 40.46
C ALA R 158 5.07 -39.28 39.38
N MET R 159 4.44 -38.18 39.79
CA MET R 159 3.91 -37.11 38.90
C MET R 159 5.04 -36.16 38.50
N ALA R 160 5.93 -35.82 39.44
CA ALA R 160 7.12 -34.97 39.18
C ALA R 160 8.08 -35.73 38.24
N THR R 161 8.32 -37.03 38.50
CA THR R 161 9.35 -37.89 37.85
C THR R 161 8.93 -38.37 36.45
N ALA R 162 7.66 -38.78 36.25
CA ALA R 162 7.19 -39.45 35.00
C ALA R 162 5.66 -39.37 34.86
N PRO R 163 5.13 -38.17 34.51
CA PRO R 163 3.69 -37.99 34.37
C PRO R 163 3.03 -39.01 33.41
N THR R 164 3.64 -39.31 32.25
CA THR R 164 3.01 -40.08 31.13
C THR R 164 3.29 -41.58 31.28
N ASP R 165 4.24 -41.99 32.13
CA ASP R 165 4.53 -43.43 32.40
C ASP R 165 3.25 -44.08 32.92
N PRO R 166 2.98 -45.37 32.63
CA PRO R 166 2.00 -46.18 33.38
C PRO R 166 2.09 -45.95 34.89
N ALA R 167 0.94 -45.86 35.57
CA ALA R 167 0.85 -45.69 37.04
C ALA R 167 1.58 -46.88 37.66
N PRO R 168 2.52 -46.67 38.62
CA PRO R 168 3.12 -47.77 39.35
C PRO R 168 1.99 -48.62 39.92
N GLU R 169 2.20 -49.92 39.88
CA GLU R 169 1.20 -50.99 40.10
C GLU R 169 0.73 -50.95 41.55
N ALA R 170 1.63 -50.62 42.47
CA ALA R 170 1.34 -50.70 43.93
C ALA R 170 0.38 -49.55 44.30
N LEU R 171 0.45 -48.42 43.56
CA LEU R 171 -0.46 -47.24 43.75
C LEU R 171 -1.86 -47.56 43.21
N VAL R 172 -1.97 -48.16 42.01
CA VAL R 172 -3.25 -48.66 41.45
C VAL R 172 -3.92 -49.52 42.52
N ALA R 173 -3.17 -50.47 43.07
CA ALA R 173 -3.61 -51.47 44.08
C ALA R 173 -3.97 -50.75 45.38
N GLN R 174 -3.24 -49.68 45.72
CA GLN R 174 -3.56 -48.83 46.90
C GLN R 174 -4.98 -48.27 46.71
N MET R 175 -5.30 -47.73 45.53
CA MET R 175 -6.58 -47.02 45.27
C MET R 175 -7.77 -47.95 45.40
N PHE R 176 -7.64 -49.15 44.80
CA PHE R 176 -8.70 -50.17 44.62
C PHE R 176 -8.54 -51.24 45.71
N ASP R 177 -7.89 -50.84 46.81
CA ASP R 177 -7.87 -51.57 48.09
C ASP R 177 -9.26 -51.45 48.73
N GLY R 178 -9.88 -52.58 49.02
CA GLY R 178 -11.28 -52.69 49.46
C GLY R 178 -12.14 -53.43 48.44
N PHE R 179 -11.80 -53.26 47.15
CA PHE R 179 -12.62 -53.77 46.01
C PHE R 179 -12.74 -55.30 46.04
N ALA R 180 -11.76 -56.00 46.65
CA ALA R 180 -11.64 -57.48 46.63
C ALA R 180 -12.16 -58.11 47.94
N ASP R 181 -12.61 -57.30 48.92
CA ASP R 181 -12.84 -57.75 50.30
C ASP R 181 -13.80 -58.94 50.35
N ARG R 182 -14.85 -58.96 49.53
CA ARG R 182 -15.98 -59.89 49.74
C ARG R 182 -16.11 -60.82 48.52
N LEU R 183 -15.00 -61.15 47.87
CA LEU R 183 -14.96 -62.20 46.81
C LEU R 183 -14.47 -63.51 47.42
N SER R 184 -14.27 -64.51 46.57
CA SER R 184 -13.66 -65.84 46.87
C SER R 184 -12.75 -66.20 45.70
N GLU R 185 -12.30 -67.45 45.53
CA GLU R 185 -11.50 -67.68 44.29
C GLU R 185 -12.41 -68.10 43.14
N ASP R 186 -13.72 -68.25 43.40
CA ASP R 186 -14.78 -68.55 42.40
C ASP R 186 -15.38 -67.23 41.88
N ASP R 187 -14.66 -66.11 42.03
CA ASP R 187 -15.13 -64.76 41.66
C ASP R 187 -14.15 -64.13 40.67
N GLY R 188 -12.85 -64.30 40.84
CA GLY R 188 -11.91 -63.65 39.92
C GLY R 188 -11.52 -62.27 40.37
N PRO R 189 -10.48 -61.64 39.79
CA PRO R 189 -10.05 -60.32 40.25
C PRO R 189 -11.06 -59.17 40.02
N THR R 190 -12.00 -59.34 39.09
CA THR R 190 -12.99 -58.29 38.79
C THR R 190 -14.40 -58.78 39.12
N GLY R 191 -14.53 -59.71 40.06
CA GLY R 191 -15.84 -60.26 40.44
C GLY R 191 -16.74 -59.26 41.14
N TRP R 192 -16.17 -58.13 41.60
CA TRP R 192 -16.88 -57.06 42.34
C TRP R 192 -17.75 -56.24 41.37
N VAL R 193 -17.45 -56.32 40.08
CA VAL R 193 -18.20 -55.64 38.97
C VAL R 193 -19.68 -56.05 39.07
N ALA R 194 -19.95 -57.33 39.29
CA ALA R 194 -21.34 -57.84 39.39
C ALA R 194 -21.34 -59.28 39.91
N ARG R 195 -22.38 -59.62 40.66
CA ARG R 195 -22.61 -61.00 41.17
C ARG R 195 -22.75 -61.95 39.95
N SER R 196 -23.41 -61.44 38.90
CA SER R 196 -23.69 -62.16 37.63
C SER R 196 -22.36 -62.41 36.92
N LYS R 197 -21.93 -63.65 36.82
CA LYS R 197 -20.61 -63.99 36.21
C LYS R 197 -20.62 -63.66 34.71
N GLU R 198 -21.82 -63.70 34.11
CA GLU R 198 -22.06 -63.44 32.68
C GLU R 198 -21.75 -61.95 32.41
N VAL R 199 -22.28 -61.04 33.23
CA VAL R 199 -21.99 -59.58 33.13
C VAL R 199 -20.47 -59.40 33.19
N VAL R 200 -19.83 -60.08 34.14
CA VAL R 200 -18.36 -59.93 34.44
C VAL R 200 -17.56 -60.40 33.21
N ALA R 201 -17.97 -61.50 32.55
CA ALA R 201 -17.22 -62.05 31.40
C ALA R 201 -17.38 -61.16 30.15
N ASP R 202 -18.61 -60.70 29.85
CA ASP R 202 -18.92 -59.71 28.77
C ASP R 202 -18.08 -58.45 29.01
N HIS R 203 -18.02 -57.98 30.27
CA HIS R 203 -17.22 -56.80 30.67
C HIS R 203 -15.77 -57.02 30.24
N GLY R 204 -15.22 -58.22 30.43
CA GLY R 204 -13.80 -58.51 30.14
C GLY R 204 -13.56 -58.76 28.66
N LYS R 205 -14.58 -59.22 27.92
CA LYS R 205 -14.47 -59.48 26.46
C LYS R 205 -14.61 -58.18 25.64
N ASP R 206 -15.49 -57.26 26.03
CA ASP R 206 -15.87 -56.09 25.19
C ASP R 206 -14.61 -55.30 24.77
N LYS R 207 -14.33 -55.20 23.47
CA LYS R 207 -13.15 -54.47 22.94
C LYS R 207 -13.27 -52.96 23.20
N PHE R 208 -14.47 -52.43 23.46
CA PHE R 208 -14.66 -50.98 23.74
C PHE R 208 -14.47 -50.73 25.24
N ASN R 209 -14.46 -51.80 26.04
CA ASN R 209 -14.01 -51.72 27.46
C ASN R 209 -12.47 -51.70 27.50
N ASN R 210 -11.82 -52.63 26.81
CA ASN R 210 -10.34 -52.85 26.80
C ASN R 210 -9.87 -52.84 28.26
N PHE R 211 -10.60 -53.52 29.16
CA PHE R 211 -10.31 -53.50 30.62
C PHE R 211 -8.95 -54.15 30.85
N GLY R 212 -8.16 -53.58 31.78
CA GLY R 212 -6.78 -54.01 32.08
C GLY R 212 -5.73 -53.05 31.55
N ALA R 213 -5.98 -52.43 30.38
CA ALA R 213 -5.17 -51.31 29.82
C ALA R 213 -4.69 -50.41 30.97
N PRO R 214 -3.38 -50.16 31.10
CA PRO R 214 -2.87 -49.52 32.32
C PRO R 214 -3.05 -47.99 32.27
N MET R 215 -3.64 -47.42 33.32
CA MET R 215 -3.79 -45.97 33.57
C MET R 215 -2.40 -45.32 33.63
N SER R 216 -2.23 -44.16 33.00
CA SER R 216 -1.03 -43.30 33.22
C SER R 216 -1.02 -42.87 34.69
N THR R 217 0.08 -42.24 35.12
CA THR R 217 0.26 -41.70 36.49
C THR R 217 -0.64 -40.45 36.61
N ARG R 218 -0.54 -39.55 35.62
CA ARG R 218 -1.33 -38.29 35.58
C ARG R 218 -2.83 -38.62 35.61
N PHE R 219 -3.25 -39.75 34.98
CA PHE R 219 -4.66 -40.24 35.02
C PHE R 219 -5.05 -40.64 36.46
N LEU R 220 -4.16 -41.35 37.16
CA LEU R 220 -4.49 -41.86 38.51
C LEU R 220 -4.72 -40.67 39.43
N GLN R 221 -3.83 -39.68 39.39
CA GLN R 221 -3.94 -38.40 40.15
C GLN R 221 -5.28 -37.73 39.80
N GLY R 222 -5.70 -37.70 38.53
CA GLY R 222 -7.08 -37.35 38.15
C GLY R 222 -8.15 -38.08 38.97
N LEU R 223 -7.95 -39.36 39.31
CA LEU R 223 -8.97 -40.12 40.08
C LEU R 223 -9.00 -39.64 41.55
N ALA R 224 -7.83 -39.40 42.13
CA ALA R 224 -7.65 -38.85 43.50
C ALA R 224 -8.38 -37.51 43.59
N ASP R 225 -8.07 -36.62 42.64
CA ASP R 225 -8.61 -35.24 42.51
C ASP R 225 -10.16 -35.27 42.38
N ILE R 226 -10.69 -36.00 41.39
CA ILE R 226 -12.17 -36.13 41.15
C ILE R 226 -12.84 -36.75 42.39
N TYR R 227 -12.22 -37.73 43.03
CA TYR R 227 -12.73 -38.36 44.27
C TYR R 227 -12.98 -37.30 45.35
N ALA R 228 -11.96 -36.49 45.58
CA ALA R 228 -11.91 -35.50 46.67
C ALA R 228 -12.84 -34.31 46.33
N MET R 229 -12.98 -33.96 45.05
CA MET R 229 -13.98 -32.97 44.54
C MET R 229 -15.37 -33.52 44.86
N ALA R 230 -15.64 -34.78 44.54
CA ALA R 230 -16.96 -35.43 44.69
C ALA R 230 -17.38 -35.55 46.17
N ASN R 231 -16.41 -35.75 47.07
CA ASN R 231 -16.69 -36.15 48.47
C ASN R 231 -16.21 -35.06 49.44
N GLY R 232 -15.69 -33.96 48.92
CA GLY R 232 -15.32 -32.78 49.71
C GLY R 232 -16.53 -32.03 50.27
N ASP R 233 -16.25 -31.19 51.28
CA ASP R 233 -17.19 -30.31 52.03
C ASP R 233 -17.88 -29.35 51.05
N SER R 234 -17.18 -28.92 50.01
CA SER R 234 -17.63 -27.94 49.00
C SER R 234 -18.75 -28.55 48.15
N PHE R 235 -18.62 -29.83 47.81
CA PHE R 235 -19.73 -30.55 47.15
C PHE R 235 -21.01 -30.49 48.00
N TYR R 236 -20.88 -30.87 49.29
CA TYR R 236 -22.04 -31.03 50.22
C TYR R 236 -22.67 -29.66 50.50
N ALA R 237 -21.87 -28.60 50.54
CA ALA R 237 -22.35 -27.23 50.82
C ALA R 237 -22.96 -26.55 49.58
N THR R 238 -22.55 -26.87 48.35
CA THR R 238 -22.99 -26.11 47.14
C THR R 238 -23.90 -26.97 46.26
N MET R 239 -24.05 -28.27 46.50
CA MET R 239 -25.01 -29.10 45.76
C MET R 239 -26.35 -28.35 45.69
N PRO R 240 -26.91 -28.09 44.48
CA PRO R 240 -28.15 -27.33 44.37
C PRO R 240 -29.36 -28.12 44.93
N ASN R 241 -30.45 -27.44 45.34
CA ASN R 241 -31.67 -28.11 45.90
C ASN R 241 -32.52 -28.60 44.71
N ILE R 242 -32.21 -29.78 44.20
CA ILE R 242 -32.87 -30.41 43.04
C ILE R 242 -33.06 -31.85 43.45
N PRO R 243 -33.97 -32.58 42.78
CA PRO R 243 -34.11 -34.00 43.06
C PRO R 243 -32.79 -34.73 42.87
N ILE R 244 -32.56 -35.71 43.73
CA ILE R 244 -31.37 -36.62 43.70
C ILE R 244 -31.85 -38.05 43.85
N VAL R 245 -31.32 -38.98 43.07
CA VAL R 245 -31.58 -40.44 43.25
C VAL R 245 -30.23 -41.18 43.25
N LEU R 246 -30.10 -42.19 44.10
CA LEU R 246 -28.87 -43.03 44.19
C LEU R 246 -29.22 -44.51 43.92
N PHE R 247 -28.39 -45.20 43.15
CA PHE R 247 -28.47 -46.66 42.89
C PHE R 247 -27.17 -47.30 43.33
N ALA R 248 -27.24 -48.29 44.22
CA ALA R 248 -26.05 -48.99 44.70
C ALA R 248 -26.43 -50.41 45.11
N GLY R 249 -25.53 -51.36 44.80
CA GLY R 249 -25.57 -52.72 45.37
C GLY R 249 -24.97 -52.72 46.77
N SER R 250 -25.57 -53.45 47.72
CA SER R 250 -25.11 -53.61 49.12
C SER R 250 -23.70 -54.20 49.18
N GLU R 251 -23.31 -55.00 48.17
CA GLU R 251 -21.99 -55.69 48.09
C GLU R 251 -21.02 -54.95 47.15
N ASP R 252 -21.31 -53.69 46.78
CA ASP R 252 -20.44 -52.84 45.93
C ASP R 252 -19.33 -52.25 46.79
N PRO R 253 -18.04 -52.49 46.51
CA PRO R 253 -16.98 -51.92 47.33
C PRO R 253 -16.74 -50.43 47.09
N ALA R 254 -16.97 -49.93 45.88
CA ALA R 254 -16.86 -48.49 45.56
C ALA R 254 -17.56 -47.67 46.65
N GLY R 255 -18.64 -48.21 47.23
CA GLY R 255 -19.48 -47.49 48.21
C GLY R 255 -19.31 -48.01 49.61
N ASP R 256 -18.22 -48.74 49.86
CA ASP R 256 -17.92 -49.41 51.15
C ASP R 256 -19.17 -50.19 51.58
N PHE R 257 -19.71 -51.00 50.67
CA PHE R 257 -20.76 -52.02 50.92
C PHE R 257 -22.00 -51.33 51.51
N GLY R 258 -22.49 -50.26 50.86
CA GLY R 258 -23.69 -49.51 51.30
C GLY R 258 -23.43 -48.44 52.37
N THR R 259 -22.43 -48.65 53.24
CA THR R 259 -22.11 -47.76 54.40
C THR R 259 -21.67 -46.37 53.89
N GLY R 260 -20.74 -46.29 52.94
CA GLY R 260 -20.34 -45.02 52.28
C GLY R 260 -21.51 -44.29 51.61
N VAL R 261 -22.29 -45.03 50.84
CA VAL R 261 -23.47 -44.55 50.07
C VAL R 261 -24.52 -44.00 51.03
N LYS R 262 -24.86 -44.72 52.12
CA LYS R 262 -25.87 -44.24 53.09
C LYS R 262 -25.32 -42.98 53.78
N ALA R 263 -24.00 -42.92 54.00
CA ALA R 263 -23.35 -41.74 54.59
C ALA R 263 -23.57 -40.53 53.66
N VAL R 264 -23.59 -40.72 52.34
CA VAL R 264 -23.82 -39.60 51.39
C VAL R 264 -25.28 -39.12 51.51
N ALA R 265 -26.22 -40.04 51.43
CA ALA R 265 -27.67 -39.71 51.51
C ALA R 265 -27.88 -38.98 52.82
N GLU R 266 -27.40 -39.59 53.90
CA GLU R 266 -27.55 -39.08 55.28
C GLU R 266 -27.04 -37.63 55.30
N ARG R 267 -25.86 -37.37 54.72
CA ARG R 267 -25.28 -36.01 54.83
C ARG R 267 -26.05 -35.04 53.92
N LEU R 268 -26.42 -35.48 52.71
CA LEU R 268 -27.27 -34.63 51.83
C LEU R 268 -28.59 -34.32 52.56
N ARG R 269 -29.27 -35.35 53.11
CA ARG R 269 -30.56 -35.16 53.83
C ARG R 269 -30.37 -34.24 55.04
N ARG R 270 -29.30 -34.36 55.81
CA ARG R 270 -29.04 -33.49 57.01
C ARG R 270 -29.05 -32.03 56.57
N ASP R 271 -28.54 -31.77 55.36
CA ASP R 271 -28.34 -30.42 54.78
C ASP R 271 -29.59 -30.02 53.97
N GLY R 272 -30.70 -30.75 54.11
CA GLY R 272 -32.03 -30.30 53.64
C GLY R 272 -32.34 -30.72 52.21
N HIS R 273 -31.58 -31.65 51.63
CA HIS R 273 -31.76 -32.19 50.26
C HIS R 273 -32.67 -33.42 50.30
N ASN R 274 -33.48 -33.62 49.24
CA ASN R 274 -34.36 -34.81 49.03
C ASN R 274 -33.58 -35.87 48.23
N VAL R 275 -33.37 -37.06 48.80
CA VAL R 275 -32.50 -38.13 48.20
C VAL R 275 -33.26 -39.46 48.22
N GLU R 276 -33.52 -39.97 47.04
CA GLU R 276 -34.15 -41.28 46.84
C GLU R 276 -33.01 -42.28 46.79
N LEU R 277 -32.94 -43.21 47.73
CA LEU R 277 -31.88 -44.26 47.72
C LEU R 277 -32.50 -45.61 47.31
N HIS R 278 -31.96 -46.25 46.27
CA HIS R 278 -32.20 -47.67 45.88
C HIS R 278 -30.95 -48.48 46.22
N LEU R 279 -30.94 -49.12 47.38
CA LEU R 279 -29.89 -50.06 47.82
C LEU R 279 -30.38 -51.45 47.46
N TYR R 280 -29.63 -52.19 46.65
CA TYR R 280 -30.02 -53.55 46.15
C TYR R 280 -29.27 -54.61 46.95
N ASP R 281 -29.99 -55.24 47.88
CA ASP R 281 -29.49 -56.30 48.79
C ASP R 281 -28.84 -57.43 47.97
N GLY R 282 -27.51 -57.61 48.07
CA GLY R 282 -26.79 -58.82 47.62
C GLY R 282 -26.14 -58.67 46.25
N LEU R 283 -26.30 -57.51 45.62
CA LEU R 283 -25.71 -57.19 44.29
C LEU R 283 -24.50 -56.28 44.48
N ARG R 284 -23.63 -56.26 43.47
CA ARG R 284 -22.31 -55.60 43.51
C ARG R 284 -22.37 -54.28 42.71
N HIS R 285 -21.26 -53.86 42.11
CA HIS R 285 -21.05 -52.50 41.56
C HIS R 285 -22.17 -52.09 40.60
N GLU R 286 -22.39 -52.88 39.53
CA GLU R 286 -23.16 -52.49 38.30
C GLU R 286 -24.61 -52.89 38.46
N VAL R 287 -25.35 -52.25 39.36
CA VAL R 287 -26.80 -52.56 39.59
C VAL R 287 -27.65 -52.25 38.35
N HIS R 288 -27.13 -51.46 37.39
CA HIS R 288 -27.85 -51.12 36.12
C HIS R 288 -27.74 -52.27 35.13
N ASN R 289 -26.80 -53.21 35.35
CA ASN R 289 -26.50 -54.34 34.44
C ASN R 289 -26.88 -55.70 35.05
N GLU R 290 -26.95 -55.84 36.38
CA GLU R 290 -27.35 -57.11 37.07
C GLU R 290 -28.75 -57.48 36.60
N PRO R 291 -28.98 -58.72 36.13
CA PRO R 291 -30.32 -59.13 35.66
C PRO R 291 -31.42 -58.79 36.66
N GLU R 292 -31.16 -59.06 37.94
CA GLU R 292 -32.14 -58.96 39.03
C GLU R 292 -32.59 -57.51 39.17
N SER R 293 -31.67 -56.56 39.08
CA SER R 293 -31.92 -55.12 39.39
C SER R 293 -32.08 -54.24 38.14
N ARG R 294 -31.66 -54.66 36.95
CA ARG R 294 -31.64 -53.76 35.77
C ARG R 294 -33.01 -53.09 35.56
N ALA R 295 -34.07 -53.88 35.36
CA ALA R 295 -35.42 -53.38 35.03
C ALA R 295 -35.82 -52.33 36.08
N ASP R 296 -35.56 -52.61 37.37
CA ASP R 296 -36.01 -51.72 38.48
C ASP R 296 -35.19 -50.42 38.47
N VAL R 297 -33.88 -50.46 38.18
CA VAL R 297 -33.03 -49.23 38.08
C VAL R 297 -33.57 -48.37 36.95
N GLU R 298 -33.95 -48.99 35.85
CA GLU R 298 -34.44 -48.28 34.63
C GLU R 298 -35.81 -47.64 34.91
N SER R 299 -36.79 -48.37 35.46
CA SER R 299 -38.16 -47.83 35.71
C SER R 299 -38.12 -46.76 36.80
N SER R 300 -37.37 -47.00 37.86
CA SER R 300 -37.04 -45.95 38.86
C SER R 300 -36.43 -44.69 38.19
N LEU R 301 -35.49 -44.87 37.24
CA LEU R 301 -34.86 -43.72 36.55
C LEU R 301 -35.89 -42.98 35.66
N VAL R 302 -36.74 -43.73 34.96
CA VAL R 302 -37.88 -43.14 34.19
C VAL R 302 -38.79 -42.35 35.15
N THR R 303 -39.28 -42.99 36.21
CA THR R 303 -40.13 -42.31 37.25
C THR R 303 -39.40 -41.07 37.75
N PHE R 304 -38.11 -41.19 38.10
CA PHE R 304 -37.32 -40.04 38.62
C PHE R 304 -37.37 -38.91 37.60
N VAL R 305 -37.06 -39.21 36.32
CA VAL R 305 -36.96 -38.14 35.27
C VAL R 305 -38.32 -37.48 35.04
N ASP R 306 -39.43 -38.24 35.02
CA ASP R 306 -40.80 -37.67 34.88
C ASP R 306 -41.07 -36.61 35.99
N ARG R 307 -40.55 -36.79 37.21
CA ARG R 307 -40.80 -35.86 38.35
C ARG R 307 -39.87 -34.64 38.30
N VAL R 308 -38.87 -34.66 37.44
CA VAL R 308 -37.93 -33.53 37.32
C VAL R 308 -38.56 -32.47 36.43
N ALA R 309 -38.46 -31.24 36.90
CA ALA R 309 -38.91 -30.00 36.22
C ALA R 309 -37.74 -29.02 36.26
N ASN R 310 -37.73 -28.00 35.40
CA ASN R 310 -36.60 -27.04 35.45
C ASN R 310 -37.13 -25.62 35.72
N ALA S 2 64.69 -18.82 -16.46
CA ALA S 2 66.01 -18.52 -17.02
C ALA S 2 65.75 -17.89 -18.39
N LEU S 3 66.67 -17.03 -18.81
CA LEU S 3 66.61 -16.29 -20.09
C LEU S 3 67.88 -16.58 -20.87
N GLN S 4 67.72 -16.79 -22.18
CA GLN S 4 68.82 -16.87 -23.16
C GLN S 4 68.57 -15.77 -24.21
N GLU S 5 69.57 -14.95 -24.47
CA GLU S 5 69.65 -14.12 -25.69
C GLU S 5 70.42 -14.87 -26.76
N ILE S 6 69.80 -15.02 -27.93
CA ILE S 6 70.27 -15.80 -29.10
C ILE S 6 70.29 -14.88 -30.32
N GLU S 7 71.44 -14.76 -30.98
CA GLU S 7 71.57 -14.08 -32.30
C GLU S 7 72.20 -15.07 -33.29
N PHE S 8 71.70 -15.04 -34.52
CA PHE S 8 72.34 -15.73 -35.67
C PHE S 8 72.17 -14.83 -36.87
N THR S 9 73.02 -14.98 -37.90
CA THR S 9 72.91 -14.33 -39.22
C THR S 9 71.71 -14.94 -39.99
N SER S 10 70.82 -14.06 -40.45
CA SER S 10 69.65 -14.41 -41.29
C SER S 10 70.15 -15.06 -42.58
N HIS S 11 69.39 -16.02 -43.13
CA HIS S 11 69.52 -16.57 -44.50
C HIS S 11 69.73 -15.42 -45.51
N ASN S 12 69.20 -14.22 -45.24
CA ASN S 12 69.32 -13.02 -46.11
C ASN S 12 70.75 -12.46 -46.11
N GLY S 13 71.60 -12.82 -45.14
CA GLY S 13 73.03 -12.46 -45.08
C GLY S 13 73.30 -11.06 -44.56
N ARG S 14 72.26 -10.28 -44.29
CA ARG S 14 72.32 -8.87 -43.81
C ARG S 14 72.01 -8.82 -42.28
N ASP S 15 70.94 -9.45 -41.85
CA ASP S 15 70.35 -9.17 -40.52
C ASP S 15 70.98 -10.12 -39.51
N ALA S 16 71.30 -9.60 -38.32
CA ALA S 16 71.46 -10.35 -37.05
C ALA S 16 70.07 -10.54 -36.44
N ILE S 17 69.54 -11.74 -36.58
CA ILE S 17 68.20 -12.09 -36.03
C ILE S 17 68.26 -12.04 -34.51
N GLN S 18 67.42 -11.20 -33.91
CA GLN S 18 67.34 -11.07 -32.44
C GLN S 18 66.28 -12.05 -31.95
N ALA S 19 66.67 -12.90 -31.00
CA ALA S 19 65.88 -14.03 -30.50
C ALA S 19 66.10 -14.21 -29.01
N TRP S 20 65.14 -14.86 -28.37
CA TRP S 20 65.11 -15.13 -26.91
C TRP S 20 64.58 -16.54 -26.71
N ALA S 21 65.13 -17.23 -25.72
CA ALA S 21 64.53 -18.44 -25.15
C ALA S 21 64.27 -18.20 -23.67
N TYR S 22 63.03 -18.40 -23.26
CA TYR S 22 62.49 -18.28 -21.88
C TYR S 22 62.32 -19.70 -21.32
N GLU S 23 63.02 -20.05 -20.25
CA GLU S 23 62.83 -21.39 -19.66
C GLU S 23 62.13 -21.24 -18.31
N PRO S 24 61.14 -22.13 -18.04
CA PRO S 24 60.44 -22.14 -16.78
C PRO S 24 61.33 -22.67 -15.65
N VAL S 25 60.84 -22.43 -14.46
CA VAL S 25 61.24 -23.04 -13.17
C VAL S 25 60.76 -24.49 -13.24
N GLY S 26 61.65 -25.44 -13.06
CA GLY S 26 61.28 -26.86 -12.93
C GLY S 26 61.77 -27.64 -14.12
N THR S 27 61.21 -28.83 -14.34
CA THR S 27 61.54 -29.64 -15.53
C THR S 27 60.49 -29.27 -16.56
N PRO S 28 60.87 -28.68 -17.71
CA PRO S 28 59.88 -28.33 -18.72
C PRO S 28 59.36 -29.63 -19.39
N THR S 29 58.11 -29.62 -19.87
CA THR S 29 57.43 -30.72 -20.59
C THR S 29 57.31 -30.49 -22.10
N ALA S 30 57.53 -29.28 -22.62
CA ALA S 30 57.44 -29.00 -24.07
C ALA S 30 58.20 -27.73 -24.41
N VAL S 31 58.44 -27.52 -25.71
CA VAL S 31 58.95 -26.25 -26.28
C VAL S 31 57.83 -25.64 -27.13
N VAL S 32 57.65 -24.32 -27.08
CA VAL S 32 56.66 -23.56 -27.92
C VAL S 32 57.38 -22.42 -28.63
N GLN S 33 57.47 -22.50 -29.96
CA GLN S 33 58.09 -21.48 -30.84
C GLN S 33 56.97 -20.51 -31.20
N ILE S 34 57.04 -19.27 -30.74
CA ILE S 34 56.05 -18.22 -31.14
C ILE S 34 56.57 -17.55 -32.41
N ILE S 35 55.74 -17.49 -33.45
CA ILE S 35 56.13 -16.83 -34.72
C ILE S 35 55.18 -15.66 -34.93
N HIS S 36 55.73 -14.46 -34.72
CA HIS S 36 54.99 -13.18 -34.75
C HIS S 36 54.63 -12.83 -36.19
N GLY S 37 53.61 -11.99 -36.37
CA GLY S 37 53.07 -11.56 -37.65
C GLY S 37 53.70 -10.27 -38.14
N LEU S 38 53.23 -9.79 -39.29
CA LEU S 38 53.61 -8.50 -39.93
C LEU S 38 53.35 -7.32 -38.99
N GLY S 39 54.28 -6.35 -39.00
CA GLY S 39 54.17 -5.09 -38.27
C GLY S 39 54.23 -5.28 -36.76
N GLU S 40 54.70 -6.42 -36.25
CA GLU S 40 54.79 -6.63 -34.79
C GLU S 40 56.13 -7.30 -34.46
N HIS S 41 56.26 -7.91 -33.29
CA HIS S 41 57.55 -8.42 -32.77
C HIS S 41 57.27 -9.43 -31.65
N SER S 42 58.28 -10.21 -31.28
CA SER S 42 58.13 -11.36 -30.37
C SER S 42 57.88 -10.94 -28.91
N ARG S 43 58.35 -9.77 -28.47
CA ARG S 43 58.22 -9.36 -27.05
C ARG S 43 56.87 -8.67 -26.81
N ARG S 44 56.05 -8.57 -27.83
CA ARG S 44 54.63 -8.15 -27.69
C ARG S 44 53.78 -9.31 -27.12
N TYR S 45 54.35 -10.51 -27.06
CA TYR S 45 53.70 -11.76 -26.58
C TYR S 45 54.04 -12.00 -25.10
N LEU S 46 54.44 -10.94 -24.40
CA LEU S 46 54.77 -10.96 -22.95
C LEU S 46 53.75 -11.82 -22.18
N HIS S 47 52.46 -11.53 -22.34
CA HIS S 47 51.37 -12.18 -21.56
C HIS S 47 51.38 -13.68 -21.83
N MET S 48 51.44 -14.06 -23.10
CA MET S 48 51.34 -15.47 -23.52
C MET S 48 52.63 -16.17 -23.11
N ILE S 49 53.77 -15.48 -23.21
CA ILE S 49 55.08 -16.07 -22.84
C ILE S 49 55.00 -16.46 -21.36
N SER S 50 54.50 -15.54 -20.53
CA SER S 50 54.37 -15.74 -19.07
C SER S 50 53.36 -16.89 -18.81
N ALA S 51 52.25 -16.96 -19.52
CA ALA S 51 51.26 -18.05 -19.33
C ALA S 51 51.89 -19.42 -19.65
N LEU S 52 52.74 -19.48 -20.66
CA LEU S 52 53.36 -20.74 -21.15
C LEU S 52 54.50 -21.17 -20.21
N LEU S 53 55.27 -20.22 -19.66
CA LEU S 53 56.30 -20.53 -18.63
C LEU S 53 55.61 -21.03 -17.36
N ASP S 54 54.48 -20.43 -16.98
CA ASP S 54 53.61 -20.90 -15.87
C ASP S 54 53.18 -22.37 -16.05
N ALA S 55 52.93 -22.84 -17.28
CA ALA S 55 52.39 -24.20 -17.59
C ALA S 55 53.53 -25.22 -17.72
N GLY S 56 54.79 -24.79 -17.55
CA GLY S 56 55.98 -25.65 -17.59
C GLY S 56 56.56 -25.80 -18.99
N PHE S 57 56.45 -24.78 -19.86
CA PHE S 57 56.97 -24.85 -21.24
C PHE S 57 58.15 -23.89 -21.41
N VAL S 58 59.16 -24.36 -22.12
CA VAL S 58 60.16 -23.50 -22.82
C VAL S 58 59.40 -22.72 -23.91
N VAL S 59 59.72 -21.45 -24.05
CA VAL S 59 59.24 -20.58 -25.15
C VAL S 59 60.47 -20.05 -25.85
N ILE S 60 60.50 -20.14 -27.17
CA ILE S 60 61.57 -19.55 -28.00
C ILE S 60 60.89 -18.71 -29.09
N ALA S 61 61.47 -17.58 -29.47
CA ALA S 61 60.89 -16.65 -30.45
C ALA S 61 61.98 -15.71 -30.94
N ASP S 62 61.88 -15.28 -32.20
CA ASP S 62 62.77 -14.26 -32.80
C ASP S 62 61.89 -13.14 -33.37
N ASP S 63 62.51 -11.96 -33.57
CA ASP S 63 61.99 -10.80 -34.33
C ASP S 63 62.46 -11.06 -35.77
N HIS S 64 61.54 -11.28 -36.69
CA HIS S 64 61.93 -11.76 -38.03
C HIS S 64 62.69 -10.62 -38.75
N ALA S 65 63.46 -10.97 -39.77
CA ALA S 65 64.02 -10.03 -40.75
C ALA S 65 63.03 -8.89 -40.99
N GLY S 66 63.50 -7.65 -40.85
CA GLY S 66 62.69 -6.46 -41.15
C GLY S 66 61.76 -6.08 -40.01
N HIS S 67 61.92 -6.63 -38.80
CA HIS S 67 60.95 -6.46 -37.68
C HIS S 67 61.61 -6.31 -36.31
N GLY S 68 60.92 -5.64 -35.37
CA GLY S 68 61.31 -5.55 -33.96
C GLY S 68 62.75 -5.17 -33.77
N ARG S 69 63.41 -5.78 -32.80
CA ARG S 69 64.82 -5.45 -32.47
C ARG S 69 65.69 -5.81 -33.70
N THR S 70 65.27 -6.76 -34.55
CA THR S 70 66.07 -7.14 -35.74
C THR S 70 66.24 -5.91 -36.62
N ALA S 71 65.14 -5.21 -36.88
CA ALA S 71 65.12 -3.98 -37.71
C ALA S 71 65.78 -2.83 -36.93
N MET S 72 65.45 -2.65 -35.65
CA MET S 72 66.09 -1.69 -34.72
C MET S 72 67.60 -1.75 -34.91
N GLN S 73 68.23 -2.94 -34.90
CA GLN S 73 69.71 -3.06 -34.96
C GLN S 73 70.21 -2.82 -36.38
N SER S 74 69.54 -3.39 -37.39
CA SER S 74 69.95 -3.35 -38.82
C SER S 74 69.58 -2.00 -39.43
N GLY S 75 68.58 -1.28 -38.92
CA GLY S 75 68.06 -0.03 -39.53
C GLY S 75 67.11 -0.31 -40.70
N VAL S 76 66.89 -1.58 -41.09
CA VAL S 76 66.09 -1.93 -42.30
C VAL S 76 64.76 -2.57 -41.88
N TRP S 77 63.66 -1.83 -42.09
CA TRP S 77 62.28 -2.25 -41.72
C TRP S 77 61.49 -2.78 -42.94
N ALA S 78 60.56 -3.69 -42.69
CA ALA S 78 59.51 -4.11 -43.64
C ALA S 78 60.18 -4.61 -44.95
N ASP S 79 61.36 -5.20 -44.80
CA ASP S 79 62.10 -5.86 -45.89
C ASP S 79 63.01 -6.95 -45.28
N ALA S 80 63.03 -8.12 -45.91
CA ALA S 80 63.71 -9.34 -45.42
C ALA S 80 64.74 -9.77 -46.44
N GLY S 81 65.02 -8.94 -47.44
CA GLY S 81 65.97 -9.25 -48.52
C GLY S 81 65.25 -9.94 -49.68
N ASP S 82 66.03 -10.39 -50.67
CA ASP S 82 65.54 -11.19 -51.80
C ASP S 82 64.99 -12.51 -51.26
N ASN S 83 64.07 -13.13 -51.99
CA ASN S 83 63.45 -14.43 -51.60
C ASN S 83 62.97 -14.33 -50.15
N ALA S 84 62.23 -13.30 -49.83
CA ALA S 84 61.69 -12.95 -48.50
C ALA S 84 61.04 -14.17 -47.84
N ALA S 85 60.16 -14.88 -48.54
CA ALA S 85 59.47 -16.06 -47.98
C ALA S 85 60.50 -17.12 -47.55
N GLU S 86 61.45 -17.48 -48.44
CA GLU S 86 62.55 -18.44 -48.13
C GLU S 86 63.30 -17.98 -46.88
N VAL S 87 63.75 -16.72 -46.87
CA VAL S 87 64.51 -16.10 -45.74
C VAL S 87 63.80 -16.39 -44.43
N VAL S 88 62.54 -16.00 -44.31
CA VAL S 88 61.86 -16.01 -42.99
C VAL S 88 61.53 -17.45 -42.57
N ILE S 89 61.20 -18.33 -43.50
CA ILE S 89 60.99 -19.78 -43.22
C ILE S 89 62.33 -20.39 -42.79
N SER S 90 63.38 -20.12 -43.53
CA SER S 90 64.74 -20.64 -43.25
C SER S 90 65.20 -20.15 -41.87
N ASP S 91 64.93 -18.89 -41.49
CA ASP S 91 65.30 -18.34 -40.16
C ASP S 91 64.46 -18.98 -39.05
N GLU S 92 63.20 -19.36 -39.28
CA GLU S 92 62.45 -20.08 -38.21
C GLU S 92 62.98 -21.53 -38.02
N LEU S 93 63.55 -22.14 -39.06
CA LEU S 93 64.13 -23.50 -38.94
C LEU S 93 65.41 -23.38 -38.14
N THR S 94 66.24 -22.38 -38.44
CA THR S 94 67.50 -22.09 -37.70
C THR S 94 67.23 -21.81 -36.22
N LEU S 95 66.15 -21.10 -35.90
CA LEU S 95 65.81 -20.81 -34.49
C LEU S 95 65.66 -22.13 -33.76
N GLN S 96 64.97 -23.09 -34.37
CA GLN S 96 64.80 -24.44 -33.75
C GLN S 96 66.17 -25.02 -33.41
N GLN S 97 67.17 -24.82 -34.26
CA GLN S 97 68.52 -25.44 -34.12
C GLN S 97 69.32 -24.73 -33.04
N GLN S 98 68.91 -23.53 -32.60
CA GLN S 98 69.66 -22.78 -31.56
C GLN S 98 69.59 -23.50 -30.20
N LEU S 99 68.55 -24.31 -29.97
CA LEU S 99 68.41 -25.14 -28.75
C LEU S 99 68.87 -26.60 -28.99
N ALA S 100 69.71 -26.85 -29.99
CA ALA S 100 70.29 -28.20 -30.26
C ALA S 100 70.92 -28.76 -28.97
N GLY S 101 70.50 -29.95 -28.55
CA GLY S 101 71.13 -30.68 -27.43
C GLY S 101 70.50 -30.38 -26.09
N GLN S 102 69.76 -29.26 -25.97
CA GLN S 102 69.20 -28.76 -24.68
C GLN S 102 67.87 -29.47 -24.40
N PHE S 103 66.94 -29.57 -25.37
CA PHE S 103 65.59 -30.15 -25.17
C PHE S 103 65.24 -31.16 -26.26
N ASP S 104 66.17 -32.03 -26.64
CA ASP S 104 66.04 -32.92 -27.82
C ASP S 104 64.80 -33.83 -27.66
N ASP S 105 64.42 -34.16 -26.43
CA ASP S 105 63.41 -35.23 -26.16
C ASP S 105 62.08 -34.60 -25.76
N LEU S 106 61.96 -33.27 -25.70
CA LEU S 106 60.64 -32.63 -25.47
C LEU S 106 59.86 -32.52 -26.77
N PRO S 107 58.52 -32.65 -26.73
CA PRO S 107 57.68 -32.27 -27.85
C PRO S 107 57.82 -30.78 -28.18
N TRP S 108 57.68 -30.41 -29.47
CA TRP S 108 57.85 -29.04 -29.98
C TRP S 108 56.57 -28.57 -30.67
N VAL S 109 55.96 -27.50 -30.18
CA VAL S 109 54.75 -26.90 -30.78
C VAL S 109 55.11 -25.53 -31.41
N VAL S 110 54.72 -25.32 -32.67
CA VAL S 110 54.81 -23.99 -33.32
C VAL S 110 53.43 -23.34 -33.21
N PHE S 111 53.42 -22.13 -32.67
CA PHE S 111 52.26 -21.20 -32.64
C PHE S 111 52.62 -20.03 -33.56
N GLY S 112 51.84 -19.82 -34.62
CA GLY S 112 52.06 -18.73 -35.59
C GLY S 112 50.83 -17.86 -35.69
N HIS S 113 51.04 -16.56 -35.71
CA HIS S 113 49.94 -15.56 -35.87
C HIS S 113 50.11 -14.79 -37.18
N SER S 114 49.05 -14.77 -38.01
CA SER S 114 48.94 -13.94 -39.25
C SER S 114 50.06 -14.36 -40.24
N TRP S 115 50.93 -13.44 -40.64
CA TRP S 115 52.15 -13.76 -41.42
C TRP S 115 52.86 -14.96 -40.78
N GLY S 116 52.87 -15.04 -39.45
CA GLY S 116 53.49 -16.12 -38.67
C GLY S 116 52.75 -17.45 -38.83
N SER S 117 51.42 -17.44 -38.95
CA SER S 117 50.60 -18.62 -39.31
C SER S 117 51.01 -19.14 -40.70
N MET S 118 51.20 -18.24 -41.67
CA MET S 118 51.58 -18.64 -43.05
C MET S 118 52.98 -19.24 -43.01
N ILE S 119 53.93 -18.65 -42.29
CA ILE S 119 55.29 -19.23 -42.07
C ILE S 119 55.18 -20.62 -41.41
N ALA S 120 54.33 -20.79 -40.40
CA ALA S 120 54.24 -22.05 -39.63
C ALA S 120 53.78 -23.16 -40.58
N ARG S 121 52.76 -22.86 -41.39
CA ARG S 121 52.22 -23.84 -42.38
C ARG S 121 53.34 -24.20 -43.35
N ALA S 122 54.00 -23.20 -43.94
CA ALA S 122 55.12 -23.48 -44.87
C ALA S 122 56.15 -24.36 -44.17
N MET S 123 56.50 -24.06 -42.93
CA MET S 123 57.49 -24.84 -42.14
C MET S 123 57.01 -26.28 -42.02
N ALA S 124 55.72 -26.47 -41.69
CA ALA S 124 55.10 -27.80 -41.54
C ALA S 124 55.42 -28.66 -42.78
N THR S 125 55.42 -28.05 -43.98
CA THR S 125 55.61 -28.81 -45.25
C THR S 125 57.09 -29.20 -45.49
N ARG S 126 58.03 -28.81 -44.63
CA ARG S 126 59.47 -28.98 -44.89
C ARG S 126 59.97 -30.22 -44.16
N PRO S 127 61.00 -30.89 -44.71
CA PRO S 127 61.66 -31.99 -44.02
C PRO S 127 62.37 -31.55 -42.73
N GLY S 128 62.41 -32.45 -41.76
CA GLY S 128 63.17 -32.25 -40.50
C GLY S 128 62.83 -30.95 -39.80
N THR S 129 61.73 -30.27 -40.16
CA THR S 129 61.07 -29.33 -39.22
C THR S 129 60.76 -30.10 -37.93
N ARG S 130 61.16 -29.56 -36.78
CA ARG S 130 60.65 -30.05 -35.47
C ARG S 130 59.23 -29.53 -35.37
N LEU S 131 58.26 -30.42 -35.46
CA LEU S 131 56.83 -30.05 -35.34
C LEU S 131 56.03 -31.27 -34.85
N ASP S 132 55.67 -31.28 -33.56
CA ASP S 132 54.84 -32.32 -32.89
C ASP S 132 53.42 -31.83 -32.67
N GLY S 133 53.19 -30.51 -32.82
CA GLY S 133 51.88 -29.85 -32.74
C GLY S 133 51.90 -28.51 -33.45
N LEU S 134 50.82 -28.15 -34.10
CA LEU S 134 50.70 -26.92 -34.89
C LEU S 134 49.52 -26.10 -34.40
N ALA S 135 49.80 -24.85 -34.01
CA ALA S 135 48.81 -23.89 -33.50
C ALA S 135 48.86 -22.63 -34.38
N LEU S 136 47.73 -22.23 -34.95
CA LEU S 136 47.62 -21.15 -35.95
C LEU S 136 46.55 -20.21 -35.43
N CYS S 137 46.89 -18.92 -35.46
CA CYS S 137 46.13 -17.78 -34.94
C CYS S 137 46.10 -16.70 -36.02
N GLY S 138 44.99 -15.97 -36.17
CA GLY S 138 44.76 -15.00 -37.26
C GLY S 138 45.11 -15.59 -38.61
N ILE S 139 44.55 -16.76 -38.91
CA ILE S 139 44.84 -17.54 -40.13
C ILE S 139 44.53 -16.74 -41.40
N VAL S 140 45.46 -16.76 -42.37
CA VAL S 140 45.29 -16.14 -43.71
C VAL S 140 44.79 -17.23 -44.67
N ALA S 141 43.48 -17.27 -44.88
CA ALA S 141 42.72 -18.27 -45.66
C ALA S 141 41.66 -17.54 -46.49
N GLN S 142 41.90 -17.46 -47.80
CA GLN S 142 40.88 -17.10 -48.84
C GLN S 142 40.42 -15.66 -48.70
N PRO S 143 41.20 -14.71 -48.15
CA PRO S 143 40.76 -13.32 -48.21
C PRO S 143 40.81 -12.87 -49.69
N ARG S 144 39.81 -12.09 -50.08
CA ARG S 144 39.60 -11.59 -51.46
C ARG S 144 40.91 -11.02 -52.04
N GLY S 145 41.70 -10.32 -51.23
CA GLY S 145 42.96 -9.68 -51.67
C GLY S 145 44.00 -10.66 -52.20
N PHE S 146 44.43 -11.63 -51.41
CA PHE S 146 45.44 -12.62 -51.84
C PHE S 146 44.84 -13.59 -52.86
N GLU S 147 43.54 -13.82 -52.78
CA GLU S 147 42.88 -14.77 -53.71
C GLU S 147 42.64 -14.16 -55.09
N THR S 148 42.15 -12.93 -55.18
CA THR S 148 41.76 -12.40 -56.51
C THR S 148 42.26 -10.99 -56.81
N THR S 149 42.14 -10.04 -55.89
CA THR S 149 42.51 -8.62 -56.13
C THR S 149 43.99 -8.38 -56.41
N LEU S 150 44.92 -8.99 -55.69
CA LEU S 150 46.37 -8.75 -55.94
C LEU S 150 46.71 -9.07 -57.40
N ASP S 151 47.19 -8.07 -58.14
CA ASP S 151 47.58 -8.24 -59.57
C ASP S 151 49.00 -8.80 -59.63
N HIS S 152 49.12 -10.10 -59.93
CA HIS S 152 50.40 -10.86 -59.96
C HIS S 152 51.29 -10.28 -61.07
N LYS S 153 50.68 -9.87 -62.20
CA LYS S 153 51.33 -9.26 -63.40
C LYS S 153 51.87 -7.85 -63.06
N THR S 154 51.10 -7.00 -62.40
CA THR S 154 51.55 -5.64 -62.00
C THR S 154 52.69 -5.77 -60.99
N LEU S 155 52.60 -6.74 -60.09
CA LEU S 155 53.61 -6.99 -59.03
C LEU S 155 54.87 -7.53 -59.67
N ALA S 156 54.74 -8.52 -60.57
CA ALA S 156 55.91 -9.06 -61.31
C ALA S 156 56.64 -7.92 -62.05
N LYS S 157 55.89 -7.01 -62.69
CA LYS S 157 56.43 -5.80 -63.37
C LYS S 157 57.12 -4.88 -62.34
N ALA S 158 56.57 -4.67 -61.15
CA ALA S 158 57.25 -3.84 -60.13
C ALA S 158 58.53 -4.54 -59.64
N MET S 159 58.53 -5.87 -59.52
CA MET S 159 59.70 -6.64 -59.07
C MET S 159 60.82 -6.51 -60.12
N ALA S 160 60.46 -6.32 -61.40
CA ALA S 160 61.39 -6.20 -62.53
C ALA S 160 62.02 -4.79 -62.51
N THR S 161 61.26 -3.75 -62.19
CA THR S 161 61.73 -2.34 -62.31
C THR S 161 62.36 -1.85 -60.99
N ALA S 162 61.80 -2.14 -59.80
CA ALA S 162 62.42 -1.68 -58.53
C ALA S 162 62.09 -2.61 -57.35
N PRO S 163 62.78 -3.77 -57.22
CA PRO S 163 62.40 -4.75 -56.20
C PRO S 163 62.60 -4.20 -54.77
N THR S 164 63.59 -3.30 -54.62
CA THR S 164 64.15 -2.70 -53.38
C THR S 164 63.29 -1.52 -52.83
N ASP S 165 62.48 -0.88 -53.67
CA ASP S 165 61.68 0.34 -53.36
C ASP S 165 60.38 0.01 -52.63
N PRO S 166 59.78 0.98 -51.92
CA PRO S 166 58.44 0.82 -51.37
C PRO S 166 57.48 0.15 -52.37
N ALA S 167 56.75 -0.86 -51.92
CA ALA S 167 55.67 -1.48 -52.70
C ALA S 167 54.78 -0.35 -53.17
N PRO S 168 54.42 -0.29 -54.47
CA PRO S 168 53.41 0.66 -54.94
C PRO S 168 52.11 0.57 -54.13
N GLU S 169 51.54 1.72 -53.78
CA GLU S 169 50.42 1.86 -52.83
C GLU S 169 49.24 0.95 -53.25
N ALA S 170 48.89 0.89 -54.53
CA ALA S 170 47.67 0.20 -54.98
C ALA S 170 47.87 -1.33 -54.90
N LEU S 171 49.10 -1.82 -55.05
CA LEU S 171 49.43 -3.24 -54.80
C LEU S 171 49.15 -3.56 -53.32
N VAL S 172 49.72 -2.78 -52.41
CA VAL S 172 49.47 -2.92 -50.94
C VAL S 172 47.96 -2.95 -50.69
N ALA S 173 47.19 -2.06 -51.30
CA ALA S 173 45.73 -1.92 -51.04
C ALA S 173 44.99 -3.11 -51.66
N GLN S 174 45.52 -3.62 -52.77
CA GLN S 174 44.95 -4.82 -53.43
C GLN S 174 45.07 -6.00 -52.47
N MET S 175 46.27 -6.23 -51.91
CA MET S 175 46.52 -7.32 -50.92
C MET S 175 45.59 -7.17 -49.71
N PHE S 176 45.33 -5.95 -49.21
CA PHE S 176 44.45 -5.72 -48.03
C PHE S 176 43.01 -5.42 -48.51
N ASP S 177 42.65 -5.89 -49.70
CA ASP S 177 41.34 -5.56 -50.29
C ASP S 177 40.23 -6.00 -49.34
N GLY S 178 39.46 -5.06 -48.78
CA GLY S 178 38.23 -5.31 -47.99
C GLY S 178 38.47 -5.43 -46.49
N PHE S 179 39.69 -5.17 -46.00
CA PHE S 179 40.06 -5.35 -44.57
C PHE S 179 39.23 -4.39 -43.69
N ALA S 180 38.77 -3.28 -44.28
CA ALA S 180 38.08 -2.18 -43.60
C ALA S 180 36.55 -2.34 -43.71
N ASP S 181 36.06 -3.34 -44.45
CA ASP S 181 34.63 -3.38 -44.85
C ASP S 181 33.71 -3.46 -43.62
N ARG S 182 34.13 -4.04 -42.50
CA ARG S 182 33.22 -4.25 -41.34
C ARG S 182 33.54 -3.33 -40.16
N LEU S 183 34.05 -2.12 -40.44
CA LEU S 183 34.41 -1.11 -39.42
C LEU S 183 33.46 0.09 -39.53
N SER S 184 33.40 0.92 -38.48
CA SER S 184 32.76 2.28 -38.50
C SER S 184 33.83 3.34 -38.79
N GLU S 185 33.45 4.62 -38.86
CA GLU S 185 34.45 5.74 -38.90
C GLU S 185 34.98 5.99 -37.47
N ASP S 186 34.50 5.24 -36.48
CA ASP S 186 35.00 5.25 -35.07
C ASP S 186 36.32 4.48 -35.00
N ASP S 187 36.50 3.48 -35.86
CA ASP S 187 37.51 2.41 -35.72
C ASP S 187 38.82 2.77 -36.45
N GLY S 188 38.75 3.63 -37.47
CA GLY S 188 39.96 4.05 -38.23
C GLY S 188 40.58 2.88 -38.98
N PRO S 189 41.58 3.15 -39.84
CA PRO S 189 41.95 2.21 -40.92
C PRO S 189 42.50 0.84 -40.49
N THR S 190 43.22 0.76 -39.36
CA THR S 190 43.71 -0.53 -38.79
C THR S 190 42.71 -1.08 -37.74
N GLY S 191 41.44 -0.69 -37.78
CA GLY S 191 40.42 -1.24 -36.86
C GLY S 191 40.21 -2.75 -36.99
N TRP S 192 40.60 -3.35 -38.11
CA TRP S 192 40.47 -4.82 -38.32
C TRP S 192 41.35 -5.60 -37.32
N VAL S 193 42.35 -4.94 -36.73
CA VAL S 193 43.42 -5.58 -35.91
C VAL S 193 42.75 -6.19 -34.69
N ALA S 194 41.76 -5.48 -34.11
CA ALA S 194 41.03 -5.95 -32.91
C ALA S 194 39.77 -5.11 -32.71
N ARG S 195 38.70 -5.68 -32.15
CA ARG S 195 37.54 -4.89 -31.65
C ARG S 195 37.99 -3.89 -30.57
N SER S 196 38.94 -4.26 -29.71
CA SER S 196 39.50 -3.36 -28.66
C SER S 196 40.29 -2.19 -29.29
N LYS S 197 39.73 -0.98 -29.22
CA LYS S 197 40.40 0.29 -29.61
C LYS S 197 41.80 0.38 -28.94
N GLU S 198 41.87 -0.11 -27.70
CA GLU S 198 43.09 0.01 -26.84
C GLU S 198 44.17 -0.94 -27.39
N VAL S 199 43.82 -2.14 -27.82
CA VAL S 199 44.80 -3.04 -28.51
C VAL S 199 45.32 -2.33 -29.77
N VAL S 200 44.46 -1.71 -30.56
CA VAL S 200 44.85 -1.05 -31.85
C VAL S 200 45.77 0.14 -31.53
N ALA S 201 45.39 1.00 -30.57
CA ALA S 201 46.18 2.19 -30.16
C ALA S 201 47.56 1.74 -29.72
N ASP S 202 47.62 0.71 -28.88
CA ASP S 202 48.93 0.20 -28.36
C ASP S 202 49.72 -0.29 -29.56
N HIS S 203 49.06 -1.02 -30.47
CA HIS S 203 49.70 -1.54 -31.71
C HIS S 203 50.36 -0.38 -32.49
N GLY S 204 49.75 0.81 -32.56
CA GLY S 204 50.28 1.94 -33.36
C GLY S 204 51.37 2.71 -32.64
N LYS S 205 51.47 2.61 -31.32
CA LYS S 205 52.37 3.40 -30.46
C LYS S 205 53.69 2.64 -30.24
N ASP S 206 53.65 1.33 -30.20
CA ASP S 206 54.83 0.47 -29.81
C ASP S 206 55.97 0.68 -30.81
N LYS S 207 57.09 1.19 -30.31
CA LYS S 207 58.27 1.55 -31.14
C LYS S 207 58.74 0.29 -31.86
N PHE S 208 58.56 -0.89 -31.24
CA PHE S 208 59.02 -2.18 -31.79
C PHE S 208 58.07 -2.67 -32.90
N ASN S 209 56.90 -2.04 -33.06
CA ASN S 209 56.02 -2.24 -34.25
C ASN S 209 56.42 -1.31 -35.41
N ASN S 210 56.93 -0.11 -35.14
CA ASN S 210 57.27 0.90 -36.19
C ASN S 210 56.15 0.92 -37.24
N PHE S 211 54.93 1.15 -36.75
CA PHE S 211 53.67 1.34 -37.50
C PHE S 211 53.87 2.33 -38.66
N GLY S 212 53.39 1.93 -39.84
CA GLY S 212 53.40 2.73 -41.07
C GLY S 212 54.72 2.64 -41.83
N ALA S 213 55.61 1.70 -41.48
CA ALA S 213 56.89 1.48 -42.22
C ALA S 213 56.54 0.83 -43.56
N PRO S 214 56.86 1.45 -44.70
CA PRO S 214 56.36 0.93 -45.98
C PRO S 214 57.10 -0.39 -46.32
N MET S 215 56.37 -1.42 -46.75
CA MET S 215 56.93 -2.71 -47.25
C MET S 215 57.64 -2.42 -48.58
N SER S 216 58.81 -3.02 -48.76
CA SER S 216 59.45 -3.12 -50.10
C SER S 216 58.57 -4.00 -51.01
N THR S 217 58.83 -3.91 -52.31
CA THR S 217 58.13 -4.61 -53.41
C THR S 217 58.47 -6.11 -53.28
N ARG S 218 59.72 -6.42 -53.04
CA ARG S 218 60.18 -7.81 -52.85
C ARG S 218 59.62 -8.36 -51.55
N PHE S 219 59.47 -7.56 -50.49
CA PHE S 219 58.76 -8.04 -49.28
C PHE S 219 57.33 -8.43 -49.68
N LEU S 220 56.64 -7.58 -50.43
CA LEU S 220 55.22 -7.85 -50.80
C LEU S 220 55.19 -9.14 -51.65
N GLN S 221 56.20 -9.38 -52.53
CA GLN S 221 56.27 -10.64 -53.32
C GLN S 221 56.33 -11.79 -52.33
N GLY S 222 57.15 -11.62 -51.30
CA GLY S 222 57.27 -12.52 -50.14
C GLY S 222 55.93 -12.95 -49.62
N LEU S 223 55.01 -12.02 -49.44
CA LEU S 223 53.69 -12.32 -48.83
C LEU S 223 52.84 -13.11 -49.83
N ALA S 224 52.88 -12.76 -51.13
CA ALA S 224 52.15 -13.52 -52.17
C ALA S 224 52.69 -14.95 -52.20
N ASP S 225 54.02 -15.10 -52.11
CA ASP S 225 54.71 -16.40 -52.15
C ASP S 225 54.26 -17.26 -50.97
N ILE S 226 54.36 -16.73 -49.76
CA ILE S 226 54.08 -17.46 -48.49
C ILE S 226 52.58 -17.76 -48.43
N TYR S 227 51.72 -16.89 -48.94
CA TYR S 227 50.27 -17.18 -49.00
C TYR S 227 50.07 -18.46 -49.84
N ALA S 228 50.73 -18.52 -51.02
CA ALA S 228 50.56 -19.60 -52.00
C ALA S 228 51.06 -20.90 -51.37
N MET S 229 52.17 -20.80 -50.63
CA MET S 229 52.84 -21.93 -49.99
C MET S 229 51.94 -22.50 -48.88
N ALA S 230 51.35 -21.60 -48.06
CA ALA S 230 50.54 -21.96 -46.88
C ALA S 230 49.16 -22.52 -47.26
N ASN S 231 48.60 -22.10 -48.41
CA ASN S 231 47.18 -22.37 -48.83
C ASN S 231 47.10 -23.22 -50.10
N GLY S 232 48.22 -23.67 -50.64
CA GLY S 232 48.25 -24.47 -51.87
C GLY S 232 48.03 -25.94 -51.57
N ASP S 233 47.99 -26.76 -52.61
CA ASP S 233 47.59 -28.19 -52.54
C ASP S 233 48.70 -28.94 -51.80
N SER S 234 49.94 -28.54 -51.99
CA SER S 234 51.09 -29.25 -51.38
C SER S 234 51.04 -29.13 -49.85
N PHE S 235 50.61 -27.99 -49.31
CA PHE S 235 50.48 -27.86 -47.83
C PHE S 235 49.45 -28.90 -47.34
N TYR S 236 48.23 -28.95 -47.89
CA TYR S 236 47.13 -29.85 -47.43
C TYR S 236 47.45 -31.33 -47.56
N ALA S 237 48.31 -31.68 -48.52
CA ALA S 237 48.74 -33.07 -48.85
C ALA S 237 49.93 -33.48 -47.98
N THR S 238 50.85 -32.56 -47.62
CA THR S 238 52.09 -32.98 -46.91
C THR S 238 51.90 -32.75 -45.41
N MET S 239 50.85 -32.02 -45.01
CA MET S 239 50.67 -31.62 -43.58
C MET S 239 50.77 -32.89 -42.75
N PRO S 240 51.77 -33.01 -41.83
CA PRO S 240 51.92 -34.24 -41.04
C PRO S 240 50.70 -34.54 -40.16
N ASN S 241 50.58 -35.79 -39.72
CA ASN S 241 49.43 -36.31 -38.92
C ASN S 241 49.80 -36.03 -37.47
N ILE S 242 49.65 -34.77 -37.04
CA ILE S 242 49.88 -34.25 -35.66
C ILE S 242 48.66 -33.41 -35.30
N PRO S 243 48.44 -33.16 -34.01
CA PRO S 243 47.36 -32.26 -33.61
C PRO S 243 47.59 -30.84 -34.16
N ILE S 244 46.48 -30.19 -34.49
CA ILE S 244 46.38 -28.88 -35.15
C ILE S 244 45.28 -28.11 -34.43
N VAL S 245 45.59 -26.90 -33.99
CA VAL S 245 44.56 -26.07 -33.33
C VAL S 245 44.56 -24.74 -34.06
N LEU S 246 43.35 -24.24 -34.33
CA LEU S 246 43.07 -23.00 -35.11
C LEU S 246 42.28 -22.02 -34.22
N PHE S 247 42.76 -20.78 -34.18
CA PHE S 247 42.18 -19.69 -33.35
C PHE S 247 41.93 -18.50 -34.26
N ALA S 248 40.69 -18.08 -34.44
CA ALA S 248 40.36 -16.94 -35.32
C ALA S 248 39.16 -16.17 -34.79
N GLY S 249 39.04 -14.93 -35.24
CA GLY S 249 37.85 -14.08 -35.07
C GLY S 249 36.95 -14.17 -36.30
N SER S 250 35.64 -14.24 -36.07
CA SER S 250 34.61 -14.33 -37.13
C SER S 250 34.61 -13.00 -37.91
N GLU S 251 35.13 -11.92 -37.32
CA GLU S 251 35.15 -10.58 -37.95
C GLU S 251 36.54 -10.31 -38.54
N ASP S 252 37.42 -11.28 -38.53
CA ASP S 252 38.81 -11.10 -39.03
C ASP S 252 38.80 -11.26 -40.54
N PRO S 253 39.09 -10.19 -41.30
CA PRO S 253 39.15 -10.28 -42.76
C PRO S 253 40.26 -11.18 -43.31
N ALA S 254 41.31 -11.49 -42.54
CA ALA S 254 42.47 -12.25 -43.04
C ALA S 254 42.05 -13.70 -43.25
N GLY S 255 41.00 -14.17 -42.57
CA GLY S 255 40.40 -15.50 -42.81
C GLY S 255 39.05 -15.41 -43.51
N ASP S 256 38.85 -14.35 -44.30
CA ASP S 256 37.54 -14.08 -44.94
C ASP S 256 36.45 -14.23 -43.86
N PHE S 257 36.55 -13.47 -42.76
CA PHE S 257 35.43 -13.33 -41.80
C PHE S 257 34.94 -14.74 -41.38
N GLY S 258 35.88 -15.59 -40.95
CA GLY S 258 35.61 -16.96 -40.48
C GLY S 258 35.48 -17.97 -41.62
N THR S 259 34.97 -17.57 -42.77
CA THR S 259 34.56 -18.48 -43.89
C THR S 259 35.76 -19.30 -44.36
N GLY S 260 36.92 -18.66 -44.54
CA GLY S 260 38.14 -19.33 -45.01
C GLY S 260 38.72 -20.23 -43.94
N VAL S 261 38.63 -19.79 -42.69
CA VAL S 261 39.22 -20.55 -41.55
C VAL S 261 38.46 -21.87 -41.45
N LYS S 262 37.14 -21.84 -41.62
CA LYS S 262 36.28 -23.04 -41.62
C LYS S 262 36.65 -23.97 -42.78
N ALA S 263 36.99 -23.46 -43.96
CA ALA S 263 37.43 -24.31 -45.10
C ALA S 263 38.78 -24.96 -44.83
N VAL S 264 39.68 -24.28 -44.14
CA VAL S 264 41.00 -24.84 -43.75
C VAL S 264 40.73 -26.02 -42.82
N ALA S 265 39.84 -25.85 -41.83
CA ALA S 265 39.51 -26.89 -40.82
C ALA S 265 38.79 -28.07 -41.49
N GLU S 266 37.73 -27.82 -42.25
CA GLU S 266 36.95 -28.87 -42.92
C GLU S 266 37.85 -29.60 -43.91
N ARG S 267 38.77 -28.91 -44.62
CA ARG S 267 39.66 -29.56 -45.60
C ARG S 267 40.71 -30.44 -44.89
N LEU S 268 41.37 -29.96 -43.86
CA LEU S 268 42.29 -30.80 -43.06
C LEU S 268 41.51 -32.01 -42.53
N ARG S 269 40.30 -31.80 -41.98
CA ARG S 269 39.47 -32.85 -41.34
C ARG S 269 39.21 -34.02 -42.31
N ARG S 270 38.78 -33.69 -43.54
CA ARG S 270 38.39 -34.67 -44.57
C ARG S 270 39.64 -35.35 -45.15
N ASP S 271 40.83 -34.76 -45.01
CA ASP S 271 42.14 -35.40 -45.37
C ASP S 271 42.56 -36.30 -44.21
N GLY S 272 41.76 -36.33 -43.14
CA GLY S 272 41.88 -37.30 -42.05
C GLY S 272 42.56 -36.74 -40.83
N HIS S 273 42.81 -35.42 -40.78
CA HIS S 273 43.66 -34.76 -39.74
C HIS S 273 42.88 -34.46 -38.43
N ASN S 274 43.60 -34.47 -37.31
CA ASN S 274 43.08 -34.13 -35.95
C ASN S 274 43.08 -32.60 -35.78
N VAL S 275 41.89 -31.96 -35.74
CA VAL S 275 41.75 -30.48 -35.87
C VAL S 275 40.77 -29.92 -34.82
N GLU S 276 41.24 -28.92 -34.08
CA GLU S 276 40.50 -28.25 -32.98
C GLU S 276 40.32 -26.78 -33.38
N LEU S 277 39.08 -26.30 -33.44
CA LEU S 277 38.75 -24.98 -34.01
C LEU S 277 38.08 -24.08 -32.98
N HIS S 278 38.69 -22.94 -32.67
CA HIS S 278 38.19 -21.83 -31.82
C HIS S 278 37.99 -20.57 -32.68
N LEU S 279 36.78 -20.39 -33.19
CA LEU S 279 36.32 -19.19 -33.90
C LEU S 279 35.55 -18.32 -32.91
N TYR S 280 36.12 -17.18 -32.51
CA TYR S 280 35.52 -16.28 -31.50
C TYR S 280 34.56 -15.33 -32.23
N ASP S 281 33.28 -15.45 -31.94
CA ASP S 281 32.19 -14.66 -32.57
C ASP S 281 32.32 -13.17 -32.22
N GLY S 282 32.24 -12.28 -33.19
CA GLY S 282 32.32 -10.82 -32.96
C GLY S 282 33.75 -10.29 -32.84
N LEU S 283 34.79 -11.13 -32.68
CA LEU S 283 36.17 -10.60 -32.50
C LEU S 283 36.88 -10.50 -33.85
N ARG S 284 37.90 -9.66 -33.93
CA ARG S 284 38.64 -9.50 -35.21
C ARG S 284 39.92 -10.33 -35.18
N HIS S 285 41.04 -9.79 -35.65
CA HIS S 285 42.24 -10.53 -36.10
C HIS S 285 43.00 -11.12 -34.89
N GLU S 286 43.37 -10.24 -33.95
CA GLU S 286 44.29 -10.58 -32.85
C GLU S 286 43.50 -11.18 -31.68
N VAL S 287 42.98 -12.39 -31.82
CA VAL S 287 42.14 -13.00 -30.73
C VAL S 287 42.98 -13.33 -29.50
N HIS S 288 44.26 -13.61 -29.68
CA HIS S 288 45.23 -13.77 -28.57
C HIS S 288 45.38 -12.48 -27.76
N ASN S 289 44.97 -11.31 -28.30
CA ASN S 289 45.14 -10.00 -27.59
C ASN S 289 43.78 -9.41 -27.21
N GLU S 290 42.66 -9.81 -27.83
CA GLU S 290 41.30 -9.32 -27.46
C GLU S 290 40.99 -9.70 -26.02
N PRO S 291 40.67 -8.73 -25.14
CA PRO S 291 40.34 -9.01 -23.73
C PRO S 291 39.30 -10.13 -23.52
N GLU S 292 38.25 -10.18 -24.34
CA GLU S 292 37.18 -11.19 -24.19
C GLU S 292 37.72 -12.60 -24.51
N SER S 293 38.78 -12.76 -25.29
CA SER S 293 39.16 -14.11 -25.82
C SER S 293 40.56 -14.55 -25.37
N ARG S 294 41.39 -13.59 -24.97
CA ARG S 294 42.84 -13.84 -24.72
C ARG S 294 42.94 -15.03 -23.77
N ALA S 295 42.18 -15.01 -22.68
CA ALA S 295 42.28 -16.05 -21.62
C ALA S 295 41.90 -17.41 -22.20
N ASP S 296 40.83 -17.54 -22.97
CA ASP S 296 40.48 -18.82 -23.66
C ASP S 296 41.61 -19.26 -24.64
N VAL S 297 42.14 -18.37 -25.47
CA VAL S 297 43.23 -18.70 -26.43
C VAL S 297 44.37 -19.30 -25.63
N GLU S 298 44.81 -18.68 -24.54
CA GLU S 298 45.99 -19.15 -23.76
C GLU S 298 45.66 -20.49 -23.06
N SER S 299 44.48 -20.63 -22.44
CA SER S 299 44.12 -21.85 -21.67
C SER S 299 43.93 -23.00 -22.66
N SER S 300 43.31 -22.74 -23.83
CA SER S 300 43.14 -23.74 -24.92
C SER S 300 44.51 -24.17 -25.45
N LEU S 301 45.45 -23.23 -25.66
CA LEU S 301 46.78 -23.56 -26.21
C LEU S 301 47.53 -24.45 -25.21
N VAL S 302 47.41 -24.15 -23.92
CA VAL S 302 48.11 -24.88 -22.83
C VAL S 302 47.58 -26.31 -22.82
N THR S 303 46.27 -26.48 -22.83
CA THR S 303 45.61 -27.81 -22.84
C THR S 303 46.10 -28.56 -24.09
N PHE S 304 46.16 -27.84 -25.23
CA PHE S 304 46.62 -28.39 -26.53
C PHE S 304 48.04 -28.90 -26.40
N VAL S 305 48.93 -28.15 -25.79
CA VAL S 305 50.38 -28.55 -25.73
C VAL S 305 50.52 -29.80 -24.85
N ASP S 306 49.85 -29.83 -23.69
CA ASP S 306 49.80 -31.00 -22.74
C ASP S 306 49.32 -32.25 -23.50
N ARG S 307 48.37 -32.09 -24.41
CA ARG S 307 47.78 -33.20 -25.18
C ARG S 307 48.81 -33.72 -26.18
N VAL S 308 49.64 -32.83 -26.69
CA VAL S 308 50.71 -33.20 -27.63
C VAL S 308 51.85 -33.83 -26.84
N ALA S 309 51.98 -33.44 -25.57
CA ALA S 309 53.02 -33.92 -24.65
C ALA S 309 52.94 -35.43 -24.45
N ASN S 310 51.73 -36.02 -24.45
CA ASN S 310 51.56 -37.51 -24.42
C ASN S 310 51.79 -38.00 -25.84
N ARG S 311 53.06 -38.09 -26.24
CA ARG S 311 53.58 -38.42 -27.58
C ARG S 311 52.65 -39.38 -28.31
N ALA T 2 53.20 -1.73 -25.20
CA ALA T 2 54.32 -1.04 -25.83
C ALA T 2 55.59 -1.44 -25.08
N LEU T 3 56.71 -1.48 -25.77
CA LEU T 3 58.03 -1.76 -25.17
C LEU T 3 59.00 -0.61 -25.51
N GLN T 4 59.82 -0.19 -24.55
CA GLN T 4 60.94 0.74 -24.82
C GLN T 4 62.22 0.12 -24.26
N GLU T 5 63.32 0.30 -24.97
CA GLU T 5 64.68 -0.07 -24.53
C GLU T 5 65.33 1.25 -24.17
N ILE T 6 65.87 1.38 -22.96
CA ILE T 6 66.57 2.60 -22.51
C ILE T 6 67.99 2.20 -22.11
N GLU T 7 68.97 3.04 -22.38
CA GLU T 7 70.34 2.85 -21.87
C GLU T 7 70.80 4.23 -21.42
N PHE T 8 71.73 4.27 -20.49
CA PHE T 8 72.45 5.50 -20.08
C PHE T 8 73.77 5.03 -19.46
N THR T 9 74.75 5.91 -19.47
CA THR T 9 76.03 5.70 -18.78
C THR T 9 75.77 5.78 -17.28
N SER T 10 76.21 4.75 -16.57
CA SER T 10 76.10 4.67 -15.12
C SER T 10 76.88 5.85 -14.51
N HIS T 11 76.55 6.16 -13.27
CA HIS T 11 77.31 7.07 -12.39
C HIS T 11 78.77 6.59 -12.28
N ASN T 12 79.09 5.34 -12.59
CA ASN T 12 80.48 4.80 -12.43
C ASN T 12 81.33 5.12 -13.67
N GLY T 13 80.74 5.71 -14.73
CA GLY T 13 81.44 6.13 -15.96
C GLY T 13 81.86 4.98 -16.87
N ARG T 14 81.67 3.73 -16.44
CA ARG T 14 82.16 2.49 -17.12
C ARG T 14 81.00 1.78 -17.85
N ASP T 15 79.87 1.51 -17.17
CA ASP T 15 78.76 0.65 -17.64
C ASP T 15 77.71 1.43 -18.44
N ALA T 16 77.15 0.77 -19.45
CA ALA T 16 75.97 1.20 -20.22
C ALA T 16 74.80 0.43 -19.60
N ILE T 17 74.05 1.08 -18.70
CA ILE T 17 72.92 0.49 -17.91
C ILE T 17 71.87 0.06 -18.92
N GLN T 18 71.57 -1.25 -18.95
CA GLN T 18 70.54 -1.83 -19.81
C GLN T 18 69.21 -1.69 -19.08
N ALA T 19 68.20 -1.06 -19.69
CA ALA T 19 66.88 -0.88 -19.05
C ALA T 19 65.73 -1.01 -20.05
N TRP T 20 64.52 -1.13 -19.54
CA TRP T 20 63.27 -1.36 -20.30
C TRP T 20 62.14 -0.67 -19.57
N ALA T 21 61.19 -0.13 -20.33
CA ALA T 21 59.87 0.29 -19.83
C ALA T 21 58.81 -0.51 -20.57
N TYR T 22 57.79 -1.01 -19.85
CA TYR T 22 56.68 -1.83 -20.38
C TYR T 22 55.39 -1.03 -20.19
N GLU T 23 54.75 -0.58 -21.27
CA GLU T 23 53.48 0.17 -21.16
C GLU T 23 52.31 -0.79 -21.35
N PRO T 24 51.20 -0.71 -20.57
CA PRO T 24 50.06 -1.60 -20.76
C PRO T 24 49.28 -1.07 -21.96
N VAL T 25 48.35 -1.88 -22.44
CA VAL T 25 47.28 -1.36 -23.35
C VAL T 25 46.33 -0.52 -22.50
N GLY T 26 45.89 0.61 -23.05
CA GLY T 26 44.90 1.50 -22.41
C GLY T 26 45.60 2.66 -21.74
N THR T 27 44.90 3.39 -20.87
CA THR T 27 45.50 4.53 -20.16
C THR T 27 46.10 3.95 -18.90
N PRO T 28 47.43 4.05 -18.69
CA PRO T 28 48.05 3.56 -17.44
C PRO T 28 47.62 4.46 -16.27
N THR T 29 47.47 3.89 -15.05
CA THR T 29 47.12 4.61 -13.79
C THR T 29 48.36 4.80 -12.91
N ALA T 30 49.51 4.16 -13.17
CA ALA T 30 50.71 4.26 -12.31
C ALA T 30 51.95 3.74 -13.02
N VAL T 31 53.09 4.18 -12.52
CA VAL T 31 54.42 3.60 -12.84
C VAL T 31 54.86 2.76 -11.63
N VAL T 32 55.39 1.58 -11.87
CA VAL T 32 56.13 0.76 -10.87
C VAL T 32 57.56 0.58 -11.36
N GLN T 33 58.52 1.08 -10.60
CA GLN T 33 59.95 0.91 -10.87
C GLN T 33 60.36 -0.30 -10.03
N ILE T 34 60.74 -1.38 -10.70
CA ILE T 34 61.26 -2.62 -10.06
C ILE T 34 62.79 -2.50 -9.94
N ILE T 35 63.30 -2.78 -8.76
CA ILE T 35 64.75 -2.75 -8.45
C ILE T 35 65.14 -4.15 -7.96
N HIS T 36 65.90 -4.88 -8.78
CA HIS T 36 66.27 -6.26 -8.53
C HIS T 36 67.42 -6.29 -7.52
N GLY T 37 67.69 -7.48 -7.02
CA GLY T 37 68.71 -7.76 -6.00
C GLY T 37 70.00 -8.31 -6.55
N LEU T 38 70.86 -8.63 -5.60
CA LEU T 38 72.21 -9.16 -5.81
C LEU T 38 72.07 -10.52 -6.51
N GLY T 39 72.95 -10.79 -7.49
CA GLY T 39 73.03 -12.05 -8.26
C GLY T 39 71.77 -12.30 -9.10
N GLU T 40 71.06 -11.26 -9.53
CA GLU T 40 69.87 -11.44 -10.42
C GLU T 40 69.73 -10.26 -11.41
N HIS T 41 68.58 -10.19 -12.07
CA HIS T 41 68.33 -9.21 -13.15
C HIS T 41 66.82 -8.90 -13.22
N SER T 42 66.50 -7.84 -13.93
CA SER T 42 65.16 -7.26 -14.04
C SER T 42 64.23 -8.12 -14.93
N ARG T 43 64.77 -8.97 -15.81
CA ARG T 43 63.91 -9.74 -16.76
C ARG T 43 63.49 -11.04 -16.10
N ARG T 44 64.16 -11.39 -14.99
CA ARG T 44 63.71 -12.43 -14.05
C ARG T 44 62.28 -12.15 -13.56
N TYR T 45 61.82 -10.89 -13.52
CA TYR T 45 60.50 -10.47 -12.98
C TYR T 45 59.38 -10.55 -14.01
N LEU T 46 59.52 -11.45 -14.99
CA LEU T 46 58.58 -11.58 -16.12
C LEU T 46 57.13 -11.74 -15.60
N HIS T 47 56.91 -12.68 -14.72
CA HIS T 47 55.56 -12.92 -14.15
C HIS T 47 55.03 -11.64 -13.48
N MET T 48 55.83 -10.96 -12.67
CA MET T 48 55.35 -9.75 -11.99
C MET T 48 55.06 -8.63 -13.02
N ILE T 49 55.97 -8.42 -13.98
CA ILE T 49 55.87 -7.34 -15.01
C ILE T 49 54.52 -7.51 -15.71
N SER T 50 54.21 -8.73 -16.17
CA SER T 50 52.94 -9.07 -16.88
C SER T 50 51.73 -8.77 -16.01
N ALA T 51 51.73 -9.23 -14.77
CA ALA T 51 50.65 -8.97 -13.82
C ALA T 51 50.52 -7.46 -13.59
N LEU T 52 51.60 -6.69 -13.54
CA LEU T 52 51.42 -5.24 -13.30
C LEU T 52 50.84 -4.62 -14.59
N LEU T 53 51.26 -5.07 -15.78
CA LEU T 53 50.73 -4.51 -17.06
C LEU T 53 49.23 -4.79 -17.11
N ASP T 54 48.81 -6.04 -16.83
CA ASP T 54 47.41 -6.51 -16.73
C ASP T 54 46.59 -5.54 -15.86
N ALA T 55 47.14 -5.09 -14.74
CA ALA T 55 46.50 -4.19 -13.74
C ALA T 55 46.46 -2.74 -14.25
N GLY T 56 47.16 -2.39 -15.34
CA GLY T 56 47.06 -1.07 -16.00
C GLY T 56 48.22 -0.11 -15.64
N PHE T 57 49.36 -0.65 -15.25
CA PHE T 57 50.52 0.12 -14.76
C PHE T 57 51.66 -0.01 -15.77
N VAL T 58 52.40 1.09 -15.93
CA VAL T 58 53.73 1.10 -16.58
C VAL T 58 54.71 0.49 -15.60
N VAL T 59 55.58 -0.37 -16.10
CA VAL T 59 56.71 -0.95 -15.34
C VAL T 59 58.03 -0.45 -15.96
N ILE T 60 58.98 0.00 -15.14
CA ILE T 60 60.33 0.40 -15.60
C ILE T 60 61.35 -0.28 -14.71
N ALA T 61 62.43 -0.81 -15.31
CA ALA T 61 63.46 -1.56 -14.54
C ALA T 61 64.75 -1.56 -15.32
N ASP T 62 65.88 -1.61 -14.62
CA ASP T 62 67.21 -1.82 -15.25
C ASP T 62 67.90 -3.01 -14.61
N ASP T 63 68.90 -3.53 -15.31
CA ASP T 63 69.98 -4.38 -14.75
C ASP T 63 71.07 -3.41 -14.23
N HIS T 64 71.33 -3.40 -12.92
CA HIS T 64 72.27 -2.52 -12.20
C HIS T 64 73.71 -2.82 -12.65
N ALA T 65 74.62 -1.84 -12.50
CA ALA T 65 76.09 -2.03 -12.58
C ALA T 65 76.43 -3.41 -12.02
N GLY T 66 77.18 -4.18 -12.77
CA GLY T 66 77.67 -5.51 -12.35
C GLY T 66 76.64 -6.59 -12.51
N HIS T 67 75.46 -6.32 -13.07
CA HIS T 67 74.38 -7.35 -13.07
C HIS T 67 73.71 -7.53 -14.45
N GLY T 68 73.21 -8.74 -14.71
CA GLY T 68 72.48 -9.11 -15.95
C GLY T 68 73.08 -8.57 -17.25
N ARG T 69 72.24 -7.99 -18.11
CA ARG T 69 72.67 -7.55 -19.47
C ARG T 69 73.70 -6.45 -19.36
N THR T 70 73.59 -5.60 -18.34
CA THR T 70 74.60 -4.54 -18.06
C THR T 70 75.94 -5.24 -17.93
N ALA T 71 76.02 -6.34 -17.17
CA ALA T 71 77.27 -7.08 -16.96
C ALA T 71 77.64 -7.85 -18.24
N MET T 72 76.66 -8.38 -18.95
CA MET T 72 76.78 -9.16 -20.20
C MET T 72 77.40 -8.26 -21.29
N GLN T 73 77.01 -6.98 -21.39
CA GLN T 73 77.57 -6.01 -22.39
C GLN T 73 78.93 -5.46 -21.93
N SER T 74 79.11 -5.16 -20.66
CA SER T 74 80.37 -4.54 -20.16
C SER T 74 81.48 -5.61 -19.91
N GLY T 75 81.13 -6.89 -19.72
CA GLY T 75 82.05 -7.97 -19.30
C GLY T 75 82.40 -8.02 -17.80
N VAL T 76 81.88 -7.10 -16.98
CA VAL T 76 82.23 -6.94 -15.53
C VAL T 76 81.05 -7.34 -14.64
N TRP T 77 81.23 -8.36 -13.80
CA TRP T 77 80.20 -8.97 -12.93
C TRP T 77 80.49 -8.65 -11.47
N ALA T 78 79.46 -8.43 -10.66
CA ALA T 78 79.57 -8.41 -9.19
C ALA T 78 80.50 -7.26 -8.76
N ASP T 79 80.56 -6.19 -9.55
CA ASP T 79 81.31 -4.95 -9.23
C ASP T 79 80.65 -3.82 -9.99
N ALA T 80 80.65 -2.62 -9.40
CA ALA T 80 79.87 -1.44 -9.83
C ALA T 80 80.72 -0.16 -9.76
N GLY T 81 82.05 -0.31 -9.61
CA GLY T 81 83.02 0.80 -9.47
C GLY T 81 83.22 1.21 -8.03
N ASP T 82 83.99 2.28 -7.84
CA ASP T 82 84.15 3.01 -6.56
C ASP T 82 82.79 3.61 -6.13
N ASN T 83 82.56 3.66 -4.81
CA ASN T 83 81.35 4.25 -4.19
C ASN T 83 80.13 3.50 -4.74
N ALA T 84 80.20 2.17 -4.67
CA ALA T 84 79.24 1.26 -5.34
C ALA T 84 77.82 1.65 -4.90
N ALA T 85 77.60 1.87 -3.61
CA ALA T 85 76.27 2.20 -3.09
C ALA T 85 75.76 3.49 -3.77
N GLU T 86 76.58 4.53 -3.89
CA GLU T 86 76.21 5.84 -4.50
C GLU T 86 75.85 5.62 -5.97
N VAL T 87 76.61 4.74 -6.61
CA VAL T 87 76.44 4.42 -8.06
C VAL T 87 75.02 3.89 -8.27
N VAL T 88 74.64 2.85 -7.54
CA VAL T 88 73.35 2.16 -7.81
C VAL T 88 72.20 3.04 -7.36
N ILE T 89 72.37 3.86 -6.33
CA ILE T 89 71.29 4.81 -5.89
C ILE T 89 71.04 5.78 -7.04
N SER T 90 72.12 6.38 -7.54
CA SER T 90 72.15 7.41 -8.61
C SER T 90 71.59 6.84 -9.92
N ASP T 91 72.04 5.65 -10.33
CA ASP T 91 71.48 4.94 -11.49
C ASP T 91 69.95 4.78 -11.31
N GLU T 92 69.46 4.45 -10.10
CA GLU T 92 68.01 4.24 -9.92
C GLU T 92 67.34 5.60 -10.01
N LEU T 93 68.01 6.66 -9.53
CA LEU T 93 67.50 8.04 -9.71
C LEU T 93 67.49 8.39 -11.20
N THR T 94 68.54 8.05 -11.94
CA THR T 94 68.65 8.39 -13.40
C THR T 94 67.57 7.61 -14.17
N LEU T 95 67.24 6.37 -13.77
CA LEU T 95 66.15 5.59 -14.42
C LEU T 95 64.80 6.31 -14.29
N GLN T 96 64.49 7.01 -13.17
CA GLN T 96 63.15 7.68 -13.05
C GLN T 96 63.06 8.80 -14.10
N GLN T 97 64.18 9.47 -14.39
CA GLN T 97 64.24 10.65 -15.29
C GLN T 97 64.10 10.20 -16.77
N GLN T 98 64.34 8.92 -17.09
CA GLN T 98 64.23 8.38 -18.46
C GLN T 98 62.80 8.47 -18.97
N LEU T 99 61.77 8.45 -18.12
CA LEU T 99 60.36 8.60 -18.57
C LEU T 99 59.87 10.06 -18.45
N ALA T 100 60.66 11.00 -17.93
CA ALA T 100 60.28 12.43 -17.80
C ALA T 100 59.58 12.93 -19.08
N GLY T 101 58.45 13.62 -18.90
CA GLY T 101 57.59 14.10 -20.00
C GLY T 101 56.48 13.12 -20.33
N GLN T 102 56.69 11.82 -20.15
CA GLN T 102 55.76 10.80 -20.72
C GLN T 102 54.61 10.55 -19.74
N PHE T 103 54.92 10.38 -18.45
CA PHE T 103 53.92 10.06 -17.39
C PHE T 103 54.12 10.97 -16.16
N ASP T 104 54.48 12.24 -16.36
CA ASP T 104 54.83 13.22 -15.28
C ASP T 104 53.74 13.30 -14.20
N ASP T 105 52.49 12.95 -14.52
CA ASP T 105 51.30 13.11 -13.62
C ASP T 105 50.94 11.80 -12.93
N LEU T 106 51.41 10.65 -13.40
CA LEU T 106 51.02 9.38 -12.74
C LEU T 106 51.71 9.24 -11.39
N PRO T 107 51.07 8.58 -10.39
CA PRO T 107 51.77 8.13 -9.20
C PRO T 107 52.87 7.11 -9.53
N TRP T 108 53.93 7.14 -8.75
CA TRP T 108 55.15 6.33 -8.93
C TRP T 108 55.41 5.45 -7.70
N VAL T 109 55.46 4.12 -7.87
CA VAL T 109 55.74 3.17 -6.76
C VAL T 109 57.08 2.49 -7.02
N VAL T 110 57.99 2.55 -6.07
CA VAL T 110 59.24 1.76 -6.14
C VAL T 110 58.97 0.42 -5.47
N PHE T 111 59.23 -0.67 -6.18
CA PHE T 111 59.28 -2.04 -5.62
C PHE T 111 60.75 -2.46 -5.62
N GLY T 112 61.27 -2.86 -4.47
CA GLY T 112 62.70 -3.22 -4.30
C GLY T 112 62.84 -4.56 -3.61
N HIS T 113 63.66 -5.45 -4.14
CA HIS T 113 63.88 -6.79 -3.55
C HIS T 113 65.33 -6.95 -3.07
N SER T 114 65.56 -7.34 -1.81
CA SER T 114 66.89 -7.63 -1.19
C SER T 114 67.77 -6.38 -1.29
N TRP T 115 68.90 -6.42 -2.01
CA TRP T 115 69.77 -5.27 -2.33
C TRP T 115 68.93 -4.14 -2.92
N GLY T 116 67.93 -4.51 -3.72
CA GLY T 116 66.95 -3.58 -4.31
C GLY T 116 66.11 -2.87 -3.27
N SER T 117 65.83 -3.53 -2.15
CA SER T 117 65.00 -2.96 -1.05
C SER T 117 65.83 -1.92 -0.28
N MET T 118 67.12 -2.21 -0.09
CA MET T 118 68.07 -1.31 0.57
C MET T 118 68.24 -0.08 -0.34
N ILE T 119 68.38 -0.25 -1.66
CA ILE T 119 68.55 0.89 -2.59
C ILE T 119 67.28 1.74 -2.50
N ALA T 120 66.11 1.11 -2.56
CA ALA T 120 64.79 1.79 -2.51
C ALA T 120 64.72 2.63 -1.24
N ARG T 121 65.17 2.07 -0.12
CA ARG T 121 65.15 2.77 1.20
C ARG T 121 66.14 3.96 1.17
N ALA T 122 67.36 3.80 0.63
CA ALA T 122 68.35 4.89 0.47
C ALA T 122 67.71 6.01 -0.37
N MET T 123 66.93 5.65 -1.38
CA MET T 123 66.28 6.60 -2.33
C MET T 123 65.21 7.39 -1.59
N ALA T 124 64.46 6.72 -0.71
CA ALA T 124 63.31 7.36 -0.04
C ALA T 124 63.83 8.54 0.77
N THR T 125 65.09 8.47 1.23
CA THR T 125 65.74 9.43 2.17
C THR T 125 66.24 10.67 1.41
N ARG T 126 66.49 10.56 0.10
CA ARG T 126 67.08 11.65 -0.70
C ARG T 126 66.00 12.63 -1.08
N PRO T 127 66.27 13.94 -0.92
CA PRO T 127 65.36 14.98 -1.41
C PRO T 127 64.98 14.86 -2.90
N GLY T 128 63.73 15.20 -3.21
CA GLY T 128 63.20 15.23 -4.59
C GLY T 128 63.10 13.86 -5.25
N THR T 129 63.31 12.73 -4.54
CA THR T 129 63.04 11.38 -5.11
C THR T 129 61.56 11.30 -5.47
N ARG T 130 61.24 10.85 -6.67
CA ARG T 130 59.84 10.61 -7.06
C ARG T 130 59.39 9.33 -6.35
N LEU T 131 58.38 9.45 -5.48
CA LEU T 131 57.96 8.32 -4.62
C LEU T 131 56.63 8.62 -3.95
N ASP T 132 55.57 7.98 -4.45
CA ASP T 132 54.18 8.07 -3.94
C ASP T 132 53.81 6.80 -3.14
N GLY T 133 54.67 5.78 -3.23
CA GLY T 133 54.48 4.48 -2.59
C GLY T 133 55.78 3.70 -2.61
N LEU T 134 56.11 3.05 -1.49
CA LEU T 134 57.30 2.17 -1.37
C LEU T 134 56.88 0.71 -1.07
N ALA T 135 57.26 -0.23 -1.93
CA ALA T 135 57.06 -1.68 -1.75
C ALA T 135 58.42 -2.35 -1.55
N LEU T 136 58.65 -3.04 -0.43
CA LEU T 136 59.92 -3.75 -0.18
C LEU T 136 59.67 -5.27 -0.10
N CYS T 137 60.55 -6.04 -0.68
CA CYS T 137 60.52 -7.53 -0.71
C CYS T 137 61.90 -8.07 -0.32
N GLY T 138 61.97 -9.17 0.42
CA GLY T 138 63.25 -9.73 0.90
C GLY T 138 64.01 -8.71 1.72
N ILE T 139 63.33 -8.07 2.67
CA ILE T 139 63.91 -6.92 3.43
C ILE T 139 65.18 -7.41 4.14
N VAL T 140 66.22 -6.57 4.15
CA VAL T 140 67.53 -6.78 4.82
C VAL T 140 67.53 -5.89 6.06
N ALA T 141 67.19 -6.47 7.22
CA ALA T 141 67.18 -5.83 8.55
C ALA T 141 67.69 -6.86 9.58
N GLN T 142 68.81 -6.56 10.24
CA GLN T 142 69.34 -7.19 11.48
C GLN T 142 69.73 -8.66 11.28
N PRO T 143 70.22 -9.12 10.11
CA PRO T 143 70.78 -10.47 10.00
C PRO T 143 72.16 -10.44 10.71
N ARG T 144 72.58 -11.56 11.31
CA ARG T 144 73.70 -11.58 12.29
C ARG T 144 74.97 -11.01 11.62
N GLY T 145 75.22 -11.38 10.36
CA GLY T 145 76.38 -10.96 9.55
C GLY T 145 76.52 -9.46 9.44
N PHE T 146 75.51 -8.76 8.92
CA PHE T 146 75.57 -7.28 8.75
C PHE T 146 75.64 -6.60 10.10
N GLU T 147 74.99 -7.15 11.13
CA GLU T 147 74.87 -6.50 12.46
C GLU T 147 76.15 -6.72 13.27
N THR T 148 76.68 -7.94 13.32
CA THR T 148 77.62 -8.41 14.37
C THR T 148 78.89 -8.98 13.72
N THR T 149 78.78 -10.12 13.01
CA THR T 149 79.89 -10.96 12.48
C THR T 149 80.79 -10.14 11.53
N LEU T 150 80.26 -9.26 10.67
CA LEU T 150 81.09 -8.51 9.68
C LEU T 150 82.12 -7.71 10.45
N ASP T 151 83.41 -7.97 10.24
CA ASP T 151 84.50 -7.24 10.94
C ASP T 151 84.87 -6.02 10.09
N HIS T 152 84.63 -4.80 10.60
CA HIS T 152 84.72 -3.52 9.84
C HIS T 152 86.18 -3.04 9.78
N LYS T 153 87.03 -3.51 10.69
CA LYS T 153 88.49 -3.32 10.59
C LYS T 153 89.01 -4.14 9.41
N THR T 154 88.76 -5.45 9.39
CA THR T 154 89.20 -6.38 8.32
C THR T 154 88.80 -5.79 6.97
N LEU T 155 87.60 -5.21 6.91
CA LEU T 155 87.08 -4.58 5.68
C LEU T 155 87.90 -3.33 5.34
N ALA T 156 88.28 -2.51 6.33
CA ALA T 156 89.01 -1.24 6.07
C ALA T 156 90.38 -1.57 5.48
N LYS T 157 91.09 -2.50 6.12
CA LYS T 157 92.41 -3.05 5.73
C LYS T 157 92.30 -3.59 4.30
N ALA T 158 91.37 -4.49 3.99
CA ALA T 158 91.15 -5.00 2.62
C ALA T 158 90.76 -3.86 1.64
N MET T 159 90.00 -2.84 2.07
CA MET T 159 89.67 -1.68 1.17
C MET T 159 90.96 -0.92 0.83
N ALA T 160 91.94 -0.93 1.75
CA ALA T 160 93.20 -0.14 1.67
C ALA T 160 94.26 -0.88 0.83
N THR T 161 94.24 -2.20 0.75
CA THR T 161 95.33 -2.99 0.12
C THR T 161 94.98 -3.36 -1.33
N ALA T 162 93.73 -3.76 -1.61
CA ALA T 162 93.27 -4.29 -2.91
C ALA T 162 91.76 -4.06 -3.09
N PRO T 163 91.30 -2.80 -3.31
CA PRO T 163 89.87 -2.52 -3.37
C PRO T 163 89.16 -3.18 -4.58
N THR T 164 89.87 -3.43 -5.69
CA THR T 164 89.25 -3.89 -6.95
C THR T 164 89.44 -5.41 -7.14
N ASP T 165 90.19 -6.07 -6.27
CA ASP T 165 90.37 -7.54 -6.31
C ASP T 165 89.13 -8.21 -5.68
N PRO T 166 88.88 -9.51 -5.99
CA PRO T 166 87.80 -10.29 -5.36
C PRO T 166 87.83 -10.28 -3.82
N ALA T 167 86.70 -9.95 -3.21
CA ALA T 167 86.60 -9.80 -1.75
C ALA T 167 87.13 -11.08 -1.13
N PRO T 168 88.06 -10.98 -0.15
CA PRO T 168 88.50 -12.14 0.65
C PRO T 168 87.34 -13.00 1.18
N GLU T 169 87.48 -14.31 1.06
CA GLU T 169 86.56 -15.35 1.62
C GLU T 169 85.97 -14.91 2.98
N ALA T 170 86.83 -14.46 3.90
CA ALA T 170 86.48 -14.15 5.29
C ALA T 170 85.44 -13.04 5.36
N LEU T 171 85.51 -12.01 4.51
CA LEU T 171 84.50 -10.90 4.51
C LEU T 171 83.16 -11.37 3.92
N VAL T 172 83.19 -12.14 2.83
CA VAL T 172 81.96 -12.71 2.19
C VAL T 172 81.28 -13.64 3.20
N ALA T 173 82.02 -14.53 3.85
CA ALA T 173 81.45 -15.47 4.85
C ALA T 173 80.81 -14.68 5.99
N GLN T 174 81.46 -13.57 6.36
CA GLN T 174 81.10 -12.71 7.49
C GLN T 174 79.81 -11.97 7.12
N MET T 175 79.78 -11.35 5.95
CA MET T 175 78.68 -10.42 5.57
C MET T 175 77.38 -11.21 5.52
N PHE T 176 77.46 -12.46 5.05
CA PHE T 176 76.34 -13.42 4.87
C PHE T 176 76.30 -14.48 5.98
N ASP T 177 76.99 -14.29 7.09
CA ASP T 177 76.80 -15.15 8.28
C ASP T 177 75.33 -14.98 8.70
N GLY T 178 74.67 -16.10 8.99
CA GLY T 178 73.24 -16.15 9.26
C GLY T 178 72.43 -16.81 8.15
N PHE T 179 72.87 -16.74 6.90
CA PHE T 179 72.06 -17.13 5.71
C PHE T 179 71.84 -18.64 5.72
N ALA T 180 72.77 -19.42 6.25
CA ALA T 180 72.66 -20.89 6.34
C ALA T 180 72.07 -21.36 7.68
N ASP T 181 71.66 -20.48 8.58
CA ASP T 181 71.37 -20.90 9.97
C ASP T 181 70.35 -22.02 10.01
N ARG T 182 69.40 -22.09 9.06
CA ARG T 182 68.19 -22.95 9.16
C ARG T 182 68.10 -23.94 7.99
N LEU T 183 69.19 -24.10 7.23
CA LEU T 183 69.31 -25.07 6.11
C LEU T 183 69.78 -26.45 6.63
N SER T 184 69.33 -27.53 5.97
CA SER T 184 69.92 -28.87 6.14
C SER T 184 70.97 -29.00 5.03
N GLU T 185 71.78 -30.07 5.02
CA GLU T 185 72.63 -30.43 3.85
C GLU T 185 71.75 -30.49 2.58
N ASP T 186 70.56 -31.09 2.69
CA ASP T 186 69.59 -31.33 1.58
C ASP T 186 69.23 -30.02 0.87
N ASP T 187 69.16 -28.91 1.60
CA ASP T 187 68.77 -27.57 1.09
C ASP T 187 69.87 -27.01 0.16
N GLY T 188 71.12 -27.49 0.31
CA GLY T 188 72.30 -26.92 -0.37
C GLY T 188 72.66 -25.54 0.18
N PRO T 189 73.81 -25.01 -0.26
CA PRO T 189 74.37 -23.79 0.35
C PRO T 189 73.58 -22.51 0.03
N THR T 190 72.79 -22.51 -1.04
CA THR T 190 71.91 -21.38 -1.46
C THR T 190 70.44 -21.72 -1.24
N GLY T 191 70.13 -22.73 -0.42
CA GLY T 191 68.74 -23.09 -0.08
C GLY T 191 67.94 -21.96 0.58
N TRP T 192 68.60 -20.94 1.13
CA TRP T 192 67.93 -19.77 1.75
C TRP T 192 67.17 -18.95 0.71
N VAL T 193 67.53 -19.06 -0.56
CA VAL T 193 66.90 -18.26 -1.67
C VAL T 193 65.41 -18.62 -1.77
N ALA T 194 65.01 -19.85 -1.47
CA ALA T 194 63.59 -20.26 -1.48
C ALA T 194 63.41 -21.67 -0.93
N ARG T 195 62.25 -21.91 -0.34
CA ARG T 195 61.82 -23.28 -0.01
C ARG T 195 61.77 -24.11 -1.30
N SER T 196 61.22 -23.56 -2.38
CA SER T 196 61.16 -24.25 -3.69
C SER T 196 62.59 -24.53 -4.21
N LYS T 197 62.95 -25.81 -4.35
CA LYS T 197 64.23 -26.23 -4.98
C LYS T 197 64.27 -25.88 -6.48
N GLU T 198 63.13 -25.86 -7.15
CA GLU T 198 63.03 -25.51 -8.58
C GLU T 198 63.42 -24.04 -8.71
N VAL T 199 62.92 -23.16 -7.81
CA VAL T 199 63.28 -21.71 -7.86
C VAL T 199 64.79 -21.58 -7.66
N VAL T 200 65.38 -22.33 -6.73
CA VAL T 200 66.85 -22.28 -6.40
C VAL T 200 67.70 -22.79 -7.59
N ALA T 201 67.31 -23.93 -8.18
CA ALA T 201 67.99 -24.53 -9.35
C ALA T 201 67.91 -23.56 -10.54
N ASP T 202 66.76 -22.90 -10.76
CA ASP T 202 66.61 -21.98 -11.91
C ASP T 202 67.46 -20.74 -11.63
N HIS T 203 67.46 -20.26 -10.38
CA HIS T 203 68.33 -19.12 -9.97
C HIS T 203 69.81 -19.47 -10.25
N GLY T 204 70.18 -20.75 -10.13
CA GLY T 204 71.55 -21.22 -10.37
C GLY T 204 71.92 -21.31 -11.86
N LYS T 205 70.98 -21.68 -12.70
CA LYS T 205 71.20 -21.95 -14.14
C LYS T 205 71.08 -20.64 -14.93
N ASP T 206 70.26 -19.70 -14.49
CA ASP T 206 69.96 -18.51 -15.31
C ASP T 206 71.27 -17.83 -15.63
N LYS T 207 71.65 -17.75 -16.91
CA LYS T 207 72.93 -17.13 -17.36
C LYS T 207 73.02 -15.65 -16.97
N PHE T 208 71.90 -14.91 -16.98
CA PHE T 208 71.81 -13.46 -16.62
C PHE T 208 71.91 -13.24 -15.09
N ASN T 209 71.93 -14.30 -14.27
CA ASN T 209 72.36 -14.24 -12.85
C ASN T 209 73.89 -14.42 -12.71
N ASN T 210 74.52 -15.26 -13.52
CA ASN T 210 75.96 -15.63 -13.41
C ASN T 210 76.29 -15.89 -11.92
N PHE T 211 75.84 -17.03 -11.40
CA PHE T 211 75.85 -17.35 -9.94
C PHE T 211 77.29 -17.75 -9.58
N GLY T 212 77.73 -17.27 -8.41
CA GLY T 212 79.10 -17.47 -7.91
C GLY T 212 80.10 -16.56 -8.58
N ALA T 213 79.65 -15.58 -9.36
CA ALA T 213 80.51 -14.45 -9.81
C ALA T 213 81.04 -13.79 -8.54
N PRO T 214 82.37 -13.75 -8.35
CA PRO T 214 82.94 -13.18 -7.13
C PRO T 214 82.72 -11.65 -7.02
N MET T 215 82.15 -11.21 -5.90
CA MET T 215 82.12 -9.77 -5.53
C MET T 215 83.55 -9.25 -5.37
N SER T 216 83.75 -8.00 -5.78
CA SER T 216 84.95 -7.19 -5.47
C SER T 216 84.82 -6.69 -4.02
N THR T 217 85.96 -6.46 -3.38
CA THR T 217 86.11 -5.89 -2.04
C THR T 217 85.30 -4.57 -1.98
N ARG T 218 85.53 -3.62 -2.88
CA ARG T 218 84.79 -2.31 -2.91
C ARG T 218 83.28 -2.52 -3.16
N PHE T 219 82.87 -3.57 -3.86
CA PHE T 219 81.43 -3.88 -3.99
C PHE T 219 80.86 -4.34 -2.64
N LEU T 220 81.56 -5.22 -1.91
CA LEU T 220 81.21 -5.63 -0.53
C LEU T 220 81.04 -4.40 0.38
N GLN T 221 82.03 -3.50 0.38
CA GLN T 221 81.98 -2.16 1.01
C GLN T 221 80.65 -1.49 0.64
N GLY T 222 80.34 -1.46 -0.66
CA GLY T 222 79.03 -0.96 -1.15
C GLY T 222 77.85 -1.59 -0.41
N LEU T 223 77.88 -2.87 -0.10
CA LEU T 223 76.73 -3.54 0.53
C LEU T 223 76.66 -3.15 2.02
N ALA T 224 77.82 -3.06 2.69
CA ALA T 224 77.90 -2.62 4.10
C ALA T 224 77.42 -1.17 4.19
N ASP T 225 77.67 -0.34 3.18
CA ASP T 225 77.24 1.08 3.19
C ASP T 225 75.72 1.13 2.96
N ILE T 226 75.20 0.51 1.90
CA ILE T 226 73.76 0.65 1.58
C ILE T 226 72.96 0.07 2.76
N TYR T 227 73.47 -0.95 3.44
CA TYR T 227 72.79 -1.57 4.61
C TYR T 227 72.61 -0.51 5.69
N ALA T 228 73.68 0.25 5.98
CA ALA T 228 73.69 1.32 7.00
C ALA T 228 72.78 2.46 6.53
N MET T 229 72.76 2.84 5.26
CA MET T 229 71.82 3.91 4.77
C MET T 229 70.38 3.45 5.03
N ALA T 230 70.10 2.21 4.66
CA ALA T 230 68.76 1.61 4.64
C ALA T 230 68.26 1.39 6.08
N ASN T 231 69.12 1.05 7.05
CA ASN T 231 68.67 0.59 8.40
C ASN T 231 69.01 1.64 9.48
N GLY T 232 69.38 2.86 9.12
CA GLY T 232 69.77 3.89 10.10
C GLY T 232 68.70 4.93 10.36
N ASP T 233 68.97 5.83 11.31
CA ASP T 233 67.95 6.75 11.86
C ASP T 233 67.44 7.65 10.75
N SER T 234 68.37 7.95 9.84
CA SER T 234 68.24 8.94 8.75
C SER T 234 67.11 8.46 7.85
N PHE T 235 67.02 7.14 7.68
CA PHE T 235 65.95 6.45 6.91
C PHE T 235 64.62 6.64 7.64
N TYR T 236 64.58 6.21 8.90
CA TYR T 236 63.36 6.19 9.75
C TYR T 236 62.83 7.62 10.01
N ALA T 237 63.72 8.58 10.26
CA ALA T 237 63.31 9.97 10.57
C ALA T 237 62.83 10.65 9.29
N THR T 238 63.41 10.27 8.15
CA THR T 238 63.21 11.04 6.91
C THR T 238 62.16 10.35 6.02
N MET T 239 61.90 9.05 6.18
CA MET T 239 60.91 8.35 5.32
C MET T 239 59.69 9.24 5.14
N PRO T 240 59.27 9.56 3.90
CA PRO T 240 58.05 10.35 3.68
C PRO T 240 56.73 9.71 4.12
N ASN T 241 55.70 10.53 4.34
CA ASN T 241 54.37 10.02 4.80
C ASN T 241 53.61 9.50 3.57
N ILE T 242 54.03 8.34 3.08
CA ILE T 242 53.38 7.71 1.90
C ILE T 242 53.10 6.28 2.31
N PRO T 243 52.21 5.59 1.59
CA PRO T 243 51.93 4.20 1.94
C PRO T 243 53.18 3.32 1.72
N ILE T 244 53.44 2.43 2.67
CA ILE T 244 54.56 1.46 2.66
C ILE T 244 53.96 0.06 2.78
N VAL T 245 54.44 -0.87 1.94
CA VAL T 245 54.09 -2.30 2.09
C VAL T 245 55.39 -3.11 2.08
N LEU T 246 55.41 -4.20 2.86
CA LEU T 246 56.57 -5.12 3.07
C LEU T 246 56.16 -6.56 2.80
N PHE T 247 57.00 -7.27 2.05
CA PHE T 247 56.89 -8.72 1.76
C PHE T 247 58.16 -9.44 2.22
N ALA T 248 57.98 -10.48 3.06
CA ALA T 248 59.07 -11.32 3.62
C ALA T 248 58.60 -12.72 3.94
N GLY T 249 59.49 -13.68 3.72
CA GLY T 249 59.34 -15.07 4.14
C GLY T 249 59.69 -15.10 5.60
N SER T 250 58.89 -15.72 6.45
CA SER T 250 59.24 -15.83 7.90
C SER T 250 60.59 -16.56 8.08
N GLU T 251 60.99 -17.46 7.16
CA GLU T 251 62.26 -18.24 7.22
C GLU T 251 63.31 -17.61 6.30
N ASP T 252 63.13 -16.34 5.95
CA ASP T 252 64.12 -15.54 5.19
C ASP T 252 65.20 -15.05 6.14
N PRO T 253 66.46 -15.49 6.00
CA PRO T 253 67.56 -14.95 6.83
C PRO T 253 67.86 -13.45 6.65
N ALA T 254 67.71 -12.91 5.44
CA ALA T 254 68.06 -11.52 5.14
C ALA T 254 67.41 -10.59 6.17
N GLY T 255 66.22 -10.96 6.66
CA GLY T 255 65.46 -10.11 7.59
C GLY T 255 65.44 -10.64 9.01
N ASP T 256 66.47 -11.39 9.39
CA ASP T 256 66.56 -12.14 10.68
C ASP T 256 65.27 -12.96 10.88
N PHE T 257 64.85 -13.68 9.83
CA PHE T 257 63.76 -14.68 9.92
C PHE T 257 62.53 -14.00 10.54
N GLY T 258 62.09 -12.91 9.93
CA GLY T 258 60.83 -12.23 10.27
C GLY T 258 61.07 -11.17 11.33
N THR T 259 61.97 -11.42 12.28
CA THR T 259 62.23 -10.56 13.47
C THR T 259 62.74 -9.18 13.02
N GLY T 260 63.70 -9.15 12.11
CA GLY T 260 64.27 -7.89 11.56
C GLY T 260 63.25 -7.06 10.82
N VAL T 261 62.37 -7.70 10.07
CA VAL T 261 61.37 -7.07 9.15
C VAL T 261 60.25 -6.50 10.01
N LYS T 262 59.79 -7.28 11.01
CA LYS T 262 58.82 -6.80 12.02
C LYS T 262 59.36 -5.52 12.63
N ALA T 263 60.65 -5.45 12.94
CA ALA T 263 61.24 -4.29 13.63
C ALA T 263 61.23 -3.09 12.67
N VAL T 264 61.43 -3.31 11.39
CA VAL T 264 61.31 -2.22 10.37
C VAL T 264 59.87 -1.70 10.36
N ALA T 265 58.88 -2.58 10.36
CA ALA T 265 57.46 -2.19 10.29
C ALA T 265 57.07 -1.41 11.57
N GLU T 266 57.50 -1.88 12.71
CA GLU T 266 57.09 -1.34 14.03
C GLU T 266 57.73 0.03 14.22
N ARG T 267 58.98 0.21 13.85
CA ARG T 267 59.64 1.53 13.98
C ARG T 267 58.94 2.51 13.03
N LEU T 268 58.60 2.08 11.81
CA LEU T 268 57.89 2.97 10.87
C LEU T 268 56.54 3.34 11.46
N ARG T 269 55.82 2.37 12.05
CA ARG T 269 54.47 2.64 12.61
C ARG T 269 54.62 3.55 13.85
N ARG T 270 55.63 3.32 14.70
CA ARG T 270 55.96 4.18 15.85
C ARG T 270 56.05 5.63 15.40
N ASP T 271 56.55 5.94 14.21
CA ASP T 271 56.77 7.35 13.82
C ASP T 271 55.62 7.89 12.97
N GLY T 272 54.46 7.23 12.92
CA GLY T 272 53.27 7.80 12.26
C GLY T 272 52.95 7.13 10.92
N HIS T 273 53.84 6.25 10.44
CA HIS T 273 53.77 5.71 9.04
C HIS T 273 52.66 4.67 8.87
N ASN T 274 52.05 4.65 7.69
CA ASN T 274 51.06 3.66 7.23
C ASN T 274 51.83 2.50 6.58
N VAL T 275 51.72 1.32 7.16
CA VAL T 275 52.61 0.17 6.84
C VAL T 275 51.76 -1.10 6.73
N GLU T 276 51.83 -1.79 5.61
CA GLU T 276 51.12 -3.07 5.40
C GLU T 276 52.20 -4.14 5.40
N LEU T 277 52.14 -5.07 6.35
CA LEU T 277 53.15 -6.16 6.49
C LEU T 277 52.56 -7.47 5.94
N HIS T 278 53.29 -8.18 5.07
CA HIS T 278 52.98 -9.57 4.66
C HIS T 278 54.21 -10.41 4.98
N LEU T 279 54.08 -11.24 5.98
CA LEU T 279 55.09 -12.20 6.48
C LEU T 279 54.56 -13.60 6.15
N TYR T 280 55.19 -14.35 5.29
CA TYR T 280 54.67 -15.67 4.80
C TYR T 280 55.35 -16.79 5.60
N ASP T 281 54.61 -17.50 6.45
CA ASP T 281 55.16 -18.63 7.24
C ASP T 281 55.72 -19.73 6.35
N GLY T 282 56.91 -20.24 6.66
CA GLY T 282 57.46 -21.45 6.01
C GLY T 282 58.31 -21.12 4.79
N LEU T 283 58.19 -19.90 4.26
CA LEU T 283 58.88 -19.47 3.00
C LEU T 283 60.14 -18.66 3.31
N ARG T 284 61.05 -18.63 2.34
CA ARG T 284 62.37 -17.98 2.54
C ARG T 284 62.46 -16.68 1.71
N HIS T 285 63.61 -16.38 1.14
CA HIS T 285 63.96 -15.00 0.67
C HIS T 285 62.98 -14.57 -0.46
N GLU T 286 62.75 -15.39 -1.47
CA GLU T 286 62.13 -14.90 -2.74
C GLU T 286 60.65 -15.20 -2.71
N VAL T 287 59.90 -14.47 -1.90
CA VAL T 287 58.45 -14.76 -1.70
C VAL T 287 57.64 -14.34 -2.93
N HIS T 288 58.21 -13.47 -3.75
CA HIS T 288 57.65 -13.09 -5.08
C HIS T 288 57.85 -14.23 -6.08
N ASN T 289 58.72 -15.22 -5.80
CA ASN T 289 58.91 -16.35 -6.76
C ASN T 289 58.39 -17.66 -6.16
N GLU T 290 58.31 -17.79 -4.82
CA GLU T 290 57.84 -19.05 -4.19
C GLU T 290 56.45 -19.32 -4.74
N PRO T 291 56.20 -20.50 -5.34
CA PRO T 291 54.90 -20.75 -5.98
C PRO T 291 53.74 -20.62 -4.96
N GLU T 292 53.94 -20.83 -3.69
CA GLU T 292 52.76 -20.79 -2.76
C GLU T 292 52.42 -19.35 -2.39
N SER T 293 53.28 -18.36 -2.63
CA SER T 293 53.07 -16.97 -2.19
C SER T 293 53.10 -15.96 -3.35
N ARG T 294 53.58 -16.33 -4.54
CA ARG T 294 53.71 -15.40 -5.71
C ARG T 294 52.40 -14.66 -5.97
N ALA T 295 51.31 -15.39 -6.14
CA ALA T 295 49.99 -14.83 -6.47
C ALA T 295 49.67 -13.72 -5.43
N ASP T 296 49.86 -14.03 -4.15
CA ASP T 296 49.40 -13.16 -3.05
C ASP T 296 50.27 -11.88 -3.01
N VAL T 297 51.57 -12.00 -3.25
CA VAL T 297 52.49 -10.84 -3.37
C VAL T 297 52.03 -9.93 -4.51
N GLU T 298 51.74 -10.49 -5.68
CA GLU T 298 51.35 -9.69 -6.88
C GLU T 298 49.98 -9.05 -6.65
N SER T 299 48.98 -9.83 -6.30
CA SER T 299 47.62 -9.27 -6.07
C SER T 299 47.67 -8.24 -4.92
N SER T 300 48.45 -8.47 -3.85
CA SER T 300 48.64 -7.47 -2.76
C SER T 300 49.34 -6.22 -3.32
N LEU T 301 50.41 -6.37 -4.11
CA LEU T 301 51.10 -5.20 -4.69
C LEU T 301 50.10 -4.47 -5.60
N VAL T 302 49.24 -5.16 -6.34
CA VAL T 302 48.28 -4.48 -7.25
C VAL T 302 47.32 -3.64 -6.40
N THR T 303 46.72 -4.22 -5.36
CA THR T 303 45.81 -3.51 -4.45
C THR T 303 46.54 -2.32 -3.81
N PHE T 304 47.81 -2.46 -3.48
CA PHE T 304 48.59 -1.36 -2.86
C PHE T 304 48.80 -0.23 -3.89
N VAL T 305 49.15 -0.54 -5.13
CA VAL T 305 49.36 0.54 -6.14
C VAL T 305 48.01 1.21 -6.40
N ASP T 306 46.93 0.43 -6.50
CA ASP T 306 45.60 1.05 -6.70
C ASP T 306 45.30 2.01 -5.55
N ARG T 307 45.67 1.66 -4.33
CA ARG T 307 45.37 2.50 -3.14
C ARG T 307 46.22 3.76 -3.14
N VAL T 308 47.47 3.67 -3.58
CA VAL T 308 48.42 4.80 -3.65
C VAL T 308 47.90 5.79 -4.70
N ALA T 309 47.30 5.30 -5.77
CA ALA T 309 46.74 6.12 -6.86
C ALA T 309 45.49 6.86 -6.38
N ASN T 310 44.77 6.27 -5.41
CA ASN T 310 43.58 6.71 -4.64
C ASN T 310 42.30 6.08 -5.22
N ALA U 2 17.78 -90.27 13.01
CA ALA U 2 19.04 -89.68 12.50
C ALA U 2 18.73 -88.81 11.27
N LEU U 3 19.65 -87.94 10.88
CA LEU U 3 19.46 -87.09 9.67
C LEU U 3 20.69 -87.26 8.77
N GLN U 4 20.50 -87.25 7.46
CA GLN U 4 21.63 -87.21 6.49
C GLN U 4 21.35 -86.10 5.48
N GLU U 5 22.35 -85.25 5.24
CA GLU U 5 22.37 -84.41 4.02
C GLU U 5 23.12 -85.23 2.97
N ILE U 6 22.50 -85.48 1.82
CA ILE U 6 23.00 -86.42 0.77
C ILE U 6 22.83 -85.76 -0.59
N GLU U 7 23.30 -84.50 -0.74
CA GLU U 7 23.37 -83.75 -2.04
C GLU U 7 24.32 -84.46 -3.05
N PHE U 8 24.09 -84.26 -4.34
CA PHE U 8 24.89 -84.77 -5.49
C PHE U 8 24.64 -83.83 -6.68
N THR U 9 25.47 -83.90 -7.71
CA THR U 9 25.32 -83.11 -8.96
C THR U 9 24.18 -83.70 -9.81
N SER U 10 23.21 -82.84 -10.17
CA SER U 10 22.08 -83.12 -11.08
C SER U 10 22.63 -83.62 -12.41
N HIS U 11 21.86 -84.49 -13.06
CA HIS U 11 22.00 -84.93 -14.47
C HIS U 11 22.27 -83.70 -15.36
N ASN U 12 21.68 -82.54 -15.03
CA ASN U 12 21.72 -81.27 -15.81
C ASN U 12 23.12 -80.68 -15.70
N GLY U 13 23.93 -81.10 -14.72
CA GLY U 13 25.38 -80.84 -14.66
C GLY U 13 25.72 -79.49 -14.06
N ARG U 14 24.72 -78.82 -13.47
CA ARG U 14 24.75 -77.41 -12.97
C ARG U 14 24.38 -77.39 -11.49
N ASP U 15 23.18 -77.86 -11.16
CA ASP U 15 22.61 -77.83 -9.77
C ASP U 15 23.27 -78.86 -8.85
N ALA U 16 23.64 -78.44 -7.66
CA ALA U 16 23.83 -79.28 -6.45
C ALA U 16 22.43 -79.54 -5.86
N ILE U 17 21.90 -80.73 -6.15
CA ILE U 17 20.58 -81.23 -5.69
C ILE U 17 20.66 -81.42 -4.18
N GLN U 18 19.84 -80.67 -3.45
CA GLN U 18 19.77 -80.67 -1.97
C GLN U 18 18.81 -81.80 -1.59
N ALA U 19 19.31 -82.78 -0.84
CA ALA U 19 18.57 -84.01 -0.48
C ALA U 19 18.73 -84.33 1.01
N TRP U 20 17.74 -85.05 1.56
CA TRP U 20 17.71 -85.46 2.97
C TRP U 20 17.23 -86.90 3.10
N ALA U 21 17.86 -87.66 3.97
CA ALA U 21 17.29 -88.93 4.47
C ALA U 21 16.98 -88.74 5.96
N TYR U 22 15.75 -89.05 6.36
CA TYR U 22 15.26 -89.07 7.76
C TYR U 22 15.14 -90.54 8.17
N GLU U 23 15.74 -90.92 9.29
CA GLU U 23 15.71 -92.31 9.81
C GLU U 23 15.08 -92.30 11.20
N PRO U 24 14.11 -93.22 11.46
CA PRO U 24 13.41 -93.27 12.73
C PRO U 24 14.32 -93.90 13.79
N VAL U 25 13.93 -93.69 15.05
CA VAL U 25 14.40 -94.45 16.24
C VAL U 25 14.04 -95.94 16.07
N GLY U 26 15.01 -96.86 16.19
CA GLY U 26 14.78 -98.32 16.08
C GLY U 26 15.03 -98.82 14.67
N THR U 27 14.69 -100.09 14.40
CA THR U 27 14.87 -100.78 13.08
C THR U 27 13.70 -100.44 12.15
N PRO U 28 13.96 -99.73 11.01
CA PRO U 28 12.90 -99.40 10.05
C PRO U 28 12.48 -100.64 9.24
N THR U 29 11.21 -100.66 8.83
CA THR U 29 10.55 -101.76 8.10
C THR U 29 10.38 -101.46 6.61
N ALA U 30 10.66 -100.23 6.16
CA ALA U 30 10.33 -99.71 4.81
C ALA U 30 11.07 -98.39 4.60
N VAL U 31 11.15 -97.95 3.34
CA VAL U 31 11.70 -96.64 2.88
C VAL U 31 10.61 -95.99 2.02
N VAL U 32 10.28 -94.73 2.29
CA VAL U 32 9.34 -93.91 1.45
C VAL U 32 10.14 -92.77 0.84
N GLN U 33 10.17 -92.67 -0.49
CA GLN U 33 10.78 -91.53 -1.24
C GLN U 33 9.64 -90.54 -1.55
N ILE U 34 9.71 -89.31 -1.05
CA ILE U 34 8.73 -88.23 -1.37
C ILE U 34 9.32 -87.42 -2.54
N ILE U 35 8.47 -87.20 -3.55
CA ILE U 35 8.77 -86.40 -4.76
C ILE U 35 7.73 -85.28 -4.79
N HIS U 36 8.13 -84.10 -4.31
CA HIS U 36 7.29 -82.90 -4.31
C HIS U 36 7.03 -82.48 -5.76
N GLY U 37 6.04 -81.63 -5.96
CA GLY U 37 5.65 -81.14 -7.30
C GLY U 37 6.10 -79.72 -7.52
N LEU U 38 5.43 -79.05 -8.45
CA LEU U 38 5.83 -77.75 -9.04
C LEU U 38 5.50 -76.63 -8.02
N GLY U 39 6.35 -75.59 -7.96
CA GLY U 39 6.23 -74.44 -7.05
C GLY U 39 6.27 -74.84 -5.57
N GLU U 40 6.96 -75.94 -5.22
CA GLU U 40 7.09 -76.34 -3.79
C GLU U 40 8.45 -77.02 -3.58
N HIS U 41 8.64 -77.64 -2.42
CA HIS U 41 9.92 -78.27 -2.00
C HIS U 41 9.66 -79.40 -1.02
N SER U 42 10.67 -80.21 -0.69
CA SER U 42 10.48 -81.46 0.07
C SER U 42 10.22 -81.15 1.55
N ARG U 43 10.80 -80.06 2.06
CA ARG U 43 10.78 -79.80 3.52
C ARG U 43 9.42 -79.28 3.90
N ARG U 44 8.54 -78.99 2.94
CA ARG U 44 7.11 -78.64 3.16
C ARG U 44 6.33 -79.83 3.75
N TYR U 45 6.87 -81.03 3.59
CA TYR U 45 6.26 -82.35 3.95
C TYR U 45 6.58 -82.71 5.39
N LEU U 46 6.87 -81.72 6.23
CA LEU U 46 7.38 -81.91 7.61
C LEU U 46 6.41 -82.80 8.39
N HIS U 47 5.13 -82.46 8.33
CA HIS U 47 4.04 -83.21 9.02
C HIS U 47 4.07 -84.69 8.56
N MET U 48 4.04 -84.93 7.24
CA MET U 48 4.08 -86.30 6.64
C MET U 48 5.38 -87.02 7.02
N ILE U 49 6.51 -86.32 6.91
CA ILE U 49 7.85 -86.93 7.19
C ILE U 49 7.85 -87.47 8.62
N SER U 50 7.38 -86.65 9.57
CA SER U 50 7.22 -86.98 11.01
C SER U 50 6.27 -88.18 11.17
N ALA U 51 5.09 -88.19 10.51
CA ALA U 51 4.13 -89.32 10.59
C ALA U 51 4.77 -90.64 10.12
N LEU U 52 5.59 -90.62 9.07
CA LEU U 52 6.29 -91.81 8.49
C LEU U 52 7.44 -92.27 9.40
N LEU U 53 8.23 -91.34 9.97
CA LEU U 53 9.23 -91.66 11.02
C LEU U 53 8.52 -92.34 12.23
N ASP U 54 7.39 -91.82 12.72
CA ASP U 54 6.56 -92.48 13.77
C ASP U 54 6.18 -93.94 13.39
N ALA U 55 5.89 -94.22 12.11
CA ALA U 55 5.41 -95.54 11.62
C ALA U 55 6.57 -96.53 11.43
N GLY U 56 7.83 -96.12 11.68
CA GLY U 56 9.00 -97.00 11.56
C GLY U 56 9.63 -97.00 10.18
N PHE U 57 9.45 -95.94 9.39
CA PHE U 57 9.90 -95.85 7.97
C PHE U 57 11.02 -94.81 7.82
N VAL U 58 12.06 -95.17 7.06
CA VAL U 58 13.04 -94.22 6.47
C VAL U 58 12.29 -93.34 5.46
N VAL U 59 12.52 -92.03 5.51
CA VAL U 59 12.02 -91.07 4.49
C VAL U 59 13.22 -90.44 3.79
N ILE U 60 13.20 -90.41 2.47
CA ILE U 60 14.23 -89.73 1.64
C ILE U 60 13.50 -88.83 0.63
N ALA U 61 14.04 -87.63 0.42
CA ALA U 61 13.50 -86.59 -0.48
C ALA U 61 14.61 -85.67 -0.95
N ASP U 62 14.38 -85.03 -2.08
CA ASP U 62 15.30 -83.94 -2.44
C ASP U 62 14.46 -82.78 -2.97
N ASP U 63 15.11 -81.64 -3.10
CA ASP U 63 14.48 -80.48 -3.76
C ASP U 63 14.92 -80.64 -5.21
N HIS U 64 13.96 -80.70 -6.13
CA HIS U 64 14.33 -80.96 -7.54
C HIS U 64 14.98 -79.74 -8.19
N ALA U 65 15.65 -79.96 -9.30
CA ALA U 65 16.26 -78.92 -10.14
C ALA U 65 15.28 -77.77 -10.34
N GLY U 66 15.72 -76.56 -10.01
CA GLY U 66 14.91 -75.35 -10.15
C GLY U 66 13.94 -75.17 -9.02
N HIS U 67 14.12 -75.90 -7.92
CA HIS U 67 13.13 -75.84 -6.82
C HIS U 67 13.78 -75.85 -5.44
N GLY U 68 13.06 -75.34 -4.44
CA GLY U 68 13.46 -75.36 -3.03
C GLY U 68 14.85 -74.83 -2.75
N ARG U 69 15.60 -75.56 -1.93
CA ARG U 69 16.97 -75.18 -1.53
C ARG U 69 17.92 -75.36 -2.73
N THR U 70 17.59 -76.26 -3.65
CA THR U 70 18.39 -76.51 -4.88
C THR U 70 18.48 -75.20 -5.65
N ALA U 71 17.34 -74.55 -5.84
CA ALA U 71 17.25 -73.24 -6.54
C ALA U 71 17.87 -72.16 -5.66
N MET U 72 17.57 -72.14 -4.36
CA MET U 72 18.08 -71.16 -3.40
C MET U 72 19.61 -71.15 -3.50
N GLN U 73 20.24 -72.33 -3.57
CA GLN U 73 21.72 -72.52 -3.60
C GLN U 73 22.27 -72.26 -5.00
N SER U 74 21.49 -72.45 -6.05
CA SER U 74 21.95 -72.25 -7.45
C SER U 74 21.63 -70.82 -7.94
N GLY U 75 20.57 -70.18 -7.44
CA GLY U 75 20.02 -68.90 -7.94
C GLY U 75 19.03 -69.11 -9.11
N VAL U 76 18.78 -70.35 -9.54
CA VAL U 76 18.02 -70.66 -10.79
C VAL U 76 16.70 -71.35 -10.43
N TRP U 77 15.60 -70.62 -10.58
CA TRP U 77 14.21 -71.07 -10.28
C TRP U 77 13.49 -71.54 -11.56
N ALA U 78 12.69 -72.62 -11.46
CA ALA U 78 11.65 -73.03 -12.41
C ALA U 78 12.29 -73.30 -13.78
N ASP U 79 13.55 -73.73 -13.74
CA ASP U 79 14.28 -74.29 -14.90
C ASP U 79 15.17 -75.46 -14.43
N ALA U 80 15.12 -76.58 -15.13
CA ALA U 80 15.77 -77.86 -14.78
C ALA U 80 16.93 -78.18 -15.73
N GLY U 81 17.19 -77.28 -16.68
CA GLY U 81 18.16 -77.47 -17.77
C GLY U 81 17.49 -77.98 -19.03
N ASP U 82 18.31 -78.31 -20.03
CA ASP U 82 17.90 -79.07 -21.25
C ASP U 82 17.43 -80.46 -20.85
N ASN U 83 16.45 -81.00 -21.58
CA ASN U 83 15.90 -82.37 -21.43
C ASN U 83 15.41 -82.51 -20.00
N ALA U 84 14.54 -81.57 -19.60
CA ALA U 84 14.14 -81.34 -18.19
C ALA U 84 13.50 -82.62 -17.63
N ALA U 85 12.62 -83.29 -18.38
CA ALA U 85 11.92 -84.51 -17.89
C ALA U 85 12.95 -85.58 -17.50
N GLU U 86 13.91 -85.86 -18.39
CA GLU U 86 14.95 -86.89 -18.22
C GLU U 86 15.77 -86.54 -16.97
N VAL U 87 16.04 -85.25 -16.79
CA VAL U 87 16.91 -84.71 -15.72
C VAL U 87 16.23 -85.02 -14.38
N VAL U 88 14.96 -84.72 -14.25
CA VAL U 88 14.33 -84.85 -12.91
C VAL U 88 14.12 -86.35 -12.64
N ILE U 89 13.68 -87.11 -13.66
CA ILE U 89 13.55 -88.60 -13.57
C ILE U 89 14.92 -89.17 -13.18
N SER U 90 15.97 -88.77 -13.87
CA SER U 90 17.33 -89.27 -13.61
C SER U 90 17.80 -88.92 -12.17
N ASP U 91 17.50 -87.71 -11.68
CA ASP U 91 17.90 -87.25 -10.31
C ASP U 91 17.14 -88.06 -9.23
N GLU U 92 15.86 -88.40 -9.42
CA GLU U 92 15.08 -89.21 -8.43
C GLU U 92 15.63 -90.64 -8.32
N LEU U 93 16.17 -91.17 -9.42
CA LEU U 93 16.84 -92.49 -9.47
C LEU U 93 18.15 -92.41 -8.69
N THR U 94 18.99 -91.44 -9.03
CA THR U 94 20.25 -91.14 -8.33
C THR U 94 19.99 -91.00 -6.82
N LEU U 95 18.92 -90.31 -6.42
CA LEU U 95 18.58 -90.13 -4.98
C LEU U 95 18.49 -91.49 -4.31
N GLN U 96 17.71 -92.41 -4.93
CA GLN U 96 17.55 -93.82 -4.50
C GLN U 96 18.91 -94.44 -4.18
N GLN U 97 19.90 -94.23 -5.05
CA GLN U 97 21.26 -94.87 -4.94
C GLN U 97 22.10 -94.21 -3.84
N GLN U 98 21.63 -93.10 -3.24
CA GLN U 98 22.38 -92.38 -2.18
C GLN U 98 22.31 -93.21 -0.91
N LEU U 99 21.38 -94.18 -0.80
CA LEU U 99 21.27 -95.08 0.38
C LEU U 99 21.80 -96.48 0.01
N ALA U 100 22.55 -96.57 -1.11
CA ALA U 100 23.11 -97.84 -1.62
C ALA U 100 23.90 -98.48 -0.49
N GLY U 101 23.39 -99.62 0.02
CA GLY U 101 24.09 -100.52 0.94
C GLY U 101 23.64 -100.30 2.38
N GLN U 102 22.72 -99.38 2.60
CA GLN U 102 22.20 -99.03 3.96
C GLN U 102 20.89 -99.80 4.23
N PHE U 103 20.06 -100.02 3.20
CA PHE U 103 18.65 -100.48 3.37
C PHE U 103 18.20 -101.34 2.18
N ASP U 104 19.08 -102.23 1.69
CA ASP U 104 18.89 -102.98 0.43
C ASP U 104 17.80 -104.04 0.55
N ASP U 105 17.53 -104.55 1.75
CA ASP U 105 16.52 -105.63 1.94
C ASP U 105 15.18 -105.02 2.35
N LEU U 106 15.05 -103.70 2.51
CA LEU U 106 13.74 -103.07 2.85
C LEU U 106 12.90 -102.75 1.60
N PRO U 107 11.55 -102.81 1.69
CA PRO U 107 10.68 -102.34 0.61
C PRO U 107 10.77 -100.82 0.39
N TRP U 108 10.82 -100.43 -0.88
CA TRP U 108 10.93 -99.03 -1.34
C TRP U 108 9.57 -98.62 -1.92
N VAL U 109 8.90 -97.67 -1.29
CA VAL U 109 7.66 -97.04 -1.83
C VAL U 109 7.99 -95.60 -2.28
N VAL U 110 7.66 -95.23 -3.53
CA VAL U 110 7.68 -93.82 -4.03
C VAL U 110 6.32 -93.14 -3.81
N PHE U 111 6.31 -92.03 -3.07
CA PHE U 111 5.16 -91.11 -2.96
C PHE U 111 5.45 -89.90 -3.82
N GLY U 112 4.54 -89.53 -4.71
CA GLY U 112 4.72 -88.43 -5.69
C GLY U 112 3.49 -87.56 -5.69
N HIS U 113 3.65 -86.24 -5.65
CA HIS U 113 2.50 -85.31 -5.68
C HIS U 113 2.62 -84.33 -6.87
N SER U 114 1.56 -84.19 -7.69
CA SER U 114 1.42 -83.28 -8.85
C SER U 114 2.46 -83.63 -9.89
N TRP U 115 3.42 -82.73 -10.15
CA TRP U 115 4.60 -83.01 -11.02
C TRP U 115 5.28 -84.27 -10.45
N GLY U 116 5.30 -84.39 -9.13
CA GLY U 116 5.95 -85.54 -8.46
C GLY U 116 5.30 -86.85 -8.90
N SER U 117 3.97 -86.84 -9.02
CA SER U 117 3.12 -88.00 -9.45
C SER U 117 3.49 -88.44 -10.87
N MET U 118 3.72 -87.50 -11.79
CA MET U 118 4.09 -87.76 -13.20
C MET U 118 5.51 -88.36 -13.21
N ILE U 119 6.43 -87.73 -12.50
CA ILE U 119 7.82 -88.24 -12.31
C ILE U 119 7.78 -89.68 -11.80
N ALA U 120 6.98 -89.98 -10.79
CA ALA U 120 6.86 -91.34 -10.21
C ALA U 120 6.28 -92.34 -11.25
N ARG U 121 5.27 -91.95 -12.03
CA ARG U 121 4.72 -92.85 -13.09
C ARG U 121 5.78 -93.13 -14.18
N ALA U 122 6.58 -92.14 -14.59
CA ALA U 122 7.71 -92.27 -15.54
C ALA U 122 8.83 -93.14 -14.93
N MET U 123 9.13 -92.95 -13.63
CA MET U 123 10.12 -93.78 -12.90
C MET U 123 9.71 -95.25 -12.98
N ALA U 124 8.41 -95.49 -12.81
CA ALA U 124 7.82 -96.84 -12.70
C ALA U 124 8.15 -97.67 -13.96
N THR U 125 8.10 -97.01 -15.13
CA THR U 125 8.30 -97.61 -16.49
C THR U 125 9.78 -97.96 -16.69
N ARG U 126 10.72 -97.34 -15.95
CA ARG U 126 12.18 -97.52 -16.19
C ARG U 126 12.67 -98.75 -15.44
N PRO U 127 13.52 -99.60 -16.05
CA PRO U 127 14.10 -100.73 -15.32
C PRO U 127 15.28 -100.24 -14.46
N GLY U 128 15.47 -100.89 -13.31
CA GLY U 128 16.49 -100.54 -12.31
C GLY U 128 16.00 -99.42 -11.38
N THR U 129 14.70 -99.16 -11.37
CA THR U 129 14.00 -98.32 -10.36
C THR U 129 13.70 -99.21 -9.17
N ARG U 130 14.03 -98.78 -7.96
CA ARG U 130 13.53 -99.45 -6.74
C ARG U 130 12.06 -99.03 -6.58
N LEU U 131 11.12 -99.98 -6.64
CA LEU U 131 9.68 -99.62 -6.56
C LEU U 131 8.82 -100.83 -6.19
N ASP U 132 8.57 -101.03 -4.90
CA ASP U 132 7.76 -102.15 -4.38
C ASP U 132 6.31 -101.69 -4.18
N GLY U 133 6.07 -100.38 -4.20
CA GLY U 133 4.73 -99.79 -4.10
C GLY U 133 4.75 -98.38 -4.62
N LEU U 134 3.65 -97.93 -5.24
CA LEU U 134 3.54 -96.59 -5.84
C LEU U 134 2.34 -95.88 -5.24
N ALA U 135 2.57 -94.72 -4.63
CA ALA U 135 1.58 -93.82 -4.02
C ALA U 135 1.56 -92.50 -4.84
N LEU U 136 0.39 -92.12 -5.33
CA LEU U 136 0.25 -90.95 -6.23
C LEU U 136 -0.71 -89.98 -5.56
N CYS U 137 -0.35 -88.71 -5.50
CA CYS U 137 -1.19 -87.64 -4.91
C CYS U 137 -1.31 -86.50 -5.93
N GLY U 138 -2.38 -85.71 -5.88
CA GLY U 138 -2.67 -84.60 -6.81
C GLY U 138 -2.45 -85.01 -8.26
N ILE U 139 -3.07 -86.11 -8.68
CA ILE U 139 -2.72 -86.78 -9.97
C ILE U 139 -3.03 -85.87 -11.16
N VAL U 140 -2.06 -85.78 -12.09
CA VAL U 140 -2.21 -85.06 -13.38
C VAL U 140 -2.57 -86.11 -14.45
N ALA U 141 -3.85 -86.15 -14.82
CA ALA U 141 -4.46 -87.08 -15.82
C ALA U 141 -5.70 -86.42 -16.42
N GLN U 142 -5.62 -86.11 -17.71
CA GLN U 142 -6.74 -85.64 -18.57
C GLN U 142 -7.26 -84.28 -18.14
N PRO U 143 -6.43 -83.32 -17.64
CA PRO U 143 -6.91 -81.94 -17.43
C PRO U 143 -6.94 -81.30 -18.82
N ARG U 144 -7.82 -80.35 -19.07
CA ARG U 144 -8.11 -79.89 -20.45
C ARG U 144 -6.80 -79.41 -21.11
N GLY U 145 -6.01 -78.60 -20.41
CA GLY U 145 -4.75 -78.03 -20.93
C GLY U 145 -3.80 -79.06 -21.51
N PHE U 146 -3.40 -80.08 -20.74
CA PHE U 146 -2.37 -81.04 -21.21
C PHE U 146 -2.91 -81.82 -22.42
N GLU U 147 -4.22 -82.05 -22.50
CA GLU U 147 -4.84 -83.02 -23.46
C GLU U 147 -4.93 -82.42 -24.87
N THR U 148 -5.54 -81.24 -24.98
CA THR U 148 -5.90 -80.63 -26.28
C THR U 148 -5.33 -79.20 -26.37
N THR U 149 -5.58 -78.35 -25.36
CA THR U 149 -5.36 -76.89 -25.43
C THR U 149 -3.89 -76.52 -25.68
N LEU U 150 -2.93 -77.19 -25.04
CA LEU U 150 -1.49 -76.87 -25.23
C LEU U 150 -1.17 -77.13 -26.71
N ASP U 151 -0.81 -76.07 -27.43
CA ASP U 151 -0.44 -76.14 -28.87
C ASP U 151 1.02 -76.61 -29.00
N HIS U 152 1.25 -77.86 -29.35
CA HIS U 152 2.63 -78.41 -29.46
C HIS U 152 3.39 -77.71 -30.60
N LYS U 153 2.68 -77.05 -31.54
CA LYS U 153 3.28 -76.33 -32.70
C LYS U 153 3.80 -74.98 -32.24
N THR U 154 3.06 -74.30 -31.36
CA THR U 154 3.49 -73.04 -30.71
C THR U 154 4.73 -73.33 -29.83
N LEU U 155 4.77 -74.50 -29.20
CA LEU U 155 5.80 -74.93 -28.22
C LEU U 155 7.12 -75.12 -28.92
N ALA U 156 7.13 -75.82 -30.06
CA ALA U 156 8.36 -76.17 -30.83
C ALA U 156 8.97 -74.88 -31.40
N LYS U 157 8.13 -73.87 -31.66
CA LYS U 157 8.55 -72.52 -32.11
C LYS U 157 9.33 -71.87 -30.98
N ALA U 158 8.72 -71.71 -29.80
CA ALA U 158 9.36 -71.12 -28.60
C ALA U 158 10.64 -71.90 -28.22
N MET U 159 10.66 -73.23 -28.41
CA MET U 159 11.86 -74.09 -28.21
C MET U 159 12.94 -73.85 -29.29
N ALA U 160 12.55 -73.35 -30.47
CA ALA U 160 13.48 -73.05 -31.58
C ALA U 160 13.99 -71.59 -31.48
N THR U 161 13.20 -70.64 -30.98
CA THR U 161 13.58 -69.19 -30.99
C THR U 161 14.39 -68.86 -29.72
N ALA U 162 13.96 -69.31 -28.52
CA ALA U 162 14.49 -68.91 -27.19
C ALA U 162 14.08 -69.90 -26.08
N PRO U 163 14.69 -71.09 -26.03
CA PRO U 163 14.31 -72.12 -25.05
C PRO U 163 14.53 -71.73 -23.58
N THR U 164 15.63 -71.00 -23.35
CA THR U 164 16.17 -70.49 -22.05
C THR U 164 15.24 -69.46 -21.43
N ASP U 165 14.48 -68.71 -22.23
CA ASP U 165 13.74 -67.50 -21.76
C ASP U 165 12.45 -67.95 -21.07
N PRO U 166 11.89 -67.10 -20.16
CA PRO U 166 10.53 -67.28 -19.67
C PRO U 166 9.55 -67.69 -20.78
N ALA U 167 8.88 -68.81 -20.56
CA ALA U 167 7.69 -69.30 -21.28
C ALA U 167 6.72 -68.15 -21.56
N PRO U 168 6.27 -67.96 -22.82
CA PRO U 168 5.28 -66.93 -23.14
C PRO U 168 4.00 -67.19 -22.34
N GLU U 169 3.33 -66.14 -21.86
CA GLU U 169 2.06 -66.25 -21.10
C GLU U 169 1.10 -67.18 -21.86
N ALA U 170 1.13 -67.14 -23.20
CA ALA U 170 0.25 -67.94 -24.09
C ALA U 170 0.40 -69.43 -23.78
N LEU U 171 1.63 -69.96 -23.80
CA LEU U 171 1.89 -71.40 -23.57
C LEU U 171 1.54 -71.78 -22.13
N VAL U 172 1.88 -70.95 -21.14
CA VAL U 172 1.59 -71.24 -19.70
C VAL U 172 0.05 -71.30 -19.53
N ALA U 173 -0.68 -70.32 -20.07
CA ALA U 173 -2.16 -70.16 -19.91
C ALA U 173 -2.88 -71.35 -20.54
N GLN U 174 -2.30 -71.89 -21.62
CA GLN U 174 -2.78 -73.09 -22.36
C GLN U 174 -2.65 -74.32 -21.45
N MET U 175 -1.42 -74.68 -21.09
CA MET U 175 -1.06 -75.92 -20.34
C MET U 175 -1.88 -75.99 -19.04
N PHE U 176 -2.24 -74.86 -18.39
CA PHE U 176 -3.01 -74.85 -17.11
C PHE U 176 -4.46 -74.41 -17.37
N ASP U 177 -4.98 -74.72 -18.56
CA ASP U 177 -6.37 -74.37 -19.01
C ASP U 177 -7.42 -75.11 -18.15
N GLY U 178 -8.32 -74.36 -17.50
CA GLY U 178 -9.42 -74.90 -16.68
C GLY U 178 -9.07 -75.13 -15.22
N PHE U 179 -7.80 -74.96 -14.83
CA PHE U 179 -7.39 -74.97 -13.40
C PHE U 179 -8.22 -73.95 -12.60
N ALA U 180 -8.62 -72.85 -13.24
CA ALA U 180 -9.43 -71.74 -12.65
C ALA U 180 -10.92 -72.09 -12.56
N ASP U 181 -11.41 -73.04 -13.39
CA ASP U 181 -12.85 -73.31 -13.69
C ASP U 181 -13.78 -73.06 -12.50
N ARG U 182 -13.75 -73.88 -11.45
CA ARG U 182 -14.77 -73.91 -10.36
C ARG U 182 -14.38 -73.00 -9.19
N LEU U 183 -13.52 -72.01 -9.41
CA LEU U 183 -13.10 -71.01 -8.40
C LEU U 183 -14.00 -69.76 -8.51
N SER U 184 -14.45 -69.23 -7.36
CA SER U 184 -15.15 -67.92 -7.25
C SER U 184 -14.14 -66.75 -7.36
N GLU U 185 -14.59 -65.51 -7.18
CA GLU U 185 -13.73 -64.29 -7.13
C GLU U 185 -12.93 -64.28 -5.83
N ASP U 186 -13.57 -64.60 -4.72
CA ASP U 186 -12.94 -64.58 -3.37
C ASP U 186 -11.77 -65.58 -3.28
N ASP U 187 -11.73 -66.60 -4.14
CA ASP U 187 -10.78 -67.74 -4.02
C ASP U 187 -9.37 -67.32 -4.47
N GLY U 188 -9.26 -66.29 -5.33
CA GLY U 188 -7.98 -65.87 -5.95
C GLY U 188 -7.57 -66.85 -7.03
N PRO U 189 -6.56 -66.53 -7.87
CA PRO U 189 -6.16 -67.41 -8.97
C PRO U 189 -5.41 -68.72 -8.64
N THR U 190 -5.03 -68.94 -7.36
CA THR U 190 -4.36 -70.20 -6.91
C THR U 190 -5.28 -70.99 -5.95
N GLY U 191 -6.50 -70.51 -5.71
CA GLY U 191 -7.50 -71.21 -4.88
C GLY U 191 -7.70 -72.68 -5.28
N TRP U 192 -7.27 -73.10 -6.48
CA TRP U 192 -7.38 -74.51 -6.92
C TRP U 192 -6.42 -75.38 -6.10
N VAL U 193 -5.53 -74.80 -5.31
CA VAL U 193 -4.49 -75.51 -4.54
C VAL U 193 -5.16 -76.24 -3.38
N ALA U 194 -6.19 -75.66 -2.77
CA ALA U 194 -6.91 -76.26 -1.61
C ALA U 194 -8.13 -75.43 -1.25
N ARG U 195 -9.21 -76.11 -0.84
CA ARG U 195 -10.38 -75.47 -0.19
C ARG U 195 -9.83 -74.53 0.89
N SER U 196 -8.89 -75.03 1.71
CA SER U 196 -8.33 -74.25 2.86
C SER U 196 -7.56 -73.01 2.38
N LYS U 197 -8.10 -71.83 2.70
CA LYS U 197 -7.54 -70.48 2.40
C LYS U 197 -6.21 -70.32 3.14
N GLU U 198 -6.09 -70.95 4.31
CA GLU U 198 -4.89 -70.94 5.17
C GLU U 198 -3.79 -71.73 4.46
N VAL U 199 -4.11 -72.82 3.75
CA VAL U 199 -3.06 -73.61 3.04
C VAL U 199 -2.58 -72.80 1.83
N VAL U 200 -3.49 -72.11 1.15
CA VAL U 200 -3.15 -71.32 -0.08
C VAL U 200 -2.26 -70.13 0.29
N ALA U 201 -2.65 -69.38 1.32
CA ALA U 201 -1.90 -68.24 1.92
C ALA U 201 -0.50 -68.72 2.30
N ASP U 202 -0.38 -69.79 3.10
CA ASP U 202 0.94 -70.34 3.46
C ASP U 202 1.71 -70.80 2.21
N HIS U 203 1.01 -71.36 1.22
CA HIS U 203 1.63 -71.80 -0.06
C HIS U 203 2.28 -70.58 -0.74
N GLY U 204 1.65 -69.41 -0.68
CA GLY U 204 2.14 -68.17 -1.33
C GLY U 204 3.29 -67.53 -0.59
N LYS U 205 3.37 -67.70 0.73
CA LYS U 205 4.30 -67.00 1.66
C LYS U 205 5.65 -67.73 1.71
N ASP U 206 5.65 -69.05 1.62
CA ASP U 206 6.85 -69.92 1.78
C ASP U 206 7.89 -69.53 0.72
N LYS U 207 9.10 -69.22 1.18
CA LYS U 207 10.24 -68.73 0.36
C LYS U 207 10.92 -69.89 -0.35
N PHE U 208 10.67 -71.11 0.10
CA PHE U 208 11.25 -72.31 -0.54
C PHE U 208 10.31 -72.79 -1.66
N ASN U 209 9.12 -72.20 -1.73
CA ASN U 209 8.13 -72.48 -2.79
C ASN U 209 8.40 -71.50 -3.91
N ASN U 210 8.71 -70.25 -3.54
CA ASN U 210 8.92 -69.10 -4.45
C ASN U 210 7.73 -69.01 -5.40
N PHE U 211 6.62 -68.52 -4.86
CA PHE U 211 5.28 -68.40 -5.49
C PHE U 211 5.28 -68.09 -7.00
N GLY U 212 5.52 -66.83 -7.36
CA GLY U 212 5.38 -66.41 -8.78
C GLY U 212 6.60 -66.65 -9.63
N ALA U 213 7.27 -67.78 -9.49
CA ALA U 213 8.49 -67.97 -10.29
C ALA U 213 8.13 -68.40 -11.71
N PRO U 214 8.53 -67.66 -12.76
CA PRO U 214 8.19 -68.01 -14.11
C PRO U 214 9.04 -69.16 -14.64
N MET U 215 8.37 -70.17 -15.17
CA MET U 215 9.10 -71.32 -15.75
C MET U 215 9.77 -70.88 -17.04
N SER U 216 10.90 -71.51 -17.36
CA SER U 216 11.55 -71.45 -18.70
C SER U 216 10.68 -72.18 -19.74
N THR U 217 10.89 -71.90 -21.04
CA THR U 217 10.18 -72.58 -22.15
C THR U 217 10.60 -74.06 -22.15
N ARG U 218 11.90 -74.37 -22.11
CA ARG U 218 12.40 -75.77 -22.05
C ARG U 218 11.87 -76.48 -20.79
N PHE U 219 11.67 -75.78 -19.66
CA PHE U 219 11.03 -76.41 -18.48
C PHE U 219 9.54 -76.73 -18.78
N LEU U 220 8.84 -75.82 -19.46
CA LEU U 220 7.45 -76.02 -19.97
C LEU U 220 7.46 -77.24 -20.91
N GLN U 221 8.39 -77.35 -21.88
CA GLN U 221 8.58 -78.57 -22.72
C GLN U 221 8.63 -79.78 -21.78
N GLY U 222 9.54 -79.73 -20.81
CA GLY U 222 9.77 -80.81 -19.82
C GLY U 222 8.46 -81.32 -19.26
N LEU U 223 7.55 -80.42 -18.90
CA LEU U 223 6.23 -80.77 -18.32
C LEU U 223 5.38 -81.51 -19.36
N ALA U 224 5.31 -81.02 -20.60
CA ALA U 224 4.63 -81.73 -21.71
C ALA U 224 5.23 -83.13 -21.84
N ASP U 225 6.55 -83.25 -21.93
CA ASP U 225 7.22 -84.56 -22.14
C ASP U 225 6.76 -85.52 -21.01
N ILE U 226 6.92 -85.11 -19.74
CA ILE U 226 6.66 -85.95 -18.54
C ILE U 226 5.15 -86.29 -18.42
N TYR U 227 4.25 -85.42 -18.90
CA TYR U 227 2.78 -85.65 -18.91
C TYR U 227 2.39 -86.87 -19.76
N ALA U 228 3.12 -87.11 -20.86
CA ALA U 228 2.84 -88.15 -21.88
C ALA U 228 3.48 -89.45 -21.42
N MET U 229 4.67 -89.39 -20.81
CA MET U 229 5.37 -90.55 -20.21
C MET U 229 4.49 -91.18 -19.14
N ALA U 230 3.76 -90.33 -18.40
CA ALA U 230 2.95 -90.64 -17.20
C ALA U 230 1.55 -91.12 -17.59
N ASN U 231 0.97 -90.57 -18.66
CA ASN U 231 -0.45 -90.74 -19.04
C ASN U 231 -0.58 -91.44 -20.42
N GLY U 232 0.55 -91.66 -21.12
CA GLY U 232 0.60 -92.27 -22.46
C GLY U 232 0.56 -93.79 -22.42
N ASP U 233 0.25 -94.43 -23.54
CA ASP U 233 -0.02 -95.89 -23.68
C ASP U 233 1.09 -96.70 -22.99
N SER U 234 2.37 -96.32 -23.15
CA SER U 234 3.53 -97.09 -22.66
C SER U 234 3.49 -97.24 -21.13
N PHE U 235 2.96 -96.24 -20.40
CA PHE U 235 2.85 -96.26 -18.91
C PHE U 235 1.89 -97.35 -18.45
N TYR U 236 0.64 -97.36 -18.96
CA TYR U 236 -0.43 -98.31 -18.54
C TYR U 236 -0.07 -99.74 -18.95
N ALA U 237 0.86 -99.88 -19.92
CA ALA U 237 1.28 -101.15 -20.54
C ALA U 237 2.53 -101.75 -19.87
N THR U 238 3.40 -100.93 -19.24
CA THR U 238 4.72 -101.34 -18.66
C THR U 238 4.74 -101.14 -17.13
N MET U 239 3.72 -100.50 -16.56
CA MET U 239 3.50 -100.43 -15.10
C MET U 239 3.67 -101.82 -14.50
N PRO U 240 4.64 -102.00 -13.58
CA PRO U 240 4.81 -103.26 -12.88
C PRO U 240 3.60 -103.65 -12.01
N ASN U 241 3.45 -104.96 -11.78
CA ASN U 241 2.41 -105.57 -10.89
C ASN U 241 2.89 -105.48 -9.44
N ILE U 242 2.68 -104.28 -8.89
CA ILE U 242 2.97 -103.89 -7.48
C ILE U 242 1.74 -103.14 -7.02
N PRO U 243 1.50 -103.09 -5.70
CA PRO U 243 0.42 -102.27 -5.14
C PRO U 243 0.54 -100.77 -5.47
N ILE U 244 -0.60 -100.14 -5.77
CA ILE U 244 -0.75 -98.75 -6.25
C ILE U 244 -1.86 -98.13 -5.40
N VAL U 245 -1.60 -96.97 -4.83
CA VAL U 245 -2.62 -96.17 -4.09
C VAL U 245 -2.63 -94.78 -4.69
N LEU U 246 -3.81 -94.20 -4.81
CA LEU U 246 -4.10 -92.90 -5.46
C LEU U 246 -4.89 -92.03 -4.47
N PHE U 247 -4.42 -90.79 -4.29
CA PHE U 247 -5.08 -89.74 -3.49
C PHE U 247 -5.35 -88.54 -4.40
N ALA U 248 -6.57 -88.01 -4.35
CA ALA U 248 -6.98 -86.80 -5.10
C ALA U 248 -8.27 -86.20 -4.53
N GLY U 249 -8.39 -84.87 -4.58
CA GLY U 249 -9.66 -84.15 -4.37
C GLY U 249 -10.49 -84.15 -5.64
N SER U 250 -11.81 -84.21 -5.49
CA SER U 250 -12.75 -84.29 -6.64
C SER U 250 -12.88 -82.91 -7.31
N GLU U 251 -12.49 -81.85 -6.60
CA GLU U 251 -12.47 -80.45 -7.11
C GLU U 251 -11.04 -80.09 -7.51
N ASP U 252 -10.16 -81.10 -7.65
CA ASP U 252 -8.76 -80.92 -8.15
C ASP U 252 -8.73 -80.87 -9.66
N PRO U 253 -8.62 -79.68 -10.30
CA PRO U 253 -8.55 -79.59 -11.77
C PRO U 253 -7.48 -80.46 -12.44
N ALA U 254 -6.39 -80.75 -11.72
CA ALA U 254 -5.19 -81.46 -12.22
C ALA U 254 -5.60 -82.84 -12.77
N GLY U 255 -6.55 -83.50 -12.08
CA GLY U 255 -7.12 -84.81 -12.47
C GLY U 255 -8.50 -84.69 -13.09
N ASP U 256 -8.75 -83.63 -13.87
CA ASP U 256 -10.09 -83.26 -14.42
C ASP U 256 -11.22 -83.59 -13.41
N PHE U 257 -11.13 -83.05 -12.20
CA PHE U 257 -12.23 -83.01 -11.20
C PHE U 257 -12.68 -84.44 -10.81
N GLY U 258 -11.72 -85.36 -10.62
CA GLY U 258 -11.99 -86.77 -10.27
C GLY U 258 -12.08 -87.66 -11.50
N THR U 259 -12.66 -87.13 -12.59
CA THR U 259 -12.96 -87.86 -13.85
C THR U 259 -11.68 -88.50 -14.36
N GLY U 260 -10.58 -87.76 -14.47
CA GLY U 260 -9.30 -88.29 -14.99
C GLY U 260 -8.69 -89.32 -14.06
N VAL U 261 -8.80 -89.08 -12.75
CA VAL U 261 -8.28 -89.95 -11.64
C VAL U 261 -9.06 -91.28 -11.63
N LYS U 262 -10.39 -91.23 -11.74
CA LYS U 262 -11.23 -92.44 -11.87
C LYS U 262 -10.85 -93.18 -13.16
N ALA U 263 -10.44 -92.47 -14.21
CA ALA U 263 -10.03 -93.10 -15.49
C ALA U 263 -8.66 -93.75 -15.30
N VAL U 264 -7.71 -93.11 -14.61
CA VAL U 264 -6.41 -93.79 -14.31
C VAL U 264 -6.70 -95.10 -13.53
N ALA U 265 -7.57 -95.05 -12.53
CA ALA U 265 -7.93 -96.20 -11.69
C ALA U 265 -8.46 -97.35 -12.58
N GLU U 266 -9.50 -97.11 -13.39
CA GLU U 266 -10.20 -98.19 -14.17
C GLU U 266 -9.25 -98.77 -15.24
N ARG U 267 -8.31 -98.00 -15.79
CA ARG U 267 -7.43 -98.49 -16.88
C ARG U 267 -6.29 -99.31 -16.26
N LEU U 268 -5.91 -99.00 -15.02
CA LEU U 268 -4.93 -99.83 -14.28
C LEU U 268 -5.62 -101.14 -13.86
N ARG U 269 -6.86 -101.07 -13.37
CA ARG U 269 -7.63 -102.29 -12.98
C ARG U 269 -7.89 -103.14 -14.23
N ARG U 270 -8.40 -102.54 -15.30
CA ARG U 270 -8.60 -103.17 -16.64
C ARG U 270 -7.40 -104.09 -16.94
N ASP U 271 -6.17 -103.60 -16.69
CA ASP U 271 -4.90 -104.31 -17.03
C ASP U 271 -4.48 -105.24 -15.87
N GLY U 272 -5.35 -105.34 -14.85
CA GLY U 272 -5.27 -106.27 -13.71
C GLY U 272 -4.34 -105.81 -12.60
N HIS U 273 -4.15 -104.49 -12.39
CA HIS U 273 -3.24 -103.94 -11.35
C HIS U 273 -4.02 -103.90 -10.05
N ASN U 274 -3.33 -104.13 -8.92
CA ASN U 274 -3.87 -103.90 -7.56
C ASN U 274 -3.87 -102.37 -7.31
N VAL U 275 -5.04 -101.75 -7.21
CA VAL U 275 -5.21 -100.26 -7.12
C VAL U 275 -6.12 -99.95 -5.93
N GLU U 276 -5.73 -98.97 -5.10
CA GLU U 276 -6.54 -98.35 -4.00
C GLU U 276 -6.87 -96.89 -4.38
N LEU U 277 -8.14 -96.50 -4.41
CA LEU U 277 -8.54 -95.12 -4.81
C LEU U 277 -9.11 -94.38 -3.60
N HIS U 278 -8.46 -93.30 -3.13
CA HIS U 278 -9.01 -92.35 -2.13
C HIS U 278 -9.40 -91.05 -2.85
N LEU U 279 -10.66 -90.93 -3.24
CA LEU U 279 -11.23 -89.66 -3.76
C LEU U 279 -11.85 -88.91 -2.58
N TYR U 280 -11.49 -87.64 -2.41
CA TYR U 280 -11.90 -86.79 -1.25
C TYR U 280 -12.88 -85.75 -1.75
N ASP U 281 -14.15 -85.94 -1.41
CA ASP U 281 -15.32 -85.13 -1.85
C ASP U 281 -15.15 -83.68 -1.33
N GLY U 282 -15.23 -82.68 -2.23
CA GLY U 282 -15.24 -81.24 -1.90
C GLY U 282 -13.85 -80.60 -1.88
N LEU U 283 -12.79 -81.42 -1.72
CA LEU U 283 -11.37 -80.94 -1.58
C LEU U 283 -10.68 -80.74 -2.93
N ARG U 284 -9.52 -80.08 -2.92
CA ARG U 284 -8.83 -79.66 -4.17
C ARG U 284 -7.48 -80.39 -4.26
N HIS U 285 -6.44 -79.75 -4.77
CA HIS U 285 -5.22 -80.39 -5.34
C HIS U 285 -4.39 -81.06 -4.23
N GLU U 286 -4.33 -80.44 -3.05
CA GLU U 286 -3.36 -80.77 -1.98
C GLU U 286 -4.11 -81.42 -0.82
N VAL U 287 -4.71 -82.57 -1.10
CA VAL U 287 -5.48 -83.39 -0.11
C VAL U 287 -4.54 -83.81 1.03
N HIS U 288 -3.24 -84.02 0.78
CA HIS U 288 -2.22 -84.33 1.81
C HIS U 288 -2.01 -83.15 2.76
N ASN U 289 -2.58 -81.96 2.43
CA ASN U 289 -2.39 -80.69 3.17
C ASN U 289 -3.74 -80.20 3.72
N GLU U 290 -4.85 -80.42 3.01
CA GLU U 290 -6.20 -79.98 3.47
C GLU U 290 -6.43 -80.52 4.88
N PRO U 291 -6.83 -79.66 5.86
CA PRO U 291 -7.04 -80.12 7.24
C PRO U 291 -7.94 -81.36 7.38
N GLU U 292 -9.04 -81.45 6.62
CA GLU U 292 -10.04 -82.54 6.78
C GLU U 292 -9.50 -83.86 6.23
N SER U 293 -8.59 -83.86 5.26
CA SER U 293 -8.07 -85.11 4.65
C SER U 293 -6.68 -85.50 5.16
N ARG U 294 -5.81 -84.58 5.57
CA ARG U 294 -4.38 -84.89 5.85
C ARG U 294 -4.23 -86.17 6.69
N ALA U 295 -4.93 -86.27 7.83
CA ALA U 295 -4.86 -87.42 8.76
C ALA U 295 -5.23 -88.69 7.99
N ASP U 296 -6.24 -88.63 7.11
CA ASP U 296 -6.70 -89.81 6.32
C ASP U 296 -5.62 -90.26 5.29
N VAL U 297 -4.94 -89.34 4.61
CA VAL U 297 -3.96 -89.66 3.55
C VAL U 297 -2.75 -90.30 4.25
N GLU U 298 -2.38 -89.77 5.42
CA GLU U 298 -1.17 -90.26 6.14
C GLU U 298 -1.44 -91.67 6.70
N SER U 299 -2.59 -91.90 7.37
CA SER U 299 -2.92 -93.22 7.98
C SER U 299 -3.10 -94.21 6.81
N SER U 300 -3.72 -93.76 5.72
CA SER U 300 -3.92 -94.55 4.47
C SER U 300 -2.58 -94.93 3.85
N LEU U 301 -1.61 -94.01 3.88
CA LEU U 301 -0.30 -94.19 3.22
C LEU U 301 0.52 -95.17 4.08
N VAL U 302 0.50 -94.99 5.41
CA VAL U 302 1.18 -95.89 6.40
C VAL U 302 0.64 -97.32 6.21
N THR U 303 -0.69 -97.51 6.17
CA THR U 303 -1.34 -98.84 6.04
C THR U 303 -0.84 -99.44 4.71
N PHE U 304 -0.84 -98.68 3.61
CA PHE U 304 -0.37 -99.15 2.30
C PHE U 304 1.09 -99.62 2.39
N VAL U 305 1.96 -98.78 2.96
CA VAL U 305 3.42 -99.08 3.09
C VAL U 305 3.55 -100.39 3.86
N ASP U 306 2.81 -100.56 4.96
CA ASP U 306 2.82 -101.77 5.84
C ASP U 306 2.47 -103.02 5.01
N ARG U 307 1.51 -102.91 4.10
CA ARG U 307 0.99 -104.00 3.23
C ARG U 307 2.00 -104.32 2.12
N VAL U 308 2.71 -103.31 1.63
CA VAL U 308 3.76 -103.52 0.61
C VAL U 308 4.89 -104.30 1.28
N ALA U 309 5.19 -103.96 2.54
CA ALA U 309 6.26 -104.65 3.31
C ALA U 309 5.82 -106.08 3.63
N ASN U 310 4.50 -106.34 3.58
CA ASN U 310 3.96 -107.69 3.87
C ASN U 310 3.55 -108.37 2.56
N ARG U 311 4.15 -107.95 1.45
CA ARG U 311 3.87 -108.52 0.11
C ARG U 311 2.34 -108.55 -0.11
N ALA V 2 5.41 -72.60 6.11
CA ALA V 2 6.55 -71.84 5.52
C ALA V 2 7.87 -72.24 6.22
N LEU V 3 8.96 -72.23 5.47
CA LEU V 3 10.32 -72.45 6.03
C LEU V 3 11.16 -71.20 5.75
N GLN V 4 11.85 -70.69 6.78
CA GLN V 4 12.93 -69.69 6.67
C GLN V 4 14.25 -70.32 7.10
N GLU V 5 15.26 -70.17 6.26
CA GLU V 5 16.66 -70.43 6.63
C GLU V 5 17.24 -69.10 7.10
N ILE V 6 17.89 -69.13 8.25
CA ILE V 6 18.64 -67.99 8.86
C ILE V 6 20.05 -68.42 9.19
N GLU V 7 21.02 -67.82 8.55
CA GLU V 7 22.42 -67.96 8.92
C GLU V 7 22.67 -66.64 9.64
N PHE V 8 23.56 -66.59 10.61
CA PHE V 8 24.07 -65.31 11.14
C PHE V 8 25.46 -65.58 11.71
N THR V 9 26.36 -64.61 11.61
CA THR V 9 27.70 -64.75 12.20
C THR V 9 27.55 -64.87 13.73
N SER V 10 28.17 -65.90 14.29
CA SER V 10 28.23 -66.13 15.74
C SER V 10 28.97 -64.96 16.39
N HIS V 11 28.79 -64.79 17.69
CA HIS V 11 29.51 -63.82 18.55
C HIS V 11 31.00 -64.22 18.61
N ASN V 12 31.36 -65.47 18.27
CA ASN V 12 32.77 -65.91 18.28
C ASN V 12 33.45 -65.41 17.01
N GLY V 13 32.70 -64.91 16.02
CA GLY V 13 33.20 -64.31 14.76
C GLY V 13 33.74 -65.35 13.77
N ARG V 14 33.68 -66.63 14.12
CA ARG V 14 34.17 -67.75 13.27
C ARG V 14 32.98 -68.39 12.56
N ASP V 15 31.98 -68.85 13.32
CA ASP V 15 30.95 -69.81 12.86
C ASP V 15 29.83 -69.03 12.17
N ALA V 16 29.33 -69.56 11.05
CA ALA V 16 28.03 -69.20 10.44
C ALA V 16 26.96 -69.98 11.18
N ILE V 17 26.13 -69.35 12.01
CA ILE V 17 25.14 -70.11 12.82
C ILE V 17 24.00 -70.55 11.92
N GLN V 18 23.80 -71.86 11.78
CA GLN V 18 22.71 -72.49 10.99
C GLN V 18 21.46 -72.49 11.86
N ALA V 19 20.43 -71.82 11.36
CA ALA V 19 19.20 -71.55 12.11
C ALA V 19 18.05 -71.69 11.13
N TRP V 20 16.88 -71.99 11.68
CA TRP V 20 15.64 -72.20 10.90
C TRP V 20 14.47 -71.55 11.63
N ALA V 21 13.47 -71.07 10.90
CA ALA V 21 12.15 -70.68 11.41
C ALA V 21 11.09 -71.50 10.66
N TYR V 22 10.20 -72.15 11.43
CA TYR V 22 9.07 -72.99 10.93
C TYR V 22 7.77 -72.25 11.29
N GLU V 23 6.99 -71.82 10.29
CA GLU V 23 5.71 -71.08 10.49
C GLU V 23 4.58 -72.06 10.19
N PRO V 24 3.52 -72.07 11.02
CA PRO V 24 2.43 -73.02 10.80
C PRO V 24 1.53 -72.46 9.71
N VAL V 25 0.64 -73.26 9.15
CA VAL V 25 -0.46 -72.71 8.29
C VAL V 25 -1.40 -71.89 9.20
N GLY V 26 -1.94 -70.79 8.70
CA GLY V 26 -2.84 -69.89 9.45
C GLY V 26 -2.11 -68.93 10.38
N THR V 27 -2.88 -68.03 11.00
CA THR V 27 -2.47 -67.04 12.01
C THR V 27 -1.89 -67.72 13.24
N PRO V 28 -0.56 -67.63 13.50
CA PRO V 28 0.07 -68.20 14.70
C PRO V 28 -0.25 -67.50 16.04
N THR V 29 -0.30 -68.24 17.17
CA THR V 29 -0.73 -67.71 18.51
C THR V 29 0.47 -67.46 19.42
N ALA V 30 1.64 -68.05 19.11
CA ALA V 30 2.89 -67.98 19.89
C ALA V 30 4.10 -68.36 19.02
N VAL V 31 5.30 -67.93 19.46
CA VAL V 31 6.64 -68.39 18.99
C VAL V 31 7.25 -69.26 20.09
N VAL V 32 7.88 -70.38 19.72
CA VAL V 32 8.61 -71.30 20.65
C VAL V 32 10.05 -71.43 20.16
N GLN V 33 11.02 -71.07 20.98
CA GLN V 33 12.44 -71.16 20.61
C GLN V 33 12.97 -72.41 21.29
N ILE V 34 13.44 -73.37 20.49
CA ILE V 34 13.98 -74.65 21.02
C ILE V 34 15.48 -74.44 21.11
N ILE V 35 16.05 -74.76 22.26
CA ILE V 35 17.52 -74.64 22.48
C ILE V 35 18.00 -76.06 22.77
N HIS V 36 18.80 -76.63 21.86
CA HIS V 36 19.31 -78.03 21.98
C HIS V 36 20.49 -78.09 22.96
N GLY V 37 20.79 -79.30 23.44
CA GLY V 37 21.87 -79.55 24.39
C GLY V 37 23.16 -80.05 23.76
N LEU V 38 24.04 -80.56 24.62
CA LEU V 38 25.39 -81.06 24.25
C LEU V 38 25.27 -82.28 23.34
N GLY V 39 26.19 -82.37 22.36
CA GLY V 39 26.28 -83.45 21.37
C GLY V 39 24.96 -83.69 20.64
N GLU V 40 24.17 -82.66 20.31
CA GLU V 40 22.95 -82.85 19.46
C GLU V 40 22.70 -81.59 18.63
N HIS V 41 21.52 -81.54 17.98
CA HIS V 41 21.18 -80.51 16.97
C HIS V 41 19.67 -80.25 17.00
N SER V 42 19.22 -79.16 16.38
CA SER V 42 17.84 -78.64 16.47
C SER V 42 16.90 -79.47 15.59
N ARG V 43 17.42 -80.15 14.57
CA ARG V 43 16.59 -80.95 13.59
C ARG V 43 16.33 -82.38 14.13
N ARG V 44 16.93 -82.76 15.27
CA ARG V 44 16.53 -83.91 16.13
C ARG V 44 15.12 -83.69 16.72
N TYR V 45 14.62 -82.46 16.75
CA TYR V 45 13.35 -82.06 17.41
C TYR V 45 12.19 -82.01 16.41
N LEU V 46 12.31 -82.80 15.33
CA LEU V 46 11.34 -82.89 14.23
C LEU V 46 9.95 -83.32 14.74
N HIS V 47 9.83 -84.33 15.61
CA HIS V 47 8.52 -84.68 16.23
C HIS V 47 7.93 -83.45 16.93
N MET V 48 8.71 -82.79 17.81
CA MET V 48 8.24 -81.63 18.61
C MET V 48 7.93 -80.41 17.72
N ILE V 49 8.81 -80.10 16.78
CA ILE V 49 8.61 -78.99 15.82
C ILE V 49 7.27 -79.25 15.09
N SER V 50 7.04 -80.47 14.59
CA SER V 50 5.77 -80.84 13.89
C SER V 50 4.58 -80.64 14.84
N ALA V 51 4.70 -81.01 16.13
CA ALA V 51 3.59 -81.01 17.12
C ALA V 51 3.24 -79.57 17.48
N LEU V 52 4.23 -78.69 17.56
CA LEU V 52 4.02 -77.26 17.89
C LEU V 52 3.40 -76.55 16.68
N LEU V 53 3.86 -76.87 15.46
CA LEU V 53 3.27 -76.26 14.22
C LEU V 53 1.77 -76.60 14.22
N ASP V 54 1.42 -77.88 14.43
CA ASP V 54 0.03 -78.42 14.46
C ASP V 54 -0.82 -77.59 15.44
N ALA V 55 -0.26 -77.19 16.61
CA ALA V 55 -0.88 -76.32 17.65
C ALA V 55 -0.93 -74.83 17.23
N GLY V 56 -0.38 -74.45 16.06
CA GLY V 56 -0.43 -73.05 15.61
C GLY V 56 0.63 -72.15 16.24
N PHE V 57 1.80 -72.71 16.54
CA PHE V 57 3.03 -72.00 17.01
C PHE V 57 4.08 -71.96 15.89
N VAL V 58 4.70 -70.79 15.72
CA VAL V 58 6.00 -70.60 15.03
C VAL V 58 7.02 -71.29 15.92
N VAL V 59 7.97 -71.98 15.30
CA VAL V 59 9.10 -72.61 16.03
C VAL V 59 10.36 -71.99 15.46
N ILE V 60 11.36 -71.73 16.29
CA ILE V 60 12.66 -71.16 15.86
C ILE V 60 13.75 -71.89 16.65
N ALA V 61 14.81 -72.28 15.95
CA ALA V 61 15.97 -73.00 16.51
C ALA V 61 17.20 -72.85 15.60
N ASP V 62 18.37 -72.87 16.23
CA ASP V 62 19.69 -72.90 15.57
C ASP V 62 20.48 -74.09 16.10
N ASP V 63 21.53 -74.47 15.40
CA ASP V 63 22.54 -75.44 15.85
C ASP V 63 23.64 -74.59 16.47
N HIS V 64 23.85 -74.72 17.79
CA HIS V 64 24.80 -73.81 18.50
C HIS V 64 26.21 -74.02 17.92
N ALA V 65 27.08 -73.04 18.20
CA ALA V 65 28.52 -73.08 17.89
C ALA V 65 29.07 -74.44 18.32
N GLY V 66 29.90 -75.07 17.48
CA GLY V 66 30.49 -76.39 17.72
C GLY V 66 29.49 -77.54 17.62
N HIS V 67 28.31 -77.35 17.01
CA HIS V 67 27.21 -78.35 17.05
C HIS V 67 26.48 -78.51 15.72
N GLY V 68 26.07 -79.74 15.42
CA GLY V 68 25.28 -80.13 14.23
C GLY V 68 25.78 -79.47 12.96
N ARG V 69 24.85 -78.88 12.19
CA ARG V 69 25.14 -78.28 10.88
C ARG V 69 26.14 -77.12 11.03
N THR V 70 26.10 -76.35 12.13
CA THR V 70 27.08 -75.24 12.34
C THR V 70 28.51 -75.80 12.38
N ALA V 71 28.74 -76.90 13.10
CA ALA V 71 29.99 -77.71 13.09
C ALA V 71 30.23 -78.37 11.73
N MET V 72 29.22 -79.01 11.13
CA MET V 72 29.39 -79.71 9.83
C MET V 72 29.97 -78.71 8.81
N GLN V 73 29.50 -77.45 8.81
CA GLN V 73 29.90 -76.36 7.84
C GLN V 73 31.21 -75.64 8.23
N SER V 74 31.37 -75.22 9.47
CA SER V 74 32.61 -74.62 10.05
C SER V 74 33.75 -75.65 10.17
N GLY V 75 33.41 -76.95 10.31
CA GLY V 75 34.39 -78.03 10.52
C GLY V 75 34.92 -78.05 11.95
N VAL V 76 34.36 -77.25 12.87
CA VAL V 76 34.81 -77.22 14.29
C VAL V 76 33.72 -77.74 15.23
N TRP V 77 33.96 -78.92 15.82
CA TRP V 77 33.02 -79.60 16.77
C TRP V 77 33.48 -79.31 18.19
N ALA V 78 32.51 -79.14 19.10
CA ALA V 78 32.70 -79.13 20.56
C ALA V 78 33.66 -78.01 21.00
N ASP V 79 33.67 -76.87 20.27
CA ASP V 79 34.28 -75.59 20.71
C ASP V 79 33.47 -74.43 20.17
N ALA V 80 33.12 -73.46 21.02
CA ALA V 80 32.29 -72.30 20.63
C ALA V 80 33.12 -71.01 20.66
N GLY V 81 34.45 -71.13 20.60
CA GLY V 81 35.41 -70.01 20.73
C GLY V 81 35.70 -69.64 22.18
N ASP V 82 36.41 -68.52 22.40
CA ASP V 82 36.66 -67.92 23.74
C ASP V 82 35.33 -67.42 24.35
N ASN V 83 35.25 -67.35 25.69
CA ASN V 83 34.05 -66.92 26.46
C ASN V 83 32.84 -67.72 25.94
N ALA V 84 32.93 -69.05 25.98
CA ALA V 84 32.01 -69.99 25.30
C ALA V 84 30.59 -69.73 25.79
N ALA V 85 30.40 -69.53 27.11
CA ALA V 85 29.04 -69.34 27.65
C ALA V 85 28.43 -68.06 27.06
N GLU V 86 29.24 -67.00 26.98
CA GLU V 86 28.80 -65.66 26.47
C GLU V 86 28.44 -65.76 25.00
N VAL V 87 29.21 -66.52 24.21
CA VAL V 87 28.92 -66.77 22.77
C VAL V 87 27.53 -67.40 22.63
N VAL V 88 27.21 -68.44 23.41
CA VAL V 88 25.97 -69.24 23.13
C VAL V 88 24.73 -68.49 23.63
N ILE V 89 24.85 -67.69 24.69
CA ILE V 89 23.76 -66.81 25.20
C ILE V 89 23.46 -65.73 24.15
N SER V 90 24.50 -65.01 23.76
CA SER V 90 24.51 -63.96 22.71
C SER V 90 23.85 -64.47 21.41
N ASP V 91 24.20 -65.69 21.01
CA ASP V 91 23.76 -66.30 19.74
C ASP V 91 22.25 -66.56 19.89
N GLU V 92 21.77 -66.96 21.10
CA GLU V 92 20.33 -67.22 21.34
C GLU V 92 19.58 -65.89 21.35
N LEU V 93 20.19 -64.81 21.84
CA LEU V 93 19.56 -63.47 21.77
C LEU V 93 19.50 -63.00 20.32
N THR V 94 20.57 -63.20 19.52
CA THR V 94 20.61 -62.84 18.08
C THR V 94 19.58 -63.67 17.32
N LEU V 95 19.37 -64.95 17.67
CA LEU V 95 18.36 -65.80 16.98
C LEU V 95 16.98 -65.15 17.11
N GLN V 96 16.63 -64.67 18.31
CA GLN V 96 15.33 -64.03 18.58
C GLN V 96 15.17 -62.83 17.66
N GLN V 97 16.22 -62.04 17.42
CA GLN V 97 16.13 -60.82 16.58
C GLN V 97 15.95 -61.17 15.09
N GLN V 98 16.26 -62.38 14.64
CA GLN V 98 16.09 -62.73 13.20
C GLN V 98 14.62 -62.68 12.76
N LEU V 99 13.67 -62.71 13.72
CA LEU V 99 12.23 -62.53 13.47
C LEU V 99 11.75 -61.11 13.81
N ALA V 100 12.62 -60.21 14.28
CA ALA V 100 12.29 -58.80 14.61
C ALA V 100 11.32 -58.26 13.55
N GLY V 101 10.14 -57.83 13.96
CA GLY V 101 9.13 -57.26 13.03
C GLY V 101 8.12 -58.29 12.54
N GLN V 102 8.37 -59.59 12.66
CA GLN V 102 7.50 -60.62 12.03
C GLN V 102 6.38 -61.04 13.01
N PHE V 103 6.65 -61.00 14.32
CA PHE V 103 5.80 -61.58 15.38
C PHE V 103 6.02 -60.84 16.69
N ASP V 104 6.21 -59.52 16.65
CA ASP V 104 6.54 -58.66 17.81
C ASP V 104 5.39 -58.71 18.82
N ASP V 105 4.16 -58.90 18.32
CA ASP V 105 2.94 -58.91 19.16
C ASP V 105 2.73 -60.29 19.77
N LEU V 106 3.40 -61.36 19.30
CA LEU V 106 3.14 -62.71 19.85
C LEU V 106 3.89 -62.94 21.16
N PRO V 107 3.34 -63.80 22.06
CA PRO V 107 4.12 -64.41 23.13
C PRO V 107 5.23 -65.31 22.59
N TRP V 108 6.32 -65.39 23.37
CA TRP V 108 7.61 -66.07 23.04
C TRP V 108 8.01 -66.94 24.23
N VAL V 109 8.11 -68.24 23.99
CA VAL V 109 8.43 -69.27 25.03
C VAL V 109 9.74 -69.91 24.60
N VAL V 110 10.73 -69.86 25.48
CA VAL V 110 12.00 -70.61 25.30
C VAL V 110 11.79 -71.99 25.90
N PHE V 111 12.12 -73.02 25.13
CA PHE V 111 12.28 -74.42 25.57
C PHE V 111 13.74 -74.81 25.40
N GLY V 112 14.38 -75.21 26.47
CA GLY V 112 15.79 -75.62 26.40
C GLY V 112 15.99 -76.96 27.06
N HIS V 113 16.83 -77.79 26.48
CA HIS V 113 17.17 -79.13 26.99
C HIS V 113 18.65 -79.18 27.41
N SER V 114 18.92 -79.70 28.61
CA SER V 114 20.28 -79.89 29.21
C SER V 114 21.07 -78.56 29.13
N TRP V 115 22.14 -78.52 28.36
CA TRP V 115 22.95 -77.29 28.17
C TRP V 115 22.01 -76.17 27.69
N GLY V 116 21.01 -76.52 26.89
CA GLY V 116 20.03 -75.57 26.37
C GLY V 116 19.20 -75.03 27.51
N SER V 117 18.86 -75.91 28.47
CA SER V 117 18.21 -75.48 29.73
C SER V 117 19.11 -74.48 30.49
N MET V 118 20.42 -74.71 30.59
CA MET V 118 21.30 -73.80 31.36
C MET V 118 21.41 -72.47 30.59
N ILE V 119 21.56 -72.51 29.27
CA ILE V 119 21.55 -71.32 28.38
C ILE V 119 20.23 -70.55 28.60
N ALA V 120 19.11 -71.28 28.58
CA ALA V 120 17.76 -70.68 28.75
C ALA V 120 17.69 -69.90 30.08
N ARG V 121 18.16 -70.53 31.15
CA ARG V 121 18.12 -69.96 32.53
C ARG V 121 19.05 -68.75 32.57
N ALA V 122 20.22 -68.85 31.93
CA ALA V 122 21.15 -67.71 31.73
C ALA V 122 20.42 -66.60 30.98
N MET V 123 19.72 -66.94 29.91
CA MET V 123 19.04 -65.90 29.10
C MET V 123 18.02 -65.16 29.98
N ALA V 124 17.29 -65.89 30.85
CA ALA V 124 16.14 -65.35 31.61
C ALA V 124 16.57 -64.15 32.46
N THR V 125 17.85 -64.00 32.76
CA THR V 125 18.37 -62.92 33.64
C THR V 125 18.76 -61.70 32.81
N ARG V 126 19.06 -61.89 31.52
CA ARG V 126 19.54 -60.82 30.62
C ARG V 126 18.41 -59.89 30.25
N PRO V 127 18.65 -58.56 30.30
CA PRO V 127 17.68 -57.56 29.82
C PRO V 127 17.28 -57.76 28.34
N GLY V 128 16.00 -57.56 28.02
CA GLY V 128 15.53 -57.59 26.62
C GLY V 128 15.71 -58.95 25.94
N THR V 129 15.69 -60.03 26.73
CA THR V 129 15.32 -61.38 26.28
C THR V 129 13.80 -61.34 26.02
N ARG V 130 13.32 -61.91 24.92
CA ARG V 130 11.87 -62.18 24.77
C ARG V 130 11.57 -63.44 25.59
N LEU V 131 10.84 -63.30 26.69
CA LEU V 131 10.52 -64.46 27.56
C LEU V 131 9.18 -64.19 28.27
N ASP V 132 8.10 -64.78 27.76
CA ASP V 132 6.73 -64.67 28.34
C ASP V 132 6.43 -65.97 29.10
N GLY V 133 7.16 -67.04 28.80
CA GLY V 133 7.14 -68.33 29.49
C GLY V 133 8.47 -69.05 29.30
N LEU V 134 8.86 -69.87 30.27
CA LEU V 134 10.12 -70.64 30.30
C LEU V 134 9.85 -72.12 30.55
N ALA V 135 10.34 -72.97 29.64
CA ALA V 135 10.14 -74.43 29.65
C ALA V 135 11.51 -75.11 29.62
N LEU V 136 11.85 -75.83 30.68
CA LEU V 136 13.15 -76.52 30.85
C LEU V 136 12.92 -78.03 30.88
N CYS V 137 13.89 -78.72 30.31
CA CYS V 137 13.87 -80.18 30.12
C CYS V 137 15.30 -80.67 30.28
N GLY V 138 15.46 -81.80 30.98
CA GLY V 138 16.77 -82.37 31.33
C GLY V 138 17.56 -81.42 32.21
N ILE V 139 16.89 -80.80 33.20
CA ILE V 139 17.48 -79.70 34.02
C ILE V 139 18.79 -80.20 34.61
N VAL V 140 19.80 -79.36 34.52
CA VAL V 140 21.14 -79.61 35.13
C VAL V 140 21.14 -78.79 36.42
N ALA V 141 21.01 -79.50 37.56
CA ALA V 141 20.89 -78.91 38.91
C ALA V 141 21.43 -79.89 39.95
N GLN V 142 22.56 -79.54 40.60
CA GLN V 142 23.18 -80.24 41.77
C GLN V 142 23.68 -81.65 41.46
N PRO V 143 24.12 -82.02 40.22
CA PRO V 143 24.75 -83.32 40.00
C PRO V 143 26.15 -83.25 40.59
N ARG V 144 26.67 -84.38 41.07
CA ARG V 144 27.89 -84.36 41.92
C ARG V 144 29.00 -83.60 41.19
N GLY V 145 29.16 -83.92 39.90
CA GLY V 145 30.20 -83.44 38.97
C GLY V 145 30.36 -81.93 39.01
N PHE V 146 29.37 -81.20 38.50
CA PHE V 146 29.38 -79.73 38.46
C PHE V 146 29.44 -79.13 39.88
N GLU V 147 28.74 -79.74 40.84
CA GLU V 147 28.56 -79.15 42.19
C GLU V 147 29.86 -79.20 42.95
N THR V 148 30.52 -80.36 42.94
CA THR V 148 31.60 -80.73 43.89
C THR V 148 32.87 -81.31 43.24
N THR V 149 32.77 -82.31 42.36
CA THR V 149 33.94 -83.06 41.87
C THR V 149 34.80 -82.21 40.93
N LEU V 150 34.20 -81.40 40.04
CA LEU V 150 34.94 -80.58 39.04
C LEU V 150 35.86 -79.61 39.81
N ASP V 151 37.16 -79.74 39.64
CA ASP V 151 38.21 -78.88 40.27
C ASP V 151 38.37 -77.61 39.43
N HIS V 152 37.78 -76.51 39.88
CA HIS V 152 37.82 -75.19 39.21
C HIS V 152 39.28 -74.70 39.11
N LYS V 153 40.12 -74.94 40.13
CA LYS V 153 41.55 -74.48 40.17
C LYS V 153 42.31 -75.07 38.99
N THR V 154 42.31 -76.39 38.90
CA THR V 154 42.92 -77.17 37.76
C THR V 154 42.32 -76.67 36.44
N LEU V 155 41.01 -76.59 36.33
CA LEU V 155 40.40 -76.11 35.07
C LEU V 155 40.89 -74.70 34.72
N ALA V 156 40.93 -73.78 35.69
CA ALA V 156 41.52 -72.43 35.47
C ALA V 156 42.98 -72.51 34.98
N LYS V 157 43.81 -73.42 35.52
CA LYS V 157 45.23 -73.55 35.10
C LYS V 157 45.27 -73.99 33.63
N ALA V 158 44.43 -74.94 33.19
CA ALA V 158 44.32 -75.45 31.80
C ALA V 158 43.83 -74.35 30.87
N MET V 159 42.88 -73.52 31.32
CA MET V 159 42.44 -72.26 30.64
C MET V 159 43.61 -71.27 30.52
N ALA V 160 44.45 -71.15 31.54
CA ALA V 160 45.59 -70.19 31.52
C ALA V 160 46.69 -70.69 30.57
N THR V 161 46.82 -72.01 30.35
CA THR V 161 48.01 -72.56 29.66
C THR V 161 47.63 -72.93 28.20
N ALA V 162 46.61 -73.75 27.99
CA ALA V 162 46.28 -74.37 26.69
C ALA V 162 44.76 -74.31 26.49
N PRO V 163 44.17 -73.09 26.31
CA PRO V 163 42.72 -72.95 26.19
C PRO V 163 42.11 -73.76 25.04
N THR V 164 42.84 -73.91 23.93
CA THR V 164 42.34 -74.42 22.63
C THR V 164 42.58 -75.93 22.51
N ASP V 165 43.33 -76.52 23.44
CA ASP V 165 43.65 -77.97 23.42
C ASP V 165 42.43 -78.80 23.82
N PRO V 166 42.35 -80.07 23.37
CA PRO V 166 41.39 -81.01 23.96
C PRO V 166 41.38 -80.89 25.49
N ALA V 167 40.20 -80.82 26.12
CA ALA V 167 40.02 -80.75 27.59
C ALA V 167 40.73 -81.98 28.12
N PRO V 168 41.58 -81.86 29.15
CA PRO V 168 42.15 -83.05 29.79
C PRO V 168 41.06 -83.99 30.31
N GLU V 169 41.34 -85.28 30.19
CA GLU V 169 40.49 -86.44 30.59
C GLU V 169 40.03 -86.29 32.06
N ALA V 170 40.88 -85.80 32.93
CA ALA V 170 40.55 -85.62 34.36
C ALA V 170 39.33 -84.70 34.47
N LEU V 171 39.38 -83.54 33.83
CA LEU V 171 38.35 -82.48 34.05
C LEU V 171 37.04 -82.95 33.41
N VAL V 172 37.10 -83.53 32.20
CA VAL V 172 35.91 -84.12 31.54
C VAL V 172 35.29 -85.17 32.48
N ALA V 173 36.10 -86.05 33.09
CA ALA V 173 35.59 -87.14 33.94
C ALA V 173 35.00 -86.54 35.23
N GLN V 174 35.64 -85.52 35.78
CA GLN V 174 35.13 -84.78 36.97
C GLN V 174 33.77 -84.16 36.62
N MET V 175 33.68 -83.49 35.48
CA MET V 175 32.44 -82.74 35.10
C MET V 175 31.23 -83.68 35.10
N PHE V 176 31.40 -84.91 34.61
CA PHE V 176 30.31 -85.88 34.32
C PHE V 176 30.29 -86.98 35.37
N ASP V 177 31.00 -86.77 36.50
CA ASP V 177 30.95 -87.67 37.68
C ASP V 177 29.49 -87.70 38.17
N GLY V 178 29.04 -88.88 38.60
CA GLY V 178 27.63 -89.11 38.95
C GLY V 178 26.74 -89.52 37.79
N PHE V 179 27.19 -89.41 36.52
CA PHE V 179 26.30 -89.72 35.36
C PHE V 179 26.10 -91.23 35.18
N ALA V 180 26.97 -92.07 35.73
CA ALA V 180 27.01 -93.54 35.57
C ALA V 180 26.50 -94.27 36.82
N ASP V 181 26.10 -93.53 37.86
CA ASP V 181 25.78 -94.05 39.22
C ASP V 181 24.68 -95.12 39.16
N ARG V 182 23.63 -94.93 38.38
CA ARG V 182 22.47 -95.86 38.40
C ARG V 182 22.44 -96.70 37.11
N LEU V 183 23.58 -96.94 36.48
CA LEU V 183 23.65 -97.77 35.26
C LEU V 183 24.28 -99.14 35.56
N SER V 184 23.67 -100.21 35.03
CA SER V 184 24.23 -101.59 34.96
C SER V 184 25.10 -101.76 33.71
N GLU V 185 25.82 -102.88 33.59
CA GLU V 185 26.72 -103.22 32.44
C GLU V 185 25.89 -103.30 31.16
N ASP V 186 24.66 -103.77 31.33
CA ASP V 186 23.56 -103.88 30.34
C ASP V 186 23.35 -102.55 29.60
N ASP V 187 23.52 -101.39 30.27
CA ASP V 187 23.19 -100.03 29.76
C ASP V 187 24.36 -99.41 28.98
N GLY V 188 25.59 -99.83 29.25
CA GLY V 188 26.78 -99.21 28.64
C GLY V 188 26.97 -97.77 29.14
N PRO V 189 27.89 -97.01 28.51
CA PRO V 189 28.40 -95.79 29.13
C PRO V 189 27.52 -94.56 28.87
N THR V 190 26.66 -94.60 27.85
CA THR V 190 25.73 -93.49 27.50
C THR V 190 24.31 -93.87 27.91
N GLY V 191 24.17 -94.90 28.74
CA GLY V 191 22.87 -95.34 29.25
C GLY V 191 22.03 -94.20 29.79
N TRP V 192 22.64 -93.16 30.40
CA TRP V 192 21.91 -92.05 31.09
C TRP V 192 21.09 -91.22 30.08
N VAL V 193 21.36 -91.33 28.78
CA VAL V 193 20.63 -90.54 27.74
C VAL V 193 19.13 -90.90 27.79
N ALA V 194 18.78 -92.18 27.88
CA ALA V 194 17.38 -92.68 27.82
C ALA V 194 17.27 -94.14 28.31
N ARG V 195 16.19 -94.47 29.00
CA ARG V 195 15.86 -95.91 29.28
C ARG V 195 15.80 -96.65 27.93
N SER V 196 15.16 -96.06 26.90
CA SER V 196 15.05 -96.64 25.53
C SER V 196 16.43 -96.85 24.92
N LYS V 197 16.85 -98.11 24.70
CA LYS V 197 18.14 -98.48 24.07
C LYS V 197 18.14 -97.97 22.63
N GLU V 198 16.96 -97.90 22.03
CA GLU V 198 16.70 -97.49 20.64
C GLU V 198 16.99 -95.99 20.52
N VAL V 199 16.57 -95.17 21.50
CA VAL V 199 16.85 -93.71 21.50
C VAL V 199 18.36 -93.52 21.60
N VAL V 200 19.06 -94.39 22.33
CA VAL V 200 20.52 -94.27 22.65
C VAL V 200 21.33 -94.60 21.41
N ALA V 201 20.98 -95.66 20.68
CA ALA V 201 21.66 -96.10 19.44
C ALA V 201 21.44 -95.03 18.35
N ASP V 202 20.24 -94.45 18.27
CA ASP V 202 19.94 -93.38 17.28
C ASP V 202 20.78 -92.13 17.61
N HIS V 203 20.88 -91.77 18.91
CA HIS V 203 21.70 -90.64 19.45
C HIS V 203 23.17 -90.85 19.09
N GLY V 204 23.72 -92.05 19.35
CA GLY V 204 25.10 -92.43 19.00
C GLY V 204 25.41 -92.40 17.49
N LYS V 205 24.41 -92.57 16.63
CA LYS V 205 24.61 -92.86 15.19
C LYS V 205 24.36 -91.60 14.34
N ASP V 206 23.48 -90.69 14.81
CA ASP V 206 23.10 -89.45 14.09
C ASP V 206 24.37 -88.60 13.87
N LYS V 207 24.70 -88.38 12.59
CA LYS V 207 25.92 -87.68 12.13
C LYS V 207 25.81 -86.20 12.53
N PHE V 208 24.61 -85.67 12.77
CA PHE V 208 24.48 -84.24 13.15
C PHE V 208 24.63 -84.09 14.67
N ASN V 209 24.66 -85.20 15.42
CA ASN V 209 25.07 -85.23 16.84
C ASN V 209 26.60 -85.26 16.92
N ASN V 210 27.23 -86.09 16.10
CA ASN V 210 28.68 -86.49 16.18
C ASN V 210 29.07 -86.48 17.64
N PHE V 211 28.32 -87.22 18.46
CA PHE V 211 28.49 -87.23 19.93
C PHE V 211 29.72 -88.11 20.27
N GLY V 212 30.56 -87.63 21.22
CA GLY V 212 31.89 -88.20 21.57
C GLY V 212 33.06 -87.46 20.90
N ALA V 213 32.80 -86.44 20.12
CA ALA V 213 33.81 -85.41 19.72
C ALA V 213 34.39 -84.79 21.00
N PRO V 214 35.72 -84.83 21.20
CA PRO V 214 36.33 -84.23 22.38
C PRO V 214 36.01 -82.71 22.44
N MET V 215 35.61 -82.26 23.63
CA MET V 215 35.41 -80.83 23.98
C MET V 215 36.79 -80.16 24.09
N SER V 216 36.89 -78.90 23.70
CA SER V 216 38.05 -78.06 24.05
C SER V 216 37.98 -77.69 25.54
N THR V 217 39.15 -77.37 26.12
CA THR V 217 39.29 -76.80 27.48
C THR V 217 38.40 -75.57 27.67
N ARG V 218 38.42 -74.61 26.74
CA ARG V 218 37.66 -73.35 26.88
C ARG V 218 36.16 -73.64 26.83
N PHE V 219 35.73 -74.57 25.98
CA PHE V 219 34.31 -75.03 25.94
C PHE V 219 33.87 -75.53 27.33
N LEU V 220 34.71 -76.35 27.97
CA LEU V 220 34.49 -76.93 29.32
C LEU V 220 34.38 -75.78 30.33
N GLN V 221 35.33 -74.85 30.35
CA GLN V 221 35.20 -73.66 31.21
C GLN V 221 33.82 -73.05 30.93
N GLY V 222 33.50 -72.92 29.65
CA GLY V 222 32.19 -72.48 29.12
C GLY V 222 31.02 -73.22 29.78
N LEU V 223 31.16 -74.54 30.04
CA LEU V 223 30.09 -75.33 30.67
C LEU V 223 30.00 -74.96 32.17
N ALA V 224 31.13 -74.92 32.89
CA ALA V 224 31.21 -74.52 34.31
C ALA V 224 30.51 -73.18 34.48
N ASP V 225 30.83 -72.23 33.61
CA ASP V 225 30.28 -70.85 33.69
C ASP V 225 28.76 -70.90 33.62
N ILE V 226 28.23 -71.57 32.61
CA ILE V 226 26.77 -71.52 32.28
C ILE V 226 26.05 -72.22 33.42
N TYR V 227 26.67 -73.28 33.97
CA TYR V 227 26.11 -74.05 35.09
C TYR V 227 25.86 -73.08 36.24
N ALA V 228 26.85 -72.21 36.49
CA ALA V 228 26.92 -71.37 37.71
C ALA V 228 26.06 -70.15 37.46
N MET V 229 25.92 -69.73 36.20
CA MET V 229 24.92 -68.69 35.82
C MET V 229 23.51 -69.24 36.06
N ALA V 230 23.21 -70.45 35.54
CA ALA V 230 21.87 -71.10 35.59
C ALA V 230 21.44 -71.32 37.04
N ASN V 231 22.38 -71.69 37.91
CA ASN V 231 22.12 -72.28 39.25
C ASN V 231 22.49 -71.30 40.36
N GLY V 232 22.88 -70.07 40.01
CA GLY V 232 23.36 -69.04 40.93
C GLY V 232 22.22 -68.18 41.46
N ASP V 233 22.47 -67.48 42.57
CA ASP V 233 21.47 -66.60 43.24
C ASP V 233 20.96 -65.57 42.23
N SER V 234 21.80 -65.13 41.30
CA SER V 234 21.43 -64.09 40.31
C SER V 234 20.24 -64.60 39.51
N PHE V 235 20.23 -65.87 39.10
CA PHE V 235 19.12 -66.41 38.30
C PHE V 235 17.81 -66.38 39.13
N TYR V 236 17.86 -66.96 40.33
CA TYR V 236 16.67 -67.09 41.21
C TYR V 236 16.09 -65.71 41.56
N ALA V 237 16.95 -64.71 41.78
CA ALA V 237 16.54 -63.34 42.17
C ALA V 237 16.02 -62.56 40.96
N THR V 238 16.51 -62.81 39.75
CA THR V 238 16.06 -61.96 38.62
C THR V 238 15.03 -62.69 37.75
N MET V 239 14.74 -63.97 37.98
CA MET V 239 13.81 -64.76 37.13
C MET V 239 12.49 -64.00 37.00
N PRO V 240 12.09 -63.53 35.79
CA PRO V 240 10.86 -62.73 35.67
C PRO V 240 9.65 -63.52 36.17
N ASN V 241 8.56 -62.83 36.57
CA ASN V 241 7.35 -63.55 37.05
C ASN V 241 6.54 -63.88 35.78
N ILE V 242 6.85 -65.03 35.22
CA ILE V 242 6.17 -65.62 34.03
C ILE V 242 6.00 -67.08 34.37
N PRO V 243 5.10 -67.79 33.65
CA PRO V 243 4.90 -69.22 33.85
C PRO V 243 6.21 -70.00 33.58
N ILE V 244 6.52 -70.96 34.43
CA ILE V 244 7.69 -71.86 34.29
C ILE V 244 7.17 -73.29 34.30
N VAL V 245 7.63 -74.11 33.37
CA VAL V 245 7.37 -75.58 33.38
C VAL V 245 8.70 -76.32 33.32
N LEU V 246 8.84 -77.43 34.03
CA LEU V 246 10.07 -78.30 34.05
C LEU V 246 9.72 -79.76 33.64
N PHE V 247 10.59 -80.42 32.88
CA PHE V 247 10.40 -81.84 32.50
C PHE V 247 11.71 -82.56 32.77
N ALA V 248 11.68 -83.60 33.59
CA ALA V 248 12.87 -84.38 33.92
C ALA V 248 12.45 -85.78 34.31
N GLY V 249 13.30 -86.76 33.98
CA GLY V 249 13.19 -88.13 34.46
C GLY V 249 13.76 -88.20 35.86
N SER V 250 13.13 -88.98 36.74
CA SER V 250 13.65 -89.21 38.12
C SER V 250 14.98 -89.97 38.05
N GLU V 251 15.34 -90.61 36.92
CA GLU V 251 16.64 -91.35 36.82
C GLU V 251 17.68 -90.59 35.98
N ASP V 252 17.47 -89.28 35.79
CA ASP V 252 18.37 -88.36 35.04
C ASP V 252 19.51 -87.94 35.96
N PRO V 253 20.78 -88.36 35.74
CA PRO V 253 21.88 -87.90 36.60
C PRO V 253 22.08 -86.36 36.61
N ALA V 254 21.56 -85.66 35.58
CA ALA V 254 21.83 -84.24 35.29
C ALA V 254 21.24 -83.36 36.38
N GLY V 255 20.06 -83.74 36.88
CA GLY V 255 19.32 -83.00 37.92
C GLY V 255 19.32 -83.76 39.24
N ASP V 256 20.41 -84.48 39.51
CA ASP V 256 20.66 -85.32 40.71
C ASP V 256 19.45 -86.22 40.94
N PHE V 257 19.08 -87.00 39.92
CA PHE V 257 18.01 -88.03 39.95
C PHE V 257 16.74 -87.40 40.54
N GLY V 258 16.29 -86.27 40.00
CA GLY V 258 15.05 -85.59 40.44
C GLY V 258 15.26 -84.66 41.62
N THR V 259 16.19 -84.97 42.54
CA THR V 259 16.47 -84.15 43.74
C THR V 259 16.82 -82.69 43.38
N GLY V 260 17.74 -82.48 42.43
CA GLY V 260 18.17 -81.12 42.03
C GLY V 260 17.03 -80.35 41.37
N VAL V 261 16.24 -81.06 40.55
CA VAL V 261 15.11 -80.46 39.79
C VAL V 261 14.08 -79.94 40.80
N LYS V 262 13.80 -80.74 41.83
CA LYS V 262 12.80 -80.38 42.86
C LYS V 262 13.26 -79.09 43.55
N ALA V 263 14.55 -78.98 43.88
CA ALA V 263 15.13 -77.81 44.58
C ALA V 263 15.05 -76.56 43.68
N VAL V 264 15.16 -76.68 42.36
CA VAL V 264 14.89 -75.54 41.45
C VAL V 264 13.43 -75.09 41.59
N ALA V 265 12.49 -76.05 41.45
CA ALA V 265 11.04 -75.78 41.60
C ALA V 265 10.79 -75.09 42.95
N GLU V 266 11.29 -75.66 44.04
CA GLU V 266 10.96 -75.20 45.43
C GLU V 266 11.53 -73.79 45.64
N ARG V 267 12.73 -73.52 45.18
CA ARG V 267 13.34 -72.18 45.35
C ARG V 267 12.59 -71.13 44.52
N LEU V 268 12.24 -71.48 43.28
CA LEU V 268 11.48 -70.55 42.41
C LEU V 268 10.15 -70.25 43.10
N ARG V 269 9.47 -71.28 43.58
CA ARG V 269 8.17 -71.10 44.27
C ARG V 269 8.40 -70.21 45.51
N ARG V 270 9.46 -70.46 46.29
CA ARG V 270 9.77 -69.68 47.53
C ARG V 270 9.74 -68.19 47.24
N ASP V 271 10.21 -67.76 46.05
CA ASP V 271 10.39 -66.33 45.64
C ASP V 271 9.17 -65.85 44.83
N GLY V 272 8.06 -66.60 44.83
CA GLY V 272 6.77 -66.16 44.30
C GLY V 272 6.48 -66.64 42.88
N HIS V 273 7.22 -67.63 42.36
CA HIS V 273 7.09 -68.09 40.94
C HIS V 273 5.98 -69.14 40.81
N ASN V 274 5.33 -69.11 39.64
CA ASN V 274 4.38 -70.12 39.18
C ASN V 274 5.16 -71.21 38.44
N VAL V 275 5.29 -72.39 39.02
CA VAL V 275 6.17 -73.49 38.49
C VAL V 275 5.34 -74.76 38.30
N GLU V 276 5.34 -75.31 37.10
CA GLU V 276 4.71 -76.62 36.79
C GLU V 276 5.82 -77.69 36.73
N LEU V 277 5.76 -78.73 37.55
CA LEU V 277 6.82 -79.78 37.55
C LEU V 277 6.24 -81.10 37.04
N HIS V 278 6.76 -81.59 35.90
CA HIS V 278 6.57 -82.96 35.36
C HIS V 278 7.85 -83.76 35.58
N LEU V 279 7.80 -84.76 36.44
CA LEU V 279 8.91 -85.67 36.80
C LEU V 279 8.47 -87.09 36.45
N TYR V 280 9.16 -87.75 35.53
CA TYR V 280 8.70 -89.05 34.95
C TYR V 280 9.46 -90.18 35.64
N ASP V 281 8.74 -90.95 36.45
CA ASP V 281 9.34 -92.00 37.32
C ASP V 281 9.86 -93.11 36.40
N GLY V 282 11.13 -93.52 36.55
CA GLY V 282 11.77 -94.60 35.77
C GLY V 282 12.47 -94.09 34.52
N LEU V 283 12.27 -92.84 34.12
CA LEU V 283 12.86 -92.35 32.85
C LEU V 283 14.16 -91.58 33.14
N ARG V 284 14.99 -91.39 32.11
CA ARG V 284 16.35 -90.82 32.24
C ARG V 284 16.39 -89.41 31.64
N HIS V 285 17.53 -89.02 31.05
CA HIS V 285 17.83 -87.60 30.65
C HIS V 285 16.82 -87.07 29.62
N GLU V 286 16.57 -87.79 28.52
CA GLU V 286 15.78 -87.29 27.35
C GLU V 286 14.28 -87.68 27.45
N VAL V 287 13.55 -87.18 28.44
CA VAL V 287 12.09 -87.52 28.59
C VAL V 287 11.28 -87.02 27.38
N HIS V 288 11.83 -86.10 26.60
CA HIS V 288 11.16 -85.58 25.38
C HIS V 288 11.27 -86.61 24.24
N ASN V 289 12.21 -87.57 24.35
CA ASN V 289 12.48 -88.63 23.33
C ASN V 289 12.10 -90.05 23.83
N GLU V 290 12.03 -90.28 25.13
CA GLU V 290 11.59 -91.60 25.66
C GLU V 290 10.22 -91.87 25.06
N PRO V 291 9.99 -93.06 24.47
CA PRO V 291 8.69 -93.33 23.84
C PRO V 291 7.53 -93.20 24.86
N GLU V 292 7.73 -93.57 26.13
CA GLU V 292 6.60 -93.59 27.10
C GLU V 292 6.23 -92.17 27.57
N SER V 293 7.11 -91.16 27.48
CA SER V 293 6.82 -89.77 27.97
C SER V 293 6.70 -88.76 26.83
N ARG V 294 7.24 -89.04 25.66
CA ARG V 294 7.30 -88.01 24.59
C ARG V 294 5.95 -87.30 24.53
N ALA V 295 4.87 -88.07 24.40
CA ALA V 295 3.52 -87.52 24.10
C ALA V 295 3.11 -86.55 25.22
N ASP V 296 3.31 -86.92 26.49
CA ASP V 296 2.95 -86.07 27.67
C ASP V 296 3.80 -84.76 27.68
N VAL V 297 5.09 -84.85 27.36
CA VAL V 297 5.98 -83.66 27.27
C VAL V 297 5.37 -82.68 26.27
N GLU V 298 5.09 -83.16 25.05
CA GLU V 298 4.59 -82.28 23.96
C GLU V 298 3.19 -81.71 24.29
N SER V 299 2.22 -82.54 24.70
CA SER V 299 0.82 -82.08 24.99
C SER V 299 0.85 -81.05 26.13
N SER V 300 1.66 -81.27 27.18
CA SER V 300 1.87 -80.36 28.35
C SER V 300 2.48 -79.04 27.89
N LEU V 301 3.46 -79.12 26.97
CA LEU V 301 4.18 -77.95 26.42
C LEU V 301 3.18 -77.11 25.62
N VAL V 302 2.35 -77.74 24.78
CA VAL V 302 1.27 -77.01 24.04
C VAL V 302 0.38 -76.34 25.08
N THR V 303 -0.08 -77.10 26.09
CA THR V 303 -1.04 -76.59 27.10
C THR V 303 -0.40 -75.40 27.76
N PHE V 304 0.89 -75.52 28.11
CA PHE V 304 1.68 -74.43 28.73
C PHE V 304 1.65 -73.19 27.84
N VAL V 305 1.91 -73.37 26.55
CA VAL V 305 2.11 -72.21 25.64
C VAL V 305 0.77 -71.52 25.39
N ASP V 306 -0.31 -72.29 25.35
CA ASP V 306 -1.65 -71.69 25.18
C ASP V 306 -1.89 -70.89 26.45
N ARG V 307 -1.55 -71.44 27.60
CA ARG V 307 -1.73 -70.75 28.89
C ARG V 307 -0.92 -69.45 28.90
N VAL V 308 0.28 -69.47 28.32
CA VAL V 308 1.15 -68.27 28.29
C VAL V 308 0.51 -67.25 27.34
N ALA V 309 -0.10 -67.72 26.27
CA ALA V 309 -0.82 -66.86 25.31
C ALA V 309 -1.99 -66.16 26.02
N ASN V 310 -2.66 -66.90 26.92
CA ASN V 310 -3.71 -66.46 27.85
C ASN V 310 -4.80 -65.68 27.12
N ALA W 2 23.31 -44.46 3.85
CA ALA W 2 24.66 -44.12 3.36
C ALA W 2 24.56 -43.42 2.02
N LEU W 3 25.42 -42.43 1.81
CA LEU W 3 25.46 -41.70 0.53
C LEU W 3 26.79 -41.99 -0.17
N GLN W 4 26.76 -41.94 -1.50
CA GLN W 4 27.97 -42.21 -2.34
C GLN W 4 27.89 -41.33 -3.60
N GLU W 5 28.70 -40.28 -3.61
CA GLU W 5 28.84 -39.40 -4.80
C GLU W 5 29.67 -40.17 -5.82
N ILE W 6 29.16 -40.32 -7.05
CA ILE W 6 29.80 -41.15 -8.09
C ILE W 6 29.92 -40.39 -9.41
N GLU W 7 30.76 -39.38 -9.48
CA GLU W 7 30.94 -38.71 -10.78
C GLU W 7 31.74 -39.61 -11.72
N PHE W 8 31.54 -39.44 -13.02
CA PHE W 8 32.29 -40.16 -14.08
C PHE W 8 32.22 -39.31 -15.35
N THR W 9 33.29 -39.30 -16.13
CA THR W 9 33.28 -38.57 -17.42
C THR W 9 32.22 -39.18 -18.35
N SER W 10 31.38 -38.30 -18.92
CA SER W 10 30.35 -38.70 -19.91
C SER W 10 31.05 -39.30 -21.13
N HIS W 11 30.37 -40.22 -21.78
CA HIS W 11 30.61 -40.69 -23.17
C HIS W 11 30.82 -39.51 -24.14
N ASN W 12 30.31 -38.30 -23.86
CA ASN W 12 30.53 -37.13 -24.75
C ASN W 12 31.94 -36.58 -24.55
N GLY W 13 32.68 -37.00 -23.50
CA GLY W 13 34.07 -36.57 -23.25
C GLY W 13 34.18 -35.13 -22.73
N ARG W 14 33.09 -34.53 -22.29
CA ARG W 14 33.05 -33.11 -21.85
C ARG W 14 32.59 -33.02 -20.38
N ASP W 15 31.47 -33.68 -20.05
CA ASP W 15 30.73 -33.44 -18.79
C ASP W 15 31.22 -34.43 -17.73
N ALA W 16 31.27 -33.94 -16.50
CA ALA W 16 31.36 -34.76 -15.28
C ALA W 16 29.93 -35.09 -14.86
N ILE W 17 29.48 -36.28 -15.20
CA ILE W 17 28.10 -36.72 -14.86
C ILE W 17 28.02 -36.83 -13.33
N GLN W 18 27.26 -35.91 -12.74
CA GLN W 18 26.99 -35.88 -11.29
C GLN W 18 25.94 -36.95 -10.98
N ALA W 19 26.26 -37.80 -10.01
CA ALA W 19 25.58 -39.08 -9.72
C ALA W 19 25.74 -39.43 -8.24
N TRP W 20 24.75 -40.13 -7.73
CA TRP W 20 24.56 -40.44 -6.30
C TRP W 20 24.10 -41.88 -6.19
N ALA W 21 24.52 -42.58 -5.15
CA ALA W 21 23.90 -43.85 -4.74
C ALA W 21 23.43 -43.68 -3.29
N TYR W 22 22.18 -44.01 -3.01
CA TYR W 22 21.55 -43.89 -1.68
C TYR W 22 21.38 -45.31 -1.14
N GLU W 23 22.07 -45.65 -0.05
CA GLU W 23 21.96 -47.01 0.55
C GLU W 23 21.09 -46.94 1.80
N PRO W 24 20.13 -47.85 1.92
CA PRO W 24 19.30 -47.90 3.10
C PRO W 24 20.13 -48.46 4.25
N VAL W 25 19.53 -48.38 5.43
CA VAL W 25 20.04 -48.98 6.68
C VAL W 25 19.71 -50.47 6.61
N GLY W 26 20.70 -51.33 6.92
CA GLY W 26 20.51 -52.79 6.98
C GLY W 26 20.95 -53.46 5.68
N THR W 27 20.24 -54.52 5.30
CA THR W 27 20.56 -55.35 4.11
C THR W 27 19.58 -54.98 3.00
N PRO W 28 20.03 -54.29 1.92
CA PRO W 28 19.12 -53.96 0.83
C PRO W 28 18.71 -55.21 0.04
N THR W 29 17.46 -55.29 -0.45
CA THR W 29 16.91 -56.46 -1.20
C THR W 29 16.92 -56.23 -2.72
N ALA W 30 17.31 -55.03 -3.21
CA ALA W 30 17.22 -54.61 -4.63
C ALA W 30 17.88 -53.24 -4.86
N VAL W 31 18.20 -52.96 -6.12
CA VAL W 31 18.71 -51.66 -6.65
C VAL W 31 17.67 -51.10 -7.63
N VAL W 32 17.26 -49.85 -7.41
CA VAL W 32 16.38 -49.07 -8.32
C VAL W 32 17.21 -47.91 -8.87
N GLN W 33 17.44 -47.91 -10.19
CA GLN W 33 18.08 -46.80 -10.94
C GLN W 33 16.95 -45.88 -11.41
N ILE W 34 16.94 -44.62 -10.97
CA ILE W 34 15.99 -43.56 -11.43
C ILE W 34 16.67 -42.82 -12.58
N ILE W 35 16.03 -42.76 -13.75
CA ILE W 35 16.52 -41.95 -14.92
C ILE W 35 15.54 -40.79 -15.17
N HIS W 36 15.95 -39.55 -14.87
CA HIS W 36 15.05 -38.37 -14.91
C HIS W 36 14.75 -37.99 -16.35
N GLY W 37 13.82 -37.06 -16.51
CA GLY W 37 13.27 -36.60 -17.80
C GLY W 37 13.89 -35.29 -18.24
N LEU W 38 13.36 -34.73 -19.33
CA LEU W 38 13.85 -33.47 -19.92
C LEU W 38 13.53 -32.32 -18.95
N GLY W 39 14.41 -31.32 -18.89
CA GLY W 39 14.23 -30.12 -18.06
C GLY W 39 14.00 -30.43 -16.59
N GLU W 40 14.64 -31.49 -16.03
CA GLU W 40 14.62 -31.81 -14.59
C GLU W 40 15.95 -32.47 -14.16
N HIS W 41 15.99 -33.01 -12.94
CA HIS W 41 17.25 -33.52 -12.32
C HIS W 41 16.89 -34.65 -11.37
N SER W 42 17.89 -35.39 -10.89
CA SER W 42 17.65 -36.64 -10.09
C SER W 42 17.24 -36.30 -8.66
N ARG W 43 17.67 -35.16 -8.15
CA ARG W 43 17.49 -34.81 -6.71
C ARG W 43 16.08 -34.25 -6.52
N ARG W 44 15.33 -34.10 -7.60
CA ARG W 44 13.89 -33.73 -7.57
C ARG W 44 13.08 -34.91 -7.02
N TYR W 45 13.64 -36.14 -7.10
CA TYR W 45 12.98 -37.42 -6.71
C TYR W 45 13.16 -37.70 -5.21
N LEU W 46 13.50 -36.67 -4.44
CA LEU W 46 13.72 -36.78 -2.98
C LEU W 46 12.69 -37.71 -2.35
N HIS W 47 11.41 -37.41 -2.48
CA HIS W 47 10.34 -38.19 -1.81
C HIS W 47 10.42 -39.66 -2.24
N MET W 48 10.54 -39.94 -3.52
CA MET W 48 10.54 -41.36 -4.03
C MET W 48 11.80 -42.07 -3.53
N ILE W 49 12.95 -41.39 -3.61
CA ILE W 49 14.26 -41.94 -3.18
C ILE W 49 14.10 -42.37 -1.72
N SER W 50 13.60 -41.47 -0.88
CA SER W 50 13.34 -41.71 0.55
C SER W 50 12.40 -42.90 0.71
N ALA W 51 11.31 -42.92 -0.04
CA ALA W 51 10.29 -43.99 0.05
C ALA W 51 10.88 -45.33 -0.37
N LEU W 52 11.84 -45.32 -1.28
CA LEU W 52 12.43 -46.56 -1.80
C LEU W 52 13.44 -47.06 -0.75
N LEU W 53 14.26 -46.19 -0.18
CA LEU W 53 15.14 -46.52 0.98
C LEU W 53 14.29 -47.15 2.10
N ASP W 54 13.11 -46.61 2.38
CA ASP W 54 12.25 -47.10 3.49
C ASP W 54 11.94 -48.58 3.22
N ALA W 55 11.80 -48.95 1.95
CA ALA W 55 11.29 -50.27 1.51
C ALA W 55 12.45 -51.25 1.39
N GLY W 56 13.68 -50.77 1.60
CA GLY W 56 14.91 -51.57 1.73
C GLY W 56 15.69 -51.73 0.43
N PHE W 57 15.71 -50.71 -0.44
CA PHE W 57 16.38 -50.75 -1.77
C PHE W 57 17.45 -49.67 -1.84
N VAL W 58 18.56 -50.00 -2.48
CA VAL W 58 19.58 -49.02 -2.94
C VAL W 58 18.93 -48.22 -4.07
N VAL W 59 19.24 -46.93 -4.16
CA VAL W 59 18.76 -46.05 -5.25
C VAL W 59 19.99 -45.43 -5.91
N ILE W 60 20.09 -45.48 -7.24
CA ILE W 60 21.19 -44.82 -8.01
C ILE W 60 20.58 -43.93 -9.11
N ALA W 61 21.17 -42.79 -9.36
CA ALA W 61 20.64 -41.75 -10.26
C ALA W 61 21.75 -40.76 -10.56
N ASP W 62 21.81 -40.33 -11.82
CA ASP W 62 22.69 -39.24 -12.27
C ASP W 62 21.81 -38.13 -12.84
N ASP W 63 22.33 -36.93 -12.85
CA ASP W 63 21.80 -35.83 -13.69
C ASP W 63 22.47 -36.01 -15.05
N HIS W 64 21.70 -36.27 -16.10
CA HIS W 64 22.23 -36.53 -17.46
C HIS W 64 22.92 -35.27 -17.97
N ALA W 65 23.82 -35.44 -18.94
CA ALA W 65 24.45 -34.38 -19.72
C ALA W 65 23.40 -33.31 -20.01
N GLY W 66 23.79 -32.03 -19.86
CA GLY W 66 22.96 -30.85 -20.14
C GLY W 66 21.81 -30.68 -19.18
N HIS W 67 21.86 -31.35 -18.03
CA HIS W 67 20.76 -31.33 -17.01
C HIS W 67 21.28 -31.13 -15.58
N GLY W 68 20.42 -30.58 -14.71
CA GLY W 68 20.64 -30.58 -13.26
C GLY W 68 22.07 -30.21 -12.93
N ARG W 69 22.71 -30.98 -12.03
CA ARG W 69 24.01 -30.58 -11.44
C ARG W 69 25.10 -30.71 -12.50
N THR W 70 24.92 -31.58 -13.50
CA THR W 70 25.92 -31.78 -14.60
C THR W 70 26.08 -30.50 -15.40
N ALA W 71 24.98 -29.93 -15.86
CA ALA W 71 24.87 -28.60 -16.47
C ALA W 71 25.35 -27.49 -15.52
N MET W 72 24.93 -27.51 -14.25
CA MET W 72 25.34 -26.46 -13.29
C MET W 72 26.89 -26.43 -13.24
N GLN W 73 27.56 -27.59 -13.19
CA GLN W 73 29.06 -27.65 -13.09
C GLN W 73 29.72 -27.34 -14.45
N SER W 74 29.25 -27.96 -15.55
CA SER W 74 29.83 -27.83 -16.93
C SER W 74 29.54 -26.46 -17.56
N GLY W 75 28.42 -25.81 -17.22
CA GLY W 75 28.01 -24.50 -17.78
C GLY W 75 27.09 -24.63 -19.01
N VAL W 76 26.76 -25.88 -19.40
CA VAL W 76 26.10 -26.25 -20.68
C VAL W 76 24.77 -26.99 -20.42
N TRP W 77 23.69 -26.29 -20.75
CA TRP W 77 22.27 -26.66 -20.54
C TRP W 77 21.71 -27.14 -21.85
N ALA W 78 20.93 -28.21 -21.77
CA ALA W 78 20.08 -28.75 -22.85
C ALA W 78 20.94 -29.05 -24.08
N ASP W 79 22.17 -29.51 -23.86
CA ASP W 79 23.01 -30.13 -24.91
C ASP W 79 23.84 -31.25 -24.28
N ALA W 80 24.05 -32.35 -24.99
CA ALA W 80 24.76 -33.55 -24.48
C ALA W 80 25.86 -34.01 -25.44
N GLY W 81 26.26 -33.17 -26.42
CA GLY W 81 27.28 -33.46 -27.44
C GLY W 81 26.71 -34.04 -28.73
N ASP W 82 27.58 -34.42 -29.66
CA ASP W 82 27.20 -35.20 -30.87
C ASP W 82 26.63 -36.55 -30.43
N ASN W 83 25.78 -37.20 -31.24
CA ASN W 83 25.26 -38.56 -30.95
C ASN W 83 24.64 -38.57 -29.56
N ALA W 84 23.84 -37.55 -29.30
CA ALA W 84 23.21 -37.23 -28.00
C ALA W 84 22.54 -38.48 -27.46
N ALA W 85 21.82 -39.22 -28.29
CA ALA W 85 21.00 -40.34 -27.80
C ALA W 85 21.94 -41.44 -27.25
N GLU W 86 23.04 -41.76 -27.94
CA GLU W 86 24.04 -42.79 -27.54
C GLU W 86 24.74 -42.35 -26.25
N VAL W 87 25.20 -41.10 -26.19
CA VAL W 87 25.78 -40.47 -24.97
C VAL W 87 24.91 -40.84 -23.75
N VAL W 88 23.61 -40.58 -23.76
CA VAL W 88 22.80 -40.66 -22.50
C VAL W 88 22.44 -42.13 -22.23
N ILE W 89 22.38 -42.95 -23.27
CA ILE W 89 22.21 -44.41 -23.08
C ILE W 89 23.49 -44.95 -22.45
N SER W 90 24.60 -44.64 -23.07
CA SER W 90 25.96 -45.03 -22.62
C SER W 90 26.12 -44.58 -21.15
N ASP W 91 25.81 -43.33 -20.84
CA ASP W 91 26.01 -42.78 -19.48
C ASP W 91 25.16 -43.62 -18.49
N GLU W 92 23.95 -44.03 -18.87
CA GLU W 92 23.09 -44.80 -17.93
C GLU W 92 23.66 -46.21 -17.68
N LEU W 93 24.38 -46.79 -18.63
CA LEU W 93 24.96 -48.14 -18.44
C LEU W 93 26.21 -47.99 -17.57
N THR W 94 27.04 -46.97 -17.83
CA THR W 94 28.23 -46.58 -17.03
C THR W 94 27.82 -46.35 -15.57
N LEU W 95 26.64 -45.75 -15.36
CA LEU W 95 26.10 -45.53 -13.99
C LEU W 95 25.91 -46.89 -13.33
N GLN W 96 25.44 -47.89 -14.06
CA GLN W 96 25.22 -49.25 -13.51
C GLN W 96 26.55 -49.83 -13.00
N GLN W 97 27.67 -49.46 -13.63
CA GLN W 97 29.01 -50.08 -13.40
C GLN W 97 29.70 -49.38 -12.23
N GLN W 98 29.09 -48.35 -11.65
CA GLN W 98 29.63 -47.62 -10.48
C GLN W 98 29.31 -48.41 -9.22
N LEU W 99 28.35 -49.33 -9.29
CA LEU W 99 28.05 -50.27 -8.20
C LEU W 99 28.55 -51.72 -8.51
N ALA W 100 29.46 -51.87 -9.49
CA ALA W 100 30.12 -53.16 -9.83
C ALA W 100 30.79 -53.74 -8.56
N GLY W 101 30.36 -54.93 -8.15
CA GLY W 101 30.96 -55.70 -7.03
C GLY W 101 30.54 -55.17 -5.68
N GLN W 102 29.38 -54.50 -5.63
CA GLN W 102 28.76 -53.96 -4.39
C GLN W 102 27.42 -54.68 -4.18
N PHE W 103 26.61 -54.88 -5.23
CA PHE W 103 25.21 -55.39 -5.14
C PHE W 103 24.90 -56.41 -6.25
N ASP W 104 25.92 -57.12 -6.76
CA ASP W 104 25.87 -58.02 -7.95
C ASP W 104 24.83 -59.15 -7.78
N ASP W 105 24.41 -59.45 -6.55
CA ASP W 105 23.45 -60.57 -6.29
C ASP W 105 22.04 -59.99 -6.15
N LEU W 106 21.89 -58.66 -6.19
CA LEU W 106 20.57 -58.02 -6.01
C LEU W 106 19.90 -57.83 -7.36
N PRO W 107 18.56 -57.90 -7.41
CA PRO W 107 17.80 -57.47 -8.58
C PRO W 107 17.94 -55.95 -8.83
N TRP W 108 17.94 -55.57 -10.11
CA TRP W 108 18.13 -54.18 -10.60
C TRP W 108 16.89 -53.75 -11.39
N VAL W 109 16.03 -52.90 -10.81
CA VAL W 109 14.85 -52.34 -11.54
C VAL W 109 15.28 -50.99 -12.13
N VAL W 110 14.86 -50.66 -13.35
CA VAL W 110 15.14 -49.34 -13.99
C VAL W 110 13.80 -48.61 -14.03
N PHE W 111 13.80 -47.41 -13.44
CA PHE W 111 12.63 -46.50 -13.39
C PHE W 111 12.96 -45.27 -14.23
N GLY W 112 12.23 -45.06 -15.32
CA GLY W 112 12.45 -43.95 -16.27
C GLY W 112 11.23 -43.07 -16.42
N HIS W 113 11.42 -41.75 -16.30
CA HIS W 113 10.31 -40.77 -16.53
C HIS W 113 10.54 -39.96 -17.81
N SER W 114 9.54 -39.91 -18.72
CA SER W 114 9.53 -39.09 -19.98
C SER W 114 10.74 -39.46 -20.88
N TRP W 115 11.69 -38.55 -21.07
CA TRP W 115 12.97 -38.82 -21.79
C TRP W 115 13.64 -40.04 -21.12
N GLY W 116 13.64 -40.09 -19.80
CA GLY W 116 14.15 -41.25 -19.05
C GLY W 116 13.45 -42.56 -19.39
N SER W 117 12.14 -42.50 -19.60
CA SER W 117 11.34 -43.67 -20.04
C SER W 117 11.82 -44.12 -21.41
N MET W 118 12.11 -43.18 -22.30
CA MET W 118 12.60 -43.51 -23.66
C MET W 118 14.00 -44.11 -23.55
N ILE W 119 14.87 -43.53 -22.73
CA ILE W 119 16.27 -44.00 -22.56
C ILE W 119 16.24 -45.43 -22.02
N ALA W 120 15.35 -45.66 -21.06
CA ALA W 120 15.10 -46.95 -20.40
C ALA W 120 14.70 -47.95 -21.48
N ARG W 121 13.73 -47.61 -22.33
CA ARG W 121 13.29 -48.52 -23.42
C ARG W 121 14.49 -48.86 -24.32
N ALA W 122 15.36 -47.88 -24.59
CA ALA W 122 16.55 -48.08 -25.44
C ALA W 122 17.61 -48.93 -24.70
N MET W 123 17.78 -48.71 -23.41
CA MET W 123 18.78 -49.49 -22.64
C MET W 123 18.38 -50.97 -22.62
N ALA W 124 17.07 -51.23 -22.51
CA ALA W 124 16.45 -52.56 -22.28
C ALA W 124 16.79 -53.57 -23.39
N THR W 125 17.16 -53.10 -24.59
CA THR W 125 17.49 -53.94 -25.78
C THR W 125 19.01 -54.11 -25.95
N ARG W 126 19.84 -53.44 -25.17
CA ARG W 126 21.32 -53.53 -25.32
C ARG W 126 21.76 -54.77 -24.58
N PRO W 127 22.64 -55.61 -25.19
CA PRO W 127 23.03 -56.86 -24.56
C PRO W 127 24.09 -56.43 -23.54
N GLY W 128 23.96 -56.88 -22.28
CA GLY W 128 24.86 -56.45 -21.19
C GLY W 128 24.34 -55.20 -20.49
N THR W 129 23.02 -55.04 -20.48
CA THR W 129 22.35 -54.10 -19.55
C THR W 129 21.88 -54.93 -18.36
N ARG W 130 22.15 -54.48 -17.12
CA ARG W 130 21.47 -55.02 -15.93
C ARG W 130 20.01 -54.52 -15.93
N LEU W 131 19.05 -55.45 -15.96
CA LEU W 131 17.61 -55.12 -15.97
C LEU W 131 16.79 -56.36 -15.64
N ASP W 132 16.32 -56.52 -14.40
CA ASP W 132 15.48 -57.69 -14.02
C ASP W 132 14.02 -57.24 -14.07
N GLY W 133 13.77 -55.94 -14.12
CA GLY W 133 12.40 -55.40 -14.24
C GLY W 133 12.42 -53.95 -14.66
N LEU W 134 11.40 -53.52 -15.41
CA LEU W 134 11.37 -52.21 -16.12
C LEU W 134 10.10 -51.47 -15.73
N ALA W 135 10.27 -50.23 -15.26
CA ALA W 135 9.20 -49.34 -14.80
C ALA W 135 9.31 -48.03 -15.57
N LEU W 136 8.23 -47.65 -16.23
CA LEU W 136 8.13 -46.50 -17.17
C LEU W 136 7.05 -45.58 -16.60
N CYS W 137 7.40 -44.32 -16.38
CA CYS W 137 6.44 -43.27 -15.92
C CYS W 137 6.41 -42.17 -17.00
N GLY W 138 5.26 -41.51 -17.22
CA GLY W 138 5.12 -40.41 -18.20
C GLY W 138 5.59 -40.81 -19.60
N ILE W 139 5.14 -41.97 -20.07
CA ILE W 139 5.71 -42.68 -21.25
C ILE W 139 5.51 -41.83 -22.49
N VAL W 140 6.52 -41.82 -23.37
CA VAL W 140 6.51 -41.04 -24.64
C VAL W 140 6.18 -42.04 -25.76
N ALA W 141 4.92 -42.01 -26.26
CA ALA W 141 4.32 -43.04 -27.14
C ALA W 141 3.15 -42.47 -27.98
N GLN W 142 3.42 -42.22 -29.27
CA GLN W 142 2.44 -41.87 -30.33
C GLN W 142 1.81 -40.50 -30.10
N PRO W 143 2.52 -39.50 -29.53
CA PRO W 143 1.99 -38.13 -29.51
C PRO W 143 2.16 -37.53 -30.92
N ARG W 144 1.28 -36.59 -31.27
CA ARG W 144 1.19 -36.01 -32.63
C ARG W 144 2.57 -35.50 -33.05
N GLY W 145 3.27 -34.82 -32.13
CA GLY W 145 4.58 -34.20 -32.37
C GLY W 145 5.58 -35.15 -33.02
N PHE W 146 6.03 -36.16 -32.28
CA PHE W 146 7.04 -37.15 -32.72
C PHE W 146 6.46 -37.99 -33.86
N GLU W 147 5.18 -38.32 -33.83
CA GLU W 147 4.62 -39.29 -34.80
C GLU W 147 4.59 -38.64 -36.18
N THR W 148 4.05 -37.43 -36.32
CA THR W 148 3.63 -36.90 -37.64
C THR W 148 4.09 -35.44 -37.85
N THR W 149 4.04 -34.57 -36.83
CA THR W 149 4.28 -33.11 -37.00
C THR W 149 5.76 -32.79 -37.21
N LEU W 150 6.71 -33.43 -36.52
CA LEU W 150 8.16 -33.10 -36.62
C LEU W 150 8.64 -33.35 -38.04
N ASP W 151 9.27 -32.36 -38.66
CA ASP W 151 9.78 -32.43 -40.05
C ASP W 151 11.23 -32.93 -40.03
N HIS W 152 11.44 -34.24 -40.20
CA HIS W 152 12.78 -34.88 -40.12
C HIS W 152 13.71 -34.32 -41.20
N LYS W 153 13.13 -33.84 -42.32
CA LYS W 153 13.87 -33.22 -43.46
C LYS W 153 14.49 -31.91 -43.00
N THR W 154 13.66 -31.03 -42.41
CA THR W 154 14.09 -29.71 -41.86
C THR W 154 15.13 -29.98 -40.76
N LEU W 155 14.84 -30.90 -39.83
CA LEU W 155 15.77 -31.27 -38.74
C LEU W 155 17.09 -31.69 -39.36
N ALA W 156 17.06 -32.59 -40.36
CA ALA W 156 18.27 -33.07 -41.08
C ALA W 156 19.10 -31.90 -41.67
N LYS W 157 18.43 -30.91 -42.30
CA LYS W 157 19.05 -29.73 -42.93
C LYS W 157 19.81 -28.91 -41.89
N ALA W 158 19.14 -28.55 -40.78
CA ALA W 158 19.70 -27.80 -39.63
C ALA W 158 20.88 -28.58 -38.99
N MET W 159 20.85 -29.90 -39.00
CA MET W 159 21.95 -30.79 -38.50
C MET W 159 23.22 -30.68 -39.37
N ALA W 160 23.06 -30.68 -40.70
CA ALA W 160 24.18 -30.61 -41.68
C ALA W 160 24.89 -29.25 -41.63
N THR W 161 24.22 -28.19 -41.16
CA THR W 161 24.66 -26.77 -41.32
C THR W 161 25.14 -26.20 -39.96
N ALA W 162 24.35 -26.34 -38.89
CA ALA W 162 24.57 -25.71 -37.58
C ALA W 162 24.12 -26.65 -36.46
N PRO W 163 24.77 -27.82 -36.29
CA PRO W 163 24.38 -28.78 -35.24
C PRO W 163 24.53 -28.27 -33.81
N THR W 164 25.47 -27.35 -33.57
CA THR W 164 25.77 -26.72 -32.25
C THR W 164 24.77 -25.60 -31.88
N ASP W 165 24.16 -24.91 -32.86
CA ASP W 165 23.28 -23.73 -32.62
C ASP W 165 22.06 -24.17 -31.85
N PRO W 166 21.26 -23.25 -31.26
CA PRO W 166 20.02 -23.66 -30.61
C PRO W 166 19.11 -24.24 -31.70
N ALA W 167 18.27 -25.22 -31.33
CA ALA W 167 17.24 -25.81 -32.22
C ALA W 167 16.32 -24.69 -32.72
N PRO W 168 16.10 -24.54 -34.04
CA PRO W 168 15.10 -23.60 -34.56
C PRO W 168 13.75 -23.81 -33.89
N GLU W 169 13.06 -22.70 -33.62
CA GLU W 169 11.79 -22.65 -32.87
C GLU W 169 10.73 -23.51 -33.53
N ALA W 170 10.74 -23.60 -34.85
CA ALA W 170 9.73 -24.39 -35.57
C ALA W 170 9.89 -25.87 -35.22
N LEU W 171 11.12 -26.39 -35.22
CA LEU W 171 11.35 -27.84 -34.98
C LEU W 171 10.99 -28.18 -33.54
N VAL W 172 11.34 -27.30 -32.60
CA VAL W 172 10.98 -27.51 -31.16
C VAL W 172 9.45 -27.57 -31.06
N ALA W 173 8.71 -26.60 -31.66
CA ALA W 173 7.23 -26.52 -31.53
C ALA W 173 6.55 -27.72 -32.26
N GLN W 174 7.12 -28.16 -33.37
CA GLN W 174 6.61 -29.37 -34.06
C GLN W 174 6.78 -30.60 -33.14
N MET W 175 7.91 -30.77 -32.49
CA MET W 175 8.19 -31.96 -31.63
C MET W 175 7.15 -32.04 -30.51
N PHE W 176 6.86 -30.94 -29.83
CA PHE W 176 5.96 -30.92 -28.65
C PHE W 176 4.54 -30.53 -29.05
N ASP W 177 4.23 -30.52 -30.36
CA ASP W 177 2.84 -30.36 -30.85
C ASP W 177 1.98 -31.43 -30.16
N GLY W 178 0.84 -31.00 -29.64
CA GLY W 178 -0.15 -31.90 -29.04
C GLY W 178 -0.09 -31.84 -27.53
N PHE W 179 0.85 -31.05 -26.99
CA PHE W 179 1.12 -30.97 -25.53
C PHE W 179 0.15 -29.99 -24.87
N ALA W 180 -0.38 -28.98 -25.58
CA ALA W 180 -1.33 -28.00 -25.01
C ALA W 180 -2.78 -28.35 -25.37
N ASP W 181 -3.01 -29.36 -26.19
CA ASP W 181 -4.37 -29.75 -26.69
C ASP W 181 -5.49 -29.75 -25.65
N ARG W 182 -5.22 -30.01 -24.37
CA ARG W 182 -6.29 -30.16 -23.34
C ARG W 182 -6.14 -29.15 -22.22
N LEU W 183 -5.24 -28.17 -22.36
CA LEU W 183 -5.13 -27.04 -21.43
C LEU W 183 -6.20 -25.99 -21.79
N SER W 184 -6.46 -25.06 -20.87
CA SER W 184 -7.17 -23.78 -21.13
C SER W 184 -6.21 -22.65 -20.75
N GLU W 185 -6.58 -21.39 -20.97
CA GLU W 185 -5.71 -20.20 -20.71
C GLU W 185 -5.12 -20.24 -19.28
N ASP W 186 -5.92 -20.68 -18.28
CA ASP W 186 -5.61 -20.65 -16.81
C ASP W 186 -4.39 -21.52 -16.46
N ASP W 187 -4.31 -22.70 -17.09
CA ASP W 187 -3.33 -23.79 -16.84
C ASP W 187 -1.90 -23.28 -17.10
N GLY W 188 -1.72 -22.32 -18.01
CA GLY W 188 -0.39 -21.81 -18.42
C GLY W 188 0.19 -22.64 -19.56
N PRO W 189 1.31 -22.21 -20.19
CA PRO W 189 1.91 -22.99 -21.27
C PRO W 189 2.41 -24.39 -20.86
N THR W 190 2.84 -24.60 -19.60
CA THR W 190 3.47 -25.86 -19.08
C THR W 190 2.56 -26.61 -18.12
N GLY W 191 1.26 -26.35 -18.16
CA GLY W 191 0.23 -27.04 -17.35
C GLY W 191 0.11 -28.50 -17.74
N TRP W 192 0.64 -28.90 -18.89
CA TRP W 192 0.73 -30.33 -19.24
C TRP W 192 1.58 -31.09 -18.20
N VAL W 193 2.44 -30.41 -17.43
CA VAL W 193 3.33 -31.06 -16.44
C VAL W 193 2.56 -31.72 -15.27
N ALA W 194 1.62 -31.04 -14.62
CA ALA W 194 0.76 -31.65 -13.59
C ALA W 194 -0.58 -30.92 -13.55
N ARG W 195 -1.68 -31.63 -13.22
CA ARG W 195 -2.98 -30.97 -12.91
C ARG W 195 -2.75 -30.04 -11.72
N SER W 196 -1.81 -30.40 -10.85
CA SER W 196 -1.43 -29.52 -9.70
C SER W 196 -0.62 -28.31 -10.18
N LYS W 197 -1.17 -27.10 -10.00
CA LYS W 197 -0.57 -25.78 -10.34
C LYS W 197 0.65 -25.55 -9.46
N GLU W 198 0.63 -26.07 -8.23
CA GLU W 198 1.77 -25.97 -7.27
C GLU W 198 3.01 -26.75 -7.78
N VAL W 199 2.82 -27.94 -8.35
CA VAL W 199 3.98 -28.76 -8.83
C VAL W 199 4.59 -28.01 -10.02
N VAL W 200 3.73 -27.47 -10.87
CA VAL W 200 4.10 -26.67 -12.09
C VAL W 200 4.94 -25.46 -11.69
N ALA W 201 4.52 -24.71 -10.68
CA ALA W 201 5.26 -23.47 -10.27
C ALA W 201 6.58 -23.91 -9.64
N ASP W 202 6.55 -24.97 -8.84
CA ASP W 202 7.81 -25.56 -8.28
C ASP W 202 8.71 -26.03 -9.44
N HIS W 203 8.13 -26.74 -10.41
CA HIS W 203 8.85 -27.19 -11.63
C HIS W 203 9.53 -25.97 -12.28
N GLY W 204 8.81 -24.86 -12.46
CA GLY W 204 9.31 -23.60 -13.04
C GLY W 204 10.35 -22.85 -12.19
N LYS W 205 10.31 -22.99 -10.87
CA LYS W 205 11.21 -22.22 -9.98
C LYS W 205 12.54 -22.94 -9.72
N ASP W 206 12.56 -24.26 -9.72
CA ASP W 206 13.76 -25.07 -9.38
C ASP W 206 14.92 -24.67 -10.26
N LYS W 207 15.96 -24.09 -9.67
CA LYS W 207 17.14 -23.61 -10.42
C LYS W 207 17.82 -24.81 -11.05
N PHE W 208 17.66 -25.95 -10.42
CA PHE W 208 18.34 -27.12 -10.98
C PHE W 208 17.59 -27.63 -12.22
N ASN W 209 16.28 -27.42 -12.32
CA ASN W 209 15.54 -27.85 -13.53
C ASN W 209 15.94 -26.90 -14.65
N ASN W 210 16.18 -25.64 -14.33
CA ASN W 210 16.50 -24.57 -15.30
C ASN W 210 15.44 -24.51 -16.41
N PHE W 211 14.28 -23.94 -16.06
CA PHE W 211 13.00 -23.82 -16.81
C PHE W 211 13.09 -23.75 -18.33
N GLY W 212 13.46 -22.59 -18.88
CA GLY W 212 13.39 -22.48 -20.36
C GLY W 212 14.69 -22.64 -21.11
N ALA W 213 15.60 -23.48 -20.65
CA ALA W 213 16.89 -23.63 -21.33
C ALA W 213 16.72 -24.15 -22.75
N PRO W 214 17.11 -23.38 -23.79
CA PRO W 214 16.97 -23.82 -25.16
C PRO W 214 17.87 -24.99 -25.55
N MET W 215 17.27 -25.99 -26.15
CA MET W 215 17.98 -27.19 -26.61
C MET W 215 18.80 -26.83 -27.84
N SER W 216 19.94 -27.46 -27.99
CA SER W 216 20.74 -27.46 -29.24
C SER W 216 20.03 -28.34 -30.28
N THR W 217 20.37 -28.16 -31.55
CA THR W 217 19.76 -28.92 -32.68
C THR W 217 20.19 -30.39 -32.59
N ARG W 218 21.50 -30.64 -32.38
CA ARG W 218 22.04 -32.01 -32.18
C ARG W 218 21.30 -32.65 -31.02
N PHE W 219 20.96 -31.88 -29.98
CA PHE W 219 20.19 -32.44 -28.83
C PHE W 219 18.82 -32.86 -29.36
N LEU W 220 18.21 -32.00 -30.20
CA LEU W 220 16.84 -32.24 -30.73
C LEU W 220 16.89 -33.47 -31.66
N GLN W 221 17.94 -33.63 -32.48
CA GLN W 221 18.09 -34.89 -33.26
C GLN W 221 18.12 -36.08 -32.29
N GLY W 222 18.87 -35.93 -31.19
CA GLY W 222 18.96 -36.97 -30.15
C GLY W 222 17.61 -37.37 -29.61
N LEU W 223 16.68 -36.41 -29.43
CA LEU W 223 15.30 -36.76 -28.96
C LEU W 223 14.54 -37.52 -30.07
N ALA W 224 14.69 -37.12 -31.32
CA ALA W 224 14.10 -37.87 -32.45
C ALA W 224 14.65 -39.30 -32.43
N ASP W 225 15.98 -39.45 -32.36
CA ASP W 225 16.70 -40.76 -32.42
C ASP W 225 16.17 -41.70 -31.31
N ILE W 226 16.16 -41.25 -30.06
CA ILE W 226 15.78 -42.05 -28.86
C ILE W 226 14.29 -42.36 -28.91
N TYR W 227 13.44 -41.47 -29.42
CA TYR W 227 11.99 -41.77 -29.63
C TYR W 227 11.85 -42.99 -30.56
N ALA W 228 12.50 -42.95 -31.72
CA ALA W 228 12.50 -44.02 -32.74
C ALA W 228 13.10 -45.31 -32.16
N MET W 229 14.08 -45.20 -31.28
CA MET W 229 14.67 -46.43 -30.67
C MET W 229 13.64 -47.01 -29.69
N ALA W 230 12.92 -46.15 -28.95
CA ALA W 230 12.03 -46.60 -27.87
C ALA W 230 10.76 -47.20 -28.43
N ASN W 231 10.37 -46.79 -29.64
CA ASN W 231 9.03 -47.09 -30.19
C ASN W 231 9.11 -47.88 -31.52
N GLY W 232 10.30 -48.14 -32.06
CA GLY W 232 10.48 -48.86 -33.33
C GLY W 232 10.33 -50.36 -33.14
N ASP W 233 10.27 -51.09 -34.25
CA ASP W 233 9.91 -52.53 -34.26
C ASP W 233 10.95 -53.29 -33.44
N SER W 234 12.21 -52.84 -33.42
CA SER W 234 13.29 -53.65 -32.83
C SER W 234 13.19 -53.57 -31.30
N PHE W 235 12.58 -52.53 -30.76
CA PHE W 235 12.32 -52.48 -29.31
C PHE W 235 11.25 -53.53 -28.98
N TYR W 236 10.15 -53.47 -29.69
CA TYR W 236 9.04 -54.43 -29.41
C TYR W 236 9.48 -55.89 -29.58
N ALA W 237 10.42 -56.17 -30.47
CA ALA W 237 10.84 -57.55 -30.80
C ALA W 237 11.96 -58.05 -29.92
N THR W 238 12.72 -57.15 -29.30
CA THR W 238 13.86 -57.64 -28.51
C THR W 238 13.71 -57.35 -27.03
N MET W 239 12.70 -56.57 -26.65
CA MET W 239 12.40 -56.24 -25.23
C MET W 239 12.45 -57.51 -24.38
N PRO W 240 13.39 -57.63 -23.45
CA PRO W 240 13.47 -58.82 -22.62
C PRO W 240 12.18 -59.30 -21.93
N ASN W 241 11.95 -60.59 -21.87
CA ASN W 241 10.72 -61.06 -21.18
C ASN W 241 10.98 -60.99 -19.69
N ILE W 242 10.61 -59.87 -19.08
CA ILE W 242 10.77 -59.54 -17.63
C ILE W 242 9.55 -58.75 -17.18
N PRO W 243 9.35 -58.50 -15.89
CA PRO W 243 8.22 -57.71 -15.46
C PRO W 243 8.35 -56.26 -15.99
N ILE W 244 7.22 -55.74 -16.45
CA ILE W 244 7.11 -54.37 -16.98
C ILE W 244 5.97 -53.70 -16.25
N VAL W 245 6.20 -52.51 -15.71
CA VAL W 245 5.11 -51.66 -15.13
C VAL W 245 5.16 -50.27 -15.77
N LEU W 246 3.98 -49.82 -16.21
CA LEU W 246 3.76 -48.53 -16.90
C LEU W 246 2.89 -47.65 -15.99
N PHE W 247 3.38 -46.45 -15.64
CA PHE W 247 2.64 -45.43 -14.85
C PHE W 247 2.38 -44.25 -15.77
N ALA W 248 1.15 -43.73 -15.84
CA ALA W 248 0.81 -42.61 -16.76
C ALA W 248 -0.54 -42.00 -16.42
N GLY W 249 -0.71 -40.69 -16.67
CA GLY W 249 -2.03 -40.03 -16.60
C GLY W 249 -2.84 -40.15 -17.88
N SER W 250 -4.16 -40.19 -17.77
CA SER W 250 -5.10 -40.15 -18.94
C SER W 250 -4.93 -38.82 -19.69
N GLU W 251 -4.59 -37.73 -19.01
CA GLU W 251 -4.48 -36.37 -19.61
C GLU W 251 -3.02 -36.00 -19.94
N ASP W 252 -2.11 -36.97 -19.98
CA ASP W 252 -0.69 -36.73 -20.33
C ASP W 252 -0.51 -36.74 -21.84
N PRO W 253 -0.19 -35.60 -22.48
CA PRO W 253 -0.01 -35.58 -23.93
C PRO W 253 1.14 -36.46 -24.43
N ALA W 254 2.13 -36.76 -23.57
CA ALA W 254 3.36 -37.51 -23.93
C ALA W 254 3.00 -38.91 -24.42
N GLY W 255 1.90 -39.48 -23.93
CA GLY W 255 1.40 -40.81 -24.34
C GLY W 255 0.08 -40.74 -25.07
N ASP W 256 -0.15 -39.63 -25.78
CA ASP W 256 -1.37 -39.40 -26.61
C ASP W 256 -2.59 -39.63 -25.73
N PHE W 257 -2.54 -39.01 -24.56
CA PHE W 257 -3.59 -39.01 -23.54
C PHE W 257 -4.11 -40.42 -23.27
N GLY W 258 -3.20 -41.32 -22.89
CA GLY W 258 -3.56 -42.71 -22.55
C GLY W 258 -3.49 -43.65 -23.74
N THR W 259 -3.97 -43.21 -24.90
CA THR W 259 -4.03 -44.02 -26.13
C THR W 259 -2.67 -44.59 -26.47
N GLY W 260 -1.65 -43.76 -26.56
CA GLY W 260 -0.30 -44.24 -26.89
C GLY W 260 0.20 -45.22 -25.86
N VAL W 261 -0.06 -44.94 -24.60
CA VAL W 261 0.37 -45.81 -23.47
C VAL W 261 -0.39 -47.14 -23.54
N LYS W 262 -1.67 -47.10 -23.88
CA LYS W 262 -2.45 -48.34 -24.01
C LYS W 262 -1.90 -49.16 -25.15
N ALA W 263 -1.52 -48.51 -26.25
CA ALA W 263 -0.96 -49.19 -27.42
C ALA W 263 0.35 -49.90 -27.09
N VAL W 264 1.18 -49.32 -26.24
CA VAL W 264 2.49 -49.91 -25.86
C VAL W 264 2.18 -51.20 -25.10
N ALA W 265 1.16 -51.15 -24.24
CA ALA W 265 0.77 -52.29 -23.37
C ALA W 265 0.20 -53.41 -24.25
N GLU W 266 -0.76 -53.10 -25.12
CA GLU W 266 -1.48 -54.12 -25.93
C GLU W 266 -0.46 -54.78 -26.88
N ARG W 267 0.59 -54.06 -27.31
CA ARG W 267 1.58 -54.55 -28.29
C ARG W 267 2.58 -55.48 -27.58
N LEU W 268 3.12 -55.06 -26.43
CA LEU W 268 3.99 -55.92 -25.59
C LEU W 268 3.18 -57.18 -25.23
N ARG W 269 1.90 -57.05 -24.92
CA ARG W 269 1.04 -58.20 -24.53
C ARG W 269 0.93 -59.17 -25.71
N ARG W 270 0.53 -58.67 -26.88
CA ARG W 270 0.44 -59.41 -28.19
C ARG W 270 1.66 -60.31 -28.37
N ASP W 271 2.87 -59.90 -27.94
CA ASP W 271 4.16 -60.64 -28.12
C ASP W 271 4.53 -61.35 -26.81
N GLY W 272 3.58 -61.52 -25.88
CA GLY W 272 3.71 -62.47 -24.76
C GLY W 272 4.34 -61.89 -23.51
N HIS W 273 4.42 -60.56 -23.40
CA HIS W 273 4.95 -59.87 -22.18
C HIS W 273 3.85 -59.73 -21.12
N ASN W 274 4.28 -59.73 -19.87
CA ASN W 274 3.48 -59.45 -18.65
C ASN W 274 3.56 -57.93 -18.38
N VAL W 275 2.47 -57.20 -18.57
CA VAL W 275 2.48 -55.70 -18.53
C VAL W 275 1.46 -55.19 -17.51
N GLU W 276 1.97 -54.76 -16.35
CA GLU W 276 1.18 -54.07 -15.30
C GLU W 276 1.06 -52.61 -15.74
N LEU W 277 -0.16 -52.14 -15.98
CA LEU W 277 -0.42 -50.75 -16.44
C LEU W 277 -1.21 -50.01 -15.35
N HIS W 278 -0.69 -48.85 -14.93
CA HIS W 278 -1.32 -47.92 -13.96
C HIS W 278 -1.65 -46.60 -14.69
N LEU W 279 -2.91 -46.35 -15.00
CA LEU W 279 -3.42 -45.13 -15.72
C LEU W 279 -4.28 -44.30 -14.76
N TYR W 280 -3.84 -43.10 -14.38
CA TYR W 280 -4.56 -42.24 -13.40
C TYR W 280 -5.48 -41.27 -14.15
N ASP W 281 -6.76 -41.39 -13.83
CA ASP W 281 -7.88 -40.68 -14.48
C ASP W 281 -7.77 -39.20 -14.09
N GLY W 282 -7.80 -38.30 -15.08
CA GLY W 282 -7.84 -36.84 -14.90
C GLY W 282 -6.50 -36.26 -14.47
N LEU W 283 -5.41 -37.00 -14.64
CA LEU W 283 -4.03 -36.55 -14.26
C LEU W 283 -3.18 -36.41 -15.52
N ARG W 284 -2.03 -35.77 -15.41
CA ARG W 284 -1.22 -35.29 -16.56
C ARG W 284 0.16 -35.95 -16.48
N HIS W 285 1.26 -35.25 -16.72
CA HIS W 285 2.52 -35.94 -17.10
C HIS W 285 3.19 -36.60 -15.88
N GLU W 286 3.45 -35.81 -14.83
CA GLU W 286 4.22 -36.23 -13.64
C GLU W 286 3.25 -36.83 -12.63
N VAL W 287 2.72 -38.03 -12.91
CA VAL W 287 1.84 -38.78 -11.97
C VAL W 287 2.64 -39.19 -10.73
N HIS W 288 3.97 -39.18 -10.77
CA HIS W 288 4.80 -39.46 -9.57
C HIS W 288 4.84 -38.22 -8.65
N ASN W 289 4.45 -37.03 -9.13
CA ASN W 289 4.56 -35.75 -8.35
C ASN W 289 3.17 -35.22 -7.98
N GLU W 290 2.11 -35.67 -8.65
CA GLU W 290 0.72 -35.20 -8.41
C GLU W 290 0.27 -35.63 -7.02
N PRO W 291 -0.08 -34.70 -6.11
CA PRO W 291 -0.57 -35.06 -4.77
C PRO W 291 -1.56 -36.24 -4.67
N GLU W 292 -2.46 -36.43 -5.64
CA GLU W 292 -3.52 -37.48 -5.56
C GLU W 292 -2.99 -38.84 -6.05
N SER W 293 -1.82 -38.93 -6.71
CA SER W 293 -1.32 -40.20 -7.30
C SER W 293 0.09 -40.59 -6.79
N ARG W 294 0.84 -39.69 -6.17
CA ARG W 294 2.24 -39.94 -5.75
C ARG W 294 2.33 -41.19 -4.87
N ALA W 295 1.41 -41.31 -3.92
CA ALA W 295 1.40 -42.42 -2.94
C ALA W 295 1.18 -43.74 -3.71
N ASP W 296 0.26 -43.78 -4.66
CA ASP W 296 -0.09 -45.03 -5.40
C ASP W 296 1.05 -45.41 -6.36
N VAL W 297 1.73 -44.43 -6.95
CA VAL W 297 2.90 -44.71 -7.84
C VAL W 297 4.03 -45.32 -7.02
N GLU W 298 4.30 -44.79 -5.84
CA GLU W 298 5.42 -45.26 -4.99
C GLU W 298 5.07 -46.64 -4.41
N SER W 299 3.88 -46.81 -3.83
CA SER W 299 3.45 -48.11 -3.22
C SER W 299 3.39 -49.21 -4.31
N SER W 300 2.84 -48.89 -5.49
CA SER W 300 2.75 -49.81 -6.65
C SER W 300 4.15 -50.17 -7.10
N LEU W 301 5.05 -49.17 -7.15
CA LEU W 301 6.43 -49.39 -7.61
C LEU W 301 7.08 -50.31 -6.61
N VAL W 302 6.96 -49.96 -5.33
CA VAL W 302 7.55 -50.75 -4.22
C VAL W 302 7.10 -52.21 -4.36
N THR W 303 5.82 -52.50 -4.46
CA THR W 303 5.31 -53.90 -4.61
C THR W 303 5.98 -54.57 -5.81
N PHE W 304 6.08 -53.83 -6.91
CA PHE W 304 6.64 -54.27 -8.21
C PHE W 304 8.08 -54.72 -7.99
N VAL W 305 8.92 -53.90 -7.36
CA VAL W 305 10.38 -54.19 -7.14
C VAL W 305 10.50 -55.46 -6.28
N ASP W 306 9.55 -55.68 -5.36
CA ASP W 306 9.52 -56.80 -4.38
C ASP W 306 9.20 -58.09 -5.13
N ARG W 307 8.56 -57.97 -6.30
CA ARG W 307 8.00 -59.09 -7.10
C ARG W 307 9.00 -59.42 -8.21
N VAL W 308 9.95 -58.52 -8.45
CA VAL W 308 11.02 -58.72 -9.45
C VAL W 308 12.14 -59.47 -8.76
N ALA W 309 12.29 -59.23 -7.46
CA ALA W 309 13.37 -59.85 -6.67
C ALA W 309 12.92 -61.18 -6.09
N ASN W 310 11.69 -61.60 -6.38
CA ASN W 310 11.07 -62.88 -5.97
C ASN W 310 10.87 -63.75 -7.22
N ALA X 2 11.86 -27.74 -5.02
CA ALA X 2 13.06 -26.98 -5.51
C ALA X 2 14.24 -27.19 -4.55
N LEU X 3 15.44 -27.10 -5.09
CA LEU X 3 16.74 -27.33 -4.41
C LEU X 3 17.61 -26.09 -4.64
N GLN X 4 18.33 -25.68 -3.62
CA GLN X 4 19.42 -24.67 -3.78
C GLN X 4 20.71 -25.32 -3.34
N GLU X 5 21.77 -25.09 -4.09
CA GLU X 5 23.14 -25.20 -3.56
C GLU X 5 23.54 -23.81 -3.09
N ILE X 6 23.81 -23.72 -1.80
CA ILE X 6 24.50 -22.56 -1.15
C ILE X 6 25.85 -23.05 -0.62
N GLU X 7 26.92 -22.47 -1.05
CA GLU X 7 28.19 -22.67 -0.37
C GLU X 7 28.64 -21.25 -0.07
N PHE X 8 29.46 -21.09 0.95
CA PHE X 8 30.00 -19.78 1.37
C PHE X 8 31.29 -20.10 2.11
N THR X 9 32.21 -19.13 2.16
CA THR X 9 33.50 -19.31 2.85
C THR X 9 33.20 -19.42 4.35
N SER X 10 33.74 -20.45 5.00
CA SER X 10 33.69 -20.54 6.48
C SER X 10 34.31 -19.28 7.07
N HIS X 11 34.03 -19.08 8.37
CA HIS X 11 34.69 -18.11 9.28
C HIS X 11 36.13 -18.56 9.59
N ASN X 12 36.48 -19.80 9.29
CA ASN X 12 37.87 -20.28 9.48
C ASN X 12 38.74 -19.84 8.28
N GLY X 13 38.13 -19.38 7.17
CA GLY X 13 38.84 -18.85 5.98
C GLY X 13 39.57 -19.94 5.18
N ARG X 14 39.20 -21.20 5.39
CA ARG X 14 39.84 -22.36 4.73
C ARG X 14 38.76 -23.12 3.94
N ASP X 15 37.82 -23.77 4.64
CA ASP X 15 36.82 -24.72 4.08
C ASP X 15 35.78 -23.97 3.25
N ALA X 16 35.22 -24.62 2.22
CA ALA X 16 34.00 -24.15 1.52
C ALA X 16 32.80 -24.83 2.14
N ILE X 17 32.00 -24.11 2.93
CA ILE X 17 30.85 -24.76 3.62
C ILE X 17 29.87 -25.18 2.54
N GLN X 18 29.69 -26.50 2.42
CA GLN X 18 28.70 -27.14 1.53
C GLN X 18 27.36 -27.09 2.25
N ALA X 19 26.39 -26.36 1.67
CA ALA X 19 25.04 -26.18 2.24
C ALA X 19 23.96 -26.34 1.17
N TRP X 20 22.76 -26.70 1.62
CA TRP X 20 21.57 -26.96 0.77
C TRP X 20 20.37 -26.29 1.39
N ALA X 21 19.49 -25.72 0.57
CA ALA X 21 18.09 -25.39 0.93
C ALA X 21 17.19 -26.25 0.08
N TYR X 22 16.18 -26.84 0.71
CA TYR X 22 15.11 -27.66 0.09
C TYR X 22 13.80 -26.91 0.31
N GLU X 23 13.10 -26.57 -0.78
CA GLU X 23 11.77 -25.91 -0.73
C GLU X 23 10.69 -26.91 -1.11
N PRO X 24 9.52 -26.87 -0.40
CA PRO X 24 8.41 -27.75 -0.71
C PRO X 24 7.62 -27.19 -1.90
N VAL X 25 6.73 -28.02 -2.45
CA VAL X 25 5.77 -27.56 -3.49
C VAL X 25 4.67 -26.79 -2.76
N GLY X 26 4.46 -25.55 -3.18
CA GLY X 26 3.43 -24.64 -2.67
C GLY X 26 4.01 -23.61 -1.72
N THR X 27 3.19 -23.09 -0.84
CA THR X 27 3.57 -22.00 0.08
C THR X 27 4.07 -22.63 1.38
N PRO X 28 5.37 -22.46 1.66
CA PRO X 28 5.93 -22.93 2.93
C PRO X 28 5.33 -22.16 4.12
N THR X 29 5.19 -22.81 5.27
CA THR X 29 4.65 -22.20 6.52
C THR X 29 5.74 -21.96 7.55
N ALA X 30 6.95 -22.50 7.34
CA ALA X 30 8.08 -22.37 8.28
C ALA X 30 9.40 -22.72 7.60
N VAL X 31 10.51 -22.33 8.22
CA VAL X 31 11.89 -22.75 7.86
C VAL X 31 12.42 -23.58 9.04
N VAL X 32 12.95 -24.77 8.78
CA VAL X 32 13.71 -25.56 9.79
C VAL X 32 15.18 -25.59 9.35
N GLN X 33 16.10 -25.24 10.25
CA GLN X 33 17.56 -25.37 10.04
C GLN X 33 17.99 -26.61 10.83
N ILE X 34 18.39 -27.68 10.14
CA ILE X 34 18.99 -28.91 10.74
C ILE X 34 20.47 -28.67 10.93
N ILE X 35 20.94 -28.86 12.16
CA ILE X 35 22.37 -28.75 12.57
C ILE X 35 22.84 -30.14 13.05
N HIS X 36 23.69 -30.76 12.25
CA HIS X 36 24.12 -32.15 12.46
C HIS X 36 25.22 -32.19 13.49
N GLY X 37 25.45 -33.38 14.00
CA GLY X 37 26.41 -33.64 15.08
C GLY X 37 27.74 -34.12 14.55
N LEU X 38 28.53 -34.65 15.47
CA LEU X 38 29.94 -35.00 15.24
C LEU X 38 29.95 -36.35 14.52
N GLY X 39 30.87 -36.51 13.56
CA GLY X 39 31.05 -37.73 12.74
C GLY X 39 29.79 -38.04 11.96
N GLU X 40 29.11 -37.00 11.45
CA GLU X 40 28.01 -37.16 10.47
C GLU X 40 27.91 -35.92 9.58
N HIS X 41 26.78 -35.77 8.90
CA HIS X 41 26.61 -34.79 7.80
C HIS X 41 25.12 -34.60 7.59
N SER X 42 24.74 -33.58 6.84
CA SER X 42 23.32 -33.12 6.73
C SER X 42 22.51 -33.96 5.75
N ARG X 43 23.14 -34.68 4.81
CA ARG X 43 22.37 -35.49 3.80
C ARG X 43 21.98 -36.85 4.39
N ARG X 44 22.58 -37.21 5.52
CA ARG X 44 22.13 -38.34 6.39
C ARG X 44 20.70 -38.10 6.90
N TYR X 45 20.13 -36.90 6.71
CA TYR X 45 18.79 -36.57 7.28
C TYR X 45 17.72 -36.69 6.20
N LEU X 46 18.03 -37.36 5.09
CA LEU X 46 17.10 -37.51 3.93
C LEU X 46 15.65 -37.77 4.41
N HIS X 47 15.42 -38.78 5.25
CA HIS X 47 14.05 -39.15 5.70
C HIS X 47 13.39 -37.96 6.42
N MET X 48 14.12 -37.28 7.29
CA MET X 48 13.59 -36.10 8.01
C MET X 48 13.37 -34.92 7.05
N ILE X 49 14.27 -34.67 6.12
CA ILE X 49 14.14 -33.56 5.16
C ILE X 49 12.87 -33.79 4.34
N SER X 50 12.66 -35.01 3.86
CA SER X 50 11.47 -35.29 3.03
C SER X 50 10.19 -35.16 3.87
N ALA X 51 10.25 -35.46 5.17
CA ALA X 51 9.07 -35.44 6.06
C ALA X 51 8.71 -34.00 6.41
N LEU X 52 9.71 -33.12 6.51
CA LEU X 52 9.48 -31.68 6.77
C LEU X 52 8.97 -31.01 5.47
N LEU X 53 9.56 -31.34 4.31
CA LEU X 53 9.02 -30.92 2.99
C LEU X 53 7.52 -31.28 2.91
N ASP X 54 7.14 -32.52 3.25
CA ASP X 54 5.74 -33.00 3.23
C ASP X 54 4.87 -32.13 4.17
N ALA X 55 5.41 -31.68 5.33
CA ALA X 55 4.69 -30.85 6.33
C ALA X 55 4.53 -29.42 5.82
N GLY X 56 5.27 -29.06 4.77
CA GLY X 56 5.18 -27.76 4.07
C GLY X 56 6.20 -26.76 4.59
N PHE X 57 7.36 -27.21 5.09
CA PHE X 57 8.45 -26.34 5.61
C PHE X 57 9.62 -26.33 4.63
N VAL X 58 10.29 -25.19 4.59
CA VAL X 58 11.62 -25.05 3.96
C VAL X 58 12.61 -25.69 4.92
N VAL X 59 13.60 -26.39 4.38
CA VAL X 59 14.66 -27.00 5.22
C VAL X 59 16.00 -26.48 4.70
N ILE X 60 16.85 -26.01 5.61
CA ILE X 60 18.22 -25.56 5.28
C ILE X 60 19.20 -26.28 6.21
N ALA X 61 20.33 -26.75 5.69
CA ALA X 61 21.37 -27.46 6.45
C ALA X 61 22.69 -27.37 5.71
N ASP X 62 23.78 -27.37 6.47
CA ASP X 62 25.16 -27.39 5.94
C ASP X 62 25.90 -28.57 6.58
N ASP X 63 26.89 -29.08 5.88
CA ASP X 63 27.94 -29.94 6.44
C ASP X 63 29.00 -28.99 7.04
N HIS X 64 29.33 -29.08 8.33
CA HIS X 64 30.12 -28.03 9.02
C HIS X 64 31.60 -28.25 8.72
N ALA X 65 32.43 -27.32 9.19
CA ALA X 65 33.90 -27.41 9.11
C ALA X 65 34.38 -28.78 9.59
N GLY X 66 35.20 -29.43 8.78
CA GLY X 66 35.78 -30.75 9.07
C GLY X 66 34.78 -31.88 8.94
N HIS X 67 33.64 -31.66 8.28
CA HIS X 67 32.59 -32.72 8.26
C HIS X 67 31.93 -32.89 6.90
N GLY X 68 31.33 -34.05 6.65
CA GLY X 68 30.60 -34.39 5.43
C GLY X 68 31.25 -33.95 4.11
N ARG X 69 30.48 -33.28 3.27
CA ARG X 69 30.92 -32.82 1.94
C ARG X 69 31.93 -31.68 2.06
N THR X 70 31.88 -30.94 3.16
CA THR X 70 32.84 -29.85 3.44
C THR X 70 34.24 -30.46 3.60
N ALA X 71 34.33 -31.57 4.30
CA ALA X 71 35.61 -32.29 4.54
C ALA X 71 36.05 -32.99 3.25
N MET X 72 35.09 -33.48 2.46
CA MET X 72 35.41 -34.19 1.20
C MET X 72 36.11 -33.15 0.29
N GLN X 73 35.51 -32.00 0.07
CA GLN X 73 36.01 -30.97 -0.87
C GLN X 73 37.31 -30.33 -0.36
N SER X 74 37.47 -30.15 0.95
CA SER X 74 38.58 -29.34 1.52
C SER X 74 39.76 -30.26 1.86
N GLY X 75 39.53 -31.58 2.02
CA GLY X 75 40.53 -32.56 2.49
C GLY X 75 40.60 -32.66 4.02
N VAL X 76 40.35 -31.59 4.77
CA VAL X 76 40.59 -31.53 6.25
C VAL X 76 39.38 -32.04 7.02
N TRP X 77 39.50 -33.21 7.66
CA TRP X 77 38.44 -33.86 8.50
C TRP X 77 38.64 -33.60 10.00
N ALA X 78 37.55 -33.51 10.77
CA ALA X 78 37.60 -33.50 12.25
C ALA X 78 38.44 -32.33 12.78
N ASP X 79 38.44 -31.22 12.03
CA ASP X 79 39.12 -29.96 12.43
C ASP X 79 38.43 -28.80 11.73
N ALA X 80 38.21 -27.71 12.44
CA ALA X 80 37.40 -26.54 12.01
C ALA X 80 38.22 -25.25 12.01
N GLY X 81 39.55 -25.32 12.19
CA GLY X 81 40.42 -24.13 12.35
C GLY X 81 40.57 -23.73 13.81
N ASP X 82 41.33 -22.67 14.09
CA ASP X 82 41.45 -22.09 15.46
C ASP X 82 40.06 -21.61 15.86
N ASN X 83 39.77 -21.56 17.17
CA ASN X 83 38.48 -21.03 17.67
C ASN X 83 37.32 -21.88 17.12
N ALA X 84 37.45 -23.20 17.08
CA ALA X 84 36.47 -24.12 16.43
C ALA X 84 35.01 -23.76 16.78
N ALA X 85 34.70 -23.49 18.05
CA ALA X 85 33.33 -23.17 18.51
C ALA X 85 32.79 -21.93 17.78
N GLU X 86 33.49 -20.79 17.82
CA GLU X 86 33.07 -19.51 17.16
C GLU X 86 32.86 -19.77 15.66
N VAL X 87 33.77 -20.55 15.06
CA VAL X 87 33.70 -20.95 13.62
C VAL X 87 32.34 -21.61 13.34
N VAL X 88 31.99 -22.70 14.03
CA VAL X 88 30.77 -23.47 13.68
C VAL X 88 29.53 -22.65 14.06
N ILE X 89 29.60 -21.84 15.11
CA ILE X 89 28.45 -20.94 15.47
C ILE X 89 28.26 -19.88 14.37
N SER X 90 29.31 -19.12 14.06
CA SER X 90 29.32 -18.11 12.95
C SER X 90 28.77 -18.73 11.65
N ASP X 91 29.23 -19.93 11.27
CA ASP X 91 28.78 -20.60 10.03
C ASP X 91 27.28 -20.86 10.10
N GLU X 92 26.74 -21.26 11.24
CA GLU X 92 25.28 -21.47 11.34
C GLU X 92 24.51 -20.15 11.23
N LEU X 93 25.07 -19.04 11.71
CA LEU X 93 24.43 -17.71 11.56
C LEU X 93 24.51 -17.28 10.10
N THR X 94 25.64 -17.54 9.44
CA THR X 94 25.85 -17.24 8.00
C THR X 94 24.89 -18.09 7.16
N LEU X 95 24.60 -19.33 7.60
CA LEU X 95 23.65 -20.23 6.91
C LEU X 95 22.30 -19.52 6.82
N GLN X 96 21.76 -19.02 7.93
CA GLN X 96 20.43 -18.35 7.94
C GLN X 96 20.39 -17.25 6.88
N GLN X 97 21.47 -16.47 6.81
CA GLN X 97 21.56 -15.23 5.99
C GLN X 97 21.51 -15.57 4.50
N GLN X 98 21.60 -16.85 4.11
CA GLN X 98 21.66 -17.26 2.69
C GLN X 98 20.25 -17.23 2.11
N LEU X 99 19.21 -17.28 2.96
CA LEU X 99 17.78 -17.15 2.55
C LEU X 99 17.29 -15.71 2.76
N ALA X 100 18.13 -14.76 3.21
CA ALA X 100 17.70 -13.38 3.53
C ALA X 100 16.90 -12.84 2.36
N GLY X 101 15.67 -12.39 2.60
CA GLY X 101 14.77 -11.80 1.57
C GLY X 101 13.95 -12.86 0.85
N GLN X 102 14.12 -14.14 1.18
CA GLN X 102 13.37 -15.26 0.54
C GLN X 102 12.23 -15.65 1.48
N PHE X 103 12.47 -15.69 2.78
CA PHE X 103 11.43 -16.10 3.76
C PHE X 103 11.49 -15.27 5.06
N ASP X 104 11.62 -13.94 4.96
CA ASP X 104 11.76 -13.02 6.12
C ASP X 104 10.51 -13.11 7.01
N ASP X 105 9.32 -13.28 6.43
CA ASP X 105 8.02 -13.38 7.14
C ASP X 105 7.90 -14.72 7.90
N LEU X 106 8.51 -15.84 7.45
CA LEU X 106 8.24 -17.20 8.01
C LEU X 106 8.93 -17.36 9.36
N PRO X 107 8.36 -18.18 10.29
CA PRO X 107 9.02 -18.58 11.52
C PRO X 107 10.22 -19.47 11.20
N TRP X 108 11.22 -19.45 12.09
CA TRP X 108 12.52 -20.14 11.91
C TRP X 108 12.77 -21.08 13.09
N VAL X 109 12.67 -22.40 12.89
CA VAL X 109 13.01 -23.40 13.96
C VAL X 109 14.40 -24.01 13.68
N VAL X 110 15.22 -24.13 14.72
CA VAL X 110 16.54 -24.81 14.67
C VAL X 110 16.32 -26.17 15.32
N PHE X 111 16.73 -27.21 14.62
CA PHE X 111 16.86 -28.58 15.17
C PHE X 111 18.34 -28.92 15.21
N GLY X 112 18.88 -29.11 16.42
CA GLY X 112 20.28 -29.48 16.65
C GLY X 112 20.37 -30.84 17.27
N HIS X 113 21.15 -31.72 16.67
CA HIS X 113 21.41 -33.06 17.22
C HIS X 113 22.86 -33.11 17.70
N SER X 114 23.10 -33.68 18.89
CA SER X 114 24.40 -33.92 19.59
C SER X 114 25.24 -32.62 19.64
N TRP X 115 26.41 -32.59 18.99
CA TRP X 115 27.22 -31.36 18.80
C TRP X 115 26.35 -30.26 18.19
N GLY X 116 25.41 -30.65 17.32
CA GLY X 116 24.47 -29.70 16.69
C GLY X 116 23.54 -29.08 17.74
N SER X 117 23.22 -29.84 18.80
CA SER X 117 22.42 -29.40 19.96
C SER X 117 23.18 -28.31 20.73
N MET X 118 24.47 -28.53 20.99
CA MET X 118 25.27 -27.57 21.78
C MET X 118 25.44 -26.29 20.96
N ILE X 119 25.70 -26.44 19.66
CA ILE X 119 25.75 -25.31 18.70
C ILE X 119 24.40 -24.58 18.76
N ALA X 120 23.28 -25.31 18.74
CA ALA X 120 21.93 -24.68 18.70
C ALA X 120 21.73 -23.85 19.97
N ARG X 121 22.22 -24.34 21.10
CA ARG X 121 22.00 -23.67 22.40
C ARG X 121 22.86 -22.39 22.46
N ALA X 122 24.10 -22.45 21.98
CA ALA X 122 25.00 -21.29 21.87
C ALA X 122 24.31 -20.23 21.00
N MET X 123 23.86 -20.60 19.82
CA MET X 123 23.17 -19.66 18.89
C MET X 123 22.02 -18.98 19.63
N ALA X 124 21.18 -19.72 20.37
CA ALA X 124 19.98 -19.18 21.04
C ALA X 124 20.36 -18.05 22.00
N THR X 125 21.59 -18.07 22.55
CA THR X 125 22.10 -17.11 23.56
C THR X 125 22.82 -15.91 22.94
N ARG X 126 22.86 -15.81 21.61
CA ARG X 126 23.62 -14.77 20.86
C ARG X 126 22.67 -13.71 20.37
N PRO X 127 23.03 -12.42 20.59
CA PRO X 127 22.31 -11.30 19.98
C PRO X 127 21.86 -11.49 18.54
N GLY X 128 20.63 -11.09 18.23
CA GLY X 128 20.08 -11.12 16.86
C GLY X 128 20.42 -12.40 16.12
N THR X 129 20.24 -13.55 16.78
CA THR X 129 20.00 -14.87 16.14
C THR X 129 18.52 -14.93 15.81
N ARG X 130 18.17 -15.44 14.63
CA ARG X 130 16.78 -15.72 14.17
C ARG X 130 16.32 -17.09 14.66
N LEU X 131 15.44 -17.11 15.67
CA LEU X 131 15.07 -18.36 16.40
C LEU X 131 13.67 -18.16 17.02
N ASP X 132 12.66 -18.74 16.40
CA ASP X 132 11.27 -18.72 16.90
C ASP X 132 10.97 -20.02 17.67
N GLY X 133 11.79 -21.07 17.51
CA GLY X 133 11.63 -22.34 18.22
C GLY X 133 12.94 -23.09 18.28
N LEU X 134 13.24 -23.74 19.40
CA LEU X 134 14.44 -24.57 19.56
C LEU X 134 14.01 -26.03 19.75
N ALA X 135 14.50 -26.93 18.87
CA ALA X 135 14.32 -28.41 18.99
C ALA X 135 15.69 -29.06 19.15
N LEU X 136 15.89 -29.74 20.27
CA LEU X 136 17.21 -30.33 20.58
C LEU X 136 17.04 -31.84 20.58
N CYS X 137 18.00 -32.54 19.95
CA CYS X 137 18.07 -34.00 19.83
C CYS X 137 19.44 -34.45 20.33
N GLY X 138 19.53 -35.62 20.98
CA GLY X 138 20.76 -36.19 21.56
C GLY X 138 21.51 -35.18 22.42
N ILE X 139 20.81 -34.61 23.40
CA ILE X 139 21.29 -33.44 24.16
C ILE X 139 22.56 -33.88 24.90
N VAL X 140 23.57 -33.01 24.87
CA VAL X 140 24.85 -33.19 25.59
C VAL X 140 24.79 -32.40 26.91
N ALA X 141 24.59 -33.10 28.02
CA ALA X 141 24.23 -32.48 29.31
C ALA X 141 24.69 -33.42 30.41
N GLN X 142 25.76 -33.03 31.09
CA GLN X 142 26.28 -33.64 32.35
C GLN X 142 26.79 -35.08 32.16
N PRO X 143 27.41 -35.51 31.04
CA PRO X 143 28.06 -36.83 31.05
C PRO X 143 29.36 -36.67 31.84
N ARG X 144 29.89 -37.74 32.44
CA ARG X 144 31.01 -37.63 33.41
C ARG X 144 32.18 -36.90 32.75
N GLY X 145 32.48 -37.27 31.50
CA GLY X 145 33.64 -36.73 30.76
C GLY X 145 33.67 -35.22 30.74
N PHE X 146 32.68 -34.59 30.13
CA PHE X 146 32.50 -33.12 30.03
C PHE X 146 32.41 -32.50 31.44
N GLU X 147 31.62 -33.07 32.37
CA GLU X 147 31.39 -32.48 33.73
C GLU X 147 32.66 -32.57 34.57
N THR X 148 33.28 -33.76 34.66
CA THR X 148 34.28 -34.06 35.73
C THR X 148 35.65 -34.50 35.19
N THR X 149 35.73 -35.59 34.43
CA THR X 149 37.00 -36.28 34.07
C THR X 149 37.92 -35.36 33.23
N LEU X 150 37.43 -34.79 32.12
CA LEU X 150 38.23 -33.93 31.22
C LEU X 150 39.00 -32.93 32.08
N ASP X 151 40.33 -33.01 32.03
CA ASP X 151 41.28 -32.13 32.74
C ASP X 151 41.58 -30.89 31.88
N HIS X 152 40.99 -29.75 32.22
CA HIS X 152 41.08 -28.47 31.46
C HIS X 152 42.52 -27.91 31.46
N LYS X 153 43.39 -28.39 32.35
CA LYS X 153 44.82 -27.98 32.36
C LYS X 153 45.58 -28.79 31.30
N THR X 154 45.42 -30.11 31.28
CA THR X 154 46.00 -30.96 30.22
C THR X 154 45.53 -30.47 28.83
N LEU X 155 44.28 -30.05 28.69
CA LEU X 155 43.75 -29.61 27.38
C LEU X 155 44.49 -28.35 26.93
N ALA X 156 44.51 -27.31 27.78
CA ALA X 156 45.02 -25.95 27.47
C ALA X 156 46.53 -26.03 27.18
N LYS X 157 47.20 -26.99 27.83
CA LYS X 157 48.63 -27.31 27.66
C LYS X 157 48.80 -27.92 26.26
N ALA X 158 48.00 -28.93 25.88
CA ALA X 158 48.09 -29.60 24.56
C ALA X 158 47.82 -28.56 23.48
N MET X 159 46.90 -27.64 23.77
CA MET X 159 46.46 -26.51 22.93
C MET X 159 47.59 -25.52 22.69
N ALA X 160 48.35 -25.19 23.75
CA ALA X 160 49.50 -24.27 23.71
C ALA X 160 50.59 -24.87 22.80
N THR X 161 50.96 -26.15 23.01
CA THR X 161 52.14 -26.80 22.36
C THR X 161 51.82 -27.28 20.92
N ALA X 162 50.60 -27.75 20.61
CA ALA X 162 50.31 -28.50 19.35
C ALA X 162 48.81 -28.52 19.03
N PRO X 163 48.22 -27.34 18.70
CA PRO X 163 46.78 -27.20 18.45
C PRO X 163 46.21 -27.90 17.20
N THR X 164 47.04 -28.16 16.17
CA THR X 164 46.68 -28.79 14.88
C THR X 164 47.05 -30.28 14.83
N ASP X 165 47.79 -30.81 15.81
CA ASP X 165 48.12 -32.27 15.89
C ASP X 165 46.87 -33.04 16.30
N PRO X 166 46.77 -34.38 16.10
CA PRO X 166 45.66 -35.16 16.64
C PRO X 166 45.58 -35.03 18.18
N ALA X 167 44.37 -34.88 18.72
CA ALA X 167 44.12 -34.81 20.18
C ALA X 167 44.70 -36.06 20.84
N PRO X 168 45.58 -35.93 21.86
CA PRO X 168 46.12 -37.10 22.56
C PRO X 168 45.00 -38.03 23.06
N GLU X 169 45.23 -39.34 23.00
CA GLU X 169 44.26 -40.40 23.41
C GLU X 169 43.61 -40.03 24.76
N ALA X 170 44.45 -39.77 25.78
CA ALA X 170 44.05 -39.43 27.17
C ALA X 170 42.93 -38.37 27.15
N LEU X 171 43.07 -37.29 26.36
CA LEU X 171 42.07 -36.18 26.39
C LEU X 171 40.74 -36.65 25.76
N VAL X 172 40.80 -37.35 24.64
CA VAL X 172 39.62 -37.95 23.94
C VAL X 172 38.89 -38.88 24.94
N ALA X 173 39.62 -39.75 25.64
CA ALA X 173 39.04 -40.79 26.54
C ALA X 173 38.41 -40.12 27.76
N GLN X 174 39.07 -39.12 28.33
CA GLN X 174 38.47 -38.24 29.36
C GLN X 174 37.20 -37.60 28.81
N MET X 175 37.27 -36.93 27.65
CA MET X 175 36.11 -36.16 27.12
C MET X 175 34.87 -37.08 27.02
N PHE X 176 35.04 -38.34 26.62
CA PHE X 176 33.94 -39.28 26.27
C PHE X 176 33.84 -40.37 27.36
N ASP X 177 34.44 -40.08 28.52
CA ASP X 177 34.20 -40.88 29.77
C ASP X 177 32.68 -40.89 30.06
N GLY X 178 32.15 -42.06 30.41
CA GLY X 178 30.70 -42.24 30.58
C GLY X 178 30.00 -42.82 29.37
N PHE X 179 30.60 -42.70 28.17
CA PHE X 179 29.95 -43.03 26.88
C PHE X 179 29.82 -44.56 26.72
N ALA X 180 30.73 -45.32 27.34
CA ALA X 180 30.77 -46.81 27.33
C ALA X 180 30.12 -47.42 28.58
N ASP X 181 29.61 -46.62 29.53
CA ASP X 181 29.16 -47.16 30.84
C ASP X 181 28.14 -48.31 30.69
N ARG X 182 27.29 -48.34 29.65
CA ARG X 182 26.17 -49.32 29.56
C ARG X 182 26.28 -50.24 28.32
N LEU X 183 27.42 -50.27 27.64
CA LEU X 183 27.58 -51.19 26.49
C LEU X 183 28.03 -52.57 27.01
N SER X 184 27.30 -53.64 26.68
CA SER X 184 27.77 -55.07 26.67
C SER X 184 28.78 -55.27 25.53
N GLU X 185 29.50 -56.38 25.46
CA GLU X 185 30.51 -56.62 24.37
C GLU X 185 29.76 -57.00 23.08
N ASP X 186 28.65 -57.72 23.25
CA ASP X 186 27.50 -57.81 22.30
C ASP X 186 27.27 -56.49 21.53
N ASP X 187 27.46 -55.34 22.20
CA ASP X 187 27.20 -53.97 21.66
C ASP X 187 28.40 -53.46 20.84
N GLY X 188 29.65 -53.64 21.27
CA GLY X 188 30.80 -52.96 20.63
C GLY X 188 30.85 -51.46 20.97
N PRO X 189 31.93 -50.71 20.61
CA PRO X 189 32.27 -49.46 21.28
C PRO X 189 31.57 -48.19 20.75
N THR X 190 30.84 -48.32 19.64
CA THR X 190 29.96 -47.26 19.06
C THR X 190 28.52 -47.68 19.34
N GLY X 191 28.32 -48.76 20.10
CA GLY X 191 27.00 -49.21 20.59
C GLY X 191 26.15 -48.03 21.07
N TRP X 192 26.76 -46.99 21.65
CA TRP X 192 25.99 -45.86 22.24
C TRP X 192 25.21 -45.15 21.12
N VAL X 193 25.68 -45.20 19.88
CA VAL X 193 25.07 -44.43 18.75
C VAL X 193 23.58 -44.82 18.65
N ALA X 194 23.22 -46.09 18.82
CA ALA X 194 21.82 -46.56 18.68
C ALA X 194 21.65 -47.99 19.20
N ARG X 195 20.51 -48.29 19.82
CA ARG X 195 20.07 -49.68 20.10
C ARG X 195 20.12 -50.52 18.81
N SER X 196 19.70 -49.95 17.67
CA SER X 196 19.59 -50.68 16.37
C SER X 196 20.98 -50.91 15.76
N LYS X 197 21.47 -52.14 15.75
CA LYS X 197 22.81 -52.50 15.20
C LYS X 197 22.86 -52.01 13.75
N GLU X 198 21.73 -52.13 13.03
CA GLU X 198 21.58 -51.71 11.62
C GLU X 198 21.84 -50.21 11.44
N VAL X 199 21.39 -49.36 12.37
CA VAL X 199 21.78 -47.91 12.34
C VAL X 199 23.30 -47.77 12.53
N VAL X 200 23.87 -48.45 13.52
CA VAL X 200 25.31 -48.33 13.89
C VAL X 200 26.20 -48.78 12.73
N ALA X 201 25.85 -49.88 12.07
CA ALA X 201 26.54 -50.43 10.89
C ALA X 201 26.54 -49.39 9.75
N ASP X 202 25.36 -48.90 9.34
CA ASP X 202 25.29 -47.79 8.33
C ASP X 202 26.12 -46.59 8.82
N HIS X 203 25.97 -46.17 10.08
CA HIS X 203 26.73 -45.01 10.64
C HIS X 203 28.22 -45.19 10.37
N GLY X 204 28.70 -46.44 10.54
CA GLY X 204 30.10 -46.86 10.30
C GLY X 204 30.52 -46.83 8.84
N LYS X 205 29.65 -47.33 7.95
CA LYS X 205 30.00 -47.48 6.50
C LYS X 205 29.94 -46.11 5.81
N ASP X 206 28.96 -45.27 6.15
CA ASP X 206 28.66 -44.02 5.39
C ASP X 206 29.97 -43.24 5.16
N LYS X 207 30.38 -43.13 3.90
CA LYS X 207 31.62 -42.41 3.53
C LYS X 207 31.55 -40.93 3.92
N PHE X 208 30.36 -40.35 3.89
CA PHE X 208 30.20 -38.93 4.26
C PHE X 208 30.35 -38.73 5.78
N ASN X 209 30.29 -39.80 6.56
CA ASN X 209 30.51 -39.69 8.02
C ASN X 209 32.01 -39.70 8.30
N ASN X 210 32.73 -40.61 7.64
CA ASN X 210 34.19 -40.84 7.77
C ASN X 210 34.47 -41.47 9.13
N PHE X 211 34.69 -42.78 9.15
CA PHE X 211 34.83 -43.37 10.49
C PHE X 211 36.25 -43.29 11.02
N GLY X 212 36.35 -42.86 12.27
CA GLY X 212 37.63 -42.80 12.99
C GLY X 212 38.46 -41.62 12.62
N ALA X 213 37.92 -40.65 11.90
CA ALA X 213 38.75 -39.46 11.61
C ALA X 213 39.15 -38.89 12.96
N PRO X 214 40.45 -38.84 13.28
CA PRO X 214 40.88 -38.38 14.58
C PRO X 214 40.63 -36.88 14.67
N MET X 215 40.15 -36.45 15.82
CA MET X 215 39.89 -35.00 15.99
C MET X 215 41.22 -34.31 16.27
N SER X 216 41.29 -33.01 15.97
CA SER X 216 42.43 -32.17 16.38
C SER X 216 42.20 -31.64 17.80
N THR X 217 43.31 -31.41 18.51
CA THR X 217 43.39 -30.78 19.85
C THR X 217 42.61 -29.46 19.85
N ARG X 218 42.73 -28.64 18.82
CA ARG X 218 41.97 -27.36 18.84
C ARG X 218 40.49 -27.69 18.58
N PHE X 219 40.18 -28.77 17.86
CA PHE X 219 38.76 -29.16 17.62
C PHE X 219 38.17 -29.60 18.97
N LEU X 220 38.94 -30.36 19.77
CA LEU X 220 38.52 -30.87 21.10
C LEU X 220 38.28 -29.70 22.07
N GLN X 221 39.19 -28.72 22.12
CA GLN X 221 39.00 -27.47 22.87
C GLN X 221 37.69 -26.86 22.41
N GLY X 222 37.39 -26.97 21.10
CA GLY X 222 36.13 -26.47 20.53
C GLY X 222 34.92 -27.11 21.19
N LEU X 223 34.98 -28.42 21.37
CA LEU X 223 33.93 -29.20 22.07
C LEU X 223 33.86 -28.80 23.56
N ALA X 224 34.96 -28.65 24.26
CA ALA X 224 34.91 -28.22 25.68
C ALA X 224 34.21 -26.87 25.74
N ASP X 225 34.46 -25.99 24.77
CA ASP X 225 34.02 -24.58 24.80
C ASP X 225 32.52 -24.55 24.48
N ILE X 226 32.10 -25.37 23.51
CA ILE X 226 30.70 -25.29 23.02
C ILE X 226 29.85 -25.91 24.14
N TYR X 227 30.37 -26.96 24.79
CA TYR X 227 29.76 -27.57 25.99
C TYR X 227 29.45 -26.50 27.04
N ALA X 228 30.46 -25.75 27.48
CA ALA X 228 30.37 -24.70 28.52
C ALA X 228 29.40 -23.58 28.10
N MET X 229 29.31 -23.27 26.80
CA MET X 229 28.35 -22.26 26.28
C MET X 229 26.93 -22.82 26.43
N ALA X 230 26.73 -24.07 26.03
CA ALA X 230 25.42 -24.78 25.99
C ALA X 230 24.89 -25.06 27.40
N ASN X 231 25.77 -25.36 28.36
CA ASN X 231 25.41 -25.96 29.68
C ASN X 231 25.68 -25.01 30.85
N GLY X 232 26.10 -23.78 30.58
CA GLY X 232 26.68 -22.88 31.59
C GLY X 232 25.66 -21.87 32.06
N ASP X 233 25.97 -21.13 33.12
CA ASP X 233 24.95 -20.31 33.82
C ASP X 233 24.36 -19.29 32.83
N SER X 234 25.16 -18.72 31.94
CA SER X 234 24.69 -17.69 30.95
C SER X 234 23.60 -18.30 30.07
N PHE X 235 23.82 -19.43 29.39
CA PHE X 235 22.77 -20.08 28.56
C PHE X 235 21.42 -20.15 29.32
N TYR X 236 21.40 -20.68 30.54
CA TYR X 236 20.15 -20.92 31.31
C TYR X 236 19.52 -19.57 31.66
N ALA X 237 20.35 -18.56 31.94
CA ALA X 237 19.88 -17.20 32.30
C ALA X 237 19.41 -16.43 31.05
N THR X 238 19.99 -16.60 29.87
CA THR X 238 19.65 -15.74 28.69
C THR X 238 18.73 -16.47 27.70
N MET X 239 18.53 -17.80 27.78
CA MET X 239 17.69 -18.55 26.82
C MET X 239 16.37 -17.81 26.63
N PRO X 240 16.04 -17.32 25.41
CA PRO X 240 14.79 -16.61 25.15
C PRO X 240 13.52 -17.42 25.47
N ASN X 241 12.42 -16.70 25.74
CA ASN X 241 11.15 -17.34 26.14
C ASN X 241 10.38 -17.68 24.87
N ILE X 242 10.74 -18.81 24.28
CA ILE X 242 10.18 -19.34 23.01
C ILE X 242 9.94 -20.84 23.22
N PRO X 243 9.13 -21.50 22.36
CA PRO X 243 8.90 -22.94 22.49
C PRO X 243 10.22 -23.72 22.38
N ILE X 244 10.43 -24.61 23.35
CA ILE X 244 11.59 -25.54 23.43
C ILE X 244 11.08 -27.00 23.41
N VAL X 245 11.61 -27.84 22.52
CA VAL X 245 11.31 -29.30 22.53
C VAL X 245 12.61 -30.09 22.59
N LEU X 246 12.71 -31.03 23.53
CA LEU X 246 13.89 -31.96 23.69
C LEU X 246 13.51 -33.39 23.28
N PHE X 247 14.41 -34.07 22.57
CA PHE X 247 14.28 -35.50 22.18
C PHE X 247 15.55 -36.25 22.62
N ALA X 248 15.37 -37.30 23.39
CA ALA X 248 16.51 -38.02 23.97
C ALA X 248 16.12 -39.45 24.32
N GLY X 249 17.05 -40.39 24.14
CA GLY X 249 16.92 -41.79 24.59
C GLY X 249 17.43 -41.95 26.01
N SER X 250 16.72 -42.71 26.82
CA SER X 250 17.02 -42.94 28.26
C SER X 250 18.42 -43.57 28.39
N GLU X 251 18.93 -44.23 27.33
CA GLU X 251 20.21 -44.99 27.32
C GLU X 251 21.31 -44.23 26.56
N ASP X 252 21.07 -42.96 26.20
CA ASP X 252 22.02 -42.07 25.50
C ASP X 252 23.02 -41.57 26.53
N PRO X 253 24.31 -41.95 26.49
CA PRO X 253 25.28 -41.42 27.45
C PRO X 253 25.49 -39.90 27.40
N ALA X 254 25.21 -39.27 26.25
CA ALA X 254 25.42 -37.82 26.02
C ALA X 254 24.63 -36.99 27.05
N GLY X 255 23.43 -37.42 27.35
CA GLY X 255 22.59 -36.68 28.30
C GLY X 255 22.64 -37.33 29.64
N ASP X 256 23.75 -37.98 29.94
CA ASP X 256 23.96 -38.74 31.19
C ASP X 256 22.79 -39.71 31.38
N PHE X 257 22.46 -40.44 30.32
CA PHE X 257 21.42 -41.49 30.35
C PHE X 257 20.11 -40.99 30.94
N GLY X 258 19.52 -39.97 30.31
CA GLY X 258 18.24 -39.40 30.73
C GLY X 258 18.35 -38.30 31.78
N THR X 259 19.17 -38.50 32.81
CA THR X 259 19.37 -37.60 33.97
C THR X 259 19.78 -36.19 33.55
N GLY X 260 20.82 -36.07 32.72
CA GLY X 260 21.24 -34.73 32.26
C GLY X 260 20.13 -34.02 31.50
N VAL X 261 19.36 -34.75 30.72
CA VAL X 261 18.24 -34.19 29.93
C VAL X 261 17.15 -33.67 30.86
N LYS X 262 16.69 -34.46 31.84
CA LYS X 262 15.68 -34.02 32.83
C LYS X 262 16.18 -32.75 33.55
N ALA X 263 17.43 -32.71 34.01
CA ALA X 263 18.01 -31.54 34.71
C ALA X 263 17.98 -30.31 33.78
N VAL X 264 18.17 -30.50 32.47
CA VAL X 264 18.05 -29.43 31.45
C VAL X 264 16.60 -28.93 31.43
N ALA X 265 15.64 -29.82 31.31
CA ALA X 265 14.19 -29.48 31.31
C ALA X 265 13.82 -28.73 32.60
N GLU X 266 14.20 -29.26 33.78
CA GLU X 266 13.87 -28.74 35.14
C GLU X 266 14.54 -27.38 35.35
N ARG X 267 15.77 -27.17 34.87
CA ARG X 267 16.43 -25.86 35.04
C ARG X 267 15.79 -24.84 34.09
N LEU X 268 15.42 -25.23 32.87
CA LEU X 268 14.68 -24.29 31.98
C LEU X 268 13.31 -24.01 32.60
N ARG X 269 12.66 -25.00 33.19
CA ARG X 269 11.30 -24.81 33.78
C ARG X 269 11.35 -23.89 35.01
N ARG X 270 12.28 -24.13 35.93
CA ARG X 270 12.59 -23.30 37.13
C ARG X 270 12.58 -21.81 36.75
N ASP X 271 13.22 -21.45 35.62
CA ASP X 271 13.44 -20.05 35.16
C ASP X 271 12.23 -19.58 34.32
N GLY X 272 11.15 -20.38 34.26
CA GLY X 272 9.83 -20.04 33.69
C GLY X 272 9.65 -20.43 32.22
N HIS X 273 10.53 -21.28 31.67
CA HIS X 273 10.49 -21.67 30.24
C HIS X 273 9.43 -22.73 30.00
N ASN X 274 8.94 -22.80 28.78
CA ASN X 274 7.99 -23.84 28.28
C ASN X 274 8.81 -24.98 27.63
N VAL X 275 8.84 -26.17 28.22
CA VAL X 275 9.71 -27.28 27.72
C VAL X 275 8.86 -28.52 27.47
N GLU X 276 8.82 -28.95 26.22
CA GLU X 276 8.30 -30.26 25.80
C GLU X 276 9.47 -31.26 25.78
N LEU X 277 9.40 -32.29 26.63
CA LEU X 277 10.41 -33.37 26.77
C LEU X 277 9.83 -34.68 26.17
N HIS X 278 10.48 -35.27 25.16
CA HIS X 278 10.25 -36.66 24.69
C HIS X 278 11.47 -37.54 25.07
N LEU X 279 11.29 -38.38 26.08
CA LEU X 279 12.29 -39.36 26.55
C LEU X 279 11.94 -40.76 26.03
N TYR X 280 12.78 -41.37 25.18
CA TYR X 280 12.41 -42.67 24.58
C TYR X 280 13.11 -43.76 25.39
N ASP X 281 12.33 -44.41 26.23
CA ASP X 281 12.76 -45.51 27.13
C ASP X 281 13.49 -46.59 26.31
N GLY X 282 14.71 -47.01 26.68
CA GLY X 282 15.44 -48.16 26.08
C GLY X 282 16.32 -47.82 24.87
N LEU X 283 16.06 -46.71 24.17
CA LEU X 283 16.79 -46.29 22.95
C LEU X 283 18.01 -45.49 23.37
N ARG X 284 18.95 -45.31 22.45
CA ARG X 284 20.23 -44.62 22.72
C ARG X 284 20.26 -43.24 22.04
N HIS X 285 21.40 -42.88 21.44
CA HIS X 285 21.73 -41.47 21.10
C HIS X 285 20.81 -41.00 19.97
N GLU X 286 20.73 -41.78 18.88
CA GLU X 286 20.14 -41.27 17.61
C GLU X 286 18.66 -41.66 17.57
N VAL X 287 17.86 -41.08 18.47
CA VAL X 287 16.39 -41.37 18.59
C VAL X 287 15.68 -40.95 17.30
N HIS X 288 16.28 -40.05 16.52
CA HIS X 288 15.69 -39.62 15.23
C HIS X 288 15.95 -40.71 14.20
N ASN X 289 16.93 -41.59 14.46
CA ASN X 289 17.34 -42.65 13.50
C ASN X 289 16.88 -44.02 13.96
N GLU X 290 16.69 -44.26 15.27
CA GLU X 290 16.18 -45.54 15.82
C GLU X 290 14.87 -45.83 15.10
N PRO X 291 14.63 -47.03 14.56
CA PRO X 291 13.39 -47.28 13.80
C PRO X 291 12.13 -47.22 14.67
N GLU X 292 12.19 -47.51 15.97
CA GLU X 292 10.98 -47.55 16.85
C GLU X 292 10.58 -46.12 17.24
N SER X 293 11.47 -45.13 17.16
CA SER X 293 11.21 -43.74 17.62
C SER X 293 11.20 -42.73 16.47
N ARG X 294 11.72 -43.09 15.30
CA ARG X 294 11.93 -42.13 14.18
C ARG X 294 10.63 -41.36 13.89
N ALA X 295 9.53 -42.09 13.66
CA ALA X 295 8.29 -41.53 13.13
C ALA X 295 7.71 -40.60 14.20
N ASP X 296 7.84 -40.96 15.47
CA ASP X 296 7.41 -40.12 16.62
C ASP X 296 8.26 -38.82 16.72
N VAL X 297 9.58 -38.89 16.53
CA VAL X 297 10.48 -37.70 16.56
C VAL X 297 10.04 -36.73 15.45
N GLU X 298 9.77 -37.24 14.26
CA GLU X 298 9.42 -36.40 13.09
C GLU X 298 8.03 -35.80 13.29
N SER X 299 6.99 -36.60 13.55
CA SER X 299 5.60 -36.08 13.70
C SER X 299 5.55 -35.12 14.90
N SER X 300 6.20 -35.44 16.02
CA SER X 300 6.38 -34.50 17.18
C SER X 300 7.01 -33.17 16.71
N LEU X 301 8.04 -33.20 15.87
CA LEU X 301 8.75 -31.98 15.45
C LEU X 301 7.86 -31.18 14.50
N VAL X 302 7.15 -31.85 13.59
CA VAL X 302 6.16 -31.18 12.70
C VAL X 302 5.18 -30.41 13.59
N THR X 303 4.62 -31.09 14.61
CA THR X 303 3.60 -30.52 15.51
C THR X 303 4.25 -29.30 16.18
N PHE X 304 5.46 -29.46 16.67
CA PHE X 304 6.20 -28.37 17.37
C PHE X 304 6.30 -27.16 16.43
N VAL X 305 6.74 -27.39 15.19
CA VAL X 305 6.96 -26.28 14.21
C VAL X 305 5.61 -25.62 13.91
N ASP X 306 4.55 -26.43 13.81
CA ASP X 306 3.20 -25.92 13.46
C ASP X 306 2.81 -24.93 14.54
N ARG X 307 3.17 -25.21 15.79
CA ARG X 307 2.75 -24.36 16.93
C ARG X 307 3.65 -23.12 17.10
N VAL X 308 4.88 -23.14 16.62
CA VAL X 308 5.69 -21.89 16.74
C VAL X 308 5.19 -20.89 15.70
N ALA X 309 4.68 -21.41 14.58
CA ALA X 309 4.05 -20.64 13.48
C ALA X 309 2.72 -20.02 13.96
N ASN X 310 2.07 -20.70 14.92
CA ASN X 310 0.86 -20.34 15.71
C ASN X 310 -0.41 -20.97 15.16
N ALA Y 2 -54.72 64.40 14.60
CA ALA Y 2 -53.34 64.83 14.19
C ALA Y 2 -53.44 65.62 12.88
N LEU Y 3 -52.49 66.52 12.66
CA LEU Y 3 -52.52 67.34 11.44
C LEU Y 3 -51.14 67.24 10.76
N GLN Y 4 -51.18 67.14 9.44
CA GLN Y 4 -50.01 67.27 8.54
C GLN Y 4 -50.28 68.44 7.58
N GLU Y 5 -49.32 69.35 7.43
CA GLU Y 5 -49.24 70.25 6.25
C GLU Y 5 -48.30 69.60 5.23
N ILE Y 6 -48.80 69.46 4.02
CA ILE Y 6 -48.13 68.91 2.83
C ILE Y 6 -48.11 70.02 1.80
N GLU Y 7 -46.94 70.39 1.33
CA GLU Y 7 -46.83 71.30 0.19
C GLU Y 7 -46.19 70.45 -0.89
N PHE Y 8 -46.51 70.69 -2.15
CA PHE Y 8 -45.71 70.09 -3.25
C PHE Y 8 -45.73 71.09 -4.39
N THR Y 9 -44.72 71.01 -5.26
CA THR Y 9 -44.65 71.88 -6.46
C THR Y 9 -45.73 71.36 -7.43
N SER Y 10 -46.58 72.29 -7.92
CA SER Y 10 -47.68 71.97 -8.87
C SER Y 10 -47.09 71.39 -10.17
N HIS Y 11 -47.84 70.52 -10.84
CA HIS Y 11 -47.56 70.11 -12.24
C HIS Y 11 -47.28 71.33 -13.13
N ASN Y 12 -47.76 72.53 -12.74
CA ASN Y 12 -47.61 73.77 -13.55
C ASN Y 12 -46.25 74.42 -13.27
N GLY Y 13 -45.45 73.91 -12.31
CA GLY Y 13 -44.07 74.38 -12.05
C GLY Y 13 -43.99 75.77 -11.45
N ARG Y 14 -45.11 76.43 -11.17
CA ARG Y 14 -45.16 77.78 -10.55
C ARG Y 14 -45.57 77.67 -9.08
N ASP Y 15 -46.70 77.01 -8.80
CA ASP Y 15 -47.41 77.10 -7.50
C ASP Y 15 -46.84 76.06 -6.53
N ALA Y 16 -46.71 76.44 -5.27
CA ALA Y 16 -46.62 75.56 -4.09
C ALA Y 16 -48.06 75.21 -3.69
N ILE Y 17 -48.53 74.01 -4.04
CA ILE Y 17 -49.89 73.55 -3.66
C ILE Y 17 -49.97 73.42 -2.13
N GLN Y 18 -50.87 74.16 -1.47
CA GLN Y 18 -51.06 74.10 0.01
C GLN Y 18 -52.04 72.97 0.28
N ALA Y 19 -51.70 72.04 1.17
CA ALA Y 19 -52.51 70.82 1.36
C ALA Y 19 -52.43 70.36 2.82
N TRP Y 20 -53.47 69.68 3.27
CA TRP Y 20 -53.57 69.20 4.66
C TRP Y 20 -54.01 67.74 4.66
N ALA Y 21 -53.52 66.98 5.64
CA ALA Y 21 -54.08 65.68 6.06
C ALA Y 21 -54.61 65.86 7.49
N TYR Y 22 -55.88 65.55 7.72
CA TYR Y 22 -56.51 65.51 9.06
C TYR Y 22 -56.65 64.03 9.45
N GLU Y 23 -56.06 63.67 10.60
CA GLU Y 23 -56.11 62.26 11.12
C GLU Y 23 -56.99 62.23 12.36
N PRO Y 24 -57.92 61.26 12.42
CA PRO Y 24 -58.76 61.14 13.61
C PRO Y 24 -57.95 60.55 14.77
N VAL Y 25 -58.38 60.86 15.98
CA VAL Y 25 -58.10 60.06 17.19
C VAL Y 25 -58.42 58.59 16.85
N GLY Y 26 -57.49 57.65 17.08
CA GLY Y 26 -57.80 56.20 16.99
C GLY Y 26 -57.43 55.63 15.63
N THR Y 27 -57.96 54.45 15.29
CA THR Y 27 -57.58 53.76 14.05
C THR Y 27 -58.62 54.11 13.00
N PRO Y 28 -58.23 54.86 11.95
CA PRO Y 28 -59.14 55.22 10.87
C PRO Y 28 -59.45 54.06 9.90
N THR Y 29 -60.66 54.02 9.33
CA THR Y 29 -61.18 52.93 8.45
C THR Y 29 -61.14 53.32 6.97
N ALA Y 30 -60.81 54.59 6.65
CA ALA Y 30 -60.79 55.08 5.25
C ALA Y 30 -60.14 56.44 5.20
N VAL Y 31 -59.74 56.79 3.98
CA VAL Y 31 -59.32 58.15 3.54
C VAL Y 31 -60.45 58.73 2.66
N VAL Y 32 -60.85 59.98 2.93
CA VAL Y 32 -61.69 60.81 2.01
C VAL Y 32 -60.82 61.95 1.44
N GLN Y 33 -60.68 62.03 0.11
CA GLN Y 33 -60.04 63.13 -0.62
C GLN Y 33 -61.13 64.12 -1.03
N ILE Y 34 -61.12 65.33 -0.44
CA ILE Y 34 -62.02 66.47 -0.78
C ILE Y 34 -61.35 67.30 -1.87
N ILE Y 35 -62.08 67.50 -2.97
CA ILE Y 35 -61.59 68.31 -4.10
C ILE Y 35 -62.58 69.47 -4.20
N HIS Y 36 -62.13 70.68 -3.85
CA HIS Y 36 -63.00 71.88 -3.77
C HIS Y 36 -63.34 72.36 -5.17
N GLY Y 37 -64.36 73.20 -5.28
CA GLY Y 37 -64.84 73.71 -6.56
C GLY Y 37 -64.21 75.03 -6.98
N LEU Y 38 -64.74 75.60 -8.07
CA LEU Y 38 -64.35 76.93 -8.60
C LEU Y 38 -64.72 78.03 -7.59
N GLY Y 39 -63.79 78.96 -7.37
CA GLY Y 39 -63.94 80.16 -6.52
C GLY Y 39 -64.18 79.82 -5.06
N GLU Y 40 -63.63 78.72 -4.55
CA GLU Y 40 -63.63 78.39 -3.09
C GLU Y 40 -62.30 77.72 -2.74
N HIS Y 41 -62.23 77.10 -1.57
CA HIS Y 41 -61.01 76.49 -0.99
C HIS Y 41 -61.39 75.30 -0.12
N SER Y 42 -60.39 74.55 0.34
CA SER Y 42 -60.54 73.24 1.00
C SER Y 42 -60.85 73.40 2.50
N ARG Y 43 -60.40 74.50 3.11
CA ARG Y 43 -60.66 74.81 4.55
C ARG Y 43 -62.07 75.42 4.73
N ARG Y 44 -62.79 75.74 3.65
CA ARG Y 44 -64.25 76.05 3.66
C ARG Y 44 -65.07 74.81 4.10
N TYR Y 45 -64.46 73.63 4.05
CA TYR Y 45 -65.09 72.32 4.32
C TYR Y 45 -64.97 71.92 5.80
N LEU Y 46 -64.72 72.88 6.69
CA LEU Y 46 -64.41 72.67 8.13
C LEU Y 46 -65.45 71.75 8.77
N HIS Y 47 -66.74 71.89 8.42
CA HIS Y 47 -67.86 71.11 9.02
C HIS Y 47 -67.77 69.67 8.54
N MET Y 48 -67.64 69.46 7.24
CA MET Y 48 -67.56 68.12 6.63
C MET Y 48 -66.26 67.38 7.04
N ILE Y 49 -65.14 68.09 7.14
CA ILE Y 49 -63.85 67.52 7.62
C ILE Y 49 -64.05 67.05 9.06
N SER Y 50 -64.53 67.92 9.94
CA SER Y 50 -64.73 67.57 11.36
C SER Y 50 -65.64 66.35 11.48
N ALA Y 51 -66.67 66.26 10.67
CA ALA Y 51 -67.69 65.19 10.72
C ALA Y 51 -67.09 63.87 10.19
N LEU Y 52 -66.26 63.91 9.13
CA LEU Y 52 -65.62 62.67 8.58
C LEU Y 52 -64.58 62.08 9.57
N LEU Y 53 -63.84 62.93 10.24
CA LEU Y 53 -62.94 62.60 11.37
C LEU Y 53 -63.74 61.93 12.49
N ASP Y 54 -64.90 62.50 12.87
CA ASP Y 54 -65.82 61.99 13.93
C ASP Y 54 -66.24 60.56 13.61
N ALA Y 55 -66.37 60.27 12.31
CA ALA Y 55 -66.79 58.97 11.77
C ALA Y 55 -65.57 58.05 11.61
N GLY Y 56 -64.38 58.51 12.03
CA GLY Y 56 -63.12 57.75 12.03
C GLY Y 56 -62.46 57.68 10.66
N PHE Y 57 -62.53 58.71 9.81
CA PHE Y 57 -61.82 58.71 8.51
C PHE Y 57 -60.66 59.69 8.53
N VAL Y 58 -59.59 59.38 7.80
CA VAL Y 58 -58.55 60.36 7.37
C VAL Y 58 -59.19 61.26 6.30
N VAL Y 59 -59.00 62.57 6.43
CA VAL Y 59 -59.37 63.55 5.38
C VAL Y 59 -58.10 64.19 4.81
N ILE Y 60 -58.04 64.30 3.49
CA ILE Y 60 -56.92 64.96 2.76
C ILE Y 60 -57.55 65.89 1.73
N ALA Y 61 -56.94 67.06 1.54
CA ALA Y 61 -57.44 68.11 0.65
C ALA Y 61 -56.32 69.12 0.33
N ASP Y 62 -56.28 69.59 -0.91
CA ASP Y 62 -55.50 70.80 -1.29
C ASP Y 62 -56.44 71.93 -1.73
N ASP Y 63 -55.94 73.16 -1.62
CA ASP Y 63 -56.32 74.35 -2.43
C ASP Y 63 -55.64 74.23 -3.80
N HIS Y 64 -56.41 74.16 -4.88
CA HIS Y 64 -55.89 73.89 -6.23
C HIS Y 64 -55.15 75.15 -6.70
N ALA Y 65 -54.38 75.02 -7.78
CA ALA Y 65 -53.71 76.14 -8.47
C ALA Y 65 -54.74 77.25 -8.67
N GLY Y 66 -54.37 78.51 -8.39
CA GLY Y 66 -55.24 79.68 -8.61
C GLY Y 66 -56.32 79.85 -7.54
N HIS Y 67 -56.25 79.10 -6.42
CA HIS Y 67 -57.33 79.02 -5.41
C HIS Y 67 -56.82 79.06 -3.97
N GLY Y 68 -57.63 79.61 -3.05
CA GLY Y 68 -57.36 79.60 -1.61
C GLY Y 68 -55.95 80.03 -1.27
N ARG Y 69 -55.28 79.26 -0.42
CA ARG Y 69 -53.94 79.61 0.15
C ARG Y 69 -52.86 79.47 -0.91
N THR Y 70 -53.01 78.55 -1.87
CA THR Y 70 -52.09 78.39 -3.01
C THR Y 70 -52.03 79.70 -3.80
N ALA Y 71 -53.18 80.29 -4.08
CA ALA Y 71 -53.28 81.62 -4.72
C ALA Y 71 -52.82 82.72 -3.75
N MET Y 72 -53.04 82.60 -2.45
CA MET Y 72 -52.64 83.63 -1.49
C MET Y 72 -51.11 83.72 -1.43
N GLN Y 73 -50.42 82.59 -1.54
CA GLN Y 73 -48.93 82.49 -1.52
C GLN Y 73 -48.32 82.95 -2.84
N SER Y 74 -48.78 82.41 -3.97
CA SER Y 74 -48.20 82.62 -5.33
C SER Y 74 -48.55 84.02 -5.87
N GLY Y 75 -49.65 84.61 -5.40
CA GLY Y 75 -50.22 85.89 -5.89
C GLY Y 75 -51.12 85.70 -7.10
N VAL Y 76 -51.31 84.46 -7.57
CA VAL Y 76 -52.03 84.19 -8.84
C VAL Y 76 -53.35 83.45 -8.55
N TRP Y 77 -54.44 84.10 -8.96
CA TRP Y 77 -55.85 83.75 -8.71
C TRP Y 77 -56.52 83.44 -10.03
N ALA Y 78 -57.35 82.42 -10.03
CA ALA Y 78 -58.22 82.08 -11.16
C ALA Y 78 -57.36 81.80 -12.40
N ASP Y 79 -56.19 81.20 -12.19
CA ASP Y 79 -55.31 80.70 -13.30
C ASP Y 79 -54.42 79.61 -12.73
N ALA Y 80 -54.14 78.59 -13.55
CA ALA Y 80 -53.42 77.35 -13.16
C ALA Y 80 -52.29 77.07 -14.15
N GLY Y 81 -51.96 78.04 -15.00
CA GLY Y 81 -50.89 77.90 -16.01
C GLY Y 81 -51.44 77.31 -17.27
N ASP Y 82 -50.59 76.88 -18.20
CA ASP Y 82 -51.02 76.19 -19.45
C ASP Y 82 -51.52 74.79 -19.10
N ASN Y 83 -52.39 74.23 -19.96
CA ASN Y 83 -52.94 72.87 -19.82
C ASN Y 83 -53.54 72.78 -18.43
N ALA Y 84 -54.46 73.70 -18.13
CA ALA Y 84 -55.06 73.89 -16.78
C ALA Y 84 -55.75 72.60 -16.33
N ALA Y 85 -56.54 71.99 -17.20
CA ALA Y 85 -57.22 70.69 -16.97
C ALA Y 85 -56.18 69.69 -16.45
N GLU Y 86 -55.16 69.41 -17.25
CA GLU Y 86 -54.05 68.47 -16.94
C GLU Y 86 -53.36 68.80 -15.63
N VAL Y 87 -53.04 70.07 -15.40
CA VAL Y 87 -52.40 70.58 -14.15
C VAL Y 87 -53.21 70.11 -12.95
N VAL Y 88 -54.53 70.39 -12.89
CA VAL Y 88 -55.30 70.17 -11.62
C VAL Y 88 -55.60 68.67 -11.46
N ILE Y 89 -55.76 67.94 -12.57
CA ILE Y 89 -55.87 66.45 -12.52
C ILE Y 89 -54.60 65.90 -11.84
N SER Y 90 -53.44 66.26 -12.39
CA SER Y 90 -52.12 65.75 -11.96
C SER Y 90 -51.92 66.16 -10.48
N ASP Y 91 -52.31 67.38 -10.09
CA ASP Y 91 -52.10 67.85 -8.69
C ASP Y 91 -52.85 66.92 -7.71
N GLU Y 92 -54.06 66.50 -8.09
CA GLU Y 92 -54.94 65.67 -7.24
C GLU Y 92 -54.38 64.25 -7.09
N LEU Y 93 -53.68 63.75 -8.11
CA LEU Y 93 -52.97 62.43 -8.04
C LEU Y 93 -51.69 62.55 -7.19
N THR Y 94 -50.92 63.65 -7.34
CA THR Y 94 -49.72 63.92 -6.49
C THR Y 94 -50.16 64.00 -5.02
N LEU Y 95 -51.33 64.59 -4.76
CA LEU Y 95 -51.89 64.71 -3.39
C LEU Y 95 -52.16 63.33 -2.78
N GLN Y 96 -52.51 62.32 -3.59
CA GLN Y 96 -52.74 60.92 -3.12
C GLN Y 96 -51.43 60.34 -2.60
N GLN Y 97 -50.37 60.48 -3.40
CA GLN Y 97 -48.98 60.01 -3.14
C GLN Y 97 -48.40 60.62 -1.87
N GLN Y 98 -48.80 61.83 -1.47
CA GLN Y 98 -48.29 62.49 -0.25
C GLN Y 98 -48.60 61.63 1.00
N LEU Y 99 -49.54 60.69 0.95
CA LEU Y 99 -49.78 59.77 2.09
C LEU Y 99 -49.20 58.38 1.78
N ALA Y 100 -48.41 58.22 0.72
CA ALA Y 100 -47.94 56.89 0.26
C ALA Y 100 -47.16 56.20 1.39
N GLY Y 101 -47.56 54.97 1.73
CA GLY Y 101 -46.93 54.16 2.79
C GLY Y 101 -47.57 54.41 4.15
N GLN Y 102 -48.50 55.37 4.29
CA GLN Y 102 -49.16 55.68 5.60
C GLN Y 102 -50.48 54.90 5.75
N PHE Y 103 -51.28 54.78 4.69
CA PHE Y 103 -52.64 54.17 4.77
C PHE Y 103 -52.91 53.33 3.52
N ASP Y 104 -51.92 52.57 3.07
CA ASP Y 104 -51.99 51.80 1.80
C ASP Y 104 -53.14 50.78 1.85
N ASP Y 105 -53.54 50.28 3.02
CA ASP Y 105 -54.52 49.17 3.12
C ASP Y 105 -55.92 49.72 3.39
N LEU Y 106 -56.08 51.03 3.46
CA LEU Y 106 -57.40 51.65 3.67
C LEU Y 106 -58.07 51.93 2.33
N PRO Y 107 -59.41 51.81 2.28
CA PRO Y 107 -60.16 52.32 1.14
C PRO Y 107 -60.06 53.85 0.99
N TRP Y 108 -59.94 54.29 -0.26
CA TRP Y 108 -59.81 55.72 -0.65
C TRP Y 108 -61.10 56.13 -1.39
N VAL Y 109 -61.77 57.18 -0.89
CA VAL Y 109 -62.99 57.77 -1.51
C VAL Y 109 -62.68 59.22 -1.91
N VAL Y 110 -62.97 59.58 -3.14
CA VAL Y 110 -62.89 60.98 -3.63
C VAL Y 110 -64.27 61.61 -3.52
N PHE Y 111 -64.32 62.73 -2.80
CA PHE Y 111 -65.45 63.69 -2.81
C PHE Y 111 -65.06 64.88 -3.69
N GLY Y 112 -65.88 65.16 -4.72
CA GLY Y 112 -65.67 66.26 -5.70
C GLY Y 112 -66.91 67.16 -5.81
N HIS Y 113 -66.78 68.44 -5.50
CA HIS Y 113 -67.83 69.49 -5.66
C HIS Y 113 -67.56 70.32 -6.93
N SER Y 114 -68.50 70.36 -7.89
CA SER Y 114 -68.53 71.31 -9.04
C SER Y 114 -67.34 71.06 -9.96
N TRP Y 115 -66.39 72.00 -10.06
CA TRP Y 115 -65.11 71.78 -10.76
C TRP Y 115 -64.44 70.55 -10.14
N GLY Y 116 -64.56 70.37 -8.83
CA GLY Y 116 -63.99 69.21 -8.13
C GLY Y 116 -64.59 67.92 -8.66
N SER Y 117 -65.89 67.97 -8.92
CA SER Y 117 -66.64 66.81 -9.45
C SER Y 117 -66.12 66.51 -10.86
N MET Y 118 -65.85 67.54 -11.65
CA MET Y 118 -65.33 67.32 -13.01
C MET Y 118 -63.89 66.78 -12.88
N ILE Y 119 -63.10 67.32 -11.95
CA ILE Y 119 -61.73 66.78 -11.69
C ILE Y 119 -61.83 65.33 -11.22
N ALA Y 120 -62.72 65.01 -10.27
CA ALA Y 120 -62.89 63.63 -9.75
C ALA Y 120 -63.20 62.64 -10.89
N ARG Y 121 -64.13 62.99 -11.76
CA ARG Y 121 -64.58 62.08 -12.83
C ARG Y 121 -63.48 61.93 -13.88
N ALA Y 122 -62.60 62.92 -14.05
CA ALA Y 122 -61.46 62.84 -15.00
C ALA Y 122 -60.37 61.97 -14.36
N MET Y 123 -60.22 62.06 -13.03
CA MET Y 123 -59.28 61.19 -12.25
C MET Y 123 -59.77 59.74 -12.33
N ALA Y 124 -61.09 59.54 -12.33
CA ALA Y 124 -61.73 58.21 -12.24
C ALA Y 124 -61.35 57.36 -13.47
N THR Y 125 -61.07 58.02 -14.60
CA THR Y 125 -60.69 57.41 -15.91
C THR Y 125 -59.17 57.29 -16.10
N ARG Y 126 -58.34 57.83 -15.19
CA ARG Y 126 -56.87 57.75 -15.29
C ARG Y 126 -56.43 56.48 -14.60
N PRO Y 127 -55.45 55.75 -15.15
CA PRO Y 127 -54.94 54.53 -14.50
C PRO Y 127 -54.23 54.80 -13.16
N GLY Y 128 -54.49 53.97 -12.14
CA GLY Y 128 -53.74 54.04 -10.87
C GLY Y 128 -54.10 55.26 -10.03
N THR Y 129 -55.18 55.96 -10.35
CA THR Y 129 -55.91 56.73 -9.32
C THR Y 129 -56.18 55.74 -8.18
N ARG Y 130 -55.97 56.11 -6.93
CA ARG Y 130 -56.59 55.44 -5.76
C ARG Y 130 -58.05 55.90 -5.71
N LEU Y 131 -58.96 54.98 -5.98
CA LEU Y 131 -60.42 55.23 -6.01
C LEU Y 131 -61.13 53.90 -5.77
N ASP Y 132 -61.68 53.74 -4.57
CA ASP Y 132 -62.47 52.57 -4.11
C ASP Y 132 -63.97 52.93 -4.02
N GLY Y 133 -64.29 54.21 -4.13
CA GLY Y 133 -65.65 54.80 -4.08
C GLY Y 133 -65.59 56.24 -4.53
N LEU Y 134 -66.56 56.69 -5.33
CA LEU Y 134 -66.59 58.02 -5.97
C LEU Y 134 -67.87 58.75 -5.57
N ALA Y 135 -67.72 59.89 -4.91
CA ALA Y 135 -68.79 60.79 -4.40
C ALA Y 135 -68.72 62.17 -5.09
N LEU Y 136 -69.70 62.49 -5.92
CA LEU Y 136 -69.84 63.78 -6.67
C LEU Y 136 -70.91 64.63 -5.99
N CYS Y 137 -70.70 65.93 -6.01
CA CYS Y 137 -71.57 67.01 -5.46
C CYS Y 137 -71.56 68.19 -6.45
N GLY Y 138 -72.69 68.86 -6.63
CA GLY Y 138 -72.83 69.99 -7.58
C GLY Y 138 -72.40 69.56 -8.97
N ILE Y 139 -72.74 68.34 -9.34
CA ILE Y 139 -72.29 67.71 -10.61
C ILE Y 139 -72.50 68.68 -11.78
N VAL Y 140 -71.56 68.72 -12.74
CA VAL Y 140 -71.66 69.61 -13.93
C VAL Y 140 -71.94 68.73 -15.15
N ALA Y 141 -73.21 68.72 -15.56
CA ALA Y 141 -73.84 67.81 -16.52
C ALA Y 141 -74.96 68.53 -17.29
N GLN Y 142 -74.66 68.90 -18.54
CA GLN Y 142 -75.59 69.42 -19.59
C GLN Y 142 -76.16 70.82 -19.30
N PRO Y 143 -75.48 71.77 -18.62
CA PRO Y 143 -75.98 73.14 -18.50
C PRO Y 143 -75.83 73.82 -19.87
N ARG Y 144 -76.76 74.71 -20.22
CA ARG Y 144 -76.79 75.36 -21.57
C ARG Y 144 -75.41 75.89 -21.99
N GLY Y 145 -74.70 76.55 -21.07
CA GLY Y 145 -73.41 77.19 -21.32
C GLY Y 145 -72.36 76.26 -21.89
N PHE Y 146 -71.99 75.21 -21.15
CA PHE Y 146 -70.95 74.22 -21.57
C PHE Y 146 -71.41 73.39 -22.79
N GLU Y 147 -72.68 72.98 -22.86
CA GLU Y 147 -73.22 72.10 -23.95
C GLU Y 147 -73.31 72.85 -25.28
N THR Y 148 -73.90 74.05 -25.30
CA THR Y 148 -74.36 74.70 -26.56
C THR Y 148 -73.86 76.15 -26.65
N THR Y 149 -73.98 77.01 -25.63
CA THR Y 149 -73.75 78.48 -25.78
C THR Y 149 -72.26 78.81 -25.97
N LEU Y 150 -71.36 78.10 -25.30
CA LEU Y 150 -69.91 78.40 -25.34
C LEU Y 150 -69.43 78.21 -26.78
N ASP Y 151 -68.82 79.25 -27.34
CA ASP Y 151 -68.39 79.26 -28.76
C ASP Y 151 -66.91 78.84 -28.84
N HIS Y 152 -66.69 77.58 -29.22
CA HIS Y 152 -65.35 76.94 -29.20
C HIS Y 152 -64.45 77.61 -30.24
N LYS Y 153 -65.03 78.21 -31.31
CA LYS Y 153 -64.29 79.02 -32.32
C LYS Y 153 -63.71 80.28 -31.65
N THR Y 154 -64.59 81.17 -31.17
CA THR Y 154 -64.26 82.40 -30.40
C THR Y 154 -63.21 82.09 -29.33
N LEU Y 155 -63.31 80.94 -28.66
CA LEU Y 155 -62.40 80.55 -27.55
C LEU Y 155 -61.02 80.22 -28.12
N ALA Y 156 -60.94 79.54 -29.27
CA ALA Y 156 -59.68 79.18 -29.96
C ALA Y 156 -58.95 80.47 -30.40
N LYS Y 157 -59.67 81.39 -31.02
CA LYS Y 157 -59.19 82.77 -31.38
C LYS Y 157 -58.50 83.43 -30.18
N ALA Y 158 -59.17 83.52 -29.03
CA ALA Y 158 -58.67 84.09 -27.76
C ALA Y 158 -57.45 83.31 -27.25
N MET Y 159 -57.37 82.00 -27.44
CA MET Y 159 -56.23 81.17 -26.95
C MET Y 159 -55.00 81.45 -27.81
N ALA Y 160 -55.24 81.79 -29.08
CA ALA Y 160 -54.22 82.08 -30.11
C ALA Y 160 -53.75 83.54 -29.97
N THR Y 161 -54.64 84.48 -29.63
CA THR Y 161 -54.32 85.94 -29.56
C THR Y 161 -53.70 86.25 -28.20
N ALA Y 162 -54.28 85.77 -27.10
CA ALA Y 162 -53.93 86.19 -25.73
C ALA Y 162 -54.34 85.15 -24.69
N PRO Y 163 -53.61 84.02 -24.54
CA PRO Y 163 -53.98 82.99 -23.57
C PRO Y 163 -53.90 83.38 -22.08
N THR Y 164 -53.06 84.35 -21.75
CA THR Y 164 -52.69 84.74 -20.37
C THR Y 164 -53.60 85.88 -19.88
N ASP Y 165 -54.24 86.62 -20.79
CA ASP Y 165 -55.13 87.76 -20.45
C ASP Y 165 -56.37 87.28 -19.69
N PRO Y 166 -57.08 88.19 -19.00
CA PRO Y 166 -58.42 87.90 -18.49
C PRO Y 166 -59.32 87.43 -19.64
N ALA Y 167 -60.18 86.45 -19.38
CA ALA Y 167 -61.07 85.89 -20.41
C ALA Y 167 -62.01 86.99 -20.90
N PRO Y 168 -62.16 87.20 -22.23
CA PRO Y 168 -63.20 88.08 -22.75
C PRO Y 168 -64.56 87.87 -22.07
N GLU Y 169 -65.21 88.96 -21.68
CA GLU Y 169 -66.51 89.01 -20.96
C GLU Y 169 -67.52 88.07 -21.64
N ALA Y 170 -67.54 88.02 -22.97
CA ALA Y 170 -68.46 87.20 -23.80
C ALA Y 170 -68.32 85.72 -23.47
N LEU Y 171 -67.08 85.21 -23.36
CA LEU Y 171 -66.76 83.76 -23.14
C LEU Y 171 -67.14 83.37 -21.72
N VAL Y 172 -66.81 84.18 -20.73
CA VAL Y 172 -67.24 83.92 -19.34
C VAL Y 172 -68.77 83.82 -19.36
N ALA Y 173 -69.47 84.76 -20.01
CA ALA Y 173 -70.95 84.84 -19.98
C ALA Y 173 -71.60 83.68 -20.76
N GLN Y 174 -70.98 83.23 -21.86
CA GLN Y 174 -71.38 81.99 -22.58
C GLN Y 174 -71.22 80.77 -21.67
N MET Y 175 -70.11 80.68 -20.95
CA MET Y 175 -69.77 79.43 -20.24
C MET Y 175 -70.84 79.20 -19.15
N PHE Y 176 -71.23 80.26 -18.46
CA PHE Y 176 -72.14 80.21 -17.28
C PHE Y 176 -73.58 80.55 -17.69
N ASP Y 177 -73.85 80.64 -18.99
CA ASP Y 177 -75.23 80.76 -19.51
C ASP Y 177 -76.00 79.55 -18.96
N GLY Y 178 -77.12 79.84 -18.29
CA GLY Y 178 -78.00 78.86 -17.64
C GLY Y 178 -78.10 79.13 -16.15
N PHE Y 179 -77.08 79.76 -15.56
CA PHE Y 179 -76.91 79.77 -14.09
C PHE Y 179 -77.93 80.71 -13.46
N ALA Y 180 -78.53 81.63 -14.23
CA ALA Y 180 -79.49 82.65 -13.74
C ALA Y 180 -80.92 82.28 -14.14
N ASP Y 181 -81.10 81.19 -14.88
CA ASP Y 181 -82.40 80.86 -15.51
C ASP Y 181 -83.54 80.92 -14.48
N ARG Y 182 -83.31 80.55 -13.20
CA ARG Y 182 -84.42 80.31 -12.22
C ARG Y 182 -84.35 81.31 -11.05
N LEU Y 183 -83.61 82.39 -11.27
CA LEU Y 183 -83.39 83.45 -10.26
C LEU Y 183 -84.35 84.63 -10.51
N SER Y 184 -84.92 85.20 -9.44
CA SER Y 184 -85.52 86.56 -9.43
C SER Y 184 -84.40 87.59 -9.29
N GLU Y 185 -84.74 88.88 -9.36
CA GLU Y 185 -83.81 90.00 -9.02
C GLU Y 185 -83.38 89.86 -7.54
N ASP Y 186 -84.32 89.50 -6.65
CA ASP Y 186 -84.14 89.30 -5.18
C ASP Y 186 -82.98 88.33 -4.86
N ASP Y 187 -82.79 87.31 -5.69
CA ASP Y 187 -81.84 86.18 -5.47
C ASP Y 187 -80.39 86.68 -5.52
N GLY Y 188 -80.09 87.68 -6.35
CA GLY Y 188 -78.72 88.19 -6.57
C GLY Y 188 -78.14 87.55 -7.82
N PRO Y 189 -77.06 88.11 -8.41
CA PRO Y 189 -76.44 87.51 -9.59
C PRO Y 189 -75.77 86.16 -9.26
N THR Y 190 -75.49 85.87 -7.98
CA THR Y 190 -74.83 84.61 -7.52
C THR Y 190 -75.79 83.78 -6.65
N GLY Y 191 -77.09 84.07 -6.74
CA GLY Y 191 -78.13 83.37 -5.96
C GLY Y 191 -78.21 81.88 -6.27
N TRP Y 192 -77.72 81.43 -7.42
CA TRP Y 192 -77.64 79.97 -7.76
C TRP Y 192 -76.69 79.22 -6.81
N VAL Y 193 -75.79 79.90 -6.10
CA VAL Y 193 -74.80 79.21 -5.22
C VAL Y 193 -75.59 78.42 -4.17
N ALA Y 194 -76.56 79.08 -3.53
CA ALA Y 194 -77.45 78.48 -2.51
C ALA Y 194 -78.72 79.32 -2.32
N ARG Y 195 -79.83 78.63 -2.04
CA ARG Y 195 -81.11 79.24 -1.53
C ARG Y 195 -80.81 80.14 -0.34
N SER Y 196 -80.06 79.64 0.64
CA SER Y 196 -79.67 80.41 1.84
C SER Y 196 -78.84 81.60 1.39
N LYS Y 197 -79.26 82.83 1.74
CA LYS Y 197 -78.52 84.08 1.40
C LYS Y 197 -77.32 84.22 2.34
N GLU Y 198 -77.38 83.55 3.50
CA GLU Y 198 -76.28 83.54 4.49
C GLU Y 198 -75.09 82.76 3.92
N VAL Y 199 -75.32 81.62 3.29
CA VAL Y 199 -74.24 80.90 2.58
C VAL Y 199 -73.63 81.83 1.51
N VAL Y 200 -74.48 82.54 0.73
CA VAL Y 200 -74.07 83.35 -0.46
C VAL Y 200 -73.25 84.56 0.00
N ALA Y 201 -73.63 85.18 1.11
CA ALA Y 201 -72.93 86.34 1.68
C ALA Y 201 -71.56 85.88 2.21
N ASP Y 202 -71.48 84.72 2.89
CA ASP Y 202 -70.21 84.15 3.43
C ASP Y 202 -69.30 83.71 2.27
N HIS Y 203 -69.83 82.98 1.30
CA HIS Y 203 -69.14 82.70 0.00
C HIS Y 203 -68.53 83.97 -0.61
N GLY Y 204 -69.21 85.12 -0.51
CA GLY Y 204 -68.75 86.43 -0.99
C GLY Y 204 -67.69 87.07 -0.09
N LYS Y 205 -67.82 86.98 1.23
CA LYS Y 205 -66.92 87.68 2.20
C LYS Y 205 -65.59 86.92 2.38
N ASP Y 206 -65.61 85.59 2.30
CA ASP Y 206 -64.46 84.70 2.64
C ASP Y 206 -63.23 85.12 1.80
N LYS Y 207 -62.23 85.72 2.43
CA LYS Y 207 -60.99 86.22 1.76
C LYS Y 207 -60.34 85.11 0.91
N PHE Y 208 -60.39 83.84 1.36
CA PHE Y 208 -59.76 82.66 0.71
C PHE Y 208 -60.59 82.16 -0.48
N ASN Y 209 -61.82 82.65 -0.68
CA ASN Y 209 -62.58 82.46 -1.94
C ASN Y 209 -62.16 83.56 -2.93
N ASN Y 210 -61.93 84.77 -2.45
CA ASN Y 210 -61.59 85.92 -3.34
C ASN Y 210 -62.66 86.03 -4.44
N PHE Y 211 -63.87 86.39 -4.03
CA PHE Y 211 -65.07 86.48 -4.88
C PHE Y 211 -64.81 87.05 -6.28
N GLY Y 212 -64.31 88.27 -6.35
CA GLY Y 212 -64.05 88.84 -7.69
C GLY Y 212 -62.68 88.46 -8.17
N ALA Y 213 -62.58 87.40 -8.96
CA ALA Y 213 -61.26 86.96 -9.46
C ALA Y 213 -61.46 86.58 -10.92
N PRO Y 214 -61.06 87.45 -11.85
CA PRO Y 214 -61.26 87.19 -13.26
C PRO Y 214 -60.41 86.00 -13.71
N MET Y 215 -61.04 85.08 -14.42
CA MET Y 215 -60.30 83.89 -14.91
C MET Y 215 -59.55 84.28 -16.17
N SER Y 216 -58.45 83.60 -16.40
CA SER Y 216 -57.68 83.79 -17.64
C SER Y 216 -58.32 82.96 -18.74
N THR Y 217 -58.07 83.35 -19.97
CA THR Y 217 -58.50 82.59 -21.15
C THR Y 217 -58.04 81.13 -20.97
N ARG Y 218 -56.75 80.88 -20.73
CA ARG Y 218 -56.24 79.50 -20.63
C ARG Y 218 -56.93 78.70 -19.52
N PHE Y 219 -57.38 79.33 -18.45
CA PHE Y 219 -58.09 78.62 -17.36
C PHE Y 219 -59.50 78.22 -17.83
N LEU Y 220 -60.15 79.14 -18.56
CA LEU Y 220 -61.46 78.95 -19.26
C LEU Y 220 -61.36 77.72 -20.18
N GLN Y 221 -60.32 77.62 -21.01
CA GLN Y 221 -60.07 76.45 -21.88
C GLN Y 221 -59.99 75.22 -20.98
N GLY Y 222 -59.35 75.34 -19.81
CA GLY Y 222 -59.20 74.26 -18.82
C GLY Y 222 -60.53 73.78 -18.30
N LEU Y 223 -61.52 74.68 -18.16
CA LEU Y 223 -62.89 74.29 -17.73
C LEU Y 223 -63.62 73.54 -18.85
N ALA Y 224 -63.51 74.01 -20.09
CA ALA Y 224 -64.16 73.41 -21.27
C ALA Y 224 -63.53 72.02 -21.52
N ASP Y 225 -62.22 71.93 -21.29
CA ASP Y 225 -61.44 70.68 -21.50
C ASP Y 225 -61.95 69.65 -20.49
N ILE Y 226 -62.01 70.04 -19.22
CA ILE Y 226 -62.32 69.10 -18.11
C ILE Y 226 -63.80 68.70 -18.19
N TYR Y 227 -64.64 69.59 -18.70
CA TYR Y 227 -66.08 69.29 -18.89
C TYR Y 227 -66.22 68.18 -19.94
N ALA Y 228 -65.58 68.32 -21.08
CA ALA Y 228 -65.57 67.28 -22.12
C ALA Y 228 -65.03 65.96 -21.56
N MET Y 229 -64.06 65.99 -20.63
CA MET Y 229 -63.42 64.76 -20.09
C MET Y 229 -64.42 64.11 -19.15
N ALA Y 230 -65.05 64.92 -18.31
CA ALA Y 230 -65.94 64.44 -17.24
C ALA Y 230 -67.22 63.87 -17.86
N ASN Y 231 -67.70 64.43 -18.98
CA ASN Y 231 -69.03 64.13 -19.56
C ASN Y 231 -68.84 63.34 -20.87
N GLY Y 232 -67.60 63.01 -21.22
CA GLY Y 232 -67.29 62.35 -22.51
C GLY Y 232 -67.56 60.85 -22.50
N ASP Y 233 -67.44 60.23 -23.68
CA ASP Y 233 -67.58 58.76 -23.88
C ASP Y 233 -66.53 58.02 -23.04
N SER Y 234 -65.27 58.48 -22.99
CA SER Y 234 -64.22 57.67 -22.33
C SER Y 234 -64.44 57.70 -20.81
N PHE Y 235 -65.22 58.64 -20.27
CA PHE Y 235 -65.56 58.60 -18.82
C PHE Y 235 -66.53 57.46 -18.55
N TYR Y 236 -67.66 57.47 -19.26
CA TYR Y 236 -68.77 56.49 -19.09
C TYR Y 236 -68.25 55.08 -19.36
N ALA Y 237 -67.38 54.94 -20.36
CA ALA Y 237 -66.88 53.62 -20.81
C ALA Y 237 -65.83 53.07 -19.85
N THR Y 238 -65.04 53.92 -19.18
CA THR Y 238 -63.91 53.43 -18.36
C THR Y 238 -64.22 53.52 -16.86
N MET Y 239 -65.21 54.31 -16.44
CA MET Y 239 -65.58 54.50 -15.01
C MET Y 239 -65.47 53.14 -14.31
N PRO Y 240 -64.57 52.93 -13.33
CA PRO Y 240 -64.46 51.63 -12.67
C PRO Y 240 -65.78 51.22 -11.99
N ASN Y 241 -66.01 49.91 -11.82
CA ASN Y 241 -67.23 49.31 -11.18
C ASN Y 241 -67.05 49.39 -9.67
N ILE Y 242 -67.22 50.59 -9.11
CA ILE Y 242 -67.11 50.85 -7.65
C ILE Y 242 -68.33 51.65 -7.22
N PRO Y 243 -68.62 51.72 -5.90
CA PRO Y 243 -69.75 52.53 -5.46
C PRO Y 243 -69.61 53.99 -5.91
N ILE Y 244 -70.65 54.48 -6.58
CA ILE Y 244 -70.78 55.91 -6.95
C ILE Y 244 -71.93 56.51 -6.15
N VAL Y 245 -71.71 57.70 -5.59
CA VAL Y 245 -72.81 58.50 -4.99
C VAL Y 245 -72.81 59.91 -5.62
N LEU Y 246 -74.00 60.44 -5.92
CA LEU Y 246 -74.26 61.77 -6.53
C LEU Y 246 -75.17 62.53 -5.56
N PHE Y 247 -74.76 63.76 -5.17
CA PHE Y 247 -75.53 64.79 -4.43
C PHE Y 247 -75.72 66.02 -5.33
N ALA Y 248 -76.95 66.53 -5.45
CA ALA Y 248 -77.31 67.70 -6.29
C ALA Y 248 -78.59 68.33 -5.77
N GLY Y 249 -78.65 69.67 -5.72
CA GLY Y 249 -79.92 70.43 -5.60
C GLY Y 249 -80.72 70.32 -6.89
N SER Y 250 -82.03 70.13 -6.85
CA SER Y 250 -82.87 70.14 -8.09
C SER Y 250 -82.82 71.53 -8.77
N GLU Y 251 -82.55 72.62 -8.03
CA GLU Y 251 -82.52 74.02 -8.57
C GLU Y 251 -81.08 74.49 -8.84
N ASP Y 252 -80.14 73.53 -8.99
CA ASP Y 252 -78.71 73.76 -9.34
C ASP Y 252 -78.62 73.88 -10.86
N PRO Y 253 -78.30 75.09 -11.41
CA PRO Y 253 -78.10 75.20 -12.86
C PRO Y 253 -76.92 74.35 -13.38
N ALA Y 254 -75.94 74.03 -12.53
CA ALA Y 254 -74.70 73.30 -12.92
C ALA Y 254 -75.06 71.98 -13.59
N GLY Y 255 -76.03 71.24 -13.04
CA GLY Y 255 -76.45 69.95 -13.60
C GLY Y 255 -77.77 70.02 -14.34
N ASP Y 256 -78.06 71.17 -14.94
CA ASP Y 256 -79.31 71.39 -15.71
C ASP Y 256 -80.54 71.14 -14.83
N PHE Y 257 -80.51 71.62 -13.59
CA PHE Y 257 -81.63 71.46 -12.62
C PHE Y 257 -82.12 70.00 -12.56
N GLY Y 258 -81.23 69.06 -12.23
CA GLY Y 258 -81.58 67.64 -12.06
C GLY Y 258 -81.52 66.80 -13.33
N THR Y 259 -82.03 67.35 -14.42
CA THR Y 259 -82.06 66.69 -15.75
C THR Y 259 -80.67 66.20 -16.15
N GLY Y 260 -79.64 67.01 -15.99
CA GLY Y 260 -78.29 66.58 -16.40
C GLY Y 260 -77.72 65.58 -15.45
N VAL Y 261 -78.06 65.68 -14.17
CA VAL Y 261 -77.60 64.75 -13.11
C VAL Y 261 -78.29 63.40 -13.29
N LYS Y 262 -79.60 63.38 -13.54
CA LYS Y 262 -80.35 62.12 -13.80
C LYS Y 262 -79.74 61.45 -15.02
N ALA Y 263 -79.41 62.20 -16.05
CA ALA Y 263 -78.77 61.68 -17.29
C ALA Y 263 -77.44 60.97 -16.98
N VAL Y 264 -76.65 61.48 -16.04
CA VAL Y 264 -75.38 60.85 -15.61
C VAL Y 264 -75.71 59.53 -14.92
N ALA Y 265 -76.59 59.56 -13.91
CA ALA Y 265 -77.13 58.36 -13.18
C ALA Y 265 -77.66 57.30 -14.16
N GLU Y 266 -78.51 57.71 -15.09
CA GLU Y 266 -79.17 56.82 -16.09
C GLU Y 266 -78.07 56.09 -16.85
N ARG Y 267 -77.12 56.87 -17.36
CA ARG Y 267 -76.13 56.37 -18.32
C ARG Y 267 -75.17 55.45 -17.57
N LEU Y 268 -74.72 55.86 -16.39
CA LEU Y 268 -73.91 54.96 -15.55
C LEU Y 268 -74.68 53.64 -15.38
N ARG Y 269 -75.98 53.68 -15.04
CA ARG Y 269 -76.78 52.48 -14.66
C ARG Y 269 -76.99 51.61 -15.88
N ARG Y 270 -77.36 52.19 -17.02
CA ARG Y 270 -77.52 51.46 -18.30
C ARG Y 270 -76.27 50.59 -18.52
N ASP Y 271 -75.10 51.06 -18.09
CA ASP Y 271 -73.76 50.43 -18.30
C ASP Y 271 -73.38 49.57 -17.09
N GLY Y 272 -74.33 49.17 -16.25
CA GLY Y 272 -74.11 48.19 -15.17
C GLY Y 272 -73.57 48.80 -13.88
N HIS Y 273 -73.58 50.12 -13.71
CA HIS Y 273 -72.98 50.78 -12.51
C HIS Y 273 -73.98 50.81 -11.35
N ASN Y 274 -73.46 50.59 -10.16
CA ASN Y 274 -74.16 50.83 -8.88
C ASN Y 274 -74.12 52.34 -8.62
N VAL Y 275 -75.24 53.06 -8.79
CA VAL Y 275 -75.33 54.53 -8.54
C VAL Y 275 -76.39 54.84 -7.48
N GLU Y 276 -75.99 55.52 -6.42
CA GLU Y 276 -76.88 56.08 -5.37
C GLU Y 276 -77.06 57.58 -5.69
N LEU Y 277 -78.29 58.02 -5.90
CA LEU Y 277 -78.61 59.44 -6.19
C LEU Y 277 -79.34 60.11 -5.01
N HIS Y 278 -78.88 61.28 -4.59
CA HIS Y 278 -79.60 62.18 -3.64
C HIS Y 278 -79.89 63.50 -4.36
N LEU Y 279 -81.15 63.75 -4.71
CA LEU Y 279 -81.60 65.00 -5.36
C LEU Y 279 -82.41 65.80 -4.33
N TYR Y 280 -81.97 66.99 -3.92
CA TYR Y 280 -82.61 67.79 -2.84
C TYR Y 280 -83.53 68.83 -3.47
N ASP Y 281 -84.84 68.62 -3.29
CA ASP Y 281 -85.93 69.43 -3.88
C ASP Y 281 -85.82 70.86 -3.34
N GLY Y 282 -85.78 71.87 -4.22
CA GLY Y 282 -85.87 73.30 -3.84
C GLY Y 282 -84.51 73.93 -3.49
N LEU Y 283 -83.44 73.14 -3.49
CA LEU Y 283 -82.07 73.61 -3.12
C LEU Y 283 -81.21 73.77 -4.39
N ARG Y 284 -80.17 74.58 -4.24
CA ARG Y 284 -79.36 75.03 -5.40
C ARG Y 284 -78.03 74.28 -5.37
N HIS Y 285 -76.93 74.94 -5.73
CA HIS Y 285 -75.63 74.32 -6.08
C HIS Y 285 -74.97 73.67 -4.84
N GLU Y 286 -74.87 74.41 -3.72
CA GLU Y 286 -74.05 74.03 -2.53
C GLU Y 286 -74.91 73.29 -1.50
N VAL Y 287 -75.35 72.07 -1.85
CA VAL Y 287 -76.21 71.21 -1.01
C VAL Y 287 -75.42 70.75 0.23
N HIS Y 288 -74.08 70.68 0.12
CA HIS Y 288 -73.16 70.39 1.24
C HIS Y 288 -73.15 71.53 2.27
N ASN Y 289 -73.56 72.76 1.87
CA ASN Y 289 -73.57 73.93 2.80
C ASN Y 289 -74.98 74.46 3.09
N GLU Y 290 -76.01 74.14 2.31
CA GLU Y 290 -77.41 74.59 2.59
C GLU Y 290 -77.83 74.03 3.96
N PRO Y 291 -78.31 74.88 4.89
CA PRO Y 291 -78.66 74.40 6.24
C PRO Y 291 -79.62 73.19 6.30
N GLU Y 292 -80.46 72.97 5.28
CA GLU Y 292 -81.52 71.91 5.29
C GLU Y 292 -80.99 70.59 4.69
N SER Y 293 -79.98 70.62 3.79
CA SER Y 293 -79.41 69.39 3.19
C SER Y 293 -78.10 68.96 3.89
N ARG Y 294 -77.43 69.86 4.58
CA ARG Y 294 -76.02 69.65 4.95
C ARG Y 294 -75.90 68.34 5.73
N ALA Y 295 -76.65 68.22 6.82
CA ALA Y 295 -76.60 67.08 7.76
C ALA Y 295 -76.76 65.78 6.96
N ASP Y 296 -77.62 65.81 5.95
CA ASP Y 296 -78.04 64.60 5.18
C ASP Y 296 -76.98 64.24 4.13
N VAL Y 297 -76.27 65.24 3.59
CA VAL Y 297 -75.13 64.99 2.67
C VAL Y 297 -74.01 64.26 3.43
N GLU Y 298 -73.63 64.83 4.57
CA GLU Y 298 -72.53 64.34 5.43
C GLU Y 298 -72.89 62.92 5.92
N SER Y 299 -74.05 62.73 6.56
CA SER Y 299 -74.53 61.41 7.06
C SER Y 299 -74.60 60.43 5.89
N SER Y 300 -75.08 60.86 4.73
CA SER Y 300 -75.14 59.96 3.55
C SER Y 300 -73.72 59.60 3.11
N LEU Y 301 -72.82 60.58 3.13
CA LEU Y 301 -71.41 60.32 2.74
C LEU Y 301 -70.83 59.32 3.74
N VAL Y 302 -71.04 59.52 5.05
CA VAL Y 302 -70.40 58.64 6.07
C VAL Y 302 -70.81 57.20 5.75
N THR Y 303 -72.12 57.00 5.60
CA THR Y 303 -72.78 55.70 5.31
C THR Y 303 -72.15 55.17 4.04
N PHE Y 304 -72.01 55.98 3.00
CA PHE Y 304 -71.38 55.58 1.71
C PHE Y 304 -69.95 55.04 1.93
N VAL Y 305 -69.12 55.78 2.67
CA VAL Y 305 -67.67 55.46 2.91
C VAL Y 305 -67.58 54.17 3.74
N ASP Y 306 -68.38 54.04 4.80
CA ASP Y 306 -68.55 52.78 5.60
C ASP Y 306 -68.92 51.62 4.68
N ARG Y 307 -69.80 51.83 3.71
CA ARG Y 307 -70.25 50.74 2.81
C ARG Y 307 -69.12 50.45 1.81
N VAL Y 308 -68.37 51.46 1.37
CA VAL Y 308 -67.18 51.24 0.49
C VAL Y 308 -66.17 50.39 1.28
N ALA Y 309 -65.99 50.71 2.55
CA ALA Y 309 -65.01 50.07 3.42
C ALA Y 309 -65.33 48.58 3.60
N ASN Y 310 -66.63 48.24 3.62
CA ASN Y 310 -67.06 46.83 3.79
C ASN Y 310 -66.95 46.10 2.44
N ARG Y 311 -65.79 45.45 2.20
CA ARG Y 311 -65.56 44.70 0.93
C ARG Y 311 -64.36 43.78 1.12
N ALA Z 2 -66.34 81.90 6.85
CA ALA Z 2 -65.13 82.56 6.33
C ALA Z 2 -63.94 82.30 7.25
N LEU Z 3 -62.73 82.41 6.70
CA LEU Z 3 -61.42 82.15 7.38
C LEU Z 3 -60.50 83.36 7.16
N GLN Z 4 -59.83 83.83 8.22
CA GLN Z 4 -58.72 84.81 8.15
C GLN Z 4 -57.41 84.19 8.64
N GLU Z 5 -56.34 84.46 7.92
CA GLU Z 5 -54.96 84.20 8.38
C GLU Z 5 -54.43 85.52 8.96
N ILE Z 6 -53.97 85.44 10.20
CA ILE Z 6 -53.27 86.52 10.94
C ILE Z 6 -51.91 85.99 11.40
N GLU Z 7 -50.87 86.67 11.01
CA GLU Z 7 -49.55 86.53 11.62
C GLU Z 7 -49.32 87.86 12.30
N PHE Z 8 -48.54 87.88 13.36
CA PHE Z 8 -47.94 89.12 13.86
C PHE Z 8 -46.60 88.71 14.46
N THR Z 9 -45.72 89.66 14.67
CA THR Z 9 -44.40 89.50 15.34
C THR Z 9 -44.71 89.34 16.83
N SER Z 10 -44.31 88.22 17.44
CA SER Z 10 -44.31 88.01 18.92
C SER Z 10 -43.66 89.22 19.60
N HIS Z 11 -44.05 89.52 20.85
CA HIS Z 11 -43.35 90.40 21.82
C HIS Z 11 -41.88 89.93 21.98
N ASN Z 12 -41.55 88.69 21.61
CA ASN Z 12 -40.17 88.16 21.76
C ASN Z 12 -39.29 88.59 20.58
N GLY Z 13 -39.82 89.25 19.55
CA GLY Z 13 -39.05 89.87 18.45
C GLY Z 13 -38.41 88.87 17.47
N ARG Z 14 -38.74 87.59 17.58
CA ARG Z 14 -38.15 86.48 16.78
C ARG Z 14 -39.28 85.74 16.06
N ASP Z 15 -40.30 85.29 16.79
CA ASP Z 15 -41.39 84.42 16.23
C ASP Z 15 -42.42 85.24 15.43
N ALA Z 16 -42.80 84.74 14.25
CA ALA Z 16 -44.04 85.08 13.54
C ALA Z 16 -45.15 84.21 14.14
N ILE Z 17 -46.00 84.82 14.97
CA ILE Z 17 -47.13 84.11 15.63
C ILE Z 17 -48.13 83.74 14.52
N GLN Z 18 -48.39 82.44 14.38
CA GLN Z 18 -49.37 81.92 13.40
C GLN Z 18 -50.74 81.95 14.06
N ALA Z 19 -51.69 82.69 13.49
CA ALA Z 19 -53.03 82.81 14.09
C ALA Z 19 -54.13 82.70 13.02
N TRP Z 20 -55.32 82.30 13.44
CA TRP Z 20 -56.50 82.18 12.56
C TRP Z 20 -57.72 82.80 13.23
N ALA Z 21 -58.62 83.36 12.42
CA ALA Z 21 -59.96 83.77 12.88
C ALA Z 21 -60.90 82.94 12.04
N TYR Z 22 -61.97 82.39 12.63
CA TYR Z 22 -62.98 81.59 11.90
C TYR Z 22 -64.33 82.31 12.07
N GLU Z 23 -64.99 82.67 10.97
CA GLU Z 23 -66.31 83.38 11.10
C GLU Z 23 -67.41 82.47 10.58
N PRO Z 24 -68.56 82.39 11.29
CA PRO Z 24 -69.67 81.51 10.88
C PRO Z 24 -70.46 82.11 9.70
N VAL Z 25 -71.38 81.33 9.12
CA VAL Z 25 -72.39 81.86 8.15
C VAL Z 25 -73.38 82.68 8.97
N GLY Z 26 -73.82 83.81 8.45
CA GLY Z 26 -74.74 84.73 9.12
C GLY Z 26 -74.05 85.51 10.20
N THR Z 27 -74.84 86.20 11.02
CA THR Z 27 -74.40 87.26 11.93
C THR Z 27 -73.93 86.60 13.22
N PRO Z 28 -72.62 86.68 13.54
CA PRO Z 28 -72.14 86.17 14.81
C PRO Z 28 -72.72 86.93 16.01
N THR Z 29 -72.85 86.24 17.16
CA THR Z 29 -73.37 86.79 18.43
C THR Z 29 -72.24 86.99 19.46
N ALA Z 30 -71.06 86.38 19.22
CA ALA Z 30 -69.93 86.38 20.18
C ALA Z 30 -68.62 86.01 19.50
N VAL Z 31 -67.50 86.47 20.09
CA VAL Z 31 -66.10 86.03 19.78
C VAL Z 31 -65.60 85.11 20.90
N VAL Z 32 -65.06 83.94 20.54
CA VAL Z 32 -64.36 83.03 21.50
C VAL Z 32 -62.88 82.97 21.13
N GLN Z 33 -62.01 83.29 22.09
CA GLN Z 33 -60.54 83.19 21.95
C GLN Z 33 -60.12 81.86 22.57
N ILE Z 34 -59.72 80.85 21.78
CA ILE Z 34 -59.12 79.60 22.32
C ILE Z 34 -57.62 79.82 22.53
N ILE Z 35 -57.14 79.56 23.75
CA ILE Z 35 -55.72 79.60 24.16
C ILE Z 35 -55.27 78.19 24.56
N HIS Z 36 -54.41 77.60 23.71
CA HIS Z 36 -53.98 76.18 23.83
C HIS Z 36 -52.92 76.00 24.95
N GLY Z 37 -52.71 74.76 25.38
CA GLY Z 37 -51.78 74.43 26.49
C GLY Z 37 -50.39 74.05 26.00
N LEU Z 38 -49.57 73.58 26.93
CA LEU Z 38 -48.18 73.17 26.69
C LEU Z 38 -48.16 71.91 25.81
N GLY Z 39 -47.21 71.87 24.86
CA GLY Z 39 -46.94 70.75 23.92
C GLY Z 39 -48.11 70.44 23.01
N GLU Z 40 -48.97 71.43 22.71
CA GLU Z 40 -50.07 71.23 21.73
C GLU Z 40 -50.20 72.50 20.87
N HIS Z 41 -51.32 72.64 20.14
CA HIS Z 41 -51.57 73.73 19.19
C HIS Z 41 -53.07 74.00 19.00
N SER Z 42 -53.39 75.12 18.35
CA SER Z 42 -54.76 75.69 18.21
C SER Z 42 -55.61 74.88 17.22
N ARG Z 43 -55.01 74.30 16.19
CA ARG Z 43 -55.73 73.54 15.11
C ARG Z 43 -56.05 72.11 15.54
N ARG Z 44 -55.72 71.78 16.79
CA ARG Z 44 -56.04 70.50 17.44
C ARG Z 44 -57.49 70.57 17.94
N TYR Z 45 -58.02 71.79 18.05
CA TYR Z 45 -59.38 72.16 18.48
C TYR Z 45 -60.39 72.17 17.35
N LEU Z 46 -60.06 71.62 16.19
CA LEU Z 46 -60.96 71.42 15.04
C LEU Z 46 -62.41 71.23 15.54
N HIS Z 47 -62.66 70.23 16.39
CA HIS Z 47 -64.04 69.79 16.72
C HIS Z 47 -64.70 70.88 17.57
N MET Z 48 -63.98 71.47 18.52
CA MET Z 48 -64.54 72.57 19.32
C MET Z 48 -64.77 73.81 18.43
N ILE Z 49 -63.84 74.11 17.51
CA ILE Z 49 -63.95 75.32 16.63
C ILE Z 49 -65.26 75.22 15.83
N SER Z 50 -65.48 74.06 15.21
CA SER Z 50 -66.63 73.73 14.33
C SER Z 50 -67.95 73.80 15.12
N ALA Z 51 -67.99 73.28 16.34
CA ALA Z 51 -69.19 73.31 17.21
C ALA Z 51 -69.52 74.77 17.56
N LEU Z 52 -68.51 75.61 17.82
CA LEU Z 52 -68.68 77.03 18.21
C LEU Z 52 -69.15 77.85 16.99
N LEU Z 53 -68.62 77.53 15.79
CA LEU Z 53 -69.12 78.10 14.51
C LEU Z 53 -70.61 77.75 14.36
N ASP Z 54 -70.94 76.48 14.59
CA ASP Z 54 -72.32 75.94 14.51
C ASP Z 54 -73.25 76.80 15.38
N ALA Z 55 -72.75 77.36 16.49
CA ALA Z 55 -73.52 78.07 17.55
C ALA Z 55 -73.54 79.56 17.26
N GLY Z 56 -73.04 79.95 16.09
CA GLY Z 56 -73.01 81.35 15.62
C GLY Z 56 -71.94 82.19 16.30
N PHE Z 57 -70.79 81.62 16.64
CA PHE Z 57 -69.66 82.40 17.20
C PHE Z 57 -68.51 82.48 16.20
N VAL Z 58 -67.78 83.59 16.29
CA VAL Z 58 -66.43 83.78 15.72
C VAL Z 58 -65.43 83.14 16.68
N VAL Z 59 -64.46 82.41 16.14
CA VAL Z 59 -63.40 81.74 16.93
C VAL Z 59 -62.05 82.24 16.44
N ILE Z 60 -61.23 82.74 17.36
CA ILE Z 60 -59.86 83.25 17.08
C ILE Z 60 -58.88 82.54 18.02
N ALA Z 61 -57.74 82.13 17.49
CA ALA Z 61 -56.70 81.38 18.24
C ALA Z 61 -55.35 81.50 17.54
N ASP Z 62 -54.27 81.34 18.28
CA ASP Z 62 -52.90 81.35 17.72
C ASP Z 62 -52.18 80.11 18.27
N ASP Z 63 -51.16 79.65 17.55
CA ASP Z 63 -50.08 78.79 18.09
C ASP Z 63 -49.12 79.73 18.83
N HIS Z 64 -48.99 79.60 20.14
CA HIS Z 64 -48.14 80.50 20.95
C HIS Z 64 -46.69 80.31 20.51
N ALA Z 65 -45.82 81.24 20.91
CA ALA Z 65 -44.35 81.11 20.84
C ALA Z 65 -43.95 79.69 21.22
N GLY Z 66 -43.02 79.11 20.47
CA GLY Z 66 -42.46 77.80 20.79
C GLY Z 66 -43.40 76.66 20.48
N HIS Z 67 -44.54 76.91 19.82
CA HIS Z 67 -45.60 75.86 19.65
C HIS Z 67 -46.17 75.78 18.23
N GLY Z 68 -46.64 74.58 17.84
CA GLY Z 68 -47.32 74.30 16.57
C GLY Z 68 -46.69 75.03 15.39
N ARG Z 69 -47.52 75.71 14.60
CA ARG Z 69 -47.07 76.23 13.30
C ARG Z 69 -46.05 77.36 13.55
N THR Z 70 -46.17 78.08 14.67
CA THR Z 70 -45.22 79.15 15.07
C THR Z 70 -43.83 78.54 15.21
N ALA Z 71 -43.72 77.41 15.90
CA ALA Z 71 -42.44 76.64 16.06
C ALA Z 71 -42.00 76.05 14.72
N MET Z 72 -42.95 75.53 13.94
CA MET Z 72 -42.67 74.90 12.63
C MET Z 72 -42.04 75.95 11.70
N GLN Z 73 -42.42 77.22 11.77
CA GLN Z 73 -41.87 78.28 10.88
C GLN Z 73 -40.57 78.88 11.43
N SER Z 74 -40.42 79.04 12.74
CA SER Z 74 -39.21 79.61 13.38
C SER Z 74 -38.16 78.52 13.62
N GLY Z 75 -38.54 77.24 13.57
CA GLY Z 75 -37.65 76.12 13.97
C GLY Z 75 -37.39 76.02 15.48
N VAL Z 76 -37.86 76.96 16.30
CA VAL Z 76 -37.65 76.91 17.77
C VAL Z 76 -38.91 76.36 18.47
N TRP Z 77 -38.71 75.27 19.22
CA TRP Z 77 -39.73 74.52 19.98
C TRP Z 77 -39.53 74.70 21.49
N ALA Z 78 -40.63 74.85 22.21
CA ALA Z 78 -40.71 74.73 23.67
C ALA Z 78 -39.81 75.80 24.29
N ASP Z 79 -39.64 76.91 23.56
CA ASP Z 79 -39.00 78.15 24.08
C ASP Z 79 -39.69 79.37 23.48
N ALA Z 80 -39.93 80.38 24.29
CA ALA Z 80 -40.70 81.58 23.89
C ALA Z 80 -39.81 82.82 24.04
N GLY Z 81 -38.48 82.65 24.18
CA GLY Z 81 -37.55 83.77 24.42
C GLY Z 81 -37.47 84.17 25.89
N ASP Z 82 -37.00 85.38 26.17
CA ASP Z 82 -36.83 85.94 27.53
C ASP Z 82 -38.19 86.42 28.07
N ASN Z 83 -38.34 86.52 29.40
CA ASN Z 83 -39.62 86.94 30.06
C ASN Z 83 -40.78 86.20 29.39
N ALA Z 84 -40.66 84.87 29.36
CA ALA Z 84 -41.51 83.94 28.57
C ALA Z 84 -43.00 84.16 28.89
N ALA Z 85 -43.35 84.21 30.17
CA ALA Z 85 -44.72 84.51 30.65
C ALA Z 85 -45.21 85.84 30.04
N GLU Z 86 -44.43 86.91 30.13
CA GLU Z 86 -44.83 88.25 29.57
C GLU Z 86 -45.02 88.18 28.04
N VAL Z 87 -44.15 87.46 27.33
CA VAL Z 87 -44.25 87.22 25.85
C VAL Z 87 -45.64 86.68 25.54
N VAL Z 88 -46.05 85.56 26.17
CA VAL Z 88 -47.24 84.77 25.71
C VAL Z 88 -48.51 85.52 26.11
N ILE Z 89 -48.52 86.22 27.24
CA ILE Z 89 -49.66 87.09 27.66
C ILE Z 89 -49.78 88.24 26.65
N SER Z 90 -48.67 88.95 26.41
CA SER Z 90 -48.58 90.07 25.44
C SER Z 90 -49.12 89.56 24.10
N ASP Z 91 -48.60 88.44 23.63
CA ASP Z 91 -49.07 87.90 22.33
C ASP Z 91 -50.58 87.64 22.39
N GLU Z 92 -51.13 87.14 23.50
CA GLU Z 92 -52.59 86.79 23.54
C GLU Z 92 -53.42 88.08 23.49
N LEU Z 93 -52.90 89.17 24.03
CA LEU Z 93 -53.52 90.51 23.95
C LEU Z 93 -53.45 91.03 22.49
N THR Z 94 -52.25 91.03 21.91
CA THR Z 94 -52.03 91.39 20.47
C THR Z 94 -52.98 90.58 19.58
N LEU Z 95 -53.24 89.30 19.91
CA LEU Z 95 -54.21 88.48 19.15
C LEU Z 95 -55.59 89.15 19.15
N GLN Z 96 -55.98 89.81 20.23
CA GLN Z 96 -57.34 90.38 20.37
C GLN Z 96 -57.49 91.56 19.39
N GLN Z 97 -56.43 92.36 19.25
CA GLN Z 97 -56.35 93.60 18.42
C GLN Z 97 -56.34 93.28 16.91
N GLN Z 98 -56.16 92.02 16.53
CA GLN Z 98 -56.15 91.62 15.10
C GLN Z 98 -57.59 91.63 14.57
N LEU Z 99 -58.63 91.70 15.41
CA LEU Z 99 -60.04 91.86 14.98
C LEU Z 99 -60.58 93.27 15.29
N ALA Z 100 -59.72 94.17 15.78
CA ALA Z 100 -60.05 95.62 16.00
C ALA Z 100 -60.79 96.18 14.77
N GLY Z 101 -61.97 96.77 15.03
CA GLY Z 101 -62.85 97.36 14.01
C GLY Z 101 -63.88 96.38 13.47
N GLN Z 102 -63.75 95.07 13.70
CA GLN Z 102 -64.61 94.06 12.99
C GLN Z 102 -65.77 93.58 13.88
N PHE Z 103 -65.55 93.47 15.18
CA PHE Z 103 -66.51 92.89 16.15
C PHE Z 103 -66.35 93.65 17.47
N ASP Z 104 -66.27 94.99 17.41
CA ASP Z 104 -66.05 95.84 18.63
C ASP Z 104 -67.32 95.83 19.49
N ASP Z 105 -68.46 95.49 18.89
CA ASP Z 105 -69.81 95.51 19.53
C ASP Z 105 -70.09 94.18 20.27
N LEU Z 106 -69.38 93.09 19.94
CA LEU Z 106 -69.77 91.70 20.31
C LEU Z 106 -69.12 91.30 21.63
N PRO Z 107 -69.76 90.40 22.42
CA PRO Z 107 -69.16 89.88 23.65
C PRO Z 107 -67.96 88.95 23.37
N TRP Z 108 -66.95 89.03 24.21
CA TRP Z 108 -65.67 88.30 24.02
C TRP Z 108 -65.39 87.38 25.22
N VAL Z 109 -65.45 86.06 24.98
CA VAL Z 109 -65.13 84.97 25.95
C VAL Z 109 -63.69 84.46 25.71
N VAL Z 110 -62.90 84.35 26.77
CA VAL Z 110 -61.61 83.62 26.71
C VAL Z 110 -61.76 82.19 27.23
N PHE Z 111 -61.39 81.20 26.42
CA PHE Z 111 -61.23 79.76 26.79
C PHE Z 111 -59.74 79.42 26.83
N GLY Z 112 -59.23 79.01 27.98
CA GLY Z 112 -57.83 78.61 28.19
C GLY Z 112 -57.71 77.23 28.84
N HIS Z 113 -56.95 76.34 28.21
CA HIS Z 113 -56.68 74.96 28.69
C HIS Z 113 -55.24 74.83 29.16
N SER Z 114 -55.02 74.38 30.40
CA SER Z 114 -53.73 74.07 31.06
C SER Z 114 -52.91 75.35 31.20
N TRP Z 115 -51.72 75.39 30.58
CA TRP Z 115 -50.92 76.63 30.36
C TRP Z 115 -51.80 77.75 29.79
N GLY Z 116 -52.81 77.46 28.96
CA GLY Z 116 -53.83 78.41 28.48
C GLY Z 116 -54.78 78.92 29.58
N SER Z 117 -55.13 78.08 30.57
CA SER Z 117 -55.87 78.50 31.80
C SER Z 117 -55.00 79.49 32.58
N MET Z 118 -53.71 79.24 32.72
CA MET Z 118 -52.85 80.11 33.54
C MET Z 118 -52.75 81.47 32.81
N ILE Z 119 -52.50 81.43 31.50
CA ILE Z 119 -52.38 82.64 30.63
C ILE Z 119 -53.69 83.44 30.70
N ALA Z 120 -54.84 82.79 30.49
CA ALA Z 120 -56.20 83.41 30.56
C ALA Z 120 -56.40 84.16 31.88
N ARG Z 121 -55.91 83.61 32.98
CA ARG Z 121 -56.11 84.19 34.33
C ARG Z 121 -55.19 85.39 34.46
N ALA Z 122 -53.93 85.24 34.08
CA ALA Z 122 -52.97 86.37 34.16
C ALA Z 122 -53.52 87.55 33.34
N MET Z 123 -54.19 87.28 32.22
CA MET Z 123 -54.73 88.33 31.30
C MET Z 123 -55.82 89.11 32.06
N ALA Z 124 -56.73 88.42 32.74
CA ALA Z 124 -57.87 89.02 33.46
C ALA Z 124 -57.39 90.18 34.36
N THR Z 125 -56.23 90.03 35.01
CA THR Z 125 -55.68 90.97 36.02
C THR Z 125 -55.21 92.25 35.35
N ARG Z 126 -55.01 92.21 34.02
CA ARG Z 126 -54.50 93.35 33.19
C ARG Z 126 -55.66 94.23 32.79
N PRO Z 127 -55.48 95.57 32.86
CA PRO Z 127 -56.40 96.52 32.23
C PRO Z 127 -56.33 96.49 30.69
N GLY Z 128 -57.45 96.83 30.06
CA GLY Z 128 -57.55 96.84 28.60
C GLY Z 128 -57.83 95.45 28.03
N THR Z 129 -57.80 94.38 28.82
CA THR Z 129 -58.14 93.02 28.31
C THR Z 129 -59.63 92.97 27.89
N ARG Z 130 -59.90 92.44 26.68
CA ARG Z 130 -61.28 92.20 26.18
C ARG Z 130 -61.78 90.88 26.77
N LEU Z 131 -62.52 90.94 27.88
CA LEU Z 131 -62.93 89.75 28.66
C LEU Z 131 -64.30 89.99 29.26
N ASP Z 132 -65.34 89.46 28.62
CA ASP Z 132 -66.76 89.61 29.05
C ASP Z 132 -67.26 88.30 29.67
N GLY Z 133 -66.42 87.25 29.63
CA GLY Z 133 -66.68 85.89 30.13
C GLY Z 133 -65.43 85.01 30.04
N LEU Z 134 -65.00 84.42 31.17
CA LEU Z 134 -63.76 83.59 31.30
C LEU Z 134 -64.12 82.11 31.50
N ALA Z 135 -63.61 81.26 30.60
CA ALA Z 135 -63.73 79.79 30.66
C ALA Z 135 -62.33 79.17 30.76
N LEU Z 136 -62.14 78.34 31.79
CA LEU Z 136 -60.87 77.68 32.13
C LEU Z 136 -61.09 76.19 32.03
N CYS Z 137 -60.21 75.50 31.32
CA CYS Z 137 -60.20 74.03 31.16
C CYS Z 137 -58.84 73.48 31.62
N GLY Z 138 -58.82 72.24 32.11
CA GLY Z 138 -57.64 71.59 32.71
C GLY Z 138 -56.88 72.54 33.59
N ILE Z 139 -57.56 73.12 34.60
CA ILE Z 139 -57.04 74.24 35.44
C ILE Z 139 -55.77 73.77 36.13
N VAL Z 140 -54.78 74.66 36.29
CA VAL Z 140 -53.50 74.41 37.03
C VAL Z 140 -53.59 75.17 38.36
N ALA Z 141 -53.91 74.43 39.45
CA ALA Z 141 -54.13 75.00 40.81
C ALA Z 141 -53.67 74.03 41.91
N GLN Z 142 -52.62 74.37 42.64
CA GLN Z 142 -52.16 73.70 43.88
C GLN Z 142 -51.63 72.27 43.66
N PRO Z 143 -51.06 71.88 42.48
CA PRO Z 143 -50.40 70.57 42.33
C PRO Z 143 -49.01 70.58 42.99
N ARG Z 144 -48.57 69.44 43.54
CA ARG Z 144 -47.45 69.43 44.52
C ARG Z 144 -46.24 70.19 43.94
N GLY Z 145 -45.90 69.96 42.66
CA GLY Z 145 -44.69 70.45 41.99
C GLY Z 145 -44.53 71.96 42.08
N PHE Z 146 -45.47 72.70 41.51
CA PHE Z 146 -45.48 74.19 41.52
C PHE Z 146 -45.63 74.73 42.94
N GLU Z 147 -46.40 74.09 43.82
CA GLU Z 147 -46.66 74.63 45.19
C GLU Z 147 -45.41 74.49 46.04
N THR Z 148 -44.79 73.31 46.02
CA THR Z 148 -43.85 72.87 47.08
C THR Z 148 -42.54 72.41 46.46
N THR Z 149 -42.55 71.45 45.55
CA THR Z 149 -41.33 70.69 45.17
C THR Z 149 -40.37 71.56 44.36
N LEU Z 150 -40.89 72.37 43.43
CA LEU Z 150 -40.04 73.18 42.52
C LEU Z 150 -39.17 74.11 43.38
N ASP Z 151 -37.85 74.06 43.16
CA ASP Z 151 -36.82 74.81 43.93
C ASP Z 151 -36.50 76.09 43.15
N HIS Z 152 -36.98 77.24 43.61
CA HIS Z 152 -36.81 78.57 42.97
C HIS Z 152 -35.32 78.99 42.97
N LYS Z 153 -34.51 78.54 43.94
CA LYS Z 153 -33.07 78.90 44.05
C LYS Z 153 -32.25 78.10 43.01
N THR Z 154 -32.47 76.79 42.90
CA THR Z 154 -31.83 75.87 41.92
C THR Z 154 -32.17 76.33 40.49
N LEU Z 155 -33.38 76.87 40.31
CA LEU Z 155 -33.90 77.42 39.02
C LEU Z 155 -33.14 78.72 38.73
N ALA Z 156 -33.15 79.69 39.65
CA ALA Z 156 -32.49 81.02 39.49
C ALA Z 156 -31.00 80.83 39.19
N LYS Z 157 -30.36 79.87 39.86
CA LYS Z 157 -28.92 79.57 39.69
C LYS Z 157 -28.67 79.01 38.27
N ALA Z 158 -29.54 78.11 37.79
CA ALA Z 158 -29.46 77.48 36.43
C ALA Z 158 -29.95 78.48 35.38
N MET Z 159 -30.58 79.55 35.84
CA MET Z 159 -30.94 80.64 34.91
C MET Z 159 -29.68 81.51 34.76
N ALA Z 160 -28.77 81.47 35.73
CA ALA Z 160 -27.55 82.29 35.61
C ALA Z 160 -26.50 81.52 34.82
N THR Z 161 -26.60 80.20 34.76
CA THR Z 161 -25.56 79.47 34.00
C THR Z 161 -25.95 79.30 32.53
N ALA Z 162 -27.10 78.70 32.23
CA ALA Z 162 -27.44 78.52 30.81
C ALA Z 162 -28.94 78.64 30.58
N PRO Z 163 -29.53 79.84 30.59
CA PRO Z 163 -30.96 79.98 30.37
C PRO Z 163 -31.48 79.38 29.05
N THR Z 164 -30.73 79.49 27.96
CA THR Z 164 -31.26 78.97 26.67
C THR Z 164 -31.02 77.47 26.57
N ASP Z 165 -30.21 76.91 27.45
CA ASP Z 165 -29.98 75.44 27.41
C ASP Z 165 -31.26 74.74 27.84
N PRO Z 166 -31.50 73.53 27.27
CA PRO Z 166 -32.53 72.62 27.78
C PRO Z 166 -32.58 72.51 29.31
N ALA Z 167 -33.79 72.53 29.90
CA ALA Z 167 -34.01 72.60 31.37
C ALA Z 167 -33.46 71.33 31.97
N PRO Z 168 -32.68 71.41 33.08
CA PRO Z 168 -32.06 70.22 33.64
C PRO Z 168 -33.19 69.25 34.05
N GLU Z 169 -33.09 68.00 33.63
CA GLU Z 169 -34.00 66.88 34.00
C GLU Z 169 -34.49 67.04 35.44
N ALA Z 170 -33.66 67.59 36.33
CA ALA Z 170 -33.97 67.82 37.76
C ALA Z 170 -35.20 68.72 37.92
N LEU Z 171 -35.19 69.90 37.31
CA LEU Z 171 -36.21 70.96 37.57
C LEU Z 171 -37.55 70.59 36.91
N VAL Z 172 -37.50 69.94 35.74
CA VAL Z 172 -38.69 69.47 34.98
C VAL Z 172 -39.42 68.44 35.84
N ALA Z 173 -38.69 67.60 36.56
CA ALA Z 173 -39.26 66.48 37.32
C ALA Z 173 -39.90 67.04 38.61
N GLN Z 174 -39.21 67.96 39.28
CA GLN Z 174 -39.80 68.75 40.40
C GLN Z 174 -41.11 69.39 39.93
N MET Z 175 -41.12 70.07 38.78
CA MET Z 175 -42.29 70.88 38.35
C MET Z 175 -43.49 69.95 38.14
N PHE Z 176 -43.30 68.78 37.58
CA PHE Z 176 -44.43 67.86 37.22
C PHE Z 176 -44.55 66.78 38.30
N ASP Z 177 -43.87 66.99 39.43
CA ASP Z 177 -44.02 66.14 40.64
C ASP Z 177 -45.49 66.15 41.06
N GLY Z 178 -46.09 64.96 41.12
CA GLY Z 178 -47.54 64.80 41.37
C GLY Z 178 -48.23 64.18 40.18
N PHE Z 179 -47.77 64.51 38.95
CA PHE Z 179 -48.52 64.22 37.71
C PHE Z 179 -48.62 62.70 37.48
N ALA Z 180 -47.89 61.92 38.26
CA ALA Z 180 -47.83 60.46 38.10
C ALA Z 180 -48.66 59.80 39.22
N ASP Z 181 -49.17 60.55 40.18
CA ASP Z 181 -49.68 59.94 41.44
C ASP Z 181 -50.72 58.84 41.17
N ARG Z 182 -51.65 58.98 40.22
CA ARG Z 182 -52.74 57.96 40.05
C ARG Z 182 -52.61 57.21 38.72
N LEU Z 183 -51.37 56.86 38.33
CA LEU Z 183 -51.03 56.14 37.08
C LEU Z 183 -50.53 54.72 37.40
N SER Z 184 -51.00 53.71 36.68
CA SER Z 184 -50.53 52.31 36.78
C SER Z 184 -49.25 52.12 35.94
N GLU Z 185 -48.77 50.88 35.82
CA GLU Z 185 -47.80 50.51 34.75
C GLU Z 185 -48.48 50.78 33.40
N ASP Z 186 -49.67 50.19 33.22
CA ASP Z 186 -50.37 50.13 31.91
C ASP Z 186 -50.55 51.54 31.30
N ASP Z 187 -50.69 52.60 32.12
CA ASP Z 187 -51.07 53.97 31.69
C ASP Z 187 -49.99 54.58 30.77
N GLY Z 188 -48.71 54.35 31.07
CA GLY Z 188 -47.58 54.98 30.36
C GLY Z 188 -47.24 56.32 31.00
N PRO Z 189 -46.19 57.01 30.50
CA PRO Z 189 -45.73 58.28 31.10
C PRO Z 189 -46.68 59.46 30.89
N THR Z 190 -47.30 59.60 29.71
CA THR Z 190 -48.22 60.72 29.37
C THR Z 190 -49.67 60.34 29.73
N GLY Z 191 -49.86 59.35 30.61
CA GLY Z 191 -51.18 58.76 30.92
C GLY Z 191 -52.12 59.78 31.53
N TRP Z 192 -51.57 60.79 32.19
CA TRP Z 192 -52.34 61.85 32.90
C TRP Z 192 -53.08 62.74 31.91
N VAL Z 193 -52.64 62.77 30.66
CA VAL Z 193 -53.24 63.65 29.63
C VAL Z 193 -54.72 63.29 29.49
N ALA Z 194 -55.06 62.00 29.49
CA ALA Z 194 -56.46 61.51 29.28
C ALA Z 194 -56.59 60.04 29.69
N ARG Z 195 -57.75 59.64 30.21
CA ARG Z 195 -58.12 58.19 30.35
C ARG Z 195 -58.04 57.52 28.98
N SER Z 196 -58.56 58.14 27.91
CA SER Z 196 -58.58 57.58 26.54
C SER Z 196 -57.14 57.40 26.01
N LYS Z 197 -56.75 56.17 25.74
CA LYS Z 197 -55.39 55.84 25.21
C LYS Z 197 -55.32 56.36 23.76
N GLU Z 198 -56.45 56.40 23.05
CA GLU Z 198 -56.49 56.88 21.65
C GLU Z 198 -56.11 58.36 21.63
N VAL Z 199 -56.53 59.13 22.63
CA VAL Z 199 -56.29 60.60 22.75
C VAL Z 199 -54.80 60.82 23.01
N VAL Z 200 -54.30 60.17 24.08
CA VAL Z 200 -52.86 60.12 24.46
C VAL Z 200 -51.96 59.71 23.27
N ALA Z 201 -52.32 58.69 22.49
CA ALA Z 201 -51.57 58.21 21.31
C ALA Z 201 -51.61 59.26 20.19
N ASP Z 202 -52.73 60.00 20.08
CA ASP Z 202 -52.87 60.95 18.95
C ASP Z 202 -52.06 62.18 19.31
N HIS Z 203 -52.08 62.58 20.58
CA HIS Z 203 -51.23 63.66 21.16
C HIS Z 203 -49.77 63.42 20.76
N GLY Z 204 -49.32 62.17 20.88
CA GLY Z 204 -47.90 61.81 20.71
C GLY Z 204 -47.56 61.78 19.25
N LYS Z 205 -48.50 61.45 18.36
CA LYS Z 205 -48.25 61.28 16.92
C LYS Z 205 -48.37 62.61 16.17
N ASP Z 206 -49.04 63.61 16.72
CA ASP Z 206 -49.37 64.87 15.99
C ASP Z 206 -48.08 65.67 15.88
N LYS Z 207 -47.59 65.87 14.66
CA LYS Z 207 -46.30 66.60 14.44
C LYS Z 207 -46.42 68.05 14.93
N PHE Z 208 -47.61 68.65 14.99
CA PHE Z 208 -47.75 70.04 15.49
C PHE Z 208 -47.66 70.07 17.01
N ASN Z 209 -47.64 68.91 17.68
CA ASN Z 209 -47.23 68.84 19.11
C ASN Z 209 -45.70 68.63 19.27
N ASN Z 210 -45.03 68.05 18.27
CA ASN Z 210 -43.58 67.65 18.32
C ASN Z 210 -43.24 67.15 19.72
N PHE Z 211 -43.84 66.03 20.08
CA PHE Z 211 -43.91 65.51 21.46
C PHE Z 211 -42.49 65.13 21.87
N GLY Z 212 -42.11 65.42 23.11
CA GLY Z 212 -40.81 65.05 23.71
C GLY Z 212 -39.79 66.16 23.55
N ALA Z 213 -40.17 67.28 22.91
CA ALA Z 213 -39.31 68.46 22.68
C ALA Z 213 -39.00 69.12 24.01
N PRO Z 214 -37.72 69.22 24.38
CA PRO Z 214 -37.34 69.72 25.69
C PRO Z 214 -37.53 71.24 25.82
N MET Z 215 -38.15 71.65 26.93
CA MET Z 215 -38.30 73.06 27.36
C MET Z 215 -36.91 73.62 27.60
N SER Z 216 -36.71 74.88 27.23
CA SER Z 216 -35.55 75.68 27.69
C SER Z 216 -35.74 75.98 29.19
N THR Z 217 -34.63 76.22 29.89
CA THR Z 217 -34.58 76.68 31.29
C THR Z 217 -35.43 77.95 31.43
N ARG Z 218 -35.31 78.95 30.54
CA ARG Z 218 -36.09 80.22 30.71
C ARG Z 218 -37.58 80.00 30.36
N PHE Z 219 -37.90 78.93 29.63
CA PHE Z 219 -39.30 78.53 29.42
C PHE Z 219 -39.87 77.97 30.73
N LEU Z 220 -39.10 77.13 31.44
CA LEU Z 220 -39.51 76.58 32.75
C LEU Z 220 -39.75 77.74 33.71
N GLN Z 221 -38.82 78.71 33.75
CA GLN Z 221 -38.95 79.99 34.53
C GLN Z 221 -40.31 80.64 34.22
N GLY Z 222 -40.61 80.83 32.94
CA GLY Z 222 -41.93 81.28 32.42
C GLY Z 222 -43.11 80.53 32.99
N LEU Z 223 -43.09 79.18 33.04
CA LEU Z 223 -44.19 78.34 33.60
C LEU Z 223 -44.39 78.66 35.09
N ALA Z 224 -43.31 78.78 35.83
CA ALA Z 224 -43.31 79.11 37.27
C ALA Z 224 -43.89 80.51 37.45
N ASP Z 225 -43.39 81.49 36.69
CA ASP Z 225 -43.82 82.91 36.75
C ASP Z 225 -45.33 83.02 36.53
N ILE Z 226 -45.86 82.43 35.44
CA ILE Z 226 -47.30 82.47 35.03
C ILE Z 226 -48.18 81.68 36.01
N TYR Z 227 -47.62 80.70 36.73
CA TYR Z 227 -48.35 79.91 37.75
C TYR Z 227 -48.72 80.84 38.93
N ALA Z 228 -47.73 81.55 39.48
CA ALA Z 228 -47.89 82.60 40.54
C ALA Z 228 -48.80 83.74 40.07
N MET Z 229 -48.67 84.25 38.83
CA MET Z 229 -49.65 85.27 38.36
C MET Z 229 -51.07 84.69 38.42
N ALA Z 230 -51.24 83.43 38.01
CA ALA Z 230 -52.56 82.79 37.88
C ALA Z 230 -53.15 82.47 39.26
N ASN Z 231 -52.30 82.15 40.25
CA ASN Z 231 -52.68 81.48 41.53
C ASN Z 231 -52.22 82.30 42.76
N GLY Z 232 -51.39 83.33 42.60
CA GLY Z 232 -51.00 84.23 43.71
C GLY Z 232 -52.22 84.98 44.19
N ASP Z 233 -52.12 85.70 45.31
CA ASP Z 233 -53.24 86.48 45.93
C ASP Z 233 -53.72 87.56 44.92
N SER Z 234 -52.78 88.14 44.16
CA SER Z 234 -53.02 89.31 43.27
C SER Z 234 -54.04 89.01 42.17
N PHE Z 235 -54.23 87.75 41.77
CA PHE Z 235 -55.30 87.33 40.82
C PHE Z 235 -56.69 87.42 41.46
N TYR Z 236 -56.84 86.78 42.63
CA TYR Z 236 -58.11 86.74 43.39
C TYR Z 236 -58.50 88.17 43.76
N ALA Z 237 -57.49 88.97 44.14
CA ALA Z 237 -57.68 90.38 44.52
C ALA Z 237 -57.86 91.28 43.30
N THR Z 238 -57.63 90.80 42.07
CA THR Z 238 -57.81 91.72 40.92
C THR Z 238 -58.72 91.13 39.84
N MET Z 239 -59.09 89.86 39.90
CA MET Z 239 -60.04 89.28 38.91
C MET Z 239 -61.29 90.14 38.82
N PRO Z 240 -61.79 90.48 37.61
CA PRO Z 240 -62.98 91.33 37.46
C PRO Z 240 -64.27 90.56 37.71
N ASN Z 241 -65.34 91.24 38.13
CA ASN Z 241 -66.61 90.49 38.37
C ASN Z 241 -67.35 90.26 37.06
N ILE Z 242 -67.02 89.17 36.37
CA ILE Z 242 -67.69 88.73 35.11
C ILE Z 242 -68.00 87.24 35.25
N PRO Z 243 -68.95 86.68 34.48
CA PRO Z 243 -69.25 85.27 34.59
C PRO Z 243 -67.99 84.43 34.32
N ILE Z 244 -67.73 83.49 35.22
CA ILE Z 244 -66.59 82.55 35.16
C ILE Z 244 -67.13 81.13 35.01
N VAL Z 245 -66.46 80.27 34.24
CA VAL Z 245 -66.71 78.80 34.18
C VAL Z 245 -65.37 78.02 34.21
N LEU Z 246 -65.39 76.81 34.79
CA LEU Z 246 -64.23 75.92 35.01
C LEU Z 246 -64.62 74.52 34.55
N PHE Z 247 -63.78 73.89 33.76
CA PHE Z 247 -63.90 72.48 33.36
C PHE Z 247 -62.66 71.71 33.85
N ALA Z 248 -62.81 70.51 34.40
CA ALA Z 248 -61.66 69.69 34.89
C ALA Z 248 -62.13 68.27 35.19
N GLY Z 249 -61.21 67.34 34.98
CA GLY Z 249 -61.30 65.94 35.43
C GLY Z 249 -60.92 65.81 36.89
N SER Z 250 -61.56 64.85 37.59
CA SER Z 250 -61.27 64.49 39.01
C SER Z 250 -59.88 63.88 39.08
N GLU Z 251 -59.42 63.26 37.97
CA GLU Z 251 -58.15 62.51 37.92
C GLU Z 251 -57.06 63.37 37.24
N ASP Z 252 -57.24 64.69 37.19
CA ASP Z 252 -56.27 65.63 36.56
C ASP Z 252 -55.29 66.07 37.63
N PRO Z 253 -54.01 65.61 37.62
CA PRO Z 253 -53.02 66.12 38.56
C PRO Z 253 -52.78 67.64 38.52
N ALA Z 254 -52.98 68.29 37.35
CA ALA Z 254 -52.80 69.76 37.15
C ALA Z 254 -53.58 70.55 38.22
N GLY Z 255 -54.84 70.15 38.50
CA GLY Z 255 -55.74 70.77 39.52
C GLY Z 255 -55.73 70.02 40.84
N ASP Z 256 -54.65 69.27 41.13
CA ASP Z 256 -54.50 68.40 42.33
C ASP Z 256 -55.77 67.52 42.44
N PHE Z 257 -56.14 66.79 41.39
CA PHE Z 257 -57.26 65.80 41.34
C PHE Z 257 -58.57 66.43 41.85
N GLY Z 258 -58.98 67.55 41.25
CA GLY Z 258 -60.23 68.28 41.61
C GLY Z 258 -60.09 69.18 42.85
N THR Z 259 -59.19 68.87 43.80
CA THR Z 259 -59.05 69.60 45.07
C THR Z 259 -58.65 71.05 44.79
N GLY Z 260 -57.65 71.24 43.93
CA GLY Z 260 -57.07 72.58 43.66
C GLY Z 260 -58.07 73.48 42.96
N VAL Z 261 -58.84 72.88 42.06
CA VAL Z 261 -59.93 73.52 41.26
C VAL Z 261 -61.05 74.03 42.18
N LYS Z 262 -61.59 73.13 43.03
CA LYS Z 262 -62.66 73.42 44.03
C LYS Z 262 -62.21 74.52 44.99
N ALA Z 263 -60.91 74.56 45.34
CA ALA Z 263 -60.32 75.69 46.09
C ALA Z 263 -60.32 76.97 45.22
N VAL Z 264 -60.07 76.86 43.91
CA VAL Z 264 -60.16 78.04 42.98
C VAL Z 264 -61.61 78.55 43.04
N ALA Z 265 -62.60 77.68 42.79
CA ALA Z 265 -64.04 78.01 42.71
C ALA Z 265 -64.48 78.68 44.01
N GLU Z 266 -64.12 78.08 45.15
CA GLU Z 266 -64.58 78.55 46.48
C GLU Z 266 -63.91 79.87 46.82
N ARG Z 267 -62.65 80.08 46.43
CA ARG Z 267 -61.91 81.30 46.85
C ARG Z 267 -62.38 82.51 46.03
N LEU Z 268 -62.86 82.27 44.81
CA LEU Z 268 -63.52 83.27 43.93
C LEU Z 268 -64.89 83.65 44.54
N ARG Z 269 -65.67 82.71 45.08
CA ARG Z 269 -67.00 83.00 45.73
C ARG Z 269 -66.78 83.89 46.98
N ARG Z 270 -65.78 83.60 47.80
CA ARG Z 270 -65.45 84.41 49.03
C ARG Z 270 -65.18 85.88 48.69
N ASP Z 271 -64.45 86.19 47.60
CA ASP Z 271 -64.23 87.58 47.11
C ASP Z 271 -65.53 88.14 46.48
N GLY Z 272 -66.47 87.27 46.09
CA GLY Z 272 -67.86 87.62 45.73
C GLY Z 272 -68.24 87.36 44.28
N HIS Z 273 -67.52 86.46 43.57
CA HIS Z 273 -67.67 86.16 42.11
C HIS Z 273 -68.75 85.10 41.89
N ASN Z 274 -69.27 85.03 40.66
CA ASN Z 274 -70.11 83.92 40.14
C ASN Z 274 -69.18 82.95 39.41
N VAL Z 275 -69.33 81.65 39.66
CA VAL Z 275 -68.44 80.55 39.19
C VAL Z 275 -69.29 79.30 38.97
N GLU Z 276 -69.46 78.90 37.73
CA GLU Z 276 -70.07 77.62 37.27
C GLU Z 276 -68.96 76.54 37.21
N LEU Z 277 -69.09 75.42 37.92
CA LEU Z 277 -68.01 74.40 38.08
C LEU Z 277 -68.54 73.08 37.51
N HIS Z 278 -67.81 72.47 36.57
CA HIS Z 278 -68.05 71.14 35.96
C HIS Z 278 -66.85 70.23 36.31
N LEU Z 279 -67.03 69.34 37.28
CA LEU Z 279 -66.03 68.30 37.66
C LEU Z 279 -66.49 66.99 37.01
N TYR Z 280 -65.67 66.43 36.13
CA TYR Z 280 -65.98 65.18 35.40
C TYR Z 280 -65.30 64.06 36.15
N ASP Z 281 -66.03 63.50 37.10
CA ASP Z 281 -65.61 62.32 37.91
C ASP Z 281 -65.08 61.20 37.00
N GLY Z 282 -63.89 60.65 37.31
CA GLY Z 282 -63.24 59.55 36.56
C GLY Z 282 -62.28 60.00 35.45
N LEU Z 283 -62.29 61.27 35.02
CA LEU Z 283 -61.57 61.72 33.78
C LEU Z 283 -60.33 62.54 34.16
N ARG Z 284 -59.37 62.58 33.24
CA ARG Z 284 -58.03 63.16 33.49
C ARG Z 284 -57.96 64.59 32.93
N HIS Z 285 -56.78 65.07 32.50
CA HIS Z 285 -56.51 66.49 32.16
C HIS Z 285 -57.51 67.02 31.11
N GLU Z 286 -57.51 66.41 29.92
CA GLU Z 286 -58.11 66.95 28.67
C GLU Z 286 -59.59 66.57 28.58
N VAL Z 287 -60.45 67.19 29.39
CA VAL Z 287 -61.90 66.82 29.40
C VAL Z 287 -62.58 67.32 28.13
N HIS Z 288 -61.96 68.28 27.44
CA HIS Z 288 -62.43 68.77 26.12
C HIS Z 288 -62.14 67.75 25.04
N ASN Z 289 -61.27 66.76 25.33
CA ASN Z 289 -60.89 65.75 24.31
C ASN Z 289 -61.41 64.36 24.68
N GLU Z 290 -61.65 64.06 25.97
CA GLU Z 290 -62.16 62.74 26.44
C GLU Z 290 -63.48 62.46 25.75
N PRO Z 291 -63.68 61.29 25.07
CA PRO Z 291 -64.92 61.02 24.35
C PRO Z 291 -66.19 61.12 25.23
N GLU Z 292 -66.08 60.89 26.53
CA GLU Z 292 -67.28 60.85 27.41
C GLU Z 292 -67.70 62.28 27.77
N SER Z 293 -66.76 63.20 27.87
CA SER Z 293 -66.98 64.55 28.44
C SER Z 293 -67.08 65.63 27.35
N ARG Z 294 -66.68 65.35 26.10
CA ARG Z 294 -66.47 66.42 25.08
C ARG Z 294 -67.79 67.11 24.74
N ALA Z 295 -68.77 66.35 24.22
CA ALA Z 295 -70.16 66.82 23.94
C ALA Z 295 -70.59 67.76 25.08
N ASP Z 296 -70.35 67.36 26.32
CA ASP Z 296 -70.72 68.14 27.53
C ASP Z 296 -69.78 69.34 27.74
N VAL Z 297 -68.45 69.23 27.51
CA VAL Z 297 -67.58 70.44 27.67
C VAL Z 297 -68.08 71.50 26.69
N GLU Z 298 -68.37 71.08 25.45
CA GLU Z 298 -68.72 72.02 24.36
C GLU Z 298 -70.10 72.62 24.65
N SER Z 299 -71.16 71.81 24.73
CA SER Z 299 -72.55 72.29 24.96
C SER Z 299 -72.56 73.31 26.12
N SER Z 300 -71.93 72.98 27.26
CA SER Z 300 -71.86 73.89 28.45
C SER Z 300 -71.19 75.22 28.09
N LEU Z 301 -70.15 75.19 27.25
CA LEU Z 301 -69.39 76.40 26.85
C LEU Z 301 -70.25 77.24 25.89
N VAL Z 302 -70.90 76.60 24.91
CA VAL Z 302 -71.91 77.23 24.01
C VAL Z 302 -72.95 78.00 24.88
N THR Z 303 -73.64 77.30 25.78
CA THR Z 303 -74.68 77.83 26.70
C THR Z 303 -74.06 78.96 27.51
N PHE Z 304 -72.82 78.76 27.98
CA PHE Z 304 -72.11 79.74 28.84
C PHE Z 304 -71.98 81.07 28.07
N VAL Z 305 -71.63 80.98 26.79
CA VAL Z 305 -71.31 82.14 25.92
C VAL Z 305 -72.61 82.90 25.60
N ASP Z 306 -73.70 82.20 25.34
CA ASP Z 306 -75.05 82.82 25.23
C ASP Z 306 -75.35 83.67 26.47
N ARG Z 307 -75.15 83.10 27.66
CA ARG Z 307 -75.46 83.76 28.97
C ARG Z 307 -74.68 85.08 29.04
N VAL Z 308 -73.39 85.05 28.69
CA VAL Z 308 -72.51 86.26 28.78
C VAL Z 308 -72.90 87.24 27.68
N ALA Z 309 -73.52 86.74 26.61
CA ALA Z 309 -74.02 87.58 25.50
C ALA Z 309 -75.27 88.33 25.97
N ASN Z 310 -75.99 87.74 26.92
CA ASN Z 310 -77.21 88.19 27.66
C ASN Z 310 -78.44 87.68 26.92
#